data_8RRO
#
_entry.id   8RRO
#
_cell.length_a   131.477
_cell.length_b   195.787
_cell.length_c   442.856
_cell.angle_alpha   90.00
_cell.angle_beta   90.00
_cell.angle_gamma   90.00
#
_symmetry.space_group_name_H-M   'P 21 21 21'
#
loop_
_entity.id
_entity.type
_entity.pdbx_description
1 polymer 'G12V-TCR alpha chain'
2 polymer 'G12V-TCR beta chain'
3 polymer 'HLA class I histocompatibility antigen, A alpha chain'
4 polymer Beta-2-microglobulin
5 polymer 'GTPase KRas, N-terminally processed'
6 water water
#
loop_
_entity_poly.entity_id
_entity_poly.type
_entity_poly.pdbx_seq_one_letter_code
_entity_poly.pdbx_strand_id
1 'polypeptide(L)'
;MAGDSVTQKEGLVTLTEGLPVMLNCTYQTIYSNAFLFWYVHYLNESPRLLLKSSTDNKRTEHQGFHATLHKSSSSFHLQK
SSAQLSDSALYYCALSEGGNYKYVFGAGTRLKVIAHIQNPDPAVYQLRDSKSSDKSVCLFTDFDSQTNVSQSKDSDVYIT
DKCVLDMRSMDFKSNSAVAWSNKSDFACANAFNNSIIPEDTFFPSP
;
A,F,K,P,U,Z,e,j
2 'polypeptide(L)'
;MAGTVTLLEQNPRWRLVPRGQAVNLRCILKNSQYPWMSWYQQDLQKQLQWLFTLRSPGDKEVKSLPGADYLATRVTDTEL
RLQVANMSQGRTLYCTCSARHSAETLYFGSGTRLTVLDLRNVFPPEVAVFEPSEAEISHTQKATLVCLATGFYPDHVELS
WWVNGKEVHSGVCTDPQPLKEQPALNDSRYALSSRLRVSATFWQNPRNHFRCQVQFYGLSENDEWTQDRAKPVTQIVSAE
AWGRAD
;
B,G,L,Q,V,a,f,k
3 'polypeptide(L)'
;MGSHSMRYFFTSVSRPGRGEPRFIAVGYVDDTQFVRFDSDAASQRMEPRAPWIEQEGPEYWDQETRNVKAQSQTDRVDLG
TLRGYYNQSEAGSHTIQIMYGCDVGSDGRFLRGYRQDAYDGKDYIALNEDLRSWTAADMAAQITKRKWEAAHEAEQLRAY
LDGTCVEWLRRYLENGKETLQRTDPPKTHMTHHPISDHEATLRCWALGFYPAEITLTWQRDGEDQTQDTELVETRPAGDG
TFQKWAAVVVPSGEEQRYTCHVQHEGLPKPLTLRWELSS
;
C,H,M,R,W,b,g,l
4 'polypeptide(L)'
;MIQRTPKIQVYSRHPAENGKSNFLNCYVSGFHPSDIEVDLLKNGERIEKVEHSDLSFSKDWSFYLLYYTEFTPTEKDEYA
CRVNHVTLSQPKIVKWDRDM
;
D,I,N,S,X,c,h,m
5 'polypeptide(L)' VVVGAVGVGK E,J,O,T,Y,d,i,n
#
# COMPACT_ATOMS: atom_id res chain seq x y z
N ASP A 4 -2.94 -2.15 20.28
CA ASP A 4 -1.50 -2.45 20.42
C ASP A 4 -0.85 -2.46 19.04
N SER A 5 0.08 -3.39 18.81
CA SER A 5 0.75 -3.51 17.50
C SER A 5 1.45 -2.18 17.17
N VAL A 6 1.05 -1.49 16.09
CA VAL A 6 1.67 -0.21 15.75
C VAL A 6 1.05 0.91 16.58
N THR A 7 1.91 1.82 17.06
CA THR A 7 1.51 2.96 17.90
C THR A 7 2.32 4.20 17.53
N GLN A 8 1.65 5.20 16.98
CA GLN A 8 2.22 6.51 16.67
C GLN A 8 1.65 7.36 17.80
N LYS A 9 2.45 7.66 18.82
CA LYS A 9 1.87 8.28 20.02
C LYS A 9 1.40 9.71 19.75
N GLU A 10 2.15 10.45 18.94
CA GLU A 10 1.83 11.84 18.64
C GLU A 10 0.75 11.85 17.57
N GLY A 11 -0.39 12.47 17.83
CA GLY A 11 -1.42 12.41 16.81
C GLY A 11 -1.29 13.48 15.75
N LEU A 12 -0.74 14.62 16.16
CA LEU A 12 -0.68 15.81 15.34
C LEU A 12 0.57 16.60 15.71
N VAL A 13 1.28 17.04 14.70
CA VAL A 13 2.56 17.68 14.88
C VAL A 13 2.46 19.03 14.22
N THR A 14 2.75 20.08 14.96
CA THR A 14 2.72 21.41 14.37
C THR A 14 4.06 22.11 14.57
N LEU A 15 4.63 22.56 13.47
CA LEU A 15 5.90 23.28 13.51
C LEU A 15 5.96 24.25 12.35
N THR A 16 6.83 25.22 12.53
CA THR A 16 7.16 26.18 11.49
C THR A 16 7.91 25.49 10.35
N GLU A 17 7.73 26.00 9.12
CA GLU A 17 8.56 25.53 8.02
C GLU A 17 10.01 25.81 8.37
N GLY A 18 10.90 24.85 8.05
CA GLY A 18 12.33 24.99 8.35
C GLY A 18 12.83 24.26 9.60
N LEU A 19 11.93 23.75 10.44
CA LEU A 19 12.25 22.99 11.65
C LEU A 19 12.36 21.53 11.27
N PRO A 20 13.23 20.75 11.88
CA PRO A 20 13.34 19.34 11.49
C PRO A 20 12.10 18.58 11.93
N VAL A 21 11.79 17.53 11.19
CA VAL A 21 10.56 16.78 11.41
C VAL A 21 10.85 15.35 11.84
N MET A 22 10.09 14.88 12.82
CA MET A 22 10.21 13.54 13.33
C MET A 22 8.86 13.00 13.75
N LEU A 23 8.47 11.84 13.20
CA LEU A 23 7.26 11.15 13.64
C LEU A 23 7.56 9.88 14.41
N ASN A 24 6.92 9.72 15.57
CA ASN A 24 7.15 8.52 16.38
C ASN A 24 6.25 7.37 15.99
N CYS A 25 6.86 6.20 15.88
CA CYS A 25 6.18 4.98 15.54
C CYS A 25 6.84 3.87 16.33
N THR A 26 6.03 3.16 17.12
CA THR A 26 6.50 2.01 17.87
C THR A 26 5.66 0.81 17.48
N TYR A 27 6.23 -0.39 17.63
CA TYR A 27 5.52 -1.55 17.15
C TYR A 27 5.69 -2.72 18.09
N GLN A 28 4.81 -3.72 17.92
CA GLN A 28 4.80 -4.92 18.77
C GLN A 28 4.61 -6.19 17.93
N THR A 29 5.70 -6.94 17.70
CA THR A 29 5.58 -8.24 17.05
C THR A 29 6.20 -9.35 17.89
N ILE A 30 5.73 -10.57 17.65
CA ILE A 30 6.31 -11.77 18.25
C ILE A 30 7.14 -12.54 17.24
N TYR A 31 7.24 -12.05 16.00
CA TYR A 31 7.87 -12.75 14.89
C TYR A 31 9.20 -12.10 14.49
N SER A 32 10.02 -12.89 13.81
CA SER A 32 11.28 -12.39 13.28
C SER A 32 11.06 -11.48 12.08
N ASN A 33 9.98 -11.76 11.34
CA ASN A 33 9.60 -11.16 10.06
C ASN A 33 9.06 -9.76 10.29
N ALA A 34 9.96 -8.81 10.35
CA ALA A 34 9.60 -7.45 10.72
C ALA A 34 9.85 -6.59 9.50
N PHE A 35 8.76 -6.21 8.81
CA PHE A 35 8.83 -5.35 7.63
C PHE A 35 7.95 -4.15 7.93
N LEU A 36 8.55 -2.97 7.99
CA LEU A 36 7.81 -1.78 8.36
C LEU A 36 7.72 -0.78 7.24
N PHE A 37 6.56 -0.11 7.21
CA PHE A 37 6.24 0.88 6.20
C PHE A 37 5.80 2.20 6.79
N TRP A 38 6.27 3.25 6.12
CA TRP A 38 5.64 4.55 6.14
C TRP A 38 4.96 4.73 4.79
N TYR A 39 3.66 5.07 4.86
CA TYR A 39 2.76 5.42 3.76
C TYR A 39 2.30 6.84 4.02
N VAL A 40 2.25 7.67 2.99
CA VAL A 40 1.74 9.03 3.15
C VAL A 40 0.46 9.20 2.34
N HIS A 41 -0.49 9.92 2.93
CA HIS A 41 -1.81 10.09 2.32
C HIS A 41 -2.18 11.57 2.46
N TYR A 42 -2.01 12.31 1.36
CA TYR A 42 -2.41 13.71 1.24
C TYR A 42 -3.91 13.80 1.06
N LEU A 43 -4.46 15.01 1.20
CA LEU A 43 -5.88 15.17 0.91
C LEU A 43 -6.06 15.25 -0.59
N ASN A 44 -7.12 14.59 -1.08
CA ASN A 44 -7.51 14.47 -2.48
C ASN A 44 -6.53 13.64 -3.30
N GLU A 45 -5.81 12.75 -2.62
CA GLU A 45 -4.94 11.75 -3.22
C GLU A 45 -5.23 10.40 -2.60
N SER A 46 -4.59 9.41 -3.12
CA SER A 46 -4.63 8.11 -2.50
C SER A 46 -3.41 7.93 -1.61
N PRO A 47 -3.49 7.00 -0.67
CA PRO A 47 -2.29 6.64 0.08
C PRO A 47 -1.27 6.04 -0.88
N ARG A 48 -0.04 6.50 -0.78
CA ARG A 48 1.05 5.88 -1.51
C ARG A 48 2.23 5.62 -0.56
N LEU A 49 3.17 4.83 -1.06
CA LEU A 49 4.31 4.42 -0.23
C LEU A 49 5.33 5.52 -0.06
N LEU A 50 5.79 5.72 1.17
CA LEU A 50 6.91 6.64 1.39
C LEU A 50 8.23 5.92 1.56
N LEU A 51 8.31 4.95 2.47
CA LEU A 51 9.49 4.09 2.46
C LEU A 51 9.27 2.86 3.30
N LYS A 52 10.17 1.91 3.08
CA LYS A 52 10.08 0.63 3.73
C LYS A 52 11.49 0.11 4.03
N SER A 53 11.56 -0.81 5.00
CA SER A 53 12.75 -1.59 5.30
C SER A 53 12.34 -2.71 6.24
N SER A 54 13.19 -3.75 6.23
CA SER A 54 13.17 -4.84 7.20
C SER A 54 14.55 -5.08 7.79
N THR A 55 15.48 -4.17 7.56
CA THR A 55 16.89 -4.39 7.88
C THR A 55 17.20 -3.59 9.16
N ASP A 56 17.78 -4.26 10.18
CA ASP A 56 18.18 -3.54 11.40
C ASP A 56 19.31 -2.58 11.13
N ASN A 57 19.12 -1.34 11.56
CA ASN A 57 20.10 -0.26 11.49
C ASN A 57 20.53 0.04 10.05
N LYS A 58 19.65 -0.18 9.05
CA LYS A 58 19.90 0.29 7.69
C LYS A 58 19.08 1.55 7.46
N ARG A 59 19.77 2.66 7.29
CA ARG A 59 19.13 3.88 6.90
C ARG A 59 18.54 3.70 5.52
N THR A 60 17.24 3.99 5.37
CA THR A 60 16.57 4.08 4.07
C THR A 60 16.10 5.51 3.82
N GLU A 61 16.35 6.00 2.62
CA GLU A 61 16.02 7.37 2.30
C GLU A 61 15.21 7.38 1.01
N HIS A 62 14.31 8.34 0.90
CA HIS A 62 13.54 8.44 -0.33
C HIS A 62 12.88 9.82 -0.29
N GLN A 63 13.27 10.69 -1.24
CA GLN A 63 12.71 12.04 -1.35
C GLN A 63 13.01 12.93 -0.15
N GLY A 64 14.23 12.92 0.37
CA GLY A 64 14.50 13.84 1.46
C GLY A 64 13.98 13.42 2.82
N PHE A 65 13.03 12.49 2.87
CA PHE A 65 12.69 11.84 4.12
C PHE A 65 13.61 10.65 4.27
N HIS A 66 13.82 10.25 5.54
CA HIS A 66 14.48 8.99 5.87
C HIS A 66 13.98 8.48 7.22
N ALA A 67 14.12 7.18 7.41
CA ALA A 67 13.94 6.50 8.67
C ALA A 67 14.95 5.39 8.72
N THR A 68 15.28 4.94 9.93
CA THR A 68 16.15 3.79 10.10
C THR A 68 15.47 2.80 11.04
N LEU A 69 15.44 1.52 10.64
CA LEU A 69 14.86 0.52 11.51
C LEU A 69 15.83 0.19 12.64
N HIS A 70 15.32 0.14 13.88
CA HIS A 70 16.02 -0.27 15.10
C HIS A 70 15.18 -1.38 15.74
N LYS A 71 15.50 -2.65 15.40
CA LYS A 71 14.71 -3.77 15.88
C LYS A 71 14.76 -3.85 17.40
N SER A 72 15.88 -3.39 17.96
CA SER A 72 16.09 -3.41 19.40
C SER A 72 15.02 -2.63 20.15
N SER A 73 14.67 -1.43 19.68
CA SER A 73 13.72 -0.61 20.42
C SER A 73 12.32 -0.62 19.81
N SER A 74 12.06 -1.56 18.89
CA SER A 74 10.74 -1.73 18.27
C SER A 74 10.26 -0.43 17.58
N SER A 75 11.21 0.28 16.97
CA SER A 75 11.05 1.64 16.51
C SER A 75 11.40 1.78 15.04
N PHE A 76 10.74 2.76 14.41
CA PHE A 76 10.90 3.15 13.03
C PHE A 76 10.43 4.57 12.85
N HIS A 77 11.18 5.51 13.39
CA HIS A 77 10.77 6.89 13.33
C HIS A 77 11.14 7.56 12.02
N LEU A 78 10.21 8.38 11.55
CA LEU A 78 10.31 9.06 10.28
C LEU A 78 10.85 10.46 10.51
N GLN A 79 11.85 10.83 9.71
CA GLN A 79 12.58 12.07 9.91
C GLN A 79 12.70 12.86 8.62
N LYS A 80 12.64 14.20 8.73
CA LYS A 80 13.04 15.05 7.62
C LYS A 80 13.73 16.31 8.13
N SER A 81 14.75 16.73 7.37
CA SER A 81 15.65 17.79 7.80
C SER A 81 14.93 19.10 7.97
N SER A 82 14.12 19.49 6.99
CA SER A 82 13.53 20.82 7.01
C SER A 82 12.08 20.75 6.55
N ALA A 83 11.17 21.20 7.42
CA ALA A 83 9.76 21.17 7.10
C ALA A 83 9.46 22.15 6.00
N GLN A 84 8.67 21.72 5.03
CA GLN A 84 8.20 22.58 3.97
C GLN A 84 6.69 22.56 3.92
N LEU A 85 6.12 23.66 3.41
CA LEU A 85 4.66 23.75 3.35
C LEU A 85 4.08 22.57 2.60
N SER A 86 4.84 22.03 1.65
CA SER A 86 4.43 20.93 0.77
C SER A 86 4.35 19.56 1.46
N ASP A 87 4.81 19.41 2.70
CA ASP A 87 4.82 18.06 3.29
C ASP A 87 3.58 17.79 4.10
N SER A 88 2.79 18.84 4.35
CA SER A 88 1.60 18.79 5.18
C SER A 88 0.67 17.69 4.72
N ALA A 89 0.40 16.73 5.59
CA ALA A 89 -0.31 15.54 5.17
C ALA A 89 -0.76 14.70 6.37
N LEU A 90 -1.38 13.57 6.05
CA LEU A 90 -1.58 12.48 6.99
C LEU A 90 -0.49 11.46 6.76
N TYR A 91 0.02 10.89 7.84
CA TYR A 91 1.07 9.90 7.74
C TYR A 91 0.66 8.65 8.50
N TYR A 92 0.70 7.53 7.82
CA TYR A 92 0.42 6.25 8.42
C TYR A 92 1.70 5.44 8.40
N CYS A 93 1.94 4.78 9.54
CA CYS A 93 3.02 3.83 9.76
C CYS A 93 2.40 2.43 9.82
N ALA A 94 3.00 1.47 9.13
CA ALA A 94 2.35 0.17 9.20
C ALA A 94 3.36 -0.95 9.06
N LEU A 95 2.98 -2.11 9.60
CA LEU A 95 3.85 -3.28 9.77
C LEU A 95 3.27 -4.54 9.20
N SER A 96 4.15 -5.37 8.63
CA SER A 96 3.74 -6.70 8.13
C SER A 96 4.32 -7.76 9.07
N GLU A 97 3.47 -8.55 9.72
CA GLU A 97 3.95 -9.53 10.74
C GLU A 97 4.39 -10.83 10.06
N GLY A 98 4.49 -10.83 8.73
CA GLY A 98 5.01 -12.01 8.03
C GLY A 98 4.02 -13.16 8.05
N GLY A 99 3.70 -13.67 9.25
CA GLY A 99 2.68 -14.72 9.32
C GLY A 99 1.39 -14.23 8.72
N ASN A 100 0.99 -13.00 9.04
CA ASN A 100 -0.34 -12.49 8.60
C ASN A 100 -0.42 -12.22 7.09
N TYR A 101 -1.64 -12.26 6.54
CA TYR A 101 -1.85 -11.90 5.11
C TYR A 101 -2.22 -10.44 5.11
N LYS A 102 -2.60 -9.93 6.28
CA LYS A 102 -3.08 -8.53 6.38
C LYS A 102 -1.94 -7.59 6.76
N TYR A 103 -2.21 -6.29 6.79
CA TYR A 103 -1.19 -5.29 7.19
C TYR A 103 -1.82 -4.41 8.27
N VAL A 104 -1.04 -3.99 9.27
CA VAL A 104 -1.65 -3.23 10.40
C VAL A 104 -1.15 -1.79 10.39
N PHE A 105 -2.07 -0.82 10.35
CA PHE A 105 -1.68 0.60 10.25
C PHE A 105 -1.94 1.31 11.58
N GLY A 106 -1.32 2.48 11.75
CA GLY A 106 -1.49 3.25 13.00
C GLY A 106 -2.70 4.15 12.92
N ALA A 107 -2.79 5.14 13.81
CA ALA A 107 -3.97 6.03 13.84
C ALA A 107 -3.70 7.28 13.03
N GLY A 108 -2.49 7.41 12.48
CA GLY A 108 -2.18 8.55 11.62
C GLY A 108 -1.56 9.69 12.38
N THR A 109 -0.54 10.32 11.80
CA THR A 109 0.08 11.50 12.43
C THR A 109 -0.01 12.67 11.44
N ARG A 110 -0.69 13.75 11.82
CA ARG A 110 -0.88 14.88 10.87
C ARG A 110 0.23 15.91 11.07
N LEU A 111 1.04 16.12 10.04
CA LEU A 111 2.10 17.16 10.11
C LEU A 111 1.55 18.40 9.42
N LYS A 112 1.20 19.43 10.20
CA LYS A 112 0.66 20.67 9.60
C LYS A 112 1.76 21.73 9.68
N VAL A 113 2.51 21.85 8.59
CA VAL A 113 3.57 22.84 8.55
C VAL A 113 2.95 24.18 8.25
N ILE A 114 3.26 25.19 9.04
CA ILE A 114 2.76 26.53 8.80
C ILE A 114 3.92 27.46 8.55
N ALA A 115 3.53 28.65 8.12
CA ALA A 115 4.46 29.60 7.54
C ALA A 115 5.11 30.46 8.57
N HIS A 116 6.30 30.88 8.25
CA HIS A 116 7.01 31.88 9.02
C HIS A 116 6.67 33.17 8.30
N ILE A 117 5.93 34.03 8.97
CA ILE A 117 5.50 35.29 8.37
C ILE A 117 6.62 36.28 8.62
N GLN A 118 7.29 36.69 7.55
CA GLN A 118 8.51 37.47 7.65
C GLN A 118 8.27 38.81 8.32
N ASN A 119 7.24 39.52 7.87
CA ASN A 119 6.97 40.92 8.22
C ASN A 119 5.49 41.08 8.55
N PRO A 120 5.05 40.71 9.76
CA PRO A 120 3.59 40.66 10.01
C PRO A 120 2.93 42.02 9.84
N ASP A 121 1.66 41.98 9.40
CA ASP A 121 0.90 43.22 9.20
C ASP A 121 -0.61 43.01 9.28
N PRO A 122 -1.13 42.57 10.42
CA PRO A 122 -2.55 42.18 10.51
C PRO A 122 -3.52 43.30 10.20
N ALA A 123 -4.62 42.93 9.52
CA ALA A 123 -5.65 43.84 9.03
C ALA A 123 -6.96 43.09 8.82
N VAL A 124 -8.08 43.83 8.93
CA VAL A 124 -9.42 43.35 8.56
C VAL A 124 -9.99 44.24 7.47
N TYR A 125 -10.37 43.63 6.35
CA TYR A 125 -10.93 44.33 5.21
C TYR A 125 -12.34 43.79 4.96
N GLN A 126 -13.15 44.54 4.23
CA GLN A 126 -14.52 44.14 3.91
C GLN A 126 -14.72 44.01 2.40
N LEU A 127 -15.18 42.85 1.94
CA LEU A 127 -15.41 42.60 0.52
C LEU A 127 -16.89 42.72 0.20
N ARG A 128 -17.22 43.14 -1.03
CA ARG A 128 -18.61 43.33 -1.45
C ARG A 128 -19.03 42.23 -2.41
N ASP A 129 -20.34 42.04 -2.55
CA ASP A 129 -20.86 40.95 -3.38
C ASP A 129 -20.86 41.47 -4.82
N SER A 130 -20.40 40.63 -5.77
CA SER A 130 -20.29 41.02 -7.19
C SER A 130 -21.66 41.13 -7.86
N LYS A 131 -22.73 40.59 -7.24
CA LYS A 131 -24.09 40.68 -7.76
C LYS A 131 -24.87 41.69 -6.92
N SER A 132 -25.45 41.30 -5.78
CA SER A 132 -26.15 42.21 -4.84
C SER A 132 -25.16 42.84 -3.86
N SER A 133 -24.77 44.11 -4.08
CA SER A 133 -23.73 44.76 -3.25
C SER A 133 -23.94 44.68 -1.72
N ASP A 134 -25.20 44.66 -1.24
CA ASP A 134 -25.50 44.66 0.21
C ASP A 134 -24.80 43.54 1.02
N LYS A 135 -24.79 42.29 0.51
CA LYS A 135 -24.19 41.16 1.21
C LYS A 135 -22.69 41.38 1.41
N SER A 136 -22.19 40.97 2.59
CA SER A 136 -20.82 41.33 2.98
C SER A 136 -20.10 40.21 3.74
N VAL A 137 -18.76 40.24 3.60
CA VAL A 137 -17.81 39.35 4.28
C VAL A 137 -16.68 40.19 4.88
N CYS A 138 -16.05 39.66 5.92
CA CYS A 138 -14.90 40.26 6.58
C CYS A 138 -13.68 39.35 6.47
N LEU A 139 -12.55 39.93 6.10
CA LEU A 139 -11.31 39.20 5.87
C LEU A 139 -10.30 39.65 6.89
N PHE A 140 -9.83 38.70 7.72
CA PHE A 140 -8.70 38.96 8.59
C PHE A 140 -7.48 38.32 7.96
N THR A 141 -6.53 39.15 7.54
CA THR A 141 -5.38 38.69 6.79
C THR A 141 -4.15 39.48 7.17
N ASP A 142 -2.99 38.93 6.80
CA ASP A 142 -1.64 39.52 6.95
C ASP A 142 -1.08 39.45 8.38
N PHE A 143 -1.51 38.48 9.19
CA PHE A 143 -0.99 38.25 10.53
C PHE A 143 0.08 37.16 10.47
N ASP A 144 0.89 37.08 11.54
CA ASP A 144 1.82 35.95 11.60
C ASP A 144 1.12 34.68 12.06
N SER A 145 1.73 33.53 11.75
CA SER A 145 1.13 32.22 12.03
C SER A 145 1.02 31.93 13.52
N GLN A 146 1.59 32.78 14.40
CA GLN A 146 1.50 32.50 15.82
C GLN A 146 0.08 32.71 16.37
N THR A 147 -0.63 33.75 15.92
CA THR A 147 -1.96 34.05 16.46
C THR A 147 -2.97 32.95 16.14
N ASN A 148 -3.88 32.69 17.07
CA ASN A 148 -4.86 31.62 16.90
C ASN A 148 -6.25 32.19 16.73
N VAL A 149 -6.95 31.64 15.73
CA VAL A 149 -8.33 31.96 15.42
C VAL A 149 -9.19 31.51 16.57
N SER A 150 -10.26 32.23 16.78
CA SER A 150 -11.31 31.72 17.64
C SER A 150 -12.56 31.48 16.83
N GLN A 151 -13.38 30.57 17.33
CA GLN A 151 -14.73 30.44 16.82
C GLN A 151 -15.50 31.70 17.22
N SER A 152 -16.54 32.05 16.45
CA SER A 152 -17.33 33.22 16.82
C SER A 152 -18.17 32.91 18.06
N LYS A 153 -18.48 33.95 18.85
CA LYS A 153 -19.36 33.69 20.00
C LYS A 153 -20.81 33.69 19.58
N ASP A 154 -21.16 34.46 18.54
CA ASP A 154 -22.52 34.45 18.00
C ASP A 154 -22.67 33.28 17.05
N SER A 155 -23.84 32.64 17.12
CA SER A 155 -24.14 31.51 16.24
C SER A 155 -24.39 31.98 14.82
N ASP A 156 -24.86 33.22 14.65
CA ASP A 156 -25.15 33.77 13.34
C ASP A 156 -24.00 34.58 12.79
N VAL A 157 -22.83 34.47 13.41
CA VAL A 157 -21.60 35.00 12.86
C VAL A 157 -20.69 33.81 12.63
N TYR A 158 -20.22 33.67 11.40
CA TYR A 158 -19.45 32.52 10.96
C TYR A 158 -18.00 32.92 10.76
N ILE A 159 -17.09 32.13 11.31
CA ILE A 159 -15.66 32.39 11.19
C ILE A 159 -14.97 31.09 10.80
N THR A 160 -14.05 31.16 9.85
CA THR A 160 -13.28 30.01 9.41
C THR A 160 -11.96 29.91 10.18
N ASP A 161 -11.25 28.79 9.97
CA ASP A 161 -9.95 28.59 10.60
C ASP A 161 -8.88 29.35 9.85
N LYS A 162 -7.65 29.17 10.28
CA LYS A 162 -6.58 29.74 9.49
C LYS A 162 -6.43 28.98 8.18
N CYS A 163 -6.01 29.70 7.15
CA CYS A 163 -5.67 29.14 5.86
C CYS A 163 -4.43 29.89 5.40
N VAL A 164 -3.43 29.15 4.91
CA VAL A 164 -2.15 29.79 4.45
C VAL A 164 -2.16 29.85 2.93
N LEU A 165 -1.78 30.99 2.35
CA LEU A 165 -1.83 31.14 0.87
C LEU A 165 -0.43 31.49 0.35
N ASP A 166 -0.10 31.04 -0.86
CA ASP A 166 1.25 31.28 -1.44
C ASP A 166 1.13 32.37 -2.50
N MET A 167 2.25 32.99 -2.87
CA MET A 167 2.25 34.01 -3.95
C MET A 167 3.65 34.13 -4.54
N ARG A 168 3.89 33.48 -5.67
CA ARG A 168 5.21 33.56 -6.34
C ARG A 168 5.55 35.04 -6.55
N SER A 169 4.58 35.92 -6.37
CA SER A 169 4.83 37.38 -6.50
C SER A 169 5.67 37.83 -5.31
N MET A 170 7.00 37.71 -5.43
CA MET A 170 7.91 38.10 -4.32
C MET A 170 7.57 37.29 -3.07
N ASP A 171 7.04 36.07 -3.23
CA ASP A 171 6.81 35.19 -2.06
C ASP A 171 6.13 35.97 -0.93
N PHE A 172 4.93 36.49 -1.15
CA PHE A 172 4.20 37.16 -0.05
C PHE A 172 3.28 36.15 0.63
N LYS A 173 3.76 34.92 0.82
CA LYS A 173 2.95 33.88 1.48
C LYS A 173 2.35 34.44 2.77
N SER A 174 1.07 34.20 3.01
CA SER A 174 0.42 34.80 4.21
C SER A 174 -0.85 34.06 4.60
N ASN A 175 -1.21 34.08 5.88
CA ASN A 175 -2.44 33.50 6.37
C ASN A 175 -3.59 34.48 6.29
N SER A 176 -4.80 33.93 6.32
CA SER A 176 -5.99 34.74 6.30
C SER A 176 -7.15 33.89 6.81
N ALA A 177 -8.14 34.53 7.41
CA ALA A 177 -9.37 33.83 7.78
C ALA A 177 -10.56 34.75 7.59
N VAL A 178 -11.71 34.16 7.29
CA VAL A 178 -12.91 34.88 6.83
C VAL A 178 -14.00 34.84 7.89
N ALA A 179 -14.79 35.93 7.97
CA ALA A 179 -15.98 35.96 8.80
C ALA A 179 -17.10 36.71 8.09
N TRP A 180 -18.34 36.25 8.29
CA TRP A 180 -19.50 36.88 7.66
C TRP A 180 -20.76 36.57 8.46
N SER A 181 -21.80 37.36 8.19
CA SER A 181 -23.16 37.16 8.71
C SER A 181 -24.15 37.84 7.78
N ASN A 182 -25.41 37.38 7.80
CA ASN A 182 -26.52 38.08 7.13
C ASN A 182 -27.33 38.98 8.06
N LYS A 183 -26.92 39.07 9.32
CA LYS A 183 -27.54 40.02 10.23
C LYS A 183 -27.17 41.43 9.76
N SER A 184 -28.07 42.38 9.99
CA SER A 184 -27.79 43.74 9.58
C SER A 184 -26.90 44.49 10.56
N ASP A 185 -26.81 44.01 11.81
CA ASP A 185 -25.96 44.59 12.86
C ASP A 185 -24.50 44.11 12.89
N PHE A 186 -24.12 43.05 12.17
CA PHE A 186 -22.72 42.60 12.22
C PHE A 186 -21.84 43.63 11.53
N ALA A 187 -20.74 43.99 12.18
CA ALA A 187 -19.75 44.88 11.57
C ALA A 187 -18.41 44.20 11.69
N CYS A 188 -17.48 44.59 10.82
CA CYS A 188 -16.16 43.95 10.83
C CYS A 188 -15.39 44.30 12.10
N ALA A 189 -15.67 45.46 12.69
CA ALA A 189 -14.97 45.84 13.93
C ALA A 189 -15.25 44.86 15.07
N ASN A 190 -16.52 44.49 15.29
CA ASN A 190 -16.86 43.53 16.36
C ASN A 190 -16.91 42.09 15.90
N ALA A 191 -16.74 41.80 14.61
CA ALA A 191 -17.05 40.44 14.18
C ALA A 191 -15.97 39.51 14.66
N PHE A 192 -14.74 39.97 14.55
CA PHE A 192 -13.60 39.20 15.03
C PHE A 192 -13.54 39.33 16.55
N ASN A 193 -14.51 38.70 17.18
CA ASN A 193 -14.65 38.66 18.63
C ASN A 193 -14.04 37.39 19.19
N ASN A 194 -13.89 37.37 20.52
CA ASN A 194 -13.30 36.28 21.31
C ASN A 194 -11.89 35.94 20.77
N SER A 195 -11.42 36.76 19.84
CA SER A 195 -10.16 36.56 19.15
C SER A 195 -8.95 36.98 19.99
N ILE A 196 -7.76 36.88 19.39
CA ILE A 196 -6.52 37.31 20.08
C ILE A 196 -5.82 38.30 19.16
N ILE A 197 -6.58 39.20 18.54
CA ILE A 197 -5.98 40.15 17.55
C ILE A 197 -4.89 40.97 18.22
N PRO A 198 -3.76 41.24 17.53
CA PRO A 198 -2.73 42.11 18.07
C PRO A 198 -3.31 43.52 18.26
N GLU A 199 -2.82 44.25 19.26
CA GLU A 199 -3.36 45.60 19.55
C GLU A 199 -3.33 46.44 18.27
N ASP A 200 -2.25 46.34 17.49
CA ASP A 200 -2.09 47.19 16.29
C ASP A 200 -2.83 46.58 15.09
N THR A 201 -3.77 45.67 15.34
CA THR A 201 -4.56 45.11 14.20
C THR A 201 -5.09 46.26 13.36
N PHE A 202 -4.78 46.27 12.06
CA PHE A 202 -5.22 47.38 11.19
C PHE A 202 -6.74 47.36 11.06
N PHE A 203 -7.37 48.54 11.09
CA PHE A 203 -8.83 48.62 11.00
C PHE A 203 -9.22 49.91 10.29
N PRO A 204 -9.22 49.91 8.92
CA PRO A 204 -9.65 51.12 8.19
C PRO A 204 -11.11 51.48 8.46
N SER A 205 -11.64 52.53 7.83
CA SER A 205 -12.99 53.01 8.13
C SER A 205 -14.11 52.23 7.36
N VAL B 5 -6.73 4.47 -16.96
CA VAL B 5 -5.33 4.96 -17.01
C VAL B 5 -4.37 4.73 -15.70
N THR B 6 -4.49 3.60 -14.98
CA THR B 6 -3.65 3.44 -13.81
C THR B 6 -3.44 1.95 -13.62
N LEU B 7 -3.12 1.53 -12.39
CA LEU B 7 -2.85 0.12 -12.10
C LEU B 7 -4.05 -0.60 -11.49
N LEU B 8 -4.93 0.14 -10.86
CA LEU B 8 -6.15 -0.35 -10.26
C LEU B 8 -7.28 0.57 -10.71
N GLU B 9 -8.45 0.01 -10.96
CA GLU B 9 -9.56 0.84 -11.40
C GLU B 9 -10.78 0.44 -10.59
N GLN B 10 -11.28 1.40 -9.83
CA GLN B 10 -12.29 1.15 -8.83
C GLN B 10 -13.54 1.95 -9.17
N ASN B 11 -14.70 1.30 -9.07
CA ASN B 11 -16.00 1.90 -9.32
C ASN B 11 -17.00 1.42 -8.29
N PRO B 12 -18.04 2.24 -7.97
CA PRO B 12 -18.27 3.63 -8.40
C PRO B 12 -17.39 4.60 -7.64
N ARG B 13 -17.16 5.83 -8.09
CA ARG B 13 -16.17 6.63 -7.39
C ARG B 13 -16.73 7.24 -6.10
N TRP B 14 -18.06 7.34 -5.96
CA TRP B 14 -18.77 7.99 -4.86
C TRP B 14 -20.20 7.44 -4.88
N ARG B 15 -20.88 7.43 -3.73
CA ARG B 15 -22.26 6.94 -3.69
C ARG B 15 -22.96 7.46 -2.45
N LEU B 16 -24.08 8.17 -2.64
CA LEU B 16 -24.96 8.49 -1.52
C LEU B 16 -25.83 7.27 -1.21
N VAL B 17 -25.89 6.89 0.05
CA VAL B 17 -26.62 5.70 0.45
C VAL B 17 -27.62 6.06 1.55
N PRO B 18 -28.91 5.85 1.33
CA PRO B 18 -29.88 5.94 2.44
C PRO B 18 -29.62 4.83 3.44
N ARG B 19 -29.97 5.08 4.70
CA ARG B 19 -29.62 4.10 5.73
C ARG B 19 -30.32 2.77 5.47
N GLY B 20 -29.60 1.68 5.76
CA GLY B 20 -30.10 0.34 5.56
C GLY B 20 -29.99 -0.21 4.15
N GLN B 21 -29.57 0.61 3.18
CA GLN B 21 -29.51 0.18 1.80
C GLN B 21 -28.17 -0.47 1.50
N ALA B 22 -27.96 -0.80 0.25
CA ALA B 22 -26.77 -1.53 -0.16
C ALA B 22 -26.08 -0.76 -1.28
N VAL B 23 -24.81 -1.10 -1.49
CA VAL B 23 -24.04 -0.56 -2.60
C VAL B 23 -23.00 -1.61 -2.97
N ASN B 24 -22.82 -1.81 -4.28
CA ASN B 24 -21.87 -2.79 -4.77
C ASN B 24 -20.67 -2.07 -5.38
N LEU B 25 -19.48 -2.45 -4.95
CA LEU B 25 -18.28 -1.88 -5.52
C LEU B 25 -17.51 -2.96 -6.24
N ARG B 26 -16.71 -2.54 -7.18
CA ARG B 26 -15.97 -3.53 -7.91
C ARG B 26 -14.64 -2.88 -8.24
N CYS B 27 -13.64 -3.73 -8.43
CA CYS B 27 -12.28 -3.28 -8.70
C CYS B 27 -11.72 -4.13 -9.84
N ILE B 28 -11.05 -3.46 -10.76
CA ILE B 28 -10.45 -4.07 -11.94
C ILE B 28 -8.93 -3.98 -11.85
N LEU B 29 -8.27 -5.14 -12.01
CA LEU B 29 -6.82 -5.22 -11.97
C LEU B 29 -6.28 -4.94 -13.36
N LYS B 30 -5.32 -4.03 -13.43
CA LYS B 30 -4.82 -3.66 -14.74
C LYS B 30 -3.51 -4.35 -15.17
N ASN B 31 -2.81 -5.04 -14.26
CA ASN B 31 -1.52 -5.70 -14.56
C ASN B 31 -1.54 -7.05 -13.85
N SER B 32 -1.57 -8.12 -14.62
CA SER B 32 -1.79 -9.41 -14.00
C SER B 32 -0.67 -9.85 -13.08
N GLN B 33 0.49 -9.19 -13.09
CA GLN B 33 1.58 -9.70 -12.25
C GLN B 33 1.62 -9.10 -10.81
N TYR B 34 0.53 -8.47 -10.37
CA TYR B 34 0.34 -8.04 -8.97
C TYR B 34 -0.96 -8.62 -8.45
N PRO B 35 -1.13 -9.96 -8.49
CA PRO B 35 -2.46 -10.56 -8.30
C PRO B 35 -3.00 -10.58 -6.88
N TRP B 36 -2.28 -10.06 -5.89
CA TRP B 36 -2.76 -10.12 -4.51
C TRP B 36 -3.60 -8.89 -4.20
N MET B 37 -4.91 -9.06 -4.20
CA MET B 37 -5.86 -7.97 -4.07
C MET B 37 -6.48 -7.96 -2.69
N SER B 38 -6.76 -6.77 -2.17
CA SER B 38 -7.41 -6.69 -0.87
C SER B 38 -8.36 -5.50 -0.80
N TRP B 39 -9.28 -5.57 0.16
CA TRP B 39 -10.19 -4.49 0.50
C TRP B 39 -9.83 -3.98 1.88
N TYR B 40 -9.75 -2.66 2.03
CA TYR B 40 -9.53 -2.04 3.32
C TYR B 40 -10.64 -1.02 3.56
N GLN B 41 -10.99 -0.76 4.83
CA GLN B 41 -11.91 0.33 5.11
C GLN B 41 -11.20 1.46 5.84
N GLN B 42 -11.75 2.66 5.67
CA GLN B 42 -11.35 3.82 6.45
C GLN B 42 -12.61 4.42 7.06
N ASP B 43 -12.66 4.46 8.40
CA ASP B 43 -13.82 4.99 9.12
C ASP B 43 -13.79 6.52 9.25
N LEU B 44 -14.84 7.06 9.86
CA LEU B 44 -14.98 8.49 10.01
C LEU B 44 -13.94 9.10 10.95
N GLN B 45 -13.17 8.26 11.65
CA GLN B 45 -12.14 8.71 12.58
C GLN B 45 -10.77 8.80 11.91
N LYS B 46 -10.71 8.49 10.60
CA LYS B 46 -9.51 8.43 9.76
C LYS B 46 -8.63 7.20 10.00
N GLN B 47 -9.15 6.17 10.68
CA GLN B 47 -8.40 4.94 10.92
C GLN B 47 -8.43 3.99 9.74
N LEU B 48 -7.27 3.44 9.38
CA LEU B 48 -7.18 2.45 8.32
C LEU B 48 -7.31 1.02 8.87
N GLN B 49 -8.00 0.15 8.13
CA GLN B 49 -8.22 -1.23 8.58
C GLN B 49 -8.38 -2.20 7.42
N TRP B 50 -7.72 -3.36 7.52
CA TRP B 50 -7.82 -4.44 6.55
C TRP B 50 -9.17 -5.14 6.61
N LEU B 51 -9.66 -5.62 5.45
CA LEU B 51 -10.98 -6.28 5.37
C LEU B 51 -10.93 -7.70 4.82
N PHE B 52 -10.35 -7.91 3.63
CA PHE B 52 -10.25 -9.23 3.01
C PHE B 52 -9.01 -9.29 2.13
N THR B 53 -8.51 -10.51 1.94
CA THR B 53 -7.53 -10.78 0.90
C THR B 53 -7.91 -12.14 0.31
N LEU B 54 -8.26 -12.18 -0.98
CA LEU B 54 -8.77 -13.39 -1.63
C LEU B 54 -7.99 -13.62 -2.91
N ARG B 55 -7.41 -14.81 -3.10
CA ARG B 55 -6.65 -14.91 -4.34
C ARG B 55 -7.41 -15.56 -5.49
N SER B 56 -8.18 -16.66 -5.21
CA SER B 56 -8.74 -17.47 -6.31
C SER B 56 -10.17 -17.09 -6.66
N PRO B 57 -10.52 -17.26 -7.93
CA PRO B 57 -11.92 -17.16 -8.32
C PRO B 57 -12.78 -18.00 -7.39
N GLY B 58 -13.95 -17.48 -7.06
CA GLY B 58 -14.92 -18.20 -6.27
C GLY B 58 -14.89 -17.89 -4.79
N ASP B 59 -13.89 -17.16 -4.33
CA ASP B 59 -13.77 -16.88 -2.91
C ASP B 59 -14.88 -15.93 -2.45
N LYS B 60 -15.61 -16.32 -1.40
CA LYS B 60 -16.63 -15.49 -0.78
C LYS B 60 -16.43 -15.51 0.72
N GLU B 61 -16.50 -14.36 1.36
CA GLU B 61 -16.57 -14.36 2.81
C GLU B 61 -17.32 -13.13 3.25
N VAL B 62 -17.97 -13.22 4.39
CA VAL B 62 -18.69 -12.11 4.99
C VAL B 62 -17.99 -11.71 6.28
N LYS B 63 -18.17 -10.46 6.65
CA LYS B 63 -17.65 -9.94 7.91
C LYS B 63 -18.49 -8.73 8.27
N SER B 64 -18.75 -8.56 9.55
CA SER B 64 -19.47 -7.38 10.04
C SER B 64 -18.55 -6.61 10.97
N LEU B 65 -18.49 -5.30 10.76
CA LEU B 65 -17.81 -4.28 11.56
C LEU B 65 -18.82 -3.23 12.01
N PRO B 66 -18.42 -2.23 12.90
CA PRO B 66 -19.36 -1.15 13.28
C PRO B 66 -19.90 -0.32 12.13
N GLY B 67 -21.19 -0.48 11.82
CA GLY B 67 -21.86 0.33 10.82
C GLY B 67 -22.09 -0.31 9.47
N ALA B 68 -21.45 -1.44 9.13
CA ALA B 68 -21.55 -2.01 7.79
C ALA B 68 -21.33 -3.51 7.79
N ASP B 69 -22.05 -4.19 6.90
CA ASP B 69 -21.88 -5.61 6.62
C ASP B 69 -21.16 -5.76 5.29
N TYR B 70 -20.29 -6.75 5.20
CA TYR B 70 -19.45 -6.95 4.04
C TYR B 70 -19.68 -8.33 3.43
N LEU B 71 -19.71 -8.38 2.09
CA LEU B 71 -19.68 -9.61 1.31
C LEU B 71 -18.67 -9.42 0.19
N ALA B 72 -17.64 -10.26 0.16
CA ALA B 72 -16.55 -10.11 -0.80
C ALA B 72 -16.51 -11.31 -1.74
N THR B 73 -16.15 -11.04 -2.99
CA THR B 73 -16.02 -12.07 -4.01
C THR B 73 -14.92 -11.67 -4.98
N ARG B 74 -14.03 -12.62 -5.24
CA ARG B 74 -13.05 -12.54 -6.33
C ARG B 74 -13.66 -13.25 -7.54
N VAL B 75 -14.04 -12.49 -8.58
CA VAL B 75 -14.81 -13.08 -9.69
C VAL B 75 -13.87 -13.84 -10.61
N THR B 76 -12.81 -13.19 -11.07
CA THR B 76 -11.66 -13.80 -11.72
C THR B 76 -10.41 -13.13 -11.18
N ASP B 77 -9.28 -13.41 -11.84
CA ASP B 77 -7.98 -12.86 -11.42
C ASP B 77 -7.91 -11.36 -11.46
N THR B 78 -8.82 -10.72 -12.15
CA THR B 78 -8.73 -9.28 -12.27
C THR B 78 -10.00 -8.57 -11.88
N GLU B 79 -11.07 -9.28 -11.53
CA GLU B 79 -12.29 -8.59 -11.11
C GLU B 79 -12.65 -9.04 -9.71
N LEU B 80 -12.64 -8.09 -8.78
CA LEU B 80 -12.99 -8.32 -7.40
C LEU B 80 -14.16 -7.40 -7.07
N ARG B 81 -15.13 -7.95 -6.35
CA ARG B 81 -16.35 -7.23 -6.02
C ARG B 81 -16.55 -7.16 -4.53
N LEU B 82 -17.28 -6.13 -4.11
CA LEU B 82 -17.54 -5.87 -2.70
C LEU B 82 -18.93 -5.26 -2.53
N GLN B 83 -19.74 -5.94 -1.70
CA GLN B 83 -21.08 -5.48 -1.30
C GLN B 83 -21.03 -4.96 0.12
N VAL B 84 -21.54 -3.76 0.29
CA VAL B 84 -21.71 -3.15 1.60
C VAL B 84 -23.20 -3.07 1.87
N ALA B 85 -23.62 -3.61 2.99
CA ALA B 85 -25.03 -3.68 3.31
C ALA B 85 -25.27 -3.21 4.74
N ASN B 86 -26.52 -2.81 4.98
CA ASN B 86 -26.99 -2.41 6.29
C ASN B 86 -26.06 -1.40 6.94
N MET B 87 -25.78 -0.33 6.20
CA MET B 87 -24.89 0.72 6.69
C MET B 87 -25.54 1.59 7.76
N SER B 88 -24.70 2.07 8.69
CA SER B 88 -25.09 3.07 9.68
C SER B 88 -24.03 4.15 9.89
N GLN B 89 -22.88 4.06 9.22
CA GLN B 89 -21.78 4.99 9.40
C GLN B 89 -21.06 5.14 8.06
N GLY B 90 -20.75 6.38 7.69
CA GLY B 90 -20.05 6.61 6.44
C GLY B 90 -18.64 6.06 6.46
N ARG B 91 -18.06 5.89 5.26
CA ARG B 91 -16.74 5.30 5.09
C ARG B 91 -16.08 5.78 3.81
N THR B 92 -14.82 5.41 3.69
CA THR B 92 -14.12 5.36 2.43
C THR B 92 -13.58 3.93 2.33
N LEU B 93 -13.70 3.30 1.18
CA LEU B 93 -13.22 1.94 1.01
C LEU B 93 -12.11 1.99 -0.01
N TYR B 94 -11.01 1.27 0.21
CA TYR B 94 -9.95 1.23 -0.78
C TYR B 94 -9.69 -0.18 -1.31
N CYS B 95 -9.44 -0.28 -2.61
CA CYS B 95 -8.94 -1.49 -3.23
C CYS B 95 -7.39 -1.45 -3.29
N THR B 96 -6.76 -2.62 -3.18
CA THR B 96 -5.31 -2.74 -3.26
C THR B 96 -4.84 -3.99 -3.98
N CYS B 97 -3.62 -3.93 -4.50
CA CYS B 97 -2.89 -5.11 -4.95
C CYS B 97 -1.43 -5.01 -4.51
N SER B 98 -0.74 -6.16 -4.45
CA SER B 98 0.71 -6.17 -4.25
C SER B 98 1.30 -7.44 -4.84
N ALA B 99 2.62 -7.41 -5.05
CA ALA B 99 3.25 -8.48 -5.84
C ALA B 99 3.27 -9.81 -5.10
N ARG B 100 3.29 -9.76 -3.74
CA ARG B 100 3.36 -10.90 -2.84
C ARG B 100 2.28 -10.73 -1.79
N HIS B 101 1.77 -11.83 -1.25
CA HIS B 101 0.64 -11.72 -0.33
C HIS B 101 0.97 -11.00 0.99
N SER B 102 2.24 -10.95 1.41
CA SER B 102 2.64 -10.08 2.52
C SER B 102 4.13 -9.75 2.42
N ALA B 103 4.56 -8.72 3.18
CA ALA B 103 5.94 -8.26 3.20
C ALA B 103 6.34 -7.53 1.93
N GLU B 104 5.38 -6.97 1.20
CA GLU B 104 5.66 -6.15 0.02
C GLU B 104 4.91 -4.84 0.11
N THR B 105 5.30 -3.94 -0.78
CA THR B 105 4.61 -2.67 -0.87
C THR B 105 3.16 -2.95 -1.27
N LEU B 106 2.22 -2.34 -0.57
CA LEU B 106 0.81 -2.49 -0.88
C LEU B 106 0.36 -1.30 -1.71
N TYR B 107 -0.26 -1.53 -2.88
CA TYR B 107 -0.64 -0.43 -3.77
C TYR B 107 -2.14 -0.17 -3.74
N PHE B 108 -2.48 1.12 -3.61
CA PHE B 108 -3.83 1.62 -3.33
C PHE B 108 -4.57 2.09 -4.58
N GLY B 109 -5.87 1.72 -4.66
CA GLY B 109 -6.75 2.27 -5.66
C GLY B 109 -7.26 3.66 -5.29
N SER B 110 -8.00 4.28 -6.21
CA SER B 110 -8.45 5.65 -6.01
C SER B 110 -9.48 5.76 -4.90
N GLY B 111 -10.20 4.67 -4.61
CA GLY B 111 -11.10 4.71 -3.48
C GLY B 111 -12.54 5.03 -3.87
N THR B 112 -13.43 4.59 -3.01
CA THR B 112 -14.86 4.80 -3.14
C THR B 112 -15.36 5.39 -1.83
N ARG B 113 -15.78 6.64 -1.85
CA ARG B 113 -16.30 7.28 -0.64
C ARG B 113 -17.78 6.99 -0.51
N LEU B 114 -18.20 6.54 0.67
CA LEU B 114 -19.60 6.27 0.96
C LEU B 114 -20.07 7.21 2.06
N THR B 115 -21.24 7.84 1.86
CA THR B 115 -21.85 8.70 2.88
C THR B 115 -23.25 8.21 3.20
N VAL B 116 -23.58 8.19 4.49
CA VAL B 116 -24.89 7.72 4.97
C VAL B 116 -25.72 8.97 5.24
N LEU B 117 -26.89 9.06 4.60
CA LEU B 117 -27.77 10.22 4.77
C LEU B 117 -29.18 9.86 4.32
N ASP B 118 -30.10 10.80 4.56
CA ASP B 118 -31.46 10.77 4.05
C ASP B 118 -31.55 11.65 2.80
N LEU B 119 -32.00 11.06 1.69
CA LEU B 119 -31.97 11.75 0.40
C LEU B 119 -32.70 13.09 0.43
N ARG B 120 -33.71 13.25 1.29
CA ARG B 120 -34.51 14.47 1.30
C ARG B 120 -33.78 15.70 1.86
N ASN B 121 -32.59 15.55 2.42
CA ASN B 121 -31.82 16.69 2.91
C ASN B 121 -30.72 17.16 1.98
N VAL B 122 -30.66 16.64 0.76
CA VAL B 122 -29.60 17.04 -0.17
C VAL B 122 -29.97 18.38 -0.78
N PHE B 123 -29.01 19.32 -0.78
CA PHE B 123 -29.21 20.65 -1.30
C PHE B 123 -27.93 20.98 -2.02
N PRO B 124 -28.03 21.53 -3.22
CA PRO B 124 -26.83 21.98 -3.93
C PRO B 124 -26.30 23.28 -3.33
N PRO B 125 -25.03 23.59 -3.56
CA PRO B 125 -24.41 24.77 -2.93
C PRO B 125 -24.69 26.04 -3.70
N GLU B 126 -24.85 27.10 -2.94
CA GLU B 126 -24.96 28.43 -3.49
C GLU B 126 -23.57 29.06 -3.54
N VAL B 127 -23.24 29.70 -4.66
CA VAL B 127 -21.89 30.17 -4.95
C VAL B 127 -21.90 31.68 -5.19
N ALA B 128 -21.08 32.40 -4.45
CA ALA B 128 -21.00 33.84 -4.60
C ALA B 128 -19.54 34.31 -4.52
N VAL B 129 -19.15 35.19 -5.43
CA VAL B 129 -17.77 35.69 -5.51
C VAL B 129 -17.75 37.13 -5.03
N PHE B 130 -16.75 37.47 -4.20
CA PHE B 130 -16.63 38.79 -3.57
C PHE B 130 -15.40 39.51 -4.09
N GLU B 131 -15.58 40.76 -4.53
CA GLU B 131 -14.45 41.49 -5.09
C GLU B 131 -13.63 42.10 -3.95
N PRO B 132 -12.32 42.27 -4.16
CA PRO B 132 -11.43 42.68 -3.06
C PRO B 132 -11.81 44.03 -2.47
N SER B 133 -11.56 44.22 -1.17
CA SER B 133 -11.68 45.54 -0.58
C SER B 133 -10.61 46.46 -1.18
N GLU B 134 -10.98 47.73 -1.40
CA GLU B 134 -10.03 48.70 -1.93
C GLU B 134 -8.96 49.05 -0.89
N ALA B 135 -9.31 48.99 0.40
CA ALA B 135 -8.37 49.34 1.45
C ALA B 135 -7.16 48.40 1.43
N GLU B 136 -7.39 47.10 1.18
CA GLU B 136 -6.30 46.15 1.01
C GLU B 136 -5.40 46.52 -0.17
N ILE B 137 -6.01 46.82 -1.32
CA ILE B 137 -5.25 47.11 -2.54
C ILE B 137 -4.41 48.37 -2.33
N SER B 138 -5.03 49.39 -1.73
CA SER B 138 -4.32 50.63 -1.45
C SER B 138 -3.17 50.40 -0.47
N HIS B 139 -3.43 49.61 0.56
CA HIS B 139 -2.51 49.50 1.68
C HIS B 139 -1.36 48.55 1.36
N THR B 140 -1.67 47.46 0.66
CA THR B 140 -0.78 46.32 0.55
C THR B 140 -0.35 46.00 -0.86
N GLN B 141 -0.92 46.65 -1.87
CA GLN B 141 -0.59 46.38 -3.27
C GLN B 141 -1.07 45.01 -3.71
N LYS B 142 -2.03 44.41 -3.03
CA LYS B 142 -2.55 43.11 -3.40
C LYS B 142 -4.07 43.09 -3.34
N ALA B 143 -4.63 41.98 -3.83
CA ALA B 143 -6.07 41.81 -3.92
C ALA B 143 -6.46 40.40 -3.53
N THR B 144 -7.24 40.26 -2.46
CA THR B 144 -7.70 38.97 -2.00
C THR B 144 -9.16 38.80 -2.39
N LEU B 145 -9.44 37.82 -3.27
CA LEU B 145 -10.80 37.43 -3.60
C LEU B 145 -11.32 36.37 -2.65
N VAL B 146 -12.62 36.44 -2.37
CA VAL B 146 -13.28 35.51 -1.48
C VAL B 146 -14.36 34.82 -2.27
N CYS B 147 -14.48 33.53 -2.06
CA CYS B 147 -15.62 32.77 -2.54
C CYS B 147 -16.28 32.17 -1.31
N LEU B 148 -17.60 32.32 -1.19
CA LEU B 148 -18.36 31.69 -0.11
C LEU B 148 -19.40 30.80 -0.74
N ALA B 149 -19.32 29.52 -0.47
CA ALA B 149 -20.33 28.60 -0.90
C ALA B 149 -21.09 28.18 0.34
N THR B 150 -22.40 28.32 0.31
CA THR B 150 -23.17 28.14 1.52
C THR B 150 -24.37 27.24 1.23
N GLY B 151 -24.81 26.53 2.28
CA GLY B 151 -26.04 25.76 2.25
C GLY B 151 -26.03 24.49 1.42
N PHE B 152 -25.34 23.46 1.87
CA PHE B 152 -25.34 22.23 1.10
C PHE B 152 -25.21 21.07 2.05
N TYR B 153 -25.56 19.88 1.56
CA TYR B 153 -25.56 18.64 2.32
C TYR B 153 -25.64 17.53 1.29
N PRO B 154 -24.75 16.53 1.34
CA PRO B 154 -23.72 16.29 2.33
C PRO B 154 -22.52 17.19 2.11
N ASP B 155 -21.43 16.93 2.83
CA ASP B 155 -20.23 17.76 2.78
C ASP B 155 -19.22 17.31 1.72
N HIS B 156 -19.66 16.66 0.65
CA HIS B 156 -18.75 16.25 -0.44
C HIS B 156 -18.84 17.26 -1.58
N VAL B 157 -17.91 18.23 -1.58
CA VAL B 157 -17.82 19.29 -2.58
C VAL B 157 -16.34 19.51 -2.94
N GLU B 158 -16.10 20.13 -4.09
CA GLU B 158 -14.75 20.46 -4.53
C GLU B 158 -14.73 21.87 -5.10
N LEU B 159 -13.84 22.73 -4.60
CA LEU B 159 -13.80 24.12 -5.01
C LEU B 159 -12.52 24.37 -5.83
N SER B 160 -12.61 25.18 -6.90
CA SER B 160 -11.43 25.54 -7.70
C SER B 160 -11.55 26.96 -8.26
N TRP B 161 -10.42 27.63 -8.46
CA TRP B 161 -10.43 28.93 -9.11
C TRP B 161 -9.92 28.81 -10.54
N TRP B 162 -10.49 29.62 -11.45
CA TRP B 162 -10.11 29.64 -12.86
C TRP B 162 -9.85 31.07 -13.32
N VAL B 163 -8.60 31.31 -13.72
CA VAL B 163 -8.16 32.62 -14.19
C VAL B 163 -7.95 32.54 -15.71
N ASN B 164 -8.75 33.32 -16.44
CA ASN B 164 -8.66 33.37 -17.89
C ASN B 164 -8.75 31.96 -18.45
N GLY B 165 -9.67 31.19 -17.87
CA GLY B 165 -10.07 29.85 -18.28
C GLY B 165 -9.22 28.71 -17.78
N LYS B 166 -8.11 28.98 -17.09
CA LYS B 166 -7.24 27.92 -16.57
C LYS B 166 -7.31 27.91 -15.05
N GLU B 167 -7.36 26.72 -14.49
CA GLU B 167 -7.37 26.56 -13.04
C GLU B 167 -6.03 27.04 -12.50
N VAL B 168 -6.07 27.66 -11.31
CA VAL B 168 -4.84 28.23 -10.75
C VAL B 168 -4.27 27.33 -9.66
N HIS B 169 -3.00 27.56 -9.44
CA HIS B 169 -2.22 26.79 -8.53
C HIS B 169 -1.76 27.64 -7.35
N SER B 170 -1.16 28.79 -7.62
CA SER B 170 -0.69 29.78 -6.65
C SER B 170 -1.86 30.59 -6.15
N GLY B 171 -1.69 31.20 -4.99
CA GLY B 171 -2.72 32.09 -4.46
C GLY B 171 -4.01 31.43 -4.05
N VAL B 172 -4.07 30.11 -4.06
CA VAL B 172 -5.30 29.39 -3.73
C VAL B 172 -5.31 29.08 -2.24
N CYS B 173 -6.41 29.36 -1.61
CA CYS B 173 -6.52 29.10 -0.19
C CYS B 173 -7.91 28.51 0.00
N THR B 174 -8.02 27.21 -0.17
CA THR B 174 -9.30 26.55 0.00
C THR B 174 -9.38 26.14 1.47
N ASP B 175 -10.53 26.40 2.07
CA ASP B 175 -10.69 26.08 3.48
C ASP B 175 -10.37 24.62 3.72
N PRO B 176 -9.75 24.30 4.85
CA PRO B 176 -9.42 22.90 5.11
C PRO B 176 -10.67 22.04 5.24
N GLN B 177 -11.67 22.56 5.95
CA GLN B 177 -12.87 21.84 6.34
C GLN B 177 -14.11 22.71 6.21
N PRO B 178 -15.25 22.09 5.92
CA PRO B 178 -16.52 22.82 5.94
C PRO B 178 -16.90 23.27 7.35
N LEU B 179 -17.84 24.19 7.40
CA LEU B 179 -18.32 24.74 8.65
C LEU B 179 -19.77 24.32 8.83
N LYS B 180 -20.16 23.98 10.06
CA LYS B 180 -21.55 23.62 10.32
C LYS B 180 -22.37 24.89 10.47
N GLU B 181 -23.35 25.10 9.59
CA GLU B 181 -24.19 26.29 9.72
C GLU B 181 -25.05 26.27 10.98
N GLN B 182 -25.48 25.08 11.40
CA GLN B 182 -26.33 24.90 12.57
C GLN B 182 -25.60 23.88 13.42
N PRO B 183 -24.54 24.28 14.12
CA PRO B 183 -23.67 23.29 14.80
C PRO B 183 -24.37 22.42 15.88
N ALA B 184 -25.61 22.75 16.29
CA ALA B 184 -26.29 21.96 17.32
C ALA B 184 -26.91 20.69 16.75
N LEU B 185 -27.42 20.74 15.52
CA LEU B 185 -27.90 19.54 14.83
C LEU B 185 -26.72 18.77 14.24
N ASN B 186 -26.80 17.44 14.28
CA ASN B 186 -25.83 16.66 13.50
C ASN B 186 -26.24 16.56 12.03
N ASP B 187 -27.25 17.33 11.60
CA ASP B 187 -27.70 17.34 10.21
C ASP B 187 -27.77 18.75 9.63
N SER B 188 -26.97 19.68 10.16
CA SER B 188 -26.91 21.01 9.57
C SER B 188 -26.37 20.95 8.15
N ARG B 189 -26.75 21.95 7.36
CA ARG B 189 -26.11 22.16 6.07
C ARG B 189 -24.76 22.87 6.28
N TYR B 190 -23.90 22.82 5.26
CA TYR B 190 -22.51 23.18 5.42
C TYR B 190 -22.15 24.44 4.64
N ALA B 191 -20.93 24.93 4.90
CA ALA B 191 -20.36 26.06 4.19
C ALA B 191 -18.86 25.83 4.02
N LEU B 192 -18.33 26.40 2.95
CA LEU B 192 -16.91 26.31 2.62
C LEU B 192 -16.49 27.66 2.09
N SER B 193 -15.30 28.12 2.47
CA SER B 193 -14.77 29.37 1.92
C SER B 193 -13.50 29.08 1.16
N SER B 194 -13.03 30.07 0.42
CA SER B 194 -11.77 29.99 -0.28
C SER B 194 -11.19 31.38 -0.41
N ARG B 195 -9.92 31.43 -0.78
CA ARG B 195 -9.27 32.68 -1.06
C ARG B 195 -8.53 32.59 -2.38
N LEU B 196 -8.47 33.73 -3.07
CA LEU B 196 -7.58 33.94 -4.21
C LEU B 196 -6.93 35.31 -4.04
N ARG B 197 -5.61 35.32 -3.86
CA ARG B 197 -4.85 36.55 -3.73
C ARG B 197 -3.95 36.73 -4.93
N VAL B 198 -4.09 37.89 -5.59
CA VAL B 198 -3.26 38.28 -6.73
C VAL B 198 -2.82 39.73 -6.56
N SER B 199 -1.74 40.05 -7.26
CA SER B 199 -1.15 41.39 -7.20
C SER B 199 -2.19 42.43 -7.56
N ALA B 200 -2.00 43.66 -7.07
CA ALA B 200 -2.98 44.73 -7.36
C ALA B 200 -3.03 45.06 -8.86
N THR B 201 -1.87 45.04 -9.50
CA THR B 201 -1.81 45.28 -10.93
C THR B 201 -2.67 44.29 -11.72
N PHE B 202 -2.73 43.03 -11.31
CA PHE B 202 -3.48 42.01 -12.02
C PHE B 202 -4.99 42.16 -11.88
N TRP B 203 -5.47 42.55 -10.69
CA TRP B 203 -6.90 42.75 -10.49
C TRP B 203 -7.41 43.98 -11.23
N GLN B 204 -6.58 45.02 -11.32
CA GLN B 204 -6.98 46.29 -11.92
C GLN B 204 -6.96 46.26 -13.45
N ASN B 205 -6.91 45.07 -14.02
CA ASN B 205 -6.95 44.84 -15.46
C ASN B 205 -8.32 44.27 -15.81
N PRO B 206 -9.26 45.08 -16.34
CA PRO B 206 -10.61 44.55 -16.67
C PRO B 206 -10.63 43.52 -17.79
N ARG B 207 -9.47 43.14 -18.35
CA ARG B 207 -9.35 42.05 -19.31
C ARG B 207 -9.19 40.66 -18.66
N ASN B 208 -9.07 40.59 -17.33
CA ASN B 208 -8.83 39.35 -16.61
C ASN B 208 -10.11 38.77 -16.01
N HIS B 209 -10.25 37.44 -16.12
CA HIS B 209 -11.45 36.67 -15.80
C HIS B 209 -11.21 35.77 -14.58
N PHE B 210 -12.12 35.82 -13.61
CA PHE B 210 -12.07 35.04 -12.39
C PHE B 210 -13.34 34.23 -12.23
N ARG B 211 -13.22 32.91 -12.08
CA ARG B 211 -14.42 32.13 -11.85
C ARG B 211 -14.20 31.11 -10.73
N CYS B 212 -15.09 31.10 -9.75
CA CYS B 212 -15.03 30.21 -8.60
C CYS B 212 -16.00 29.04 -8.81
N GLN B 213 -15.45 27.83 -8.89
CA GLN B 213 -16.22 26.65 -9.27
C GLN B 213 -16.39 25.67 -8.12
N VAL B 214 -17.61 25.22 -7.89
CA VAL B 214 -17.87 24.19 -6.88
C VAL B 214 -18.52 23.00 -7.57
N GLN B 215 -17.79 21.89 -7.64
CA GLN B 215 -18.35 20.61 -8.02
C GLN B 215 -19.12 20.03 -6.84
N PHE B 216 -20.36 19.68 -7.05
CA PHE B 216 -21.15 19.06 -6.00
C PHE B 216 -21.42 17.62 -6.36
N TYR B 217 -21.29 16.73 -5.37
CA TYR B 217 -21.62 15.33 -5.53
C TYR B 217 -22.98 15.08 -4.90
N GLY B 218 -23.97 14.76 -5.74
CA GLY B 218 -25.34 14.53 -5.31
C GLY B 218 -25.94 13.28 -5.94
N LEU B 219 -27.25 13.31 -6.09
CA LEU B 219 -27.99 12.16 -6.58
C LEU B 219 -27.81 12.02 -8.07
N SER B 220 -28.33 10.92 -8.60
CA SER B 220 -28.32 10.67 -10.04
C SER B 220 -29.75 10.75 -10.55
N GLU B 221 -29.92 10.99 -11.86
CA GLU B 221 -31.28 11.05 -12.42
C GLU B 221 -31.99 9.70 -12.36
N ASN B 222 -31.26 8.62 -12.00
CA ASN B 222 -31.88 7.31 -11.79
C ASN B 222 -32.54 7.21 -10.42
N ASP B 223 -32.47 8.26 -9.61
CA ASP B 223 -33.26 8.38 -8.39
C ASP B 223 -34.38 9.37 -8.66
N GLU B 224 -35.40 9.34 -7.81
CA GLU B 224 -36.54 10.20 -8.01
C GLU B 224 -36.65 11.23 -6.89
N TRP B 225 -37.06 12.44 -7.26
CA TRP B 225 -37.25 13.53 -6.32
C TRP B 225 -38.74 13.86 -6.20
N THR B 226 -39.21 14.03 -4.95
CA THR B 226 -40.67 14.24 -4.72
C THR B 226 -40.98 15.65 -4.19
N GLN B 227 -40.32 16.08 -3.12
CA GLN B 227 -40.66 17.39 -2.48
C GLN B 227 -40.72 18.51 -3.51
N ASP B 228 -41.46 19.58 -3.20
CA ASP B 228 -41.63 20.71 -4.17
C ASP B 228 -40.35 21.56 -4.22
N ARG B 229 -39.30 21.03 -4.84
CA ARG B 229 -38.05 21.81 -5.03
C ARG B 229 -37.23 21.14 -6.12
N ALA B 230 -36.25 21.86 -6.69
CA ALA B 230 -35.44 21.33 -7.77
C ALA B 230 -34.68 20.09 -7.32
N LYS B 231 -34.42 19.18 -8.27
CA LYS B 231 -33.75 17.89 -8.01
C LYS B 231 -32.29 18.13 -7.67
N PRO B 232 -31.83 17.78 -6.44
CA PRO B 232 -30.41 18.00 -6.06
C PRO B 232 -29.48 16.90 -6.59
N VAL B 233 -29.23 16.95 -7.88
CA VAL B 233 -28.40 15.99 -8.58
C VAL B 233 -26.99 16.53 -8.76
N THR B 234 -26.08 15.66 -9.17
CA THR B 234 -24.71 16.06 -9.48
C THR B 234 -24.70 17.21 -10.46
N GLN B 235 -23.88 18.21 -10.17
CA GLN B 235 -23.90 19.46 -10.90
C GLN B 235 -22.68 20.26 -10.48
N ILE B 236 -22.34 21.28 -11.28
CA ILE B 236 -21.40 22.32 -10.87
C ILE B 236 -22.19 23.60 -10.64
N VAL B 237 -21.78 24.37 -9.64
CA VAL B 237 -22.32 25.68 -9.35
C VAL B 237 -21.17 26.69 -9.43
N SER B 238 -21.35 27.76 -10.22
CA SER B 238 -20.28 28.73 -10.47
C SER B 238 -20.74 30.15 -10.11
N ALA B 239 -19.73 31.00 -9.89
CA ALA B 239 -19.85 32.45 -9.79
C ALA B 239 -18.58 33.03 -10.38
N GLU B 240 -18.63 34.32 -10.74
CA GLU B 240 -17.48 34.89 -11.40
C GLU B 240 -17.42 36.40 -11.16
N ALA B 241 -16.29 36.98 -11.54
CA ALA B 241 -16.14 38.43 -11.60
C ALA B 241 -15.02 38.77 -12.57
N TRP B 242 -15.15 39.90 -13.25
CA TRP B 242 -14.12 40.33 -14.18
C TRP B 242 -13.25 41.37 -13.50
N GLY B 243 -12.09 41.63 -14.11
CA GLY B 243 -11.23 42.68 -13.60
C GLY B 243 -11.92 44.03 -13.63
N ARG B 244 -11.50 44.91 -12.73
CA ARG B 244 -12.07 46.24 -12.64
C ARG B 244 -10.89 47.17 -12.41
N ALA B 245 -10.48 47.86 -13.48
CA ALA B 245 -9.45 48.88 -13.33
C ALA B 245 -9.99 50.02 -12.45
N ASP B 246 -9.20 50.42 -11.45
CA ASP B 246 -9.53 51.52 -10.50
C ASP B 246 -10.94 51.41 -9.84
N GLY C 2 28.62 -35.95 4.75
CA GLY C 2 27.59 -36.03 5.76
C GLY C 2 26.74 -34.77 5.79
N SER C 3 26.32 -34.36 4.60
CA SER C 3 25.51 -33.18 4.38
C SER C 3 24.04 -33.48 4.67
N HIS C 4 23.27 -32.42 4.93
CA HIS C 4 21.85 -32.56 5.20
C HIS C 4 21.00 -31.63 4.32
N SER C 5 19.73 -32.00 4.17
CA SER C 5 18.86 -31.29 3.24
C SER C 5 17.43 -31.23 3.75
N MET C 6 16.72 -30.19 3.36
CA MET C 6 15.30 -30.08 3.62
C MET C 6 14.57 -29.92 2.29
N ARG C 7 13.44 -30.61 2.15
CA ARG C 7 12.68 -30.65 0.92
C ARG C 7 11.24 -30.38 1.29
N TYR C 8 10.54 -29.61 0.46
CA TYR C 8 9.11 -29.38 0.71
C TYR C 8 8.35 -29.86 -0.52
N PHE C 9 7.51 -30.89 -0.34
CA PHE C 9 6.78 -31.47 -1.50
C PHE C 9 5.36 -30.91 -1.55
N PHE C 10 4.98 -30.36 -2.71
CA PHE C 10 3.62 -29.79 -2.87
C PHE C 10 2.93 -30.45 -4.05
N THR C 11 1.66 -30.82 -3.88
CA THR C 11 0.90 -31.49 -4.96
C THR C 11 -0.54 -30.96 -4.97
N SER C 12 -1.04 -30.58 -6.15
CA SER C 12 -2.44 -30.08 -6.27
C SER C 12 -3.17 -30.88 -7.35
N VAL C 13 -4.28 -31.53 -6.99
CA VAL C 13 -5.06 -32.34 -7.97
C VAL C 13 -6.48 -31.79 -8.00
N SER C 14 -7.05 -31.61 -9.20
CA SER C 14 -8.39 -30.99 -9.34
C SER C 14 -9.49 -32.05 -9.31
N ARG C 15 -10.72 -31.62 -9.10
CA ARG C 15 -11.89 -32.55 -9.13
C ARG C 15 -13.04 -31.76 -9.74
N PRO C 16 -13.11 -31.60 -11.07
CA PRO C 16 -14.13 -30.72 -11.68
C PRO C 16 -15.52 -31.00 -11.10
N GLY C 17 -16.11 -29.99 -10.45
CA GLY C 17 -17.48 -30.14 -9.93
C GLY C 17 -17.51 -30.68 -8.52
N ARG C 18 -16.96 -31.88 -8.33
CA ARG C 18 -17.02 -32.52 -6.98
C ARG C 18 -16.83 -31.47 -5.90
N GLY C 19 -15.84 -30.59 -6.07
CA GLY C 19 -15.60 -29.51 -5.10
C GLY C 19 -14.22 -28.90 -5.27
N GLU C 20 -13.84 -28.00 -4.35
CA GLU C 20 -12.50 -27.39 -4.41
C GLU C 20 -11.45 -28.50 -4.52
N PRO C 21 -10.41 -28.34 -5.34
CA PRO C 21 -9.38 -29.36 -5.52
C PRO C 21 -8.71 -29.77 -4.20
N ARG C 22 -7.90 -30.84 -4.24
CA ARG C 22 -7.24 -31.34 -3.01
C ARG C 22 -5.80 -30.82 -2.97
N PHE C 23 -5.36 -30.35 -1.81
CA PHE C 23 -3.97 -29.86 -1.65
C PHE C 23 -3.27 -30.67 -0.56
N ILE C 24 -2.30 -31.48 -0.94
CA ILE C 24 -1.52 -32.25 0.07
C ILE C 24 -0.08 -31.73 0.03
N ALA C 25 0.37 -31.12 1.13
CA ALA C 25 1.75 -30.63 1.20
C ALA C 25 2.47 -31.34 2.33
N VAL C 26 3.68 -31.85 2.06
CA VAL C 26 4.44 -32.61 3.09
C VAL C 26 5.87 -32.08 3.10
N GLY C 27 6.53 -32.12 4.25
CA GLY C 27 7.91 -31.62 4.37
C GLY C 27 8.85 -32.70 4.84
N TYR C 28 10.09 -32.69 4.35
CA TYR C 28 11.04 -33.77 4.70
C TYR C 28 12.40 -33.21 5.06
N VAL C 29 12.86 -33.43 6.29
CA VAL C 29 14.22 -33.07 6.65
C VAL C 29 15.07 -34.32 6.51
N ASP C 30 16.08 -34.24 5.64
CA ASP C 30 16.79 -35.42 5.20
C ASP C 30 15.72 -36.42 4.80
N ASP C 31 15.67 -37.57 5.46
CA ASP C 31 14.72 -38.60 5.07
C ASP C 31 13.65 -38.88 6.13
N THR C 32 13.33 -37.88 6.95
CA THR C 32 12.27 -38.01 7.94
C THR C 32 11.22 -36.92 7.73
N GLN C 33 9.94 -37.34 7.65
CA GLN C 33 8.82 -36.43 7.49
C GLN C 33 8.44 -35.76 8.81
N PHE C 34 8.27 -34.43 8.77
CA PHE C 34 8.02 -33.68 10.00
C PHE C 34 6.85 -32.72 9.97
N VAL C 35 6.39 -32.26 8.81
CA VAL C 35 5.21 -31.40 8.77
C VAL C 35 4.27 -31.91 7.69
N ARG C 36 3.01 -31.52 7.83
CA ARG C 36 1.99 -32.07 6.95
C ARG C 36 0.85 -31.08 6.85
N PHE C 37 0.32 -30.93 5.64
CA PHE C 37 -0.89 -30.15 5.45
C PHE C 37 -1.74 -30.74 4.34
N ASP C 38 -3.00 -30.95 4.69
CA ASP C 38 -4.01 -31.52 3.81
C ASP C 38 -5.22 -30.58 3.82
N SER C 39 -5.62 -30.13 2.63
CA SER C 39 -6.78 -29.27 2.53
C SER C 39 -8.04 -29.96 3.05
N ASP C 40 -8.06 -31.30 3.07
CA ASP C 40 -9.27 -32.03 3.46
C ASP C 40 -9.33 -32.48 4.92
N ALA C 41 -8.23 -32.43 5.67
CA ALA C 41 -8.29 -32.86 7.07
C ALA C 41 -9.05 -31.83 7.90
N ALA C 42 -9.55 -32.28 9.04
CA ALA C 42 -10.39 -31.41 9.86
C ALA C 42 -9.64 -30.19 10.41
N SER C 43 -8.32 -30.31 10.67
CA SER C 43 -7.56 -29.21 11.28
C SER C 43 -7.63 -27.90 10.46
N GLN C 44 -7.45 -27.98 9.14
CA GLN C 44 -7.25 -26.81 8.26
C GLN C 44 -6.02 -25.99 8.64
N ARG C 45 -5.05 -26.64 9.29
CA ARG C 45 -3.89 -25.98 9.84
C ARG C 45 -2.70 -26.90 9.65
N MET C 46 -1.53 -26.32 9.42
CA MET C 46 -0.29 -27.07 9.31
C MET C 46 -0.06 -27.93 10.55
N GLU C 47 0.38 -29.19 10.35
CA GLU C 47 0.51 -30.15 11.44
C GLU C 47 1.91 -30.74 11.58
N PRO C 48 2.28 -31.11 12.80
CA PRO C 48 3.54 -31.83 13.04
C PRO C 48 3.44 -33.32 12.77
N ARG C 49 4.61 -33.92 12.49
CA ARG C 49 4.70 -35.35 12.26
C ARG C 49 5.87 -35.97 13.03
N ALA C 50 7.07 -35.35 12.93
CA ALA C 50 8.11 -35.89 13.81
C ALA C 50 8.05 -35.17 15.17
N PRO C 51 8.35 -35.86 16.28
CA PRO C 51 8.13 -35.23 17.60
C PRO C 51 8.95 -33.97 17.85
N TRP C 52 10.18 -33.86 17.32
CA TRP C 52 11.08 -32.76 17.71
C TRP C 52 10.70 -31.37 17.20
N ILE C 53 9.72 -31.26 16.28
CA ILE C 53 9.19 -29.98 15.80
C ILE C 53 8.00 -29.55 16.65
N GLU C 54 7.45 -30.46 17.47
CA GLU C 54 6.28 -30.19 18.27
C GLU C 54 6.57 -29.17 19.34
N GLN C 55 7.84 -29.07 19.74
CA GLN C 55 8.17 -28.15 20.81
C GLN C 55 7.93 -26.69 20.42
N GLU C 56 7.91 -26.36 19.13
CA GLU C 56 7.69 -24.97 18.70
C GLU C 56 6.27 -24.54 19.02
N GLY C 57 6.14 -23.25 19.33
CA GLY C 57 4.93 -22.69 19.92
C GLY C 57 3.82 -22.36 18.95
N PRO C 58 2.75 -21.75 19.44
CA PRO C 58 1.67 -21.35 18.52
C PRO C 58 2.10 -20.36 17.45
N GLU C 59 3.13 -19.56 17.66
CA GLU C 59 3.48 -18.60 16.61
C GLU C 59 3.98 -19.31 15.37
N TYR C 60 4.79 -20.35 15.54
CA TYR C 60 5.27 -21.17 14.44
C TYR C 60 4.12 -21.86 13.73
N TRP C 61 3.15 -22.38 14.48
CA TRP C 61 2.05 -22.98 13.77
C TRP C 61 1.16 -21.92 13.12
N ASP C 62 1.13 -20.69 13.61
CA ASP C 62 0.29 -19.70 12.94
C ASP C 62 0.87 -19.27 11.61
N GLN C 63 2.12 -18.80 11.60
CA GLN C 63 2.75 -18.42 10.36
C GLN C 63 2.71 -19.57 9.36
N GLU C 64 3.25 -20.73 9.76
CA GLU C 64 3.33 -21.87 8.86
C GLU C 64 1.99 -22.29 8.26
N THR C 65 0.89 -22.23 9.02
CA THR C 65 -0.40 -22.49 8.41
C THR C 65 -0.74 -21.42 7.38
N ARG C 66 -0.53 -20.16 7.71
CA ARG C 66 -0.91 -19.12 6.75
C ARG C 66 -0.08 -19.20 5.48
N ASN C 67 1.24 -19.39 5.59
CA ASN C 67 2.05 -19.40 4.39
C ASN C 67 1.83 -20.65 3.56
N VAL C 68 1.37 -21.74 4.15
CA VAL C 68 1.07 -22.84 3.26
C VAL C 68 -0.33 -22.71 2.73
N LYS C 69 -1.25 -22.08 3.48
CA LYS C 69 -2.53 -21.83 2.85
C LYS C 69 -2.36 -20.86 1.69
N ALA C 70 -1.34 -19.99 1.77
CA ALA C 70 -1.08 -19.09 0.68
C ALA C 70 -0.69 -19.85 -0.58
N GLN C 71 0.22 -20.83 -0.45
CA GLN C 71 0.63 -21.60 -1.61
C GLN C 71 -0.52 -22.42 -2.19
N SER C 72 -1.40 -22.95 -1.33
CA SER C 72 -2.56 -23.68 -1.83
C SER C 72 -3.37 -22.82 -2.79
N GLN C 73 -3.49 -21.53 -2.47
CA GLN C 73 -4.35 -20.69 -3.27
C GLN C 73 -3.68 -20.27 -4.57
N THR C 74 -2.41 -19.82 -4.56
CA THR C 74 -1.78 -19.45 -5.83
C THR C 74 -1.68 -20.68 -6.73
N ASP C 75 -2.14 -21.81 -6.22
CA ASP C 75 -2.16 -22.99 -7.04
C ASP C 75 -3.54 -23.39 -7.52
N ARG C 76 -4.63 -23.04 -6.81
CA ARG C 76 -5.95 -23.23 -7.43
C ARG C 76 -6.02 -22.41 -8.69
N VAL C 77 -5.58 -21.17 -8.56
CA VAL C 77 -5.55 -20.25 -9.68
C VAL C 77 -4.73 -20.86 -10.80
N ASP C 78 -3.54 -21.35 -10.48
CA ASP C 78 -2.70 -21.95 -11.50
C ASP C 78 -3.30 -23.22 -12.09
N LEU C 79 -4.04 -24.03 -11.33
CA LEU C 79 -4.70 -25.15 -12.01
C LEU C 79 -5.52 -24.69 -13.20
N GLY C 80 -6.33 -23.64 -13.00
CA GLY C 80 -7.16 -23.17 -14.09
C GLY C 80 -6.36 -22.48 -15.17
N THR C 81 -5.36 -21.69 -14.78
CA THR C 81 -4.53 -20.99 -15.76
C THR C 81 -3.81 -21.96 -16.69
N LEU C 82 -3.29 -23.08 -16.18
CA LEU C 82 -2.75 -24.08 -17.11
C LEU C 82 -3.83 -24.82 -17.89
N ARG C 83 -5.03 -25.02 -17.32
CA ARG C 83 -6.17 -25.46 -18.12
C ARG C 83 -6.32 -24.62 -19.40
N GLY C 84 -6.24 -23.30 -19.26
CA GLY C 84 -6.26 -22.44 -20.40
C GLY C 84 -5.04 -22.56 -21.30
N TYR C 85 -3.83 -22.27 -20.79
CA TYR C 85 -2.66 -22.35 -21.65
C TYR C 85 -2.67 -23.59 -22.52
N TYR C 86 -3.03 -24.73 -21.94
CA TYR C 86 -2.96 -26.04 -22.59
C TYR C 86 -4.21 -26.43 -23.39
N ASN C 87 -5.24 -25.57 -23.42
CA ASN C 87 -6.45 -25.85 -24.20
C ASN C 87 -7.06 -27.20 -23.80
N GLN C 88 -7.25 -27.41 -22.49
CA GLN C 88 -7.76 -28.68 -21.97
C GLN C 88 -9.19 -28.50 -21.45
N SER C 89 -9.97 -29.59 -21.48
CA SER C 89 -11.37 -29.57 -21.07
C SER C 89 -11.52 -29.29 -19.58
N GLU C 90 -12.65 -28.67 -19.18
CA GLU C 90 -12.84 -28.37 -17.76
C GLU C 90 -13.57 -29.50 -17.04
N ALA C 91 -13.66 -30.68 -17.67
CA ALA C 91 -14.23 -31.86 -17.04
C ALA C 91 -13.18 -32.82 -16.52
N GLY C 92 -11.89 -32.56 -16.75
CA GLY C 92 -10.83 -33.48 -16.40
C GLY C 92 -10.02 -33.06 -15.18
N SER C 93 -9.59 -34.05 -14.41
CA SER C 93 -8.79 -33.80 -13.25
C SER C 93 -7.35 -33.65 -13.70
N HIS C 94 -6.61 -32.74 -13.04
CA HIS C 94 -5.25 -32.40 -13.43
C HIS C 94 -4.35 -32.29 -12.20
N THR C 95 -3.05 -32.49 -12.42
CA THR C 95 -2.08 -32.56 -11.33
C THR C 95 -0.97 -31.57 -11.54
N ILE C 96 -0.77 -30.72 -10.54
CA ILE C 96 0.39 -29.85 -10.47
C ILE C 96 1.25 -30.36 -9.33
N GLN C 97 2.54 -30.48 -9.57
CA GLN C 97 3.46 -30.90 -8.54
C GLN C 97 4.57 -29.88 -8.46
N ILE C 98 4.82 -29.37 -7.25
CA ILE C 98 5.94 -28.47 -6.97
C ILE C 98 6.80 -29.16 -5.95
N MET C 99 8.10 -29.03 -6.15
CA MET C 99 9.11 -29.50 -5.20
C MET C 99 10.21 -28.44 -5.11
N TYR C 100 10.58 -28.09 -3.87
CA TYR C 100 11.74 -27.24 -3.67
C TYR C 100 12.40 -27.59 -2.36
N GLY C 101 13.66 -27.19 -2.23
CA GLY C 101 14.39 -27.49 -1.01
C GLY C 101 15.76 -26.85 -1.00
N CYS C 102 16.51 -27.14 0.09
CA CYS C 102 17.81 -26.53 0.35
C CYS C 102 18.82 -27.57 0.83
N ASP C 103 20.10 -27.33 0.50
CA ASP C 103 21.19 -28.18 0.94
C ASP C 103 22.15 -27.38 1.80
N VAL C 104 22.49 -27.93 2.98
CA VAL C 104 23.52 -27.44 3.86
C VAL C 104 24.58 -28.51 4.03
N GLY C 105 25.83 -28.08 4.19
CA GLY C 105 26.93 -29.01 4.26
C GLY C 105 27.05 -29.61 5.64
N SER C 106 28.13 -30.36 5.83
CA SER C 106 28.37 -30.95 7.14
C SER C 106 28.51 -29.87 8.21
N ASP C 107 29.11 -28.74 7.84
CA ASP C 107 29.47 -27.65 8.73
C ASP C 107 28.42 -26.54 8.77
N GLY C 108 27.26 -26.78 8.16
CA GLY C 108 26.13 -25.86 8.18
C GLY C 108 26.02 -24.94 6.97
N ARG C 109 27.05 -24.91 6.15
CA ARG C 109 26.99 -23.99 5.01
C ARG C 109 25.87 -24.26 4.04
N PHE C 110 25.52 -23.20 3.36
CA PHE C 110 24.68 -23.37 2.21
C PHE C 110 25.49 -24.08 1.10
N LEU C 111 24.89 -25.13 0.52
CA LEU C 111 25.41 -25.87 -0.64
C LEU C 111 24.70 -25.47 -1.93
N ARG C 112 23.39 -25.75 -1.99
CA ARG C 112 22.60 -25.59 -3.18
C ARG C 112 21.16 -25.53 -2.77
N GLY C 113 20.36 -24.91 -3.64
CA GLY C 113 18.92 -24.90 -3.49
C GLY C 113 18.31 -25.30 -4.82
N TYR C 114 17.08 -25.80 -4.76
CA TYR C 114 16.43 -26.33 -5.96
C TYR C 114 14.91 -26.15 -5.86
N ARG C 115 14.28 -25.87 -7.01
CA ARG C 115 12.84 -25.77 -7.24
C ARG C 115 12.55 -26.43 -8.58
N GLN C 116 11.58 -27.34 -8.61
CA GLN C 116 11.14 -27.98 -9.85
C GLN C 116 9.62 -28.15 -9.80
N ASP C 117 8.95 -27.75 -10.89
CA ASP C 117 7.49 -27.78 -10.98
C ASP C 117 7.06 -28.61 -12.17
N ALA C 118 5.88 -29.25 -12.05
CA ALA C 118 5.38 -30.14 -13.09
C ALA C 118 3.87 -30.08 -13.25
N TYR C 119 3.40 -30.41 -14.46
CA TYR C 119 1.97 -30.44 -14.80
C TYR C 119 1.64 -31.83 -15.29
N ASP C 120 0.65 -32.45 -14.65
CA ASP C 120 0.20 -33.78 -15.06
C ASP C 120 1.38 -34.74 -15.15
N GLY C 121 2.33 -34.61 -14.22
CA GLY C 121 3.44 -35.53 -14.28
C GLY C 121 4.46 -35.21 -15.35
N LYS C 122 4.40 -34.01 -15.91
CA LYS C 122 5.33 -33.64 -16.95
C LYS C 122 6.16 -32.48 -16.42
N ASP C 123 7.44 -32.49 -16.76
CA ASP C 123 8.33 -31.39 -16.40
C ASP C 123 7.77 -30.11 -16.95
N TYR C 124 7.65 -29.09 -16.10
CA TYR C 124 7.08 -27.80 -16.54
C TYR C 124 8.12 -26.69 -16.53
N ILE C 125 8.52 -26.26 -15.35
CA ILE C 125 9.58 -25.29 -15.18
C ILE C 125 10.45 -25.78 -14.02
N ALA C 126 11.70 -25.35 -14.06
CA ALA C 126 12.66 -25.70 -13.02
C ALA C 126 13.60 -24.52 -12.80
N LEU C 127 14.10 -24.42 -11.58
CA LEU C 127 15.08 -23.41 -11.24
C LEU C 127 16.47 -23.91 -11.58
N ASN C 128 17.26 -23.03 -12.16
CA ASN C 128 18.54 -23.41 -12.73
C ASN C 128 19.60 -23.51 -11.67
N GLU C 129 20.78 -23.87 -12.14
CA GLU C 129 22.01 -24.01 -11.39
C GLU C 129 22.26 -22.75 -10.58
N ASP C 130 22.53 -21.65 -11.29
CA ASP C 130 22.99 -20.37 -10.71
C ASP C 130 21.99 -19.70 -9.79
N LEU C 131 20.73 -20.15 -9.81
CA LEU C 131 19.62 -19.49 -9.11
C LEU C 131 19.36 -18.08 -9.66
N ARG C 132 19.71 -17.81 -10.89
CA ARG C 132 19.42 -16.50 -11.43
C ARG C 132 18.58 -16.57 -12.67
N SER C 133 18.46 -17.74 -13.28
CA SER C 133 17.74 -18.00 -14.51
C SER C 133 16.68 -19.08 -14.32
N TRP C 134 15.77 -19.17 -15.27
CA TRP C 134 14.79 -20.24 -15.25
C TRP C 134 14.86 -21.02 -16.56
N THR C 135 14.32 -22.25 -16.51
CA THR C 135 14.18 -23.13 -17.66
C THR C 135 12.76 -23.66 -17.76
N ALA C 136 12.11 -23.33 -18.89
CA ALA C 136 10.80 -23.79 -19.32
C ALA C 136 10.96 -25.04 -20.17
N ALA C 137 9.97 -25.93 -20.07
CA ALA C 137 9.98 -27.21 -20.78
C ALA C 137 9.23 -27.16 -22.11
N ASP C 138 8.22 -26.29 -22.24
CA ASP C 138 7.54 -26.11 -23.51
C ASP C 138 7.22 -24.63 -23.66
N MET C 139 6.53 -24.30 -24.75
CA MET C 139 6.25 -22.89 -24.96
C MET C 139 5.12 -22.41 -24.07
N ALA C 140 4.33 -23.34 -23.51
CA ALA C 140 3.29 -22.97 -22.54
C ALA C 140 3.89 -22.52 -21.22
N ALA C 141 4.82 -23.30 -20.67
CA ALA C 141 5.54 -22.87 -19.48
C ALA C 141 6.46 -21.72 -19.81
N GLN C 142 6.83 -21.59 -21.09
CA GLN C 142 7.65 -20.48 -21.51
C GLN C 142 7.00 -19.15 -21.20
N ILE C 143 5.67 -19.09 -21.18
CA ILE C 143 4.98 -17.86 -20.79
C ILE C 143 5.10 -17.59 -19.30
N THR C 144 5.01 -18.63 -18.47
CA THR C 144 5.26 -18.45 -17.05
C THR C 144 6.68 -17.96 -16.80
N LYS C 145 7.65 -18.60 -17.46
CA LYS C 145 9.04 -18.16 -17.36
C LYS C 145 9.14 -16.66 -17.57
N ARG C 146 8.40 -16.13 -18.54
CA ARG C 146 8.46 -14.70 -18.82
C ARG C 146 7.98 -13.90 -17.62
N LYS C 147 6.92 -14.38 -16.97
CA LYS C 147 6.31 -13.57 -15.93
C LYS C 147 7.21 -13.52 -14.70
N TRP C 148 7.85 -14.66 -14.38
CA TRP C 148 8.68 -14.75 -13.19
C TRP C 148 9.93 -13.94 -13.37
N GLU C 149 10.38 -13.82 -14.61
CA GLU C 149 11.54 -13.00 -14.95
C GLU C 149 11.24 -11.52 -14.74
N ALA C 150 9.96 -11.16 -14.66
CA ALA C 150 9.54 -9.78 -14.46
C ALA C 150 9.45 -9.38 -13.00
N ALA C 151 8.66 -10.11 -12.21
CA ALA C 151 8.54 -9.92 -10.76
C ALA C 151 9.73 -10.50 -9.98
N HIS C 152 10.75 -10.98 -10.70
CA HIS C 152 12.04 -11.36 -10.13
C HIS C 152 11.91 -12.49 -9.12
N GLU C 153 11.04 -13.46 -9.41
CA GLU C 153 10.93 -14.60 -8.52
C GLU C 153 12.25 -15.35 -8.44
N ALA C 154 13.16 -15.12 -9.38
CA ALA C 154 14.45 -15.78 -9.26
C ALA C 154 15.25 -15.22 -8.09
N GLU C 155 15.35 -13.91 -7.95
CA GLU C 155 16.26 -13.45 -6.90
C GLU C 155 15.61 -13.48 -5.55
N GLN C 156 14.33 -13.15 -5.46
CA GLN C 156 13.74 -13.23 -4.14
C GLN C 156 13.51 -14.66 -3.69
N LEU C 157 13.63 -15.64 -4.59
CA LEU C 157 13.63 -17.00 -4.08
C LEU C 157 15.03 -17.44 -3.69
N ARG C 158 16.06 -16.90 -4.37
CA ARG C 158 17.45 -17.09 -3.96
C ARG C 158 17.67 -16.62 -2.54
N ALA C 159 17.06 -15.49 -2.20
CA ALA C 159 17.15 -15.02 -0.84
C ALA C 159 16.67 -16.09 0.14
N TYR C 160 15.48 -16.63 -0.07
CA TYR C 160 14.95 -17.72 0.75
C TYR C 160 15.91 -18.91 0.86
N LEU C 161 16.40 -19.44 -0.27
CA LEU C 161 17.13 -20.72 -0.19
C LEU C 161 18.47 -20.66 0.53
N ASP C 162 19.11 -19.50 0.63
CA ASP C 162 20.30 -19.39 1.47
C ASP C 162 20.02 -18.56 2.72
N GLY C 163 18.76 -18.22 2.98
CA GLY C 163 18.42 -17.53 4.19
C GLY C 163 17.46 -18.32 5.05
N THR C 164 16.17 -18.00 4.92
CA THR C 164 15.15 -18.52 5.83
C THR C 164 15.19 -20.05 5.90
N CYS C 165 15.42 -20.74 4.77
CA CYS C 165 15.46 -22.21 4.79
C CYS C 165 16.72 -22.71 5.50
N VAL C 166 17.88 -22.15 5.13
CA VAL C 166 19.14 -22.70 5.62
C VAL C 166 19.25 -22.51 7.14
N GLU C 167 18.75 -21.39 7.67
CA GLU C 167 18.68 -21.25 9.12
C GLU C 167 17.78 -22.32 9.70
N TRP C 168 16.49 -22.28 9.37
CA TRP C 168 15.55 -23.16 10.00
C TRP C 168 15.87 -24.61 9.73
N LEU C 169 16.65 -24.89 8.70
CA LEU C 169 17.17 -26.24 8.56
C LEU C 169 18.14 -26.58 9.70
N ARG C 170 19.05 -25.64 10.04
CA ARG C 170 19.97 -25.86 11.16
C ARG C 170 19.19 -26.07 12.45
N ARG C 171 18.23 -25.18 12.71
CA ARG C 171 17.41 -25.30 13.90
C ARG C 171 16.72 -26.66 13.91
N TYR C 172 16.22 -27.09 12.76
CA TYR C 172 15.59 -28.40 12.68
C TYR C 172 16.58 -29.52 13.00
N LEU C 173 17.85 -29.36 12.59
CA LEU C 173 18.89 -30.36 12.83
C LEU C 173 19.42 -30.35 14.27
N GLU C 174 19.03 -29.36 15.07
CA GLU C 174 19.44 -29.24 16.46
C GLU C 174 18.31 -29.56 17.40
N ASN C 175 17.13 -29.03 17.12
CA ASN C 175 15.93 -29.44 17.84
C ASN C 175 15.66 -30.92 17.66
N GLY C 176 16.27 -31.56 16.66
CA GLY C 176 16.14 -33.00 16.65
C GLY C 176 17.41 -33.77 16.42
N LYS C 177 18.59 -33.18 16.69
CA LYS C 177 19.86 -33.87 16.42
C LYS C 177 19.93 -35.25 17.06
N GLU C 178 19.12 -35.48 18.10
CA GLU C 178 19.07 -36.77 18.75
C GLU C 178 18.59 -37.83 17.78
N THR C 179 17.67 -37.45 16.90
CA THR C 179 16.94 -38.36 16.04
C THR C 179 17.15 -38.17 14.53
N LEU C 180 17.73 -37.05 14.08
CA LEU C 180 17.97 -36.82 12.66
C LEU C 180 19.40 -37.09 12.26
N GLN C 181 20.31 -37.03 13.23
CA GLN C 181 21.74 -37.25 13.05
C GLN C 181 22.17 -38.71 13.27
N ARG C 182 21.33 -39.54 13.89
CA ARG C 182 21.65 -40.96 14.10
C ARG C 182 21.97 -41.65 12.77
N THR C 183 22.87 -42.62 12.79
CA THR C 183 23.11 -43.43 11.59
C THR C 183 22.96 -44.90 11.97
N ASP C 184 21.76 -45.52 11.65
CA ASP C 184 21.41 -46.91 12.00
C ASP C 184 21.91 -47.84 10.90
N PRO C 185 22.66 -48.88 11.23
CA PRO C 185 23.25 -49.75 10.19
C PRO C 185 22.29 -50.84 9.75
N PRO C 186 22.39 -51.30 8.50
CA PRO C 186 21.47 -52.36 8.01
C PRO C 186 21.86 -53.71 8.58
N LYS C 187 20.89 -54.36 9.22
CA LYS C 187 21.05 -55.70 9.78
C LYS C 187 20.88 -56.71 8.64
N THR C 188 21.97 -57.36 8.25
CA THR C 188 22.01 -58.16 7.02
C THR C 188 21.88 -59.65 7.31
N HIS C 189 21.29 -60.36 6.36
CA HIS C 189 21.21 -61.82 6.38
C HIS C 189 20.71 -62.26 5.01
N MET C 190 20.97 -63.51 4.66
CA MET C 190 20.55 -64.04 3.37
C MET C 190 19.47 -65.10 3.58
N THR C 191 18.61 -65.29 2.58
CA THR C 191 17.63 -66.38 2.56
C THR C 191 17.74 -67.16 1.25
N HIS C 192 17.23 -68.39 1.26
CA HIS C 192 17.32 -69.29 0.11
C HIS C 192 16.02 -70.08 -0.05
N HIS C 193 15.44 -70.05 -1.28
CA HIS C 193 14.26 -70.79 -1.70
C HIS C 193 14.47 -71.32 -3.11
N PRO C 194 14.54 -72.64 -3.28
CA PRO C 194 14.66 -73.23 -4.61
C PRO C 194 13.38 -73.11 -5.42
N ILE C 195 13.53 -72.84 -6.73
CA ILE C 195 12.38 -72.73 -7.62
C ILE C 195 12.12 -74.04 -8.38
N SER C 196 13.16 -74.83 -8.62
CA SER C 196 13.06 -76.14 -9.27
C SER C 196 14.27 -76.97 -8.83
N ASP C 197 14.51 -78.10 -9.49
CA ASP C 197 15.62 -78.97 -9.13
C ASP C 197 16.97 -78.31 -9.41
N HIS C 198 17.25 -78.02 -10.68
CA HIS C 198 18.49 -77.43 -11.21
C HIS C 198 18.65 -75.92 -10.94
N GLU C 199 17.68 -75.26 -10.29
CA GLU C 199 17.67 -73.81 -10.15
C GLU C 199 17.37 -73.44 -8.69
N ALA C 200 17.93 -72.32 -8.24
CA ALA C 200 17.67 -71.82 -6.88
C ALA C 200 17.85 -70.30 -6.86
N THR C 201 17.28 -69.67 -5.84
CA THR C 201 17.35 -68.22 -5.72
C THR C 201 18.05 -67.81 -4.44
N LEU C 202 19.07 -66.96 -4.57
CA LEU C 202 19.72 -66.31 -3.42
C LEU C 202 19.26 -64.86 -3.31
N ARG C 203 18.58 -64.55 -2.20
CA ARG C 203 18.05 -63.23 -1.90
C ARG C 203 18.76 -62.67 -0.67
N CYS C 204 19.36 -61.49 -0.82
CA CYS C 204 20.12 -60.82 0.22
C CYS C 204 19.25 -59.71 0.81
N TRP C 205 18.87 -59.84 2.08
CA TRP C 205 17.96 -58.87 2.72
C TRP C 205 18.74 -57.87 3.58
N ALA C 206 18.07 -56.79 4.00
CA ALA C 206 18.67 -55.79 4.90
C ALA C 206 17.60 -54.91 5.52
N LEU C 207 17.48 -54.94 6.85
CA LEU C 207 16.45 -54.17 7.55
C LEU C 207 17.05 -53.11 8.47
N GLY C 208 16.17 -52.19 8.85
CA GLY C 208 16.38 -51.18 9.88
C GLY C 208 17.52 -50.20 9.66
N PHE C 209 17.78 -49.80 8.43
CA PHE C 209 18.87 -48.88 8.19
C PHE C 209 18.36 -47.47 7.97
N TYR C 210 19.27 -46.53 8.18
CA TYR C 210 18.99 -45.11 8.02
C TYR C 210 20.31 -44.42 7.71
N PRO C 211 20.36 -43.56 6.69
CA PRO C 211 19.27 -43.16 5.77
C PRO C 211 19.02 -44.20 4.67
N ALA C 212 18.14 -43.95 3.69
CA ALA C 212 17.76 -45.01 2.76
C ALA C 212 18.81 -45.28 1.70
N GLU C 213 19.75 -44.36 1.54
CA GLU C 213 20.86 -44.61 0.64
C GLU C 213 21.54 -45.89 1.08
N ILE C 214 21.51 -46.88 0.19
CA ILE C 214 22.13 -48.17 0.46
C ILE C 214 22.45 -48.80 -0.87
N THR C 215 23.41 -49.71 -0.87
CA THR C 215 23.77 -50.39 -2.11
C THR C 215 23.96 -51.87 -1.87
N LEU C 216 23.18 -52.66 -2.60
CA LEU C 216 23.29 -54.11 -2.58
C LEU C 216 23.80 -54.49 -3.96
N THR C 217 24.97 -55.12 -3.99
CA THR C 217 25.61 -55.52 -5.24
C THR C 217 25.97 -57.00 -5.19
N TRP C 218 25.38 -57.79 -6.09
CA TRP C 218 25.66 -59.23 -6.22
C TRP C 218 26.87 -59.40 -7.13
N GLN C 219 27.93 -59.99 -6.59
CA GLN C 219 29.17 -60.21 -7.32
C GLN C 219 29.56 -61.69 -7.31
N ARG C 220 29.68 -62.27 -8.51
CA ARG C 220 30.09 -63.66 -8.68
C ARG C 220 31.58 -63.72 -8.98
N ASP C 221 32.37 -64.05 -7.96
CA ASP C 221 33.84 -64.15 -8.07
C ASP C 221 34.47 -62.89 -8.67
N GLY C 222 33.98 -61.72 -8.27
CA GLY C 222 34.49 -60.48 -8.81
C GLY C 222 33.63 -59.86 -9.90
N GLU C 223 32.57 -60.54 -10.32
CA GLU C 223 31.75 -60.13 -11.46
C GLU C 223 30.41 -59.54 -11.06
N ASP C 224 30.04 -58.41 -11.66
CA ASP C 224 28.77 -57.75 -11.35
C ASP C 224 27.64 -58.44 -12.11
N GLN C 225 26.54 -58.75 -11.43
CA GLN C 225 25.39 -59.32 -12.13
C GLN C 225 24.40 -58.22 -12.49
N THR C 226 24.92 -57.23 -13.22
CA THR C 226 24.08 -56.14 -13.68
C THR C 226 23.00 -56.65 -14.64
N GLN C 227 23.20 -57.81 -15.26
CA GLN C 227 22.22 -58.41 -16.16
C GLN C 227 21.52 -59.64 -15.56
N ASP C 228 21.69 -59.93 -14.24
CA ASP C 228 21.12 -61.13 -13.61
C ASP C 228 20.43 -60.94 -12.26
N THR C 229 20.52 -59.75 -11.64
CA THR C 229 20.06 -59.43 -10.28
C THR C 229 18.68 -58.75 -10.25
N GLU C 230 17.90 -59.05 -9.21
CA GLU C 230 16.62 -58.40 -8.90
C GLU C 230 16.69 -57.54 -7.65
N LEU C 231 16.38 -56.26 -7.80
CA LEU C 231 16.49 -55.31 -6.71
C LEU C 231 15.12 -54.64 -6.52
N VAL C 232 14.67 -54.45 -5.28
CA VAL C 232 13.40 -53.76 -5.06
C VAL C 232 13.63 -52.33 -4.55
N GLU C 233 12.62 -51.46 -4.72
CA GLU C 233 12.68 -50.11 -4.15
C GLU C 233 12.92 -50.25 -2.65
N THR C 234 13.92 -49.54 -2.14
CA THR C 234 14.02 -49.39 -0.69
C THR C 234 12.66 -48.94 -0.18
N ARG C 235 12.13 -49.64 0.82
CA ARG C 235 10.78 -49.31 1.22
C ARG C 235 10.76 -48.90 2.70
N PRO C 236 9.81 -48.08 3.13
CA PRO C 236 9.77 -47.72 4.55
C PRO C 236 9.17 -48.84 5.36
N ALA C 237 9.77 -49.09 6.53
CA ALA C 237 9.25 -50.04 7.51
C ALA C 237 8.02 -49.50 8.24
N GLY C 238 7.83 -48.18 8.26
CA GLY C 238 6.74 -47.60 9.00
C GLY C 238 7.18 -46.99 10.31
N ASP C 239 8.49 -46.97 10.58
CA ASP C 239 9.02 -46.55 11.87
C ASP C 239 10.16 -45.54 11.81
N GLY C 240 10.53 -45.06 10.61
CA GLY C 240 11.66 -44.17 10.47
C GLY C 240 12.90 -44.84 9.94
N THR C 241 12.87 -46.16 9.79
CA THR C 241 13.92 -46.90 9.13
C THR C 241 13.35 -47.56 7.89
N PHE C 242 14.28 -48.10 7.08
CA PHE C 242 13.99 -48.51 5.73
C PHE C 242 14.45 -49.96 5.54
N GLN C 243 13.96 -50.58 4.48
CA GLN C 243 14.24 -51.96 4.16
C GLN C 243 14.49 -52.08 2.67
N LYS C 244 15.46 -52.90 2.25
CA LYS C 244 15.67 -53.17 0.82
C LYS C 244 16.31 -54.54 0.66
N TRP C 245 15.95 -55.23 -0.41
CA TRP C 245 16.52 -56.54 -0.69
C TRP C 245 16.84 -56.68 -2.17
N ALA C 246 17.83 -57.53 -2.44
CA ALA C 246 18.23 -57.90 -3.78
C ALA C 246 18.32 -59.43 -3.86
N ALA C 247 18.04 -59.97 -5.05
CA ALA C 247 18.06 -61.41 -5.28
C ALA C 247 18.68 -61.70 -6.64
N VAL C 248 19.29 -62.88 -6.74
CA VAL C 248 19.92 -63.31 -7.97
C VAL C 248 19.52 -64.76 -8.24
N VAL C 249 19.31 -65.08 -9.52
CA VAL C 249 18.98 -66.44 -9.93
C VAL C 249 20.30 -67.21 -10.08
N VAL C 250 20.44 -68.29 -9.33
CA VAL C 250 21.72 -69.03 -9.27
C VAL C 250 21.52 -70.51 -9.62
N PRO C 251 22.48 -71.15 -10.27
CA PRO C 251 22.34 -72.58 -10.55
C PRO C 251 22.41 -73.39 -9.26
N SER C 252 21.54 -74.39 -9.16
CA SER C 252 21.49 -75.21 -7.96
C SER C 252 22.84 -75.88 -7.75
N GLY C 253 23.43 -75.64 -6.58
CA GLY C 253 24.73 -76.20 -6.23
C GLY C 253 25.95 -75.30 -6.44
N GLU C 254 25.77 -73.99 -6.53
CA GLU C 254 26.86 -73.04 -6.74
C GLU C 254 26.66 -71.79 -5.91
N GLU C 255 26.11 -71.94 -4.70
CA GLU C 255 25.76 -70.80 -3.88
C GLU C 255 26.96 -70.13 -3.24
N GLN C 256 28.16 -70.72 -3.33
CA GLN C 256 29.37 -70.07 -2.84
C GLN C 256 30.06 -69.22 -3.91
N ARG C 257 29.83 -69.49 -5.19
CA ARG C 257 30.43 -68.62 -6.19
C ARG C 257 29.83 -67.22 -6.17
N TYR C 258 28.59 -67.07 -5.71
CA TYR C 258 27.93 -65.78 -5.67
C TYR C 258 28.11 -65.15 -4.30
N THR C 259 28.47 -63.86 -4.25
CA THR C 259 28.64 -63.13 -3.00
C THR C 259 27.84 -61.85 -3.06
N CYS C 260 27.41 -61.38 -1.89
CA CYS C 260 26.60 -60.18 -1.77
C CYS C 260 27.38 -59.12 -1.00
N HIS C 261 27.27 -57.86 -1.41
CA HIS C 261 27.99 -56.76 -0.77
C HIS C 261 27.01 -55.65 -0.37
N VAL C 262 27.05 -55.25 0.90
CA VAL C 262 26.21 -54.18 1.45
C VAL C 262 27.14 -53.02 1.81
N GLN C 263 26.86 -51.82 1.28
CA GLN C 263 27.67 -50.63 1.51
C GLN C 263 26.75 -49.53 2.00
N HIS C 264 26.91 -49.11 3.25
CA HIS C 264 26.00 -48.16 3.86
C HIS C 264 26.81 -47.19 4.70
N GLU C 265 26.16 -46.09 5.08
CA GLU C 265 26.81 -45.06 5.88
C GLU C 265 27.05 -45.52 7.31
N GLY C 266 26.11 -46.27 7.87
CA GLY C 266 26.18 -46.81 9.21
C GLY C 266 26.89 -48.12 9.34
N LEU C 267 27.44 -48.63 8.24
CA LEU C 267 28.24 -49.86 8.27
C LEU C 267 29.71 -49.48 8.20
N PRO C 268 30.51 -49.89 9.18
CA PRO C 268 31.94 -49.54 9.17
C PRO C 268 32.67 -49.88 7.88
N LYS C 269 32.62 -51.13 7.44
CA LYS C 269 33.22 -51.50 6.17
C LYS C 269 32.22 -52.32 5.38
N PRO C 270 32.30 -52.29 4.05
CA PRO C 270 31.34 -53.08 3.26
C PRO C 270 31.32 -54.51 3.75
N LEU C 271 30.13 -55.02 4.05
CA LEU C 271 29.98 -56.41 4.43
C LEU C 271 29.90 -57.21 3.13
N THR C 272 30.57 -58.36 3.08
CA THR C 272 30.44 -59.27 1.96
C THR C 272 29.88 -60.56 2.55
N LEU C 273 28.59 -60.84 2.34
CA LEU C 273 27.93 -62.04 2.85
C LEU C 273 27.57 -62.93 1.67
N ARG C 274 27.71 -64.23 1.90
CA ARG C 274 27.48 -65.27 0.92
C ARG C 274 26.82 -66.44 1.65
N TRP C 275 26.47 -67.50 0.91
CA TRP C 275 26.00 -68.74 1.53
C TRP C 275 27.03 -69.36 2.46
N ILE D 2 1.69 -40.40 -20.04
CA ILE D 2 1.00 -39.32 -19.36
C ILE D 2 0.22 -39.97 -18.15
N GLN D 3 0.41 -41.30 -17.98
CA GLN D 3 -0.20 -42.13 -16.91
C GLN D 3 0.75 -43.30 -16.60
N ARG D 4 1.12 -43.49 -15.32
CA ARG D 4 1.95 -44.61 -14.87
C ARG D 4 1.29 -45.44 -13.77
N THR D 5 1.53 -46.78 -13.81
CA THR D 5 0.95 -47.88 -13.04
C THR D 5 1.70 -48.12 -11.72
N PRO D 6 0.96 -48.38 -10.65
CA PRO D 6 1.59 -48.60 -9.34
C PRO D 6 2.42 -49.88 -9.28
N LYS D 7 3.45 -49.81 -8.45
CA LYS D 7 4.27 -50.94 -8.05
C LYS D 7 3.88 -51.30 -6.61
N ILE D 8 3.56 -52.57 -6.35
CA ILE D 8 3.01 -53.00 -5.07
C ILE D 8 3.95 -53.99 -4.37
N GLN D 9 4.21 -53.74 -3.06
CA GLN D 9 4.95 -54.64 -2.18
C GLN D 9 4.21 -54.80 -0.85
N VAL D 10 3.98 -56.04 -0.43
CA VAL D 10 3.30 -56.35 0.83
C VAL D 10 4.32 -56.98 1.76
N TYR D 11 4.36 -56.52 3.01
CA TYR D 11 5.38 -57.01 3.93
C TYR D 11 5.04 -56.68 5.38
N SER D 12 5.91 -57.13 6.28
CA SER D 12 5.80 -56.93 7.72
C SER D 12 6.95 -56.08 8.25
N ARG D 13 6.61 -55.24 9.25
CA ARG D 13 7.55 -54.26 9.80
C ARG D 13 8.75 -54.92 10.47
N HIS D 14 8.49 -55.83 11.38
CA HIS D 14 9.49 -56.59 12.09
C HIS D 14 9.56 -57.98 11.47
N PRO D 15 10.65 -58.72 11.67
CA PRO D 15 10.65 -60.13 11.28
C PRO D 15 9.45 -60.87 11.86
N ALA D 16 8.82 -61.67 11.02
CA ALA D 16 7.48 -62.17 11.35
C ALA D 16 7.58 -63.29 12.35
N GLU D 17 6.84 -63.15 13.45
CA GLU D 17 6.69 -64.23 14.42
C GLU D 17 5.23 -64.36 14.82
N ASN D 18 4.70 -65.58 14.67
CA ASN D 18 3.33 -65.88 15.03
C ASN D 18 3.11 -65.61 16.52
N GLY D 19 1.92 -65.10 16.86
CA GLY D 19 1.60 -64.79 18.23
C GLY D 19 2.08 -63.44 18.72
N LYS D 20 3.04 -62.83 18.03
CA LYS D 20 3.53 -61.52 18.39
C LYS D 20 2.82 -60.47 17.56
N SER D 21 2.34 -59.42 18.20
CA SER D 21 1.73 -58.33 17.47
C SER D 21 2.78 -57.69 16.56
N ASN D 22 2.39 -57.42 15.31
CA ASN D 22 3.36 -56.89 14.34
C ASN D 22 2.61 -55.96 13.41
N PHE D 23 3.27 -55.53 12.32
CA PHE D 23 2.62 -54.61 11.38
C PHE D 23 2.71 -55.09 9.95
N LEU D 24 1.60 -54.98 9.24
CA LEU D 24 1.48 -55.29 7.83
C LEU D 24 1.58 -54.04 7.00
N ASN D 25 2.51 -54.01 6.06
CA ASN D 25 2.72 -52.86 5.21
C ASN D 25 2.52 -53.22 3.72
N CYS D 26 1.89 -52.31 2.99
CA CYS D 26 1.75 -52.37 1.54
C CYS D 26 2.22 -51.03 0.96
N TYR D 27 3.31 -51.05 0.20
CA TYR D 27 3.95 -49.86 -0.35
C TYR D 27 3.67 -49.78 -1.85
N VAL D 28 2.92 -48.77 -2.28
CA VAL D 28 2.61 -48.57 -3.71
C VAL D 28 3.34 -47.34 -4.20
N SER D 29 4.23 -47.54 -5.15
CA SER D 29 5.09 -46.47 -5.61
C SER D 29 5.09 -46.42 -7.13
N GLY D 30 5.42 -45.24 -7.66
CA GLY D 30 5.60 -45.08 -9.08
C GLY D 30 4.34 -44.97 -9.90
N PHE D 31 3.24 -44.51 -9.31
CA PHE D 31 1.94 -44.45 -9.99
C PHE D 31 1.50 -43.01 -10.25
N HIS D 32 0.77 -42.82 -11.37
CA HIS D 32 0.22 -41.55 -11.88
C HIS D 32 -1.06 -41.73 -12.69
N PRO D 33 -2.13 -40.96 -12.41
CA PRO D 33 -2.20 -39.84 -11.46
C PRO D 33 -2.38 -40.33 -10.05
N SER D 34 -2.67 -39.41 -9.15
CA SER D 34 -2.50 -39.68 -7.73
C SER D 34 -3.67 -40.42 -7.10
N ASP D 35 -4.88 -40.33 -7.65
CA ASP D 35 -5.99 -41.01 -6.99
C ASP D 35 -5.91 -42.52 -7.24
N ILE D 36 -5.76 -43.28 -6.14
CA ILE D 36 -5.60 -44.73 -6.14
C ILE D 36 -6.36 -45.32 -4.95
N GLU D 37 -6.94 -46.51 -5.13
CA GLU D 37 -7.69 -47.20 -4.08
C GLU D 37 -6.95 -48.47 -3.65
N VAL D 38 -6.66 -48.58 -2.35
CA VAL D 38 -5.93 -49.72 -1.81
C VAL D 38 -6.65 -50.21 -0.55
N ASP D 39 -6.90 -51.53 -0.47
CA ASP D 39 -7.42 -52.18 0.73
C ASP D 39 -6.55 -53.36 1.13
N LEU D 40 -6.29 -53.48 2.43
CA LEU D 40 -5.58 -54.61 2.99
C LEU D 40 -6.59 -55.70 3.35
N LEU D 41 -6.30 -56.94 2.96
CA LEU D 41 -7.25 -58.05 3.05
C LEU D 41 -6.75 -59.13 4.01
N LYS D 42 -7.65 -59.64 4.84
CA LYS D 42 -7.34 -60.77 5.73
C LYS D 42 -8.31 -61.90 5.41
N ASN D 43 -7.76 -62.98 4.85
CA ASN D 43 -8.54 -64.16 4.52
C ASN D 43 -9.71 -63.78 3.62
N GLY D 44 -9.45 -62.83 2.71
CA GLY D 44 -10.44 -62.33 1.80
C GLY D 44 -11.30 -61.20 2.34
N GLU D 45 -11.11 -60.78 3.59
CA GLU D 45 -11.96 -59.80 4.22
C GLU D 45 -11.29 -58.43 4.21
N ARG D 46 -12.10 -57.39 4.05
CA ARG D 46 -11.58 -56.02 4.08
C ARG D 46 -11.32 -55.60 5.53
N ILE D 47 -10.07 -55.24 5.80
CA ILE D 47 -9.73 -54.70 7.12
C ILE D 47 -10.27 -53.28 7.21
N GLU D 48 -10.84 -52.93 8.37
CA GLU D 48 -11.54 -51.66 8.52
C GLU D 48 -10.62 -50.55 9.06
N LYS D 49 -9.92 -50.81 10.17
CA LYS D 49 -9.00 -49.82 10.71
C LYS D 49 -7.71 -49.96 9.90
N VAL D 50 -7.51 -49.05 8.95
CA VAL D 50 -6.28 -49.01 8.15
C VAL D 50 -5.89 -47.55 7.97
N GLU D 51 -4.65 -47.22 8.31
CA GLU D 51 -4.12 -45.89 8.06
C GLU D 51 -3.15 -45.94 6.90
N HIS D 52 -2.95 -44.78 6.29
CA HIS D 52 -2.02 -44.64 5.19
C HIS D 52 -1.20 -43.37 5.40
N SER D 53 0.00 -43.35 4.82
CA SER D 53 0.89 -42.22 5.02
C SER D 53 0.42 -41.04 4.18
N ASP D 54 1.06 -39.89 4.38
CA ASP D 54 0.68 -38.67 3.67
C ASP D 54 1.28 -38.73 2.26
N LEU D 55 0.48 -38.45 1.25
CA LEU D 55 0.90 -38.65 -0.14
C LEU D 55 2.09 -37.77 -0.50
N SER D 56 3.10 -38.40 -1.10
CA SER D 56 4.27 -37.68 -1.57
C SER D 56 4.68 -38.30 -2.90
N PHE D 57 5.75 -37.76 -3.50
CA PHE D 57 6.17 -38.22 -4.82
C PHE D 57 7.69 -38.29 -4.91
N SER D 58 8.15 -39.01 -5.92
CA SER D 58 9.56 -39.30 -6.14
C SER D 58 10.16 -38.16 -6.98
N LYS D 59 11.43 -38.29 -7.38
CA LYS D 59 11.94 -37.27 -8.27
C LYS D 59 11.49 -37.45 -9.72
N ASP D 60 10.94 -38.62 -10.11
CA ASP D 60 10.39 -38.74 -11.45
C ASP D 60 8.94 -38.23 -11.57
N TRP D 61 8.41 -37.59 -10.53
CA TRP D 61 7.07 -37.04 -10.48
C TRP D 61 6.02 -38.14 -10.23
N SER D 62 6.42 -39.38 -10.04
CA SER D 62 5.46 -40.43 -9.69
C SER D 62 5.19 -40.46 -8.20
N PHE D 63 4.00 -40.90 -7.84
CA PHE D 63 3.57 -40.85 -6.46
C PHE D 63 4.00 -42.11 -5.68
N TYR D 64 4.03 -42.01 -4.34
CA TYR D 64 4.27 -43.17 -3.46
C TYR D 64 3.51 -43.07 -2.14
N LEU D 65 2.86 -44.18 -1.76
CA LEU D 65 2.03 -44.30 -0.56
C LEU D 65 2.32 -45.61 0.17
N LEU D 66 2.17 -45.56 1.50
CA LEU D 66 2.29 -46.74 2.35
C LEU D 66 1.04 -46.86 3.21
N TYR D 67 0.28 -47.94 3.03
CA TYR D 67 -0.86 -48.25 3.89
C TYR D 67 -0.44 -49.30 4.90
N TYR D 68 -0.77 -49.10 6.19
CA TYR D 68 -0.34 -50.05 7.20
C TYR D 68 -1.43 -50.29 8.24
N THR D 69 -1.31 -51.43 8.92
CA THR D 69 -2.18 -51.87 9.99
C THR D 69 -1.43 -52.80 10.94
N GLU D 70 -1.83 -52.77 12.21
CA GLU D 70 -1.33 -53.71 13.21
C GLU D 70 -1.99 -55.05 13.01
N PHE D 71 -1.21 -56.11 13.19
CA PHE D 71 -1.76 -57.46 13.00
C PHE D 71 -1.04 -58.46 13.89
N THR D 72 -1.73 -59.57 14.15
CA THR D 72 -1.16 -60.72 14.87
C THR D 72 -1.16 -61.92 13.92
N PRO D 73 -0.02 -62.24 13.32
CA PRO D 73 0.02 -63.30 12.31
C PRO D 73 -0.17 -64.64 13.00
N THR D 74 -1.16 -65.38 12.57
CA THR D 74 -1.22 -66.78 12.94
C THR D 74 -0.72 -67.62 11.75
N GLU D 75 -0.78 -68.93 11.90
CA GLU D 75 -0.46 -69.78 10.77
C GLU D 75 -1.66 -70.02 9.88
N LYS D 76 -2.86 -69.82 10.42
CA LYS D 76 -4.12 -70.02 9.70
C LYS D 76 -4.71 -68.70 9.15
N ASP D 77 -3.88 -67.68 8.86
CA ASP D 77 -4.31 -66.36 8.37
C ASP D 77 -3.59 -65.97 7.07
N GLU D 78 -4.35 -65.50 6.08
CA GLU D 78 -3.80 -64.94 4.85
C GLU D 78 -3.97 -63.42 4.76
N TYR D 79 -2.89 -62.73 4.36
CA TYR D 79 -2.92 -61.29 4.26
C TYR D 79 -2.66 -60.88 2.81
N ALA D 80 -3.43 -59.90 2.33
CA ALA D 80 -3.40 -59.48 0.93
C ALA D 80 -3.69 -57.98 0.78
N CYS D 81 -3.34 -57.46 -0.40
CA CYS D 81 -3.49 -56.06 -0.74
C CYS D 81 -4.31 -55.98 -2.03
N ARG D 82 -5.37 -55.17 -2.04
CA ARG D 82 -6.22 -54.99 -3.21
C ARG D 82 -6.05 -53.56 -3.72
N VAL D 83 -5.55 -53.42 -4.95
CA VAL D 83 -5.23 -52.12 -5.53
C VAL D 83 -6.01 -51.96 -6.85
N ASN D 84 -6.74 -50.85 -7.01
CA ASN D 84 -7.38 -50.51 -8.27
C ASN D 84 -7.00 -49.09 -8.67
N HIS D 85 -6.65 -48.89 -9.94
CA HIS D 85 -6.19 -47.60 -10.45
C HIS D 85 -6.76 -47.42 -11.86
N VAL D 86 -6.76 -46.20 -12.39
CA VAL D 86 -7.24 -46.04 -13.77
C VAL D 86 -6.37 -46.83 -14.75
N THR D 87 -5.06 -46.93 -14.50
CA THR D 87 -4.16 -47.72 -15.34
C THR D 87 -4.34 -49.23 -15.17
N LEU D 88 -5.15 -49.64 -14.19
CA LEU D 88 -5.42 -51.04 -13.90
C LEU D 88 -6.83 -51.34 -14.35
N SER D 89 -6.98 -52.31 -15.23
CA SER D 89 -8.32 -52.67 -15.66
C SER D 89 -9.18 -53.10 -14.47
N GLN D 90 -8.81 -54.16 -13.78
CA GLN D 90 -9.53 -54.64 -12.60
C GLN D 90 -8.69 -54.55 -11.34
N PRO D 91 -9.31 -54.56 -10.16
CA PRO D 91 -8.53 -54.59 -8.91
C PRO D 91 -7.52 -55.73 -8.88
N LYS D 92 -6.26 -55.37 -8.60
CA LYS D 92 -5.13 -56.29 -8.55
C LYS D 92 -4.79 -56.63 -7.11
N ILE D 93 -4.68 -57.92 -6.79
CA ILE D 93 -4.38 -58.36 -5.43
C ILE D 93 -3.04 -59.07 -5.40
N VAL D 94 -2.16 -58.62 -4.51
CA VAL D 94 -0.86 -59.24 -4.23
C VAL D 94 -0.83 -59.54 -2.74
N LYS D 95 -0.56 -60.80 -2.39
CA LYS D 95 -0.61 -61.31 -1.02
C LYS D 95 0.72 -61.20 -0.30
N TRP D 96 0.70 -61.48 1.01
CA TRP D 96 1.89 -61.50 1.86
C TRP D 96 2.51 -62.89 1.92
N ASP D 97 3.83 -62.98 1.73
CA ASP D 97 4.55 -64.27 1.90
C ASP D 97 5.45 -64.17 3.15
N ARG D 98 5.22 -65.02 4.17
CA ARG D 98 6.00 -64.97 5.44
C ARG D 98 7.49 -64.84 5.13
N ASP D 99 7.92 -65.31 3.96
CA ASP D 99 9.35 -65.25 3.50
C ASP D 99 10.09 -63.97 4.05
N VAL E 1 10.66 -24.67 7.12
CA VAL E 1 9.69 -23.59 7.09
C VAL E 1 9.37 -23.30 5.61
N VAL E 2 8.08 -22.99 5.36
CA VAL E 2 7.56 -22.70 4.03
C VAL E 2 8.00 -21.31 3.61
N VAL E 3 8.09 -21.11 2.30
CA VAL E 3 8.37 -19.80 1.76
C VAL E 3 7.44 -18.77 2.35
N GLY E 4 8.00 -17.60 2.62
CA GLY E 4 7.38 -16.54 3.40
C GLY E 4 6.35 -15.69 2.68
N ALA E 5 6.62 -15.29 1.42
CA ALA E 5 5.70 -14.49 0.61
C ALA E 5 5.45 -15.19 -0.71
N VAL E 6 4.24 -15.75 -0.89
CA VAL E 6 3.91 -16.40 -2.15
C VAL E 6 3.80 -15.33 -3.19
N GLY E 7 4.27 -15.63 -4.39
CA GLY E 7 4.34 -14.57 -5.35
C GLY E 7 3.28 -14.57 -6.43
N VAL E 8 3.80 -14.35 -7.60
CA VAL E 8 3.02 -14.19 -8.80
C VAL E 8 2.41 -15.53 -9.21
N GLY E 9 1.29 -15.48 -9.91
CA GLY E 9 0.72 -16.69 -10.49
C GLY E 9 1.58 -17.14 -11.65
N LYS E 10 1.05 -18.06 -12.44
CA LYS E 10 1.86 -18.50 -13.59
C LYS E 10 1.52 -17.82 -14.94
N GLY F 3 29.46 -2.02 -21.45
CA GLY F 3 28.03 -2.31 -21.53
C GLY F 3 27.21 -1.74 -22.70
N ASP F 4 26.18 -2.53 -23.09
CA ASP F 4 25.29 -2.27 -24.25
C ASP F 4 23.98 -1.62 -23.79
N SER F 5 23.52 -0.62 -24.55
CA SER F 5 22.54 0.30 -23.99
C SER F 5 21.18 -0.36 -23.80
N VAL F 6 20.62 -0.95 -24.87
CA VAL F 6 19.34 -1.66 -24.84
C VAL F 6 19.55 -3.15 -25.07
N THR F 7 18.78 -3.98 -24.38
CA THR F 7 18.94 -5.43 -24.46
C THR F 7 17.58 -6.07 -24.57
N GLN F 8 17.28 -6.63 -25.74
CA GLN F 8 16.05 -7.40 -25.96
C GLN F 8 16.47 -8.85 -25.91
N LYS F 9 16.26 -9.43 -24.75
CA LYS F 9 16.87 -10.72 -24.46
C LYS F 9 16.24 -11.86 -25.27
N GLU F 10 14.94 -11.85 -25.48
CA GLU F 10 14.27 -12.92 -26.24
C GLU F 10 14.42 -12.69 -27.74
N GLY F 11 14.80 -13.73 -28.48
CA GLY F 11 14.94 -13.58 -29.92
C GLY F 11 13.66 -13.83 -30.69
N LEU F 12 12.86 -14.79 -30.23
CA LEU F 12 11.68 -15.18 -30.98
C LEU F 12 10.61 -15.62 -30.01
N VAL F 13 9.39 -15.14 -30.22
CA VAL F 13 8.28 -15.41 -29.32
C VAL F 13 7.15 -16.03 -30.14
N THR F 14 6.79 -17.26 -29.81
CA THR F 14 5.72 -17.98 -30.51
C THR F 14 4.66 -18.40 -29.51
N LEU F 15 3.41 -18.01 -29.75
CA LEU F 15 2.37 -18.52 -28.88
C LEU F 15 1.03 -18.54 -29.59
N THR F 16 0.17 -19.44 -29.10
CA THR F 16 -1.21 -19.57 -29.56
C THR F 16 -1.99 -18.28 -29.30
N GLU F 17 -2.90 -17.94 -30.22
CA GLU F 17 -3.75 -16.79 -30.02
C GLU F 17 -4.53 -16.99 -28.73
N GLY F 18 -4.71 -15.89 -28.00
CA GLY F 18 -5.37 -15.92 -26.69
C GLY F 18 -4.41 -16.05 -25.51
N LEU F 19 -3.22 -16.43 -25.76
CA LEU F 19 -2.42 -16.53 -24.56
C LEU F 19 -1.80 -15.15 -24.29
N PRO F 20 -1.58 -14.75 -23.06
CA PRO F 20 -0.99 -13.43 -22.84
C PRO F 20 0.44 -13.34 -23.36
N VAL F 21 0.82 -12.11 -23.71
CA VAL F 21 2.12 -11.86 -24.32
C VAL F 21 2.96 -10.88 -23.54
N MET F 22 4.26 -11.16 -23.41
CA MET F 22 5.20 -10.22 -22.80
C MET F 22 6.57 -10.31 -23.46
N LEU F 23 7.06 -9.19 -23.99
CA LEU F 23 8.39 -9.13 -24.60
C LEU F 23 9.34 -8.43 -23.67
N ASN F 24 10.52 -9.01 -23.47
CA ASN F 24 11.50 -8.49 -22.52
C ASN F 24 12.36 -7.35 -23.07
N CYS F 25 12.58 -6.36 -22.22
CA CYS F 25 13.46 -5.26 -22.58
C CYS F 25 14.17 -4.74 -21.33
N THR F 26 15.51 -4.71 -21.37
CA THR F 26 16.30 -4.10 -20.32
C THR F 26 17.23 -3.06 -20.91
N TYR F 27 17.62 -2.06 -20.12
CA TYR F 27 18.46 -0.97 -20.62
C TYR F 27 19.51 -0.57 -19.58
N GLN F 28 20.53 0.15 -20.05
CA GLN F 28 21.66 0.59 -19.21
C GLN F 28 22.04 2.05 -19.47
N THR F 29 21.59 2.99 -18.62
CA THR F 29 22.04 4.37 -18.76
C THR F 29 22.62 4.92 -17.47
N ILE F 30 23.42 5.97 -17.65
CA ILE F 30 24.03 6.65 -16.53
C ILE F 30 23.38 7.99 -16.22
N TYR F 31 22.40 8.43 -17.01
CA TYR F 31 21.76 9.72 -16.75
C TYR F 31 20.36 9.44 -16.25
N SER F 32 19.82 10.37 -15.48
CA SER F 32 18.53 10.07 -14.87
C SER F 32 17.39 10.18 -15.86
N ASN F 33 17.46 11.18 -16.74
CA ASN F 33 16.43 11.48 -17.72
C ASN F 33 16.55 10.45 -18.86
N ALA F 34 15.83 9.35 -18.66
CA ALA F 34 15.94 8.17 -19.52
C ALA F 34 14.60 8.01 -20.22
N PHE F 35 14.62 7.96 -21.56
CA PHE F 35 13.41 7.76 -22.37
C PHE F 35 13.39 6.44 -23.07
N LEU F 36 12.30 5.70 -22.83
CA LEU F 36 12.07 4.38 -23.43
C LEU F 36 10.89 4.37 -24.39
N PHE F 37 11.10 3.67 -25.53
CA PHE F 37 10.11 3.51 -26.60
C PHE F 37 10.03 2.06 -27.03
N TRP F 38 8.81 1.67 -27.35
CA TRP F 38 8.57 0.50 -28.16
C TRP F 38 8.13 0.94 -29.56
N TYR F 39 8.85 0.44 -30.55
CA TYR F 39 8.59 0.69 -31.95
C TYR F 39 8.20 -0.63 -32.60
N VAL F 40 7.16 -0.62 -33.43
CA VAL F 40 6.74 -1.82 -34.14
C VAL F 40 6.89 -1.62 -35.64
N HIS F 41 7.34 -2.66 -36.33
CA HIS F 41 7.66 -2.61 -37.75
C HIS F 41 7.03 -3.87 -38.34
N TYR F 42 5.83 -3.74 -38.91
CA TYR F 42 5.19 -4.86 -39.59
C TYR F 42 5.80 -5.07 -40.96
N LEU F 43 5.41 -6.18 -41.56
CA LEU F 43 5.91 -6.47 -42.88
C LEU F 43 5.24 -5.55 -43.90
N ASN F 44 6.04 -5.07 -44.86
CA ASN F 44 5.66 -4.19 -45.97
C ASN F 44 5.26 -2.81 -45.52
N GLU F 45 5.67 -2.44 -44.33
CA GLU F 45 5.46 -1.13 -43.74
C GLU F 45 6.78 -0.61 -43.23
N SER F 46 6.74 0.58 -42.74
CA SER F 46 7.85 1.14 -42.01
C SER F 46 7.62 1.09 -40.48
N PRO F 47 8.68 1.17 -39.69
CA PRO F 47 8.52 1.23 -38.24
C PRO F 47 7.67 2.41 -37.80
N ARG F 48 6.73 2.14 -36.89
CA ARG F 48 5.93 3.19 -36.29
C ARG F 48 5.98 3.02 -34.78
N LEU F 49 5.60 4.08 -34.05
CA LEU F 49 5.70 4.09 -32.59
C LEU F 49 4.58 3.28 -31.97
N LEU F 50 4.91 2.46 -30.96
CA LEU F 50 3.85 1.79 -30.23
C LEU F 50 3.56 2.40 -28.87
N LEU F 51 4.56 2.58 -27.98
CA LEU F 51 4.36 3.41 -26.79
C LEU F 51 5.68 3.93 -26.31
N LYS F 52 5.58 4.97 -25.51
CA LYS F 52 6.74 5.63 -24.97
C LYS F 52 6.42 6.00 -23.53
N SER F 53 7.48 6.17 -22.73
CA SER F 53 7.31 6.63 -21.37
C SER F 53 8.68 7.00 -20.83
N SER F 54 8.67 7.94 -19.86
CA SER F 54 9.83 8.24 -19.02
C SER F 54 9.46 8.33 -17.55
N THR F 55 8.26 7.90 -17.16
CA THR F 55 7.78 8.07 -15.79
C THR F 55 7.89 6.73 -15.07
N ASP F 56 8.61 6.71 -13.93
CA ASP F 56 8.71 5.47 -13.17
C ASP F 56 7.34 5.06 -12.64
N ASN F 57 7.03 3.80 -12.88
CA ASN F 57 5.87 3.10 -12.36
C ASN F 57 4.59 3.82 -12.77
N LYS F 58 4.61 4.42 -13.98
CA LYS F 58 3.38 4.87 -14.64
C LYS F 58 3.09 3.90 -15.77
N ARG F 59 2.02 3.14 -15.61
CA ARG F 59 1.50 2.32 -16.68
C ARG F 59 1.02 3.27 -17.75
N THR F 60 1.47 3.04 -19.01
CA THR F 60 0.96 3.68 -20.23
C THR F 60 0.37 2.62 -21.15
N GLU F 61 -0.75 2.95 -21.80
CA GLU F 61 -1.36 2.06 -22.77
C GLU F 61 -1.66 2.82 -24.04
N HIS F 62 -1.68 2.08 -25.16
CA HIS F 62 -1.81 2.65 -26.51
C HIS F 62 -2.20 1.48 -27.40
N GLN F 63 -3.41 1.53 -27.97
CA GLN F 63 -3.87 0.48 -28.90
C GLN F 63 -3.91 -0.90 -28.24
N GLY F 64 -4.39 -0.99 -26.99
CA GLY F 64 -4.53 -2.31 -26.40
C GLY F 64 -3.28 -2.93 -25.81
N PHE F 65 -2.11 -2.41 -26.17
CA PHE F 65 -0.84 -2.74 -25.52
C PHE F 65 -0.61 -1.85 -24.30
N HIS F 66 0.26 -2.35 -23.41
CA HIS F 66 0.80 -1.55 -22.32
C HIS F 66 2.19 -2.04 -21.94
N ALA F 67 2.91 -1.12 -21.34
CA ALA F 67 4.16 -1.35 -20.68
C ALA F 67 4.18 -0.39 -19.51
N THR F 68 4.95 -0.73 -18.49
CA THR F 68 5.15 0.17 -17.36
C THR F 68 6.64 0.32 -17.13
N LEU F 69 7.11 1.57 -17.01
CA LEU F 69 8.53 1.78 -16.74
C LEU F 69 8.83 1.53 -15.26
N HIS F 70 9.88 0.74 -14.98
CA HIS F 70 10.40 0.47 -13.62
C HIS F 70 11.88 0.84 -13.62
N LYS F 71 12.21 2.11 -13.31
CA LYS F 71 13.60 2.62 -13.44
C LYS F 71 14.56 1.87 -12.55
N SER F 72 14.06 1.37 -11.40
CA SER F 72 14.89 0.62 -10.47
C SER F 72 15.46 -0.64 -11.09
N SER F 73 14.65 -1.41 -11.84
CA SER F 73 15.12 -2.66 -12.41
C SER F 73 15.49 -2.55 -13.89
N SER F 74 15.51 -1.31 -14.41
CA SER F 74 15.91 -0.95 -15.79
C SER F 74 15.11 -1.71 -16.85
N SER F 75 13.83 -1.84 -16.59
CA SER F 75 12.98 -2.69 -17.37
C SER F 75 11.82 -1.86 -17.90
N PHE F 76 11.39 -2.21 -19.11
CA PHE F 76 10.29 -1.62 -19.82
C PHE F 76 9.79 -2.77 -20.67
N HIS F 77 9.17 -3.71 -19.97
CA HIS F 77 8.59 -4.87 -20.60
C HIS F 77 7.20 -4.57 -21.11
N LEU F 78 6.96 -5.08 -22.30
CA LEU F 78 5.76 -4.84 -23.07
C LEU F 78 4.80 -5.98 -22.86
N GLN F 79 3.54 -5.65 -22.51
CA GLN F 79 2.50 -6.65 -22.28
C GLN F 79 1.25 -6.29 -23.06
N LYS F 80 0.56 -7.32 -23.54
CA LYS F 80 -0.79 -7.23 -24.08
C LYS F 80 -1.54 -8.45 -23.58
N SER F 81 -2.81 -8.25 -23.27
CA SER F 81 -3.57 -9.26 -22.53
C SER F 81 -3.73 -10.56 -23.32
N SER F 82 -4.11 -10.48 -24.60
CA SER F 82 -4.47 -11.69 -25.34
C SER F 82 -3.98 -11.64 -26.78
N ALA F 83 -3.18 -12.65 -27.16
CA ALA F 83 -2.54 -12.66 -28.48
C ALA F 83 -3.56 -12.73 -29.59
N GLN F 84 -3.40 -11.86 -30.58
CA GLN F 84 -4.24 -11.97 -31.77
C GLN F 84 -3.36 -12.18 -32.99
N LEU F 85 -3.94 -12.84 -33.98
CA LEU F 85 -3.21 -13.16 -35.20
C LEU F 85 -2.65 -11.88 -35.82
N SER F 86 -3.32 -10.77 -35.59
CA SER F 86 -2.93 -9.50 -36.19
C SER F 86 -1.63 -8.93 -35.61
N ASP F 87 -1.09 -9.47 -34.52
CA ASP F 87 0.03 -8.76 -33.91
C ASP F 87 1.40 -9.20 -34.42
N SER F 88 1.48 -10.30 -35.18
CA SER F 88 2.78 -10.86 -35.56
C SER F 88 3.67 -9.82 -36.20
N ALA F 89 4.86 -9.61 -35.65
CA ALA F 89 5.69 -8.54 -36.17
C ALA F 89 7.11 -8.61 -35.57
N LEU F 90 7.92 -7.67 -36.04
CA LEU F 90 9.20 -7.31 -35.43
C LEU F 90 8.96 -6.11 -34.54
N TYR F 91 9.51 -6.16 -33.33
CA TYR F 91 9.30 -5.09 -32.36
C TYR F 91 10.64 -4.63 -31.83
N TYR F 92 10.85 -3.34 -31.83
CA TYR F 92 12.07 -2.78 -31.30
C TYR F 92 11.82 -1.97 -30.03
N CYS F 93 12.74 -2.13 -29.08
CA CYS F 93 12.83 -1.35 -27.86
C CYS F 93 14.00 -0.40 -27.98
N ALA F 94 13.80 0.86 -27.65
CA ALA F 94 14.89 1.78 -27.93
C ALA F 94 14.94 2.93 -26.93
N LEU F 95 16.13 3.49 -26.77
CA LEU F 95 16.40 4.49 -25.71
C LEU F 95 17.08 5.76 -26.22
N SER F 96 16.62 6.90 -25.68
CA SER F 96 17.25 8.24 -25.80
C SER F 96 17.62 8.71 -24.38
N GLU F 97 18.90 8.51 -24.05
CA GLU F 97 19.58 8.90 -22.84
C GLU F 97 20.31 10.22 -23.03
N GLY F 98 20.43 10.97 -21.94
CA GLY F 98 21.24 12.17 -21.95
C GLY F 98 20.72 13.14 -22.96
N GLY F 99 21.63 13.70 -23.74
CA GLY F 99 21.21 14.58 -24.82
C GLY F 99 21.47 14.11 -26.24
N ASN F 100 22.16 12.97 -26.40
CA ASN F 100 22.60 12.47 -27.71
C ASN F 100 21.45 12.45 -28.72
N TYR F 101 21.73 12.97 -29.91
CA TYR F 101 20.78 13.05 -31.01
C TYR F 101 20.42 11.71 -31.61
N LYS F 102 21.07 10.65 -31.16
CA LYS F 102 20.87 9.31 -31.69
C LYS F 102 20.04 8.53 -30.70
N TYR F 103 19.25 7.63 -31.26
CA TYR F 103 18.41 6.72 -30.49
C TYR F 103 19.04 5.35 -30.60
N VAL F 104 18.98 4.55 -29.54
CA VAL F 104 19.70 3.25 -29.57
C VAL F 104 18.66 2.13 -29.58
N PHE F 105 18.65 1.32 -30.64
CA PHE F 105 17.61 0.27 -30.76
C PHE F 105 18.24 -1.11 -30.54
N GLY F 106 17.43 -2.09 -30.15
CA GLY F 106 17.93 -3.46 -29.92
C GLY F 106 17.73 -4.33 -31.15
N ALA F 107 18.16 -5.58 -31.08
CA ALA F 107 18.05 -6.50 -32.23
C ALA F 107 16.58 -6.67 -32.61
N GLY F 108 15.72 -6.76 -31.60
CA GLY F 108 14.29 -6.92 -31.87
C GLY F 108 13.84 -8.34 -31.62
N THR F 109 12.57 -8.52 -31.23
CA THR F 109 12.02 -9.87 -30.97
C THR F 109 10.89 -10.12 -31.96
N ARG F 110 10.79 -11.33 -32.50
CA ARG F 110 9.76 -11.62 -33.52
C ARG F 110 8.56 -12.31 -32.86
N LEU F 111 7.46 -11.60 -32.72
CA LEU F 111 6.24 -12.24 -32.18
C LEU F 111 5.56 -12.94 -33.35
N LYS F 112 5.31 -14.25 -33.21
CA LYS F 112 4.62 -15.00 -34.29
C LYS F 112 3.45 -15.75 -33.67
N VAL F 113 2.27 -15.14 -33.71
CA VAL F 113 1.10 -15.80 -33.15
C VAL F 113 0.64 -16.87 -34.13
N ILE F 114 0.35 -18.05 -33.63
CA ILE F 114 -0.11 -19.15 -34.45
C ILE F 114 -1.54 -19.52 -34.04
N ALA F 115 -2.16 -20.32 -34.91
CA ALA F 115 -3.59 -20.56 -34.84
C ALA F 115 -3.93 -21.72 -33.93
N HIS F 116 -5.08 -21.59 -33.29
CA HIS F 116 -5.64 -22.66 -32.48
C HIS F 116 -6.60 -23.41 -33.37
N ILE F 117 -6.23 -24.62 -33.76
CA ILE F 117 -7.03 -25.35 -34.72
C ILE F 117 -8.03 -26.20 -33.95
N GLN F 118 -9.31 -25.82 -34.03
CA GLN F 118 -10.34 -26.44 -33.21
C GLN F 118 -10.58 -27.89 -33.61
N ASN F 119 -10.70 -28.15 -34.91
CA ASN F 119 -11.10 -29.47 -35.41
C ASN F 119 -10.11 -29.89 -36.49
N PRO F 120 -8.90 -30.26 -36.10
CA PRO F 120 -7.87 -30.55 -37.10
C PRO F 120 -8.18 -31.82 -37.89
N ASP F 121 -7.69 -31.85 -39.12
CA ASP F 121 -7.93 -32.96 -40.02
C ASP F 121 -6.81 -33.07 -41.03
N PRO F 122 -5.59 -33.32 -40.58
CA PRO F 122 -4.42 -33.24 -41.47
C PRO F 122 -4.57 -34.15 -42.68
N ALA F 123 -4.11 -33.66 -43.82
CA ALA F 123 -4.27 -34.32 -45.10
C ALA F 123 -3.16 -33.85 -46.04
N VAL F 124 -2.78 -34.71 -46.96
CA VAL F 124 -1.89 -34.36 -48.07
C VAL F 124 -2.59 -34.68 -49.38
N TYR F 125 -2.73 -33.66 -50.23
CA TYR F 125 -3.42 -33.74 -51.51
C TYR F 125 -2.43 -33.43 -52.62
N GLN F 126 -2.79 -33.82 -53.84
CA GLN F 126 -1.99 -33.48 -55.00
C GLN F 126 -2.82 -32.67 -55.99
N LEU F 127 -2.30 -31.52 -56.37
CA LEU F 127 -2.98 -30.65 -57.31
C LEU F 127 -2.38 -30.83 -58.70
N ARG F 128 -3.16 -30.42 -59.69
CA ARG F 128 -2.83 -30.47 -61.11
C ARG F 128 -2.63 -29.06 -61.66
N ASP F 129 -1.96 -28.99 -62.80
CA ASP F 129 -1.58 -27.74 -63.48
C ASP F 129 -2.61 -27.28 -64.50
N SER F 130 -2.76 -25.95 -64.62
CA SER F 130 -3.70 -25.37 -65.59
C SER F 130 -3.20 -25.51 -67.04
N LYS F 131 -1.88 -25.40 -67.28
CA LYS F 131 -1.29 -25.52 -68.62
C LYS F 131 -0.21 -26.60 -68.63
N SER F 132 0.82 -26.41 -67.81
CA SER F 132 1.94 -27.35 -67.76
C SER F 132 1.57 -28.60 -66.93
N SER F 133 0.66 -29.41 -67.51
CA SER F 133 0.17 -30.62 -66.82
C SER F 133 1.30 -31.51 -66.31
N ASP F 134 2.46 -31.43 -66.96
CA ASP F 134 3.64 -32.21 -66.57
C ASP F 134 4.00 -32.04 -65.07
N LYS F 135 4.12 -30.79 -64.58
CA LYS F 135 4.50 -30.54 -63.17
C LYS F 135 3.40 -30.95 -62.19
N SER F 136 3.77 -30.99 -60.91
CA SER F 136 2.86 -31.39 -59.85
C SER F 136 3.21 -30.72 -58.53
N VAL F 137 2.20 -30.52 -57.69
CA VAL F 137 2.45 -30.04 -56.34
C VAL F 137 1.70 -30.92 -55.35
N CYS F 138 2.23 -30.93 -54.12
CA CYS F 138 1.68 -31.63 -52.97
C CYS F 138 1.34 -30.61 -51.89
N LEU F 139 0.14 -30.71 -51.35
CA LEU F 139 -0.40 -29.75 -50.41
C LEU F 139 -0.63 -30.48 -49.11
N PHE F 140 0.04 -30.04 -48.06
CA PHE F 140 -0.23 -30.51 -46.71
C PHE F 140 -1.05 -29.43 -45.99
N THR F 141 -2.29 -29.75 -45.64
CA THR F 141 -3.18 -28.73 -45.12
C THR F 141 -4.08 -29.29 -44.04
N ASP F 142 -4.66 -28.37 -43.24
CA ASP F 142 -5.65 -28.58 -42.18
C ASP F 142 -5.08 -29.16 -40.88
N PHE F 143 -3.79 -29.02 -40.58
CA PHE F 143 -3.20 -29.51 -39.34
C PHE F 143 -3.14 -28.40 -38.30
N ASP F 144 -2.96 -28.79 -37.03
CA ASP F 144 -2.83 -27.82 -35.94
C ASP F 144 -1.42 -27.25 -35.83
N SER F 145 -1.33 -26.05 -35.25
CA SER F 145 -0.08 -25.31 -35.27
C SER F 145 0.99 -25.98 -34.43
N GLN F 146 0.62 -27.02 -33.66
CA GLN F 146 1.63 -27.68 -32.84
C GLN F 146 2.62 -28.46 -33.70
N THR F 147 2.17 -28.99 -34.85
CA THR F 147 3.10 -29.65 -35.78
C THR F 147 4.04 -28.63 -36.41
N ASN F 148 5.33 -28.97 -36.56
CA ASN F 148 6.32 -28.05 -37.10
C ASN F 148 6.86 -28.55 -38.44
N VAL F 149 6.93 -27.62 -39.41
CA VAL F 149 7.43 -27.89 -40.76
C VAL F 149 8.94 -28.09 -40.72
N SER F 150 9.42 -29.12 -41.41
CA SER F 150 10.84 -29.27 -41.70
C SER F 150 11.11 -29.27 -43.19
N GLN F 151 12.28 -28.77 -43.58
CA GLN F 151 12.75 -28.73 -44.97
C GLN F 151 13.06 -30.15 -45.47
N SER F 152 13.02 -30.30 -46.80
CA SER F 152 13.38 -31.59 -47.41
C SER F 152 14.89 -31.81 -47.31
N LYS F 153 15.28 -33.07 -47.26
CA LYS F 153 16.70 -33.40 -47.20
C LYS F 153 17.31 -33.36 -48.58
N ASP F 154 16.52 -33.67 -49.60
CA ASP F 154 17.02 -33.67 -50.96
C ASP F 154 16.99 -32.24 -51.50
N SER F 155 18.00 -31.91 -52.32
CA SER F 155 18.18 -30.59 -52.93
C SER F 155 17.24 -30.29 -54.12
N ASP F 156 16.72 -31.30 -54.82
CA ASP F 156 15.82 -31.12 -55.96
C ASP F 156 14.35 -31.25 -55.58
N VAL F 157 14.05 -31.25 -54.28
CA VAL F 157 12.71 -31.23 -53.73
C VAL F 157 12.56 -29.98 -52.87
N TYR F 158 11.53 -29.20 -53.14
CA TYR F 158 11.27 -27.94 -52.47
C TYR F 158 10.08 -28.08 -51.53
N ILE F 159 10.23 -27.57 -50.30
CA ILE F 159 9.17 -27.61 -49.29
C ILE F 159 9.02 -26.21 -48.69
N THR F 160 7.77 -25.75 -48.54
CA THR F 160 7.43 -24.41 -48.08
C THR F 160 7.32 -24.38 -46.56
N ASP F 161 7.12 -23.17 -46.02
CA ASP F 161 6.95 -23.04 -44.58
C ASP F 161 5.51 -23.33 -44.17
N LYS F 162 5.29 -23.22 -42.87
CA LYS F 162 3.93 -23.26 -42.40
C LYS F 162 3.28 -21.94 -42.85
N CYS F 163 2.00 -22.00 -43.13
CA CYS F 163 1.27 -20.81 -43.49
C CYS F 163 -0.12 -20.88 -42.87
N VAL F 164 -0.62 -19.75 -42.36
CA VAL F 164 -1.98 -19.69 -41.84
C VAL F 164 -2.84 -18.92 -42.82
N LEU F 165 -3.97 -19.50 -43.21
CA LEU F 165 -4.90 -18.87 -44.14
C LEU F 165 -6.26 -18.73 -43.46
N ASP F 166 -6.83 -17.52 -43.51
CA ASP F 166 -8.08 -17.27 -42.81
C ASP F 166 -9.22 -17.26 -43.81
N MET F 167 -10.47 -17.38 -43.29
CA MET F 167 -11.67 -17.37 -44.16
C MET F 167 -12.83 -16.74 -43.39
N ARG F 168 -12.92 -15.40 -43.49
CA ARG F 168 -13.93 -14.60 -42.80
C ARG F 168 -15.34 -15.11 -43.08
N SER F 169 -15.51 -15.82 -44.20
CA SER F 169 -16.80 -16.33 -44.63
C SER F 169 -17.34 -17.45 -43.75
N MET F 170 -16.49 -18.40 -43.36
CA MET F 170 -16.98 -19.60 -42.69
C MET F 170 -16.37 -19.83 -41.29
N ASP F 171 -15.78 -18.79 -40.68
CA ASP F 171 -15.11 -18.86 -39.36
C ASP F 171 -14.08 -20.00 -39.34
N PHE F 172 -13.45 -20.24 -40.49
CA PHE F 172 -12.45 -21.28 -40.63
C PHE F 172 -11.04 -20.68 -40.63
N LYS F 173 -10.18 -21.27 -39.80
CA LYS F 173 -8.75 -21.01 -39.77
C LYS F 173 -8.06 -22.33 -40.05
N SER F 174 -7.02 -22.32 -40.86
CA SER F 174 -6.26 -23.54 -41.04
C SER F 174 -4.86 -23.22 -41.56
N ASN F 175 -3.92 -24.11 -41.25
CA ASN F 175 -2.54 -24.04 -41.72
C ASN F 175 -2.36 -24.93 -42.93
N SER F 176 -1.31 -24.63 -43.68
CA SER F 176 -1.00 -25.45 -44.84
C SER F 176 0.46 -25.22 -45.24
N ALA F 177 1.04 -26.24 -45.88
CA ALA F 177 2.37 -26.11 -46.50
C ALA F 177 2.47 -26.99 -47.72
N VAL F 178 3.32 -26.58 -48.66
CA VAL F 178 3.44 -27.14 -50.00
C VAL F 178 4.80 -27.80 -50.16
N ALA F 179 4.85 -28.81 -51.03
CA ALA F 179 6.10 -29.40 -51.48
C ALA F 179 5.99 -29.70 -52.97
N TRP F 180 7.09 -29.55 -53.70
CA TRP F 180 7.04 -29.83 -55.14
C TRP F 180 8.42 -30.22 -55.65
N SER F 181 8.43 -30.84 -56.84
CA SER F 181 9.65 -31.12 -57.58
C SER F 181 9.29 -31.23 -59.06
N ASN F 182 10.29 -31.01 -59.89
CA ASN F 182 10.16 -31.21 -61.33
C ASN F 182 10.62 -32.59 -61.74
N LYS F 183 11.02 -33.40 -60.76
CA LYS F 183 11.43 -34.78 -60.98
C LYS F 183 10.25 -35.66 -61.35
N SER F 184 10.51 -36.67 -62.20
CA SER F 184 9.47 -37.60 -62.62
C SER F 184 9.28 -38.75 -61.62
N ASP F 185 10.28 -39.08 -60.79
CA ASP F 185 10.14 -40.07 -59.72
C ASP F 185 9.52 -39.48 -58.46
N PHE F 186 9.33 -38.17 -58.44
CA PHE F 186 8.77 -37.47 -57.29
C PHE F 186 7.33 -37.93 -57.02
N ALA F 187 7.06 -38.34 -55.78
CA ALA F 187 5.74 -38.73 -55.30
C ALA F 187 5.45 -38.03 -53.99
N CYS F 188 4.17 -37.81 -53.69
CA CYS F 188 3.82 -37.04 -52.47
C CYS F 188 4.17 -37.85 -51.22
N ALA F 189 4.11 -39.17 -51.30
CA ALA F 189 4.34 -40.01 -50.09
C ALA F 189 5.71 -39.70 -49.48
N ASN F 190 6.77 -39.82 -50.27
CA ASN F 190 8.13 -39.63 -49.72
C ASN F 190 8.46 -38.13 -49.68
N ALA F 191 7.69 -37.31 -50.41
CA ALA F 191 8.00 -35.87 -50.46
C ALA F 191 8.32 -35.39 -49.05
N PHE F 192 7.44 -35.69 -48.10
CA PHE F 192 7.73 -35.33 -46.69
C PHE F 192 8.66 -36.41 -46.12
N ASN F 193 9.94 -36.34 -46.50
CA ASN F 193 10.93 -37.35 -46.03
C ASN F 193 10.91 -37.41 -44.51
N ASN F 194 10.98 -36.26 -43.85
CA ASN F 194 11.06 -36.24 -42.37
C ASN F 194 9.83 -36.96 -41.79
N SER F 195 8.70 -36.89 -42.49
CA SER F 195 7.49 -37.65 -42.05
C SER F 195 7.14 -37.32 -40.61
N ILE F 196 7.23 -36.05 -40.22
CA ILE F 196 6.80 -35.65 -38.85
C ILE F 196 5.27 -35.59 -38.87
N ILE F 197 4.67 -35.82 -40.03
CA ILE F 197 3.19 -35.69 -40.18
C ILE F 197 2.47 -36.63 -39.20
N PRO F 198 1.29 -36.26 -38.68
CA PRO F 198 0.52 -37.16 -37.83
C PRO F 198 0.21 -38.42 -38.64
N GLU F 199 0.27 -39.59 -38.00
CA GLU F 199 0.06 -40.87 -38.72
C GLU F 199 -1.33 -40.87 -39.38
N ASP F 200 -2.33 -40.29 -38.72
CA ASP F 200 -3.73 -40.34 -39.25
C ASP F 200 -3.85 -39.49 -40.51
N THR F 201 -2.75 -38.91 -40.98
CA THR F 201 -2.81 -38.00 -42.17
C THR F 201 -3.64 -38.66 -43.27
N PHE F 202 -4.67 -37.95 -43.75
CA PHE F 202 -5.51 -38.48 -44.85
C PHE F 202 -4.66 -38.51 -46.12
N PHE F 203 -4.46 -39.70 -46.69
CA PHE F 203 -3.59 -39.82 -47.89
C PHE F 203 -4.28 -40.72 -48.92
N PRO F 204 -5.27 -40.21 -49.67
CA PRO F 204 -6.01 -40.99 -50.66
C PRO F 204 -5.35 -41.20 -52.05
N THR G 6 0.65 12.05 -44.98
CA THR G 6 2.04 11.66 -45.20
C THR G 6 2.97 12.83 -44.75
N LEU G 7 3.78 12.64 -43.68
CA LEU G 7 4.62 13.74 -43.19
C LEU G 7 6.04 13.73 -43.78
N LEU G 8 6.50 12.59 -44.27
CA LEU G 8 7.80 12.49 -44.91
C LEU G 8 7.65 11.79 -46.24
N GLU G 9 8.49 12.18 -47.19
CA GLU G 9 8.47 11.62 -48.53
C GLU G 9 9.91 11.34 -48.98
N GLN G 10 10.22 10.07 -49.23
CA GLN G 10 11.58 9.58 -49.44
C GLN G 10 11.75 8.94 -50.81
N ASN G 11 12.86 9.26 -51.48
CA ASN G 11 13.21 8.82 -52.82
C ASN G 11 14.65 8.34 -52.85
N PRO G 12 14.97 7.33 -53.69
CA PRO G 12 14.10 6.39 -54.41
C PRO G 12 13.62 5.28 -53.52
N ARG G 13 12.56 4.54 -53.83
CA ARG G 13 12.14 3.47 -52.93
C ARG G 13 12.97 2.19 -53.08
N TRP G 14 13.64 1.99 -54.21
CA TRP G 14 14.37 0.75 -54.46
C TRP G 14 15.35 1.04 -55.58
N ARG G 15 16.51 0.40 -55.52
CA ARG G 15 17.51 0.54 -56.57
C ARG G 15 18.43 -0.65 -56.47
N LEU G 16 18.49 -1.46 -57.51
CA LEU G 16 19.51 -2.49 -57.54
C LEU G 16 20.83 -1.76 -57.69
N VAL G 17 21.80 -2.16 -56.90
CA VAL G 17 23.06 -1.43 -56.87
C VAL G 17 24.15 -2.35 -57.39
N PRO G 18 24.79 -2.02 -58.51
CA PRO G 18 25.96 -2.79 -58.92
C PRO G 18 27.01 -2.68 -57.85
N ARG G 19 27.80 -3.73 -57.72
CA ARG G 19 28.78 -3.75 -56.65
C ARG G 19 29.80 -2.63 -56.86
N GLY G 20 30.16 -1.95 -55.76
CA GLY G 20 31.18 -0.92 -55.78
C GLY G 20 30.76 0.47 -56.25
N GLN G 21 29.51 0.67 -56.71
CA GLN G 21 29.03 1.95 -57.24
C GLN G 21 28.38 2.82 -56.17
N ALA G 22 27.83 3.96 -56.59
CA ALA G 22 27.22 4.90 -55.66
C ALA G 22 25.78 5.19 -56.07
N VAL G 23 25.00 5.60 -55.06
CA VAL G 23 23.58 5.87 -55.22
C VAL G 23 23.22 7.05 -54.34
N ASN G 24 22.43 7.95 -54.88
CA ASN G 24 22.07 9.17 -54.19
C ASN G 24 20.62 9.07 -53.74
N LEU G 25 20.37 9.34 -52.46
CA LEU G 25 19.03 9.30 -51.89
C LEU G 25 18.64 10.68 -51.41
N ARG G 26 17.34 10.87 -51.28
CA ARG G 26 16.80 12.16 -50.86
C ARG G 26 15.50 11.98 -50.06
N CYS G 27 15.29 12.91 -49.14
CA CYS G 27 14.16 12.90 -48.23
C CYS G 27 13.62 14.32 -48.12
N ILE G 28 12.30 14.46 -48.24
CA ILE G 28 11.64 15.75 -48.25
C ILE G 28 10.71 15.90 -47.05
N LEU G 29 10.86 16.99 -46.34
CA LEU G 29 10.06 17.24 -45.18
C LEU G 29 8.78 17.90 -45.64
N LYS G 30 7.66 17.35 -45.24
CA LYS G 30 6.41 17.96 -45.65
C LYS G 30 5.84 18.94 -44.63
N ASN G 31 6.37 18.96 -43.40
CA ASN G 31 5.80 19.82 -42.35
C ASN G 31 6.98 20.36 -41.54
N SER G 32 7.12 21.69 -41.49
CA SER G 32 8.24 22.30 -40.75
C SER G 32 8.12 22.15 -39.22
N GLN G 33 7.05 21.57 -38.68
CA GLN G 33 7.01 21.45 -37.23
C GLN G 33 7.83 20.25 -36.75
N TYR G 34 8.45 19.56 -37.67
CA TYR G 34 9.28 18.40 -37.37
C TYR G 34 10.66 18.61 -37.97
N PRO G 35 11.32 19.73 -37.64
CA PRO G 35 12.56 20.08 -38.35
C PRO G 35 13.75 19.23 -37.96
N TRP G 36 13.57 18.26 -37.08
CA TRP G 36 14.69 17.44 -36.66
C TRP G 36 14.80 16.21 -37.55
N MET G 37 15.74 16.25 -38.50
CA MET G 37 15.84 15.20 -39.50
C MET G 37 16.98 14.25 -39.19
N SER G 38 16.77 12.97 -39.47
CA SER G 38 17.76 11.94 -39.19
C SER G 38 17.80 10.88 -40.29
N TRP G 39 18.95 10.20 -40.35
CA TRP G 39 19.17 9.00 -41.16
C TRP G 39 19.52 7.80 -40.31
N TYR G 40 18.76 6.70 -40.47
CA TYR G 40 18.98 5.44 -39.77
C TYR G 40 19.13 4.32 -40.80
N GLN G 41 19.90 3.27 -40.47
CA GLN G 41 19.93 2.11 -41.38
C GLN G 41 19.38 0.84 -40.73
N GLN G 42 18.94 -0.08 -41.59
CA GLN G 42 18.53 -1.43 -41.24
C GLN G 42 19.42 -2.39 -42.02
N ASP G 43 20.23 -3.18 -41.32
CA ASP G 43 21.11 -4.12 -42.01
C ASP G 43 20.33 -5.40 -42.35
N LEU G 44 21.01 -6.36 -42.96
CA LEU G 44 20.34 -7.60 -43.36
C LEU G 44 19.90 -8.44 -42.17
N GLN G 45 20.31 -8.08 -40.95
CA GLN G 45 19.95 -8.79 -39.73
C GLN G 45 18.74 -8.19 -39.00
N LYS G 46 18.08 -7.18 -39.60
CA LYS G 46 16.95 -6.44 -39.01
C LYS G 46 17.40 -5.52 -37.87
N GLN G 47 18.71 -5.26 -37.77
CA GLN G 47 19.24 -4.35 -36.76
C GLN G 47 19.12 -2.90 -37.19
N LEU G 48 18.54 -2.07 -36.31
CA LEU G 48 18.38 -0.65 -36.58
C LEU G 48 19.56 0.10 -35.97
N GLN G 49 20.04 1.14 -36.66
CA GLN G 49 21.20 1.89 -36.14
C GLN G 49 21.23 3.34 -36.59
N TRP G 50 21.57 4.23 -35.66
CA TRP G 50 21.68 5.63 -35.99
C TRP G 50 22.87 5.91 -36.92
N LEU G 51 22.69 6.89 -37.82
CA LEU G 51 23.72 7.32 -38.78
C LEU G 51 24.06 8.81 -38.68
N PHE G 52 23.09 9.72 -38.88
CA PHE G 52 23.37 11.15 -38.87
C PHE G 52 22.19 11.95 -38.34
N THR G 53 22.48 13.08 -37.74
CA THR G 53 21.47 14.07 -37.40
C THR G 53 22.06 15.45 -37.70
N LEU G 54 21.47 16.15 -38.67
CA LEU G 54 21.93 17.45 -39.18
C LEU G 54 20.75 18.41 -39.17
N ARG G 55 20.93 19.58 -38.55
CA ARG G 55 19.82 20.53 -38.47
C ARG G 55 19.87 21.59 -39.56
N SER G 56 21.04 22.10 -39.83
CA SER G 56 21.19 23.29 -40.62
C SER G 56 21.53 23.00 -42.06
N PRO G 57 21.05 23.85 -42.97
CA PRO G 57 21.69 23.93 -44.28
C PRO G 57 23.20 24.11 -44.12
N GLY G 58 23.95 23.44 -44.99
CA GLY G 58 25.40 23.50 -44.97
C GLY G 58 26.04 22.39 -44.18
N ASP G 59 25.26 21.63 -43.42
CA ASP G 59 25.78 20.48 -42.70
C ASP G 59 26.19 19.39 -43.71
N LYS G 60 27.43 18.90 -43.60
CA LYS G 60 27.90 17.76 -44.38
C LYS G 60 28.71 16.86 -43.46
N GLU G 61 28.56 15.55 -43.63
CA GLU G 61 29.29 14.60 -42.81
C GLU G 61 29.58 13.32 -43.60
N VAL G 62 30.67 12.65 -43.26
CA VAL G 62 31.01 11.36 -43.82
C VAL G 62 31.06 10.34 -42.69
N LYS G 63 30.77 9.08 -43.02
CA LYS G 63 30.90 7.99 -42.06
C LYS G 63 31.02 6.68 -42.82
N SER G 64 31.80 5.76 -42.27
CA SER G 64 31.93 4.42 -42.82
C SER G 64 31.40 3.43 -41.81
N LEU G 65 30.61 2.49 -42.30
CA LEU G 65 30.15 1.35 -41.54
C LEU G 65 30.59 0.12 -42.31
N PRO G 66 30.51 -1.06 -41.71
CA PRO G 66 30.83 -2.27 -42.46
C PRO G 66 29.90 -2.41 -43.64
N GLY G 67 30.47 -2.30 -44.83
CA GLY G 67 29.72 -2.51 -46.05
C GLY G 67 29.34 -1.24 -46.78
N ALA G 68 29.45 -0.07 -46.15
CA ALA G 68 28.95 1.12 -46.82
C ALA G 68 29.71 2.37 -46.40
N ASP G 69 29.88 3.26 -47.36
CA ASP G 69 30.43 4.59 -47.16
C ASP G 69 29.28 5.57 -47.29
N TYR G 70 29.26 6.58 -46.42
CA TYR G 70 28.15 7.52 -46.37
C TYR G 70 28.62 8.98 -46.46
N LEU G 71 27.84 9.80 -47.17
CA LEU G 71 27.97 11.26 -47.15
C LEU G 71 26.58 11.90 -47.10
N ALA G 72 26.33 12.72 -46.07
CA ALA G 72 25.01 13.31 -45.84
C ALA G 72 25.04 14.83 -45.97
N THR G 73 23.90 15.39 -46.38
CA THR G 73 23.75 16.84 -46.51
C THR G 73 22.32 17.28 -46.22
N ARG G 74 22.21 18.31 -45.42
CA ARG G 74 20.96 19.04 -45.25
C ARG G 74 21.07 20.18 -46.25
N VAL G 75 20.30 20.11 -47.33
CA VAL G 75 20.44 21.09 -48.40
C VAL G 75 19.72 22.37 -48.05
N THR G 76 18.46 22.25 -47.68
CA THR G 76 17.68 23.34 -47.12
C THR G 76 16.92 22.77 -45.95
N ASP G 77 16.02 23.56 -45.38
CA ASP G 77 15.30 23.15 -44.18
C ASP G 77 14.42 21.94 -44.38
N THR G 78 14.05 21.63 -45.62
CA THR G 78 13.14 20.54 -45.86
C THR G 78 13.74 19.55 -46.82
N GLU G 79 14.97 19.78 -47.25
CA GLU G 79 15.63 18.88 -48.20
C GLU G 79 16.85 18.27 -47.53
N LEU G 80 16.82 16.93 -47.39
CA LEU G 80 17.91 16.14 -46.83
C LEU G 80 18.38 15.10 -47.85
N ARG G 81 19.70 14.99 -48.01
CA ARG G 81 20.33 14.07 -48.96
C ARG G 81 21.28 13.12 -48.26
N LEU G 82 21.46 11.98 -48.90
CA LEU G 82 22.33 10.94 -48.38
C LEU G 82 22.89 10.19 -49.57
N GLN G 83 24.20 10.11 -49.64
CA GLN G 83 24.88 9.32 -50.64
C GLN G 83 25.35 8.02 -50.03
N VAL G 84 25.07 6.90 -50.69
CA VAL G 84 25.63 5.62 -50.31
C VAL G 84 26.61 5.18 -51.38
N ALA G 85 27.85 4.94 -50.98
CA ALA G 85 28.91 4.64 -51.92
C ALA G 85 29.63 3.39 -51.42
N ASN G 86 30.29 2.75 -52.38
CA ASN G 86 31.21 1.65 -52.12
C ASN G 86 30.57 0.55 -51.24
N MET G 87 29.40 0.09 -51.68
CA MET G 87 28.61 -0.95 -51.01
C MET G 87 29.23 -2.33 -51.21
N SER G 88 28.97 -3.22 -50.25
CA SER G 88 29.25 -4.65 -50.39
C SER G 88 28.10 -5.50 -49.86
N GLN G 89 27.07 -4.88 -49.31
CA GLN G 89 25.98 -5.61 -48.69
C GLN G 89 24.72 -4.76 -48.76
N GLY G 90 23.58 -5.42 -48.98
CA GLY G 90 22.32 -4.71 -49.02
C GLY G 90 21.89 -4.15 -47.67
N ARG G 91 20.98 -3.18 -47.74
CA ARG G 91 20.45 -2.46 -46.58
C ARG G 91 19.07 -1.95 -46.94
N THR G 92 18.36 -1.46 -45.95
CA THR G 92 17.23 -0.57 -46.17
C THR G 92 17.54 0.68 -45.37
N LEU G 93 17.40 1.85 -45.97
CA LEU G 93 17.76 3.08 -45.29
C LEU G 93 16.47 3.85 -45.05
N TYR G 94 16.27 4.35 -43.83
CA TYR G 94 15.07 5.10 -43.49
C TYR G 94 15.46 6.53 -43.17
N CYS G 95 14.65 7.45 -43.61
CA CYS G 95 14.77 8.81 -43.13
C CYS G 95 13.81 8.99 -41.95
N THR G 96 14.19 9.84 -41.00
CA THR G 96 13.27 10.13 -39.91
C THR G 96 13.35 11.60 -39.56
N CYS G 97 12.23 12.10 -39.02
CA CYS G 97 12.16 13.44 -38.47
C CYS G 97 11.51 13.36 -37.10
N SER G 98 11.72 14.40 -36.29
CA SER G 98 11.02 14.49 -35.01
C SER G 98 10.86 15.92 -34.54
N ALA G 99 10.02 16.06 -33.51
CA ALA G 99 9.58 17.37 -33.05
C ALA G 99 10.68 18.14 -32.31
N ARG G 100 11.62 17.44 -31.67
CA ARG G 100 12.70 18.03 -30.92
C ARG G 100 13.95 17.23 -31.19
N HIS G 101 15.13 17.80 -30.94
CA HIS G 101 16.34 17.07 -31.32
C HIS G 101 16.57 15.77 -30.53
N SER G 102 16.08 15.62 -29.28
CA SER G 102 16.11 14.28 -28.68
C SER G 102 15.00 14.16 -27.62
N ALA G 103 14.75 12.91 -27.21
CA ALA G 103 13.76 12.54 -26.20
C ALA G 103 12.32 12.73 -26.68
N GLU G 104 12.11 12.67 -28.00
CA GLU G 104 10.81 12.83 -28.66
C GLU G 104 10.51 11.66 -29.59
N THR G 105 9.25 11.56 -30.00
CA THR G 105 8.90 10.51 -30.95
C THR G 105 9.58 10.77 -32.29
N LEU G 106 10.21 9.72 -32.81
CA LEU G 106 10.89 9.73 -34.08
C LEU G 106 9.98 9.03 -35.11
N TYR G 107 9.71 9.70 -36.25
CA TYR G 107 8.79 9.25 -37.32
C TYR G 107 9.52 8.77 -38.57
N PHE G 108 9.06 7.66 -39.12
CA PHE G 108 9.76 6.98 -40.20
C PHE G 108 9.19 7.25 -41.60
N GLY G 109 10.10 7.45 -42.58
CA GLY G 109 9.78 7.47 -43.99
C GLY G 109 9.60 6.06 -44.56
N SER G 110 9.24 5.99 -45.83
CA SER G 110 8.91 4.69 -46.40
C SER G 110 10.12 3.75 -46.45
N GLY G 111 11.32 4.31 -46.55
CA GLY G 111 12.51 3.50 -46.68
C GLY G 111 13.03 3.46 -48.11
N THR G 112 14.30 3.06 -48.24
CA THR G 112 14.96 2.84 -49.52
C THR G 112 15.66 1.49 -49.47
N ARG G 113 15.11 0.50 -50.14
CA ARG G 113 15.69 -0.85 -50.12
C ARG G 113 16.74 -0.93 -51.23
N LEU G 114 17.98 -1.22 -50.83
CA LEU G 114 19.12 -1.30 -51.75
C LEU G 114 19.67 -2.71 -51.76
N THR G 115 19.87 -3.29 -52.94
CA THR G 115 20.40 -4.64 -53.01
C THR G 115 21.65 -4.66 -53.88
N VAL G 116 22.71 -5.30 -53.38
CA VAL G 116 24.00 -5.40 -54.07
C VAL G 116 24.07 -6.78 -54.70
N LEU G 117 24.28 -6.80 -56.02
CA LEU G 117 24.27 -8.02 -56.82
C LEU G 117 24.97 -7.77 -58.15
N ASP G 118 25.09 -8.81 -58.96
CA ASP G 118 25.57 -8.71 -60.33
C ASP G 118 24.35 -8.56 -61.24
N LEU G 119 24.29 -7.47 -61.99
CA LEU G 119 23.09 -7.20 -62.76
C LEU G 119 22.77 -8.36 -63.70
N ARG G 120 23.81 -9.12 -64.13
CA ARG G 120 23.67 -10.24 -65.07
C ARG G 120 23.07 -11.51 -64.45
N ASN G 121 22.75 -11.57 -63.16
CA ASN G 121 21.96 -12.67 -62.62
C ASN G 121 20.48 -12.31 -62.43
N VAL G 122 20.02 -11.14 -62.96
CA VAL G 122 18.64 -10.68 -62.78
C VAL G 122 17.70 -11.47 -63.68
N PHE G 123 16.59 -11.93 -63.11
CA PHE G 123 15.65 -12.75 -63.82
C PHE G 123 14.23 -12.37 -63.45
N PRO G 124 13.33 -12.32 -64.42
CA PRO G 124 11.92 -12.15 -64.13
C PRO G 124 11.32 -13.44 -63.61
N PRO G 125 10.22 -13.36 -62.86
CA PRO G 125 9.65 -14.56 -62.25
C PRO G 125 8.76 -15.33 -63.21
N GLU G 126 8.82 -16.66 -63.11
CA GLU G 126 7.88 -17.50 -63.85
C GLU G 126 6.69 -17.82 -62.95
N VAL G 127 5.48 -17.67 -63.50
CA VAL G 127 4.25 -17.69 -62.73
C VAL G 127 3.38 -18.83 -63.21
N ALA G 128 3.00 -19.70 -62.28
CA ALA G 128 2.20 -20.87 -62.57
C ALA G 128 1.14 -21.07 -61.50
N VAL G 129 -0.07 -21.43 -61.90
CA VAL G 129 -1.11 -21.72 -60.93
C VAL G 129 -1.48 -23.19 -61.07
N PHE G 130 -1.80 -23.81 -59.94
CA PHE G 130 -2.18 -25.22 -59.84
C PHE G 130 -3.62 -25.29 -59.31
N GLU G 131 -4.44 -26.16 -59.91
CA GLU G 131 -5.87 -26.34 -59.62
C GLU G 131 -6.12 -27.37 -58.50
N PRO G 132 -7.24 -27.20 -57.78
CA PRO G 132 -7.50 -28.00 -56.57
C PRO G 132 -7.53 -29.50 -56.84
N SER G 133 -7.06 -30.26 -55.86
CA SER G 133 -7.28 -31.69 -55.92
C SER G 133 -8.76 -32.01 -55.78
N GLU G 134 -9.22 -33.04 -56.49
CA GLU G 134 -10.60 -33.46 -56.36
C GLU G 134 -10.86 -34.09 -54.99
N ALA G 135 -9.84 -34.76 -54.43
CA ALA G 135 -9.95 -35.38 -53.11
C ALA G 135 -10.15 -34.33 -52.01
N GLU G 136 -9.50 -33.17 -52.16
CA GLU G 136 -9.73 -32.05 -51.25
C GLU G 136 -11.19 -31.61 -51.30
N ILE G 137 -11.74 -31.51 -52.51
CA ILE G 137 -13.09 -31.01 -52.72
C ILE G 137 -14.14 -31.94 -52.10
N SER G 138 -13.95 -33.25 -52.27
CA SER G 138 -14.88 -34.20 -51.65
C SER G 138 -14.79 -34.15 -50.13
N HIS G 139 -13.56 -34.15 -49.62
CA HIS G 139 -13.29 -34.41 -48.22
C HIS G 139 -13.46 -33.19 -47.33
N THR G 140 -13.20 -31.98 -47.82
CA THR G 140 -13.18 -30.79 -46.96
C THR G 140 -14.26 -29.77 -47.33
N GLN G 141 -14.91 -29.95 -48.48
CA GLN G 141 -15.93 -29.04 -48.97
C GLN G 141 -15.33 -27.66 -49.26
N LYS G 142 -14.02 -27.64 -49.47
CA LYS G 142 -13.27 -26.45 -49.81
C LYS G 142 -12.30 -26.76 -50.96
N ALA G 143 -11.70 -25.69 -51.46
CA ALA G 143 -10.78 -25.77 -52.59
C ALA G 143 -9.62 -24.81 -52.39
N THR G 144 -8.42 -25.36 -52.28
CA THR G 144 -7.23 -24.55 -52.10
C THR G 144 -6.48 -24.48 -53.43
N LEU G 145 -6.37 -23.27 -53.99
CA LEU G 145 -5.55 -23.00 -55.17
C LEU G 145 -4.12 -22.64 -54.75
N VAL G 146 -3.19 -23.03 -55.61
CA VAL G 146 -1.76 -22.91 -55.33
C VAL G 146 -1.17 -21.97 -56.36
N CYS G 147 -0.33 -21.05 -55.91
CA CYS G 147 0.42 -20.23 -56.86
C CYS G 147 1.90 -20.40 -56.56
N LEU G 148 2.67 -20.75 -57.58
CA LEU G 148 4.11 -20.90 -57.45
C LEU G 148 4.79 -19.99 -58.46
N ALA G 149 5.63 -19.08 -57.99
CA ALA G 149 6.46 -18.28 -58.87
C ALA G 149 7.91 -18.70 -58.68
N THR G 150 8.59 -19.04 -59.77
CA THR G 150 9.90 -19.67 -59.72
C THR G 150 10.87 -18.98 -60.65
N GLY G 151 12.14 -19.05 -60.30
CA GLY G 151 13.21 -18.56 -61.15
C GLY G 151 13.30 -17.05 -61.24
N PHE G 152 13.73 -16.40 -60.16
CA PHE G 152 13.88 -14.95 -60.15
C PHE G 152 15.00 -14.59 -59.19
N TYR G 153 15.56 -13.40 -59.40
CA TYR G 153 16.70 -12.91 -58.63
C TYR G 153 16.80 -11.39 -58.81
N PRO G 154 16.89 -10.60 -57.72
CA PRO G 154 16.92 -10.96 -56.29
C PRO G 154 15.50 -11.26 -55.80
N ASP G 155 15.27 -11.36 -54.49
CA ASP G 155 13.97 -11.76 -53.94
C ASP G 155 13.02 -10.59 -53.63
N HIS G 156 13.04 -9.51 -54.44
CA HIS G 156 12.13 -8.37 -54.28
C HIS G 156 10.97 -8.60 -55.26
N VAL G 157 9.93 -9.28 -54.76
CA VAL G 157 8.73 -9.63 -55.52
C VAL G 157 7.51 -9.43 -54.64
N GLU G 158 6.35 -9.19 -55.26
CA GLU G 158 5.10 -8.99 -54.53
C GLU G 158 3.97 -9.78 -55.17
N LEU G 159 3.30 -10.62 -54.37
CA LEU G 159 2.26 -11.54 -54.81
C LEU G 159 0.88 -11.06 -54.36
N SER G 160 -0.14 -11.22 -55.22
CA SER G 160 -1.50 -10.82 -54.87
C SER G 160 -2.51 -11.76 -55.52
N TRP G 161 -3.69 -11.88 -54.90
CA TRP G 161 -4.81 -12.57 -55.49
C TRP G 161 -5.91 -11.61 -55.93
N TRP G 162 -6.51 -11.94 -57.07
CA TRP G 162 -7.61 -11.20 -57.66
C TRP G 162 -8.69 -12.18 -58.02
N VAL G 163 -9.86 -12.00 -57.41
CA VAL G 163 -11.04 -12.79 -57.71
C VAL G 163 -12.01 -11.88 -58.46
N ASN G 164 -12.26 -12.21 -59.74
CA ASN G 164 -13.20 -11.44 -60.53
C ASN G 164 -12.79 -9.96 -60.53
N GLY G 165 -11.48 -9.75 -60.71
CA GLY G 165 -10.94 -8.42 -60.86
C GLY G 165 -10.77 -7.63 -59.58
N LYS G 166 -11.26 -8.11 -58.44
CA LYS G 166 -11.06 -7.38 -57.22
C LYS G 166 -10.03 -8.15 -56.42
N GLU G 167 -9.14 -7.43 -55.75
CA GLU G 167 -8.18 -8.11 -54.90
C GLU G 167 -8.90 -8.66 -53.66
N VAL G 168 -8.54 -9.89 -53.26
CA VAL G 168 -9.17 -10.57 -52.14
C VAL G 168 -8.25 -10.60 -50.94
N HIS G 169 -8.88 -10.75 -49.77
CA HIS G 169 -8.15 -10.74 -48.51
C HIS G 169 -8.30 -12.00 -47.68
N SER G 170 -9.52 -12.54 -47.51
CA SER G 170 -9.66 -13.78 -46.77
C SER G 170 -9.19 -14.93 -47.67
N GLY G 171 -8.80 -16.05 -47.06
CA GLY G 171 -8.30 -17.18 -47.82
C GLY G 171 -6.92 -16.97 -48.43
N VAL G 172 -6.29 -15.84 -48.14
CA VAL G 172 -4.99 -15.46 -48.69
C VAL G 172 -3.90 -15.96 -47.75
N CYS G 173 -2.90 -16.63 -48.31
CA CYS G 173 -1.81 -17.15 -47.49
C CYS G 173 -0.50 -17.02 -48.26
N THR G 174 0.20 -15.89 -48.09
CA THR G 174 1.50 -15.67 -48.74
C THR G 174 2.61 -16.07 -47.79
N ASP G 175 3.55 -16.90 -48.27
CA ASP G 175 4.67 -17.30 -47.43
C ASP G 175 5.53 -16.10 -47.01
N PRO G 176 6.17 -16.17 -45.82
CA PRO G 176 6.89 -14.99 -45.31
C PRO G 176 8.09 -14.61 -46.16
N GLN G 177 8.87 -15.64 -46.48
CA GLN G 177 10.15 -15.39 -47.11
C GLN G 177 10.29 -16.26 -48.34
N PRO G 178 10.88 -15.72 -49.39
CA PRO G 178 11.21 -16.53 -50.55
C PRO G 178 12.24 -17.60 -50.19
N LEU G 179 12.27 -18.66 -50.99
CA LEU G 179 13.16 -19.79 -50.79
C LEU G 179 14.17 -19.90 -51.92
N LYS G 180 15.37 -20.39 -51.61
CA LYS G 180 16.39 -20.59 -52.64
C LYS G 180 16.20 -21.93 -53.35
N GLU G 181 16.12 -21.87 -54.69
CA GLU G 181 15.99 -23.07 -55.53
C GLU G 181 17.20 -24.00 -55.39
N GLN G 182 18.40 -23.45 -55.11
CA GLN G 182 19.64 -24.21 -54.91
C GLN G 182 20.19 -23.73 -53.57
N PRO G 183 19.82 -24.40 -52.48
CA PRO G 183 20.08 -23.85 -51.14
C PRO G 183 21.56 -23.57 -50.79
N ALA G 184 22.52 -24.16 -51.51
CA ALA G 184 23.95 -24.01 -51.20
C ALA G 184 24.60 -22.77 -51.83
N LEU G 185 24.09 -22.29 -52.96
CA LEU G 185 24.68 -21.15 -53.65
C LEU G 185 24.39 -19.85 -52.91
N ASN G 186 25.38 -18.96 -52.89
CA ASN G 186 25.18 -17.60 -52.41
C ASN G 186 24.59 -16.63 -53.45
N ASP G 187 24.27 -17.10 -54.68
CA ASP G 187 23.53 -16.32 -55.68
C ASP G 187 22.39 -17.12 -56.31
N SER G 188 21.81 -18.09 -55.57
CA SER G 188 20.69 -18.85 -56.11
C SER G 188 19.52 -17.89 -56.42
N ARG G 189 18.71 -18.27 -57.40
CA ARG G 189 17.47 -17.58 -57.71
C ARG G 189 16.39 -18.03 -56.71
N TYR G 190 15.34 -17.23 -56.58
CA TYR G 190 14.42 -17.49 -55.48
C TYR G 190 13.06 -17.94 -55.99
N ALA G 191 12.25 -18.45 -55.05
CA ALA G 191 10.89 -18.92 -55.29
C ALA G 191 10.00 -18.60 -54.10
N LEU G 192 8.71 -18.48 -54.36
CA LEU G 192 7.72 -18.12 -53.35
C LEU G 192 6.42 -18.86 -53.58
N SER G 193 5.73 -19.28 -52.52
CA SER G 193 4.44 -19.88 -52.72
C SER G 193 3.35 -19.03 -52.07
N SER G 194 2.10 -19.29 -52.48
CA SER G 194 0.93 -18.70 -51.87
C SER G 194 -0.26 -19.63 -52.08
N ARG G 195 -1.27 -19.46 -51.24
CA ARG G 195 -2.48 -20.26 -51.29
C ARG G 195 -3.71 -19.37 -51.29
N LEU G 196 -4.75 -19.86 -51.94
CA LEU G 196 -6.06 -19.25 -51.89
C LEU G 196 -7.11 -20.33 -51.67
N ARG G 197 -7.86 -20.26 -50.56
CA ARG G 197 -8.89 -21.23 -50.22
C ARG G 197 -10.28 -20.62 -50.29
N VAL G 198 -11.16 -21.24 -51.09
CA VAL G 198 -12.56 -20.83 -51.22
C VAL G 198 -13.46 -22.06 -51.15
N SER G 199 -14.71 -21.84 -50.72
CA SER G 199 -15.63 -22.96 -50.50
C SER G 199 -15.78 -23.77 -51.78
N ALA G 200 -16.08 -25.05 -51.63
CA ALA G 200 -16.18 -25.92 -52.79
C ALA G 200 -17.25 -25.41 -53.75
N THR G 201 -18.34 -24.88 -53.20
CA THR G 201 -19.39 -24.33 -54.03
C THR G 201 -18.85 -23.23 -54.93
N PHE G 202 -17.96 -22.38 -54.40
CA PHE G 202 -17.43 -21.25 -55.16
C PHE G 202 -16.44 -21.71 -56.22
N TRP G 203 -15.66 -22.74 -55.93
CA TRP G 203 -14.75 -23.22 -56.95
C TRP G 203 -15.48 -23.88 -58.09
N GLN G 204 -16.59 -24.56 -57.81
CA GLN G 204 -17.33 -25.37 -58.78
C GLN G 204 -18.22 -24.52 -59.70
N ASN G 205 -18.05 -23.19 -59.66
CA ASN G 205 -18.75 -22.21 -60.47
C ASN G 205 -17.83 -21.74 -61.59
N PRO G 206 -17.96 -22.28 -62.80
CA PRO G 206 -17.08 -21.86 -63.90
C PRO G 206 -17.27 -20.42 -64.33
N ARG G 207 -18.20 -19.68 -63.74
CA ARG G 207 -18.36 -18.26 -64.07
C ARG G 207 -17.36 -17.34 -63.37
N ASN G 208 -16.57 -17.86 -62.44
CA ASN G 208 -15.67 -17.04 -61.64
C ASN G 208 -14.21 -17.10 -62.11
N HIS G 209 -13.53 -15.95 -61.96
CA HIS G 209 -12.18 -15.68 -62.44
C HIS G 209 -11.17 -15.55 -61.31
N PHE G 210 -10.08 -16.32 -61.39
CA PHE G 210 -9.02 -16.27 -60.42
C PHE G 210 -7.75 -15.89 -61.17
N ARG G 211 -7.05 -14.85 -60.72
CA ARG G 211 -5.77 -14.53 -61.34
C ARG G 211 -4.74 -14.22 -60.26
N CYS G 212 -3.57 -14.85 -60.36
CA CYS G 212 -2.48 -14.67 -59.43
C CYS G 212 -1.47 -13.74 -60.09
N GLN G 213 -1.22 -12.60 -59.45
CA GLN G 213 -0.36 -11.55 -59.99
C GLN G 213 0.90 -11.47 -59.15
N VAL G 214 2.07 -11.47 -59.80
CA VAL G 214 3.36 -11.40 -59.11
C VAL G 214 4.13 -10.19 -59.61
N GLN G 215 4.17 -9.13 -58.81
CA GLN G 215 4.94 -7.95 -59.17
C GLN G 215 6.44 -8.17 -58.96
N PHE G 216 7.24 -7.94 -60.00
CA PHE G 216 8.70 -8.09 -59.93
C PHE G 216 9.43 -6.76 -60.09
N TYR G 217 10.46 -6.54 -59.24
CA TYR G 217 11.34 -5.36 -59.30
C TYR G 217 12.68 -5.72 -59.93
N GLY G 218 12.96 -5.13 -61.11
CA GLY G 218 14.15 -5.35 -61.89
C GLY G 218 14.80 -4.06 -62.38
N LEU G 219 15.44 -4.15 -63.55
CA LEU G 219 16.22 -3.05 -64.09
C LEU G 219 15.31 -1.98 -64.70
N SER G 220 15.94 -0.87 -65.12
CA SER G 220 15.30 0.25 -65.81
C SER G 220 15.76 0.28 -67.27
N GLU G 221 15.00 0.98 -68.13
CA GLU G 221 15.33 0.94 -69.56
C GLU G 221 16.65 1.63 -69.86
N ASN G 222 17.16 2.46 -68.94
CA ASN G 222 18.47 3.09 -69.09
C ASN G 222 19.59 2.17 -68.66
N ASP G 223 19.28 0.92 -68.38
CA ASP G 223 20.32 -0.04 -68.12
C ASP G 223 20.58 -0.82 -69.40
N GLU G 224 21.67 -1.57 -69.39
CA GLU G 224 22.14 -2.24 -70.58
C GLU G 224 21.86 -3.73 -70.52
N TRP G 225 21.60 -4.28 -71.69
CA TRP G 225 21.38 -5.69 -71.86
C TRP G 225 22.45 -6.23 -72.79
N THR G 226 23.70 -6.28 -72.30
CA THR G 226 24.76 -6.89 -73.08
C THR G 226 24.48 -8.37 -73.25
N GLN G 227 23.82 -8.96 -72.26
CA GLN G 227 23.42 -10.34 -72.36
C GLN G 227 22.39 -10.46 -73.50
N ASP G 228 22.14 -11.69 -73.93
CA ASP G 228 21.29 -11.91 -75.09
C ASP G 228 19.84 -12.18 -74.71
N ARG G 229 19.61 -12.74 -73.52
CA ARG G 229 18.26 -13.00 -73.03
C ARG G 229 17.51 -11.67 -72.93
N ALA G 230 16.18 -11.73 -72.80
CA ALA G 230 15.41 -10.50 -72.72
C ALA G 230 15.86 -9.70 -71.49
N LYS G 231 15.82 -8.39 -71.60
CA LYS G 231 16.30 -7.59 -70.48
C LYS G 231 15.27 -7.68 -69.38
N PRO G 232 15.62 -8.16 -68.19
CA PRO G 232 14.71 -8.38 -67.02
C PRO G 232 14.39 -7.11 -66.24
N VAL G 233 13.52 -6.30 -66.82
CA VAL G 233 13.16 -5.03 -66.20
C VAL G 233 11.91 -5.21 -65.36
N THR G 234 11.55 -4.16 -64.63
CA THR G 234 10.35 -4.10 -63.81
C THR G 234 9.13 -4.50 -64.64
N GLN G 235 8.25 -5.31 -64.05
CA GLN G 235 7.19 -5.94 -64.82
C GLN G 235 6.20 -6.59 -63.87
N ILE G 236 5.04 -6.92 -64.40
CA ILE G 236 4.11 -7.82 -63.75
C ILE G 236 4.12 -9.12 -64.53
N VAL G 237 4.02 -10.22 -63.83
CA VAL G 237 3.81 -11.51 -64.43
C VAL G 237 2.59 -12.10 -63.72
N SER G 238 1.65 -12.66 -64.49
CA SER G 238 0.41 -13.21 -63.94
C SER G 238 0.23 -14.65 -64.38
N ALA G 239 -0.66 -15.34 -63.68
CA ALA G 239 -1.22 -16.59 -64.15
C ALA G 239 -2.66 -16.56 -63.71
N GLU G 240 -3.49 -17.38 -64.35
CA GLU G 240 -4.91 -17.39 -64.05
C GLU G 240 -5.48 -18.78 -64.28
N ALA G 241 -6.70 -18.95 -63.77
CA ALA G 241 -7.55 -20.11 -64.01
C ALA G 241 -8.98 -19.67 -63.76
N TRP G 242 -9.89 -20.28 -64.49
CA TRP G 242 -11.31 -20.05 -64.30
C TRP G 242 -11.90 -21.23 -63.54
N GLY G 243 -13.08 -21.03 -63.01
CA GLY G 243 -13.75 -22.10 -62.30
C GLY G 243 -14.06 -23.29 -63.20
N ARG G 244 -14.17 -24.45 -62.58
CA ARG G 244 -14.55 -25.67 -63.26
C ARG G 244 -15.49 -26.38 -62.30
N ALA G 245 -16.52 -27.03 -62.83
CA ALA G 245 -17.45 -27.70 -61.93
C ALA G 245 -17.18 -29.21 -61.75
N GLY H 2 16.91 33.45 1.47
CA GLY H 2 16.75 34.55 0.53
C GLY H 2 16.53 33.92 -0.80
N SER H 3 15.94 34.64 -1.76
CA SER H 3 15.57 34.04 -3.03
C SER H 3 16.77 33.85 -3.93
N HIS H 4 16.71 32.79 -4.76
CA HIS H 4 17.79 32.47 -5.68
C HIS H 4 17.28 32.20 -7.10
N SER H 5 18.18 32.39 -8.07
CA SER H 5 17.83 32.31 -9.47
C SER H 5 18.99 31.72 -10.28
N MET H 6 18.62 31.09 -11.40
CA MET H 6 19.57 30.65 -12.41
C MET H 6 19.13 31.27 -13.73
N ARG H 7 20.10 31.72 -14.51
CA ARG H 7 19.85 32.39 -15.77
C ARG H 7 20.80 31.82 -16.81
N TYR H 8 20.34 31.64 -18.03
CA TYR H 8 21.23 31.34 -19.15
C TYR H 8 21.17 32.43 -20.23
N PHE H 9 22.31 32.76 -20.84
CA PHE H 9 22.42 33.83 -21.83
C PHE H 9 23.04 33.33 -23.14
N PHE H 10 22.38 33.61 -24.27
CA PHE H 10 22.86 33.18 -25.58
C PHE H 10 22.97 34.34 -26.55
N THR H 11 24.05 34.37 -27.32
CA THR H 11 24.26 35.47 -28.29
C THR H 11 24.82 34.92 -29.61
N SER H 12 24.17 35.23 -30.73
CA SER H 12 24.63 34.76 -32.06
C SER H 12 24.84 35.94 -33.00
N VAL H 13 25.99 35.99 -33.67
CA VAL H 13 26.30 37.11 -34.62
C VAL H 13 26.42 36.53 -36.02
N SER H 14 25.87 37.21 -37.02
CA SER H 14 25.84 36.68 -38.41
C SER H 14 27.25 36.44 -38.96
N ARG H 15 28.18 37.37 -38.74
CA ARG H 15 29.52 37.24 -39.36
C ARG H 15 29.34 37.15 -40.87
N PRO H 16 29.05 38.26 -41.59
CA PRO H 16 28.83 38.21 -43.02
C PRO H 16 29.96 37.39 -43.65
N GLY H 17 29.63 36.24 -44.23
CA GLY H 17 30.66 35.37 -44.81
C GLY H 17 31.75 35.07 -43.79
N ARG H 18 33.01 35.15 -44.20
CA ARG H 18 34.13 34.96 -43.25
C ARG H 18 33.81 33.79 -42.30
N GLY H 19 33.24 32.70 -42.83
CA GLY H 19 33.03 31.50 -41.99
C GLY H 19 31.61 31.37 -41.48
N GLU H 20 31.44 30.64 -40.36
CA GLU H 20 30.08 30.38 -39.80
C GLU H 20 29.73 31.43 -38.76
N PRO H 21 28.47 31.50 -38.28
CA PRO H 21 28.07 32.44 -37.24
C PRO H 21 28.81 32.28 -35.91
N ARG H 22 28.65 33.25 -35.01
CA ARG H 22 29.33 33.21 -33.69
C ARG H 22 28.33 32.79 -32.62
N PHE H 23 28.69 31.82 -31.78
CA PHE H 23 27.78 31.39 -30.69
C PHE H 23 28.46 31.62 -29.34
N ILE H 24 27.95 32.57 -28.57
CA ILE H 24 28.46 32.81 -27.21
C ILE H 24 27.37 32.44 -26.22
N ALA H 25 27.69 31.54 -25.28
CA ALA H 25 26.74 31.13 -24.26
C ALA H 25 27.38 31.22 -22.88
N VAL H 26 26.72 31.88 -21.93
CA VAL H 26 27.19 31.94 -20.55
C VAL H 26 26.01 31.77 -19.61
N GLY H 27 26.21 31.03 -18.55
CA GLY H 27 25.17 30.91 -17.55
C GLY H 27 25.55 31.62 -16.26
N TYR H 28 24.54 32.04 -15.49
CA TYR H 28 24.74 32.67 -14.18
C TYR H 28 23.97 31.83 -13.16
N VAL H 29 24.54 31.68 -11.96
CA VAL H 29 23.72 31.35 -10.79
C VAL H 29 23.79 32.54 -9.86
N ASP H 30 22.63 33.12 -9.59
CA ASP H 30 22.55 34.43 -8.98
C ASP H 30 23.57 35.32 -9.68
N ASP H 31 24.50 35.92 -8.98
CA ASP H 31 25.36 36.86 -9.69
C ASP H 31 26.73 36.27 -9.96
N THR H 32 26.77 34.95 -10.07
CA THR H 32 27.99 34.22 -10.35
C THR H 32 27.86 33.44 -11.65
N GLN H 33 28.83 33.67 -12.52
CA GLN H 33 28.99 32.92 -13.76
C GLN H 33 29.61 31.57 -13.45
N PHE H 34 29.06 30.51 -14.03
CA PHE H 34 29.62 29.21 -13.73
C PHE H 34 29.95 28.37 -14.94
N VAL H 35 29.34 28.63 -16.10
CA VAL H 35 29.63 27.86 -17.31
C VAL H 35 29.83 28.81 -18.47
N ARG H 36 30.39 28.26 -19.53
CA ARG H 36 30.71 29.06 -20.69
C ARG H 36 30.79 28.15 -21.91
N PHE H 37 30.37 28.68 -23.04
CA PHE H 37 30.55 28.00 -24.31
C PHE H 37 30.72 28.99 -25.44
N ASP H 38 31.77 28.78 -26.25
CA ASP H 38 32.00 29.56 -27.46
C ASP H 38 32.23 28.64 -28.65
N SER H 39 31.48 28.87 -29.74
CA SER H 39 31.71 28.13 -30.98
C SER H 39 33.13 28.33 -31.48
N ASP H 40 33.79 29.39 -31.03
CA ASP H 40 35.15 29.70 -31.48
C ASP H 40 36.24 29.15 -30.59
N ALA H 41 35.92 28.65 -29.41
CA ALA H 41 36.96 28.09 -28.56
C ALA H 41 37.43 26.76 -29.14
N ALA H 42 38.70 26.43 -28.89
CA ALA H 42 39.25 25.20 -29.44
C ALA H 42 38.56 23.97 -28.86
N SER H 43 38.08 24.05 -27.61
CA SER H 43 37.40 22.94 -26.94
C SER H 43 36.26 22.40 -27.77
N GLN H 44 35.45 23.32 -28.32
CA GLN H 44 34.19 22.99 -28.95
C GLN H 44 33.30 22.27 -27.94
N ARG H 45 33.46 22.60 -26.66
CA ARG H 45 32.76 21.88 -25.61
C ARG H 45 32.32 22.87 -24.55
N MET H 46 31.20 22.55 -23.92
CA MET H 46 30.71 23.26 -22.75
C MET H 46 31.76 23.30 -21.63
N GLU H 47 31.93 24.48 -21.01
CA GLU H 47 33.04 24.61 -20.07
C GLU H 47 32.64 25.14 -18.70
N PRO H 48 33.40 24.76 -17.67
CA PRO H 48 33.26 25.37 -16.34
C PRO H 48 34.07 26.65 -16.15
N ARG H 49 33.59 27.48 -15.24
CA ARG H 49 34.17 28.78 -14.86
C ARG H 49 34.27 28.96 -13.36
N ALA H 50 33.19 28.58 -12.58
CA ALA H 50 33.33 28.56 -11.12
C ALA H 50 33.77 27.16 -10.64
N PRO H 51 34.54 27.09 -9.57
CA PRO H 51 35.11 25.79 -9.17
C PRO H 51 34.08 24.74 -8.83
N TRP H 52 32.96 25.12 -8.23
CA TRP H 52 32.03 24.13 -7.67
C TRP H 52 31.26 23.34 -8.73
N ILE H 53 31.37 23.72 -10.02
CA ILE H 53 30.79 22.92 -11.10
C ILE H 53 31.75 21.86 -11.59
N GLU H 54 33.03 21.95 -11.23
CA GLU H 54 34.07 21.05 -11.73
C GLU H 54 33.92 19.64 -11.20
N GLN H 55 33.24 19.46 -10.06
CA GLN H 55 33.07 18.14 -9.48
C GLN H 55 32.21 17.17 -10.31
N GLU H 56 31.37 17.69 -11.22
CA GLU H 56 30.49 16.87 -12.05
C GLU H 56 31.31 16.15 -13.14
N GLY H 57 30.88 14.93 -13.46
CA GLY H 57 31.68 13.99 -14.24
C GLY H 57 31.67 14.13 -15.76
N PRO H 58 32.24 13.14 -16.46
CA PRO H 58 32.12 13.12 -17.92
C PRO H 58 30.70 13.07 -18.37
N GLU H 59 29.77 12.52 -17.56
CA GLU H 59 28.40 12.45 -18.04
C GLU H 59 27.81 13.86 -18.17
N TYR H 60 28.07 14.71 -17.18
CA TYR H 60 27.54 16.07 -17.20
C TYR H 60 28.15 16.91 -18.31
N TRP H 61 29.47 16.86 -18.48
CA TRP H 61 30.01 17.70 -19.53
C TRP H 61 29.65 17.19 -20.92
N ASP H 62 29.37 15.90 -21.06
CA ASP H 62 28.97 15.48 -22.39
C ASP H 62 27.56 15.94 -22.67
N GLN H 63 26.65 15.67 -21.74
CA GLN H 63 25.28 16.09 -21.96
C GLN H 63 25.25 17.59 -22.25
N GLU H 64 25.83 18.39 -21.36
CA GLU H 64 25.82 19.84 -21.60
C GLU H 64 26.42 20.25 -22.94
N THR H 65 27.44 19.56 -23.42
CA THR H 65 27.92 19.93 -24.75
C THR H 65 26.87 19.67 -25.82
N ARG H 66 26.22 18.49 -25.77
CA ARG H 66 25.23 18.18 -26.81
C ARG H 66 24.02 19.09 -26.72
N ASN H 67 23.54 19.39 -25.54
CA ASN H 67 22.33 20.17 -25.50
C ASN H 67 22.57 21.64 -25.79
N VAL H 68 23.79 22.12 -25.62
CA VAL H 68 23.96 23.52 -25.97
C VAL H 68 24.29 23.64 -27.45
N LYS H 69 24.96 22.63 -28.01
CA LYS H 69 25.26 22.64 -29.43
C LYS H 69 23.98 22.61 -30.26
N ALA H 70 22.94 21.97 -29.71
CA ALA H 70 21.64 21.98 -30.36
C ALA H 70 21.08 23.38 -30.39
N GLN H 71 21.26 24.14 -29.31
CA GLN H 71 20.84 25.54 -29.34
C GLN H 71 21.59 26.34 -30.38
N SER H 72 22.90 26.14 -30.49
CA SER H 72 23.67 26.86 -31.52
C SER H 72 23.14 26.58 -32.93
N GLN H 73 22.82 25.32 -33.22
CA GLN H 73 22.45 25.00 -34.58
C GLN H 73 21.06 25.55 -34.86
N THR H 74 20.11 25.32 -33.96
CA THR H 74 18.80 25.92 -34.17
C THR H 74 18.87 27.44 -34.12
N ASP H 75 20.02 28.00 -33.83
CA ASP H 75 20.10 29.46 -33.92
C ASP H 75 20.65 29.87 -35.25
N ARG H 76 21.48 29.02 -35.88
CA ARG H 76 21.87 29.29 -37.25
C ARG H 76 20.67 29.24 -38.18
N VAL H 77 19.84 28.20 -38.03
CA VAL H 77 18.61 28.11 -38.82
C VAL H 77 17.76 29.35 -38.61
N ASP H 78 17.50 29.68 -37.34
CA ASP H 78 16.72 30.87 -37.01
C ASP H 78 17.37 32.17 -37.43
N LEU H 79 18.71 32.26 -37.39
CA LEU H 79 19.36 33.49 -37.82
C LEU H 79 19.01 33.86 -39.27
N GLY H 80 19.04 32.86 -40.16
CA GLY H 80 18.65 33.09 -41.55
C GLY H 80 17.16 33.22 -41.76
N THR H 81 16.38 32.46 -41.00
CA THR H 81 14.93 32.56 -41.06
C THR H 81 14.43 33.97 -40.76
N LEU H 82 14.99 34.63 -39.75
CA LEU H 82 14.56 36.02 -39.52
C LEU H 82 15.06 36.98 -40.60
N ARG H 83 16.25 36.75 -41.18
CA ARG H 83 16.61 37.47 -42.41
C ARG H 83 15.51 37.37 -43.46
N GLY H 84 14.98 36.17 -43.64
CA GLY H 84 13.90 35.97 -44.57
C GLY H 84 12.67 36.70 -44.11
N TYR H 85 12.11 36.34 -42.95
CA TYR H 85 10.91 37.01 -42.44
C TYR H 85 10.98 38.52 -42.60
N TYR H 86 12.13 39.11 -42.32
CA TYR H 86 12.27 40.56 -42.34
C TYR H 86 12.70 41.08 -43.72
N ASN H 87 13.03 40.17 -44.63
CA ASN H 87 13.35 40.47 -46.02
C ASN H 87 14.46 41.53 -46.11
N GLN H 88 15.60 41.18 -45.52
CA GLN H 88 16.79 42.02 -45.41
C GLN H 88 17.92 41.48 -46.29
N SER H 89 18.83 42.37 -46.65
CA SER H 89 19.98 41.96 -47.44
C SER H 89 20.87 41.02 -46.62
N GLU H 90 21.55 40.09 -47.29
CA GLU H 90 22.45 39.13 -46.63
C GLU H 90 23.90 39.57 -46.60
N ALA H 91 24.18 40.86 -46.75
CA ALA H 91 25.52 41.38 -46.54
C ALA H 91 25.68 41.96 -45.15
N GLY H 92 24.63 41.95 -44.33
CA GLY H 92 24.64 42.58 -43.03
C GLY H 92 24.69 41.59 -41.89
N SER H 93 25.37 42.00 -40.82
CA SER H 93 25.54 41.19 -39.61
C SER H 93 24.35 41.40 -38.69
N HIS H 94 23.93 40.33 -38.01
CA HIS H 94 22.72 40.33 -37.19
C HIS H 94 22.91 39.62 -35.86
N THR H 95 22.09 40.02 -34.88
CA THR H 95 22.24 39.55 -33.51
C THR H 95 20.96 38.93 -32.96
N ILE H 96 21.05 37.66 -32.54
CA ILE H 96 19.99 37.03 -31.78
C ILE H 96 20.49 36.85 -30.37
N GLN H 97 19.63 37.16 -29.41
CA GLN H 97 19.96 37.00 -27.99
C GLN H 97 18.86 36.22 -27.29
N ILE H 98 19.22 35.19 -26.58
CA ILE H 98 18.25 34.44 -25.82
C ILE H 98 18.65 34.43 -24.36
N MET H 99 17.65 34.56 -23.49
CA MET H 99 17.78 34.49 -22.04
C MET H 99 16.62 33.72 -21.42
N TYR H 100 16.93 32.75 -20.58
CA TYR H 100 15.90 32.12 -19.77
C TYR H 100 16.44 31.64 -18.43
N GLY H 101 15.52 31.45 -17.49
CA GLY H 101 15.93 30.95 -16.17
C GLY H 101 14.75 30.68 -15.26
N CYS H 102 15.05 30.28 -14.02
CA CYS H 102 14.04 29.88 -13.06
C CYS H 102 14.37 30.54 -11.74
N ASP H 103 13.35 30.75 -10.92
CA ASP H 103 13.51 31.33 -9.58
C ASP H 103 13.07 30.31 -8.54
N VAL H 104 13.94 30.08 -7.55
CA VAL H 104 13.62 29.30 -6.36
C VAL H 104 13.77 30.19 -5.13
N GLY H 105 12.83 30.04 -4.19
CA GLY H 105 12.82 30.85 -2.99
C GLY H 105 13.80 30.21 -2.05
N SER H 106 13.87 30.75 -0.82
CA SER H 106 14.87 30.22 0.11
C SER H 106 14.65 28.73 0.37
N ASP H 107 13.37 28.29 0.39
CA ASP H 107 12.96 26.92 0.69
C ASP H 107 12.88 26.03 -0.55
N GLY H 108 13.31 26.54 -1.72
CA GLY H 108 13.48 25.75 -2.93
C GLY H 108 12.28 25.66 -3.84
N ARG H 109 11.10 26.03 -3.36
CA ARG H 109 9.90 25.88 -4.17
C ARG H 109 10.03 26.69 -5.45
N PHE H 110 9.42 26.19 -6.49
CA PHE H 110 9.45 26.88 -7.75
C PHE H 110 8.75 28.23 -7.57
N LEU H 111 9.39 29.32 -7.98
CA LEU H 111 8.77 30.65 -7.93
C LEU H 111 8.24 31.07 -9.30
N ARG H 112 9.15 31.15 -10.27
CA ARG H 112 8.85 31.63 -11.62
C ARG H 112 9.86 31.13 -12.64
N GLY H 113 9.41 31.07 -13.89
CA GLY H 113 10.28 30.80 -15.02
C GLY H 113 10.03 31.85 -16.09
N TYR H 114 11.02 32.05 -16.95
CA TYR H 114 10.96 33.13 -17.91
C TYR H 114 11.78 32.76 -19.14
N ARG H 115 11.32 33.20 -20.32
CA ARG H 115 12.04 33.08 -21.60
C ARG H 115 11.86 34.35 -22.41
N GLN H 116 12.95 34.94 -22.87
CA GLN H 116 12.88 36.15 -23.68
C GLN H 116 13.87 36.08 -24.81
N ASP H 117 13.42 36.39 -26.03
CA ASP H 117 14.31 36.31 -27.18
C ASP H 117 14.29 37.66 -27.89
N ALA H 118 15.42 38.03 -28.52
CA ALA H 118 15.56 39.32 -29.21
C ALA H 118 16.39 39.20 -30.47
N TYR H 119 16.04 40.07 -31.41
CA TYR H 119 16.65 40.17 -32.74
C TYR H 119 17.12 41.61 -32.93
N ASP H 120 18.40 41.76 -33.23
CA ASP H 120 19.02 43.05 -33.51
C ASP H 120 18.76 44.09 -32.40
N GLY H 121 18.76 43.67 -31.14
CA GLY H 121 18.60 44.64 -30.08
C GLY H 121 17.18 45.11 -29.83
N LYS H 122 16.19 44.46 -30.44
CA LYS H 122 14.78 44.73 -30.20
C LYS H 122 14.12 43.46 -29.66
N ASP H 123 13.15 43.63 -28.76
CA ASP H 123 12.37 42.48 -28.29
C ASP H 123 11.74 41.80 -29.49
N TYR H 124 11.75 40.46 -29.47
CA TYR H 124 11.14 39.65 -30.52
C TYR H 124 9.95 38.83 -30.01
N ILE H 125 10.20 37.88 -29.14
CA ILE H 125 9.15 37.15 -28.47
C ILE H 125 9.53 36.91 -26.99
N ALA H 126 8.49 36.74 -26.15
CA ALA H 126 8.64 36.52 -24.70
C ALA H 126 7.60 35.53 -24.22
N LEU H 127 7.91 34.88 -23.12
CA LEU H 127 6.98 33.99 -22.42
C LEU H 127 6.23 34.85 -21.41
N ASN H 128 4.91 34.66 -21.30
CA ASN H 128 4.11 35.45 -20.38
C ASN H 128 4.04 34.80 -19.01
N GLU H 129 3.36 35.53 -18.11
CA GLU H 129 3.24 35.05 -16.75
C GLU H 129 2.73 33.62 -16.73
N ASP H 130 1.60 33.35 -17.40
CA ASP H 130 0.96 32.04 -17.23
C ASP H 130 1.85 30.84 -17.61
N LEU H 131 2.98 31.06 -18.28
CA LEU H 131 3.90 30.01 -18.71
C LEU H 131 3.24 29.08 -19.72
N ARG H 132 2.19 29.54 -20.36
CA ARG H 132 1.41 28.88 -21.41
C ARG H 132 1.20 29.73 -22.64
N SER H 133 1.36 31.07 -22.57
CA SER H 133 1.13 31.99 -23.68
C SER H 133 2.39 32.76 -24.03
N TRP H 134 2.41 33.30 -25.24
CA TRP H 134 3.57 34.04 -25.68
C TRP H 134 3.15 35.42 -26.12
N THR H 135 4.12 36.31 -26.19
CA THR H 135 3.88 37.65 -26.72
C THR H 135 4.92 38.01 -27.76
N ALA H 136 4.40 38.26 -28.96
CA ALA H 136 5.13 38.73 -30.12
C ALA H 136 5.07 40.25 -30.23
N ALA H 137 6.16 40.84 -30.69
CA ALA H 137 6.28 42.28 -30.77
C ALA H 137 5.95 42.86 -32.15
N ASP H 138 6.11 42.10 -33.24
CA ASP H 138 5.72 42.61 -34.56
C ASP H 138 5.11 41.47 -35.36
N MET H 139 4.89 41.74 -36.67
CA MET H 139 4.21 40.79 -37.52
C MET H 139 5.07 39.59 -37.91
N ALA H 140 6.40 39.70 -37.87
CA ALA H 140 7.22 38.52 -38.12
C ALA H 140 7.15 37.57 -36.94
N ALA H 141 7.25 38.10 -35.73
CA ALA H 141 7.16 37.27 -34.55
C ALA H 141 5.78 36.64 -34.40
N GLN H 142 4.76 37.24 -35.01
CA GLN H 142 3.47 36.58 -35.00
C GLN H 142 3.53 35.21 -35.64
N ILE H 143 4.42 35.00 -36.62
CA ILE H 143 4.54 33.68 -37.23
C ILE H 143 5.21 32.72 -36.27
N THR H 144 6.25 33.19 -35.59
CA THR H 144 6.93 32.38 -34.59
C THR H 144 5.99 32.09 -33.42
N LYS H 145 5.36 33.14 -32.88
CA LYS H 145 4.33 32.95 -31.88
C LYS H 145 3.33 31.90 -32.35
N ARG H 146 2.98 31.93 -33.65
CA ARG H 146 2.11 30.89 -34.22
C ARG H 146 2.80 29.54 -34.16
N LYS H 147 4.07 29.50 -34.54
CA LYS H 147 4.69 28.21 -34.70
C LYS H 147 4.89 27.50 -33.35
N TRP H 148 5.22 28.26 -32.29
CA TRP H 148 5.43 27.69 -30.96
C TRP H 148 4.12 27.36 -30.29
N GLU H 149 3.07 28.08 -30.62
CA GLU H 149 1.77 27.68 -30.10
C GLU H 149 1.37 26.34 -30.68
N ALA H 150 2.01 25.94 -31.77
CA ALA H 150 1.58 24.74 -32.48
C ALA H 150 2.12 23.49 -31.83
N ALA H 151 3.45 23.38 -31.75
CA ALA H 151 4.18 22.29 -31.13
C ALA H 151 4.13 22.31 -29.61
N HIS H 152 3.35 23.24 -29.03
CA HIS H 152 3.17 23.33 -27.60
C HIS H 152 4.49 23.70 -26.93
N GLU H 153 5.24 24.63 -27.49
CA GLU H 153 6.46 24.95 -26.77
C GLU H 153 6.17 25.55 -25.41
N ALA H 154 4.98 26.09 -25.18
CA ALA H 154 4.69 26.64 -23.86
C ALA H 154 4.60 25.52 -22.83
N GLU H 155 3.97 24.42 -23.18
CA GLU H 155 3.73 23.41 -22.16
C GLU H 155 5.02 22.67 -21.84
N GLN H 156 5.81 22.37 -22.86
CA GLN H 156 7.09 21.72 -22.62
C GLN H 156 8.22 22.64 -22.21
N LEU H 157 8.06 23.97 -22.25
CA LEU H 157 9.11 24.82 -21.68
C LEU H 157 8.86 25.07 -20.19
N ARG H 158 7.59 25.08 -19.79
CA ARG H 158 7.24 25.02 -18.38
C ARG H 158 7.70 23.70 -17.76
N ALA H 159 7.56 22.59 -18.49
CA ALA H 159 7.97 21.28 -17.96
C ALA H 159 9.38 21.32 -17.42
N TYR H 160 10.31 21.80 -18.24
CA TYR H 160 11.66 22.16 -17.81
C TYR H 160 11.66 23.12 -16.61
N LEU H 161 10.96 24.26 -16.74
CA LEU H 161 11.17 25.40 -15.85
C LEU H 161 10.80 25.18 -14.39
N ASP H 162 9.85 24.30 -14.07
CA ASP H 162 9.61 23.99 -12.66
C ASP H 162 10.02 22.56 -12.34
N GLY H 163 10.69 21.90 -13.28
CA GLY H 163 11.24 20.58 -13.06
C GLY H 163 12.73 20.62 -13.24
N THR H 164 13.18 20.30 -14.44
CA THR H 164 14.60 20.14 -14.69
C THR H 164 15.40 21.35 -14.22
N CYS H 165 14.89 22.56 -14.44
CA CYS H 165 15.66 23.72 -14.04
C CYS H 165 15.72 23.85 -12.53
N VAL H 166 14.58 23.67 -11.85
CA VAL H 166 14.62 23.93 -10.42
C VAL H 166 15.46 22.87 -9.69
N GLU H 167 15.47 21.61 -10.15
CA GLU H 167 16.32 20.61 -9.52
C GLU H 167 17.79 20.98 -9.63
N TRP H 168 18.32 21.04 -10.85
CA TRP H 168 19.75 21.29 -11.02
C TRP H 168 20.24 22.62 -10.47
N LEU H 169 19.36 23.61 -10.27
CA LEU H 169 19.74 24.78 -9.48
C LEU H 169 19.93 24.38 -8.02
N ARG H 170 19.05 23.55 -7.49
CA ARG H 170 19.20 23.11 -6.12
C ARG H 170 20.53 22.39 -5.90
N ARG H 171 20.91 21.46 -6.78
CA ARG H 171 22.23 20.84 -6.62
C ARG H 171 23.31 21.89 -6.68
N TYR H 172 23.21 22.82 -7.62
CA TYR H 172 24.22 23.87 -7.72
C TYR H 172 24.32 24.69 -6.44
N LEU H 173 23.19 24.99 -5.78
CA LEU H 173 23.21 25.82 -4.58
C LEU H 173 23.75 25.10 -3.36
N GLU H 174 23.91 23.81 -3.47
CA GLU H 174 24.47 23.03 -2.40
C GLU H 174 25.87 22.60 -2.75
N ASN H 175 26.09 22.21 -4.00
CA ASN H 175 27.44 21.92 -4.50
C ASN H 175 28.38 23.10 -4.30
N GLY H 176 27.86 24.29 -4.11
CA GLY H 176 28.76 25.36 -3.74
C GLY H 176 28.26 26.19 -2.58
N LYS H 177 27.42 25.64 -1.68
CA LYS H 177 26.82 26.50 -0.64
C LYS H 177 27.87 27.29 0.15
N GLU H 178 29.13 26.85 0.10
CA GLU H 178 30.22 27.64 0.69
C GLU H 178 30.44 28.96 -0.08
N THR H 179 30.18 28.97 -1.39
CA THR H 179 30.53 30.12 -2.22
C THR H 179 29.35 30.84 -2.90
N LEU H 180 28.18 30.22 -3.00
CA LEU H 180 27.05 30.88 -3.66
C LEU H 180 26.08 31.50 -2.68
N GLN H 181 26.05 30.92 -1.49
CA GLN H 181 25.15 31.33 -0.42
C GLN H 181 25.75 32.45 0.40
N ARG H 182 27.09 32.62 0.32
CA ARG H 182 27.82 33.59 1.13
C ARG H 182 27.26 34.99 0.93
N THR H 183 27.28 35.80 1.99
CA THR H 183 26.89 37.20 1.87
C THR H 183 28.00 38.07 2.41
N ASP H 184 28.74 38.71 1.49
CA ASP H 184 29.88 39.55 1.83
C ASP H 184 29.38 40.99 1.98
N PRO H 185 29.67 41.68 3.08
CA PRO H 185 29.15 43.04 3.26
C PRO H 185 30.00 44.07 2.56
N PRO H 186 29.42 45.21 2.17
CA PRO H 186 30.18 46.22 1.43
C PRO H 186 31.12 46.94 2.38
N LYS H 187 32.40 46.96 2.01
CA LYS H 187 33.38 47.71 2.77
C LYS H 187 33.32 49.18 2.31
N THR H 188 32.81 50.05 3.17
CA THR H 188 32.49 51.42 2.82
C THR H 188 33.57 52.36 3.32
N HIS H 189 33.73 53.48 2.60
CA HIS H 189 34.62 54.54 3.04
C HIS H 189 34.37 55.78 2.18
N MET H 190 34.75 56.94 2.72
CA MET H 190 34.45 58.23 2.10
C MET H 190 35.70 58.83 1.45
N THR H 191 35.48 59.58 0.38
CA THR H 191 36.55 60.32 -0.27
C THR H 191 36.07 61.75 -0.47
N HIS H 192 37.03 62.65 -0.65
CA HIS H 192 36.72 64.07 -0.82
C HIS H 192 37.68 64.65 -1.83
N HIS H 193 37.16 65.36 -2.82
CA HIS H 193 37.99 65.99 -3.85
C HIS H 193 37.47 67.41 -4.02
N PRO H 194 38.26 68.43 -3.69
CA PRO H 194 37.79 69.82 -3.88
C PRO H 194 37.71 70.14 -5.36
N ILE H 195 36.58 70.68 -5.80
CA ILE H 195 36.42 70.97 -7.22
C ILE H 195 36.62 72.45 -7.54
N SER H 196 36.30 73.32 -6.59
CA SER H 196 36.56 74.74 -6.78
C SER H 196 36.66 75.39 -5.40
N ASP H 197 36.68 76.71 -5.40
CA ASP H 197 36.68 77.49 -4.16
C ASP H 197 35.32 77.40 -3.47
N HIS H 198 34.26 77.61 -4.24
CA HIS H 198 32.87 77.67 -3.77
C HIS H 198 32.26 76.29 -3.49
N GLU H 199 32.68 75.25 -4.21
CA GLU H 199 32.03 73.94 -4.18
C GLU H 199 33.06 72.83 -4.02
N ALA H 200 32.61 71.69 -3.48
CA ALA H 200 33.45 70.51 -3.32
C ALA H 200 32.56 69.28 -3.53
N THR H 201 33.19 68.14 -3.81
CA THR H 201 32.46 66.92 -4.15
C THR H 201 32.76 65.85 -3.10
N LEU H 202 31.70 65.25 -2.56
CA LEU H 202 31.78 64.13 -1.64
C LEU H 202 31.47 62.83 -2.36
N ARG H 203 32.45 61.93 -2.42
CA ARG H 203 32.29 60.63 -3.08
C ARG H 203 32.33 59.52 -2.03
N CYS H 204 31.28 58.71 -2.01
CA CYS H 204 31.08 57.64 -1.05
C CYS H 204 31.35 56.28 -1.72
N TRP H 205 32.31 55.51 -1.19
CA TRP H 205 32.70 54.23 -1.80
C TRP H 205 32.03 53.01 -1.14
N ALA H 206 32.12 51.86 -1.82
CA ALA H 206 31.65 50.58 -1.28
C ALA H 206 32.29 49.46 -2.09
N LEU H 207 33.16 48.68 -1.46
CA LEU H 207 33.92 47.64 -2.15
C LEU H 207 33.59 46.25 -1.60
N GLY H 208 33.89 45.23 -2.40
CA GLY H 208 33.82 43.83 -1.98
C GLY H 208 32.48 43.27 -1.52
N PHE H 209 31.37 43.66 -2.16
CA PHE H 209 30.05 43.16 -1.76
C PHE H 209 29.52 42.09 -2.71
N TYR H 210 28.59 41.28 -2.17
CA TYR H 210 27.93 40.17 -2.85
C TYR H 210 26.62 39.88 -2.16
N PRO H 211 25.51 39.78 -2.91
CA PRO H 211 25.37 39.90 -4.36
C PRO H 211 25.43 41.36 -4.80
N ALA H 212 25.05 41.66 -6.06
CA ALA H 212 25.24 42.99 -6.60
C ALA H 212 24.18 43.97 -6.14
N GLU H 213 23.06 43.48 -5.62
CA GLU H 213 22.00 44.36 -5.13
C GLU H 213 22.52 45.26 -4.03
N ILE H 214 22.48 46.57 -4.26
CA ILE H 214 22.93 47.54 -3.28
C ILE H 214 22.19 48.85 -3.48
N THR H 215 22.10 49.64 -2.40
CA THR H 215 21.45 50.94 -2.45
C THR H 215 22.28 51.97 -1.71
N LEU H 216 22.70 53.00 -2.44
CA LEU H 216 23.52 54.08 -1.92
C LEU H 216 22.68 55.34 -2.02
N THR H 217 22.36 55.95 -0.89
CA THR H 217 21.48 57.13 -0.86
C THR H 217 22.11 58.31 -0.13
N TRP H 218 22.28 59.41 -0.85
CA TRP H 218 22.79 60.66 -0.32
C TRP H 218 21.61 61.45 0.23
N GLN H 219 21.65 61.77 1.51
CA GLN H 219 20.56 62.47 2.20
C GLN H 219 21.09 63.78 2.78
N ARG H 220 20.39 64.89 2.49
CA ARG H 220 20.70 66.19 3.08
C ARG H 220 19.75 66.44 4.25
N ASP H 221 20.24 66.18 5.48
CA ASP H 221 19.48 66.33 6.74
C ASP H 221 18.13 65.60 6.73
N GLY H 222 18.09 64.42 6.09
CA GLY H 222 16.88 63.64 5.97
C GLY H 222 16.18 63.75 4.62
N GLU H 223 16.59 64.70 3.77
CA GLU H 223 16.03 64.91 2.44
C GLU H 223 16.98 64.36 1.38
N ASP H 224 16.41 63.67 0.39
CA ASP H 224 17.19 63.00 -0.65
C ASP H 224 17.63 63.99 -1.74
N GLN H 225 18.87 63.84 -2.19
CA GLN H 225 19.46 64.67 -3.25
C GLN H 225 19.22 64.05 -4.62
N THR H 226 17.93 63.95 -4.95
CA THR H 226 17.55 63.38 -6.24
C THR H 226 18.16 64.17 -7.39
N GLN H 227 18.48 65.44 -7.19
CA GLN H 227 18.91 66.18 -8.36
C GLN H 227 20.37 66.58 -8.37
N ASP H 228 21.16 66.05 -7.45
CA ASP H 228 22.56 66.43 -7.31
C ASP H 228 23.51 65.25 -7.19
N THR H 229 22.98 64.02 -7.16
CA THR H 229 23.77 62.81 -6.93
C THR H 229 24.24 62.19 -8.24
N GLU H 230 25.45 61.61 -8.21
CA GLU H 230 26.03 60.84 -9.30
C GLU H 230 26.08 59.36 -8.94
N LEU H 231 25.51 58.52 -9.79
CA LEU H 231 25.52 57.08 -9.58
C LEU H 231 26.27 56.45 -10.74
N VAL H 232 27.17 55.51 -10.45
CA VAL H 232 27.83 54.73 -11.48
C VAL H 232 27.27 53.31 -11.47
N GLU H 233 27.48 52.62 -12.59
CA GLU H 233 27.15 51.20 -12.71
C GLU H 233 27.84 50.39 -11.62
N THR H 234 27.08 49.53 -10.94
CA THR H 234 27.77 48.52 -10.17
C THR H 234 28.68 47.79 -11.15
N ARG H 235 29.95 47.68 -10.80
CA ARG H 235 30.94 47.13 -11.70
C ARG H 235 31.55 45.89 -11.07
N PRO H 236 32.02 44.94 -11.88
CA PRO H 236 32.65 43.74 -11.32
C PRO H 236 34.09 44.00 -10.89
N ALA H 237 34.44 43.49 -9.70
CA ALA H 237 35.83 43.54 -9.28
C ALA H 237 36.67 42.61 -10.12
N GLY H 238 36.05 41.61 -10.72
CA GLY H 238 36.72 40.63 -11.52
C GLY H 238 36.92 39.32 -10.82
N ASP H 239 36.42 39.20 -9.56
CA ASP H 239 36.70 38.04 -8.72
C ASP H 239 35.47 37.41 -8.05
N GLY H 240 34.27 37.92 -8.29
CA GLY H 240 33.11 37.49 -7.52
C GLY H 240 32.57 38.52 -6.56
N THR H 241 33.25 39.66 -6.41
CA THR H 241 32.69 40.78 -5.67
C THR H 241 32.53 41.98 -6.60
N PHE H 242 31.80 42.96 -6.10
CA PHE H 242 31.40 44.11 -6.91
C PHE H 242 31.74 45.38 -6.16
N GLN H 243 31.73 46.48 -6.89
CA GLN H 243 32.00 47.80 -6.37
C GLN H 243 30.92 48.70 -6.89
N LYS H 244 30.48 49.64 -6.08
CA LYS H 244 29.57 50.67 -6.55
C LYS H 244 29.86 51.91 -5.75
N TRP H 245 29.79 53.08 -6.38
CA TRP H 245 29.99 54.30 -5.63
C TRP H 245 29.00 55.37 -6.08
N ALA H 246 28.70 56.29 -5.15
CA ALA H 246 27.87 57.47 -5.39
C ALA H 246 28.59 58.71 -4.87
N ALA H 247 28.39 59.84 -5.58
CA ALA H 247 29.00 61.12 -5.25
C ALA H 247 28.00 62.24 -5.48
N VAL H 248 28.15 63.32 -4.72
CA VAL H 248 27.26 64.46 -4.83
C VAL H 248 28.10 65.72 -4.82
N VAL H 249 27.64 66.75 -5.55
CA VAL H 249 28.30 68.05 -5.55
C VAL H 249 27.72 68.88 -4.40
N VAL H 250 28.58 69.33 -3.49
CA VAL H 250 28.16 70.03 -2.26
C VAL H 250 28.85 71.37 -2.11
N PRO H 251 28.21 72.38 -1.52
CA PRO H 251 28.87 73.68 -1.31
C PRO H 251 30.02 73.61 -0.31
N SER H 252 31.09 74.31 -0.65
CA SER H 252 32.27 74.35 0.22
C SER H 252 31.84 74.89 1.58
N GLY H 253 32.17 74.13 2.63
CA GLY H 253 31.81 74.45 3.99
C GLY H 253 30.65 73.65 4.56
N GLU H 254 29.67 73.29 3.74
CA GLU H 254 28.52 72.50 4.21
C GLU H 254 28.74 71.00 4.14
N GLU H 255 29.95 70.51 4.43
CA GLU H 255 30.28 69.10 4.29
C GLU H 255 29.69 68.23 5.40
N GLN H 256 29.08 68.83 6.42
CA GLN H 256 28.45 68.05 7.48
C GLN H 256 26.97 67.76 7.23
N ARG H 257 26.27 68.65 6.50
CA ARG H 257 24.84 68.44 6.26
C ARG H 257 24.57 67.19 5.45
N TYR H 258 25.55 66.76 4.66
CA TYR H 258 25.36 65.63 3.76
C TYR H 258 25.79 64.33 4.42
N THR H 259 24.98 63.30 4.24
CA THR H 259 25.26 61.94 4.71
C THR H 259 25.00 60.94 3.60
N CYS H 260 25.75 59.84 3.64
CA CYS H 260 25.64 58.77 2.67
C CYS H 260 25.18 57.50 3.38
N HIS H 261 24.28 56.75 2.74
CA HIS H 261 23.69 55.57 3.37
C HIS H 261 23.84 54.35 2.48
N VAL H 262 24.33 53.27 3.07
CA VAL H 262 24.55 51.99 2.39
C VAL H 262 23.54 50.99 2.95
N GLN H 263 22.79 50.32 2.06
CA GLN H 263 21.77 49.34 2.43
C GLN H 263 22.07 48.06 1.67
N HIS H 264 22.37 46.98 2.36
CA HIS H 264 22.76 45.77 1.66
C HIS H 264 22.18 44.56 2.37
N GLU H 265 22.17 43.43 1.65
CA GLU H 265 21.65 42.20 2.22
C GLU H 265 22.58 41.64 3.29
N GLY H 266 23.89 41.89 3.16
CA GLY H 266 24.91 41.47 4.08
C GLY H 266 25.18 42.41 5.22
N LEU H 267 24.39 43.48 5.31
CA LEU H 267 24.53 44.42 6.40
C LEU H 267 23.41 44.16 7.41
N PRO H 268 23.74 43.86 8.68
CA PRO H 268 22.69 43.66 9.69
C PRO H 268 21.69 44.80 9.74
N LYS H 269 22.18 46.03 9.86
CA LYS H 269 21.33 47.20 9.75
C LYS H 269 22.02 48.19 8.82
N PRO H 270 21.24 49.04 8.13
CA PRO H 270 21.84 50.03 7.21
C PRO H 270 22.94 50.88 7.86
N LEU H 271 24.07 50.98 7.16
CA LEU H 271 25.21 51.80 7.58
C LEU H 271 25.04 53.22 7.06
N THR H 272 25.36 54.20 7.90
CA THR H 272 25.37 55.61 7.51
C THR H 272 26.75 56.20 7.70
N LEU H 273 27.27 56.85 6.65
CA LEU H 273 28.61 57.42 6.64
C LEU H 273 28.54 58.95 6.52
N ARG H 274 29.49 59.63 7.17
CA ARG H 274 29.62 61.08 7.13
C ARG H 274 31.08 61.49 6.99
N TRP H 275 31.26 62.78 6.76
CA TRP H 275 32.55 63.39 6.48
C TRP H 275 33.02 64.16 7.71
N GLU H 276 34.34 64.30 7.85
CA GLU H 276 34.92 64.83 9.10
C GLU H 276 36.14 65.74 8.94
N ILE I 2 18.86 50.92 -33.31
CA ILE I 2 19.63 49.76 -33.72
C ILE I 2 21.07 49.93 -33.21
N GLN I 3 21.34 51.05 -32.53
CA GLN I 3 22.71 51.38 -32.12
C GLN I 3 22.72 52.17 -30.82
N ARG I 4 23.46 51.65 -29.84
CA ARG I 4 23.74 52.31 -28.58
C ARG I 4 25.24 52.32 -28.36
N THR I 5 25.72 53.36 -27.70
CA THR I 5 27.09 53.76 -27.39
C THR I 5 27.60 53.13 -26.06
N PRO I 6 28.86 52.67 -26.03
CA PRO I 6 29.41 52.05 -24.81
C PRO I 6 29.67 53.04 -23.69
N LYS I 7 29.54 52.53 -22.47
CA LYS I 7 29.87 53.21 -21.22
C LYS I 7 31.16 52.60 -20.69
N ILE I 8 32.12 53.45 -20.31
CA ILE I 8 33.46 52.97 -19.93
C ILE I 8 33.75 53.29 -18.47
N GLN I 9 34.29 52.31 -17.72
CA GLN I 9 34.84 52.50 -16.36
C GLN I 9 36.19 51.77 -16.21
N VAL I 10 37.23 52.51 -15.80
CA VAL I 10 38.58 51.95 -15.61
C VAL I 10 38.94 52.01 -14.14
N TYR I 11 39.46 50.91 -13.61
CA TYR I 11 39.73 50.79 -12.19
C TYR I 11 40.65 49.59 -11.93
N SER I 12 41.02 49.44 -10.65
CA SER I 12 41.83 48.36 -10.14
C SER I 12 41.03 47.50 -9.17
N ARG I 13 41.31 46.20 -9.16
CA ARG I 13 40.50 45.27 -8.37
C ARG I 13 40.52 45.65 -6.90
N HIS I 14 41.71 45.80 -6.34
CA HIS I 14 41.85 46.23 -4.97
C HIS I 14 42.26 47.70 -4.91
N PRO I 15 42.08 48.34 -3.76
CA PRO I 15 42.72 49.65 -3.56
C PRO I 15 44.20 49.51 -3.87
N ALA I 16 44.71 50.47 -4.64
CA ALA I 16 46.03 50.36 -5.22
C ALA I 16 47.11 50.79 -4.23
N GLU I 17 48.14 49.96 -4.11
CA GLU I 17 49.34 50.30 -3.34
C GLU I 17 50.53 49.97 -4.22
N ASN I 18 51.40 50.96 -4.46
CA ASN I 18 52.55 50.73 -5.33
C ASN I 18 53.37 49.59 -4.76
N GLY I 19 53.92 48.77 -5.65
CA GLY I 19 54.67 47.61 -5.23
C GLY I 19 53.87 46.34 -5.00
N LYS I 20 52.53 46.41 -4.83
CA LYS I 20 51.68 45.24 -4.60
C LYS I 20 50.97 44.74 -5.87
N SER I 21 50.91 43.42 -6.03
CA SER I 21 50.21 42.82 -7.15
C SER I 21 48.74 43.19 -7.13
N ASN I 22 48.21 43.64 -8.27
CA ASN I 22 46.81 44.06 -8.37
C ASN I 22 46.31 43.78 -9.80
N PHE I 23 45.10 44.24 -10.10
CA PHE I 23 44.49 44.03 -11.40
C PHE I 23 43.94 45.34 -11.93
N LEU I 24 44.14 45.59 -13.23
CA LEU I 24 43.57 46.75 -13.90
C LEU I 24 42.33 46.33 -14.67
N ASN I 25 41.18 46.94 -14.36
CA ASN I 25 39.92 46.54 -14.95
C ASN I 25 39.35 47.62 -15.85
N CYS I 26 38.82 47.20 -17.00
CA CYS I 26 38.09 48.08 -17.91
C CYS I 26 36.74 47.47 -18.25
N TYR I 27 35.68 48.12 -17.80
CA TYR I 27 34.30 47.65 -17.91
C TYR I 27 33.58 48.49 -18.94
N VAL I 28 33.13 47.84 -20.01
CA VAL I 28 32.32 48.48 -21.04
C VAL I 28 30.90 47.90 -21.02
N SER I 29 29.90 48.76 -20.81
CA SER I 29 28.53 48.30 -20.69
C SER I 29 27.62 49.13 -21.58
N GLY I 30 26.48 48.54 -21.94
CA GLY I 30 25.43 49.27 -22.61
C GLY I 30 25.61 49.51 -24.09
N PHE I 31 26.39 48.68 -24.77
CA PHE I 31 26.71 48.91 -26.16
C PHE I 31 26.06 47.86 -27.07
N HIS I 32 25.65 48.31 -28.27
CA HIS I 32 24.99 47.49 -29.32
C HIS I 32 25.34 48.06 -30.69
N PRO I 33 25.81 47.22 -31.64
CA PRO I 33 25.95 45.76 -31.62
C PRO I 33 27.13 45.21 -30.86
N SER I 34 27.43 43.92 -31.07
CA SER I 34 28.30 43.19 -30.16
C SER I 34 29.78 43.43 -30.41
N ASP I 35 30.17 43.76 -31.65
CA ASP I 35 31.58 43.91 -31.99
C ASP I 35 32.15 45.17 -31.34
N ILE I 36 33.13 44.99 -30.45
CA ILE I 36 33.74 46.10 -29.73
C ILE I 36 35.24 45.83 -29.60
N GLU I 37 36.04 46.89 -29.75
CA GLU I 37 37.50 46.81 -29.64
C GLU I 37 37.90 47.54 -28.38
N VAL I 38 38.63 46.84 -27.49
CA VAL I 38 39.10 47.40 -26.22
C VAL I 38 40.58 47.10 -26.04
N ASP I 39 41.38 48.15 -25.77
CA ASP I 39 42.81 48.03 -25.48
C ASP I 39 43.18 48.76 -24.18
N LEU I 40 43.98 48.09 -23.32
CA LEU I 40 44.53 48.66 -22.08
C LEU I 40 45.92 49.26 -22.37
N LEU I 41 46.15 50.51 -21.94
CA LEU I 41 47.33 51.28 -22.33
C LEU I 41 48.22 51.65 -21.15
N LYS I 42 49.52 51.40 -21.29
CA LYS I 42 50.53 51.77 -20.30
C LYS I 42 51.59 52.67 -20.94
N ASN I 43 51.59 53.95 -20.57
CA ASN I 43 52.53 54.94 -21.10
C ASN I 43 52.44 55.00 -22.62
N GLY I 44 51.22 54.84 -23.15
CA GLY I 44 51.07 54.83 -24.59
C GLY I 44 51.26 53.48 -25.26
N GLU I 45 51.47 52.41 -24.52
CA GLU I 45 51.75 51.11 -25.11
C GLU I 45 50.54 50.22 -25.02
N ARG I 46 50.41 49.36 -26.03
CA ARG I 46 49.38 48.35 -26.01
C ARG I 46 49.88 47.18 -25.16
N ILE I 47 49.12 46.81 -24.13
CA ILE I 47 49.47 45.67 -23.29
C ILE I 47 49.23 44.36 -24.03
N GLU I 48 50.05 43.34 -23.75
CA GLU I 48 50.09 42.14 -24.61
C GLU I 48 49.13 41.02 -24.21
N LYS I 49 49.26 40.45 -23.01
CA LYS I 49 48.27 39.46 -22.58
C LYS I 49 47.21 40.23 -21.79
N VAL I 50 46.03 40.39 -22.36
CA VAL I 50 44.92 40.98 -21.65
C VAL I 50 43.74 40.09 -21.92
N GLU I 51 43.08 39.69 -20.86
CA GLU I 51 41.88 38.91 -20.99
C GLU I 51 40.68 39.80 -20.75
N HIS I 52 39.54 39.29 -21.20
CA HIS I 52 38.25 39.91 -21.06
C HIS I 52 37.22 38.86 -20.66
N SER I 53 36.12 39.32 -20.09
CA SER I 53 35.13 38.37 -19.62
C SER I 53 34.37 37.81 -20.83
N ASP I 54 33.53 36.82 -20.58
CA ASP I 54 32.69 36.29 -21.65
C ASP I 54 31.47 37.16 -21.89
N LEU I 55 31.14 37.36 -23.16
CA LEU I 55 30.08 38.27 -23.54
C LEU I 55 28.74 37.89 -22.93
N SER I 56 28.10 38.88 -22.32
CA SER I 56 26.75 38.76 -21.77
C SER I 56 26.06 40.12 -21.95
N PHE I 57 24.78 40.20 -21.56
CA PHE I 57 23.98 41.40 -21.77
C PHE I 57 23.01 41.61 -20.62
N SER I 58 22.43 42.81 -20.57
CA SER I 58 21.54 43.29 -19.50
C SER I 58 20.09 42.94 -19.80
N LYS I 59 19.14 43.38 -18.96
CA LYS I 59 17.74 43.15 -19.31
C LYS I 59 17.29 44.05 -20.45
N ASP I 60 18.03 45.11 -20.75
CA ASP I 60 17.80 46.00 -21.88
C ASP I 60 18.46 45.57 -23.21
N TRP I 61 19.01 44.35 -23.33
CA TRP I 61 19.63 43.80 -24.54
C TRP I 61 20.97 44.39 -24.88
N SER I 62 21.47 45.32 -24.07
CA SER I 62 22.78 45.88 -24.35
C SER I 62 23.87 44.99 -23.78
N PHE I 63 25.02 45.01 -24.42
CA PHE I 63 26.10 44.13 -24.00
C PHE I 63 26.95 44.75 -22.90
N TYR I 64 27.66 43.87 -22.18
CA TYR I 64 28.64 44.30 -21.19
C TYR I 64 29.78 43.30 -21.15
N LEU I 65 31.01 43.85 -21.11
CA LEU I 65 32.26 43.10 -21.14
C LEU I 65 33.24 43.70 -20.13
N LEU I 66 34.11 42.86 -19.56
CA LEU I 66 35.15 43.36 -18.67
C LEU I 66 36.52 42.94 -19.18
N TYR I 67 37.36 43.94 -19.46
CA TYR I 67 38.75 43.69 -19.81
C TYR I 67 39.62 43.95 -18.59
N TYR I 68 40.49 42.97 -18.29
CA TYR I 68 41.35 43.03 -17.13
C TYR I 68 42.74 42.52 -17.49
N THR I 69 43.70 42.94 -16.66
CA THR I 69 45.09 42.51 -16.73
C THR I 69 45.69 42.63 -15.34
N GLU I 70 46.57 41.69 -15.01
CA GLU I 70 47.31 41.78 -13.77
C GLU I 70 48.42 42.81 -13.93
N PHE I 71 48.58 43.66 -12.94
CA PHE I 71 49.61 44.68 -13.03
C PHE I 71 50.10 45.01 -11.63
N THR I 72 51.29 45.58 -11.58
CA THR I 72 51.85 46.07 -10.34
C THR I 72 52.01 47.57 -10.51
N PRO I 73 51.14 48.36 -9.86
CA PRO I 73 51.14 49.81 -10.09
C PRO I 73 52.44 50.39 -9.57
N THR I 74 53.14 51.10 -10.44
CA THR I 74 54.31 51.84 -10.02
C THR I 74 53.98 53.31 -9.84
N GLU I 75 55.01 54.09 -9.53
CA GLU I 75 54.90 55.53 -9.39
C GLU I 75 55.05 56.26 -10.72
N LYS I 76 55.73 55.66 -11.69
CA LYS I 76 55.94 56.23 -13.02
C LYS I 76 55.10 55.58 -14.12
N ASP I 77 53.89 55.10 -13.83
CA ASP I 77 53.02 54.48 -14.84
C ASP I 77 51.67 55.18 -14.98
N GLU I 78 51.27 55.47 -16.21
CA GLU I 78 49.93 55.95 -16.50
C GLU I 78 49.13 54.83 -17.15
N TYR I 79 47.91 54.62 -16.68
CA TYR I 79 47.09 53.57 -17.24
C TYR I 79 45.86 54.20 -17.85
N ALA I 80 45.47 53.70 -19.02
CA ALA I 80 44.34 54.22 -19.78
C ALA I 80 43.69 53.09 -20.59
N CYS I 81 42.43 53.30 -20.96
CA CYS I 81 41.69 52.28 -21.68
C CYS I 81 41.21 52.88 -23.01
N ARG I 82 41.43 52.14 -24.10
CA ARG I 82 41.06 52.55 -25.46
C ARG I 82 39.95 51.67 -26.00
N VAL I 83 38.80 52.27 -26.29
CA VAL I 83 37.62 51.55 -26.74
C VAL I 83 37.23 52.08 -28.12
N ASN I 84 36.98 51.17 -29.06
CA ASN I 84 36.42 51.55 -30.36
C ASN I 84 35.18 50.71 -30.64
N HIS I 85 34.17 51.35 -31.22
CA HIS I 85 32.90 50.77 -31.62
C HIS I 85 32.45 51.43 -32.92
N VAL I 86 31.47 50.83 -33.59
CA VAL I 86 30.89 51.51 -34.75
C VAL I 86 30.24 52.83 -34.34
N THR I 87 29.69 52.90 -33.11
CA THR I 87 29.02 54.10 -32.62
C THR I 87 29.99 55.25 -32.42
N LEU I 88 31.26 54.97 -32.44
CA LEU I 88 32.27 55.94 -32.11
C LEU I 88 32.99 56.30 -33.39
N SER I 89 32.99 57.59 -33.70
CA SER I 89 33.73 58.08 -34.84
C SER I 89 35.21 57.70 -34.73
N GLN I 90 35.86 58.15 -33.65
CA GLN I 90 37.25 57.85 -33.34
C GLN I 90 37.40 57.07 -32.03
N PRO I 91 38.49 56.32 -31.88
CA PRO I 91 38.79 55.68 -30.59
C PRO I 91 38.78 56.66 -29.43
N LYS I 92 38.07 56.28 -28.37
CA LYS I 92 37.97 57.05 -27.13
C LYS I 92 38.91 56.43 -26.10
N ILE I 93 39.82 57.24 -25.56
CA ILE I 93 40.78 56.81 -24.53
C ILE I 93 40.49 57.56 -23.24
N VAL I 94 40.26 56.83 -22.15
CA VAL I 94 39.99 57.40 -20.82
C VAL I 94 40.97 56.78 -19.84
N LYS I 95 41.61 57.62 -19.02
CA LYS I 95 42.70 57.18 -18.13
C LYS I 95 42.21 56.68 -16.78
N TRP I 96 43.08 55.92 -16.13
CA TRP I 96 42.82 55.43 -14.77
C TRP I 96 43.33 56.48 -13.80
N ASP I 97 42.44 57.09 -13.05
CA ASP I 97 42.83 57.98 -11.97
C ASP I 97 42.57 57.24 -10.65
N ARG I 98 42.78 57.93 -9.52
CA ARG I 98 42.40 57.39 -8.21
C ARG I 98 41.43 58.40 -7.56
N VAL J 1 19.60 21.53 -15.90
CA VAL J 1 20.71 22.43 -16.14
C VAL J 1 20.46 23.21 -17.42
N VAL J 2 21.09 22.88 -18.55
CA VAL J 2 20.73 23.54 -19.81
C VAL J 2 19.48 22.86 -20.37
N VAL J 3 18.78 23.60 -21.24
CA VAL J 3 17.61 23.09 -21.94
C VAL J 3 17.93 21.70 -22.44
N GLY J 4 16.99 20.77 -22.21
CA GLY J 4 17.18 19.35 -22.42
C GLY J 4 17.00 18.85 -23.85
N ALA J 5 15.91 19.28 -24.50
CA ALA J 5 15.62 19.04 -25.92
C ALA J 5 15.20 20.37 -26.55
N VAL J 6 16.04 20.90 -27.44
CA VAL J 6 15.69 22.12 -28.15
C VAL J 6 14.56 21.78 -29.10
N GLY J 7 13.62 22.70 -29.24
CA GLY J 7 12.47 22.27 -29.99
C GLY J 7 12.46 22.83 -31.40
N VAL J 8 11.27 23.28 -31.82
CA VAL J 8 11.09 23.72 -33.18
C VAL J 8 11.88 25.01 -33.41
N GLY J 9 12.19 25.27 -34.67
CA GLY J 9 12.85 26.52 -34.95
C GLY J 9 11.90 27.69 -34.82
N LYS J 10 12.34 28.85 -35.32
CA LYS J 10 11.49 30.04 -35.31
C LYS J 10 10.67 30.13 -36.63
N GLY K 3 56.46 -2.94 91.29
CA GLY K 3 57.30 -2.90 90.07
C GLY K 3 56.48 -3.10 88.82
N ASP K 4 56.85 -2.42 87.73
CA ASP K 4 56.06 -2.50 86.48
C ASP K 4 56.98 -2.39 85.25
N SER K 5 57.67 -3.48 84.91
CA SER K 5 58.52 -3.47 83.69
C SER K 5 58.90 -4.91 83.33
N VAL K 6 59.10 -5.18 82.04
CA VAL K 6 59.60 -6.54 81.67
C VAL K 6 60.89 -6.36 80.87
N THR K 7 61.70 -7.41 80.73
CA THR K 7 63.07 -7.19 80.20
C THR K 7 63.57 -8.38 79.39
N GLN K 8 63.95 -8.15 78.14
CA GLN K 8 64.56 -9.20 77.30
C GLN K 8 66.05 -8.91 77.26
N LYS K 9 66.82 -9.55 78.13
CA LYS K 9 68.27 -9.22 78.26
C LYS K 9 69.01 -9.27 76.94
N GLU K 10 68.67 -10.20 76.05
CA GLU K 10 69.46 -10.36 74.84
C GLU K 10 68.95 -9.45 73.73
N GLY K 11 69.83 -8.62 73.15
CA GLY K 11 69.31 -7.73 72.11
C GLY K 11 69.23 -8.29 70.69
N LEU K 12 70.20 -9.13 70.31
CA LEU K 12 70.35 -9.67 68.96
C LEU K 12 70.93 -11.08 69.06
N VAL K 13 70.30 -12.01 68.38
CA VAL K 13 70.60 -13.43 68.55
C VAL K 13 71.01 -13.92 67.17
N THR K 14 72.19 -14.52 67.05
CA THR K 14 72.60 -15.03 65.74
C THR K 14 73.00 -16.50 65.79
N LEU K 15 72.34 -17.30 64.96
CA LEU K 15 72.73 -18.68 64.84
C LEU K 15 72.42 -19.16 63.43
N THR K 16 73.20 -20.12 63.00
CA THR K 16 72.99 -20.77 61.72
C THR K 16 71.66 -21.49 61.72
N GLU K 17 71.08 -21.65 60.55
CA GLU K 17 69.87 -22.43 60.41
C GLU K 17 70.10 -23.82 60.97
N GLY K 18 69.06 -24.38 61.59
CA GLY K 18 69.10 -25.72 62.14
C GLY K 18 69.42 -25.79 63.62
N LEU K 19 69.91 -24.76 64.18
CA LEU K 19 70.29 -24.74 65.59
C LEU K 19 69.07 -24.34 66.41
N PRO K 20 68.94 -24.84 67.61
CA PRO K 20 67.77 -24.51 68.42
C PRO K 20 67.74 -23.05 68.88
N VAL K 21 66.53 -22.60 69.18
CA VAL K 21 66.25 -21.19 69.43
C VAL K 21 65.78 -20.93 70.85
N MET K 22 66.27 -19.84 71.45
CA MET K 22 65.80 -19.39 72.75
C MET K 22 65.90 -17.87 72.91
N LEU K 23 64.77 -17.21 73.21
CA LEU K 23 64.77 -15.79 73.56
C LEU K 23 64.42 -15.57 75.02
N ASN K 24 65.20 -14.75 75.71
CA ASN K 24 64.96 -14.54 77.14
C ASN K 24 63.96 -13.43 77.43
N CYS K 25 62.97 -13.75 78.26
CA CYS K 25 61.95 -12.80 78.65
C CYS K 25 61.53 -13.04 80.09
N THR K 26 61.77 -12.04 80.94
CA THR K 26 61.43 -12.09 82.35
C THR K 26 60.60 -10.87 82.74
N TYR K 27 59.81 -10.99 83.81
CA TYR K 27 58.90 -9.89 84.19
C TYR K 27 58.84 -9.67 85.70
N GLN K 28 58.23 -8.53 86.07
CA GLN K 28 58.18 -8.04 87.45
C GLN K 28 56.76 -7.63 87.85
N THR K 29 55.81 -8.56 87.80
CA THR K 29 54.47 -8.18 88.21
C THR K 29 54.31 -8.21 89.72
N ILE K 30 53.30 -7.47 90.20
CA ILE K 30 52.91 -7.53 91.61
C ILE K 30 51.55 -8.22 91.82
N TYR K 31 50.88 -8.65 90.75
CA TYR K 31 49.57 -9.28 90.81
C TYR K 31 49.65 -10.75 90.39
N SER K 32 48.59 -11.48 90.74
CA SER K 32 48.39 -12.84 90.24
C SER K 32 48.02 -12.82 88.76
N ASN K 33 47.39 -11.73 88.31
CA ASN K 33 46.92 -11.58 86.93
C ASN K 33 48.15 -11.34 86.06
N ALA K 34 48.78 -12.42 85.65
CA ALA K 34 49.97 -12.32 84.85
C ALA K 34 49.62 -13.03 83.55
N PHE K 35 49.46 -12.25 82.49
CA PHE K 35 49.16 -12.77 81.16
C PHE K 35 50.29 -12.32 80.25
N LEU K 36 50.92 -13.27 79.60
CA LEU K 36 52.05 -12.97 78.74
C LEU K 36 51.77 -13.29 77.28
N PHE K 37 52.35 -12.45 76.41
CA PHE K 37 52.29 -12.67 74.97
C PHE K 37 53.69 -12.56 74.38
N TRP K 38 53.90 -13.38 73.37
CA TRP K 38 54.95 -13.15 72.40
C TRP K 38 54.35 -12.62 71.10
N TYR K 39 54.96 -11.54 70.63
CA TYR K 39 54.61 -10.83 69.41
C TYR K 39 55.79 -10.85 68.45
N VAL K 40 55.53 -11.07 67.17
CA VAL K 40 56.55 -11.00 66.14
C VAL K 40 56.25 -9.83 65.25
N HIS K 41 57.30 -9.20 64.77
CA HIS K 41 57.16 -8.04 63.89
C HIS K 41 58.17 -8.32 62.78
N TYR K 42 57.69 -8.86 61.64
CA TYR K 42 58.63 -8.97 60.55
C TYR K 42 58.87 -7.58 59.99
N LEU K 43 59.92 -7.46 59.21
CA LEU K 43 60.24 -6.16 58.64
C LEU K 43 59.34 -5.98 57.42
N ASN K 44 58.79 -4.77 57.29
CA ASN K 44 57.76 -4.41 56.30
C ASN K 44 56.39 -5.00 56.63
N GLU K 45 56.09 -5.24 57.89
CA GLU K 45 54.76 -5.72 58.25
C GLU K 45 54.25 -5.02 59.50
N SER K 46 53.00 -5.34 59.84
CA SER K 46 52.70 -4.93 61.18
C SER K 46 52.89 -6.10 62.15
N PRO K 47 53.19 -5.81 63.41
CA PRO K 47 53.27 -6.87 64.41
C PRO K 47 51.94 -7.60 64.60
N ARG K 48 52.04 -8.93 64.72
CA ARG K 48 50.92 -9.82 65.03
C ARG K 48 51.26 -10.66 66.24
N LEU K 49 50.26 -11.39 66.72
CA LEU K 49 50.41 -12.26 67.88
C LEU K 49 51.24 -13.50 67.56
N LEU K 50 52.20 -13.86 68.42
CA LEU K 50 52.86 -15.14 68.16
C LEU K 50 52.35 -16.27 69.05
N LEU K 51 52.40 -16.12 70.37
CA LEU K 51 51.59 -17.03 71.18
C LEU K 51 51.52 -16.43 72.57
N LYS K 52 50.53 -16.88 73.31
CA LYS K 52 50.31 -16.29 74.62
C LYS K 52 49.77 -17.37 75.52
N SER K 53 49.89 -17.12 76.82
CA SER K 53 49.24 -17.88 77.88
C SER K 53 49.46 -17.11 79.17
N SER K 54 48.67 -17.48 80.17
CA SER K 54 48.88 -17.05 81.54
C SER K 54 49.02 -18.25 82.47
N THR K 55 49.17 -19.46 81.93
CA THR K 55 49.11 -20.65 82.75
C THR K 55 50.55 -21.11 82.98
N ASP K 56 50.92 -21.23 84.27
CA ASP K 56 52.22 -21.75 84.66
C ASP K 56 52.29 -23.22 84.26
N ASN K 57 53.42 -23.59 83.67
CA ASN K 57 53.74 -24.98 83.35
C ASN K 57 52.71 -25.58 82.39
N LYS K 58 52.10 -24.70 81.58
CA LYS K 58 51.32 -25.09 80.40
C LYS K 58 52.15 -24.68 79.19
N ARG K 59 52.61 -25.69 78.45
CA ARG K 59 53.29 -25.45 77.19
C ARG K 59 52.32 -24.91 76.17
N THR K 60 52.69 -23.83 75.47
CA THR K 60 51.94 -23.33 74.33
C THR K 60 52.77 -23.51 73.07
N GLU K 61 52.16 -24.01 71.99
CA GLU K 61 52.88 -24.23 70.74
C GLU K 61 52.08 -23.51 69.67
N HIS K 62 52.79 -22.96 68.67
CA HIS K 62 52.11 -22.34 67.54
C HIS K 62 53.13 -22.07 66.46
N GLN K 63 52.96 -22.71 65.29
CA GLN K 63 53.84 -22.56 64.13
C GLN K 63 55.25 -23.06 64.43
N GLY K 64 55.35 -24.15 65.18
CA GLY K 64 56.66 -24.70 65.51
C GLY K 64 57.40 -24.06 66.68
N PHE K 65 56.99 -22.86 67.10
CA PHE K 65 57.50 -22.19 68.29
C PHE K 65 56.75 -22.63 69.54
N HIS K 66 57.44 -22.53 70.69
CA HIS K 66 56.80 -22.74 71.99
C HIS K 66 57.51 -21.96 73.10
N ALA K 67 56.70 -21.65 74.13
CA ALA K 67 57.09 -21.07 75.41
C ALA K 67 56.19 -21.66 76.47
N THR K 68 56.68 -21.73 77.72
CA THR K 68 55.88 -22.13 78.86
C THR K 68 56.06 -21.09 79.94
N LEU K 69 54.96 -20.60 80.50
CA LEU K 69 55.09 -19.61 81.55
C LEU K 69 55.56 -20.28 82.82
N HIS K 70 56.53 -19.67 83.50
CA HIS K 70 56.94 -20.08 84.85
C HIS K 70 56.87 -18.86 85.78
N LYS K 71 55.70 -18.62 86.42
CA LYS K 71 55.59 -17.45 87.28
C LYS K 71 56.57 -17.54 88.43
N SER K 72 56.91 -18.77 88.81
CA SER K 72 57.85 -19.00 89.89
C SER K 72 59.19 -18.26 89.66
N SER K 73 59.75 -18.35 88.46
CA SER K 73 60.97 -17.61 88.13
C SER K 73 60.71 -16.46 87.16
N SER K 74 59.43 -16.09 86.93
CA SER K 74 59.02 -14.95 86.10
C SER K 74 59.51 -15.05 84.65
N SER K 75 59.40 -16.24 84.08
CA SER K 75 60.01 -16.54 82.80
C SER K 75 58.98 -17.00 81.76
N PHE K 76 59.24 -16.61 80.51
CA PHE K 76 58.41 -16.93 79.37
C PHE K 76 59.31 -16.89 78.15
N HIS K 77 60.23 -17.83 78.10
CA HIS K 77 61.18 -17.90 77.01
C HIS K 77 60.61 -18.64 75.82
N LEU K 78 60.91 -18.10 74.63
CA LEU K 78 60.42 -18.58 73.36
C LEU K 78 61.48 -19.49 72.76
N GLN K 79 61.07 -20.68 72.36
CA GLN K 79 62.00 -21.68 71.86
C GLN K 79 61.48 -22.37 70.60
N LYS K 80 62.39 -22.67 69.68
CA LYS K 80 62.04 -23.43 68.51
C LYS K 80 63.10 -24.45 68.22
N SER K 81 62.65 -25.58 67.67
CA SER K 81 63.53 -26.72 67.45
C SER K 81 64.67 -26.35 66.53
N SER K 82 64.37 -25.65 65.44
CA SER K 82 65.37 -25.45 64.42
C SER K 82 65.22 -24.07 63.79
N ALA K 83 66.28 -23.28 63.83
CA ALA K 83 66.19 -21.96 63.23
C ALA K 83 66.00 -22.11 61.74
N GLN K 84 65.09 -21.31 61.19
CA GLN K 84 64.93 -21.25 59.74
C GLN K 84 65.15 -19.83 59.29
N LEU K 85 65.64 -19.67 58.05
CA LEU K 85 65.92 -18.35 57.49
C LEU K 85 64.68 -17.46 57.58
N SER K 86 63.49 -18.08 57.59
CA SER K 86 62.22 -17.37 57.61
C SER K 86 61.95 -16.67 58.93
N ASP K 87 62.71 -16.97 59.95
CA ASP K 87 62.37 -16.53 61.29
C ASP K 87 63.00 -15.21 61.65
N SER K 88 63.96 -14.75 60.82
CA SER K 88 64.68 -13.52 61.08
C SER K 88 63.69 -12.40 61.26
N ALA K 89 63.61 -11.85 62.46
CA ALA K 89 62.59 -10.86 62.77
C ALA K 89 62.92 -10.19 64.10
N LEU K 90 62.10 -9.21 64.45
CA LEU K 90 62.10 -8.64 65.79
C LEU K 90 61.06 -9.38 66.59
N TYR K 91 61.38 -9.65 67.83
CA TYR K 91 60.42 -10.35 68.67
C TYR K 91 60.19 -9.53 69.92
N TYR K 92 58.91 -9.33 70.21
CA TYR K 92 58.42 -8.56 71.33
C TYR K 92 57.75 -9.48 72.33
N CYS K 93 58.09 -9.29 73.60
CA CYS K 93 57.48 -9.97 74.72
C CYS K 93 56.67 -8.94 75.50
N ALA K 94 55.45 -9.30 75.85
CA ALA K 94 54.56 -8.34 76.42
C ALA K 94 53.68 -8.99 77.46
N LEU K 95 53.37 -8.19 78.46
CA LEU K 95 52.79 -8.64 79.71
C LEU K 95 51.57 -7.82 80.11
N SER K 96 50.60 -8.51 80.66
CA SER K 96 49.39 -7.84 81.07
C SER K 96 49.34 -7.80 82.59
N GLU K 97 49.59 -6.60 83.12
CA GLU K 97 49.52 -6.28 84.54
C GLU K 97 48.05 -6.05 84.81
N GLY K 98 47.34 -7.01 85.41
CA GLY K 98 45.87 -7.00 85.29
C GLY K 98 45.25 -5.63 85.55
N GLY K 99 45.93 -4.86 86.42
CA GLY K 99 45.40 -3.58 86.91
C GLY K 99 45.34 -2.46 85.89
N ASN K 100 46.25 -2.46 84.90
CA ASN K 100 46.37 -1.46 83.81
C ASN K 100 45.58 -1.88 82.56
N TYR K 101 44.95 -0.89 81.88
CA TYR K 101 44.46 -1.17 80.51
C TYR K 101 45.60 -1.26 79.51
N LYS K 102 46.79 -0.92 79.92
CA LYS K 102 47.85 -0.78 78.94
C LYS K 102 48.70 -2.02 78.94
N TYR K 103 49.41 -2.18 77.84
CA TYR K 103 50.30 -3.29 77.68
C TYR K 103 51.72 -2.76 77.68
N VAL K 104 52.67 -3.62 78.06
CA VAL K 104 54.10 -3.20 78.17
C VAL K 104 54.95 -4.15 77.33
N PHE K 105 55.74 -3.60 76.43
CA PHE K 105 56.53 -4.47 75.51
C PHE K 105 58.00 -4.44 75.90
N GLY K 106 58.74 -5.48 75.52
CA GLY K 106 60.16 -5.57 75.87
C GLY K 106 61.02 -4.75 74.94
N ALA K 107 62.34 -4.89 75.04
CA ALA K 107 63.26 -4.09 74.21
C ALA K 107 63.21 -4.59 72.77
N GLY K 108 62.71 -5.81 72.57
CA GLY K 108 62.68 -6.37 71.21
C GLY K 108 64.00 -7.03 70.89
N THR K 109 63.97 -8.34 70.63
CA THR K 109 65.22 -9.07 70.34
C THR K 109 65.29 -9.33 68.84
N ARG K 110 66.43 -8.99 68.22
CA ARG K 110 66.57 -9.15 66.75
C ARG K 110 67.20 -10.50 66.44
N LEU K 111 66.43 -11.42 65.87
CA LEU K 111 66.95 -12.71 65.49
C LEU K 111 67.45 -12.62 64.05
N LYS K 112 68.71 -12.93 63.84
CA LYS K 112 69.31 -12.92 62.51
C LYS K 112 69.73 -14.35 62.22
N VAL K 113 68.93 -15.09 61.49
CA VAL K 113 69.34 -16.43 61.11
C VAL K 113 70.24 -16.32 59.88
N ILE K 114 71.40 -16.95 59.93
CA ILE K 114 72.36 -16.91 58.82
C ILE K 114 72.50 -18.29 58.20
N ALA K 115 73.02 -18.31 56.98
CA ALA K 115 72.99 -19.52 56.18
C ALA K 115 74.24 -20.36 56.35
N HIS K 116 74.07 -21.65 56.25
CA HIS K 116 75.20 -22.58 56.30
C HIS K 116 75.68 -22.83 54.89
N ILE K 117 76.87 -22.34 54.57
CA ILE K 117 77.40 -22.46 53.21
C ILE K 117 78.15 -23.78 53.12
N GLN K 118 77.59 -24.71 52.34
CA GLN K 118 78.06 -26.10 52.33
C GLN K 118 79.39 -26.26 51.57
N ASN K 119 79.51 -25.64 50.40
CA ASN K 119 80.67 -25.80 49.53
C ASN K 119 81.15 -24.40 49.17
N PRO K 120 81.78 -23.72 50.11
CA PRO K 120 82.06 -22.30 49.93
C PRO K 120 83.10 -22.08 48.87
N ASP K 121 83.02 -20.93 48.24
CA ASP K 121 83.99 -20.65 47.22
C ASP K 121 84.15 -19.14 47.00
N PRO K 122 84.71 -18.40 47.96
CA PRO K 122 84.70 -16.92 47.87
C PRO K 122 85.31 -16.38 46.60
N ALA K 123 84.70 -15.32 46.07
CA ALA K 123 85.17 -14.75 44.83
C ALA K 123 84.72 -13.30 44.78
N VAL K 124 85.53 -12.49 44.07
CA VAL K 124 85.21 -11.10 43.75
C VAL K 124 85.17 -10.97 42.25
N TYR K 125 84.04 -10.48 41.74
CA TYR K 125 83.80 -10.26 40.32
C TYR K 125 83.51 -8.77 40.11
N GLN K 126 83.70 -8.31 38.88
CA GLN K 126 83.45 -6.91 38.54
C GLN K 126 82.36 -6.83 37.48
N LEU K 127 81.30 -6.07 37.79
CA LEU K 127 80.16 -5.93 36.91
C LEU K 127 80.20 -4.60 36.16
N ARG K 128 79.60 -4.62 34.97
CA ARG K 128 79.62 -3.48 34.08
C ARG K 128 78.25 -2.83 34.02
N ASP K 129 78.23 -1.58 33.61
CA ASP K 129 77.00 -0.82 33.64
C ASP K 129 76.20 -1.06 32.37
N SER K 130 74.88 -1.12 32.53
CA SER K 130 73.94 -1.20 31.41
C SER K 130 73.92 0.12 30.61
N LYS K 131 74.24 1.26 31.23
CA LYS K 131 74.30 2.56 30.54
C LYS K 131 75.70 3.20 30.42
N SER K 132 76.12 3.94 31.45
CA SER K 132 77.42 4.64 31.48
C SER K 132 78.51 3.63 31.84
N SER K 133 79.13 3.03 30.81
CA SER K 133 80.17 2.00 31.00
C SER K 133 81.27 2.46 31.96
N ASP K 134 81.51 3.78 32.04
CA ASP K 134 82.49 4.34 32.97
C ASP K 134 82.25 3.84 34.41
N LYS K 135 80.99 3.83 34.86
CA LYS K 135 80.63 3.40 36.21
C LYS K 135 81.00 1.93 36.42
N SER K 136 81.40 1.63 37.65
CA SER K 136 81.89 0.30 37.99
C SER K 136 81.41 -0.13 39.36
N VAL K 137 81.12 -1.44 39.48
CA VAL K 137 80.75 -2.09 40.75
C VAL K 137 81.49 -3.42 40.87
N CYS K 138 81.84 -3.80 42.12
CA CYS K 138 82.48 -5.06 42.47
C CYS K 138 81.64 -5.87 43.47
N LEU K 139 81.50 -7.16 43.19
CA LEU K 139 80.62 -8.07 43.93
C LEU K 139 81.46 -9.13 44.64
N PHE K 140 81.30 -9.22 45.97
CA PHE K 140 81.86 -10.32 46.78
C PHE K 140 80.76 -11.34 47.07
N THR K 141 80.91 -12.55 46.53
CA THR K 141 79.86 -13.55 46.61
C THR K 141 80.45 -14.95 46.75
N ASP K 142 79.57 -15.85 47.21
CA ASP K 142 79.74 -17.31 47.32
C ASP K 142 80.65 -17.77 48.47
N PHE K 143 80.77 -16.99 49.56
CA PHE K 143 81.55 -17.29 50.76
C PHE K 143 80.66 -17.88 51.84
N ASP K 144 81.28 -18.51 52.85
CA ASP K 144 80.50 -19.04 53.95
C ASP K 144 80.10 -17.96 54.95
N SER K 145 79.02 -18.23 55.72
CA SER K 145 78.45 -17.21 56.63
C SER K 145 79.38 -16.89 57.79
N GLN K 146 80.44 -17.67 57.98
CA GLN K 146 81.37 -17.41 59.07
C GLN K 146 82.24 -16.18 58.76
N THR K 147 82.53 -15.94 57.46
CA THR K 147 83.30 -14.77 57.05
C THR K 147 82.56 -13.50 57.48
N ASN K 148 83.28 -12.50 57.97
CA ASN K 148 82.59 -11.30 58.45
C ASN K 148 82.96 -10.06 57.66
N VAL K 149 81.92 -9.25 57.38
CA VAL K 149 82.02 -7.97 56.67
C VAL K 149 82.78 -6.95 57.48
N SER K 150 83.52 -6.10 56.77
CA SER K 150 83.98 -4.85 57.35
C SER K 150 83.44 -3.69 56.55
N GLN K 151 83.32 -2.54 57.22
CA GLN K 151 83.02 -1.29 56.57
C GLN K 151 84.26 -0.82 55.78
N SER K 152 84.03 0.00 54.77
CA SER K 152 85.13 0.53 53.98
C SER K 152 85.92 1.54 54.79
N LYS K 153 87.22 1.60 54.51
CA LYS K 153 88.09 2.53 55.22
C LYS K 153 88.10 3.90 54.55
N ASP K 154 87.87 3.94 53.24
CA ASP K 154 87.71 5.17 52.49
C ASP K 154 86.26 5.66 52.60
N SER K 155 86.07 6.99 52.73
CA SER K 155 84.71 7.53 52.81
C SER K 155 84.01 7.56 51.45
N ASP K 156 84.79 7.67 50.37
CA ASP K 156 84.24 7.75 49.03
C ASP K 156 84.24 6.39 48.32
N VAL K 157 84.43 5.32 49.07
CA VAL K 157 84.18 3.98 48.59
C VAL K 157 83.09 3.40 49.47
N TYR K 158 82.04 2.89 48.86
CA TYR K 158 80.90 2.43 49.60
C TYR K 158 80.87 0.92 49.62
N ILE K 159 80.64 0.35 50.80
CA ILE K 159 80.54 -1.08 50.96
C ILE K 159 79.32 -1.40 51.82
N THR K 160 78.56 -2.41 51.40
CA THR K 160 77.39 -2.93 52.06
C THR K 160 77.76 -4.14 52.93
N ASP K 161 76.79 -4.60 53.71
CA ASP K 161 76.92 -5.79 54.53
C ASP K 161 76.57 -7.07 53.83
N LYS K 162 76.57 -8.14 54.62
CA LYS K 162 76.17 -9.46 54.15
C LYS K 162 74.70 -9.44 53.76
N CYS K 163 74.37 -10.26 52.79
CA CYS K 163 72.99 -10.50 52.44
C CYS K 163 72.92 -11.98 52.11
N VAL K 164 71.82 -12.62 52.47
CA VAL K 164 71.64 -14.03 52.16
C VAL K 164 70.66 -14.14 51.00
N LEU K 165 71.04 -14.86 49.95
CA LEU K 165 70.24 -15.03 48.74
C LEU K 165 69.86 -16.50 48.56
N ASP K 166 68.58 -16.79 48.21
CA ASP K 166 68.10 -18.18 48.21
C ASP K 166 68.14 -18.89 46.86
N MET K 167 67.39 -18.44 45.85
CA MET K 167 67.41 -19.13 44.55
C MET K 167 66.78 -20.52 44.70
N ARG K 168 65.52 -20.54 45.17
CA ARG K 168 64.78 -21.77 45.44
C ARG K 168 64.66 -22.72 44.24
N SER K 169 64.93 -22.25 43.04
CA SER K 169 64.99 -23.16 41.91
C SER K 169 66.18 -24.10 42.06
N MET K 170 67.37 -23.55 42.16
CA MET K 170 68.55 -24.39 42.12
C MET K 170 68.98 -24.95 43.48
N ASP K 171 68.60 -24.30 44.60
CA ASP K 171 68.86 -24.61 46.05
C ASP K 171 70.23 -24.20 46.51
N PHE K 172 70.84 -23.30 45.77
CA PHE K 172 72.18 -22.86 46.08
C PHE K 172 72.03 -21.56 46.88
N LYS K 173 71.88 -21.73 48.21
CA LYS K 173 71.88 -20.56 49.09
C LYS K 173 73.25 -19.91 49.06
N SER K 174 73.25 -18.59 49.04
CA SER K 174 74.57 -17.96 49.01
C SER K 174 74.53 -16.56 49.56
N ASN K 175 75.65 -16.17 50.15
CA ASN K 175 75.81 -14.81 50.63
C ASN K 175 76.53 -13.95 49.60
N SER K 176 76.33 -12.65 49.74
CA SER K 176 76.91 -11.69 48.82
C SER K 176 76.96 -10.29 49.43
N ALA K 177 77.99 -9.52 49.04
CA ALA K 177 78.04 -8.10 49.38
C ALA K 177 78.76 -7.33 48.28
N VAL K 178 78.41 -6.05 48.17
CA VAL K 178 78.77 -5.17 47.06
C VAL K 178 79.70 -4.06 47.53
N ALA K 179 80.60 -3.62 46.64
CA ALA K 179 81.38 -2.42 46.90
C ALA K 179 81.55 -1.62 45.61
N TRP K 180 81.57 -0.29 45.76
CA TRP K 180 81.66 0.57 44.58
C TRP K 180 82.31 1.91 44.94
N SER K 181 82.71 2.62 43.89
CA SER K 181 83.18 3.98 43.95
C SER K 181 83.01 4.62 42.57
N ASN K 182 82.92 5.95 42.59
CA ASN K 182 83.00 6.74 41.37
C ASN K 182 84.40 7.31 41.16
N LYS K 183 85.34 7.02 42.04
CA LYS K 183 86.73 7.41 41.80
C LYS K 183 87.29 6.54 40.68
N SER K 184 88.18 7.14 39.86
CA SER K 184 88.70 6.43 38.69
C SER K 184 89.86 5.48 39.01
N ASP K 185 90.53 5.65 40.14
CA ASP K 185 91.58 4.75 40.57
C ASP K 185 91.02 3.47 41.20
N PHE K 186 89.70 3.41 41.37
CA PHE K 186 89.05 2.27 42.02
C PHE K 186 89.21 1.01 41.18
N ALA K 187 89.75 -0.02 41.84
CA ALA K 187 89.86 -1.36 41.22
C ALA K 187 89.37 -2.35 42.28
N CYS K 188 88.90 -3.52 41.87
CA CYS K 188 88.30 -4.45 42.87
C CYS K 188 89.32 -4.80 43.96
N ALA K 189 90.60 -4.92 43.60
CA ALA K 189 91.62 -5.35 44.59
C ALA K 189 91.78 -4.30 45.70
N ASN K 190 91.16 -3.14 45.53
CA ASN K 190 91.32 -2.04 46.51
C ASN K 190 90.36 -2.26 47.69
N ALA K 191 89.78 -3.46 47.79
CA ALA K 191 88.83 -3.74 48.89
C ALA K 191 89.55 -4.49 50.00
N PHE K 192 90.89 -4.51 49.98
CA PHE K 192 91.67 -5.25 51.00
C PHE K 192 91.21 -4.79 52.38
N ASN K 193 90.63 -3.58 52.46
CA ASN K 193 90.07 -3.10 53.75
C ASN K 193 89.25 -4.23 54.35
N ASN K 194 88.63 -5.05 53.49
CA ASN K 194 87.84 -6.21 53.98
C ASN K 194 88.61 -6.85 55.15
N SER K 195 87.97 -6.90 56.31
CA SER K 195 88.64 -7.44 57.52
C SER K 195 89.12 -8.87 57.26
N ILE K 196 88.26 -9.72 56.69
CA ILE K 196 88.68 -11.15 56.53
C ILE K 196 88.52 -11.60 55.08
N ILE K 197 89.58 -11.45 54.29
CA ILE K 197 89.58 -11.98 52.93
C ILE K 197 90.13 -13.42 53.02
N PRO K 198 89.33 -14.44 52.67
CA PRO K 198 89.89 -15.80 52.59
C PRO K 198 90.97 -15.91 51.53
N GLU K 199 92.02 -16.64 51.89
CA GLU K 199 93.22 -16.79 51.07
C GLU K 199 92.92 -17.20 49.63
N ASP K 200 92.06 -18.20 49.46
CA ASP K 200 91.74 -18.83 48.19
C ASP K 200 90.61 -18.14 47.42
N THR K 201 90.39 -16.85 47.63
CA THR K 201 89.41 -16.14 46.83
C THR K 201 89.89 -16.02 45.39
N PHE K 202 89.14 -16.59 44.46
CA PHE K 202 89.46 -16.46 43.05
C PHE K 202 89.32 -14.98 42.68
N PHE K 203 90.42 -14.39 42.21
CA PHE K 203 90.47 -12.96 41.94
C PHE K 203 90.88 -12.76 40.49
N PRO K 204 89.91 -12.66 39.57
CA PRO K 204 90.23 -12.65 38.13
C PRO K 204 90.85 -11.35 37.59
N SER K 205 90.22 -10.22 37.93
CA SER K 205 90.49 -8.84 37.44
C SER K 205 91.42 -8.65 36.23
N THR L 6 40.86 -7.85 57.36
CA THR L 6 41.31 -6.58 57.94
C THR L 6 40.35 -5.98 58.97
N LEU L 7 40.77 -5.85 60.24
CA LEU L 7 39.87 -5.28 61.24
C LEU L 7 40.08 -3.79 61.49
N LEU L 8 41.23 -3.28 61.08
CA LEU L 8 41.51 -1.88 61.26
C LEU L 8 42.08 -1.33 59.98
N GLU L 9 41.76 -0.07 59.68
CA GLU L 9 42.24 0.59 58.47
C GLU L 9 42.68 2.00 58.87
N GLN L 10 43.95 2.30 58.59
CA GLN L 10 44.65 3.47 59.12
C GLN L 10 45.10 4.40 58.00
N ASN L 11 44.94 5.71 58.25
CA ASN L 11 45.29 6.78 57.33
C ASN L 11 46.06 7.87 58.09
N PRO L 12 46.98 8.58 57.40
CA PRO L 12 47.53 8.31 56.05
C PRO L 12 48.60 7.23 56.17
N ARG L 13 49.04 6.57 55.12
CA ARG L 13 49.97 5.44 55.31
C ARG L 13 51.35 5.91 55.71
N TRP L 14 51.70 7.12 55.31
CA TRP L 14 53.01 7.70 55.61
C TRP L 14 52.82 9.17 55.34
N ARG L 15 53.63 10.00 55.97
CA ARG L 15 53.51 11.43 55.72
C ARG L 15 54.77 12.13 56.17
N LEU L 16 55.41 12.88 55.28
CA LEU L 16 56.54 13.69 55.70
C LEU L 16 56.04 14.83 56.57
N VAL L 17 56.76 15.08 57.66
CA VAL L 17 56.40 16.12 58.60
C VAL L 17 57.55 17.12 58.67
N PRO L 18 57.34 18.36 58.26
CA PRO L 18 58.33 19.41 58.53
C PRO L 18 58.43 19.69 60.02
N ARG L 19 59.60 20.13 60.46
CA ARG L 19 59.76 20.34 61.90
C ARG L 19 58.85 21.46 62.37
N GLY L 20 58.28 21.31 63.57
CA GLY L 20 57.39 22.27 64.17
C GLY L 20 55.94 22.16 63.73
N GLN L 21 55.64 21.32 62.75
CA GLN L 21 54.27 21.19 62.25
C GLN L 21 53.52 20.10 62.98
N ALA L 22 52.32 19.81 62.50
CA ALA L 22 51.44 18.83 63.10
C ALA L 22 50.99 17.85 62.04
N VAL L 23 50.48 16.71 62.49
CA VAL L 23 49.95 15.70 61.59
C VAL L 23 48.79 15.04 62.30
N ASN L 24 47.73 14.81 61.56
CA ASN L 24 46.51 14.22 62.08
C ASN L 24 46.41 12.81 61.52
N LEU L 25 46.16 11.83 62.38
CA LEU L 25 45.97 10.47 61.95
C LEU L 25 44.55 10.06 62.26
N ARG L 26 44.08 9.06 61.55
CA ARG L 26 42.72 8.65 61.73
C ARG L 26 42.72 7.13 61.59
N CYS L 27 41.83 6.48 62.33
CA CYS L 27 41.82 5.03 62.27
C CYS L 27 40.37 4.58 62.26
N ILE L 28 40.08 3.63 61.39
CA ILE L 28 38.73 3.12 61.24
C ILE L 28 38.65 1.68 61.71
N LEU L 29 37.74 1.44 62.64
CA LEU L 29 37.49 0.09 63.09
C LEU L 29 36.46 -0.55 62.18
N LYS L 30 36.80 -1.70 61.64
CA LYS L 30 35.90 -2.36 60.71
C LYS L 30 35.03 -3.44 61.33
N ASN L 31 35.22 -3.77 62.63
CA ASN L 31 34.34 -4.72 63.31
C ASN L 31 34.15 -4.17 64.72
N SER L 32 32.94 -3.71 65.02
CA SER L 32 32.60 -3.12 66.32
C SER L 32 32.58 -4.13 67.47
N GLN L 33 32.86 -5.43 67.23
CA GLN L 33 32.97 -6.41 68.31
C GLN L 33 34.37 -6.47 68.95
N TYR L 34 35.27 -5.59 68.52
CA TYR L 34 36.62 -5.42 69.06
C TYR L 34 36.81 -3.97 69.46
N PRO L 35 35.96 -3.46 70.34
CA PRO L 35 35.84 -2.01 70.52
C PRO L 35 36.95 -1.35 71.32
N TRP L 36 37.90 -2.11 71.85
CA TRP L 36 38.89 -1.52 72.75
C TRP L 36 40.07 -1.05 71.90
N MET L 37 40.09 0.26 71.57
CA MET L 37 41.06 0.82 70.64
C MET L 37 42.16 1.51 71.43
N SER L 38 43.38 1.44 70.91
CA SER L 38 44.51 2.11 71.55
C SER L 38 45.45 2.66 70.50
N TRP L 39 46.28 3.59 70.95
CA TRP L 39 47.38 4.13 70.14
C TRP L 39 48.72 3.78 70.77
N TYR L 40 49.63 3.22 69.97
CA TYR L 40 50.97 2.89 70.40
C TYR L 40 51.98 3.57 69.50
N GLN L 41 53.13 3.92 70.04
CA GLN L 41 54.23 4.41 69.22
C GLN L 41 55.41 3.45 69.21
N GLN L 42 56.19 3.56 68.15
CA GLN L 42 57.46 2.86 67.99
C GLN L 42 58.48 3.97 67.75
N ASP L 43 59.49 4.07 68.61
CA ASP L 43 60.48 5.13 68.49
C ASP L 43 61.57 4.76 67.47
N LEU L 44 62.52 5.67 67.28
CA LEU L 44 63.58 5.43 66.32
C LEU L 44 64.46 4.26 66.74
N GLN L 45 64.27 3.76 67.96
CA GLN L 45 65.04 2.65 68.49
C GLN L 45 64.31 1.31 68.39
N LYS L 46 63.08 1.28 67.85
CA LYS L 46 62.20 0.11 67.75
C LYS L 46 61.58 -0.33 69.09
N GLN L 47 61.63 0.51 70.14
CA GLN L 47 60.96 0.19 71.40
C GLN L 47 59.48 0.57 71.33
N LEU L 48 58.63 -0.37 71.73
CA LEU L 48 57.19 -0.17 71.70
C LEU L 48 56.68 0.44 73.00
N GLN L 49 55.69 1.35 72.89
CA GLN L 49 55.15 2.03 74.06
C GLN L 49 53.68 2.38 73.84
N TRP L 50 52.88 2.14 74.87
CA TRP L 50 51.47 2.54 74.88
C TRP L 50 51.36 4.06 75.00
N LEU L 51 50.28 4.62 74.44
CA LEU L 51 50.05 6.07 74.42
C LEU L 51 48.72 6.46 75.05
N PHE L 52 47.61 5.93 74.55
CA PHE L 52 46.27 6.25 75.03
C PHE L 52 45.38 5.05 74.82
N THR L 53 44.29 5.02 75.57
CA THR L 53 43.19 4.13 75.23
C THR L 53 41.92 4.90 75.50
N LEU L 54 41.00 4.93 74.54
CA LEU L 54 39.78 5.71 74.66
C LEU L 54 38.59 4.82 74.27
N ARG L 55 37.62 4.60 75.19
CA ARG L 55 36.51 3.71 74.83
C ARG L 55 35.27 4.42 74.34
N SER L 56 34.88 5.43 74.97
CA SER L 56 33.59 6.06 74.74
C SER L 56 33.72 7.27 73.82
N PRO L 57 32.67 7.52 73.06
CA PRO L 57 32.59 8.77 72.30
C PRO L 57 32.90 9.91 73.24
N GLY L 58 33.68 10.88 72.75
CA GLY L 58 33.95 12.07 73.52
C GLY L 58 35.24 12.05 74.33
N ASP L 59 35.91 10.90 74.42
CA ASP L 59 37.14 10.88 75.20
C ASP L 59 38.17 11.80 74.53
N LYS L 60 38.78 12.68 75.31
CA LYS L 60 39.89 13.47 74.79
C LYS L 60 41.06 13.37 75.77
N GLU L 61 42.28 13.29 75.23
CA GLU L 61 43.46 13.24 76.08
C GLU L 61 44.66 13.87 75.37
N VAL L 62 45.55 14.49 76.16
CA VAL L 62 46.80 15.01 75.63
C VAL L 62 47.95 14.36 76.39
N LYS L 63 49.08 14.20 75.70
CA LYS L 63 50.28 13.68 76.33
C LYS L 63 51.51 14.14 75.55
N SER L 64 52.59 14.40 76.28
CA SER L 64 53.89 14.71 75.72
C SER L 64 54.87 13.65 76.16
N LEU L 65 55.62 13.14 75.20
CA LEU L 65 56.73 12.20 75.28
C LEU L 65 57.94 12.91 74.72
N PRO L 66 59.13 12.31 74.77
CA PRO L 66 60.28 12.96 74.12
C PRO L 66 60.10 13.18 72.62
N GLY L 67 59.94 14.44 72.17
CA GLY L 67 59.92 14.75 70.75
C GLY L 67 58.57 14.96 70.10
N ALA L 68 57.45 14.67 70.76
CA ALA L 68 56.13 14.69 70.09
C ALA L 68 55.02 15.07 71.06
N ASP L 69 54.04 15.79 70.53
CA ASP L 69 52.85 16.17 71.26
C ASP L 69 51.67 15.37 70.74
N TYR L 70 50.86 14.91 71.66
CA TYR L 70 49.74 14.06 71.30
C TYR L 70 48.45 14.66 71.85
N LEU L 71 47.39 14.65 71.03
CA LEU L 71 46.02 14.93 71.45
C LEU L 71 45.13 13.93 70.72
N ALA L 72 44.46 13.06 71.47
CA ALA L 72 43.69 11.96 70.90
C ALA L 72 42.20 12.13 71.17
N THR L 73 41.40 11.61 70.25
CA THR L 73 39.94 11.69 70.39
C THR L 73 39.28 10.45 69.81
N ARG L 74 38.41 9.83 70.61
CA ARG L 74 37.51 8.76 70.15
C ARG L 74 36.18 9.40 69.75
N VAL L 75 35.92 9.47 68.44
CA VAL L 75 34.79 10.21 67.90
C VAL L 75 33.52 9.38 67.93
N THR L 76 33.55 8.17 67.39
CA THR L 76 32.46 7.18 67.52
C THR L 76 33.11 5.84 67.79
N ASP L 77 32.32 4.75 67.75
CA ASP L 77 32.92 3.42 67.97
C ASP L 77 33.89 2.95 66.90
N THR L 78 33.93 3.58 65.73
CA THR L 78 34.78 3.03 64.70
C THR L 78 35.80 4.02 64.14
N GLU L 79 35.80 5.27 64.61
CA GLU L 79 36.68 6.35 64.16
C GLU L 79 37.48 6.85 65.35
N LEU L 80 38.79 6.68 65.31
CA LEU L 80 39.66 7.14 66.38
C LEU L 80 40.69 8.09 65.79
N ARG L 81 40.89 9.23 66.46
CA ARG L 81 41.78 10.26 65.95
C ARG L 81 42.94 10.54 66.89
N LEU L 82 44.00 11.03 66.29
CA LEU L 82 45.24 11.35 66.99
C LEU L 82 45.92 12.53 66.28
N GLN L 83 46.24 13.56 67.05
CA GLN L 83 47.03 14.68 66.54
C GLN L 83 48.46 14.55 67.03
N VAL L 84 49.40 14.62 66.10
CA VAL L 84 50.83 14.67 66.41
C VAL L 84 51.34 16.04 66.02
N ALA L 85 51.84 16.78 67.00
CA ALA L 85 52.26 18.14 66.74
C ALA L 85 53.62 18.37 67.36
N ASN L 86 54.28 19.44 66.89
CA ASN L 86 55.57 19.88 67.41
C ASN L 86 56.59 18.73 67.46
N MET L 87 56.73 18.04 66.33
CA MET L 87 57.65 16.91 66.26
C MET L 87 59.09 17.40 66.20
N SER L 88 59.99 16.60 66.77
CA SER L 88 61.43 16.83 66.71
C SER L 88 62.15 15.52 66.42
N GLN L 89 61.39 14.43 66.29
CA GLN L 89 61.95 13.12 66.10
C GLN L 89 60.95 12.28 65.33
N GLY L 90 61.42 11.51 64.36
CA GLY L 90 60.54 10.63 63.64
C GLY L 90 59.99 9.52 64.51
N ARG L 91 58.91 8.89 64.05
CA ARG L 91 58.24 7.85 64.81
C ARG L 91 57.51 6.94 63.84
N THR L 92 57.00 5.85 64.38
CA THR L 92 55.98 5.08 63.72
C THR L 92 54.83 4.95 64.72
N LEU L 93 53.60 5.12 64.28
CA LEU L 93 52.47 5.00 65.18
C LEU L 93 51.67 3.79 64.75
N TYR L 94 51.26 2.95 65.69
CA TYR L 94 50.42 1.82 65.32
C TYR L 94 49.09 1.97 66.03
N CYS L 95 48.03 1.69 65.30
CA CYS L 95 46.68 1.63 65.83
C CYS L 95 46.39 0.18 66.27
N THR L 96 45.56 0.02 67.31
CA THR L 96 45.16 -1.33 67.71
C THR L 96 43.73 -1.40 68.17
N CYS L 97 43.17 -2.60 68.04
CA CYS L 97 41.92 -2.91 68.72
C CYS L 97 42.01 -4.32 69.30
N SER L 98 41.24 -4.56 70.35
CA SER L 98 41.11 -5.89 70.93
C SER L 98 39.76 -5.99 71.63
N ALA L 99 39.41 -7.23 71.98
CA ALA L 99 38.08 -7.56 72.47
C ALA L 99 37.83 -7.17 73.93
N ARG L 100 38.85 -7.13 74.76
CA ARG L 100 38.67 -6.83 76.16
C ARG L 100 39.76 -5.86 76.57
N HIS L 101 39.52 -5.04 77.61
CA HIS L 101 40.51 -3.99 77.86
C HIS L 101 41.90 -4.53 78.30
N SER L 102 42.00 -5.71 78.94
CA SER L 102 43.29 -6.37 79.16
C SER L 102 43.07 -7.88 79.29
N ALA L 103 44.17 -8.64 79.26
CA ALA L 103 44.13 -10.10 79.27
C ALA L 103 43.59 -10.68 77.97
N GLU L 104 43.65 -9.92 76.87
CA GLU L 104 43.26 -10.37 75.54
C GLU L 104 44.33 -10.04 74.48
N THR L 105 44.23 -10.71 73.34
CA THR L 105 45.09 -10.45 72.18
C THR L 105 44.92 -9.03 71.62
N LEU L 106 46.05 -8.37 71.36
CA LEU L 106 46.09 -7.03 70.80
C LEU L 106 46.36 -7.16 69.29
N TYR L 107 45.53 -6.51 68.45
CA TYR L 107 45.64 -6.55 66.99
C TYR L 107 46.11 -5.21 66.44
N PHE L 108 47.05 -5.26 65.53
CA PHE L 108 47.68 -4.06 65.03
C PHE L 108 47.19 -3.63 63.64
N GLY L 109 47.03 -2.32 63.45
CA GLY L 109 46.78 -1.73 62.14
C GLY L 109 48.03 -1.62 61.26
N SER L 110 47.83 -1.04 60.07
CA SER L 110 48.95 -0.94 59.14
C SER L 110 50.06 -0.03 59.66
N GLY L 111 49.75 0.93 60.51
CA GLY L 111 50.82 1.79 60.96
C GLY L 111 50.88 3.05 60.14
N THR L 112 51.45 4.10 60.75
CA THR L 112 51.66 5.40 60.13
C THR L 112 53.10 5.83 60.33
N ARG L 113 53.90 5.79 59.28
CA ARG L 113 55.30 6.19 59.41
C ARG L 113 55.40 7.70 59.25
N LEU L 114 56.04 8.34 60.22
CA LEU L 114 56.28 9.78 60.22
C LEU L 114 57.78 10.03 60.18
N THR L 115 58.22 10.90 59.29
CA THR L 115 59.63 11.27 59.20
C THR L 115 59.77 12.80 59.21
N VAL L 116 60.65 13.28 60.10
CA VAL L 116 60.86 14.70 60.40
C VAL L 116 62.07 15.17 59.63
N LEU L 117 61.91 16.25 58.87
CA LEU L 117 62.99 16.73 58.02
C LEU L 117 62.67 18.15 57.54
N ASP L 118 63.56 18.69 56.72
CA ASP L 118 63.33 19.89 55.91
C ASP L 118 62.94 19.47 54.49
N LEU L 119 61.78 19.95 54.02
CA LEU L 119 61.26 19.50 52.72
C LEU L 119 62.21 19.77 51.56
N ARG L 120 63.04 20.82 51.64
CA ARG L 120 63.91 21.16 50.51
C ARG L 120 65.11 20.25 50.35
N ASN L 121 65.29 19.25 51.23
CA ASN L 121 66.38 18.29 51.08
C ASN L 121 65.96 16.99 50.39
N VAL L 122 64.74 16.90 49.86
CA VAL L 122 64.27 15.66 49.25
C VAL L 122 64.77 15.54 47.82
N PHE L 123 65.30 14.35 47.49
CA PHE L 123 65.81 14.06 46.16
C PHE L 123 65.35 12.63 45.92
N PRO L 124 64.82 12.32 44.75
CA PRO L 124 64.49 10.95 44.41
C PRO L 124 65.72 10.16 44.01
N PRO L 125 65.61 8.83 44.04
CA PRO L 125 66.78 7.98 43.83
C PRO L 125 67.11 7.83 42.36
N GLU L 126 68.41 7.69 42.10
CA GLU L 126 68.90 7.36 40.78
C GLU L 126 69.00 5.85 40.65
N VAL L 127 68.52 5.28 39.56
CA VAL L 127 68.41 3.83 39.45
C VAL L 127 69.26 3.36 38.29
N ALA L 128 70.20 2.47 38.59
CA ALA L 128 71.12 1.94 37.59
C ALA L 128 71.31 0.45 37.83
N VAL L 129 71.27 -0.33 36.74
CA VAL L 129 71.42 -1.79 36.81
C VAL L 129 72.75 -2.18 36.15
N PHE L 130 73.48 -3.10 36.78
CA PHE L 130 74.80 -3.52 36.34
C PHE L 130 74.70 -4.99 35.93
N GLU L 131 75.20 -5.33 34.68
CA GLU L 131 75.03 -6.66 34.09
C GLU L 131 76.11 -7.63 34.58
N PRO L 132 75.78 -8.93 34.67
CA PRO L 132 76.67 -9.87 35.37
C PRO L 132 78.07 -9.87 34.76
N SER L 133 79.08 -10.04 35.61
CA SER L 133 80.41 -10.28 35.09
C SER L 133 80.41 -11.63 34.39
N GLU L 134 81.10 -11.72 33.26
CA GLU L 134 81.15 -12.97 32.53
C GLU L 134 81.99 -13.99 33.30
N ALA L 135 82.97 -13.49 34.09
CA ALA L 135 83.80 -14.36 34.90
C ALA L 135 82.97 -15.15 35.89
N GLU L 136 81.93 -14.52 36.41
CA GLU L 136 81.00 -15.21 37.29
C GLU L 136 80.30 -16.36 36.57
N ILE L 137 79.80 -16.09 35.36
CA ILE L 137 78.95 -17.07 34.69
C ILE L 137 79.74 -18.35 34.41
N SER L 138 80.98 -18.19 33.92
CA SER L 138 81.82 -19.34 33.63
C SER L 138 82.14 -20.12 34.90
N HIS L 139 82.47 -19.41 35.97
CA HIS L 139 82.99 -20.01 37.18
C HIS L 139 81.87 -20.66 37.98
N THR L 140 80.65 -20.15 37.88
CA THR L 140 79.59 -20.51 38.79
C THR L 140 78.41 -21.20 38.14
N GLN L 141 78.28 -21.12 36.82
CA GLN L 141 77.14 -21.66 36.11
C GLN L 141 75.87 -20.90 36.49
N LYS L 142 76.06 -19.69 37.05
CA LYS L 142 75.00 -18.75 37.46
C LYS L 142 75.41 -17.31 37.12
N ALA L 143 74.45 -16.38 37.26
CA ALA L 143 74.64 -14.97 36.92
C ALA L 143 74.02 -14.06 37.99
N THR L 144 74.86 -13.24 38.66
CA THR L 144 74.43 -12.33 39.73
C THR L 144 74.33 -10.89 39.21
N LEU L 145 73.11 -10.33 39.27
CA LEU L 145 72.83 -8.94 38.95
C LEU L 145 72.99 -8.04 40.15
N VAL L 146 73.37 -6.80 39.87
CA VAL L 146 73.54 -5.74 40.85
C VAL L 146 72.61 -4.60 40.46
N CYS L 147 71.90 -4.04 41.43
CA CYS L 147 71.09 -2.84 41.23
C CYS L 147 71.53 -1.79 42.25
N LEU L 148 71.74 -0.54 41.82
CA LEU L 148 72.15 0.54 42.73
C LEU L 148 71.18 1.71 42.73
N ALA L 149 70.74 2.10 43.92
CA ALA L 149 69.94 3.31 44.12
C ALA L 149 70.74 4.32 44.94
N THR L 150 70.89 5.54 44.41
CA THR L 150 71.80 6.51 45.02
C THR L 150 71.14 7.88 45.08
N GLY L 151 71.58 8.69 46.05
CA GLY L 151 71.24 10.10 46.09
C GLY L 151 69.77 10.39 46.37
N PHE L 152 69.31 10.07 47.58
CA PHE L 152 67.92 10.30 47.95
C PHE L 152 67.82 10.58 49.44
N TYR L 153 66.71 11.15 49.84
CA TYR L 153 66.44 11.55 51.21
C TYR L 153 64.94 11.81 51.30
N PRO L 154 64.23 11.23 52.26
CA PRO L 154 64.68 10.39 53.36
C PRO L 154 64.97 9.00 52.88
N ASP L 155 65.18 8.06 53.82
CA ASP L 155 65.51 6.67 53.50
C ASP L 155 64.27 5.76 53.41
N HIS L 156 63.09 6.32 53.08
CA HIS L 156 61.86 5.53 52.93
C HIS L 156 61.74 5.23 51.44
N VAL L 157 62.31 4.10 51.05
CA VAL L 157 62.30 3.60 49.68
C VAL L 157 61.98 2.12 49.76
N GLU L 158 61.46 1.58 48.67
CA GLU L 158 61.11 0.17 48.58
C GLU L 158 61.57 -0.37 47.24
N LEU L 159 62.29 -1.48 47.26
CA LEU L 159 62.89 -2.02 46.04
C LEU L 159 62.22 -3.35 45.65
N SER L 160 62.12 -3.61 44.34
CA SER L 160 61.59 -4.86 43.79
C SER L 160 62.32 -5.25 42.51
N TRP L 161 62.30 -6.55 42.21
CA TRP L 161 62.73 -7.07 40.93
C TRP L 161 61.52 -7.58 40.16
N TRP L 162 61.56 -7.41 38.84
CA TRP L 162 60.53 -7.90 37.93
C TRP L 162 61.18 -8.63 36.77
N VAL L 163 60.90 -9.92 36.65
CA VAL L 163 61.40 -10.76 35.57
C VAL L 163 60.24 -11.09 34.65
N ASN L 164 60.33 -10.64 33.41
CA ASN L 164 59.32 -10.90 32.39
C ASN L 164 57.96 -10.40 32.87
N GLY L 165 57.96 -9.21 33.48
CA GLY L 165 56.75 -8.52 33.90
C GLY L 165 56.14 -8.96 35.21
N LYS L 166 56.64 -10.02 35.84
CA LYS L 166 56.14 -10.50 37.13
C LYS L 166 57.19 -10.33 38.22
N GLU L 167 56.72 -9.98 39.42
CA GLU L 167 57.61 -9.81 40.56
C GLU L 167 58.15 -11.18 40.99
N VAL L 168 59.41 -11.22 41.40
CA VAL L 168 60.09 -12.48 41.69
C VAL L 168 60.20 -12.75 43.18
N HIS L 169 60.38 -14.03 43.49
CA HIS L 169 60.41 -14.46 44.87
C HIS L 169 61.79 -15.02 45.22
N SER L 170 62.25 -16.05 44.52
CA SER L 170 63.56 -16.64 44.76
C SER L 170 64.64 -15.77 44.13
N GLY L 171 65.88 -15.94 44.60
CA GLY L 171 66.93 -15.16 43.99
C GLY L 171 66.89 -13.69 44.31
N VAL L 172 66.00 -13.28 45.20
CA VAL L 172 65.86 -11.90 45.60
C VAL L 172 66.75 -11.67 46.81
N CYS L 173 67.49 -10.57 46.82
CA CYS L 173 68.32 -10.28 47.99
C CYS L 173 68.39 -8.75 48.14
N THR L 174 67.49 -8.19 48.94
CA THR L 174 67.44 -6.75 49.18
C THR L 174 68.28 -6.45 50.41
N ASP L 175 69.11 -5.41 50.36
CA ASP L 175 69.96 -5.08 51.51
C ASP L 175 69.14 -4.72 52.76
N PRO L 176 69.61 -5.08 53.96
CA PRO L 176 68.78 -4.91 55.17
C PRO L 176 68.43 -3.46 55.51
N GLN L 177 69.40 -2.56 55.45
CA GLN L 177 69.13 -1.16 55.79
C GLN L 177 69.97 -0.26 54.89
N PRO L 178 69.45 0.93 54.56
CA PRO L 178 70.22 1.88 53.74
C PRO L 178 71.45 2.40 54.46
N LEU L 179 72.41 2.83 53.65
CA LEU L 179 73.63 3.43 54.17
C LEU L 179 73.74 4.86 53.70
N LYS L 180 74.35 5.69 54.54
CA LYS L 180 74.56 7.09 54.17
C LYS L 180 75.76 7.22 53.24
N GLU L 181 75.53 7.87 52.10
CA GLU L 181 76.62 8.20 51.19
C GLU L 181 77.63 9.11 51.87
N GLN L 182 77.17 9.95 52.79
CA GLN L 182 78.02 10.89 53.52
C GLN L 182 77.75 10.68 54.99
N PRO L 183 78.32 9.65 55.60
CA PRO L 183 78.04 9.40 57.02
C PRO L 183 78.44 10.56 57.94
N ALA L 184 79.18 11.55 57.41
CA ALA L 184 79.67 12.66 58.21
C ALA L 184 78.57 13.69 58.51
N LEU L 185 77.67 13.94 57.57
CA LEU L 185 76.53 14.80 57.87
C LEU L 185 75.48 14.00 58.63
N ASN L 186 74.79 14.69 59.52
CA ASN L 186 73.57 14.14 60.08
C ASN L 186 72.36 14.30 59.13
N ASP L 187 72.58 14.84 57.92
CA ASP L 187 71.53 15.01 56.90
C ASP L 187 71.98 14.47 55.55
N SER L 188 72.86 13.48 55.54
CA SER L 188 73.35 12.93 54.28
C SER L 188 72.25 12.31 53.43
N ARG L 189 72.50 12.27 52.12
CA ARG L 189 71.70 11.51 51.19
C ARG L 189 72.10 10.02 51.27
N TYR L 190 71.22 9.14 50.82
CA TYR L 190 71.33 7.70 51.10
C TYR L 190 71.60 6.88 49.85
N ALA L 191 71.92 5.60 50.07
CA ALA L 191 72.09 4.62 49.00
C ALA L 191 71.64 3.25 49.51
N LEU L 192 71.26 2.40 48.55
CA LEU L 192 70.80 1.04 48.78
C LEU L 192 71.24 0.16 47.61
N SER L 193 71.61 -1.09 47.87
CA SER L 193 71.83 -2.00 46.75
C SER L 193 70.88 -3.17 46.88
N SER L 194 70.91 -4.02 45.89
CA SER L 194 70.15 -5.25 45.92
C SER L 194 70.92 -6.24 45.08
N ARG L 195 70.54 -7.50 45.20
CA ARG L 195 71.07 -8.53 44.35
C ARG L 195 69.93 -9.37 43.78
N LEU L 196 70.13 -9.83 42.54
CA LEU L 196 69.26 -10.79 41.89
C LEU L 196 70.19 -11.84 41.30
N ARG L 197 70.06 -13.08 41.74
CA ARG L 197 70.86 -14.17 41.16
C ARG L 197 69.94 -15.12 40.41
N VAL L 198 70.32 -15.41 39.15
CA VAL L 198 69.64 -16.33 38.25
C VAL L 198 70.62 -17.26 37.56
N SER L 199 70.08 -18.36 37.05
CA SER L 199 70.87 -19.41 36.40
C SER L 199 71.71 -18.81 35.29
N ALA L 200 72.85 -19.41 34.97
CA ALA L 200 73.63 -18.84 33.86
C ALA L 200 72.89 -18.97 32.54
N THR L 201 72.25 -20.12 32.35
CA THR L 201 71.47 -20.35 31.14
C THR L 201 70.32 -19.35 31.02
N PHE L 202 69.70 -18.97 32.16
CA PHE L 202 68.58 -18.02 32.16
C PHE L 202 69.07 -16.64 31.77
N TRP L 203 70.27 -16.27 32.19
CA TRP L 203 70.80 -14.97 31.82
C TRP L 203 71.16 -14.91 30.35
N GLN L 204 71.61 -16.03 29.78
CA GLN L 204 72.12 -16.00 28.40
C GLN L 204 71.02 -16.01 27.32
N ASN L 205 69.77 -15.78 27.70
CA ASN L 205 68.65 -15.75 26.77
C ASN L 205 68.26 -14.31 26.50
N PRO L 206 68.57 -13.77 25.32
CA PRO L 206 68.25 -12.36 25.05
C PRO L 206 66.76 -12.07 25.03
N ARG L 207 65.93 -13.11 25.14
CA ARG L 207 64.48 -13.01 25.17
C ARG L 207 63.89 -12.71 26.56
N ASN L 208 64.70 -12.78 27.63
CA ASN L 208 64.21 -12.57 29.00
C ASN L 208 64.52 -11.20 29.55
N HIS L 209 63.55 -10.65 30.26
CA HIS L 209 63.55 -9.26 30.71
C HIS L 209 63.71 -9.14 32.22
N PHE L 210 64.61 -8.27 32.63
CA PHE L 210 64.87 -8.00 34.04
C PHE L 210 64.62 -6.51 34.27
N ARG L 211 63.81 -6.17 35.28
CA ARG L 211 63.65 -4.76 35.67
C ARG L 211 63.65 -4.57 37.18
N CYS L 212 64.47 -3.66 37.64
CA CYS L 212 64.62 -3.32 39.05
C CYS L 212 63.99 -1.96 39.31
N GLN L 213 62.96 -1.95 40.14
CA GLN L 213 62.08 -0.81 40.38
C GLN L 213 62.26 -0.29 41.81
N VAL L 214 62.34 1.02 41.95
CA VAL L 214 62.50 1.63 43.28
C VAL L 214 61.31 2.54 43.58
N GLN L 215 60.46 2.14 44.50
CA GLN L 215 59.38 3.02 44.97
C GLN L 215 59.97 4.04 45.93
N PHE L 216 59.80 5.32 45.61
CA PHE L 216 60.32 6.39 46.45
C PHE L 216 59.18 7.21 47.04
N TYR L 217 59.26 7.51 48.34
CA TYR L 217 58.24 8.30 49.03
C TYR L 217 58.70 9.72 49.30
N GLY L 218 58.05 10.68 48.64
CA GLY L 218 58.39 12.08 48.74
C GLY L 218 57.17 12.93 49.02
N LEU L 219 57.22 14.16 48.49
CA LEU L 219 56.20 15.17 48.74
C LEU L 219 54.95 14.87 47.92
N SER L 220 53.90 15.63 48.22
CA SER L 220 52.64 15.54 47.51
C SER L 220 52.50 16.83 46.70
N GLU L 221 51.69 16.80 45.61
CA GLU L 221 51.61 18.01 44.80
C GLU L 221 50.90 19.15 45.56
N ASN L 222 50.29 18.85 46.73
CA ASN L 222 49.71 19.85 47.60
C ASN L 222 50.75 20.48 48.51
N ASP L 223 51.98 20.00 48.47
CA ASP L 223 53.11 20.71 49.04
C ASP L 223 53.75 21.41 47.85
N GLU L 224 54.56 22.41 48.13
CA GLU L 224 55.13 23.18 47.04
C GLU L 224 56.64 23.06 46.98
N TRP L 225 57.16 23.21 45.78
CA TRP L 225 58.58 23.09 45.53
C TRP L 225 59.12 24.52 45.43
N THR L 226 59.57 25.01 46.59
CA THR L 226 60.12 26.34 46.86
C THR L 226 61.60 26.42 46.49
N GLN L 227 61.92 26.04 45.24
CA GLN L 227 63.26 26.12 44.64
C GLN L 227 63.11 26.05 43.12
N ASP L 228 64.24 26.25 42.44
CA ASP L 228 64.39 26.21 40.97
C ASP L 228 64.89 24.84 40.49
N ARG L 229 64.21 23.77 40.90
CA ARG L 229 64.62 22.41 40.57
C ARG L 229 63.37 21.54 40.32
N ALA L 230 63.59 20.28 39.91
CA ALA L 230 62.48 19.34 39.77
C ALA L 230 61.83 19.05 41.12
N LYS L 231 60.50 18.94 41.14
CA LYS L 231 59.73 18.70 42.36
C LYS L 231 59.97 17.25 42.82
N PRO L 232 60.61 17.02 43.97
CA PRO L 232 60.90 15.63 44.35
C PRO L 232 59.68 14.99 44.99
N VAL L 233 58.70 14.62 44.15
CA VAL L 233 57.47 14.02 44.65
C VAL L 233 57.53 12.50 44.60
N THR L 234 56.55 11.88 45.26
CA THR L 234 56.40 10.44 45.20
C THR L 234 56.38 10.02 43.74
N GLN L 235 57.11 8.96 43.42
CA GLN L 235 57.29 8.54 42.03
C GLN L 235 57.91 7.16 42.09
N ILE L 236 57.87 6.45 40.98
CA ILE L 236 58.66 5.23 40.86
C ILE L 236 59.77 5.50 39.85
N VAL L 237 60.94 4.98 40.12
CA VAL L 237 62.07 5.00 39.19
C VAL L 237 62.56 3.57 38.98
N SER L 238 62.72 3.18 37.70
CA SER L 238 63.12 1.84 37.31
C SER L 238 64.37 1.90 36.45
N ALA L 239 65.02 0.75 36.31
CA ALA L 239 66.02 0.53 35.28
C ALA L 239 65.88 -0.94 34.87
N GLU L 240 66.39 -1.25 33.69
CA GLU L 240 66.19 -2.58 33.14
C GLU L 240 67.37 -2.97 32.28
N ALA L 241 67.40 -4.24 31.93
CA ALA L 241 68.29 -4.79 30.94
C ALA L 241 67.68 -6.09 30.44
N TRP L 242 67.98 -6.41 29.20
CA TRP L 242 67.49 -7.64 28.60
C TRP L 242 68.58 -8.70 28.65
N GLY L 243 68.17 -9.92 28.37
CA GLY L 243 69.15 -10.98 28.26
C GLY L 243 70.14 -10.69 27.15
N ARG L 244 71.31 -11.28 27.29
CA ARG L 244 72.41 -11.07 26.36
C ARG L 244 73.07 -12.43 26.15
N ALA L 245 73.68 -12.64 24.98
CA ALA L 245 74.27 -13.94 24.65
C ALA L 245 75.78 -14.08 24.93
N GLY M 2 24.28 -22.02 105.79
CA GLY M 2 24.92 -20.74 105.97
C GLY M 2 25.76 -20.27 104.79
N SER M 3 25.20 -20.34 103.57
CA SER M 3 25.90 -19.95 102.36
C SER M 3 25.92 -18.44 102.23
N HIS M 4 26.96 -17.94 101.57
CA HIS M 4 27.20 -16.51 101.50
C HIS M 4 27.36 -16.14 100.04
N SER M 5 27.20 -14.84 99.74
CA SER M 5 27.21 -14.37 98.36
C SER M 5 27.94 -13.04 98.27
N MET M 6 28.52 -12.79 97.13
CA MET M 6 29.12 -11.51 96.84
C MET M 6 28.36 -10.97 95.65
N ARG M 7 27.95 -9.71 95.71
CA ARG M 7 27.11 -9.13 94.67
C ARG M 7 27.61 -7.74 94.37
N TYR M 8 27.62 -7.37 93.11
CA TYR M 8 27.97 -6.01 92.74
C TYR M 8 26.79 -5.30 92.06
N PHE M 9 26.58 -4.02 92.40
CA PHE M 9 25.46 -3.24 91.90
C PHE M 9 25.99 -1.99 91.20
N PHE M 10 25.62 -1.82 89.94
CA PHE M 10 26.02 -0.72 89.09
C PHE M 10 24.81 -0.03 88.49
N THR M 11 24.88 1.30 88.38
CA THR M 11 23.82 2.06 87.74
C THR M 11 24.44 3.22 86.99
N SER M 12 24.02 3.40 85.73
CA SER M 12 24.46 4.51 84.89
C SER M 12 23.23 5.32 84.48
N VAL M 13 23.22 6.61 84.79
CA VAL M 13 22.11 7.49 84.39
C VAL M 13 22.63 8.66 83.55
N SER M 14 22.07 8.78 82.34
CA SER M 14 22.42 9.83 81.39
C SER M 14 21.84 11.15 81.83
N ARG M 15 22.71 12.13 82.00
CA ARG M 15 22.30 13.48 82.38
C ARG M 15 22.38 14.38 81.15
N PRO M 16 21.32 14.49 80.35
CA PRO M 16 21.41 15.15 79.03
C PRO M 16 21.89 16.60 79.05
N GLY M 17 23.07 16.83 78.48
CA GLY M 17 23.59 18.16 78.32
C GLY M 17 24.38 18.66 79.50
N ARG M 18 24.00 18.26 80.70
CA ARG M 18 24.64 18.72 81.93
C ARG M 18 25.91 17.93 82.27
N GLY M 19 26.72 17.56 81.27
CA GLY M 19 27.94 16.84 81.54
C GLY M 19 27.83 15.37 81.21
N GLU M 20 28.81 14.63 81.68
CA GLU M 20 28.81 13.19 81.50
C GLU M 20 27.77 12.55 82.42
N PRO M 21 27.40 11.30 82.16
CA PRO M 21 26.45 10.61 83.01
C PRO M 21 26.94 10.38 84.43
N ARG M 22 25.96 10.22 85.32
CA ARG M 22 26.21 9.81 86.69
C ARG M 22 26.45 8.30 86.72
N PHE M 23 27.55 7.87 87.33
CA PHE M 23 27.87 6.45 87.44
C PHE M 23 28.14 6.08 88.89
N ILE M 24 27.33 5.18 89.43
CA ILE M 24 27.53 4.72 90.80
C ILE M 24 27.57 3.21 90.81
N ALA M 25 28.56 2.64 91.50
CA ALA M 25 28.66 1.21 91.69
C ALA M 25 28.91 0.91 93.17
N VAL M 26 28.27 -0.15 93.69
CA VAL M 26 28.46 -0.59 95.07
C VAL M 26 28.53 -2.11 95.17
N GLY M 27 29.38 -2.62 96.06
CA GLY M 27 29.51 -4.05 96.29
C GLY M 27 29.05 -4.49 97.67
N TYR M 28 28.40 -5.64 97.71
CA TYR M 28 27.88 -6.27 98.92
C TYR M 28 28.49 -7.65 99.01
N VAL M 29 28.95 -8.00 100.22
CA VAL M 29 29.17 -9.39 100.60
C VAL M 29 28.14 -9.67 101.67
N ASP M 30 27.26 -10.63 101.39
CA ASP M 30 26.03 -10.82 102.16
C ASP M 30 25.41 -9.46 102.44
N ASP M 31 25.22 -9.07 103.70
CA ASP M 31 24.47 -7.83 103.94
C ASP M 31 25.33 -6.64 104.39
N THR M 32 26.60 -6.58 103.98
CA THR M 32 27.46 -5.44 104.29
C THR M 32 28.08 -4.87 103.02
N GLN M 33 27.93 -3.56 102.84
CA GLN M 33 28.61 -2.84 101.76
C GLN M 33 30.07 -2.59 102.13
N PHE M 34 30.96 -2.88 101.19
CA PHE M 34 32.39 -2.82 101.45
C PHE M 34 33.21 -2.00 100.46
N VAL M 35 32.70 -1.75 99.26
CA VAL M 35 33.36 -0.88 98.32
C VAL M 35 32.32 0.03 97.70
N ARG M 36 32.80 1.11 97.13
CA ARG M 36 31.92 2.15 96.63
C ARG M 36 32.62 2.88 95.51
N PHE M 37 31.87 3.28 94.49
CA PHE M 37 32.45 4.14 93.47
C PHE M 37 31.42 5.10 92.92
N ASP M 38 31.80 6.37 92.93
CA ASP M 38 30.93 7.39 92.45
C ASP M 38 31.72 8.22 91.44
N SER M 39 31.11 8.36 90.26
CA SER M 39 31.64 9.18 89.18
C SER M 39 31.79 10.66 89.57
N ASP M 40 30.98 11.15 90.54
CA ASP M 40 31.01 12.55 90.97
C ASP M 40 31.95 12.82 92.14
N ALA M 41 32.48 11.78 92.80
CA ALA M 41 33.32 12.01 93.96
C ALA M 41 34.66 12.63 93.56
N ALA M 42 35.23 13.42 94.48
CA ALA M 42 36.51 14.06 94.22
C ALA M 42 37.61 13.02 94.09
N SER M 43 37.45 11.89 94.77
CA SER M 43 38.40 10.79 94.74
C SER M 43 38.77 10.35 93.32
N GLN M 44 37.75 10.15 92.47
CA GLN M 44 37.93 9.53 91.15
C GLN M 44 38.57 8.15 91.27
N ARG M 45 38.38 7.51 92.43
CA ARG M 45 39.02 6.22 92.71
C ARG M 45 38.02 5.36 93.46
N MET M 46 38.15 4.07 93.27
CA MET M 46 37.40 3.11 94.06
C MET M 46 37.63 3.36 95.56
N GLU M 47 36.59 3.23 96.36
CA GLU M 47 36.78 3.56 97.77
C GLU M 47 36.40 2.39 98.69
N PRO M 48 37.06 2.25 99.85
CA PRO M 48 36.57 1.29 100.85
C PRO M 48 35.44 1.89 101.68
N ARG M 49 34.61 1.00 102.22
CA ARG M 49 33.45 1.34 103.05
C ARG M 49 33.34 0.55 104.34
N ALA M 50 33.48 -0.77 104.28
CA ALA M 50 33.56 -1.51 105.54
C ALA M 50 35.02 -1.63 105.98
N PRO M 51 35.25 -1.66 107.30
CA PRO M 51 36.64 -1.50 107.80
C PRO M 51 37.59 -2.58 107.36
N TRP M 52 37.11 -3.81 107.25
CA TRP M 52 37.94 -4.98 107.06
C TRP M 52 38.52 -5.11 105.65
N ILE M 53 38.11 -4.26 104.71
CA ILE M 53 38.70 -4.25 103.39
C ILE M 53 39.85 -3.27 103.33
N GLU M 54 39.96 -2.39 104.35
CA GLU M 54 40.93 -1.31 104.42
C GLU M 54 42.36 -1.81 104.56
N GLN M 55 42.51 -3.07 104.94
CA GLN M 55 43.82 -3.71 105.08
C GLN M 55 44.52 -3.94 103.75
N GLU M 56 43.79 -3.93 102.64
CA GLU M 56 44.39 -4.18 101.32
C GLU M 56 45.22 -3.00 100.79
N GLY M 57 46.30 -3.30 100.08
CA GLY M 57 47.30 -2.32 99.74
C GLY M 57 46.94 -1.53 98.50
N PRO M 58 47.88 -0.68 98.06
CA PRO M 58 47.67 0.08 96.82
C PRO M 58 47.46 -0.77 95.60
N GLU M 59 47.95 -2.01 95.59
CA GLU M 59 47.79 -2.81 94.37
C GLU M 59 46.31 -3.11 94.17
N TYR M 60 45.63 -3.44 95.26
CA TYR M 60 44.22 -3.76 95.19
C TYR M 60 43.42 -2.57 94.69
N TRP M 61 43.70 -1.38 95.22
CA TRP M 61 42.90 -0.24 94.80
C TRP M 61 43.19 0.21 93.37
N ASP M 62 44.40 -0.04 92.86
CA ASP M 62 44.65 0.37 91.49
C ASP M 62 43.93 -0.56 90.52
N GLN M 63 44.07 -1.87 90.70
CA GLN M 63 43.31 -2.78 89.87
C GLN M 63 41.82 -2.53 90.00
N GLU M 64 41.28 -2.51 91.21
CA GLU M 64 39.87 -2.20 91.37
C GLU M 64 39.46 -0.87 90.71
N THR M 65 40.31 0.17 90.78
CA THR M 65 39.94 1.44 90.14
C THR M 65 39.78 1.30 88.63
N ARG M 66 40.77 0.72 87.96
CA ARG M 66 40.73 0.66 86.50
C ARG M 66 39.70 -0.35 86.01
N ASN M 67 39.58 -1.48 86.67
CA ASN M 67 38.61 -2.48 86.22
C ASN M 67 37.18 -2.08 86.48
N VAL M 68 36.92 -1.09 87.34
CA VAL M 68 35.54 -0.61 87.39
C VAL M 68 35.38 0.60 86.49
N LYS M 69 36.40 1.47 86.38
CA LYS M 69 36.24 2.61 85.47
C LYS M 69 36.09 2.15 84.03
N ALA M 70 36.64 0.99 83.71
CA ALA M 70 36.32 0.41 82.42
C ALA M 70 34.83 0.05 82.38
N GLN M 71 34.28 -0.50 83.47
CA GLN M 71 32.84 -0.81 83.42
C GLN M 71 31.99 0.44 83.25
N SER M 72 32.37 1.57 83.89
CA SER M 72 31.64 2.83 83.67
C SER M 72 31.63 3.20 82.19
N GLN M 73 32.79 3.04 81.56
CA GLN M 73 33.05 3.47 80.21
C GLN M 73 32.36 2.58 79.17
N THR M 74 32.41 1.23 79.32
CA THR M 74 31.59 0.39 78.42
C THR M 74 30.12 0.71 78.60
N ASP M 75 29.77 1.54 79.59
CA ASP M 75 28.41 1.96 79.79
C ASP M 75 28.09 3.38 79.33
N ARG M 76 29.07 4.26 79.16
CA ARG M 76 28.70 5.46 78.42
C ARG M 76 28.26 5.10 77.02
N VAL M 77 28.97 4.19 76.38
CA VAL M 77 28.62 3.70 75.04
C VAL M 77 27.24 3.08 75.03
N ASP M 78 26.96 2.17 75.97
CA ASP M 78 25.66 1.52 76.03
C ASP M 78 24.53 2.51 76.32
N LEU M 79 24.78 3.58 77.08
CA LEU M 79 23.77 4.63 77.19
C LEU M 79 23.31 5.11 75.82
N GLY M 80 24.26 5.29 74.89
CA GLY M 80 23.91 5.68 73.54
C GLY M 80 23.34 4.59 72.63
N THR M 81 23.95 3.40 72.66
CA THR M 81 23.49 2.30 71.82
C THR M 81 22.04 1.93 72.08
N LEU M 82 21.63 1.90 73.35
CA LEU M 82 20.23 1.61 73.69
C LEU M 82 19.28 2.78 73.32
N ARG M 83 19.73 4.04 73.42
CA ARG M 83 18.99 5.15 72.79
C ARG M 83 18.71 4.87 71.31
N GLY M 84 19.73 4.37 70.61
CA GLY M 84 19.55 4.02 69.23
C GLY M 84 18.62 2.83 69.09
N TYR M 85 18.99 1.68 69.65
CA TYR M 85 18.16 0.47 69.52
C TYR M 85 16.66 0.76 69.76
N TYR M 86 16.35 1.55 70.78
CA TYR M 86 14.97 1.84 71.17
C TYR M 86 14.43 3.06 70.44
N ASN M 87 15.27 3.72 69.65
CA ASN M 87 14.87 4.84 68.82
C ASN M 87 14.22 5.93 69.68
N GLN M 88 14.92 6.31 70.73
CA GLN M 88 14.41 7.26 71.71
C GLN M 88 15.15 8.59 71.54
N SER M 89 14.50 9.66 72.02
CA SER M 89 15.03 11.01 71.86
C SER M 89 16.30 11.20 72.67
N GLU M 90 17.21 12.00 72.12
CA GLU M 90 18.45 12.33 72.81
C GLU M 90 18.29 13.58 73.65
N ALA M 91 17.06 13.95 73.94
CA ALA M 91 16.78 14.97 74.92
C ALA M 91 16.41 14.38 76.27
N GLY M 92 16.29 13.05 76.36
CA GLY M 92 15.80 12.37 77.54
C GLY M 92 16.84 11.61 78.34
N SER M 93 16.64 11.57 79.66
CA SER M 93 17.54 10.87 80.56
C SER M 93 17.17 9.40 80.63
N HIS M 94 18.18 8.56 80.81
CA HIS M 94 17.98 7.11 80.78
C HIS M 94 18.72 6.39 81.91
N THR M 95 18.21 5.20 82.24
CA THR M 95 18.71 4.38 83.33
C THR M 95 19.06 2.99 82.82
N ILE M 96 20.32 2.60 83.02
CA ILE M 96 20.79 1.24 82.82
C ILE M 96 21.16 0.73 84.20
N GLN M 97 20.80 -0.50 84.49
CA GLN M 97 21.23 -1.12 85.73
C GLN M 97 21.82 -2.50 85.45
N ILE M 98 23.03 -2.74 85.96
CA ILE M 98 23.68 -4.04 85.92
C ILE M 98 23.92 -4.49 87.35
N MET M 99 23.68 -5.78 87.58
CA MET M 99 23.92 -6.48 88.83
C MET M 99 24.53 -7.85 88.53
N TYR M 100 25.63 -8.18 89.21
CA TYR M 100 26.13 -9.54 89.09
C TYR M 100 26.79 -10.04 90.38
N GLY M 101 26.74 -11.37 90.56
CA GLY M 101 27.38 -11.93 91.74
C GLY M 101 27.39 -13.45 91.80
N CYS M 102 28.05 -13.96 92.85
CA CYS M 102 28.40 -15.37 93.00
C CYS M 102 28.02 -15.90 94.38
N ASP M 103 27.74 -17.19 94.39
CA ASP M 103 27.33 -17.90 95.58
C ASP M 103 28.36 -18.97 95.91
N VAL M 104 28.80 -18.98 97.17
CA VAL M 104 29.60 -20.03 97.76
C VAL M 104 28.80 -20.59 98.92
N GLY M 105 28.95 -21.89 99.16
CA GLY M 105 28.19 -22.58 100.18
C GLY M 105 28.83 -22.43 101.54
N SER M 106 28.30 -23.16 102.51
CA SER M 106 28.85 -23.07 103.85
C SER M 106 30.32 -23.51 103.86
N ASP M 107 30.67 -24.47 103.01
CA ASP M 107 32.00 -25.02 102.88
C ASP M 107 32.86 -24.28 101.83
N GLY M 108 32.37 -23.16 101.30
CA GLY M 108 33.14 -22.31 100.40
C GLY M 108 33.01 -22.58 98.91
N ARG M 109 32.48 -23.73 98.52
CA ARG M 109 32.39 -24.15 97.12
C ARG M 109 31.37 -23.36 96.31
N PHE M 110 31.64 -23.21 95.02
CA PHE M 110 30.77 -22.49 94.08
C PHE M 110 29.42 -23.18 93.97
N LEU M 111 28.34 -22.44 94.26
CA LEU M 111 26.99 -22.96 94.10
C LEU M 111 26.44 -22.42 92.79
N ARG M 112 26.38 -21.09 92.65
CA ARG M 112 25.79 -20.41 91.50
C ARG M 112 26.40 -19.03 91.30
N GLY M 113 26.32 -18.54 90.05
CA GLY M 113 26.70 -17.18 89.72
C GLY M 113 25.62 -16.48 88.93
N TYR M 114 25.67 -15.14 88.93
CA TYR M 114 24.56 -14.36 88.39
C TYR M 114 24.99 -13.09 87.71
N ARG M 115 24.29 -12.77 86.60
CA ARG M 115 24.35 -11.50 85.88
C ARG M 115 22.94 -11.17 85.44
N GLN M 116 22.49 -9.96 85.78
CA GLN M 116 21.21 -9.45 85.34
C GLN M 116 21.37 -7.99 84.99
N ASP M 117 20.82 -7.60 83.85
CA ASP M 117 20.91 -6.23 83.34
C ASP M 117 19.52 -5.66 83.14
N ALA M 118 19.43 -4.34 83.28
CA ALA M 118 18.16 -3.67 83.06
C ALA M 118 18.33 -2.32 82.39
N TYR M 119 17.29 -1.91 81.68
CA TYR M 119 17.23 -0.62 81.02
C TYR M 119 15.98 0.09 81.50
N ASP M 120 16.15 1.33 82.00
CA ASP M 120 15.04 2.18 82.43
C ASP M 120 14.10 1.44 83.40
N GLY M 121 14.67 0.66 84.29
CA GLY M 121 13.81 -0.03 85.23
C GLY M 121 13.11 -1.23 84.65
N LYS M 122 13.49 -1.63 83.45
CA LYS M 122 12.89 -2.75 82.76
C LYS M 122 13.99 -3.78 82.55
N ASP M 123 13.59 -5.05 82.57
CA ASP M 123 14.50 -6.14 82.23
C ASP M 123 15.07 -5.92 80.83
N TYR M 124 16.38 -6.13 80.67
CA TYR M 124 16.98 -6.05 79.34
C TYR M 124 17.47 -7.43 78.92
N ILE M 125 18.52 -7.95 79.52
CA ILE M 125 19.01 -9.30 79.29
C ILE M 125 19.39 -9.91 80.63
N ALA M 126 19.43 -11.24 80.67
CA ALA M 126 19.86 -11.93 81.88
C ALA M 126 20.67 -13.21 81.57
N LEU M 127 21.56 -13.58 82.48
CA LEU M 127 22.36 -14.78 82.28
C LEU M 127 21.59 -16.00 82.75
N ASN M 128 21.55 -17.03 81.93
CA ASN M 128 20.66 -18.09 82.33
C ASN M 128 21.34 -18.98 83.34
N GLU M 129 20.51 -19.86 83.91
CA GLU M 129 20.98 -20.77 84.94
C GLU M 129 22.22 -21.51 84.46
N ASP M 130 22.17 -22.11 83.27
CA ASP M 130 23.30 -22.94 82.88
C ASP M 130 24.64 -22.18 82.82
N LEU M 131 24.60 -20.84 82.87
CA LEU M 131 25.80 -19.99 82.83
C LEU M 131 26.53 -20.13 81.49
N ARG M 132 25.79 -20.51 80.46
CA ARG M 132 26.33 -20.64 79.11
C ARG M 132 25.47 -19.96 78.05
N SER M 133 24.18 -19.69 78.34
CA SER M 133 23.19 -19.14 77.43
C SER M 133 22.66 -17.82 77.98
N TRP M 134 21.95 -17.09 77.15
CA TRP M 134 21.41 -15.79 77.54
C TRP M 134 19.90 -15.77 77.35
N THR M 135 19.24 -14.82 78.03
CA THR M 135 17.80 -14.56 77.89
C THR M 135 17.56 -13.07 77.65
N ALA M 136 17.06 -12.80 76.45
CA ALA M 136 16.66 -11.47 75.99
C ALA M 136 15.16 -11.25 76.20
N ALA M 137 14.78 -9.99 76.45
CA ALA M 137 13.39 -9.65 76.74
C ALA M 137 12.57 -9.13 75.55
N ASP M 138 13.21 -8.46 74.58
CA ASP M 138 12.53 -7.93 73.39
C ASP M 138 13.46 -8.09 72.19
N MET M 139 13.10 -7.44 71.09
CA MET M 139 13.95 -7.55 69.90
C MET M 139 15.25 -6.76 70.05
N ALA M 140 15.29 -5.75 70.95
CA ALA M 140 16.51 -4.99 71.17
C ALA M 140 17.56 -5.80 71.90
N ALA M 141 17.12 -6.48 72.95
CA ALA M 141 18.04 -7.36 73.64
C ALA M 141 18.43 -8.54 72.78
N GLN M 142 17.59 -8.93 71.82
CA GLN M 142 17.96 -10.02 70.94
C GLN M 142 19.24 -9.70 70.18
N ILE M 143 19.45 -8.42 69.86
CA ILE M 143 20.67 -8.01 69.16
C ILE M 143 21.88 -8.04 70.09
N THR M 144 21.70 -7.59 71.35
CA THR M 144 22.79 -7.71 72.32
C THR M 144 23.13 -9.18 72.54
N LYS M 145 22.09 -9.99 72.79
CA LYS M 145 22.26 -11.43 72.94
C LYS M 145 23.05 -12.03 71.79
N ARG M 146 22.83 -11.53 70.57
CA ARG M 146 23.57 -12.08 69.42
C ARG M 146 25.07 -11.75 69.49
N LYS M 147 25.43 -10.49 69.79
CA LYS M 147 26.85 -10.12 69.75
C LYS M 147 27.63 -10.84 70.85
N TRP M 148 26.99 -11.01 72.00
CA TRP M 148 27.61 -11.66 73.15
C TRP M 148 27.72 -13.15 72.94
N GLU M 149 26.76 -13.76 72.25
CA GLU M 149 26.86 -15.18 71.96
C GLU M 149 28.07 -15.47 71.07
N ALA M 150 28.57 -14.47 70.36
CA ALA M 150 29.72 -14.56 69.46
C ALA M 150 31.03 -14.30 70.14
N ALA M 151 31.12 -13.19 70.87
CA ALA M 151 32.30 -12.89 71.68
C ALA M 151 32.40 -13.77 72.94
N HIS M 152 31.48 -14.73 73.12
CA HIS M 152 31.53 -15.72 74.19
C HIS M 152 31.57 -15.08 75.57
N GLU M 153 30.83 -13.99 75.78
CA GLU M 153 30.87 -13.48 77.13
C GLU M 153 30.25 -14.46 78.11
N ALA M 154 29.46 -15.41 77.62
CA ALA M 154 28.87 -16.40 78.52
C ALA M 154 29.94 -17.31 79.11
N GLU M 155 30.96 -17.70 78.33
CA GLU M 155 31.95 -18.62 78.88
C GLU M 155 33.04 -17.88 79.67
N GLN M 156 33.52 -16.74 79.17
CA GLN M 156 34.48 -15.95 79.93
C GLN M 156 33.87 -15.17 81.06
N LEU M 157 32.56 -15.17 81.20
CA LEU M 157 32.03 -14.73 82.48
C LEU M 157 31.85 -15.90 83.47
N ARG M 158 31.59 -17.12 82.98
CA ARG M 158 31.62 -18.31 83.83
C ARG M 158 32.97 -18.49 84.44
N ALA M 159 33.99 -18.18 83.67
CA ALA M 159 35.34 -18.26 84.20
C ALA M 159 35.48 -17.42 85.46
N TYR M 160 35.14 -16.12 85.36
CA TYR M 160 35.09 -15.22 86.51
C TYR M 160 34.21 -15.70 87.66
N LEU M 161 32.97 -16.07 87.36
CA LEU M 161 32.00 -16.23 88.44
C LEU M 161 32.29 -17.39 89.38
N ASP M 162 32.95 -18.46 88.94
CA ASP M 162 33.37 -19.48 89.89
C ASP M 162 34.88 -19.50 90.08
N GLY M 163 35.57 -18.53 89.50
CA GLY M 163 37.00 -18.43 89.65
C GLY M 163 37.35 -17.17 90.41
N THR M 164 37.64 -16.08 89.70
CA THR M 164 38.13 -14.87 90.34
C THR M 164 37.16 -14.36 91.42
N CYS M 165 35.85 -14.46 91.15
CA CYS M 165 34.83 -14.03 92.12
C CYS M 165 34.84 -14.89 93.38
N VAL M 166 34.81 -16.22 93.19
CA VAL M 166 34.65 -17.12 94.32
C VAL M 166 35.87 -17.05 95.25
N GLU M 167 37.08 -16.85 94.71
CA GLU M 167 38.22 -16.69 95.61
C GLU M 167 38.04 -15.51 96.52
N TRP M 168 37.96 -14.33 95.93
CA TRP M 168 37.91 -13.14 96.76
C TRP M 168 36.73 -13.12 97.70
N LEU M 169 35.66 -13.85 97.40
CA LEU M 169 34.58 -14.00 98.38
C LEU M 169 35.09 -14.69 99.63
N ARG M 170 35.79 -15.81 99.45
CA ARG M 170 36.30 -16.55 100.60
C ARG M 170 37.25 -15.70 101.42
N ARG M 171 38.25 -15.07 100.78
CA ARG M 171 39.13 -14.19 101.52
C ARG M 171 38.37 -13.06 102.15
N TYR M 172 37.35 -12.55 101.46
CA TYR M 172 36.51 -11.53 102.08
C TYR M 172 35.84 -12.06 103.37
N LEU M 173 35.47 -13.34 103.40
CA LEU M 173 34.81 -13.89 104.59
C LEU M 173 35.81 -14.16 105.74
N GLU M 174 37.10 -14.10 105.46
CA GLU M 174 38.12 -14.35 106.46
C GLU M 174 38.79 -13.07 106.93
N ASN M 175 39.09 -12.18 105.99
CA ASN M 175 39.52 -10.83 106.32
C ASN M 175 38.46 -10.07 107.08
N GLY M 176 37.22 -10.55 107.08
CA GLY M 176 36.26 -9.91 107.94
C GLY M 176 35.40 -10.84 108.77
N LYS M 177 35.86 -12.07 109.08
CA LYS M 177 35.00 -12.95 109.87
C LYS M 177 34.55 -12.29 111.18
N GLU M 178 35.26 -11.25 111.65
CA GLU M 178 34.87 -10.54 112.87
C GLU M 178 33.51 -9.85 112.76
N THR M 179 33.20 -9.30 111.58
CA THR M 179 31.96 -8.55 111.39
C THR M 179 31.02 -9.17 110.37
N LEU M 180 31.50 -10.08 109.53
CA LEU M 180 30.62 -10.63 108.52
C LEU M 180 30.04 -11.97 108.95
N GLN M 181 30.78 -12.72 109.76
CA GLN M 181 30.31 -14.03 110.19
C GLN M 181 29.46 -13.93 111.46
N ARG M 182 29.54 -12.81 112.19
CA ARG M 182 28.72 -12.58 113.39
C ARG M 182 27.24 -12.71 113.04
N THR M 183 26.43 -13.14 114.01
CA THR M 183 24.97 -13.08 113.87
C THR M 183 24.36 -12.41 115.11
N ASP M 184 23.94 -11.15 114.97
CA ASP M 184 23.37 -10.41 116.09
C ASP M 184 21.86 -10.66 116.14
N PRO M 185 21.30 -11.09 117.27
CA PRO M 185 19.87 -11.42 117.32
C PRO M 185 19.01 -10.19 117.55
N PRO M 186 17.75 -10.22 117.10
CA PRO M 186 16.86 -9.05 117.24
C PRO M 186 16.38 -8.85 118.67
N LYS M 187 16.53 -7.62 119.16
CA LYS M 187 16.06 -7.18 120.49
C LYS M 187 14.59 -6.79 120.41
N THR M 188 13.70 -7.62 120.98
CA THR M 188 12.26 -7.52 120.77
C THR M 188 11.55 -6.78 121.90
N HIS M 189 10.45 -6.12 121.54
CA HIS M 189 9.57 -5.44 122.47
C HIS M 189 8.30 -5.04 121.72
N MET M 190 7.20 -4.85 122.46
CA MET M 190 5.91 -4.48 121.89
C MET M 190 5.46 -3.10 122.36
N THR M 191 4.67 -2.41 121.53
CA THR M 191 4.08 -1.13 121.90
C THR M 191 2.60 -1.09 121.52
N HIS M 192 1.89 -0.14 122.13
CA HIS M 192 0.45 -0.07 121.96
C HIS M 192 -0.04 1.38 121.83
N HIS M 193 -0.91 1.64 120.80
CA HIS M 193 -1.54 2.93 120.50
C HIS M 193 -3.01 2.84 120.12
N PRO M 194 -3.92 3.43 120.90
CA PRO M 194 -5.35 3.47 120.52
C PRO M 194 -5.61 4.41 119.35
N ILE M 195 -6.35 3.93 118.36
CA ILE M 195 -6.67 4.71 117.17
C ILE M 195 -8.07 5.32 117.24
N SER M 196 -8.96 4.67 117.98
CA SER M 196 -10.33 5.13 118.19
C SER M 196 -10.80 4.52 119.50
N ASP M 197 -12.12 4.50 119.70
CA ASP M 197 -12.68 3.94 120.94
C ASP M 197 -12.46 2.43 121.05
N HIS M 198 -13.13 1.66 120.21
CA HIS M 198 -13.18 0.20 120.25
C HIS M 198 -11.93 -0.48 119.65
N GLU M 199 -10.95 0.28 119.14
CA GLU M 199 -9.89 -0.26 118.32
C GLU M 199 -8.53 0.17 118.84
N ALA M 200 -7.53 -0.65 118.58
CA ALA M 200 -6.18 -0.34 119.03
C ALA M 200 -5.16 -1.01 118.10
N THR M 201 -3.92 -0.54 118.20
CA THR M 201 -2.84 -1.05 117.38
C THR M 201 -1.82 -1.74 118.27
N LEU M 202 -1.55 -3.00 117.98
CA LEU M 202 -0.50 -3.74 118.65
C LEU M 202 0.66 -3.70 117.68
N ARG M 203 1.71 -3.00 118.04
CA ARG M 203 2.86 -2.88 117.15
C ARG M 203 4.01 -3.64 117.78
N CYS M 204 4.54 -4.60 117.04
CA CYS M 204 5.60 -5.49 117.50
C CYS M 204 6.90 -4.98 116.86
N TRP M 205 7.87 -4.59 117.69
CA TRP M 205 9.12 -4.06 117.18
C TRP M 205 10.22 -5.12 117.15
N ALA M 206 11.33 -4.79 116.47
CA ALA M 206 12.52 -5.64 116.48
C ALA M 206 13.69 -4.81 115.97
N LEU M 207 14.65 -4.51 116.86
CA LEU M 207 15.78 -3.68 116.51
C LEU M 207 17.08 -4.48 116.60
N GLY M 208 18.10 -3.97 115.91
CA GLY M 208 19.46 -4.49 115.97
C GLY M 208 19.72 -5.91 115.51
N PHE M 209 19.11 -6.36 114.42
CA PHE M 209 19.36 -7.73 113.98
C PHE M 209 20.32 -7.80 112.81
N TYR M 210 20.91 -8.97 112.66
CA TYR M 210 21.79 -9.25 111.55
C TYR M 210 21.86 -10.77 111.39
N PRO M 211 21.73 -11.30 110.19
CA PRO M 211 21.58 -10.58 108.92
C PRO M 211 20.14 -10.09 108.76
N ALA M 212 19.78 -9.53 107.60
CA ALA M 212 18.50 -8.85 107.45
C ALA M 212 17.34 -9.82 107.28
N GLU M 213 17.62 -11.08 106.94
CA GLU M 213 16.60 -12.11 106.85
C GLU M 213 15.87 -12.26 108.20
N ILE M 214 14.55 -12.07 108.19
CA ILE M 214 13.72 -12.19 109.39
C ILE M 214 12.30 -12.57 108.97
N THR M 215 11.54 -13.12 109.91
CA THR M 215 10.13 -13.50 109.68
C THR M 215 9.31 -13.01 110.87
N LEU M 216 8.37 -12.08 110.64
CA LEU M 216 7.47 -11.55 111.67
C LEU M 216 6.04 -11.96 111.33
N THR M 217 5.43 -12.77 112.19
CA THR M 217 4.11 -13.32 111.93
C THR M 217 3.18 -13.20 113.17
N TRP M 218 2.02 -12.51 113.00
CA TRP M 218 1.00 -12.32 114.05
C TRP M 218 -0.04 -13.44 114.08
N GLN M 219 -0.11 -14.18 115.20
CA GLN M 219 -1.01 -15.32 115.36
C GLN M 219 -1.97 -15.09 116.51
N ARG M 220 -3.26 -15.24 116.22
CA ARG M 220 -4.30 -15.12 117.23
C ARG M 220 -4.45 -16.52 117.78
N ASP M 221 -3.75 -16.78 118.89
CA ASP M 221 -3.72 -18.08 119.54
C ASP M 221 -3.55 -19.25 118.56
N GLY M 222 -2.71 -19.08 117.53
CA GLY M 222 -2.27 -20.16 116.67
C GLY M 222 -2.52 -19.99 115.18
N GLU M 223 -3.41 -19.08 114.78
CA GLU M 223 -3.70 -18.85 113.36
C GLU M 223 -3.38 -17.40 112.96
N ASP M 224 -2.85 -17.26 111.74
CA ASP M 224 -2.30 -16.02 111.24
C ASP M 224 -3.37 -14.99 110.87
N GLN M 225 -3.06 -13.73 111.16
CA GLN M 225 -3.88 -12.60 110.71
C GLN M 225 -3.39 -12.16 109.32
N THR M 226 -3.39 -13.14 108.42
CA THR M 226 -2.95 -12.91 107.06
C THR M 226 -3.77 -11.83 106.39
N GLN M 227 -4.99 -11.62 106.87
CA GLN M 227 -5.89 -10.64 106.30
C GLN M 227 -5.99 -9.39 107.17
N ASP M 228 -5.15 -9.29 108.22
CA ASP M 228 -5.20 -8.18 109.17
C ASP M 228 -3.84 -7.61 109.56
N THR M 229 -2.75 -8.25 109.16
CA THR M 229 -1.42 -7.89 109.61
C THR M 229 -0.80 -6.86 108.68
N GLU M 230 -0.07 -5.92 109.24
CA GLU M 230 0.79 -5.03 108.46
C GLU M 230 2.25 -5.18 108.84
N LEU M 231 3.09 -5.48 107.86
CA LEU M 231 4.53 -5.62 108.02
C LEU M 231 5.20 -4.55 107.16
N VAL M 232 6.25 -3.90 107.68
CA VAL M 232 6.92 -2.84 106.93
C VAL M 232 8.22 -3.36 106.33
N GLU M 233 8.75 -2.55 105.41
CA GLU M 233 10.06 -2.77 104.79
C GLU M 233 11.13 -2.83 105.87
N THR M 234 11.95 -3.90 105.86
CA THR M 234 13.17 -3.88 106.65
C THR M 234 13.93 -2.61 106.33
N ARG M 235 14.28 -1.89 107.35
CA ARG M 235 14.94 -0.66 107.04
C ARG M 235 16.31 -0.70 107.69
N PRO M 236 17.28 0.03 107.15
CA PRO M 236 18.63 0.02 107.73
C PRO M 236 18.71 0.92 108.97
N ALA M 237 19.36 0.42 110.02
CA ALA M 237 19.61 1.24 111.21
C ALA M 237 20.72 2.25 110.98
N GLY M 238 21.65 1.97 110.08
CA GLY M 238 22.75 2.87 109.82
C GLY M 238 24.07 2.45 110.44
N ASP M 239 24.09 1.29 111.10
CA ASP M 239 25.26 0.83 111.82
C ASP M 239 25.59 -0.63 111.52
N GLY M 240 24.90 -1.25 110.58
CA GLY M 240 25.06 -2.66 110.38
C GLY M 240 23.95 -3.50 110.95
N THR M 241 22.99 -2.91 111.64
CA THR M 241 21.82 -3.66 112.02
C THR M 241 20.60 -3.04 111.37
N PHE M 242 19.50 -3.78 111.46
CA PHE M 242 18.31 -3.46 110.70
C PHE M 242 17.11 -3.49 111.64
N GLN M 243 16.02 -2.88 111.19
CA GLN M 243 14.80 -2.83 111.97
C GLN M 243 13.64 -3.16 111.06
N LYS M 244 12.71 -3.97 111.57
CA LYS M 244 11.48 -4.28 110.86
C LYS M 244 10.43 -4.54 111.92
N TRP M 245 9.25 -3.99 111.73
CA TRP M 245 8.19 -4.13 112.71
C TRP M 245 6.89 -4.49 112.01
N ALA M 246 6.03 -5.17 112.75
CA ALA M 246 4.73 -5.54 112.25
C ALA M 246 3.68 -5.09 113.25
N ALA M 247 2.49 -4.75 112.74
CA ALA M 247 1.40 -4.33 113.61
C ALA M 247 0.10 -4.93 113.11
N VAL M 248 -0.78 -5.21 114.05
CA VAL M 248 -2.10 -5.73 113.75
C VAL M 248 -3.07 -4.91 114.58
N VAL M 249 -4.21 -4.58 114.00
CA VAL M 249 -5.25 -3.83 114.72
C VAL M 249 -6.17 -4.82 115.42
N VAL M 250 -6.33 -4.65 116.72
CA VAL M 250 -7.06 -5.61 117.52
C VAL M 250 -8.19 -4.86 118.23
N PRO M 251 -9.33 -5.50 118.48
CA PRO M 251 -10.38 -4.82 119.22
C PRO M 251 -9.91 -4.55 120.64
N SER M 252 -10.20 -3.36 121.12
CA SER M 252 -9.75 -2.97 122.46
C SER M 252 -10.32 -3.93 123.50
N GLY M 253 -9.43 -4.47 124.35
CA GLY M 253 -9.82 -5.42 125.37
C GLY M 253 -9.53 -6.86 125.04
N GLU M 254 -9.15 -7.16 123.79
CA GLU M 254 -8.68 -8.48 123.40
C GLU M 254 -7.18 -8.47 123.17
N GLU M 255 -6.46 -7.66 123.94
CA GLU M 255 -5.07 -7.49 123.59
C GLU M 255 -4.26 -8.69 123.97
N GLN M 256 -4.87 -9.64 124.66
CA GLN M 256 -4.19 -10.84 125.08
C GLN M 256 -4.35 -12.01 124.12
N ARG M 257 -5.46 -12.10 123.40
CA ARG M 257 -5.65 -13.23 122.51
C ARG M 257 -4.64 -13.24 121.35
N TYR M 258 -4.07 -12.09 121.02
CA TYR M 258 -3.13 -11.97 119.91
C TYR M 258 -1.70 -12.16 120.39
N THR M 259 -0.93 -12.94 119.63
CA THR M 259 0.49 -13.16 119.92
C THR M 259 1.32 -12.91 118.67
N CYS M 260 2.57 -12.50 118.88
CA CYS M 260 3.49 -12.14 117.81
C CYS M 260 4.66 -13.15 117.80
N HIS M 261 5.10 -13.55 116.59
CA HIS M 261 6.13 -14.58 116.44
C HIS M 261 7.30 -14.10 115.59
N VAL M 262 8.51 -14.21 116.15
CA VAL M 262 9.77 -13.75 115.56
C VAL M 262 10.67 -14.95 115.23
N GLN M 263 11.12 -15.04 113.98
CA GLN M 263 12.06 -16.09 113.52
C GLN M 263 13.26 -15.44 112.84
N HIS M 264 14.45 -15.68 113.38
CA HIS M 264 15.70 -15.07 112.91
C HIS M 264 16.78 -16.15 112.98
N GLU M 265 17.92 -15.89 112.33
CA GLU M 265 19.00 -16.87 112.37
C GLU M 265 19.67 -16.94 113.73
N GLY M 266 19.85 -15.78 114.39
CA GLY M 266 20.53 -15.55 115.65
C GLY M 266 19.70 -15.72 116.90
N LEU M 267 18.45 -16.15 116.71
CA LEU M 267 17.54 -16.46 117.80
C LEU M 267 17.51 -17.97 117.95
N PRO M 268 17.82 -18.53 119.13
CA PRO M 268 17.83 -20.00 119.30
C PRO M 268 16.54 -20.74 118.92
N LYS M 269 15.43 -20.40 119.58
CA LYS M 269 14.11 -20.92 119.26
C LYS M 269 13.13 -19.74 119.23
N PRO M 270 12.06 -19.82 118.43
CA PRO M 270 11.21 -18.64 118.21
C PRO M 270 10.80 -17.92 119.48
N LEU M 271 10.97 -16.60 119.49
CA LEU M 271 10.51 -15.77 120.59
C LEU M 271 9.04 -15.52 120.32
N THR M 272 8.21 -15.63 121.36
CA THR M 272 6.81 -15.22 121.22
C THR M 272 6.56 -14.12 122.23
N LEU M 273 6.02 -13.01 121.74
CA LEU M 273 5.74 -11.84 122.56
C LEU M 273 4.24 -11.67 122.64
N ARG M 274 3.79 -11.24 123.82
CA ARG M 274 2.40 -11.00 124.09
C ARG M 274 2.29 -9.76 124.95
N TRP M 275 1.06 -9.28 125.05
CA TRP M 275 0.79 -8.05 125.79
C TRP M 275 -0.32 -8.34 126.79
N GLU M 276 -0.14 -7.71 127.98
CA GLU M 276 -1.03 -7.70 129.18
C GLU M 276 -1.15 -6.25 129.75
N LEU M 277 -2.30 -5.50 129.45
CA LEU M 277 -2.91 -4.42 130.39
C LEU M 277 -2.40 -4.24 131.88
N ILE N 2 6.67 2.09 83.88
CA ILE N 2 7.99 2.54 83.44
C ILE N 2 8.47 3.55 84.51
N GLN N 3 7.66 3.71 85.59
CA GLN N 3 7.82 4.71 86.66
C GLN N 3 7.18 4.24 87.98
N ARG N 4 7.91 4.36 89.10
CA ARG N 4 7.42 4.06 90.45
C ARG N 4 7.69 5.18 91.45
N THR N 5 6.80 5.30 92.47
CA THR N 5 6.64 6.25 93.57
C THR N 5 7.49 5.90 94.81
N PRO N 6 8.16 6.88 95.42
CA PRO N 6 8.97 6.60 96.61
C PRO N 6 8.10 6.23 97.80
N LYS N 7 8.64 5.35 98.61
CA LYS N 7 8.04 4.94 99.86
C LYS N 7 8.92 5.53 100.95
N ILE N 8 8.34 6.27 101.91
CA ILE N 8 9.14 6.99 102.91
C ILE N 8 8.85 6.48 104.33
N GLN N 9 9.93 6.20 105.08
CA GLN N 9 9.94 5.85 106.50
C GLN N 9 10.90 6.78 107.19
N VAL N 10 10.45 7.40 108.29
CA VAL N 10 11.27 8.28 109.13
C VAL N 10 11.44 7.63 110.49
N TYR N 11 12.68 7.61 111.01
CA TYR N 11 12.92 6.96 112.30
C TYR N 11 14.29 7.34 112.86
N SER N 12 14.54 6.83 114.05
CA SER N 12 15.79 7.00 114.78
C SER N 12 16.49 5.65 114.96
N ARG N 13 17.83 5.70 114.93
CA ARG N 13 18.66 4.50 114.95
C ARG N 13 18.45 3.69 116.22
N HIS N 14 18.72 4.31 117.35
CA HIS N 14 18.57 3.73 118.66
C HIS N 14 17.25 4.20 119.20
N PRO N 15 16.69 3.54 120.20
CA PRO N 15 15.52 4.13 120.87
C PRO N 15 15.85 5.56 121.33
N ALA N 16 14.94 6.47 121.01
CA ALA N 16 15.24 7.90 121.15
C ALA N 16 15.07 8.29 122.59
N GLU N 17 16.09 8.95 123.14
CA GLU N 17 16.00 9.44 124.50
C GLU N 17 16.47 10.89 124.54
N ASN N 18 15.63 11.76 125.11
CA ASN N 18 15.93 13.18 125.14
C ASN N 18 17.24 13.45 125.88
N GLY N 19 18.02 14.39 125.34
CA GLY N 19 19.31 14.78 125.87
C GLY N 19 20.47 13.90 125.44
N LYS N 20 20.20 12.69 124.97
CA LYS N 20 21.23 11.74 124.57
C LYS N 20 21.39 11.69 123.05
N SER N 21 22.64 11.73 122.61
CA SER N 21 22.96 11.67 121.19
C SER N 21 22.48 10.37 120.56
N ASN N 22 21.87 10.49 119.39
CA ASN N 22 21.27 9.38 118.67
C ASN N 22 21.37 9.67 117.18
N PHE N 23 20.66 8.91 116.37
CA PHE N 23 20.67 9.19 114.95
C PHE N 23 19.26 9.26 114.40
N LEU N 24 19.03 10.21 113.49
CA LEU N 24 17.80 10.34 112.71
C LEU N 24 17.97 9.83 111.28
N ASN N 25 17.14 8.88 110.88
CA ASN N 25 17.24 8.25 109.57
C ASN N 25 15.97 8.47 108.75
N CYS N 26 16.11 8.76 107.45
CA CYS N 26 14.98 8.85 106.53
C CYS N 26 15.23 7.96 105.30
N TYR N 27 14.42 6.89 105.16
CA TYR N 27 14.59 5.80 104.20
C TYR N 27 13.54 5.89 103.11
N VAL N 28 13.98 6.16 101.87
CA VAL N 28 13.13 6.22 100.68
C VAL N 28 13.47 5.02 99.80
N SER N 29 12.49 4.16 99.58
CA SER N 29 12.73 2.90 98.88
C SER N 29 11.69 2.66 97.80
N GLY N 30 12.07 1.88 96.80
CA GLY N 30 11.10 1.41 95.83
C GLY N 30 10.65 2.42 94.81
N PHE N 31 11.49 3.43 94.51
CA PHE N 31 11.12 4.52 93.61
C PHE N 31 11.91 4.46 92.30
N HIS N 32 11.27 4.94 91.23
CA HIS N 32 11.84 4.97 89.87
C HIS N 32 11.28 6.14 89.09
N PRO N 33 12.12 6.99 88.47
CA PRO N 33 13.59 6.91 88.38
C PRO N 33 14.40 7.44 89.59
N SER N 34 15.70 7.59 89.33
CA SER N 34 16.72 7.76 90.35
C SER N 34 16.89 9.19 90.82
N ASP N 35 16.53 10.20 90.03
CA ASP N 35 16.69 11.58 90.49
C ASP N 35 15.73 11.79 91.65
N ILE N 36 16.26 12.08 92.83
CA ILE N 36 15.42 12.31 94.00
C ILE N 36 16.02 13.47 94.77
N GLU N 37 15.14 14.29 95.32
CA GLU N 37 15.50 15.43 96.16
C GLU N 37 14.93 15.13 97.54
N VAL N 38 15.80 15.01 98.55
CA VAL N 38 15.35 14.68 99.90
C VAL N 38 15.99 15.64 100.90
N ASP N 39 15.15 16.23 101.75
CA ASP N 39 15.58 17.14 102.82
C ASP N 39 15.07 16.69 104.16
N LEU N 40 15.96 16.74 105.14
CA LEU N 40 15.61 16.56 106.55
C LEU N 40 15.33 17.95 107.13
N LEU N 41 14.17 18.08 107.79
CA LEU N 41 13.69 19.36 108.27
C LEU N 41 13.60 19.31 109.79
N LYS N 42 14.10 20.34 110.45
CA LYS N 42 14.00 20.46 111.90
C LYS N 42 13.18 21.70 112.19
N ASN N 43 11.96 21.48 112.72
CA ASN N 43 11.05 22.58 113.06
C ASN N 43 10.78 23.47 111.84
N GLY N 44 10.62 22.83 110.69
CA GLY N 44 10.32 23.52 109.46
C GLY N 44 11.51 24.05 108.70
N GLU N 45 12.73 23.88 109.22
CA GLU N 45 13.94 24.45 108.64
C GLU N 45 14.77 23.36 107.96
N ARG N 46 15.49 23.75 106.91
CA ARG N 46 16.30 22.78 106.19
C ARG N 46 17.57 22.52 107.01
N ILE N 47 17.79 21.24 107.37
CA ILE N 47 19.02 20.85 108.08
C ILE N 47 20.20 20.95 107.11
N GLU N 48 21.36 21.31 107.65
CA GLU N 48 22.48 21.70 106.79
C GLU N 48 23.43 20.53 106.45
N LYS N 49 24.05 19.88 107.46
CA LYS N 49 24.96 18.75 107.21
C LYS N 49 24.15 17.47 107.30
N VAL N 50 23.89 16.84 106.15
CA VAL N 50 23.15 15.58 106.07
C VAL N 50 23.84 14.64 105.09
N GLU N 51 24.09 13.39 105.53
CA GLU N 51 24.67 12.39 104.66
C GLU N 51 23.62 11.40 104.15
N HIS N 52 23.92 10.82 102.99
CA HIS N 52 23.05 9.86 102.33
C HIS N 52 23.86 8.66 101.90
N SER N 53 23.16 7.56 101.69
CA SER N 53 23.84 6.34 101.29
C SER N 53 24.16 6.41 99.80
N ASP N 54 24.98 5.46 99.35
CA ASP N 54 25.36 5.38 97.95
C ASP N 54 24.25 4.63 97.22
N LEU N 55 23.78 5.16 96.09
CA LEU N 55 22.59 4.56 95.50
C LEU N 55 22.79 3.09 95.14
N SER N 56 21.79 2.28 95.47
CA SER N 56 21.74 0.88 95.08
C SER N 56 20.27 0.57 94.76
N PHE N 57 20.00 -0.65 94.33
CA PHE N 57 18.64 -0.98 93.90
C PHE N 57 18.30 -2.40 94.31
N SER N 58 17.00 -2.71 94.29
CA SER N 58 16.44 -3.97 94.77
C SER N 58 16.41 -4.99 93.62
N LYS N 59 15.78 -6.15 93.82
CA LYS N 59 15.68 -7.06 92.69
C LYS N 59 14.66 -6.62 91.64
N ASP N 60 13.67 -5.76 91.97
CA ASP N 60 12.74 -5.28 90.93
C ASP N 60 13.27 -4.06 90.19
N TRP N 61 14.54 -3.71 90.37
CA TRP N 61 15.20 -2.61 89.67
C TRP N 61 14.85 -1.26 90.29
N SER N 62 14.13 -1.23 91.41
CA SER N 62 13.82 0.02 92.10
C SER N 62 14.95 0.43 93.05
N PHE N 63 15.05 1.72 93.27
CA PHE N 63 16.13 2.27 94.08
C PHE N 63 15.74 2.34 95.56
N TYR N 64 16.78 2.39 96.42
CA TYR N 64 16.62 2.64 97.85
C TYR N 64 17.79 3.45 98.38
N LEU N 65 17.45 4.48 99.14
CA LEU N 65 18.43 5.42 99.68
C LEU N 65 18.09 5.69 101.13
N LEU N 66 19.11 5.88 101.96
CA LEU N 66 18.95 6.24 103.36
C LEU N 66 19.69 7.55 103.61
N TYR N 67 18.97 8.59 103.98
CA TYR N 67 19.60 9.85 104.36
C TYR N 67 19.61 9.92 105.88
N TYR N 68 20.76 10.24 106.46
CA TYR N 68 20.85 10.27 107.91
C TYR N 68 21.67 11.45 108.40
N THR N 69 21.39 11.84 109.65
CA THR N 69 22.12 12.85 110.40
C THR N 69 21.97 12.57 111.89
N GLU N 70 23.04 12.87 112.62
CA GLU N 70 23.05 12.77 114.06
C GLU N 70 22.28 13.92 114.68
N PHE N 71 21.62 13.63 115.79
CA PHE N 71 20.84 14.61 116.50
C PHE N 71 20.87 14.31 118.00
N THR N 72 20.58 15.33 118.79
CA THR N 72 20.36 15.17 120.23
C THR N 72 18.93 15.60 120.51
N PRO N 73 18.00 14.65 120.63
CA PRO N 73 16.57 14.99 120.69
C PRO N 73 16.22 15.66 122.01
N THR N 74 15.55 16.79 121.93
CA THR N 74 14.82 17.28 123.09
C THR N 74 13.34 16.98 122.86
N GLU N 75 12.50 17.38 123.81
CA GLU N 75 11.08 17.22 123.58
C GLU N 75 10.49 18.40 122.80
N LYS N 76 11.16 19.56 122.81
CA LYS N 76 10.69 20.68 122.01
C LYS N 76 11.30 20.67 120.61
N ASP N 77 11.59 19.47 120.08
CA ASP N 77 12.06 19.33 118.71
C ASP N 77 11.12 18.41 117.94
N GLU N 78 10.68 18.87 116.78
CA GLU N 78 9.92 18.08 115.82
C GLU N 78 10.83 17.75 114.65
N TYR N 79 10.78 16.50 114.19
CA TYR N 79 11.59 16.14 113.04
C TYR N 79 10.69 15.61 111.93
N ALA N 80 11.00 16.04 110.70
CA ALA N 80 10.22 15.70 109.52
C ALA N 80 11.12 15.64 108.30
N CYS N 81 10.62 14.98 107.25
CA CYS N 81 11.38 14.71 106.03
C CYS N 81 10.57 15.23 104.86
N ARG N 82 11.19 15.98 103.95
CA ARG N 82 10.53 16.48 102.75
C ARG N 82 11.12 15.81 101.51
N VAL N 83 10.28 15.10 100.76
CA VAL N 83 10.69 14.37 99.56
C VAL N 83 9.88 14.86 98.36
N ASN N 84 10.57 15.23 97.29
CA ASN N 84 9.96 15.59 96.02
C ASN N 84 10.54 14.70 94.94
N HIS N 85 9.68 14.19 94.07
CA HIS N 85 10.10 13.26 93.03
C HIS N 85 9.34 13.63 91.76
N VAL N 86 9.83 13.13 90.62
CA VAL N 86 9.05 13.35 89.40
C VAL N 86 7.68 12.69 89.56
N THR N 87 7.62 11.56 90.26
CA THR N 87 6.35 10.86 90.52
C THR N 87 5.45 11.58 91.51
N LEU N 88 5.95 12.58 92.25
CA LEU N 88 5.18 13.26 93.29
C LEU N 88 4.83 14.66 92.81
N SER N 89 3.53 14.95 92.80
CA SER N 89 3.09 16.26 92.35
C SER N 89 3.73 17.37 93.17
N GLN N 90 3.47 17.38 94.46
CA GLN N 90 4.05 18.36 95.35
C GLN N 90 5.00 17.72 96.34
N PRO N 91 5.93 18.50 96.90
CA PRO N 91 6.79 17.97 97.96
C PRO N 91 5.93 17.36 99.06
N LYS N 92 6.22 16.10 99.37
CA LYS N 92 5.54 15.35 100.41
C LYS N 92 6.42 15.38 101.65
N ILE N 93 5.84 15.78 102.79
CA ILE N 93 6.56 15.87 104.06
C ILE N 93 5.98 14.84 105.02
N VAL N 94 6.85 13.99 105.59
CA VAL N 94 6.45 12.96 106.55
C VAL N 94 7.23 13.21 107.85
N LYS N 95 6.53 13.32 108.98
CA LYS N 95 7.20 13.66 110.24
C LYS N 95 7.66 12.43 111.04
N TRP N 96 8.59 12.71 111.96
CA TRP N 96 9.14 11.68 112.83
C TRP N 96 8.23 11.52 114.04
N ASP N 97 7.77 10.30 114.22
CA ASP N 97 6.97 9.90 115.36
C ASP N 97 7.88 9.20 116.37
N ARG N 98 7.45 9.15 117.64
CA ARG N 98 8.21 8.41 118.65
C ARG N 98 8.05 6.91 118.48
N ASP N 99 6.99 6.50 117.79
CA ASP N 99 6.75 5.11 117.40
C ASP N 99 5.83 5.03 116.15
N VAL O 1 35.71 -9.17 93.94
CA VAL O 1 36.52 -8.24 93.18
C VAL O 1 35.71 -7.92 91.89
N VAL O 2 35.99 -6.79 91.21
CA VAL O 2 35.24 -6.45 90.01
C VAL O 2 35.73 -7.36 88.89
N VAL O 3 34.84 -7.66 87.94
CA VAL O 3 35.27 -8.42 86.78
C VAL O 3 36.52 -7.77 86.20
N GLY O 4 37.48 -8.63 85.85
CA GLY O 4 38.85 -8.28 85.52
C GLY O 4 39.07 -7.71 84.13
N ALA O 5 38.41 -8.29 83.11
CA ALA O 5 38.49 -7.81 81.74
C ALA O 5 37.08 -7.53 81.23
N VAL O 6 36.76 -6.25 81.02
CA VAL O 6 35.49 -5.86 80.42
C VAL O 6 35.51 -6.21 78.94
N GLY O 7 34.40 -6.70 78.42
CA GLY O 7 34.39 -7.12 77.05
C GLY O 7 33.64 -6.17 76.13
N VAL O 8 32.86 -6.77 75.22
CA VAL O 8 32.18 -6.01 74.21
C VAL O 8 31.00 -5.25 74.81
N GLY O 9 30.63 -4.14 74.15
CA GLY O 9 29.47 -3.36 74.58
C GLY O 9 28.18 -4.12 74.37
N LYS O 10 27.05 -3.40 74.43
CA LYS O 10 25.72 -4.03 74.24
C LYS O 10 25.26 -3.98 72.75
N ASP P 4 50.36 0.52 29.71
CA ASP P 4 49.32 -0.27 29.03
C ASP P 4 47.88 0.02 29.51
N SER P 5 46.89 -0.24 28.67
CA SER P 5 45.51 -0.12 29.15
C SER P 5 44.74 -1.37 28.81
N VAL P 6 44.81 -1.77 27.56
CA VAL P 6 44.24 -3.01 27.08
C VAL P 6 45.40 -3.84 26.55
N THR P 7 45.32 -5.15 26.73
CA THR P 7 46.37 -6.04 26.22
C THR P 7 45.80 -7.37 25.77
N GLN P 8 46.00 -7.64 24.49
CA GLN P 8 45.68 -8.93 23.89
C GLN P 8 47.01 -9.68 23.74
N LYS P 9 47.28 -10.64 24.64
CA LYS P 9 48.61 -11.27 24.60
C LYS P 9 48.79 -12.01 23.29
N GLU P 10 47.74 -12.68 22.82
CA GLU P 10 47.86 -13.50 21.62
C GLU P 10 47.72 -12.57 20.41
N GLY P 11 48.73 -12.53 19.55
CA GLY P 11 48.68 -11.70 18.37
C GLY P 11 47.96 -12.39 17.22
N LEU P 12 48.03 -13.73 17.18
CA LEU P 12 47.48 -14.50 16.07
C LEU P 12 47.02 -15.90 16.51
N VAL P 13 45.83 -16.30 16.07
CA VAL P 13 45.22 -17.56 16.46
C VAL P 13 44.88 -18.35 15.21
N THR P 14 45.26 -19.63 15.18
CA THR P 14 45.05 -20.50 14.03
C THR P 14 44.23 -21.74 14.39
N LEU P 15 43.11 -21.98 13.72
CA LEU P 15 42.36 -23.18 14.07
C LEU P 15 41.72 -23.86 12.88
N THR P 16 41.56 -25.17 13.03
CA THR P 16 40.72 -25.96 12.15
C THR P 16 39.26 -25.65 12.44
N GLU P 17 38.43 -25.77 11.42
CA GLU P 17 36.99 -25.68 11.61
C GLU P 17 36.54 -26.75 12.60
N GLY P 18 35.55 -26.39 13.44
CA GLY P 18 34.98 -27.28 14.44
C GLY P 18 35.58 -27.16 15.84
N LEU P 19 36.69 -26.45 15.98
CA LEU P 19 37.43 -26.29 17.22
C LEU P 19 36.93 -25.05 17.96
N PRO P 20 36.80 -25.05 19.29
CA PRO P 20 36.29 -23.87 19.99
C PRO P 20 37.30 -22.76 20.02
N VAL P 21 36.81 -21.53 20.11
CA VAL P 21 37.67 -20.36 19.90
C VAL P 21 37.72 -19.48 21.14
N MET P 22 38.91 -18.96 21.42
CA MET P 22 39.11 -18.01 22.51
C MET P 22 40.24 -17.02 22.23
N LEU P 23 39.96 -15.72 22.23
CA LEU P 23 41.00 -14.71 22.13
C LEU P 23 41.17 -14.01 23.47
N ASN P 24 42.42 -13.87 23.91
CA ASN P 24 42.71 -13.24 25.21
C ASN P 24 42.71 -11.74 25.17
N CYS P 25 42.00 -11.14 26.13
CA CYS P 25 41.89 -9.70 26.31
C CYS P 25 41.85 -9.38 27.80
N THR P 26 42.82 -8.59 28.25
CA THR P 26 42.92 -8.10 29.61
C THR P 26 43.05 -6.58 29.61
N TYR P 27 42.67 -5.96 30.73
CA TYR P 27 42.73 -4.51 30.76
C TYR P 27 43.20 -3.99 32.12
N GLN P 28 43.62 -2.73 32.10
CA GLN P 28 44.15 -2.04 33.29
C GLN P 28 43.47 -0.68 33.33
N THR P 29 42.50 -0.52 34.22
CA THR P 29 41.88 0.77 34.42
C THR P 29 42.07 1.23 35.85
N ILE P 30 42.02 2.55 36.00
CA ILE P 30 42.07 3.20 37.30
C ILE P 30 40.70 3.69 37.77
N TYR P 31 39.65 3.53 37.01
CA TYR P 31 38.31 3.94 37.45
C TYR P 31 37.41 2.69 37.60
N SER P 32 36.15 2.90 38.00
CA SER P 32 35.13 1.84 37.95
C SER P 32 34.23 1.85 36.72
N ASN P 33 34.17 2.96 35.99
CA ASN P 33 33.34 3.07 34.78
C ASN P 33 33.97 2.29 33.64
N ALA P 34 33.66 1.00 33.56
CA ALA P 34 34.37 0.09 32.67
C ALA P 34 33.44 -0.42 31.58
N PHE P 35 33.68 -0.02 30.34
CA PHE P 35 32.95 -0.50 29.16
C PHE P 35 33.91 -1.23 28.28
N LEU P 36 33.59 -2.48 27.99
CA LEU P 36 34.45 -3.32 27.18
C LEU P 36 33.79 -3.68 25.87
N PHE P 37 34.60 -3.65 24.82
CA PHE P 37 34.13 -3.92 23.49
C PHE P 37 35.06 -4.88 22.80
N TRP P 38 34.43 -5.71 22.00
CA TRP P 38 35.06 -6.38 20.90
C TRP P 38 34.52 -5.75 19.62
N TYR P 39 35.42 -5.34 18.74
CA TYR P 39 35.09 -4.81 17.43
C TYR P 39 35.73 -5.73 16.41
N VAL P 40 35.02 -6.05 15.32
CA VAL P 40 35.59 -6.93 14.30
C VAL P 40 35.78 -6.14 13.02
N HIS P 41 36.85 -6.45 12.30
CA HIS P 41 37.20 -5.74 11.08
C HIS P 41 37.66 -6.82 10.12
N TYR P 42 36.79 -7.23 9.18
CA TYR P 42 37.12 -8.15 8.08
C TYR P 42 37.89 -7.41 7.01
N LEU P 43 38.46 -8.15 6.05
CA LEU P 43 39.25 -7.46 5.04
C LEU P 43 38.35 -6.73 4.06
N ASN P 44 38.80 -5.50 3.70
CA ASN P 44 38.11 -4.62 2.75
C ASN P 44 36.78 -4.15 3.28
N GLU P 45 36.70 -3.98 4.59
CA GLU P 45 35.51 -3.49 5.24
C GLU P 45 35.90 -2.46 6.28
N SER P 46 34.92 -1.92 6.89
CA SER P 46 35.18 -1.15 8.08
C SER P 46 34.95 -1.98 9.35
N PRO P 47 35.61 -1.58 10.45
CA PRO P 47 35.37 -2.23 11.74
C PRO P 47 33.94 -2.02 12.24
N ARG P 48 33.32 -3.09 12.71
CA ARG P 48 32.01 -2.95 13.35
C ARG P 48 32.01 -3.66 14.70
N LEU P 49 30.93 -3.39 15.43
CA LEU P 49 30.74 -3.92 16.78
C LEU P 49 30.40 -5.39 16.81
N LEU P 50 31.07 -6.14 17.69
CA LEU P 50 30.74 -7.54 17.94
C LEU P 50 29.84 -7.77 19.15
N LEU P 51 30.26 -7.30 20.32
CA LEU P 51 29.46 -7.31 21.52
C LEU P 51 30.10 -6.42 22.56
N LYS P 52 29.30 -6.06 23.55
CA LYS P 52 29.73 -5.10 24.55
C LYS P 52 29.09 -5.42 25.89
N SER P 53 29.71 -4.94 26.95
CA SER P 53 29.14 -4.96 28.30
C SER P 53 29.97 -4.08 29.22
N SER P 54 29.33 -3.71 30.35
CA SER P 54 30.03 -3.16 31.51
C SER P 54 29.67 -3.92 32.78
N THR P 55 28.96 -5.04 32.67
CA THR P 55 28.38 -5.75 33.81
C THR P 55 29.21 -7.00 34.09
N ASP P 56 29.73 -7.11 35.32
CA ASP P 56 30.50 -8.27 35.74
C ASP P 56 29.59 -9.50 35.85
N ASN P 57 30.03 -10.59 35.21
CA ASN P 57 29.37 -11.91 35.25
C ASN P 57 27.94 -11.83 34.72
N LYS P 58 27.73 -10.93 33.76
CA LYS P 58 26.60 -10.93 32.87
C LYS P 58 27.18 -11.46 31.58
N ARG P 59 26.80 -12.66 31.19
CA ARG P 59 27.24 -13.17 29.90
C ARG P 59 26.64 -12.33 28.78
N THR P 60 27.48 -11.92 27.81
CA THR P 60 26.99 -11.26 26.59
C THR P 60 27.23 -12.14 25.39
N GLU P 61 26.21 -12.27 24.57
CA GLU P 61 26.24 -13.08 23.37
C GLU P 61 25.69 -12.23 22.24
N HIS P 62 26.22 -12.43 21.03
CA HIS P 62 25.79 -11.71 19.83
C HIS P 62 26.38 -12.42 18.60
N GLN P 63 25.52 -12.98 17.73
CA GLN P 63 25.96 -13.64 16.50
C GLN P 63 26.83 -14.86 16.80
N GLY P 64 26.44 -15.69 17.77
CA GLY P 64 27.18 -16.90 18.03
C GLY P 64 28.45 -16.74 18.87
N PHE P 65 28.96 -15.53 18.98
CA PHE P 65 30.05 -15.21 19.89
C PHE P 65 29.48 -14.93 21.27
N HIS P 66 30.31 -15.11 22.30
CA HIS P 66 29.92 -14.65 23.64
C HIS P 66 31.13 -14.24 24.46
N ALA P 67 30.89 -13.30 25.37
CA ALA P 67 31.90 -12.93 26.32
C ALA P 67 31.20 -12.59 27.61
N THR P 68 31.91 -12.82 28.71
CA THR P 68 31.49 -12.48 30.05
C THR P 68 32.59 -11.62 30.65
N LEU P 69 32.22 -10.46 31.19
CA LEU P 69 33.22 -9.62 31.82
C LEU P 69 33.50 -10.15 33.20
N HIS P 70 34.80 -10.31 33.53
CA HIS P 70 35.28 -10.75 34.84
C HIS P 70 36.16 -9.59 35.26
N LYS P 71 35.52 -8.59 35.88
CA LYS P 71 36.21 -7.37 36.28
C LYS P 71 37.27 -7.67 37.32
N SER P 72 37.01 -8.68 38.18
CA SER P 72 37.95 -9.05 39.23
C SER P 72 39.31 -9.41 38.65
N SER P 73 39.32 -10.17 37.57
CA SER P 73 40.55 -10.58 36.91
C SER P 73 40.82 -9.77 35.64
N SER P 74 40.05 -8.69 35.39
CA SER P 74 40.24 -7.73 34.28
C SER P 74 40.32 -8.40 32.90
N SER P 75 39.42 -9.33 32.68
CA SER P 75 39.42 -10.17 31.51
C SER P 75 38.11 -9.98 30.79
N PHE P 76 38.18 -10.11 29.49
CA PHE P 76 37.03 -10.01 28.69
C PHE P 76 37.46 -10.86 27.52
N HIS P 77 37.46 -12.13 27.80
CA HIS P 77 37.78 -13.06 26.75
C HIS P 77 36.60 -13.37 25.86
N LEU P 78 36.90 -13.40 24.57
CA LEU P 78 35.93 -13.61 23.54
C LEU P 78 35.93 -15.07 23.14
N GLN P 79 34.74 -15.69 23.11
CA GLN P 79 34.66 -17.12 22.85
C GLN P 79 33.58 -17.47 21.85
N LYS P 80 33.87 -18.47 21.02
CA LYS P 80 32.83 -19.07 20.20
C LYS P 80 33.03 -20.56 20.24
N SER P 81 31.89 -21.24 20.22
CA SER P 81 31.82 -22.67 20.47
C SER P 81 32.54 -23.46 19.40
N SER P 82 32.31 -23.15 18.13
CA SER P 82 32.81 -23.99 17.04
C SER P 82 33.32 -23.12 15.90
N ALA P 83 34.56 -23.39 15.47
CA ALA P 83 35.20 -22.63 14.40
C ALA P 83 34.51 -22.83 13.06
N GLN P 84 34.34 -21.73 12.32
CA GLN P 84 33.89 -21.77 10.94
C GLN P 84 34.91 -21.04 10.08
N LEU P 85 35.05 -21.50 8.81
CA LEU P 85 35.99 -20.89 7.86
C LEU P 85 35.61 -19.42 7.63
N SER P 86 34.35 -19.05 7.96
CA SER P 86 33.81 -17.70 7.74
C SER P 86 34.30 -16.65 8.75
N ASP P 87 34.97 -17.05 9.83
CA ASP P 87 35.24 -16.12 10.93
C ASP P 87 36.55 -15.37 10.79
N SER P 88 37.36 -15.71 9.79
CA SER P 88 38.69 -15.14 9.61
C SER P 88 38.65 -13.62 9.62
N ALA P 89 39.30 -13.00 10.60
CA ALA P 89 39.30 -11.55 10.70
C ALA P 89 40.32 -11.08 11.73
N LEU P 90 40.46 -9.76 11.75
CA LEU P 90 41.18 -9.07 12.81
C LEU P 90 40.14 -8.65 13.82
N TYR P 91 40.49 -8.81 15.09
CA TYR P 91 39.60 -8.53 16.21
C TYR P 91 40.29 -7.58 17.16
N TYR P 92 39.64 -6.47 17.44
CA TYR P 92 40.17 -5.51 18.37
C TYR P 92 39.30 -5.54 19.62
N CYS P 93 39.97 -5.45 20.76
CA CYS P 93 39.34 -5.36 22.06
C CYS P 93 39.55 -3.93 22.56
N ALA P 94 38.48 -3.30 23.03
CA ALA P 94 38.66 -1.92 23.40
C ALA P 94 37.72 -1.52 24.51
N LEU P 95 38.15 -0.52 25.29
CA LEU P 95 37.49 -0.17 26.54
C LEU P 95 37.39 1.36 26.73
N SER P 96 36.36 1.78 27.50
CA SER P 96 36.03 3.17 27.84
C SER P 96 36.30 3.49 29.33
N GLU P 97 37.25 4.43 29.61
CA GLU P 97 37.69 4.89 30.95
C GLU P 97 37.12 6.24 31.41
N GLY P 98 36.18 6.20 32.36
CA GLY P 98 35.58 7.42 32.90
C GLY P 98 35.14 8.36 31.80
N GLY P 99 35.48 9.64 31.99
CA GLY P 99 35.34 10.67 30.98
C GLY P 99 36.43 10.46 29.95
N ASN P 100 36.15 9.98 28.76
CA ASN P 100 37.29 9.83 27.88
C ASN P 100 36.72 10.07 26.50
N TYR P 101 37.36 10.94 25.73
CA TYR P 101 36.76 11.28 24.45
C TYR P 101 37.21 10.28 23.39
N LYS P 102 38.14 9.45 23.85
CA LYS P 102 38.93 8.45 23.16
C LYS P 102 38.69 7.02 23.68
N TYR P 103 38.80 6.02 22.81
CA TYR P 103 38.74 4.63 23.23
C TYR P 103 40.12 4.08 22.95
N VAL P 104 40.59 3.18 23.81
CA VAL P 104 41.96 2.60 23.65
C VAL P 104 41.82 1.16 23.14
N PHE P 105 42.49 0.82 22.04
CA PHE P 105 42.31 -0.52 21.43
C PHE P 105 43.59 -1.34 21.60
N GLY P 106 43.47 -2.67 21.48
CA GLY P 106 44.66 -3.52 21.54
C GLY P 106 45.31 -3.61 20.17
N ALA P 107 46.29 -4.50 20.01
CA ALA P 107 46.96 -4.67 18.71
C ALA P 107 46.12 -5.58 17.84
N GLY P 108 45.19 -6.30 18.45
CA GLY P 108 44.27 -7.15 17.66
C GLY P 108 44.82 -8.55 17.49
N THR P 109 43.92 -9.52 17.28
CA THR P 109 44.35 -10.92 17.14
C THR P 109 43.86 -11.44 15.79
N ARG P 110 44.79 -11.81 14.91
CA ARG P 110 44.39 -12.27 13.55
C ARG P 110 43.89 -13.71 13.64
N LEU P 111 42.58 -13.90 13.57
CA LEU P 111 42.05 -15.26 13.53
C LEU P 111 41.99 -15.77 12.09
N LYS P 112 42.62 -16.90 11.82
CA LYS P 112 42.56 -17.50 10.48
C LYS P 112 42.09 -18.94 10.58
N VAL P 113 40.83 -19.23 10.31
CA VAL P 113 40.39 -20.61 10.36
C VAL P 113 40.80 -21.27 9.04
N ILE P 114 41.38 -22.48 9.13
CA ILE P 114 41.76 -23.24 7.96
C ILE P 114 40.95 -24.55 7.90
N ALA P 115 41.00 -25.18 6.74
CA ALA P 115 40.04 -26.22 6.39
C ALA P 115 40.43 -27.60 6.86
N HIS P 116 39.42 -28.42 7.13
CA HIS P 116 39.63 -29.85 7.43
C HIS P 116 39.50 -30.54 6.09
N ILE P 117 40.59 -31.04 5.56
CA ILE P 117 40.57 -31.67 4.24
C ILE P 117 40.25 -33.15 4.47
N GLN P 118 39.06 -33.56 4.01
CA GLN P 118 38.52 -34.86 4.38
C GLN P 118 39.31 -36.00 3.75
N ASN P 119 39.57 -35.90 2.45
CA ASN P 119 40.17 -36.99 1.67
C ASN P 119 41.33 -36.42 0.89
N PRO P 120 42.45 -36.14 1.55
CA PRO P 120 43.55 -35.43 0.88
C PRO P 120 44.14 -36.27 -0.24
N ASP P 121 44.60 -35.57 -1.25
CA ASP P 121 45.14 -36.24 -2.42
C ASP P 121 46.18 -35.33 -3.05
N PRO P 122 47.25 -34.98 -2.32
CA PRO P 122 48.17 -33.92 -2.79
C PRO P 122 48.77 -34.20 -4.16
N ALA P 123 48.90 -33.12 -4.96
CA ALA P 123 49.30 -33.22 -6.36
C ALA P 123 49.91 -31.89 -6.82
N VAL P 124 50.79 -31.97 -7.83
CA VAL P 124 51.41 -30.82 -8.51
C VAL P 124 51.08 -30.87 -9.98
N TYR P 125 50.49 -29.80 -10.51
CA TYR P 125 50.12 -29.69 -11.92
C TYR P 125 50.78 -28.46 -12.56
N GLN P 126 50.85 -28.46 -13.89
CA GLN P 126 51.44 -27.38 -14.69
C GLN P 126 50.40 -26.77 -15.64
N LEU P 127 50.25 -25.44 -15.58
CA LEU P 127 49.27 -24.73 -16.39
C LEU P 127 49.89 -24.10 -17.63
N ARG P 128 49.05 -23.93 -18.66
CA ARG P 128 49.40 -23.34 -19.96
C ARG P 128 48.74 -21.96 -20.06
N ASP P 129 49.28 -21.09 -20.90
CA ASP P 129 48.81 -19.70 -21.03
C ASP P 129 48.18 -19.48 -22.41
N SER P 130 47.03 -18.78 -22.44
CA SER P 130 46.37 -18.48 -23.73
C SER P 130 47.00 -17.27 -24.41
N LYS P 131 47.46 -16.28 -23.63
CA LYS P 131 48.04 -15.08 -24.23
C LYS P 131 49.39 -15.36 -24.88
N SER P 132 50.16 -16.26 -24.29
CA SER P 132 51.51 -16.56 -24.78
C SER P 132 51.92 -17.87 -24.13
N SER P 133 51.92 -18.98 -24.91
CA SER P 133 52.30 -20.28 -24.36
C SER P 133 53.59 -20.20 -23.54
N ASP P 134 54.43 -19.20 -23.85
CA ASP P 134 55.69 -19.00 -23.15
C ASP P 134 55.49 -19.05 -21.63
N LYS P 135 54.45 -18.37 -21.14
CA LYS P 135 54.24 -18.30 -19.69
C LYS P 135 53.95 -19.69 -19.13
N SER P 136 54.53 -19.94 -17.95
CA SER P 136 54.37 -21.24 -17.29
C SER P 136 54.29 -21.05 -15.78
N VAL P 137 53.41 -21.84 -15.18
CA VAL P 137 53.17 -21.87 -13.74
C VAL P 137 52.94 -23.31 -13.26
N CYS P 138 53.26 -23.54 -11.96
CA CYS P 138 53.03 -24.80 -11.25
C CYS P 138 52.09 -24.62 -10.07
N LEU P 139 51.12 -25.51 -9.98
CA LEU P 139 50.06 -25.47 -9.00
C LEU P 139 50.13 -26.70 -8.11
N PHE P 140 50.28 -26.49 -6.81
CA PHE P 140 50.20 -27.53 -5.80
C PHE P 140 48.85 -27.48 -5.09
N THR P 141 48.04 -28.53 -5.26
CA THR P 141 46.67 -28.47 -4.80
C THR P 141 46.28 -29.82 -4.22
N ASP P 142 45.19 -29.79 -3.43
CA ASP P 142 44.53 -30.95 -2.85
C ASP P 142 45.29 -31.59 -1.68
N PHE P 143 46.09 -30.82 -0.94
CA PHE P 143 46.76 -31.27 0.28
C PHE P 143 45.96 -30.81 1.51
N ASP P 144 46.18 -31.48 2.65
CA ASP P 144 45.45 -31.07 3.85
C ASP P 144 46.12 -29.88 4.54
N SER P 145 45.33 -29.19 5.37
CA SER P 145 45.76 -27.95 6.00
C SER P 145 46.91 -28.16 6.97
N GLN P 146 47.27 -29.41 7.29
CA GLN P 146 48.41 -29.58 8.19
C GLN P 146 49.69 -29.15 7.49
N THR P 147 49.79 -29.37 6.18
CA THR P 147 50.98 -28.98 5.43
C THR P 147 51.12 -27.47 5.41
N ASN P 148 52.34 -26.97 5.59
CA ASN P 148 52.62 -25.53 5.56
C ASN P 148 53.61 -25.21 4.45
N VAL P 149 53.29 -24.16 3.70
CA VAL P 149 54.20 -23.64 2.68
C VAL P 149 55.40 -23.04 3.38
N SER P 150 56.56 -23.12 2.72
CA SER P 150 57.70 -22.30 3.08
C SER P 150 58.00 -21.35 1.94
N GLN P 151 58.63 -20.24 2.28
CA GLN P 151 59.06 -19.36 1.22
C GLN P 151 60.16 -20.05 0.42
N SER P 152 60.31 -19.64 -0.84
CA SER P 152 61.31 -20.25 -1.71
C SER P 152 62.74 -19.87 -1.30
N LYS P 153 63.67 -20.74 -1.69
CA LYS P 153 65.09 -20.55 -1.52
C LYS P 153 65.68 -19.74 -2.67
N ASP P 154 65.10 -19.85 -3.86
CA ASP P 154 65.51 -19.12 -5.05
C ASP P 154 64.87 -17.74 -5.10
N SER P 155 65.65 -16.72 -5.50
CA SER P 155 65.14 -15.35 -5.53
C SER P 155 64.22 -15.11 -6.71
N ASP P 156 64.45 -15.79 -7.84
CA ASP P 156 63.67 -15.61 -9.05
C ASP P 156 62.58 -16.70 -9.21
N VAL P 157 62.28 -17.42 -8.13
CA VAL P 157 61.14 -18.34 -8.05
C VAL P 157 60.19 -17.76 -7.02
N TYR P 158 58.96 -17.45 -7.46
CA TYR P 158 57.97 -16.77 -6.63
C TYR P 158 56.92 -17.78 -6.23
N ILE P 159 56.67 -17.90 -4.92
CA ILE P 159 55.73 -18.88 -4.42
C ILE P 159 54.84 -18.23 -3.37
N THR P 160 53.54 -18.51 -3.43
CA THR P 160 52.57 -17.94 -2.49
C THR P 160 52.21 -18.90 -1.34
N ASP P 161 51.39 -18.39 -0.40
CA ASP P 161 50.90 -19.17 0.73
C ASP P 161 49.75 -20.08 0.32
N LYS P 162 49.24 -20.77 1.33
CA LYS P 162 48.07 -21.59 1.19
C LYS P 162 46.83 -20.74 0.97
N CYS P 163 45.89 -21.31 0.26
CA CYS P 163 44.61 -20.70 0.01
C CYS P 163 43.53 -21.76 0.09
N VAL P 164 42.38 -21.40 0.65
CA VAL P 164 41.27 -22.32 0.77
C VAL P 164 40.31 -22.04 -0.37
N LEU P 165 39.89 -23.09 -1.07
CA LEU P 165 38.94 -22.94 -2.15
C LEU P 165 37.69 -23.73 -1.79
N ASP P 166 36.55 -23.03 -1.73
CA ASP P 166 35.25 -23.62 -1.42
C ASP P 166 34.44 -23.71 -2.71
N MET P 167 33.89 -24.88 -2.98
CA MET P 167 33.03 -25.09 -4.13
C MET P 167 31.67 -25.44 -3.57
N ARG P 168 30.64 -24.63 -3.88
CA ARG P 168 29.30 -24.95 -3.35
C ARG P 168 28.85 -26.36 -3.73
N SER P 169 29.52 -27.00 -4.70
CA SER P 169 29.35 -28.42 -4.97
C SER P 169 29.95 -29.28 -3.85
N MET P 170 29.08 -30.03 -3.17
CA MET P 170 29.42 -30.98 -2.10
C MET P 170 30.41 -30.43 -1.06
N ASP P 171 30.46 -29.10 -0.94
CA ASP P 171 31.32 -28.44 0.05
C ASP P 171 32.73 -28.96 -0.08
N PHE P 172 33.14 -29.23 -1.32
CA PHE P 172 34.50 -29.70 -1.54
C PHE P 172 35.42 -28.52 -1.26
N LYS P 173 36.38 -28.73 -0.36
CA LYS P 173 37.40 -27.76 -0.04
C LYS P 173 38.76 -28.33 -0.38
N SER P 174 39.61 -27.48 -0.93
CA SER P 174 40.97 -27.91 -1.20
C SER P 174 41.85 -26.69 -1.15
N ASN P 175 43.07 -26.94 -0.72
CA ASN P 175 44.08 -25.92 -0.61
C ASN P 175 44.94 -25.89 -1.87
N SER P 176 45.57 -24.74 -2.09
CA SER P 176 46.48 -24.57 -3.21
C SER P 176 47.39 -23.39 -2.96
N ALA P 177 48.57 -23.46 -3.57
CA ALA P 177 49.49 -22.34 -3.64
C ALA P 177 50.16 -22.43 -5.00
N VAL P 178 50.59 -21.29 -5.51
CA VAL P 178 51.10 -21.16 -6.87
C VAL P 178 52.57 -20.78 -6.81
N ALA P 179 53.34 -21.29 -7.77
CA ALA P 179 54.74 -20.91 -7.94
C ALA P 179 55.09 -20.81 -9.41
N TRP P 180 55.95 -19.85 -9.74
CA TRP P 180 56.29 -19.66 -11.15
C TRP P 180 57.65 -19.00 -11.27
N SER P 181 58.14 -19.00 -12.51
CA SER P 181 59.26 -18.20 -12.96
C SER P 181 59.11 -18.05 -14.46
N ASN P 182 59.75 -17.02 -14.99
CA ASN P 182 59.91 -16.88 -16.43
C ASN P 182 61.24 -17.45 -16.88
N LYS P 183 62.03 -17.98 -15.94
CA LYS P 183 63.25 -18.69 -16.28
C LYS P 183 62.89 -20.06 -16.87
N SER P 184 63.71 -20.52 -17.83
CA SER P 184 63.45 -21.77 -18.53
C SER P 184 63.96 -23.01 -17.79
N ASP P 185 64.85 -22.86 -16.81
CA ASP P 185 65.38 -23.96 -16.00
C ASP P 185 64.45 -24.43 -14.88
N PHE P 186 63.36 -23.71 -14.66
CA PHE P 186 62.36 -24.03 -13.64
C PHE P 186 61.60 -25.31 -14.00
N ALA P 187 61.46 -26.23 -13.05
CA ALA P 187 60.66 -27.43 -13.25
C ALA P 187 59.67 -27.58 -12.09
N CYS P 188 58.56 -28.30 -12.35
CA CYS P 188 57.49 -28.43 -11.34
C CYS P 188 57.90 -29.28 -10.14
N ALA P 189 58.68 -30.34 -10.35
CA ALA P 189 59.21 -31.06 -9.20
C ALA P 189 60.17 -30.18 -8.40
N ASN P 190 60.62 -29.05 -8.98
CA ASN P 190 61.57 -28.10 -8.39
C ASN P 190 60.92 -27.01 -7.55
N ALA P 191 59.59 -26.84 -7.56
CA ALA P 191 59.05 -25.77 -6.73
C ALA P 191 59.05 -26.14 -5.27
N PHE P 192 59.56 -27.33 -4.96
CA PHE P 192 59.59 -27.88 -3.62
C PHE P 192 61.01 -27.75 -3.11
N ASN P 193 61.26 -26.53 -2.68
CA ASN P 193 62.53 -26.14 -2.15
C ASN P 193 62.69 -26.78 -0.79
N ASN P 194 61.77 -26.50 0.13
CA ASN P 194 61.92 -26.92 1.52
C ASN P 194 60.55 -26.88 2.18
N SER P 195 59.65 -27.78 1.79
CA SER P 195 58.27 -27.55 2.22
C SER P 195 57.56 -28.75 2.87
N ILE P 196 58.29 -29.75 3.38
CA ILE P 196 57.67 -30.87 4.11
C ILE P 196 56.59 -31.53 3.23
N ILE P 197 56.88 -31.66 1.93
CA ILE P 197 55.90 -32.14 0.95
C ILE P 197 55.50 -33.59 1.23
N PRO P 198 54.22 -33.92 1.25
CA PRO P 198 53.83 -35.34 1.39
C PRO P 198 54.32 -36.17 0.21
N GLU P 199 54.81 -37.36 0.53
CA GLU P 199 55.34 -38.25 -0.50
C GLU P 199 54.29 -38.54 -1.57
N ASP P 200 53.03 -38.61 -1.16
CA ASP P 200 51.96 -39.12 -2.02
C ASP P 200 51.66 -38.19 -3.19
N THR P 201 52.28 -37.00 -3.19
CA THR P 201 52.13 -36.02 -4.25
C THR P 201 52.50 -36.65 -5.57
N PHE P 202 51.55 -36.58 -6.51
CA PHE P 202 51.69 -37.33 -7.75
C PHE P 202 52.85 -36.86 -8.61
N PHE P 203 53.07 -35.54 -8.70
CA PHE P 203 54.09 -34.99 -9.60
C PHE P 203 53.99 -35.58 -11.01
N PRO P 204 52.78 -35.90 -11.54
CA PRO P 204 52.85 -36.74 -12.75
C PRO P 204 53.18 -35.99 -14.06
N THR Q 6 23.41 3.99 5.46
CA THR Q 6 24.69 4.71 5.58
C THR Q 6 24.55 5.84 6.62
N LEU Q 7 25.26 5.75 7.74
CA LEU Q 7 25.04 6.74 8.78
C LEU Q 7 26.06 7.88 8.72
N LEU Q 8 27.22 7.63 8.11
CA LEU Q 8 28.29 8.62 7.91
C LEU Q 8 28.82 8.47 6.48
N GLU Q 9 29.38 9.56 5.94
CA GLU Q 9 29.92 9.58 4.57
C GLU Q 9 31.29 10.25 4.55
N GLN Q 10 32.29 9.49 4.12
CA GLN Q 10 33.70 9.89 4.19
C GLN Q 10 34.29 9.99 2.80
N ASN Q 11 35.02 11.07 2.58
CA ASN Q 11 35.67 11.41 1.32
C ASN Q 11 37.06 11.94 1.59
N PRO Q 12 38.03 11.74 0.65
CA PRO Q 12 37.94 10.88 -0.52
C PRO Q 12 38.11 9.44 -0.10
N ARG Q 13 37.67 8.47 -0.90
CA ARG Q 13 37.77 7.08 -0.48
C ARG Q 13 39.21 6.57 -0.58
N TRP Q 14 40.07 7.31 -1.27
CA TRP Q 14 41.41 6.88 -1.58
C TRP Q 14 42.21 8.10 -2.08
N ARG Q 15 43.52 8.11 -1.83
CA ARG Q 15 44.30 9.16 -2.49
C ARG Q 15 45.79 8.85 -2.40
N LEU Q 16 46.50 8.86 -3.53
CA LEU Q 16 47.97 8.83 -3.51
C LEU Q 16 48.52 10.19 -3.07
N VAL Q 17 49.49 10.19 -2.17
CA VAL Q 17 50.04 11.40 -1.58
C VAL Q 17 51.54 11.48 -1.84
N PRO Q 18 52.04 12.54 -2.48
CA PRO Q 18 53.49 12.72 -2.58
C PRO Q 18 54.05 12.95 -1.19
N ARG Q 19 55.27 12.48 -0.95
CA ARG Q 19 55.78 12.61 0.41
C ARG Q 19 56.00 14.09 0.72
N GLY Q 20 55.68 14.48 1.96
CA GLY Q 20 55.81 15.84 2.41
C GLY Q 20 54.68 16.78 2.02
N GLN Q 21 53.73 16.35 1.18
CA GLN Q 21 52.65 17.20 0.68
C GLN Q 21 51.44 17.17 1.62
N ALA Q 22 50.33 17.77 1.16
CA ALA Q 22 49.14 17.90 1.98
C ALA Q 22 47.99 17.15 1.33
N VAL Q 23 47.04 16.76 2.17
CA VAL Q 23 45.84 16.04 1.75
C VAL Q 23 44.73 16.42 2.71
N ASN Q 24 43.56 16.68 2.13
CA ASN Q 24 42.42 17.16 2.89
C ASN Q 24 41.31 16.11 2.87
N LEU Q 25 40.80 15.75 4.05
CA LEU Q 25 39.70 14.80 4.16
C LEU Q 25 38.44 15.45 4.71
N ARG Q 26 37.31 14.83 4.41
CA ARG Q 26 36.01 15.35 4.77
C ARG Q 26 35.09 14.20 5.16
N CYS Q 27 34.21 14.48 6.11
CA CYS Q 27 33.27 13.50 6.61
C CYS Q 27 31.92 14.18 6.81
N ILE Q 28 30.87 13.50 6.38
CA ILE Q 28 29.51 14.03 6.44
C ILE Q 28 28.68 13.17 7.38
N LEU Q 29 28.05 13.80 8.35
CA LEU Q 29 27.15 13.09 9.24
C LEU Q 29 25.75 13.07 8.66
N LYS Q 30 25.16 11.89 8.52
CA LYS Q 30 23.83 11.82 7.93
C LYS Q 30 22.68 11.84 8.93
N ASN Q 31 22.94 11.76 10.24
CA ASN Q 31 21.85 11.76 11.22
C ASN Q 31 22.34 12.59 12.39
N SER Q 32 21.72 13.72 12.64
CA SER Q 32 22.19 14.54 13.75
C SER Q 32 21.95 13.89 15.12
N GLN Q 33 21.30 12.74 15.24
CA GLN Q 33 21.09 12.06 16.52
C GLN Q 33 22.30 11.18 16.98
N TYR Q 34 23.41 11.20 16.25
CA TYR Q 34 24.67 10.55 16.64
C TYR Q 34 25.77 11.59 16.61
N PRO Q 35 25.61 12.69 17.36
CA PRO Q 35 26.35 13.92 17.06
C PRO Q 35 27.81 13.96 17.48
N TRP Q 36 28.30 12.92 18.12
CA TRP Q 36 29.66 12.91 18.63
C TRP Q 36 30.62 12.31 17.59
N MET Q 37 31.40 13.15 16.91
CA MET Q 37 32.25 12.71 15.82
C MET Q 37 33.72 12.66 16.22
N SER Q 38 34.46 11.66 15.73
CA SER Q 38 35.90 11.60 15.97
C SER Q 38 36.64 11.01 14.79
N TRP Q 39 37.94 11.29 14.75
CA TRP Q 39 38.88 10.76 13.77
C TRP Q 39 39.85 9.80 14.46
N TYR Q 40 40.04 8.62 13.91
CA TYR Q 40 41.01 7.68 14.47
C TYR Q 40 42.00 7.32 13.38
N GLN Q 41 43.23 6.93 13.72
CA GLN Q 41 44.12 6.37 12.72
C GLN Q 41 44.44 4.90 12.98
N GLN Q 42 44.76 4.21 11.89
CA GLN Q 42 45.26 2.85 11.86
C GLN Q 42 46.58 2.94 11.12
N ASP Q 43 47.69 2.61 11.79
CA ASP Q 43 48.99 2.69 11.10
C ASP Q 43 49.29 1.41 10.33
N LEU Q 44 50.48 1.37 9.69
CA LEU Q 44 50.88 0.24 8.86
C LEU Q 44 51.00 -1.04 9.66
N GLN Q 45 50.92 -0.94 10.98
CA GLN Q 45 51.00 -2.10 11.83
C GLN Q 45 49.62 -2.63 12.17
N LYS Q 46 48.56 -2.00 11.65
CA LYS Q 46 47.17 -2.33 11.97
C LYS Q 46 46.81 -1.95 13.42
N GLN Q 47 47.62 -1.12 14.09
CA GLN Q 47 47.24 -0.61 15.41
C GLN Q 47 46.33 0.60 15.31
N LEU Q 48 45.24 0.58 16.07
CA LEU Q 48 44.26 1.65 16.11
C LEU Q 48 44.59 2.69 17.18
N GLN Q 49 44.24 3.95 16.90
CA GLN Q 49 44.52 5.02 17.84
C GLN Q 49 43.48 6.13 17.71
N TRP Q 50 43.06 6.70 18.85
CA TRP Q 50 42.22 7.89 18.82
C TRP Q 50 43.04 9.13 18.38
N LEU Q 51 42.38 10.09 17.67
CA LEU Q 51 43.02 11.31 17.17
C LEU Q 51 42.40 12.62 17.67
N PHE Q 52 41.11 12.86 17.44
CA PHE Q 52 40.47 14.11 17.85
C PHE Q 52 39.01 13.88 18.18
N THR Q 53 38.50 14.73 19.05
CA THR Q 53 37.07 14.78 19.24
C THR Q 53 36.64 16.23 19.39
N LEU Q 54 35.86 16.71 18.43
CA LEU Q 54 35.43 18.09 18.39
C LEU Q 54 33.94 18.11 18.17
N ARG Q 55 33.17 18.66 19.12
CA ARG Q 55 31.71 18.62 19.00
C ARG Q 55 31.21 19.93 18.39
N SER Q 56 31.42 21.03 19.04
CA SER Q 56 30.73 22.22 18.59
C SER Q 56 31.39 22.77 17.34
N PRO Q 57 30.62 23.31 16.41
CA PRO Q 57 31.23 24.11 15.36
C PRO Q 57 32.25 25.11 15.86
N GLY Q 58 33.32 25.23 15.07
CA GLY Q 58 34.38 26.16 15.32
C GLY Q 58 35.56 25.59 16.06
N ASP Q 59 35.44 24.36 16.56
CA ASP Q 59 36.52 23.69 17.26
C ASP Q 59 37.64 23.39 16.25
N LYS Q 60 38.90 23.69 16.62
CA LYS Q 60 40.06 23.42 15.79
C LYS Q 60 41.11 22.74 16.65
N GLU Q 61 41.81 21.72 16.12
CA GLU Q 61 42.90 21.15 16.92
C GLU Q 61 44.00 20.60 16.02
N VAL Q 62 45.23 20.65 16.54
CA VAL Q 62 46.39 20.09 15.88
C VAL Q 62 46.94 18.98 16.76
N LYS Q 63 47.61 18.03 16.13
CA LYS Q 63 48.31 16.98 16.84
C LYS Q 63 49.39 16.44 15.91
N SER Q 64 50.52 16.05 16.46
CA SER Q 64 51.59 15.46 15.67
C SER Q 64 51.84 14.04 16.11
N LEU Q 65 51.88 13.12 15.16
CA LEU Q 65 52.21 11.74 15.46
C LEU Q 65 53.42 11.28 14.66
N PRO Q 66 53.94 10.07 14.94
CA PRO Q 66 55.00 9.51 14.07
C PRO Q 66 54.54 9.37 12.63
N GLY Q 67 55.10 10.16 11.72
CA GLY Q 67 54.79 10.01 10.33
C GLY Q 67 53.76 10.98 9.79
N ALA Q 68 53.03 11.68 10.68
CA ALA Q 68 51.92 12.52 10.25
C ALA Q 68 51.68 13.67 11.22
N ASP Q 69 51.33 14.82 10.65
CA ASP Q 69 50.87 16.01 11.37
C ASP Q 69 49.38 16.15 11.06
N TYR Q 70 48.56 16.50 12.05
CA TYR Q 70 47.11 16.54 11.83
C TYR Q 70 46.51 17.89 12.22
N LEU Q 71 45.55 18.37 11.41
CA LEU Q 71 44.70 19.53 11.71
C LEU Q 71 43.26 19.19 11.38
N ALA Q 72 42.42 19.19 12.40
CA ALA Q 72 41.04 18.78 12.28
C ALA Q 72 40.15 19.97 12.55
N THR Q 73 38.99 19.97 11.90
CA THR Q 73 38.02 21.03 12.13
C THR Q 73 36.59 20.49 11.93
N ARG Q 74 35.73 20.80 12.90
CA ARG Q 74 34.29 20.53 12.82
C ARG Q 74 33.57 21.74 12.23
N VAL Q 75 33.12 21.63 10.98
CA VAL Q 75 32.63 22.80 10.27
C VAL Q 75 31.24 23.18 10.75
N THR Q 76 30.32 22.22 10.74
CA THR Q 76 29.00 22.39 11.33
C THR Q 76 28.67 21.12 12.10
N ASP Q 77 27.41 20.99 12.49
CA ASP Q 77 27.02 19.80 13.24
C ASP Q 77 27.17 18.51 12.46
N THR Q 78 27.33 18.58 11.14
CA THR Q 78 27.42 17.36 10.36
C THR Q 78 28.58 17.28 9.38
N GLU Q 79 29.41 18.32 9.29
CA GLU Q 79 30.51 18.34 8.33
C GLU Q 79 31.80 18.44 9.14
N LEU Q 80 32.63 17.40 9.04
CA LEU Q 80 33.89 17.34 9.76
C LEU Q 80 35.04 17.24 8.78
N ARG Q 81 36.08 18.02 9.04
CA ARG Q 81 37.22 18.12 8.16
C ARG Q 81 38.45 17.66 8.92
N LEU Q 82 39.43 17.21 8.16
CA LEU Q 82 40.69 16.73 8.70
C LEU Q 82 41.76 17.01 7.66
N GLN Q 83 42.80 17.71 8.09
CA GLN Q 83 43.99 17.87 7.26
C GLN Q 83 45.05 16.93 7.75
N VAL Q 84 45.63 16.20 6.83
CA VAL Q 84 46.83 15.46 7.08
C VAL Q 84 47.91 16.11 6.26
N ALA Q 85 48.99 16.48 6.91
CA ALA Q 85 50.05 17.19 6.22
C ALA Q 85 51.37 16.54 6.58
N ASN Q 86 52.36 16.78 5.71
CA ASN Q 86 53.74 16.35 5.94
C ASN Q 86 53.86 14.88 6.33
N MET Q 87 53.26 14.02 5.50
CA MET Q 87 53.26 12.59 5.74
C MET Q 87 54.60 11.97 5.41
N SER Q 88 54.92 10.89 6.13
CA SER Q 88 56.08 10.07 5.82
C SER Q 88 55.81 8.58 5.93
N GLN Q 89 54.59 8.18 6.29
CA GLN Q 89 54.21 6.78 6.49
C GLN Q 89 52.77 6.63 6.04
N GLY Q 90 52.45 5.53 5.35
CA GLY Q 90 51.08 5.28 5.01
C GLY Q 90 50.23 5.04 6.24
N ARG Q 91 48.93 5.25 6.09
CA ARG Q 91 48.01 5.16 7.20
C ARG Q 91 46.62 4.88 6.63
N THR Q 92 45.68 4.61 7.51
CA THR Q 92 44.28 4.70 7.14
C THR Q 92 43.56 5.55 8.18
N LEU Q 93 42.64 6.39 7.73
CA LEU Q 93 41.90 7.28 8.60
C LEU Q 93 40.44 6.86 8.57
N TYR Q 94 39.83 6.77 9.74
CA TYR Q 94 38.42 6.44 9.81
C TYR Q 94 37.69 7.57 10.50
N CYS Q 95 36.53 7.91 9.96
CA CYS Q 95 35.65 8.83 10.65
C CYS Q 95 34.73 8.02 11.54
N THR Q 96 34.36 8.57 12.68
CA THR Q 96 33.44 7.89 13.57
C THR Q 96 32.47 8.84 14.20
N CYS Q 97 31.32 8.30 14.57
CA CYS Q 97 30.42 9.04 15.42
C CYS Q 97 29.86 8.08 16.46
N SER Q 98 29.33 8.65 17.56
CA SER Q 98 28.59 7.83 18.51
C SER Q 98 27.54 8.67 19.24
N ALA Q 99 26.67 7.95 19.93
CA ALA Q 99 25.48 8.56 20.52
C ALA Q 99 25.80 9.38 21.77
N ARG Q 100 26.87 9.03 22.49
CA ARG Q 100 27.28 9.71 23.71
C ARG Q 100 28.78 9.91 23.60
N HIS Q 101 29.32 10.94 24.24
CA HIS Q 101 30.74 11.24 23.98
C HIS Q 101 31.66 10.07 24.32
N SER Q 102 31.30 9.23 25.31
CA SER Q 102 31.98 7.99 25.65
C SER Q 102 30.99 7.02 26.29
N ALA Q 103 31.45 5.79 26.46
CA ALA Q 103 30.65 4.72 27.05
C ALA Q 103 29.53 4.25 26.16
N GLU Q 104 29.64 4.49 24.85
CA GLU Q 104 28.66 4.04 23.88
C GLU Q 104 29.32 3.34 22.70
N THR Q 105 28.49 2.69 21.88
CA THR Q 105 28.98 2.06 20.67
C THR Q 105 29.55 3.12 19.74
N LEU Q 106 30.71 2.83 19.19
CA LEU Q 106 31.42 3.72 18.27
C LEU Q 106 31.12 3.22 16.86
N TYR Q 107 30.72 4.11 15.96
CA TYR Q 107 30.36 3.76 14.58
C TYR Q 107 31.41 4.26 13.61
N PHE Q 108 31.80 3.38 12.68
CA PHE Q 108 32.92 3.60 11.79
C PHE Q 108 32.54 4.05 10.37
N GLY Q 109 33.30 5.04 9.86
CA GLY Q 109 33.14 5.45 8.47
C GLY Q 109 33.84 4.52 7.48
N SER Q 110 33.61 4.81 6.19
CA SER Q 110 34.10 3.95 5.10
C SER Q 110 35.61 3.95 4.99
N GLY Q 111 36.26 4.98 5.48
CA GLY Q 111 37.71 5.02 5.51
C GLY Q 111 38.31 5.74 4.31
N THR Q 112 39.51 6.27 4.52
CA THR Q 112 40.31 6.95 3.51
C THR Q 112 41.71 6.34 3.56
N ARG Q 113 42.09 5.56 2.56
CA ARG Q 113 43.42 4.97 2.55
C ARG Q 113 44.41 5.95 1.93
N LEU Q 114 45.48 6.27 2.66
CA LEU Q 114 46.53 7.13 2.14
C LEU Q 114 47.81 6.34 2.03
N THR Q 115 48.46 6.42 0.86
CA THR Q 115 49.72 5.72 0.62
C THR Q 115 50.78 6.77 0.28
N VAL Q 116 51.96 6.63 0.88
CA VAL Q 116 53.06 7.57 0.66
C VAL Q 116 53.99 6.93 -0.36
N LEU Q 117 54.28 7.65 -1.45
CA LEU Q 117 55.08 7.07 -2.54
C LEU Q 117 55.70 8.16 -3.41
N ASP Q 118 56.51 7.70 -4.36
CA ASP Q 118 57.05 8.48 -5.48
C ASP Q 118 56.18 8.20 -6.71
N LEU Q 119 55.55 9.24 -7.29
CA LEU Q 119 54.62 8.98 -8.40
C LEU Q 119 55.32 8.32 -9.58
N ARG Q 120 56.61 8.60 -9.78
CA ARG Q 120 57.28 8.04 -10.95
C ARG Q 120 57.55 6.55 -10.83
N ASN Q 121 57.21 5.93 -9.70
CA ASN Q 121 57.34 4.50 -9.57
C ASN Q 121 56.02 3.74 -9.68
N VAL Q 122 54.94 4.40 -10.04
CA VAL Q 122 53.65 3.73 -10.13
C VAL Q 122 53.61 2.93 -11.44
N PHE Q 123 53.15 1.67 -11.36
CA PHE Q 123 53.17 0.73 -12.49
C PHE Q 123 51.78 0.09 -12.47
N PRO Q 124 51.10 -0.03 -13.61
CA PRO Q 124 49.85 -0.80 -13.65
C PRO Q 124 50.11 -2.30 -13.68
N PRO Q 125 49.12 -3.11 -13.31
CA PRO Q 125 49.33 -4.57 -13.22
C PRO Q 125 49.19 -5.26 -14.56
N GLU Q 126 50.03 -6.27 -14.77
CA GLU Q 126 50.00 -7.13 -15.95
C GLU Q 126 49.16 -8.37 -15.66
N VAL Q 127 48.18 -8.68 -16.52
CA VAL Q 127 47.18 -9.70 -16.21
C VAL Q 127 47.18 -10.81 -17.27
N ALA Q 128 47.46 -12.05 -16.83
CA ALA Q 128 47.53 -13.25 -17.65
C ALA Q 128 46.85 -14.42 -16.96
N VAL Q 129 46.04 -15.15 -17.69
CA VAL Q 129 45.26 -16.26 -17.15
C VAL Q 129 45.86 -17.55 -17.68
N PHE Q 130 45.80 -18.61 -16.87
CA PHE Q 130 46.36 -19.91 -17.21
C PHE Q 130 45.28 -20.99 -17.22
N GLU Q 131 45.27 -21.83 -18.33
CA GLU Q 131 44.29 -22.90 -18.55
C GLU Q 131 44.75 -24.20 -17.85
N PRO Q 132 43.78 -25.03 -17.46
CA PRO Q 132 44.09 -26.16 -16.56
C PRO Q 132 45.10 -27.11 -17.14
N SER Q 133 45.86 -27.74 -16.25
CA SER Q 133 46.64 -28.90 -16.64
C SER Q 133 45.69 -30.06 -16.94
N GLU Q 134 46.04 -30.85 -17.97
CA GLU Q 134 45.21 -32.01 -18.31
C GLU Q 134 45.36 -33.12 -17.27
N ALA Q 135 46.54 -33.24 -16.67
CA ALA Q 135 46.74 -34.29 -15.66
C ALA Q 135 45.78 -34.08 -14.50
N GLU Q 136 45.55 -32.83 -14.14
CA GLU Q 136 44.57 -32.50 -13.10
C GLU Q 136 43.17 -32.96 -13.52
N ILE Q 137 42.76 -32.66 -14.76
CA ILE Q 137 41.40 -32.99 -15.19
C ILE Q 137 41.20 -34.50 -15.22
N SER Q 138 42.16 -35.24 -15.78
CA SER Q 138 42.00 -36.69 -15.83
C SER Q 138 41.92 -37.28 -14.44
N HIS Q 139 42.81 -36.83 -13.55
CA HIS Q 139 43.01 -37.42 -12.23
C HIS Q 139 42.00 -36.94 -11.20
N THR Q 140 41.57 -35.68 -11.28
CA THR Q 140 40.84 -35.07 -10.19
C THR Q 140 39.42 -34.63 -10.56
N GLN Q 141 39.08 -34.60 -11.84
CA GLN Q 141 37.76 -34.23 -12.30
C GLN Q 141 37.45 -32.77 -12.02
N LYS Q 142 38.48 -31.95 -11.84
CA LYS Q 142 38.31 -30.53 -11.59
C LYS Q 142 39.26 -29.76 -12.48
N ALA Q 143 39.06 -28.44 -12.52
CA ALA Q 143 39.84 -27.56 -13.38
C ALA Q 143 40.17 -26.25 -12.68
N THR Q 144 41.45 -26.02 -12.45
CA THR Q 144 41.93 -24.82 -11.76
C THR Q 144 42.56 -23.81 -12.70
N LEU Q 145 41.92 -22.65 -12.86
CA LEU Q 145 42.57 -21.56 -13.54
C LEU Q 145 43.34 -20.70 -12.54
N VAL Q 146 44.44 -20.14 -13.02
CA VAL Q 146 45.31 -19.27 -12.24
C VAL Q 146 45.34 -17.93 -12.93
N CYS Q 147 45.16 -16.87 -12.16
CA CYS Q 147 45.33 -15.54 -12.72
C CYS Q 147 46.48 -14.91 -11.97
N LEU Q 148 47.47 -14.44 -12.72
CA LEU Q 148 48.67 -13.84 -12.16
C LEU Q 148 48.77 -12.41 -12.66
N ALA Q 149 48.85 -11.47 -11.73
CA ALA Q 149 49.13 -10.08 -12.05
C ALA Q 149 50.51 -9.78 -11.51
N THR Q 150 51.35 -9.22 -12.34
CA THR Q 150 52.73 -9.00 -11.96
C THR Q 150 53.11 -7.61 -12.41
N GLY Q 151 54.11 -7.05 -11.71
CA GLY Q 151 54.69 -5.78 -12.09
C GLY Q 151 53.75 -4.60 -11.85
N PHE Q 152 53.47 -4.31 -10.57
CA PHE Q 152 52.62 -3.19 -10.22
C PHE Q 152 53.06 -2.64 -8.88
N TYR Q 153 52.70 -1.37 -8.67
CA TYR Q 153 53.07 -0.53 -7.54
C TYR Q 153 52.17 0.71 -7.50
N PRO Q 154 51.52 1.02 -6.38
CA PRO Q 154 51.57 0.36 -5.09
C PRO Q 154 50.81 -0.94 -5.10
N ASP Q 155 50.67 -1.59 -3.95
CA ASP Q 155 50.00 -2.87 -3.86
C ASP Q 155 48.51 -2.72 -3.63
N HIS Q 156 47.91 -1.61 -4.07
CA HIS Q 156 46.48 -1.39 -3.88
C HIS Q 156 45.83 -1.82 -5.18
N VAL Q 157 45.41 -3.10 -5.20
CA VAL Q 157 44.82 -3.75 -6.37
C VAL Q 157 43.58 -4.51 -5.91
N GLU Q 158 42.65 -4.72 -6.86
CA GLU Q 158 41.39 -5.38 -6.59
C GLU Q 158 41.12 -6.43 -7.66
N LEU Q 159 40.95 -7.70 -7.26
CA LEU Q 159 40.83 -8.82 -8.18
C LEU Q 159 39.44 -9.43 -8.15
N SER Q 160 38.95 -9.88 -9.31
CA SER Q 160 37.68 -10.59 -9.41
C SER Q 160 37.70 -11.56 -10.60
N TRP Q 161 36.90 -12.63 -10.51
CA TRP Q 161 36.60 -13.51 -11.64
C TRP Q 161 35.18 -13.30 -12.14
N TRP Q 162 35.03 -13.37 -13.47
CA TRP Q 162 33.73 -13.26 -14.16
C TRP Q 162 33.58 -14.43 -15.12
N VAL Q 163 32.56 -15.24 -14.89
CA VAL Q 163 32.23 -16.36 -15.76
C VAL Q 163 30.92 -16.01 -16.46
N ASN Q 164 31.01 -15.83 -17.77
CA ASN Q 164 29.85 -15.54 -18.60
C ASN Q 164 29.09 -14.30 -18.09
N GLY Q 165 29.86 -13.24 -17.83
CA GLY Q 165 29.32 -11.92 -17.54
C GLY Q 165 28.88 -11.62 -16.11
N LYS Q 166 28.91 -12.60 -15.20
CA LYS Q 166 28.54 -12.41 -13.81
C LYS Q 166 29.76 -12.64 -12.92
N GLU Q 167 29.87 -11.84 -11.85
CA GLU Q 167 30.94 -12.10 -10.90
C GLU Q 167 30.67 -13.43 -10.21
N VAL Q 168 31.72 -14.21 -10.00
CA VAL Q 168 31.57 -15.52 -9.39
C VAL Q 168 32.07 -15.52 -7.96
N HIS Q 169 31.47 -16.37 -7.16
CA HIS Q 169 31.76 -16.43 -5.74
C HIS Q 169 32.33 -17.77 -5.30
N SER Q 170 31.69 -18.89 -5.65
CA SER Q 170 32.28 -20.17 -5.24
C SER Q 170 33.47 -20.49 -6.11
N GLY Q 171 34.34 -21.36 -5.63
CA GLY Q 171 35.48 -21.66 -6.44
C GLY Q 171 36.46 -20.51 -6.57
N VAL Q 172 36.24 -19.43 -5.83
CA VAL Q 172 37.10 -18.24 -5.86
C VAL Q 172 38.12 -18.36 -4.74
N CYS Q 173 39.39 -18.03 -5.03
CA CYS Q 173 40.41 -18.09 -3.97
C CYS Q 173 41.50 -17.06 -4.27
N THR Q 174 41.36 -15.85 -3.71
CA THR Q 174 42.33 -14.77 -3.91
C THR Q 174 43.35 -14.75 -2.78
N ASP Q 175 44.66 -14.64 -3.11
CA ASP Q 175 45.72 -14.63 -2.08
C ASP Q 175 45.60 -13.47 -1.10
N PRO Q 176 45.91 -13.71 0.17
CA PRO Q 176 45.62 -12.71 1.21
C PRO Q 176 46.34 -11.41 1.00
N GLN Q 177 47.59 -11.48 0.59
CA GLN Q 177 48.40 -10.29 0.48
C GLN Q 177 49.16 -10.38 -0.82
N PRO Q 178 49.47 -9.25 -1.42
CA PRO Q 178 50.43 -9.26 -2.52
C PRO Q 178 51.80 -9.64 -1.97
N LEU Q 179 52.65 -10.17 -2.84
CA LEU Q 179 54.02 -10.45 -2.45
C LEU Q 179 54.95 -9.65 -3.34
N LYS Q 180 56.09 -9.24 -2.78
CA LYS Q 180 57.07 -8.43 -3.50
C LYS Q 180 57.85 -9.33 -4.44
N GLU Q 181 57.86 -8.97 -5.73
CA GLU Q 181 58.70 -9.71 -6.66
C GLU Q 181 60.16 -9.64 -6.27
N GLN Q 182 60.57 -8.54 -5.61
CA GLN Q 182 61.95 -8.31 -5.20
C GLN Q 182 62.01 -7.92 -3.72
N PRO Q 183 61.98 -8.89 -2.80
CA PRO Q 183 61.95 -8.55 -1.36
C PRO Q 183 63.12 -7.69 -0.87
N ALA Q 184 64.15 -7.45 -1.70
CA ALA Q 184 65.33 -6.72 -1.24
C ALA Q 184 65.17 -5.20 -1.23
N LEU Q 185 64.41 -4.63 -2.17
CA LEU Q 185 64.11 -3.21 -2.13
C LEU Q 185 62.98 -2.97 -1.12
N ASN Q 186 63.02 -1.84 -0.40
CA ASN Q 186 61.86 -1.50 0.43
C ASN Q 186 60.73 -0.84 -0.37
N ASP Q 187 60.88 -0.73 -1.68
CA ASP Q 187 59.87 -0.21 -2.60
C ASP Q 187 59.73 -1.10 -3.83
N SER Q 188 59.86 -2.41 -3.64
CA SER Q 188 59.69 -3.39 -4.72
C SER Q 188 58.31 -3.29 -5.38
N ARG Q 189 58.24 -3.72 -6.63
CA ARG Q 189 56.96 -3.91 -7.29
C ARG Q 189 56.33 -5.23 -6.84
N TYR Q 190 55.02 -5.35 -7.04
CA TYR Q 190 54.30 -6.45 -6.41
C TYR Q 190 53.69 -7.40 -7.44
N ALA Q 191 53.21 -8.54 -6.91
CA ALA Q 191 52.46 -9.54 -7.67
C ALA Q 191 51.41 -10.16 -6.74
N LEU Q 192 50.33 -10.65 -7.35
CA LEU Q 192 49.22 -11.27 -6.66
C LEU Q 192 48.73 -12.43 -7.52
N SER Q 193 48.25 -13.52 -6.89
CA SER Q 193 47.61 -14.58 -7.68
C SER Q 193 46.17 -14.80 -7.23
N SER Q 194 45.47 -15.62 -8.00
CA SER Q 194 44.13 -16.03 -7.61
C SER Q 194 43.83 -17.36 -8.26
N ARG Q 195 42.79 -18.02 -7.77
CA ARG Q 195 42.36 -19.30 -8.33
C ARG Q 195 40.87 -19.30 -8.66
N LEU Q 196 40.53 -19.97 -9.75
CA LEU Q 196 39.14 -20.29 -10.09
C LEU Q 196 39.10 -21.75 -10.54
N ARG Q 197 38.46 -22.59 -9.72
CA ARG Q 197 38.34 -24.01 -10.00
C ARG Q 197 36.87 -24.35 -10.23
N VAL Q 198 36.58 -24.99 -11.35
CA VAL Q 198 35.24 -25.46 -11.68
C VAL Q 198 35.33 -26.89 -12.18
N SER Q 199 34.17 -27.56 -12.16
CA SER Q 199 34.10 -28.95 -12.61
C SER Q 199 34.61 -29.07 -14.04
N ALA Q 200 35.15 -30.26 -14.39
CA ALA Q 200 35.70 -30.48 -15.73
C ALA Q 200 34.64 -30.40 -16.84
N THR Q 201 33.42 -30.91 -16.61
CA THR Q 201 32.37 -30.83 -17.62
C THR Q 201 32.07 -29.37 -17.97
N PHE Q 202 32.10 -28.51 -16.96
CA PHE Q 202 31.87 -27.07 -17.07
C PHE Q 202 33.05 -26.40 -17.79
N TRP Q 203 34.26 -26.93 -17.62
CA TRP Q 203 35.41 -26.45 -18.37
C TRP Q 203 35.43 -27.00 -19.80
N GLN Q 204 35.01 -28.26 -19.99
CA GLN Q 204 35.10 -28.90 -21.29
C GLN Q 204 33.93 -28.55 -22.23
N ASN Q 205 33.12 -27.56 -21.86
CA ASN Q 205 32.07 -27.06 -22.73
C ASN Q 205 32.63 -25.73 -23.20
N PRO Q 206 33.19 -25.66 -24.42
CA PRO Q 206 33.81 -24.41 -24.89
C PRO Q 206 32.84 -23.26 -25.06
N ARG Q 207 31.54 -23.47 -24.78
CA ARG Q 207 30.58 -22.37 -24.81
C ARG Q 207 30.73 -21.46 -23.61
N ASN Q 208 31.58 -21.82 -22.65
CA ASN Q 208 31.72 -21.09 -21.38
C ASN Q 208 32.93 -20.17 -21.37
N HIS Q 209 32.73 -18.96 -20.84
CA HIS Q 209 33.71 -17.90 -20.85
C HIS Q 209 34.15 -17.48 -19.44
N PHE Q 210 35.46 -17.35 -19.25
CA PHE Q 210 36.07 -16.98 -17.98
C PHE Q 210 36.90 -15.70 -18.14
N ARG Q 211 36.65 -14.68 -17.32
CA ARG Q 211 37.48 -13.48 -17.40
C ARG Q 211 37.92 -13.00 -16.01
N CYS Q 212 39.22 -12.74 -15.88
CA CYS Q 212 39.87 -12.29 -14.65
C CYS Q 212 40.11 -10.78 -14.68
N GLN Q 213 39.48 -10.04 -13.77
CA GLN Q 213 39.53 -8.59 -13.79
C GLN Q 213 40.31 -8.07 -12.58
N VAL Q 214 41.21 -7.13 -12.84
CA VAL Q 214 42.04 -6.47 -11.83
C VAL Q 214 41.74 -4.98 -11.83
N GLN Q 215 40.99 -4.51 -10.84
CA GLN Q 215 40.82 -3.06 -10.67
C GLN Q 215 42.06 -2.49 -9.99
N PHE Q 216 42.75 -1.56 -10.64
CA PHE Q 216 43.97 -0.98 -10.12
C PHE Q 216 43.78 0.50 -9.78
N TYR Q 217 44.28 0.89 -8.63
CA TYR Q 217 44.24 2.30 -8.21
C TYR Q 217 45.61 2.91 -8.44
N GLY Q 218 45.66 3.87 -9.37
CA GLY Q 218 46.85 4.60 -9.72
C GLY Q 218 46.58 6.09 -9.68
N LEU Q 219 47.28 6.82 -10.54
CA LEU Q 219 47.17 8.27 -10.55
C LEU Q 219 45.89 8.72 -11.29
N SER Q 220 45.58 10.00 -11.16
CA SER Q 220 44.51 10.63 -11.92
C SER Q 220 45.12 11.68 -12.84
N GLU Q 221 44.35 12.13 -13.83
CA GLU Q 221 44.84 13.14 -14.77
C GLU Q 221 45.09 14.48 -14.10
N ASN Q 222 44.75 14.62 -12.81
CA ASN Q 222 45.05 15.84 -12.09
C ASN Q 222 46.50 15.91 -11.59
N ASP Q 223 47.31 14.87 -11.83
CA ASP Q 223 48.76 14.92 -11.63
C ASP Q 223 49.45 15.07 -12.98
N GLU Q 224 50.75 15.39 -12.92
CA GLU Q 224 51.52 15.59 -14.17
C GLU Q 224 52.55 14.48 -14.33
N TRP Q 225 52.36 13.59 -15.31
CA TRP Q 225 53.35 12.52 -15.56
C TRP Q 225 54.63 13.13 -16.11
N THR Q 226 55.77 12.81 -15.50
CA THR Q 226 57.04 13.44 -15.92
C THR Q 226 58.03 12.36 -16.41
N GLN Q 227 57.51 11.27 -16.99
CA GLN Q 227 58.41 10.17 -17.43
C GLN Q 227 58.11 9.81 -18.88
N ASP Q 228 59.04 9.12 -19.55
CA ASP Q 228 58.86 8.78 -20.98
C ASP Q 228 58.10 7.47 -21.12
N ARG Q 229 56.88 7.39 -20.59
CA ARG Q 229 56.05 6.17 -20.74
C ARG Q 229 54.59 6.53 -20.40
N ALA Q 230 53.65 5.62 -20.66
CA ALA Q 230 52.25 5.95 -20.42
C ALA Q 230 52.01 6.20 -18.94
N LYS Q 231 51.05 7.10 -18.66
CA LYS Q 231 50.72 7.54 -17.28
C LYS Q 231 49.97 6.44 -16.54
N PRO Q 232 50.52 5.91 -15.41
CA PRO Q 232 49.85 4.77 -14.73
C PRO Q 232 48.63 5.23 -13.92
N VAL Q 233 47.54 5.52 -14.64
CA VAL Q 233 46.34 6.03 -14.01
C VAL Q 233 45.38 4.89 -13.71
N THR Q 234 44.36 5.19 -12.93
CA THR Q 234 43.30 4.23 -12.63
C THR Q 234 42.81 3.59 -13.91
N GLN Q 235 42.60 2.28 -13.84
CA GLN Q 235 42.30 1.48 -15.00
C GLN Q 235 41.88 0.10 -14.54
N ILE Q 236 41.21 -0.62 -15.42
CA ILE Q 236 40.99 -2.06 -15.26
C ILE Q 236 41.89 -2.75 -16.27
N VAL Q 237 42.53 -3.85 -15.85
CA VAL Q 237 43.31 -4.72 -16.72
C VAL Q 237 42.74 -6.12 -16.61
N SER Q 238 42.44 -6.76 -17.74
CA SER Q 238 41.79 -8.06 -17.71
C SER Q 238 42.63 -9.08 -18.48
N ALA Q 239 42.31 -10.35 -18.24
CA ALA Q 239 42.76 -11.46 -19.07
C ALA Q 239 41.60 -12.45 -19.10
N GLU Q 240 41.59 -13.29 -20.13
CA GLU Q 240 40.43 -14.16 -20.32
C GLU Q 240 40.83 -15.46 -21.00
N ALA Q 241 39.93 -16.43 -20.90
CA ALA Q 241 40.05 -17.70 -21.61
C ALA Q 241 38.65 -18.28 -21.78
N TRP Q 242 38.46 -18.99 -22.89
CA TRP Q 242 37.21 -19.67 -23.17
C TRP Q 242 37.35 -21.14 -22.82
N GLY Q 243 36.22 -21.82 -22.73
CA GLY Q 243 36.23 -23.25 -22.56
C GLY Q 243 36.85 -23.96 -23.75
N ARG Q 244 37.42 -25.14 -23.49
CA ARG Q 244 37.99 -25.98 -24.52
C ARG Q 244 37.63 -27.40 -24.12
N ALA Q 245 37.37 -28.26 -25.10
CA ALA Q 245 37.05 -29.64 -24.75
C ALA Q 245 38.25 -30.56 -24.91
N GLY R 2 15.68 12.96 58.13
CA GLY R 2 17.05 13.15 57.67
C GLY R 2 17.34 12.88 56.19
N SER R 3 16.51 13.42 55.29
CA SER R 3 16.65 13.25 53.83
C SER R 3 17.64 14.26 53.23
N HIS R 4 18.40 13.82 52.23
CA HIS R 4 19.37 14.71 51.62
C HIS R 4 19.37 14.55 50.11
N SER R 5 19.86 15.61 49.44
CA SER R 5 19.81 15.78 47.98
C SER R 5 21.11 16.39 47.48
N MET R 6 21.40 16.11 46.22
CA MET R 6 22.50 16.72 45.51
C MET R 6 21.89 17.45 44.33
N ARG R 7 22.33 18.66 44.07
CA ARG R 7 21.76 19.46 43.02
C ARG R 7 22.93 20.01 42.22
N TYR R 8 22.85 19.98 40.91
CA TYR R 8 23.85 20.61 40.04
C TYR R 8 23.21 21.71 39.19
N PHE R 9 23.88 22.86 39.04
CA PHE R 9 23.32 24.01 38.35
C PHE R 9 24.25 24.46 37.23
N PHE R 10 23.69 24.67 36.03
CA PHE R 10 24.47 25.12 34.88
C PHE R 10 23.90 26.37 34.24
N THR R 11 24.81 27.21 33.75
CA THR R 11 24.41 28.43 33.09
C THR R 11 25.31 28.65 31.89
N SER R 12 24.70 29.04 30.77
CA SER R 12 25.49 29.37 29.55
C SER R 12 24.96 30.68 28.95
N VAL R 13 25.79 31.74 28.93
CA VAL R 13 25.37 33.05 28.37
C VAL R 13 26.02 33.21 26.99
N SER R 14 25.37 33.94 26.07
CA SER R 14 25.87 34.01 24.67
C SER R 14 27.13 34.86 24.51
N ARG R 15 27.24 36.04 24.94
CA ARG R 15 28.43 36.88 24.67
C ARG R 15 28.52 37.08 23.15
N PRO R 16 27.59 37.82 22.52
CA PRO R 16 27.57 37.94 21.07
C PRO R 16 28.85 38.58 20.54
N GLY R 17 29.54 37.89 19.63
CA GLY R 17 30.78 38.44 19.04
C GLY R 17 31.90 38.50 20.06
N ARG R 18 31.56 38.44 21.35
CA ARG R 18 32.58 38.48 22.42
C ARG R 18 33.19 37.08 22.55
N GLY R 19 33.74 36.55 21.47
CA GLY R 19 34.39 35.23 21.51
C GLY R 19 33.41 34.11 21.83
N GLU R 20 33.87 33.11 22.57
CA GLU R 20 33.00 31.94 22.87
C GLU R 20 32.00 32.30 23.98
N PRO R 21 30.91 31.53 24.12
CA PRO R 21 29.93 31.79 25.17
C PRO R 21 30.50 31.56 26.57
N ARG R 22 29.81 32.08 27.60
CA ARG R 22 30.26 31.90 29.00
C ARG R 22 29.59 30.64 29.56
N PHE R 23 30.31 29.88 30.38
CA PHE R 23 29.76 28.64 30.93
C PHE R 23 30.10 28.59 32.41
N ILE R 24 29.10 28.59 33.28
CA ILE R 24 29.34 28.60 34.71
C ILE R 24 28.61 27.42 35.33
N ALA R 25 29.34 26.59 36.10
CA ALA R 25 28.72 25.44 36.76
C ALA R 25 29.09 25.33 38.24
N VAL R 26 28.10 24.99 39.09
CA VAL R 26 28.31 24.84 40.53
C VAL R 26 27.59 23.60 41.04
N GLY R 27 28.18 22.95 42.03
CA GLY R 27 27.56 21.82 42.69
C GLY R 27 27.15 22.05 44.14
N TYR R 28 26.02 21.46 44.51
CA TYR R 28 25.47 21.55 45.84
C TYR R 28 25.24 20.17 46.41
N VAL R 29 25.54 20.01 47.69
CA VAL R 29 24.93 18.95 48.47
C VAL R 29 24.10 19.64 49.54
N ASP R 30 22.83 19.30 49.57
CA ASP R 30 21.86 20.05 50.37
C ASP R 30 22.11 21.53 50.18
N ASP R 31 22.39 22.27 51.25
CA ASP R 31 22.51 23.71 51.12
C ASP R 31 23.98 24.16 51.23
N THR R 32 24.88 23.30 50.77
CA THR R 32 26.31 23.56 50.72
C THR R 32 26.85 23.32 49.32
N GLN R 33 27.62 24.29 48.80
CA GLN R 33 28.38 24.13 47.56
C GLN R 33 29.71 23.38 47.79
N PHE R 34 30.04 22.45 46.87
CA PHE R 34 31.26 21.67 47.00
C PHE R 34 32.12 21.55 45.76
N VAL R 35 31.61 21.78 44.54
CA VAL R 35 32.42 21.75 43.32
C VAL R 35 32.06 22.94 42.46
N ARG R 36 32.94 23.25 41.52
CA ARG R 36 32.69 24.46 40.73
C ARG R 36 33.43 24.37 39.40
N PHE R 37 32.83 24.94 38.35
CA PHE R 37 33.50 25.10 37.07
C PHE R 37 33.10 26.39 36.37
N ASP R 38 34.13 27.12 35.98
CA ASP R 38 33.99 28.37 35.29
C ASP R 38 34.88 28.33 34.07
N SER R 39 34.30 28.54 32.90
CA SER R 39 35.04 28.59 31.64
C SER R 39 36.05 29.74 31.59
N ASP R 40 35.84 30.82 32.36
CA ASP R 40 36.72 31.99 32.27
C ASP R 40 37.91 31.93 33.23
N ALA R 41 37.93 30.98 34.17
CA ALA R 41 39.09 30.84 35.05
C ALA R 41 40.23 30.22 34.25
N ALA R 42 41.46 30.51 34.67
CA ALA R 42 42.61 29.96 33.97
C ALA R 42 42.71 28.43 34.11
N SER R 43 42.12 27.86 35.18
CA SER R 43 42.23 26.42 35.47
C SER R 43 41.87 25.56 34.27
N GLN R 44 40.76 25.89 33.61
CA GLN R 44 40.13 25.03 32.63
C GLN R 44 39.77 23.70 33.26
N ARG R 45 39.51 23.73 34.56
CA ARG R 45 39.30 22.49 35.26
C ARG R 45 38.24 22.67 36.31
N MET R 46 37.53 21.58 36.54
CA MET R 46 36.63 21.46 37.66
C MET R 46 37.38 21.75 38.95
N GLU R 47 36.75 22.47 39.87
CA GLU R 47 37.46 22.82 41.10
C GLU R 47 36.69 22.42 42.36
N PRO R 48 37.38 22.15 43.46
CA PRO R 48 36.71 21.95 44.77
C PRO R 48 36.40 23.26 45.48
N ARG R 49 35.36 23.21 46.38
CA ARG R 49 34.87 24.39 47.13
C ARG R 49 34.66 24.16 48.61
N ALA R 50 33.96 23.05 48.99
CA ALA R 50 33.89 22.65 50.40
C ALA R 50 35.07 21.74 50.72
N PRO R 51 35.59 21.80 51.94
CA PRO R 51 36.87 21.13 52.20
C PRO R 51 36.82 19.63 51.97
N TRP R 52 35.71 18.98 52.34
CA TRP R 52 35.63 17.54 52.49
C TRP R 52 35.70 16.76 51.18
N ILE R 53 35.70 17.44 50.01
CA ILE R 53 35.84 16.74 48.73
C ILE R 53 37.27 16.74 48.22
N GLU R 54 38.15 17.55 48.78
CA GLU R 54 39.51 17.69 48.26
C GLU R 54 40.32 16.43 48.39
N GLN R 55 39.88 15.53 49.29
CA GLN R 55 40.51 14.24 49.52
C GLN R 55 40.41 13.27 48.35
N GLU R 56 39.51 13.50 47.39
CA GLU R 56 39.45 12.67 46.19
C GLU R 56 40.68 12.94 45.33
N GLY R 57 41.17 11.89 44.65
CA GLY R 57 42.48 11.97 44.02
C GLY R 57 42.44 12.67 42.66
N PRO R 58 43.60 12.72 41.99
CA PRO R 58 43.63 13.30 40.64
C PRO R 58 42.73 12.60 39.62
N GLU R 59 42.36 11.33 39.83
CA GLU R 59 41.45 10.65 38.91
C GLU R 59 40.05 11.26 39.01
N TYR R 60 39.62 11.61 40.22
CA TYR R 60 38.30 12.21 40.40
C TYR R 60 38.23 13.51 39.62
N TRP R 61 39.25 14.35 39.75
CA TRP R 61 39.19 15.62 39.05
C TRP R 61 39.33 15.48 37.53
N ASP R 62 39.94 14.40 37.05
CA ASP R 62 40.03 14.25 35.62
C ASP R 62 38.65 13.95 35.05
N GLN R 63 38.04 12.88 35.55
CA GLN R 63 36.70 12.49 35.11
C GLN R 63 35.72 13.64 35.28
N GLU R 64 35.63 14.21 36.48
CA GLU R 64 34.74 15.36 36.66
C GLU R 64 35.03 16.52 35.71
N THR R 65 36.28 16.80 35.38
CA THR R 65 36.48 17.88 34.43
C THR R 65 35.96 17.54 33.05
N ARG R 66 36.25 16.35 32.54
CA ARG R 66 35.83 16.06 31.16
C ARG R 66 34.33 16.04 31.04
N ASN R 67 33.65 15.49 32.03
CA ASN R 67 32.19 15.47 31.96
C ASN R 67 31.58 16.82 32.20
N VAL R 68 32.33 17.75 32.76
CA VAL R 68 31.71 19.05 32.81
C VAL R 68 32.07 19.81 31.56
N LYS R 69 33.24 19.50 30.99
CA LYS R 69 33.66 20.21 29.77
C LYS R 69 32.70 19.83 28.64
N ALA R 70 32.14 18.63 28.71
CA ALA R 70 31.26 18.15 27.63
C ALA R 70 29.97 18.97 27.61
N GLN R 71 29.33 19.13 28.77
CA GLN R 71 28.03 19.84 28.78
C GLN R 71 28.26 21.25 28.20
N SER R 72 29.44 21.81 28.42
CA SER R 72 29.74 23.14 27.85
C SER R 72 29.65 23.07 26.33
N GLN R 73 30.39 22.14 25.74
CA GLN R 73 30.39 22.01 24.26
C GLN R 73 28.97 21.69 23.80
N THR R 74 28.30 20.75 24.46
CA THR R 74 26.95 20.31 24.01
C THR R 74 25.95 21.43 24.28
N ASP R 75 26.39 22.55 24.84
CA ASP R 75 25.48 23.70 25.04
C ASP R 75 25.85 24.81 24.07
N ARG R 76 27.12 24.88 23.66
CA ARG R 76 27.51 25.89 22.65
C ARG R 76 26.65 25.68 21.40
N VAL R 77 26.55 24.44 20.96
CA VAL R 77 25.70 24.11 19.78
C VAL R 77 24.26 24.52 20.11
N ASP R 78 23.77 24.02 21.24
CA ASP R 78 22.36 24.30 21.63
C ASP R 78 22.12 25.82 21.54
N LEU R 79 23.07 26.64 21.95
CA LEU R 79 22.83 28.07 21.81
C LEU R 79 22.41 28.46 20.39
N GLY R 80 23.15 27.98 19.39
CA GLY R 80 22.84 28.30 18.01
C GLY R 80 21.57 27.62 17.55
N THR R 81 21.37 26.37 18.00
CA THR R 81 20.17 25.60 17.70
C THR R 81 18.90 26.23 18.28
N LEU R 82 18.92 26.71 19.54
CA LEU R 82 17.72 27.45 19.97
C LEU R 82 17.60 28.84 19.31
N ARG R 83 18.72 29.52 19.07
CA ARG R 83 18.67 30.70 18.20
C ARG R 83 17.97 30.37 16.89
N GLY R 84 18.26 29.20 16.33
CA GLY R 84 17.57 28.71 15.17
C GLY R 84 16.11 28.37 15.43
N TYR R 85 15.79 27.35 16.25
CA TYR R 85 14.38 27.02 16.49
C TYR R 85 13.54 28.26 16.74
N TYR R 86 14.09 29.23 17.49
CA TYR R 86 13.40 30.46 17.86
C TYR R 86 13.63 31.58 16.84
N ASN R 87 14.45 31.31 15.82
CA ASN R 87 14.70 32.20 14.67
C ASN R 87 15.02 33.61 15.18
N GLN R 88 16.03 33.66 16.01
CA GLN R 88 16.39 34.91 16.66
C GLN R 88 17.64 35.45 15.99
N SER R 89 17.80 36.77 16.05
CA SER R 89 18.94 37.40 15.42
C SER R 89 20.21 36.93 16.11
N GLU R 90 21.31 36.83 15.35
CA GLU R 90 22.57 36.39 15.95
C GLU R 90 23.34 37.55 16.53
N ALA R 91 22.70 38.69 16.70
CA ALA R 91 23.28 39.84 17.34
C ALA R 91 22.90 39.96 18.79
N GLY R 92 22.04 39.09 19.30
CA GLY R 92 21.55 39.20 20.66
C GLY R 92 22.17 38.14 21.56
N SER R 93 22.37 38.52 22.83
CA SER R 93 22.91 37.59 23.81
C SER R 93 21.77 36.79 24.44
N HIS R 94 22.02 35.51 24.73
CA HIS R 94 21.00 34.60 25.21
C HIS R 94 21.54 33.69 26.33
N THR R 95 20.62 33.21 27.18
CA THR R 95 20.94 32.43 28.38
C THR R 95 20.21 31.09 28.41
N ILE R 96 20.95 30.01 28.58
CA ILE R 96 20.36 28.69 28.80
C ILE R 96 20.70 28.28 30.24
N GLN R 97 19.72 27.71 30.95
CA GLN R 97 19.94 27.21 32.32
C GLN R 97 19.55 25.74 32.43
N ILE R 98 20.47 24.92 32.95
CA ILE R 98 20.22 23.51 33.15
C ILE R 98 20.36 23.20 34.63
N MET R 99 19.46 22.36 35.15
CA MET R 99 19.53 21.90 36.53
C MET R 99 19.22 20.41 36.65
N TYR R 100 20.05 19.67 37.40
CA TYR R 100 19.69 18.32 37.75
C TYR R 100 20.21 17.84 39.10
N GLY R 101 19.52 16.84 39.63
CA GLY R 101 19.91 16.25 40.89
C GLY R 101 19.08 15.03 41.24
N CYS R 102 19.41 14.47 42.42
CA CYS R 102 18.80 13.25 42.97
C CYS R 102 18.55 13.45 44.46
N ASP R 103 17.53 12.76 44.96
CA ASP R 103 17.14 12.80 46.36
C ASP R 103 17.30 11.41 46.95
N VAL R 104 17.97 11.31 48.09
CA VAL R 104 18.04 10.08 48.85
C VAL R 104 17.40 10.33 50.20
N GLY R 105 16.74 9.28 50.71
CA GLY R 105 16.01 9.36 51.94
C GLY R 105 16.95 9.19 53.11
N SER R 106 16.35 9.08 54.30
CA SER R 106 17.19 9.01 55.49
C SER R 106 18.16 7.83 55.40
N ASP R 107 17.68 6.69 54.90
CA ASP R 107 18.45 5.46 54.79
C ASP R 107 19.15 5.32 53.46
N GLY R 108 19.23 6.39 52.69
CA GLY R 108 19.94 6.34 51.44
C GLY R 108 19.11 5.94 50.26
N ARG R 109 17.89 5.46 50.50
CA ARG R 109 17.08 4.90 49.44
C ARG R 109 16.85 5.97 48.40
N PHE R 110 16.80 5.57 47.15
CA PHE R 110 16.55 6.54 46.11
C PHE R 110 15.09 7.01 46.23
N LEU R 111 14.86 8.27 45.85
CA LEU R 111 13.48 8.84 45.90
C LEU R 111 13.14 9.41 44.53
N ARG R 112 13.46 10.69 44.28
CA ARG R 112 13.15 11.33 43.04
C ARG R 112 14.47 11.73 42.40
N GLY R 113 14.45 11.86 41.08
CA GLY R 113 15.55 12.49 40.36
C GLY R 113 14.93 13.55 39.49
N TYR R 114 15.71 14.57 39.16
CA TYR R 114 15.03 15.63 38.44
C TYR R 114 16.02 16.36 37.53
N ARG R 115 15.52 16.81 36.38
CA ARG R 115 16.26 17.64 35.42
C ARG R 115 15.29 18.68 34.88
N GLN R 116 15.71 19.94 34.89
CA GLN R 116 14.94 21.05 34.33
C GLN R 116 15.87 21.96 33.52
N ASP R 117 15.42 22.34 32.31
CA ASP R 117 16.19 23.18 31.40
C ASP R 117 15.36 24.42 31.05
N ALA R 118 16.03 25.57 30.84
CA ALA R 118 15.33 26.82 30.54
C ALA R 118 16.10 27.70 29.56
N TYR R 119 15.35 28.50 28.82
CA TYR R 119 15.92 29.46 27.88
C TYR R 119 15.38 30.84 28.20
N ASP R 120 16.29 31.80 28.44
CA ASP R 120 15.96 33.21 28.78
C ASP R 120 14.94 33.34 29.91
N GLY R 121 15.06 32.46 30.90
CA GLY R 121 14.15 32.58 32.01
C GLY R 121 12.79 32.00 31.76
N LYS R 122 12.63 31.23 30.70
CA LYS R 122 11.36 30.60 30.44
C LYS R 122 11.60 29.10 30.56
N ASP R 123 10.62 28.39 31.11
CA ASP R 123 10.66 26.92 31.12
C ASP R 123 10.75 26.42 29.68
N TYR R 124 11.63 25.46 29.40
CA TYR R 124 11.75 24.88 28.04
C TYR R 124 11.31 23.43 28.02
N ILE R 125 12.12 22.53 28.57
CA ILE R 125 11.73 21.15 28.69
C ILE R 125 12.12 20.65 30.06
N ALA R 126 11.39 19.65 30.53
CA ALA R 126 11.68 19.09 31.84
C ALA R 126 11.36 17.61 31.87
N LEU R 127 12.03 16.93 32.78
CA LEU R 127 11.79 15.53 33.02
C LEU R 127 10.66 15.36 34.01
N ASN R 128 9.75 14.45 33.72
CA ASN R 128 8.56 14.26 34.53
C ASN R 128 8.80 13.31 35.70
N GLU R 129 7.79 13.24 36.57
CA GLU R 129 7.89 12.39 37.75
C GLU R 129 8.27 10.97 37.40
N ASP R 130 7.54 10.32 36.50
CA ASP R 130 7.83 8.90 36.32
C ASP R 130 9.27 8.61 35.89
N LEU R 131 10.04 9.63 35.51
CA LEU R 131 11.41 9.52 35.02
C LEU R 131 11.48 8.78 33.67
N ARG R 132 10.39 8.77 32.93
CA ARG R 132 10.39 8.15 31.61
C ARG R 132 9.83 9.03 30.53
N SER R 133 9.10 10.10 30.89
CA SER R 133 8.36 10.98 30.00
C SER R 133 8.87 12.41 30.09
N TRP R 134 8.52 13.20 29.11
CA TRP R 134 8.98 14.57 29.05
C TRP R 134 7.82 15.53 28.89
N THR R 135 8.13 16.79 29.20
CA THR R 135 7.20 17.91 29.05
C THR R 135 7.84 19.05 28.27
N ALA R 136 7.27 19.35 27.12
CA ALA R 136 7.67 20.47 26.30
C ALA R 136 6.92 21.71 26.77
N ALA R 137 7.57 22.87 26.57
CA ALA R 137 6.94 24.15 26.86
C ALA R 137 6.31 24.82 25.65
N ASP R 138 6.85 24.61 24.45
CA ASP R 138 6.32 25.20 23.20
C ASP R 138 6.59 24.24 22.03
N MET R 139 6.32 24.73 20.81
CA MET R 139 6.55 23.88 19.65
C MET R 139 8.02 23.71 19.34
N ALA R 140 8.89 24.64 19.75
CA ALA R 140 10.32 24.43 19.49
C ALA R 140 10.85 23.32 20.40
N ALA R 141 10.46 23.37 21.69
CA ALA R 141 10.78 22.30 22.62
C ALA R 141 10.00 21.04 22.32
N GLN R 142 8.86 21.17 21.63
CA GLN R 142 8.17 19.96 21.19
C GLN R 142 9.11 19.08 20.34
N ILE R 143 10.04 19.69 19.57
CA ILE R 143 10.98 18.91 18.74
C ILE R 143 12.06 18.26 19.59
N THR R 144 12.56 18.97 20.59
CA THR R 144 13.54 18.38 21.47
C THR R 144 12.95 17.16 22.17
N LYS R 145 11.75 17.31 22.73
CA LYS R 145 11.04 16.15 23.25
C LYS R 145 11.05 15.06 22.21
N ARG R 146 10.83 15.41 20.94
CA ARG R 146 10.77 14.40 19.90
C ARG R 146 12.11 13.71 19.73
N LYS R 147 13.20 14.47 19.75
CA LYS R 147 14.52 13.90 19.50
C LYS R 147 14.98 13.05 20.68
N TRP R 148 14.62 13.46 21.88
CA TRP R 148 15.12 12.69 22.99
C TRP R 148 14.32 11.39 23.15
N GLU R 149 13.07 11.39 22.75
CA GLU R 149 12.28 10.18 22.90
C GLU R 149 12.82 9.05 22.06
N ALA R 150 13.58 9.36 21.02
CA ALA R 150 14.17 8.38 20.11
C ALA R 150 15.54 7.89 20.58
N ALA R 151 16.44 8.83 20.86
CA ALA R 151 17.75 8.45 21.38
C ALA R 151 17.68 7.99 22.85
N HIS R 152 16.47 7.89 23.41
CA HIS R 152 16.24 7.32 24.75
C HIS R 152 17.00 8.08 25.83
N GLU R 153 17.03 9.41 25.74
CA GLU R 153 17.72 10.20 26.76
C GLU R 153 17.05 10.17 28.13
N ALA R 154 15.77 9.81 28.23
CA ALA R 154 15.18 9.73 29.57
C ALA R 154 15.69 8.50 30.33
N GLU R 155 15.66 7.34 29.69
CA GLU R 155 15.83 6.10 30.44
C GLU R 155 17.27 5.93 30.88
N GLN R 156 18.23 6.38 30.07
CA GLN R 156 19.62 6.38 30.50
C GLN R 156 19.95 7.47 31.49
N LEU R 157 19.04 8.42 31.75
CA LEU R 157 19.27 9.39 32.82
C LEU R 157 18.68 8.92 34.16
N ARG R 158 17.60 8.13 34.11
CA ARG R 158 17.12 7.38 35.27
C ARG R 158 18.22 6.47 35.78
N ALA R 159 18.98 5.86 34.87
CA ALA R 159 20.11 5.01 35.23
C ALA R 159 21.13 5.77 36.09
N TYR R 160 21.54 6.96 35.63
CA TYR R 160 22.33 7.87 36.44
C TYR R 160 21.66 8.17 37.76
N LEU R 161 20.43 8.67 37.71
CA LEU R 161 19.83 9.28 38.90
C LEU R 161 19.57 8.32 40.06
N ASP R 162 19.43 7.03 39.84
CA ASP R 162 19.35 6.15 41.01
C ASP R 162 20.56 5.23 41.14
N GLY R 163 21.58 5.41 40.32
CA GLY R 163 22.79 4.64 40.48
C GLY R 163 23.95 5.54 40.83
N THR R 164 24.64 6.00 39.77
CA THR R 164 25.84 6.80 39.91
C THR R 164 25.62 8.03 40.77
N CYS R 165 24.47 8.70 40.62
CA CYS R 165 24.18 9.88 41.43
C CYS R 165 23.93 9.49 42.86
N VAL R 166 23.09 8.47 43.07
CA VAL R 166 22.74 8.12 44.42
C VAL R 166 23.96 7.53 45.17
N GLU R 167 24.86 6.85 44.46
CA GLU R 167 26.09 6.41 45.14
C GLU R 167 26.84 7.62 45.66
N TRP R 168 27.38 8.42 44.75
CA TRP R 168 28.26 9.48 45.17
C TRP R 168 27.61 10.43 46.14
N LEU R 169 26.28 10.52 46.14
CA LEU R 169 25.65 11.26 47.21
C LEU R 169 25.87 10.58 48.54
N ARG R 170 25.71 9.27 48.60
CA ARG R 170 25.98 8.60 49.87
C ARG R 170 27.39 8.86 50.30
N ARG R 171 28.33 8.63 49.39
CA ARG R 171 29.77 8.83 49.71
C ARG R 171 29.98 10.27 50.19
N TYR R 172 29.48 11.25 49.44
CA TYR R 172 29.76 12.66 49.81
C TYR R 172 29.36 12.90 51.26
N LEU R 173 28.18 12.42 51.65
CA LEU R 173 27.69 12.70 53.02
C LEU R 173 28.68 12.13 54.03
N GLU R 174 29.05 10.85 53.88
CA GLU R 174 29.96 10.20 54.86
C GLU R 174 31.32 10.90 54.82
N ASN R 175 31.79 11.25 53.62
CA ASN R 175 33.13 11.88 53.49
C ASN R 175 33.18 13.18 54.30
N GLY R 176 32.02 13.79 54.54
CA GLY R 176 31.98 15.01 55.36
C GLY R 176 30.80 15.00 56.33
N LYS R 177 30.51 13.86 56.94
CA LYS R 177 29.33 13.76 57.83
C LYS R 177 29.42 14.77 58.96
N GLU R 178 30.60 15.37 59.17
CA GLU R 178 30.79 16.32 60.28
C GLU R 178 30.40 17.73 59.83
N THR R 179 30.54 18.02 58.53
CA THR R 179 30.29 19.40 58.04
C THR R 179 28.90 19.49 57.38
N LEU R 180 28.30 18.35 57.07
CA LEU R 180 27.01 18.38 56.33
C LEU R 180 25.87 17.93 57.24
N GLN R 181 25.94 16.70 57.75
CA GLN R 181 24.81 16.19 58.57
C GLN R 181 24.65 17.04 59.84
N ARG R 182 25.56 18.00 60.08
CA ARG R 182 25.36 18.88 61.24
C ARG R 182 24.09 19.70 61.09
N THR R 183 23.43 19.98 62.22
CA THR R 183 22.27 20.88 62.24
C THR R 183 22.55 21.97 63.27
N ASP R 184 22.95 23.16 62.79
CA ASP R 184 23.24 24.27 63.68
C ASP R 184 21.97 25.08 63.91
N PRO R 185 21.53 25.30 65.16
CA PRO R 185 20.20 25.92 65.39
C PRO R 185 20.24 27.43 65.27
N PRO R 186 19.13 28.05 64.88
CA PRO R 186 19.08 29.50 64.69
C PRO R 186 19.04 30.22 66.02
N LYS R 187 19.94 31.18 66.20
CA LYS R 187 19.98 32.03 67.40
C LYS R 187 18.98 33.19 67.25
N THR R 188 17.86 33.15 68.00
CA THR R 188 16.72 34.05 67.82
C THR R 188 16.84 35.21 68.80
N HIS R 189 16.31 36.36 68.38
CA HIS R 189 16.17 37.50 69.28
C HIS R 189 15.33 38.55 68.57
N MET R 190 14.68 39.39 69.36
CA MET R 190 13.80 40.43 68.85
C MET R 190 14.36 41.82 69.14
N THR R 191 14.01 42.77 68.28
CA THR R 191 14.34 44.19 68.40
C THR R 191 13.06 45.00 68.26
N HIS R 192 13.16 46.28 68.62
CA HIS R 192 12.04 47.21 68.56
C HIS R 192 12.52 48.56 68.04
N HIS R 193 11.82 49.11 67.05
CA HIS R 193 12.17 50.42 66.48
C HIS R 193 10.91 51.28 66.41
N PRO R 194 10.72 52.28 67.31
CA PRO R 194 9.57 53.17 67.24
C PRO R 194 9.72 54.03 65.99
N ILE R 195 9.23 53.54 64.85
CA ILE R 195 9.36 54.29 63.57
C ILE R 195 8.82 55.70 63.78
N SER R 196 7.72 55.83 64.52
CA SER R 196 7.16 57.18 64.80
C SER R 196 6.23 57.09 66.01
N ASP R 197 5.81 58.24 66.55
CA ASP R 197 4.86 58.24 67.69
C ASP R 197 3.62 57.46 67.28
N HIS R 198 2.92 56.86 68.25
CA HIS R 198 1.69 56.07 67.97
C HIS R 198 1.97 55.12 66.81
N GLU R 199 3.13 54.47 66.80
CA GLU R 199 3.49 53.51 65.72
C GLU R 199 4.73 52.73 66.14
N ALA R 200 4.96 51.52 65.60
CA ALA R 200 6.11 50.73 66.09
C ALA R 200 6.42 49.53 65.20
N THR R 201 7.69 49.13 65.13
CA THR R 201 8.11 47.94 64.40
C THR R 201 8.75 46.96 65.37
N LEU R 202 8.24 45.75 65.43
CA LEU R 202 8.86 44.67 66.19
C LEU R 202 9.55 43.75 65.20
N ARG R 203 10.88 43.70 65.22
CA ARG R 203 11.62 42.94 64.22
C ARG R 203 12.24 41.72 64.88
N CYS R 204 11.86 40.54 64.36
CA CYS R 204 12.23 39.25 64.90
C CYS R 204 13.34 38.65 64.03
N TRP R 205 14.52 38.48 64.61
CA TRP R 205 15.69 38.02 63.89
C TRP R 205 15.95 36.54 64.16
N ALA R 206 16.87 35.97 63.40
CA ALA R 206 17.37 34.62 63.65
C ALA R 206 18.65 34.42 62.84
N LEU R 207 19.80 34.23 63.50
CA LEU R 207 21.05 34.09 62.75
C LEU R 207 21.61 32.68 62.91
N GLY R 208 22.57 32.36 62.05
CA GLY R 208 23.39 31.15 62.15
C GLY R 208 22.73 29.79 62.05
N PHE R 209 21.73 29.64 61.19
CA PHE R 209 21.05 28.36 61.04
C PHE R 209 21.47 27.62 59.77
N TYR R 210 21.30 26.31 59.81
CA TYR R 210 21.58 25.35 58.76
C TYR R 210 20.73 24.12 59.05
N PRO R 211 20.05 23.59 58.08
CA PRO R 211 20.05 23.99 56.66
C PRO R 211 19.25 25.28 56.41
N ALA R 212 18.96 25.66 55.16
CA ALA R 212 18.38 26.97 54.94
C ALA R 212 16.90 27.00 55.27
N GLU R 213 16.29 25.84 55.35
CA GLU R 213 14.89 25.70 55.68
C GLU R 213 14.61 26.41 57.01
N ILE R 214 13.71 27.39 57.00
CA ILE R 214 13.29 28.05 58.24
C ILE R 214 11.89 28.65 58.04
N THR R 215 11.16 28.82 59.15
CA THR R 215 9.82 29.41 59.15
C THR R 215 9.65 30.38 60.32
N LEU R 216 9.35 31.65 60.01
CA LEU R 216 9.12 32.69 61.00
C LEU R 216 7.67 33.12 60.88
N THR R 217 6.88 32.93 61.94
CA THR R 217 5.44 33.21 61.90
C THR R 217 5.01 34.15 63.02
N TRP R 218 4.46 35.33 62.67
CA TRP R 218 3.98 36.30 63.64
C TRP R 218 2.56 35.94 64.06
N GLN R 219 2.35 35.68 65.36
CA GLN R 219 1.05 35.25 65.89
C GLN R 219 0.57 36.20 66.97
N ARG R 220 -0.60 36.79 66.74
CA ARG R 220 -1.27 37.70 67.68
C ARG R 220 -2.39 36.93 68.38
N ASP R 221 -2.15 36.55 69.63
CA ASP R 221 -3.13 35.84 70.46
C ASP R 221 -3.69 34.59 69.77
N GLY R 222 -2.82 33.88 69.05
CA GLY R 222 -3.26 32.71 68.36
C GLY R 222 -3.65 33.00 66.93
N GLU R 223 -3.79 34.27 66.57
CA GLU R 223 -4.18 34.67 65.23
C GLU R 223 -2.96 35.22 64.50
N ASP R 224 -2.76 34.75 63.27
CA ASP R 224 -1.59 35.08 62.47
C ASP R 224 -1.73 36.44 61.82
N GLN R 225 -0.62 37.15 61.71
CA GLN R 225 -0.64 38.43 60.99
C GLN R 225 -0.23 38.26 59.52
N THR R 226 -0.94 37.37 58.82
CA THR R 226 -0.67 37.14 57.41
C THR R 226 -0.83 38.41 56.57
N GLN R 227 -1.59 39.39 57.07
CA GLN R 227 -1.84 40.64 56.37
C GLN R 227 -0.96 41.80 56.86
N ASP R 228 0.04 41.55 57.73
CA ASP R 228 0.82 42.65 58.29
C ASP R 228 2.34 42.46 58.29
N THR R 229 2.84 41.29 57.89
CA THR R 229 4.24 40.96 58.04
C THR R 229 5.08 41.30 56.81
N GLU R 230 6.29 41.79 57.07
CA GLU R 230 7.33 41.94 56.07
C GLU R 230 8.39 40.91 56.37
N LEU R 231 8.59 39.98 55.46
CA LEU R 231 9.57 38.93 55.64
C LEU R 231 10.65 39.13 54.60
N VAL R 232 11.90 39.04 55.01
CA VAL R 232 13.02 39.28 54.13
C VAL R 232 13.56 37.94 53.64
N GLU R 233 14.21 37.95 52.47
CA GLU R 233 14.78 36.72 51.95
C GLU R 233 15.79 36.14 52.92
N THR R 234 15.67 34.83 53.16
CA THR R 234 16.78 34.14 53.79
C THR R 234 18.05 34.43 53.00
N ARG R 235 19.09 34.92 53.68
CA ARG R 235 20.33 35.34 53.04
C ARG R 235 21.49 34.55 53.62
N PRO R 236 22.58 34.39 52.86
CA PRO R 236 23.74 33.67 53.38
C PRO R 236 24.51 34.59 54.32
N ALA R 237 25.03 34.03 55.41
CA ALA R 237 25.97 34.82 56.20
C ALA R 237 27.32 34.91 55.49
N GLY R 238 27.64 33.94 54.63
CA GLY R 238 28.91 33.85 53.94
C GLY R 238 29.84 32.79 54.50
N ASP R 239 29.37 32.03 55.49
CA ASP R 239 30.19 31.14 56.30
C ASP R 239 29.61 29.73 56.46
N GLY R 240 28.51 29.41 55.79
CA GLY R 240 27.86 28.11 55.96
C GLY R 240 26.56 28.14 56.74
N THR R 241 26.15 29.27 57.29
CA THR R 241 24.81 29.41 57.86
C THR R 241 24.10 30.60 57.22
N PHE R 242 22.84 30.73 57.61
CA PHE R 242 21.91 31.64 56.96
C PHE R 242 21.29 32.56 58.00
N GLN R 243 20.69 33.64 57.53
CA GLN R 243 20.02 34.62 58.37
C GLN R 243 18.70 34.99 57.70
N LYS R 244 17.61 35.08 58.48
CA LYS R 244 16.31 35.50 57.99
C LYS R 244 15.59 36.25 59.09
N TRP R 245 14.91 37.30 58.73
CA TRP R 245 14.24 38.04 59.77
C TRP R 245 12.86 38.43 59.28
N ALA R 246 11.96 38.60 60.22
CA ALA R 246 10.62 39.06 59.93
C ALA R 246 10.31 40.25 60.84
N ALA R 247 9.46 41.16 60.36
CA ALA R 247 9.03 42.31 61.15
C ALA R 247 7.56 42.58 60.91
N VAL R 248 6.87 43.10 61.95
CA VAL R 248 5.46 43.46 61.87
C VAL R 248 5.29 44.85 62.48
N VAL R 249 4.42 45.67 61.88
CA VAL R 249 4.12 47.01 62.39
C VAL R 249 2.90 46.95 63.30
N VAL R 250 3.07 47.43 64.53
CA VAL R 250 2.09 47.37 65.61
C VAL R 250 1.89 48.77 66.18
N PRO R 251 0.68 49.13 66.64
CA PRO R 251 0.47 50.46 67.24
C PRO R 251 1.26 50.60 68.54
N SER R 252 1.64 51.84 68.89
CA SER R 252 2.41 52.06 70.13
C SER R 252 1.61 51.56 71.34
N GLY R 253 2.25 50.70 72.13
CA GLY R 253 1.58 50.04 73.24
C GLY R 253 1.07 48.75 72.65
N GLU R 254 0.30 47.98 73.41
CA GLU R 254 -0.34 46.81 72.83
C GLU R 254 0.67 45.77 72.29
N GLU R 255 1.99 45.98 72.50
CA GLU R 255 3.04 45.18 71.86
C GLU R 255 3.21 43.80 72.44
N GLN R 256 2.57 43.50 73.56
CA GLN R 256 2.73 42.19 74.16
C GLN R 256 1.81 41.16 73.55
N ARG R 257 0.71 41.60 72.94
CA ARG R 257 -0.27 40.70 72.36
C ARG R 257 0.33 39.87 71.21
N TYR R 258 1.37 40.39 70.55
CA TYR R 258 1.99 39.71 69.42
C TYR R 258 3.19 38.89 69.87
N THR R 259 3.29 37.68 69.35
CA THR R 259 4.40 36.80 69.59
C THR R 259 4.91 36.29 68.26
N CYS R 260 6.19 35.94 68.24
CA CYS R 260 6.88 35.45 67.06
C CYS R 260 7.24 33.99 67.32
N HIS R 261 7.10 33.13 66.30
CA HIS R 261 7.34 31.70 66.44
C HIS R 261 8.35 31.24 65.39
N VAL R 262 9.43 30.63 65.84
CA VAL R 262 10.48 30.14 64.97
C VAL R 262 10.47 28.62 65.07
N GLN R 263 10.45 27.95 63.93
CA GLN R 263 10.44 26.51 63.85
C GLN R 263 11.51 26.07 62.87
N HIS R 264 12.45 25.26 63.35
CA HIS R 264 13.62 24.88 62.57
C HIS R 264 13.87 23.40 62.77
N GLU R 265 14.68 22.81 61.86
CA GLU R 265 14.97 21.39 61.99
C GLU R 265 15.82 21.15 63.22
N GLY R 266 16.67 22.10 63.54
CA GLY R 266 17.59 22.13 64.67
C GLY R 266 17.06 22.69 65.97
N LEU R 267 15.75 22.98 66.05
CA LEU R 267 15.17 23.49 67.29
C LEU R 267 14.36 22.41 67.99
N PRO R 268 14.69 22.11 69.27
CA PRO R 268 13.98 21.06 70.04
C PRO R 268 12.48 21.19 70.07
N LYS R 269 11.98 22.36 70.45
CA LYS R 269 10.57 22.71 70.35
C LYS R 269 10.47 24.11 69.74
N PRO R 270 9.43 24.39 68.96
CA PRO R 270 9.29 25.72 68.35
C PRO R 270 9.48 26.84 69.37
N LEU R 271 10.28 27.83 69.01
CA LEU R 271 10.57 28.98 69.87
C LEU R 271 9.50 30.04 69.73
N THR R 272 9.09 30.61 70.86
CA THR R 272 8.15 31.73 70.91
C THR R 272 8.78 32.94 71.57
N LEU R 273 8.81 34.07 70.87
CA LEU R 273 9.38 35.31 71.37
C LEU R 273 8.32 36.40 71.44
N ARG R 274 8.44 37.29 72.42
CA ARG R 274 7.59 38.48 72.50
C ARG R 274 8.45 39.63 73.02
N TRP R 275 7.89 40.85 72.95
CA TRP R 275 8.63 42.00 73.42
C TRP R 275 8.57 42.08 74.95
N GLU R 276 9.59 42.72 75.53
CA GLU R 276 9.71 42.97 76.96
C GLU R 276 8.83 44.16 77.37
N LEU R 277 8.47 44.21 78.66
CA LEU R 277 7.66 45.30 79.23
C LEU R 277 8.57 46.51 79.51
N SER R 278 8.92 47.22 78.44
CA SER R 278 9.84 48.36 78.51
C SER R 278 9.29 49.42 79.47
N ILE S 2 10.52 38.97 29.68
CA ILE S 2 11.85 38.37 29.50
C ILE S 2 12.86 39.04 30.46
N GLN S 3 12.41 39.90 31.36
CA GLN S 3 13.37 40.61 32.21
C GLN S 3 12.80 40.81 33.62
N ARG S 4 13.59 40.41 34.63
CA ARG S 4 13.26 40.60 36.05
C ARG S 4 14.36 41.40 36.73
N THR S 5 13.95 42.28 37.68
CA THR S 5 14.63 43.30 38.48
C THR S 5 15.23 42.70 39.77
N PRO S 6 16.50 43.05 40.04
CA PRO S 6 17.19 42.55 41.25
C PRO S 6 16.69 43.15 42.56
N LYS S 7 16.78 42.34 43.62
CA LYS S 7 16.51 42.72 44.99
C LYS S 7 17.86 42.82 45.66
N ILE S 8 18.08 43.88 46.45
CA ILE S 8 19.39 44.06 47.08
C ILE S 8 19.27 44.00 48.59
N GLN S 9 20.24 43.31 49.22
CA GLN S 9 20.44 43.25 50.66
C GLN S 9 21.91 43.49 51.03
N VAL S 10 22.19 44.49 51.90
CA VAL S 10 23.54 44.80 52.39
C VAL S 10 23.59 44.55 53.90
N TYR S 11 24.58 43.80 54.34
CA TYR S 11 24.54 43.35 55.72
C TYR S 11 25.92 42.87 56.18
N SER S 12 25.97 42.46 57.46
CA SER S 12 27.16 41.96 58.14
C SER S 12 27.02 40.50 58.57
N ARG S 13 28.13 39.76 58.49
CA ARG S 13 28.14 38.31 58.76
C ARG S 13 27.82 38.00 60.23
N HIS S 14 28.55 38.61 61.13
CA HIS S 14 28.38 38.48 62.56
C HIS S 14 27.70 39.74 63.04
N PRO S 15 27.15 39.74 64.24
CA PRO S 15 26.74 41.01 64.84
C PRO S 15 27.87 42.03 64.80
N ALA S 16 27.54 43.26 64.41
CA ALA S 16 28.54 44.29 64.12
C ALA S 16 28.99 45.03 65.37
N GLU S 17 30.30 45.13 65.56
CA GLU S 17 30.85 45.91 66.67
C GLU S 17 32.04 46.73 66.22
N ASN S 18 32.03 48.04 66.51
CA ASN S 18 33.10 48.93 66.06
C ASN S 18 34.45 48.44 66.54
N GLY S 19 35.46 48.57 65.67
CA GLY S 19 36.77 48.10 65.99
C GLY S 19 37.00 46.62 65.78
N LYS S 20 35.94 45.82 65.71
CA LYS S 20 36.05 44.37 65.57
C LYS S 20 35.93 43.95 64.11
N SER S 21 36.83 43.05 63.70
CA SER S 21 36.78 42.50 62.35
C SER S 21 35.46 41.78 62.14
N ASN S 22 34.85 42.03 61.00
CA ASN S 22 33.55 41.48 60.69
C ASN S 22 33.50 41.28 59.18
N PHE S 23 32.32 41.02 58.64
CA PHE S 23 32.21 40.89 57.20
C PHE S 23 31.03 41.70 56.67
N LEU S 24 31.24 42.39 55.55
CA LEU S 24 30.19 43.11 54.83
C LEU S 24 29.74 42.30 53.63
N ASN S 25 28.46 41.93 53.59
CA ASN S 25 27.93 41.06 52.57
C ASN S 25 26.87 41.83 51.80
N CYS S 26 26.83 41.65 50.48
CA CYS S 26 25.76 42.21 49.65
C CYS S 26 25.16 41.08 48.79
N TYR S 27 23.87 40.76 49.05
CA TYR S 27 23.15 39.65 48.45
C TYR S 27 22.11 40.22 47.49
N VAL S 28 22.31 39.97 46.19
CA VAL S 28 21.39 40.41 45.14
C VAL S 28 20.71 39.18 44.54
N SER S 29 19.39 39.13 44.61
CA SER S 29 18.66 37.93 44.20
C SER S 29 17.54 38.29 43.25
N GLY S 30 17.15 37.31 42.45
CA GLY S 30 15.96 37.46 41.64
C GLY S 30 16.13 38.32 40.42
N PHE S 31 17.35 38.43 39.88
CA PHE S 31 17.62 39.28 38.73
C PHE S 31 17.89 38.43 37.50
N HIS S 32 17.39 38.92 36.36
CA HIS S 32 17.45 38.31 35.03
C HIS S 32 17.48 39.40 33.99
N PRO S 33 18.44 39.35 33.07
CA PRO S 33 19.47 38.31 32.93
C PRO S 33 20.69 38.49 33.80
N SER S 34 21.75 37.74 33.50
CA SER S 34 22.83 37.49 34.44
C SER S 34 23.84 38.61 34.55
N ASP S 35 23.98 39.47 33.53
CA ASP S 35 24.96 40.53 33.63
C ASP S 35 24.54 41.50 34.69
N ILE S 36 25.33 41.57 35.75
CA ILE S 36 25.08 42.47 36.85
C ILE S 36 26.44 43.00 37.32
N GLU S 37 26.45 44.28 37.65
CA GLU S 37 27.64 44.94 38.14
C GLU S 37 27.34 45.35 39.57
N VAL S 38 28.20 44.93 40.49
CA VAL S 38 28.01 45.20 41.91
C VAL S 38 29.28 45.81 42.48
N ASP S 39 29.15 46.97 43.13
CA ASP S 39 30.26 47.62 43.82
C ASP S 39 29.91 47.94 45.27
N LEU S 40 30.83 47.60 46.20
CA LEU S 40 30.75 47.93 47.62
C LEU S 40 31.44 49.26 47.88
N LEU S 41 30.79 50.12 48.66
CA LEU S 41 31.21 51.51 48.83
C LEU S 41 31.59 51.83 50.26
N LYS S 42 32.69 52.54 50.43
CA LYS S 42 33.09 53.09 51.73
C LYS S 42 33.26 54.59 51.58
N ASN S 43 32.38 55.35 52.22
CA ASN S 43 32.42 56.80 52.16
C ASN S 43 32.30 57.30 50.72
N GLY S 44 31.48 56.64 49.93
CA GLY S 44 31.31 57.06 48.55
C GLY S 44 32.33 56.50 47.60
N GLU S 45 33.25 55.68 48.08
CA GLU S 45 34.33 55.14 47.26
C GLU S 45 34.18 53.66 46.96
N ARG S 46 34.71 53.27 45.81
CA ARG S 46 34.70 51.89 45.35
C ARG S 46 35.83 51.12 46.05
N ILE S 47 35.45 50.09 46.82
CA ILE S 47 36.43 49.21 47.48
C ILE S 47 37.07 48.30 46.45
N GLU S 48 38.37 48.03 46.58
CA GLU S 48 39.09 47.41 45.46
C GLU S 48 39.21 45.89 45.52
N LYS S 49 39.72 45.31 46.60
CA LYS S 49 39.77 43.85 46.70
C LYS S 49 38.48 43.38 47.38
N VAL S 50 37.56 42.85 46.56
CA VAL S 50 36.27 42.34 47.00
C VAL S 50 35.98 41.04 46.27
N GLU S 51 35.60 40.01 47.00
CA GLU S 51 35.18 38.76 46.38
C GLU S 51 33.66 38.59 46.35
N HIS S 52 33.24 37.69 45.46
CA HIS S 52 31.86 37.33 45.25
C HIS S 52 31.74 35.81 45.11
N SER S 53 30.55 35.30 45.35
CA SER S 53 30.36 33.86 45.25
C SER S 53 30.21 33.47 43.78
N ASP S 54 30.13 32.18 43.54
CA ASP S 54 29.95 31.70 42.19
C ASP S 54 28.49 31.85 41.79
N LEU S 55 28.25 32.26 40.54
CA LEU S 55 26.88 32.50 40.06
C LEU S 55 25.98 31.26 40.14
N SER S 56 24.77 31.45 40.66
CA SER S 56 23.81 30.36 40.63
C SER S 56 22.44 31.03 40.46
N PHE S 57 21.37 30.22 40.44
CA PHE S 57 20.03 30.73 40.15
C PHE S 57 19.02 30.00 41.01
N SER S 58 17.82 30.58 41.10
CA SER S 58 16.76 30.07 41.95
C SER S 58 15.89 29.04 41.19
N LYS S 59 14.83 28.49 41.81
CA LYS S 59 13.92 27.66 41.00
C LYS S 59 13.06 28.49 40.07
N ASP S 60 12.92 29.77 40.33
CA ASP S 60 12.20 30.64 39.40
C ASP S 60 13.07 31.08 38.21
N TRP S 61 14.29 30.52 38.06
CA TRP S 61 15.25 30.71 36.96
C TRP S 61 16.01 32.04 36.98
N SER S 62 15.84 32.88 38.00
CA SER S 62 16.61 34.11 38.17
C SER S 62 17.89 33.88 38.95
N PHE S 63 18.86 34.74 38.69
CA PHE S 63 20.18 34.53 39.28
C PHE S 63 20.21 35.12 40.69
N TYR S 64 21.21 34.69 41.47
CA TYR S 64 21.54 35.22 42.79
C TYR S 64 23.05 35.15 43.07
N LEU S 65 23.56 36.23 43.65
CA LEU S 65 24.99 36.40 43.92
C LEU S 65 25.24 36.96 45.32
N LEU S 66 26.40 36.62 45.86
CA LEU S 66 26.88 37.13 47.13
C LEU S 66 28.21 37.84 46.93
N TYR S 67 28.23 39.14 47.17
CA TYR S 67 29.48 39.90 47.21
C TYR S 67 29.85 40.18 48.66
N TYR S 68 31.11 39.93 49.01
CA TYR S 68 31.52 40.14 50.38
C TYR S 68 32.93 40.72 50.39
N THR S 69 33.25 41.41 51.50
CA THR S 69 34.58 41.92 51.83
C THR S 69 34.68 41.98 53.34
N GLU S 70 35.87 41.65 53.85
CA GLU S 70 36.11 41.79 55.28
C GLU S 70 36.28 43.26 55.59
N PHE S 71 35.72 43.69 56.71
CA PHE S 71 35.83 45.08 57.13
C PHE S 71 35.83 45.17 58.64
N THR S 72 36.38 46.26 59.15
CA THR S 72 36.33 46.59 60.57
C THR S 72 35.57 47.93 60.68
N PRO S 73 34.32 47.90 61.14
CA PRO S 73 33.47 49.10 61.09
C PRO S 73 33.97 50.16 62.06
N THR S 74 34.19 51.38 61.54
CA THR S 74 34.41 52.53 62.41
C THR S 74 33.10 53.31 62.59
N GLU S 75 33.14 54.39 63.36
CA GLU S 75 31.90 55.14 63.59
C GLU S 75 31.62 56.22 62.57
N LYS S 76 32.67 56.77 61.93
CA LYS S 76 32.52 57.78 60.89
C LYS S 76 32.61 57.19 59.47
N ASP S 77 32.25 55.92 59.29
CA ASP S 77 32.31 55.27 58.00
C ASP S 77 30.93 54.77 57.61
N GLU S 78 30.51 55.16 56.41
CA GLU S 78 29.24 54.72 55.83
C GLU S 78 29.54 53.70 54.76
N TYR S 79 28.82 52.60 54.81
CA TYR S 79 29.03 51.54 53.88
C TYR S 79 27.73 51.39 53.09
N ALA S 80 27.88 51.16 51.79
CA ALA S 80 26.79 51.10 50.83
C ALA S 80 27.17 50.13 49.70
N CYS S 81 26.16 49.76 48.91
CA CYS S 81 26.33 48.84 47.79
C CYS S 81 25.77 49.57 46.56
N ARG S 82 26.54 49.61 45.47
CA ARG S 82 26.13 50.23 44.21
C ARG S 82 25.96 49.17 43.13
N VAL S 83 24.74 49.06 42.60
CA VAL S 83 24.36 48.03 41.65
C VAL S 83 23.87 48.68 40.37
N ASN S 84 24.36 48.17 39.24
CA ASN S 84 23.90 48.56 37.91
C ASN S 84 23.43 47.31 37.16
N HIS S 85 22.25 47.41 36.54
CA HIS S 85 21.67 46.29 35.82
C HIS S 85 20.92 46.86 34.62
N VAL S 86 20.66 45.99 33.64
CA VAL S 86 19.87 46.40 32.49
C VAL S 86 18.45 46.79 32.90
N THR S 87 17.88 46.16 33.94
CA THR S 87 16.55 46.57 34.41
C THR S 87 16.58 47.92 35.12
N LEU S 88 17.77 48.43 35.42
CA LEU S 88 17.95 49.65 36.18
C LEU S 88 18.48 50.74 35.28
N SER S 89 17.76 51.86 35.22
CA SER S 89 18.21 52.97 34.41
C SER S 89 19.56 53.50 34.90
N GLN S 90 19.57 54.01 36.12
CA GLN S 90 20.74 54.59 36.75
C GLN S 90 21.20 53.72 37.91
N PRO S 91 22.48 53.77 38.30
CA PRO S 91 22.91 53.02 39.48
C PRO S 91 22.03 53.31 40.67
N LYS S 92 21.53 52.23 41.27
CA LYS S 92 20.73 52.25 42.48
C LYS S 92 21.67 51.89 43.62
N ILE S 93 21.73 52.73 44.64
CA ILE S 93 22.66 52.55 45.74
C ILE S 93 21.90 52.32 47.04
N VAL S 94 22.29 51.27 47.76
CA VAL S 94 21.70 50.89 49.04
C VAL S 94 22.77 50.99 50.09
N LYS S 95 22.51 51.78 51.14
CA LYS S 95 23.50 51.88 52.20
C LYS S 95 23.28 50.82 53.27
N TRP S 96 24.35 50.58 54.01
CA TRP S 96 24.29 49.61 55.07
C TRP S 96 23.73 50.36 56.27
N ASP S 97 22.62 49.83 56.77
CA ASP S 97 22.00 50.33 57.98
C ASP S 97 22.42 49.39 59.12
N ARG S 98 22.97 49.95 60.21
CA ARG S 98 23.45 49.11 61.32
C ARG S 98 22.41 48.15 61.87
N ASP S 99 21.13 48.53 61.88
CA ASP S 99 20.07 47.58 62.28
C ASP S 99 18.81 47.56 61.36
N VAL T 1 27.93 13.70 41.51
CA VAL T 1 28.97 13.63 40.50
C VAL T 1 28.25 14.07 39.19
N VAL T 2 29.01 14.50 38.18
CA VAL T 2 28.43 14.97 36.90
C VAL T 2 27.91 13.78 36.10
N VAL T 3 26.92 14.07 35.23
CA VAL T 3 26.43 13.07 34.28
C VAL T 3 27.61 12.43 33.55
N GLY T 4 27.52 11.10 33.41
CA GLY T 4 28.65 10.28 33.00
C GLY T 4 28.97 10.32 31.52
N ALA T 5 27.95 10.17 30.65
CA ALA T 5 28.13 10.24 29.20
C ALA T 5 27.13 11.25 28.66
N VAL T 6 27.63 12.41 28.18
CA VAL T 6 26.75 13.37 27.51
C VAL T 6 26.40 12.84 26.14
N GLY T 7 25.14 12.97 25.80
CA GLY T 7 24.64 12.38 24.59
C GLY T 7 24.32 13.40 23.52
N VAL T 8 23.09 13.24 23.06
CA VAL T 8 22.57 14.04 21.96
C VAL T 8 22.50 15.50 22.37
N GLY T 9 22.56 16.39 21.37
CA GLY T 9 22.29 17.79 21.61
C GLY T 9 20.79 17.95 21.79
N LYS T 10 20.28 19.18 21.69
CA LYS T 10 18.82 19.39 21.75
C LYS T 10 18.08 19.39 20.33
N ASP U 4 -16.64 27.43 -27.48
CA ASP U 4 -17.44 26.25 -27.22
C ASP U 4 -16.99 25.06 -28.13
N SER U 5 -17.76 24.66 -29.18
CA SER U 5 -17.38 23.45 -29.92
C SER U 5 -16.20 23.69 -30.84
N VAL U 6 -16.22 24.77 -31.60
CA VAL U 6 -15.11 25.13 -32.47
C VAL U 6 -14.57 26.48 -32.04
N THR U 7 -13.26 26.64 -32.13
CA THR U 7 -12.63 27.87 -31.69
C THR U 7 -11.50 28.25 -32.61
N GLN U 8 -11.67 29.36 -33.30
CA GLN U 8 -10.60 29.97 -34.06
C GLN U 8 -10.23 31.19 -33.24
N LYS U 9 -9.11 31.11 -32.55
CA LYS U 9 -8.76 32.21 -31.65
C LYS U 9 -8.36 33.48 -32.43
N GLU U 10 -7.53 33.33 -33.46
CA GLU U 10 -7.04 34.48 -34.20
C GLU U 10 -8.12 34.98 -35.13
N GLY U 11 -8.44 36.27 -35.02
CA GLY U 11 -9.45 36.82 -35.91
C GLY U 11 -8.91 37.26 -37.25
N LEU U 12 -7.66 37.74 -37.26
CA LEU U 12 -7.11 38.32 -38.47
C LEU U 12 -5.61 38.06 -38.53
N VAL U 13 -5.19 37.69 -39.73
CA VAL U 13 -3.82 37.30 -40.05
C VAL U 13 -3.32 38.23 -41.16
N THR U 14 -2.21 38.90 -40.89
CA THR U 14 -1.61 39.83 -41.84
C THR U 14 -0.21 39.37 -42.11
N LEU U 15 0.15 39.21 -43.38
CA LEU U 15 1.56 38.92 -43.60
C LEU U 15 2.00 39.31 -45.00
N THR U 16 3.25 39.72 -45.10
CA THR U 16 3.81 39.98 -46.41
C THR U 16 3.95 38.66 -47.15
N GLU U 17 3.81 38.74 -48.46
CA GLU U 17 3.95 37.58 -49.31
C GLU U 17 5.29 36.90 -49.02
N GLY U 18 5.29 35.56 -49.11
CA GLY U 18 6.49 34.73 -48.93
C GLY U 18 6.66 34.11 -47.56
N LEU U 19 5.95 34.48 -46.68
CA LEU U 19 5.90 34.08 -45.32
C LEU U 19 4.92 32.92 -45.20
N PRO U 20 5.14 32.00 -44.27
CA PRO U 20 4.20 30.91 -44.06
C PRO U 20 2.94 31.38 -43.34
N VAL U 21 1.87 30.65 -43.58
CA VAL U 21 0.58 30.93 -42.97
C VAL U 21 0.16 29.75 -42.12
N MET U 22 -0.38 30.07 -40.96
CA MET U 22 -0.95 29.12 -40.02
C MET U 22 -2.17 29.74 -39.33
N LEU U 23 -3.32 29.05 -39.43
CA LEU U 23 -4.54 29.50 -38.76
C LEU U 23 -4.84 28.61 -37.57
N ASN U 24 -5.13 29.21 -36.42
CA ASN U 24 -5.40 28.40 -35.25
C ASN U 24 -6.82 27.89 -35.25
N CYS U 25 -6.95 26.57 -35.06
CA CYS U 25 -8.27 25.97 -35.00
C CYS U 25 -8.26 24.78 -34.06
N THR U 26 -9.01 24.90 -32.95
CA THR U 26 -9.17 23.81 -31.98
C THR U 26 -10.65 23.53 -31.75
N TYR U 27 -10.91 22.34 -31.23
CA TYR U 27 -12.27 21.91 -31.04
C TYR U 27 -12.43 21.20 -29.70
N GLN U 28 -13.69 21.07 -29.30
CA GLN U 28 -14.14 20.45 -28.06
C GLN U 28 -15.24 19.50 -28.49
N THR U 29 -14.94 18.21 -28.58
CA THR U 29 -15.99 17.26 -28.88
C THR U 29 -16.11 16.25 -27.77
N ILE U 30 -17.29 15.66 -27.66
CA ILE U 30 -17.46 14.58 -26.71
C ILE U 30 -17.61 13.24 -27.39
N TYR U 31 -17.57 13.16 -28.71
CA TYR U 31 -17.78 11.91 -29.43
C TYR U 31 -16.44 11.40 -29.94
N SER U 32 -16.38 10.08 -30.20
CA SER U 32 -15.13 9.50 -30.67
C SER U 32 -14.87 9.89 -32.11
N ASN U 33 -15.92 9.85 -32.93
CA ASN U 33 -15.97 10.03 -34.36
C ASN U 33 -16.01 11.51 -34.74
N ALA U 34 -14.83 12.07 -35.03
CA ALA U 34 -14.67 13.51 -35.20
C ALA U 34 -14.33 13.87 -36.64
N PHE U 35 -15.25 14.60 -37.29
CA PHE U 35 -15.05 15.07 -38.66
C PHE U 35 -14.96 16.58 -38.71
N LEU U 36 -13.82 17.04 -39.20
CA LEU U 36 -13.44 18.44 -39.23
C LEU U 36 -13.27 18.93 -40.66
N PHE U 37 -13.71 20.16 -40.89
CA PHE U 37 -13.59 20.73 -42.20
C PHE U 37 -12.99 22.12 -42.10
N TRP U 38 -12.20 22.43 -43.12
CA TRP U 38 -11.85 23.80 -43.46
C TRP U 38 -12.65 24.21 -44.70
N TYR U 39 -13.36 25.35 -44.62
CA TYR U 39 -14.08 25.93 -45.76
C TYR U 39 -13.53 27.32 -46.03
N VAL U 40 -13.31 27.67 -47.29
CA VAL U 40 -12.88 29.01 -47.62
C VAL U 40 -13.97 29.73 -48.41
N HIS U 41 -14.14 31.00 -48.10
CA HIS U 41 -15.20 31.82 -48.66
C HIS U 41 -14.55 33.15 -49.04
N TYR U 42 -14.31 33.33 -50.36
CA TYR U 42 -13.80 34.56 -50.96
C TYR U 42 -14.87 35.64 -51.11
N LEU U 43 -14.43 36.82 -51.53
CA LEU U 43 -15.36 37.91 -51.81
C LEU U 43 -16.10 37.67 -53.11
N ASN U 44 -17.41 37.94 -53.07
CA ASN U 44 -18.30 37.75 -54.22
C ASN U 44 -18.43 36.28 -54.56
N GLU U 45 -18.25 35.41 -53.57
CA GLU U 45 -18.31 33.98 -53.79
C GLU U 45 -19.12 33.30 -52.69
N SER U 46 -19.39 32.02 -52.89
CA SER U 46 -19.93 31.19 -51.84
C SER U 46 -18.86 30.35 -51.18
N PRO U 47 -19.12 29.91 -49.96
CA PRO U 47 -18.22 29.00 -49.29
C PRO U 47 -18.08 27.70 -50.06
N ARG U 48 -16.83 27.28 -50.20
CA ARG U 48 -16.51 25.99 -50.77
C ARG U 48 -15.56 25.20 -49.87
N LEU U 49 -15.45 23.93 -50.19
CA LEU U 49 -14.60 23.03 -49.42
C LEU U 49 -13.15 23.34 -49.75
N LEU U 50 -12.34 23.49 -48.70
CA LEU U 50 -10.91 23.61 -48.90
C LEU U 50 -10.17 22.31 -48.54
N LEU U 51 -10.46 21.74 -47.37
CA LEU U 51 -10.05 20.36 -47.08
C LEU U 51 -10.78 19.82 -45.85
N LYS U 52 -10.75 18.49 -45.74
CA LYS U 52 -11.46 17.78 -44.68
C LYS U 52 -10.58 16.65 -44.19
N SER U 53 -10.92 16.14 -42.99
CA SER U 53 -10.27 14.94 -42.46
C SER U 53 -11.07 14.43 -41.26
N SER U 54 -10.84 13.14 -40.94
CA SER U 54 -11.25 12.55 -39.66
C SER U 54 -10.11 11.81 -38.99
N THR U 55 -8.92 11.86 -39.55
CA THR U 55 -7.85 10.96 -39.20
C THR U 55 -6.73 11.66 -38.43
N ASP U 56 -6.35 11.10 -37.27
CA ASP U 56 -5.24 11.62 -36.47
C ASP U 56 -3.89 11.35 -37.13
N ASN U 57 -3.12 12.44 -37.29
CA ASN U 57 -1.75 12.49 -37.85
C ASN U 57 -1.70 11.93 -39.27
N LYS U 58 -2.81 12.08 -40.00
CA LYS U 58 -2.82 11.91 -41.44
C LYS U 58 -2.88 13.32 -42.02
N ARG U 59 -1.80 13.71 -42.67
CA ARG U 59 -1.76 14.97 -43.37
C ARG U 59 -2.78 14.99 -44.50
N THR U 60 -3.56 16.06 -44.58
CA THR U 60 -4.42 16.35 -45.71
C THR U 60 -3.84 17.56 -46.42
N GLU U 61 -3.68 17.47 -47.74
CA GLU U 61 -3.17 18.62 -48.48
C GLU U 61 -4.00 18.73 -49.75
N HIS U 62 -4.27 19.97 -50.18
CA HIS U 62 -5.17 20.26 -51.31
C HIS U 62 -5.01 21.72 -51.76
N GLN U 63 -4.53 21.97 -52.99
CA GLN U 63 -4.31 23.33 -53.50
C GLN U 63 -3.28 24.09 -52.66
N GLY U 64 -2.21 23.41 -52.24
CA GLY U 64 -1.12 24.06 -51.52
C GLY U 64 -1.29 24.28 -50.03
N PHE U 65 -2.49 24.26 -49.50
CA PHE U 65 -2.73 24.31 -48.07
C PHE U 65 -2.60 22.90 -47.53
N HIS U 66 -2.33 22.80 -46.24
CA HIS U 66 -2.44 21.49 -45.63
C HIS U 66 -2.79 21.67 -44.18
N ALA U 67 -3.40 20.62 -43.65
CA ALA U 67 -3.66 20.47 -42.23
C ALA U 67 -3.52 18.99 -41.89
N THR U 68 -3.18 18.74 -40.61
CA THR U 68 -3.10 17.41 -40.03
C THR U 68 -3.95 17.45 -38.77
N LEU U 69 -4.85 16.48 -38.61
CA LEU U 69 -5.65 16.44 -37.39
C LEU U 69 -4.83 15.83 -36.25
N HIS U 70 -4.83 16.48 -35.08
CA HIS U 70 -4.16 15.98 -33.87
C HIS U 70 -5.28 15.88 -32.83
N LYS U 71 -5.94 14.71 -32.73
CA LYS U 71 -7.07 14.60 -31.80
C LYS U 71 -6.64 14.81 -30.35
N SER U 72 -5.42 14.38 -30.00
CA SER U 72 -4.97 14.51 -28.61
C SER U 72 -4.97 15.96 -28.16
N SER U 73 -4.46 16.90 -28.98
CA SER U 73 -4.37 18.32 -28.67
C SER U 73 -5.49 19.12 -29.33
N SER U 74 -6.46 18.39 -29.91
CA SER U 74 -7.72 18.89 -30.44
C SER U 74 -7.53 20.00 -31.50
N SER U 75 -6.54 19.79 -32.37
CA SER U 75 -6.08 20.82 -33.29
C SER U 75 -6.16 20.35 -34.73
N PHE U 76 -6.48 21.28 -35.62
CA PHE U 76 -6.58 21.08 -37.06
C PHE U 76 -6.26 22.45 -37.65
N HIS U 77 -4.99 22.79 -37.51
CA HIS U 77 -4.49 24.05 -37.99
C HIS U 77 -4.06 23.95 -39.42
N LEU U 78 -4.35 25.02 -40.14
CA LEU U 78 -4.19 25.12 -41.57
C LEU U 78 -2.89 25.81 -41.91
N GLN U 79 -2.08 25.20 -42.77
CA GLN U 79 -0.77 25.75 -43.09
C GLN U 79 -0.57 25.72 -44.59
N LYS U 80 0.11 26.74 -45.10
CA LYS U 80 0.54 26.79 -46.49
C LYS U 80 1.93 27.41 -46.55
N SER U 81 2.75 26.90 -47.46
CA SER U 81 4.18 27.19 -47.41
C SER U 81 4.44 28.67 -47.58
N SER U 82 3.84 29.30 -48.58
CA SER U 82 4.21 30.66 -48.91
C SER U 82 2.98 31.48 -49.25
N ALA U 83 2.82 32.60 -48.55
CA ALA U 83 1.64 33.46 -48.73
C ALA U 83 1.65 34.08 -50.11
N GLN U 84 0.50 34.04 -50.76
CA GLN U 84 0.35 34.68 -52.04
C GLN U 84 -0.73 35.76 -51.96
N LEU U 85 -0.61 36.73 -52.86
CA LEU U 85 -1.59 37.81 -52.92
C LEU U 85 -2.99 37.25 -53.12
N SER U 86 -3.10 36.09 -53.78
CA SER U 86 -4.37 35.47 -54.13
C SER U 86 -5.10 34.80 -52.97
N ASP U 87 -4.49 34.59 -51.82
CA ASP U 87 -5.21 33.74 -50.89
C ASP U 87 -6.08 34.54 -49.96
N SER U 88 -5.94 35.87 -49.97
CA SER U 88 -6.60 36.76 -49.03
C SER U 88 -8.11 36.52 -49.03
N ALA U 89 -8.65 36.12 -47.88
CA ALA U 89 -10.05 35.68 -47.86
C ALA U 89 -10.55 35.51 -46.43
N LEU U 90 -11.79 35.06 -46.33
CA LEU U 90 -12.32 34.53 -45.08
C LEU U 90 -12.15 33.01 -45.05
N TYR U 91 -11.74 32.49 -43.89
CA TYR U 91 -11.48 31.06 -43.70
C TYR U 91 -12.25 30.53 -42.50
N TYR U 92 -13.04 29.48 -42.72
CA TYR U 92 -13.86 28.88 -41.67
C TYR U 92 -13.43 27.46 -41.37
N CYS U 93 -13.35 27.17 -40.06
CA CYS U 93 -13.06 25.87 -39.51
C CYS U 93 -14.30 25.36 -38.76
N ALA U 94 -14.71 24.13 -39.05
CA ALA U 94 -15.97 23.67 -38.50
C ALA U 94 -16.02 22.16 -38.41
N LEU U 95 -16.89 21.71 -37.46
CA LEU U 95 -16.94 20.34 -36.99
C LEU U 95 -18.34 19.71 -36.95
N SER U 96 -18.30 18.40 -37.24
CA SER U 96 -19.42 17.45 -37.23
C SER U 96 -19.24 16.46 -36.09
N GLU U 97 -20.06 16.64 -35.05
CA GLU U 97 -20.12 15.92 -33.77
C GLU U 97 -20.89 14.61 -33.83
N GLY U 98 -20.18 13.58 -34.26
CA GLY U 98 -20.71 12.25 -34.37
C GLY U 98 -22.03 12.26 -35.12
N GLY U 99 -23.05 11.78 -34.44
CA GLY U 99 -24.39 11.82 -34.98
C GLY U 99 -25.08 13.17 -34.83
N ASN U 100 -25.24 13.95 -35.92
CA ASN U 100 -25.86 15.30 -35.82
C ASN U 100 -26.04 15.93 -37.21
N TYR U 101 -27.27 16.33 -37.57
CA TYR U 101 -27.55 16.94 -38.87
C TYR U 101 -26.95 18.33 -38.99
N LYS U 102 -26.87 19.06 -37.88
CA LYS U 102 -26.32 20.39 -37.82
C LYS U 102 -24.80 20.35 -37.98
N TYR U 103 -24.22 21.43 -38.50
CA TYR U 103 -22.77 21.63 -38.54
C TYR U 103 -22.41 22.85 -37.71
N VAL U 104 -21.23 22.84 -37.12
CA VAL U 104 -20.88 23.95 -36.26
C VAL U 104 -19.62 24.64 -36.77
N PHE U 105 -19.75 25.96 -37.05
CA PHE U 105 -18.71 26.80 -37.65
C PHE U 105 -18.01 27.73 -36.68
N GLY U 106 -16.75 27.97 -37.01
CA GLY U 106 -15.88 28.83 -36.24
C GLY U 106 -16.14 30.30 -36.52
N ALA U 107 -15.32 31.13 -35.87
CA ALA U 107 -15.47 32.57 -35.96
C ALA U 107 -15.01 33.06 -37.30
N GLY U 108 -14.13 32.27 -37.91
CA GLY U 108 -13.50 32.59 -39.16
C GLY U 108 -12.31 33.50 -38.97
N THR U 109 -11.27 33.20 -39.74
CA THR U 109 -10.02 33.93 -39.69
C THR U 109 -9.86 34.66 -41.01
N ARG U 110 -9.80 36.00 -40.91
CA ARG U 110 -9.50 36.85 -42.05
C ARG U 110 -8.00 36.94 -42.31
N LEU U 111 -7.60 36.51 -43.50
CA LEU U 111 -6.23 36.60 -44.01
C LEU U 111 -6.09 37.82 -44.91
N LYS U 112 -5.17 38.73 -44.59
CA LYS U 112 -4.94 39.88 -45.46
C LYS U 112 -3.47 39.86 -45.88
N VAL U 113 -3.18 39.25 -47.02
CA VAL U 113 -1.83 39.23 -47.54
C VAL U 113 -1.56 40.59 -48.15
N ILE U 114 -0.44 41.18 -47.83
CA ILE U 114 -0.11 42.49 -48.32
C ILE U 114 1.06 42.34 -49.27
N ALA U 115 1.30 43.41 -50.03
CA ALA U 115 2.24 43.36 -51.12
C ALA U 115 3.65 43.65 -50.67
N HIS U 116 4.61 43.02 -51.32
CA HIS U 116 5.99 43.30 -51.02
C HIS U 116 6.50 44.32 -52.04
N ILE U 117 6.69 45.56 -51.62
CA ILE U 117 7.10 46.64 -52.51
C ILE U 117 8.61 46.64 -52.58
N GLN U 118 9.14 46.21 -53.72
CA GLN U 118 10.58 46.00 -53.85
C GLN U 118 11.33 47.34 -53.81
N ASN U 119 10.78 48.35 -54.51
CA ASN U 119 11.46 49.63 -54.70
C ASN U 119 10.51 50.80 -54.42
N PRO U 120 10.24 51.11 -53.14
CA PRO U 120 9.23 52.13 -52.81
C PRO U 120 9.66 53.54 -53.21
N ASP U 121 8.66 54.37 -53.49
CA ASP U 121 8.77 55.75 -53.94
C ASP U 121 7.58 56.60 -53.52
N PRO U 122 7.29 56.75 -52.22
CA PRO U 122 6.04 57.42 -51.83
C PRO U 122 5.96 58.84 -52.38
N ALA U 123 4.76 59.19 -52.83
CA ALA U 123 4.43 60.45 -53.49
C ALA U 123 2.93 60.69 -53.33
N VAL U 124 2.57 61.97 -53.27
CA VAL U 124 1.18 62.38 -53.26
C VAL U 124 0.95 63.24 -54.50
N TYR U 125 -0.02 62.82 -55.32
CA TYR U 125 -0.38 63.48 -56.57
C TYR U 125 -1.82 63.96 -56.50
N GLN U 126 -2.15 64.93 -57.37
CA GLN U 126 -3.51 65.43 -57.51
C GLN U 126 -3.95 65.25 -58.95
N LEU U 127 -5.07 64.60 -59.14
CA LEU U 127 -5.58 64.30 -60.46
C LEU U 127 -6.61 65.37 -60.83
N ARG U 128 -7.07 65.36 -62.09
CA ARG U 128 -8.09 66.29 -62.57
C ARG U 128 -9.39 65.52 -62.88
N ASP U 129 -10.52 66.24 -62.91
CA ASP U 129 -11.84 65.60 -63.12
C ASP U 129 -12.16 65.59 -64.62
N SER U 130 -12.86 64.52 -65.06
CA SER U 130 -13.19 64.35 -66.47
C SER U 130 -14.23 65.39 -66.92
N LYS U 131 -15.13 65.78 -66.02
CA LYS U 131 -16.19 66.76 -66.31
C LYS U 131 -15.99 68.06 -65.52
N SER U 132 -16.43 68.09 -64.27
CA SER U 132 -16.36 69.31 -63.44
C SER U 132 -14.94 69.47 -62.88
N SER U 133 -14.07 70.19 -63.62
CA SER U 133 -12.69 70.40 -63.19
C SER U 133 -12.57 70.95 -61.76
N ASP U 134 -13.59 71.67 -61.28
CA ASP U 134 -13.58 72.19 -59.91
C ASP U 134 -13.30 71.08 -58.90
N LYS U 135 -13.95 69.91 -59.07
CA LYS U 135 -13.76 68.75 -58.20
C LYS U 135 -12.32 68.24 -58.35
N SER U 136 -11.69 67.89 -57.23
CA SER U 136 -10.30 67.45 -57.22
C SER U 136 -10.10 66.37 -56.17
N VAL U 137 -9.13 65.51 -56.46
CA VAL U 137 -8.80 64.38 -55.61
C VAL U 137 -7.29 64.36 -55.37
N CYS U 138 -6.89 63.73 -54.25
CA CYS U 138 -5.50 63.54 -53.85
C CYS U 138 -5.14 62.05 -53.78
N LEU U 139 -4.03 61.68 -54.43
CA LEU U 139 -3.58 60.30 -54.59
C LEU U 139 -2.24 60.12 -53.88
N PHE U 140 -2.22 59.25 -52.87
CA PHE U 140 -0.99 58.78 -52.27
C PHE U 140 -0.69 57.36 -52.76
N THR U 141 0.41 57.19 -53.49
CA THR U 141 0.74 55.92 -54.14
C THR U 141 2.25 55.69 -54.06
N ASP U 142 2.65 54.41 -54.24
CA ASP U 142 4.03 53.89 -54.31
C ASP U 142 4.76 53.83 -52.95
N PHE U 143 4.04 53.73 -51.84
CA PHE U 143 4.67 53.53 -50.53
C PHE U 143 4.72 52.02 -50.27
N ASP U 144 5.60 51.60 -49.36
CA ASP U 144 5.71 50.18 -49.04
C ASP U 144 4.59 49.71 -48.11
N SER U 145 4.37 48.37 -48.11
CA SER U 145 3.27 47.83 -47.33
C SER U 145 3.48 48.00 -45.84
N GLN U 146 4.69 48.35 -45.42
CA GLN U 146 4.92 48.58 -44.01
C GLN U 146 4.25 49.87 -43.56
N THR U 147 4.07 50.84 -44.47
CA THR U 147 3.40 52.09 -44.11
C THR U 147 1.96 51.81 -43.71
N ASN U 148 1.50 52.46 -42.64
CA ASN U 148 0.13 52.28 -42.17
C ASN U 148 -0.65 53.57 -42.28
N VAL U 149 -1.85 53.46 -42.86
CA VAL U 149 -2.81 54.54 -42.98
C VAL U 149 -3.39 54.89 -41.61
N SER U 150 -3.73 56.17 -41.43
CA SER U 150 -4.64 56.56 -40.38
C SER U 150 -5.89 57.13 -41.03
N GLN U 151 -7.03 57.01 -40.32
CA GLN U 151 -8.29 57.61 -40.75
C GLN U 151 -8.25 59.13 -40.52
N SER U 152 -9.11 59.86 -41.24
CA SER U 152 -9.13 61.32 -41.12
C SER U 152 -9.66 61.77 -39.75
N LYS U 153 -9.17 62.93 -39.30
CA LYS U 153 -9.63 63.57 -38.08
C LYS U 153 -10.80 64.51 -38.31
N ASP U 154 -10.89 65.11 -39.51
CA ASP U 154 -11.98 66.00 -39.91
C ASP U 154 -13.14 65.19 -40.48
N SER U 155 -14.37 65.61 -40.18
CA SER U 155 -15.55 64.89 -40.64
C SER U 155 -15.84 65.09 -42.13
N ASP U 156 -15.42 66.23 -42.71
CA ASP U 156 -15.67 66.52 -44.13
C ASP U 156 -14.48 66.18 -45.03
N VAL U 157 -13.51 65.43 -44.54
CA VAL U 157 -12.43 64.90 -45.34
C VAL U 157 -12.49 63.38 -45.28
N TYR U 158 -12.54 62.75 -46.44
CA TYR U 158 -12.71 61.31 -46.56
C TYR U 158 -11.40 60.65 -46.97
N ILE U 159 -11.00 59.60 -46.26
CA ILE U 159 -9.74 58.91 -46.55
C ILE U 159 -9.98 57.41 -46.56
N THR U 160 -9.40 56.74 -47.57
CA THR U 160 -9.57 55.32 -47.86
C THR U 160 -8.50 54.45 -47.19
N ASP U 161 -8.65 53.13 -47.37
CA ASP U 161 -7.68 52.15 -46.89
C ASP U 161 -6.51 52.02 -47.86
N LYS U 162 -5.61 51.12 -47.52
CA LYS U 162 -4.58 50.73 -48.45
C LYS U 162 -5.22 49.91 -49.58
N CYS U 163 -4.63 49.97 -50.76
CA CYS U 163 -5.06 49.15 -51.88
C CYS U 163 -3.83 48.63 -52.61
N VAL U 164 -3.87 47.38 -53.05
CA VAL U 164 -2.78 46.80 -53.83
C VAL U 164 -3.23 46.75 -55.28
N LEU U 165 -2.45 47.38 -56.16
CA LEU U 165 -2.77 47.42 -57.59
C LEU U 165 -1.62 46.77 -58.37
N ASP U 166 -2.00 45.84 -59.22
CA ASP U 166 -1.07 45.03 -59.98
C ASP U 166 -0.95 45.58 -61.39
N MET U 167 0.04 45.06 -62.16
CA MET U 167 0.28 45.42 -63.57
C MET U 167 1.06 44.26 -64.19
N ARG U 168 0.34 43.18 -64.53
CA ARG U 168 1.00 42.05 -65.19
C ARG U 168 1.62 42.47 -66.50
N SER U 169 1.17 43.60 -67.06
CA SER U 169 1.84 44.14 -68.23
C SER U 169 3.26 44.57 -67.88
N MET U 170 3.45 45.20 -66.73
CA MET U 170 4.77 45.72 -66.42
C MET U 170 5.37 45.15 -65.14
N ASP U 171 4.75 44.12 -64.54
CA ASP U 171 5.24 43.48 -63.30
C ASP U 171 5.59 44.51 -62.22
N PHE U 172 4.90 45.63 -62.21
CA PHE U 172 5.07 46.71 -61.27
C PHE U 172 3.87 46.64 -60.33
N LYS U 173 4.00 45.91 -59.23
CA LYS U 173 2.93 45.95 -58.23
C LYS U 173 3.19 47.09 -57.24
N SER U 174 2.14 47.81 -56.87
CA SER U 174 2.30 48.91 -55.92
C SER U 174 0.99 49.21 -55.22
N ASN U 175 1.10 49.83 -54.05
CA ASN U 175 -0.05 50.25 -53.26
C ASN U 175 -0.40 51.70 -53.59
N SER U 176 -1.62 52.07 -53.21
CA SER U 176 -2.11 53.45 -53.31
C SER U 176 -3.27 53.64 -52.35
N ALA U 177 -3.46 54.88 -51.89
CA ALA U 177 -4.64 55.23 -51.13
C ALA U 177 -5.04 56.66 -51.42
N VAL U 178 -6.36 56.92 -51.36
CA VAL U 178 -7.01 58.15 -51.83
C VAL U 178 -7.66 58.92 -50.68
N ALA U 179 -7.61 60.26 -50.79
CA ALA U 179 -8.36 61.14 -49.91
C ALA U 179 -8.88 62.32 -50.74
N TRP U 180 -10.06 62.84 -50.39
CA TRP U 180 -10.65 63.94 -51.16
C TRP U 180 -11.56 64.77 -50.26
N SER U 181 -11.94 65.95 -50.78
CA SER U 181 -13.00 66.77 -50.20
C SER U 181 -13.54 67.68 -51.30
N ASN U 182 -14.80 68.09 -51.15
CA ASN U 182 -15.41 69.11 -51.99
C ASN U 182 -15.38 70.50 -51.35
N LYS U 183 -14.82 70.62 -50.15
CA LYS U 183 -14.62 71.93 -49.53
C LYS U 183 -13.51 72.67 -50.27
N SER U 184 -13.60 74.00 -50.27
CA SER U 184 -12.65 74.80 -51.02
C SER U 184 -11.33 75.05 -50.27
N ASP U 185 -11.31 74.94 -48.94
CA ASP U 185 -10.09 75.11 -48.16
C ASP U 185 -9.17 73.89 -48.11
N PHE U 186 -9.60 72.75 -48.65
CA PHE U 186 -8.84 71.49 -48.62
C PHE U 186 -7.58 71.52 -49.50
N ALA U 187 -6.46 71.04 -48.94
CA ALA U 187 -5.21 70.89 -49.67
C ALA U 187 -4.60 69.51 -49.46
N CYS U 188 -3.85 69.03 -50.46
CA CYS U 188 -3.27 67.68 -50.41
C CYS U 188 -2.11 67.61 -49.44
N ALA U 189 -1.22 68.58 -49.48
CA ALA U 189 -0.10 68.60 -48.56
C ALA U 189 -0.56 68.85 -47.13
N ASN U 190 -1.78 69.40 -46.95
CA ASN U 190 -2.30 69.66 -45.61
C ASN U 190 -2.98 68.44 -45.03
N ALA U 191 -3.65 67.66 -45.89
CA ALA U 191 -4.22 66.35 -45.59
C ALA U 191 -3.08 65.35 -45.62
N PHE U 192 -3.40 64.06 -45.51
CA PHE U 192 -2.39 62.99 -45.54
C PHE U 192 -1.27 63.26 -44.54
N ASN U 193 -1.61 63.80 -43.38
CA ASN U 193 -0.54 64.19 -42.43
C ASN U 193 -0.71 63.45 -41.10
N ASN U 194 -1.93 63.04 -40.77
CA ASN U 194 -2.20 62.41 -39.45
C ASN U 194 -1.46 61.07 -39.34
N SER U 195 -1.15 60.42 -40.46
CA SER U 195 -0.55 59.06 -40.41
C SER U 195 0.99 59.12 -40.35
N ILE U 196 1.63 57.95 -40.44
CA ILE U 196 3.12 57.88 -40.37
C ILE U 196 3.67 58.11 -41.79
N ILE U 197 3.50 59.32 -42.31
CA ILE U 197 3.98 59.65 -43.64
C ILE U 197 5.50 59.56 -43.66
N PRO U 198 6.16 58.75 -44.52
CA PRO U 198 7.62 58.83 -44.58
C PRO U 198 8.03 60.21 -45.03
N GLU U 199 8.99 60.80 -44.30
CA GLU U 199 9.39 62.16 -44.62
C GLU U 199 9.79 62.29 -46.10
N ASP U 200 10.33 61.21 -46.69
CA ASP U 200 10.89 61.26 -48.05
C ASP U 200 9.82 61.35 -49.10
N THR U 201 8.58 61.48 -48.65
CA THR U 201 7.43 61.53 -49.53
C THR U 201 7.61 62.67 -50.49
N PHE U 202 7.42 62.37 -51.78
CA PHE U 202 7.68 63.34 -52.84
C PHE U 202 7.02 64.69 -52.53
N PHE U 203 5.73 64.67 -52.19
CA PHE U 203 4.94 65.88 -51.97
C PHE U 203 5.25 66.98 -52.96
N PRO U 204 5.09 66.73 -54.30
CA PRO U 204 5.62 67.66 -55.31
C PRO U 204 4.93 69.04 -55.28
N THR V 6 -23.40 23.34 -61.85
CA THR V 6 -24.24 23.97 -60.83
C THR V 6 -25.12 22.91 -60.14
N LEU V 7 -24.91 22.67 -58.84
CA LEU V 7 -25.69 21.63 -58.17
C LEU V 7 -26.88 22.19 -57.42
N LEU V 8 -26.84 23.48 -57.10
CA LEU V 8 -27.92 24.19 -56.44
C LEU V 8 -28.15 25.49 -57.18
N GLU V 9 -29.40 25.95 -57.18
CA GLU V 9 -29.81 27.21 -57.79
C GLU V 9 -30.71 27.92 -56.79
N GLN V 10 -30.34 29.16 -56.40
CA GLN V 10 -31.02 29.85 -55.32
C GLN V 10 -31.66 31.16 -55.78
N ASN V 11 -32.90 31.40 -55.33
CA ASN V 11 -33.72 32.58 -55.61
C ASN V 11 -34.43 33.09 -54.36
N PRO V 12 -34.61 34.41 -54.24
CA PRO V 12 -34.03 35.45 -55.10
C PRO V 12 -32.59 35.70 -54.74
N ARG V 13 -31.77 36.23 -55.63
CA ARG V 13 -30.37 36.43 -55.34
C ARG V 13 -30.12 37.68 -54.50
N TRP V 14 -31.11 38.55 -54.38
CA TRP V 14 -31.00 39.84 -53.75
C TRP V 14 -32.40 40.31 -53.36
N ARG V 15 -32.54 41.01 -52.24
CA ARG V 15 -33.88 41.52 -51.89
C ARG V 15 -33.82 42.58 -50.79
N LEU V 16 -34.30 43.79 -51.11
CA LEU V 16 -34.56 44.81 -50.09
C LEU V 16 -35.84 44.51 -49.35
N VAL V 17 -35.80 44.57 -48.02
CA VAL V 17 -36.95 44.24 -47.19
C VAL V 17 -37.27 45.40 -46.25
N PRO V 18 -38.49 45.95 -46.31
CA PRO V 18 -38.88 46.95 -45.30
C PRO V 18 -38.93 46.28 -43.95
N ARG V 19 -38.68 47.08 -42.91
CA ARG V 19 -38.54 46.48 -41.59
C ARG V 19 -39.87 45.87 -41.15
N GLY V 20 -39.79 44.70 -40.50
CA GLY V 20 -40.95 43.96 -40.02
C GLY V 20 -41.68 43.10 -41.04
N GLN V 21 -41.31 43.19 -42.33
CA GLN V 21 -42.01 42.49 -43.39
C GLN V 21 -41.44 41.08 -43.57
N ALA V 22 -41.93 40.38 -44.60
CA ALA V 22 -41.56 38.99 -44.83
C ALA V 22 -40.99 38.86 -46.23
N VAL V 23 -40.25 37.76 -46.43
CA VAL V 23 -39.62 37.50 -47.71
C VAL V 23 -39.63 35.99 -47.92
N ASN V 24 -39.84 35.58 -49.17
CA ASN V 24 -39.92 34.19 -49.57
C ASN V 24 -38.64 33.83 -50.30
N LEU V 25 -37.94 32.78 -49.84
CA LEU V 25 -36.73 32.33 -50.51
C LEU V 25 -36.93 30.89 -50.97
N ARG V 26 -36.23 30.52 -52.02
CA ARG V 26 -36.43 29.21 -52.62
C ARG V 26 -35.09 28.67 -53.14
N CYS V 27 -34.96 27.36 -53.09
CA CYS V 27 -33.75 26.69 -53.52
C CYS V 27 -34.17 25.45 -54.27
N ILE V 28 -33.55 25.24 -55.42
CA ILE V 28 -33.84 24.10 -56.26
C ILE V 28 -32.59 23.24 -56.33
N LEU V 29 -32.74 21.95 -56.02
CA LEU V 29 -31.62 21.01 -56.07
C LEU V 29 -31.55 20.40 -57.47
N LYS V 30 -30.37 20.45 -58.05
CA LYS V 30 -30.21 20.00 -59.43
C LYS V 30 -29.78 18.54 -59.58
N ASN V 31 -29.36 17.86 -58.51
CA ASN V 31 -28.95 16.44 -58.63
C ASN V 31 -29.53 15.82 -57.37
N SER V 32 -30.57 15.00 -57.52
CA SER V 32 -31.25 14.48 -56.35
C SER V 32 -30.33 13.54 -55.58
N GLN V 33 -29.13 13.31 -56.09
CA GLN V 33 -28.21 12.39 -55.43
C GLN V 33 -27.48 13.05 -54.25
N TYR V 34 -27.82 14.29 -53.91
CA TYR V 34 -27.32 15.00 -52.73
C TYR V 34 -28.47 15.45 -51.85
N PRO V 35 -29.32 14.50 -51.46
CA PRO V 35 -30.67 14.85 -50.99
C PRO V 35 -30.74 15.53 -49.66
N TRP V 36 -29.61 15.80 -49.01
CA TRP V 36 -29.63 16.40 -47.67
C TRP V 36 -29.50 17.92 -47.81
N MET V 37 -30.63 18.62 -47.71
CA MET V 37 -30.68 20.06 -47.96
C MET V 37 -30.76 20.81 -46.66
N SER V 38 -30.11 21.97 -46.60
CA SER V 38 -30.09 22.76 -45.38
C SER V 38 -30.07 24.26 -45.67
N TRP V 39 -30.44 25.04 -44.64
CA TRP V 39 -30.34 26.49 -44.60
C TRP V 39 -29.33 26.90 -43.55
N TYR V 40 -28.40 27.80 -43.90
CA TYR V 40 -27.47 28.40 -42.94
C TYR V 40 -27.57 29.91 -43.06
N GLN V 41 -27.33 30.63 -41.97
CA GLN V 41 -27.25 32.08 -42.07
C GLN V 41 -25.84 32.59 -41.80
N GLN V 42 -25.55 33.73 -42.40
CA GLN V 42 -24.31 34.46 -42.18
C GLN V 42 -24.77 35.80 -41.63
N ASP V 43 -24.40 36.12 -40.40
CA ASP V 43 -24.83 37.40 -39.85
C ASP V 43 -23.85 38.51 -40.24
N LEU V 44 -24.18 39.73 -39.79
CA LEU V 44 -23.35 40.90 -40.05
C LEU V 44 -22.01 40.82 -39.35
N GLN V 45 -21.82 39.81 -38.50
CA GLN V 45 -20.59 39.49 -37.78
C GLN V 45 -19.76 38.45 -38.52
N LYS V 46 -20.25 37.99 -39.68
CA LYS V 46 -19.66 37.00 -40.57
C LYS V 46 -19.55 35.61 -39.93
N GLN V 47 -20.22 35.40 -38.80
CA GLN V 47 -20.34 34.09 -38.17
C GLN V 47 -21.47 33.30 -38.83
N LEU V 48 -21.15 32.09 -39.28
CA LEU V 48 -22.10 31.23 -39.99
C LEU V 48 -22.88 30.39 -38.98
N GLN V 49 -24.13 30.09 -39.30
CA GLN V 49 -24.94 29.33 -38.35
C GLN V 49 -25.93 28.44 -39.08
N TRP V 50 -26.06 27.22 -38.60
CA TRP V 50 -27.06 26.30 -39.10
C TRP V 50 -28.46 26.71 -38.61
N LEU V 51 -29.46 26.49 -39.46
CA LEU V 51 -30.85 26.81 -39.18
C LEU V 51 -31.76 25.59 -39.29
N PHE V 52 -31.74 24.89 -40.42
CA PHE V 52 -32.60 23.72 -40.59
C PHE V 52 -31.90 22.69 -41.48
N THR V 53 -32.28 21.45 -41.26
CA THR V 53 -31.94 20.32 -42.11
C THR V 53 -33.23 19.55 -42.27
N LEU V 54 -33.79 19.53 -43.47
CA LEU V 54 -35.10 18.93 -43.70
C LEU V 54 -34.96 17.96 -44.86
N ARG V 55 -35.33 16.70 -44.66
CA ARG V 55 -35.18 15.70 -45.72
C ARG V 55 -36.47 15.44 -46.50
N SER V 56 -37.58 15.32 -45.82
CA SER V 56 -38.76 14.77 -46.47
C SER V 56 -39.70 15.85 -46.95
N PRO V 57 -40.40 15.54 -48.03
CA PRO V 57 -41.52 16.39 -48.45
C PRO V 57 -42.45 16.62 -47.26
N GLY V 58 -42.86 17.86 -47.07
CA GLY V 58 -43.81 18.13 -46.02
C GLY V 58 -43.24 18.55 -44.68
N ASP V 59 -41.93 18.50 -44.48
CA ASP V 59 -41.38 18.92 -43.18
C ASP V 59 -41.56 20.43 -43.01
N LYS V 60 -42.07 20.85 -41.84
CA LYS V 60 -42.21 22.26 -41.51
C LYS V 60 -41.67 22.52 -40.12
N GLU V 61 -40.89 23.59 -39.96
CA GLU V 61 -40.45 23.99 -38.63
C GLU V 61 -40.18 25.50 -38.61
N VAL V 62 -40.34 26.07 -37.42
CA VAL V 62 -40.04 27.47 -37.18
C VAL V 62 -38.90 27.52 -36.17
N LYS V 63 -38.11 28.57 -36.24
CA LYS V 63 -37.06 28.80 -35.27
C LYS V 63 -36.90 30.29 -35.14
N SER V 64 -36.61 30.72 -33.93
CA SER V 64 -36.54 32.13 -33.60
C SER V 64 -35.11 32.50 -33.32
N LEU V 65 -34.60 33.50 -34.04
CA LEU V 65 -33.25 33.99 -33.80
C LEU V 65 -33.27 35.47 -33.46
N PRO V 66 -32.16 35.99 -32.96
CA PRO V 66 -32.07 37.44 -32.84
C PRO V 66 -32.15 38.09 -34.20
N GLY V 67 -33.23 38.83 -34.48
CA GLY V 67 -33.39 39.61 -35.69
C GLY V 67 -34.28 39.02 -36.77
N ALA V 68 -34.62 37.73 -36.70
CA ALA V 68 -35.42 37.10 -37.76
C ALA V 68 -36.13 35.88 -37.22
N ASP V 69 -37.32 35.66 -37.72
CA ASP V 69 -38.11 34.49 -37.43
C ASP V 69 -38.16 33.65 -38.70
N TYR V 70 -38.04 32.34 -38.56
CA TYR V 70 -37.93 31.47 -39.72
C TYR V 70 -39.02 30.40 -39.73
N LEU V 71 -39.53 30.11 -40.94
CA LEU V 71 -40.42 28.97 -41.19
C LEU V 71 -39.94 28.30 -42.48
N ALA V 72 -39.51 27.06 -42.37
CA ALA V 72 -38.88 26.34 -43.47
C ALA V 72 -39.68 25.13 -43.89
N THR V 73 -39.62 24.83 -45.18
CA THR V 73 -40.36 23.69 -45.69
C THR V 73 -39.65 23.04 -46.86
N ARG V 74 -39.60 21.72 -46.83
CA ARG V 74 -39.15 20.93 -47.96
C ARG V 74 -40.39 20.55 -48.78
N VAL V 75 -40.51 21.14 -49.98
CA VAL V 75 -41.73 20.99 -50.80
C VAL V 75 -41.74 19.66 -51.54
N THR V 76 -40.67 19.36 -52.28
CA THR V 76 -40.42 18.07 -52.90
C THR V 76 -38.96 17.73 -52.69
N ASP V 77 -38.49 16.67 -53.35
CA ASP V 77 -37.11 16.19 -53.13
C ASP V 77 -36.03 17.19 -53.52
N THR V 78 -36.36 18.20 -54.32
CA THR V 78 -35.37 19.14 -54.82
C THR V 78 -35.74 20.59 -54.59
N GLU V 79 -36.84 20.84 -53.91
CA GLU V 79 -37.39 22.17 -53.69
C GLU V 79 -37.38 22.47 -52.22
N LEU V 80 -36.65 23.50 -51.81
CA LEU V 80 -36.61 23.93 -50.42
C LEU V 80 -37.04 25.38 -50.30
N ARG V 81 -37.94 25.66 -49.37
CA ARG V 81 -38.48 27.00 -49.17
C ARG V 81 -38.27 27.48 -47.73
N LEU V 82 -38.19 28.79 -47.61
CA LEU V 82 -37.94 29.41 -46.34
C LEU V 82 -38.67 30.73 -46.34
N GLN V 83 -39.47 30.96 -45.31
CA GLN V 83 -40.02 32.29 -45.06
C GLN V 83 -39.25 32.91 -43.92
N VAL V 84 -38.79 34.13 -44.16
CA VAL V 84 -38.17 34.94 -43.13
C VAL V 84 -39.17 36.04 -42.84
N ALA V 85 -39.55 36.15 -41.58
CA ALA V 85 -40.59 37.09 -41.22
C ALA V 85 -40.09 37.93 -40.07
N ASN V 86 -40.71 39.08 -39.90
CA ASN V 86 -40.43 39.98 -38.78
C ASN V 86 -38.92 40.24 -38.58
N MET V 87 -38.26 40.65 -39.67
CA MET V 87 -36.82 40.92 -39.65
C MET V 87 -36.50 42.24 -38.96
N SER V 88 -35.30 42.31 -38.37
CA SER V 88 -34.81 43.57 -37.82
C SER V 88 -33.36 43.84 -38.16
N GLN V 89 -32.67 42.92 -38.83
CA GLN V 89 -31.26 43.12 -39.11
C GLN V 89 -30.91 42.36 -40.38
N GLY V 90 -30.09 42.98 -41.24
CA GLY V 90 -29.69 42.33 -42.48
C GLY V 90 -28.89 41.05 -42.22
N ARG V 91 -28.80 40.22 -43.26
CA ARG V 91 -28.20 38.89 -43.17
C ARG V 91 -27.73 38.49 -44.56
N THR V 92 -27.07 37.35 -44.64
CA THR V 92 -26.93 36.66 -45.90
C THR V 92 -27.46 35.25 -45.65
N LEU V 93 -28.28 34.72 -46.55
CA LEU V 93 -28.86 33.41 -46.33
C LEU V 93 -28.36 32.43 -47.39
N TYR V 94 -27.87 31.28 -46.98
CA TYR V 94 -27.38 30.28 -47.92
C TYR V 94 -28.13 28.97 -47.82
N CYS V 95 -28.36 28.37 -48.97
CA CYS V 95 -28.83 26.99 -49.08
C CYS V 95 -27.62 26.07 -49.20
N THR V 96 -27.78 24.82 -48.72
CA THR V 96 -26.74 23.82 -48.88
C THR V 96 -27.32 22.44 -49.10
N CYS V 97 -26.50 21.60 -49.71
CA CYS V 97 -26.77 20.17 -49.72
C CYS V 97 -25.47 19.45 -49.44
N SER V 98 -25.58 18.18 -49.08
CA SER V 98 -24.44 17.27 -49.04
C SER V 98 -25.00 15.87 -49.23
N ALA V 99 -24.09 14.91 -49.43
CA ALA V 99 -24.56 13.58 -49.78
C ALA V 99 -25.12 12.82 -48.58
N ARG V 100 -24.71 13.16 -47.36
CA ARG V 100 -25.14 12.41 -46.19
C ARG V 100 -25.53 13.39 -45.09
N HIS V 101 -26.38 12.98 -44.15
CA HIS V 101 -26.86 13.97 -43.18
C HIS V 101 -25.74 14.56 -42.30
N SER V 102 -24.67 13.81 -42.01
CA SER V 102 -23.45 14.38 -41.42
C SER V 102 -22.27 13.50 -41.79
N ALA V 103 -21.07 14.04 -41.56
CA ALA V 103 -19.80 13.44 -41.94
C ALA V 103 -19.52 13.54 -43.43
N GLU V 104 -20.13 14.49 -44.13
CA GLU V 104 -19.86 14.70 -45.53
C GLU V 104 -19.63 16.16 -45.86
N THR V 105 -19.09 16.35 -47.05
CA THR V 105 -18.84 17.68 -47.60
C THR V 105 -20.15 18.44 -47.88
N LEU V 106 -20.21 19.68 -47.41
CA LEU V 106 -21.36 20.56 -47.52
C LEU V 106 -21.15 21.59 -48.64
N TYR V 107 -22.07 21.64 -49.63
CA TYR V 107 -21.94 22.51 -50.80
C TYR V 107 -22.91 23.66 -50.72
N PHE V 108 -22.40 24.85 -50.94
CA PHE V 108 -23.15 26.06 -50.65
C PHE V 108 -23.75 26.65 -51.89
N GLY V 109 -25.02 27.15 -51.78
CA GLY V 109 -25.66 27.86 -52.86
C GLY V 109 -25.20 29.31 -53.02
N SER V 110 -25.68 29.92 -54.11
CA SER V 110 -25.22 31.24 -54.53
C SER V 110 -25.53 32.34 -53.52
N GLY V 111 -26.49 32.14 -52.65
CA GLY V 111 -26.73 33.07 -51.55
C GLY V 111 -27.82 34.08 -51.83
N THR V 112 -28.44 34.55 -50.74
CA THR V 112 -29.51 35.55 -50.74
C THR V 112 -29.19 36.62 -49.72
N ARG V 113 -28.81 37.79 -50.17
CA ARG V 113 -28.52 38.87 -49.26
C ARG V 113 -29.83 39.58 -48.94
N LEU V 114 -30.16 39.70 -47.68
CA LEU V 114 -31.37 40.41 -47.30
C LEU V 114 -30.96 41.66 -46.54
N THR V 115 -31.43 42.82 -46.99
CA THR V 115 -31.04 44.07 -46.34
C THR V 115 -32.31 44.72 -45.78
N VAL V 116 -32.24 45.09 -44.50
CA VAL V 116 -33.38 45.65 -43.75
C VAL V 116 -33.20 47.16 -43.67
N LEU V 117 -34.23 47.91 -44.08
CA LEU V 117 -34.08 49.37 -44.13
C LEU V 117 -35.44 50.07 -44.21
N ASP V 118 -35.37 51.40 -44.20
CA ASP V 118 -36.46 52.31 -44.53
C ASP V 118 -36.31 52.64 -46.01
N LEU V 119 -37.30 52.29 -46.83
CA LEU V 119 -37.10 52.44 -48.27
C LEU V 119 -36.82 53.88 -48.68
N ARG V 120 -37.29 54.85 -47.90
CA ARG V 120 -37.20 56.25 -48.31
C ARG V 120 -35.80 56.86 -48.19
N ASN V 121 -34.81 56.14 -47.67
CA ASN V 121 -33.47 56.68 -47.59
C ASN V 121 -32.57 56.18 -48.73
N VAL V 122 -33.15 55.52 -49.73
CA VAL V 122 -32.40 54.92 -50.84
C VAL V 122 -32.01 55.98 -51.86
N PHE V 123 -30.72 55.96 -52.27
CA PHE V 123 -30.19 56.96 -53.15
C PHE V 123 -29.30 56.21 -54.12
N PRO V 124 -29.37 56.53 -55.40
CA PRO V 124 -28.45 55.94 -56.36
C PRO V 124 -27.06 56.54 -56.22
N PRO V 125 -26.05 55.87 -56.76
CA PRO V 125 -24.67 56.33 -56.58
C PRO V 125 -24.35 57.44 -57.56
N GLU V 126 -23.58 58.43 -57.09
CA GLU V 126 -23.06 59.51 -57.92
C GLU V 126 -21.64 59.20 -58.36
N VAL V 127 -21.40 59.26 -59.68
CA VAL V 127 -20.17 58.74 -60.29
C VAL V 127 -19.43 59.82 -61.05
N ALA V 128 -18.17 60.01 -60.71
CA ALA V 128 -17.27 60.97 -61.34
C ALA V 128 -15.93 60.28 -61.52
N VAL V 129 -15.31 60.45 -62.69
CA VAL V 129 -14.01 59.84 -63.01
C VAL V 129 -12.95 60.93 -63.08
N PHE V 130 -11.74 60.65 -62.56
CA PHE V 130 -10.61 61.58 -62.51
C PHE V 130 -9.41 61.07 -63.32
N GLU V 131 -8.86 61.95 -64.27
CA GLU V 131 -7.76 61.62 -65.17
C GLU V 131 -6.41 61.80 -64.46
N PRO V 132 -5.40 61.03 -64.85
CA PRO V 132 -4.14 61.01 -64.10
C PRO V 132 -3.46 62.38 -64.04
N SER V 133 -2.76 62.63 -62.94
CA SER V 133 -1.92 63.81 -62.83
C SER V 133 -0.74 63.71 -63.79
N GLU V 134 -0.30 64.86 -64.32
CA GLU V 134 0.89 64.92 -65.17
C GLU V 134 2.19 64.74 -64.35
N ALA V 135 2.18 65.16 -63.08
CA ALA V 135 3.35 64.98 -62.22
C ALA V 135 3.67 63.50 -62.03
N GLU V 136 2.62 62.67 -61.95
CA GLU V 136 2.76 61.22 -61.92
C GLU V 136 3.39 60.66 -63.20
N ILE V 137 2.86 61.07 -64.37
CA ILE V 137 3.29 60.53 -65.65
C ILE V 137 4.75 60.88 -65.90
N SER V 138 5.12 62.11 -65.57
CA SER V 138 6.50 62.55 -65.71
C SER V 138 7.44 61.73 -64.82
N HIS V 139 7.05 61.53 -63.56
CA HIS V 139 7.95 60.96 -62.59
C HIS V 139 7.98 59.43 -62.67
N THR V 140 6.86 58.79 -63.02
CA THR V 140 6.74 57.33 -62.89
C THR V 140 6.47 56.60 -64.21
N GLN V 141 6.09 57.30 -65.29
CA GLN V 141 5.82 56.68 -66.57
C GLN V 141 4.60 55.75 -66.52
N LYS V 142 3.68 55.98 -65.59
CA LYS V 142 2.45 55.21 -65.49
C LYS V 142 1.28 56.17 -65.26
N ALA V 143 0.06 55.64 -65.29
CA ALA V 143 -1.13 56.48 -65.18
C ALA V 143 -2.14 55.85 -64.23
N THR V 144 -2.39 56.54 -63.09
CA THR V 144 -3.33 56.09 -62.07
C THR V 144 -4.62 56.88 -62.23
N LEU V 145 -5.69 56.20 -62.65
CA LEU V 145 -7.01 56.83 -62.70
C LEU V 145 -7.74 56.61 -61.39
N VAL V 146 -8.57 57.58 -61.02
CA VAL V 146 -9.38 57.49 -59.80
C VAL V 146 -10.83 57.58 -60.20
N CYS V 147 -11.63 56.67 -59.69
CA CYS V 147 -13.07 56.71 -59.88
C CYS V 147 -13.73 56.81 -58.52
N LEU V 148 -14.57 57.81 -58.30
CA LEU V 148 -15.21 58.02 -57.01
C LEU V 148 -16.71 57.93 -57.16
N ALA V 149 -17.32 57.05 -56.38
CA ALA V 149 -18.77 56.91 -56.32
C ALA V 149 -19.24 57.47 -54.98
N THR V 150 -20.20 58.37 -55.00
CA THR V 150 -20.54 59.11 -53.80
C THR V 150 -22.05 59.18 -53.58
N GLY V 151 -22.45 59.21 -52.30
CA GLY V 151 -23.82 59.48 -51.92
C GLY V 151 -24.82 58.39 -52.29
N PHE V 152 -24.76 57.23 -51.62
CA PHE V 152 -25.68 56.14 -51.96
C PHE V 152 -26.01 55.33 -50.70
N TYR V 153 -27.13 54.61 -50.78
CA TYR V 153 -27.66 53.85 -49.65
C TYR V 153 -28.69 52.85 -50.16
N PRO V 154 -28.61 51.56 -49.82
CA PRO V 154 -27.60 50.95 -48.97
C PRO V 154 -26.29 50.84 -49.75
N ASP V 155 -25.30 50.14 -49.20
CA ASP V 155 -23.98 50.10 -49.79
C ASP V 155 -23.78 48.95 -50.77
N HIS V 156 -24.84 48.43 -51.38
CA HIS V 156 -24.66 47.30 -52.27
C HIS V 156 -24.51 47.87 -53.68
N VAL V 157 -23.24 48.09 -54.04
CA VAL V 157 -22.84 48.61 -55.33
C VAL V 157 -21.72 47.69 -55.81
N GLU V 158 -21.54 47.65 -57.12
CA GLU V 158 -20.50 46.82 -57.72
C GLU V 158 -19.81 47.66 -58.78
N LEU V 159 -18.49 47.83 -58.67
CA LEU V 159 -17.76 48.71 -59.55
C LEU V 159 -16.87 47.90 -60.47
N SER V 160 -16.71 48.36 -61.72
CA SER V 160 -15.87 47.71 -62.71
C SER V 160 -15.20 48.75 -63.61
N TRP V 161 -14.04 48.39 -64.18
CA TRP V 161 -13.41 49.20 -65.21
C TRP V 161 -13.55 48.51 -66.56
N TRP V 162 -13.76 49.32 -67.61
CA TRP V 162 -13.90 48.87 -68.99
C TRP V 162 -12.96 49.66 -69.87
N VAL V 163 -12.06 48.95 -70.56
CA VAL V 163 -11.12 49.53 -71.51
C VAL V 163 -11.55 49.13 -72.91
N ASN V 164 -11.95 50.14 -73.71
CA ASN V 164 -12.45 49.92 -75.06
C ASN V 164 -13.62 48.95 -75.01
N GLY V 165 -14.50 49.14 -74.02
CA GLY V 165 -15.74 48.41 -73.87
C GLY V 165 -15.65 47.03 -73.23
N LYS V 166 -14.45 46.51 -72.96
CA LYS V 166 -14.24 45.20 -72.33
C LYS V 166 -13.72 45.42 -70.92
N GLU V 167 -14.16 44.58 -69.99
CA GLU V 167 -13.65 44.68 -68.64
C GLU V 167 -12.19 44.23 -68.54
N VAL V 168 -11.41 44.94 -67.73
CA VAL V 168 -10.01 44.61 -67.54
C VAL V 168 -9.77 43.99 -66.17
N HIS V 169 -8.65 43.28 -66.09
CA HIS V 169 -8.22 42.51 -64.95
C HIS V 169 -6.98 43.14 -64.32
N SER V 170 -5.95 43.47 -65.12
CA SER V 170 -4.71 44.07 -64.60
C SER V 170 -4.96 45.52 -64.18
N GLY V 171 -4.09 46.02 -63.32
CA GLY V 171 -4.21 47.41 -62.97
C GLY V 171 -5.46 47.74 -62.20
N VAL V 172 -6.25 46.75 -61.85
CA VAL V 172 -7.52 47.00 -61.21
C VAL V 172 -7.25 47.06 -59.71
N CYS V 173 -7.79 48.09 -59.06
CA CYS V 173 -7.62 48.35 -57.63
C CYS V 173 -8.96 48.85 -57.07
N THR V 174 -9.84 47.93 -56.72
CA THR V 174 -11.13 48.32 -56.17
C THR V 174 -11.02 48.28 -54.67
N ASP V 175 -11.45 49.34 -53.99
CA ASP V 175 -11.42 49.33 -52.53
C ASP V 175 -12.36 48.27 -51.99
N PRO V 176 -12.01 47.63 -50.89
CA PRO V 176 -12.80 46.50 -50.38
C PRO V 176 -14.17 46.89 -49.90
N GLN V 177 -14.24 47.94 -49.12
CA GLN V 177 -15.51 48.26 -48.52
C GLN V 177 -15.72 49.76 -48.58
N PRO V 178 -16.95 50.20 -48.76
CA PRO V 178 -17.28 51.62 -48.68
C PRO V 178 -17.16 52.17 -47.27
N LEU V 179 -17.02 53.50 -47.19
CA LEU V 179 -16.98 54.24 -45.93
C LEU V 179 -18.13 55.24 -45.85
N LYS V 180 -18.53 55.56 -44.62
CA LYS V 180 -19.63 56.48 -44.38
C LYS V 180 -19.22 57.94 -44.57
N GLU V 181 -19.97 58.67 -45.40
CA GLU V 181 -19.72 60.10 -45.57
C GLU V 181 -19.87 60.85 -44.24
N GLN V 182 -20.77 60.36 -43.40
CA GLN V 182 -21.05 60.95 -42.08
C GLN V 182 -21.04 59.82 -41.05
N PRO V 183 -19.87 59.43 -40.54
CA PRO V 183 -19.81 58.29 -39.59
C PRO V 183 -20.71 58.50 -38.37
N ALA V 184 -21.28 59.70 -38.22
CA ALA V 184 -22.11 60.05 -37.07
C ALA V 184 -23.51 59.45 -37.15
N LEU V 185 -24.09 59.33 -38.35
CA LEU V 185 -25.38 58.64 -38.46
C LEU V 185 -25.13 57.13 -38.42
N ASN V 186 -25.99 56.40 -37.70
CA ASN V 186 -25.97 54.95 -37.83
C ASN V 186 -26.69 54.48 -39.10
N ASP V 187 -27.15 55.43 -39.94
CA ASP V 187 -27.76 55.20 -41.24
C ASP V 187 -27.18 56.16 -42.29
N SER V 188 -25.92 56.57 -42.13
CA SER V 188 -25.30 57.48 -43.06
C SER V 188 -25.25 56.92 -44.48
N ARG V 189 -25.11 57.84 -45.45
CA ARG V 189 -24.83 57.44 -46.82
C ARG V 189 -23.34 57.09 -46.99
N TYR V 190 -23.04 56.32 -48.05
CA TYR V 190 -21.75 55.66 -48.22
C TYR V 190 -20.99 56.21 -49.43
N ALA V 191 -19.72 55.81 -49.51
CA ALA V 191 -18.85 56.15 -50.62
C ALA V 191 -17.92 54.99 -50.93
N LEU V 192 -17.49 54.90 -52.19
CA LEU V 192 -16.64 53.84 -52.72
C LEU V 192 -15.64 54.42 -53.72
N SER V 193 -14.39 53.95 -53.70
CA SER V 193 -13.42 54.38 -54.68
C SER V 193 -12.87 53.18 -55.46
N SER V 194 -12.15 53.48 -56.54
CA SER V 194 -11.40 52.44 -57.24
C SER V 194 -10.25 53.09 -57.98
N ARG V 195 -9.27 52.27 -58.36
CA ARG V 195 -8.12 52.70 -59.15
C ARG V 195 -7.86 51.79 -60.34
N LEU V 196 -7.41 52.39 -61.44
CA LEU V 196 -6.95 51.69 -62.65
C LEU V 196 -5.63 52.33 -63.09
N ARG V 197 -4.54 51.60 -62.99
CA ARG V 197 -3.24 52.12 -63.41
C ARG V 197 -2.80 51.42 -64.69
N VAL V 198 -2.48 52.23 -65.70
CA VAL V 198 -1.94 51.75 -66.96
C VAL V 198 -0.74 52.62 -67.29
N SER V 199 0.17 52.07 -68.10
CA SER V 199 1.41 52.78 -68.39
C SER V 199 1.11 54.13 -69.01
N ALA V 200 2.02 55.09 -68.81
CA ALA V 200 1.81 56.44 -69.35
C ALA V 200 1.71 56.45 -70.88
N THR V 201 2.47 55.57 -71.55
CA THR V 201 2.40 55.48 -73.01
C THR V 201 0.98 55.13 -73.49
N PHE V 202 0.27 54.26 -72.74
CA PHE V 202 -1.11 53.83 -73.05
C PHE V 202 -2.13 54.95 -72.78
N TRP V 203 -1.88 55.77 -71.76
CA TRP V 203 -2.75 56.89 -71.43
C TRP V 203 -2.65 58.02 -72.45
N GLN V 204 -1.45 58.26 -72.98
CA GLN V 204 -1.22 59.43 -73.82
C GLN V 204 -1.71 59.23 -75.26
N ASN V 205 -2.45 58.15 -75.52
CA ASN V 205 -3.02 57.81 -76.83
C ASN V 205 -4.51 58.11 -76.73
N PRO V 206 -5.01 59.25 -77.27
CA PRO V 206 -6.43 59.61 -77.14
C PRO V 206 -7.41 58.65 -77.82
N ARG V 207 -6.86 57.60 -78.42
CA ARG V 207 -7.66 56.56 -79.05
C ARG V 207 -8.28 55.55 -78.09
N ASN V 208 -7.83 55.49 -76.85
CA ASN V 208 -8.20 54.39 -75.96
C ASN V 208 -9.30 54.79 -75.00
N HIS V 209 -10.24 53.86 -74.80
CA HIS V 209 -11.45 54.14 -74.02
C HIS V 209 -11.40 53.44 -72.68
N PHE V 210 -11.67 54.20 -71.62
CA PHE V 210 -11.70 53.73 -70.25
C PHE V 210 -13.07 54.09 -69.71
N ARG V 211 -13.84 53.13 -69.21
CA ARG V 211 -15.12 53.51 -68.62
C ARG V 211 -15.31 52.81 -67.29
N CYS V 212 -15.64 53.61 -66.26
CA CYS V 212 -15.78 53.12 -64.89
C CYS V 212 -17.27 52.97 -64.54
N GLN V 213 -17.71 51.73 -64.35
CA GLN V 213 -19.12 51.41 -64.24
C GLN V 213 -19.48 51.03 -62.81
N VAL V 214 -20.57 51.60 -62.30
CA VAL V 214 -21.06 51.33 -60.93
C VAL V 214 -22.48 50.75 -61.01
N GLN V 215 -22.61 49.44 -60.82
CA GLN V 215 -23.92 48.79 -60.71
C GLN V 215 -24.51 49.01 -59.33
N PHE V 216 -25.72 49.56 -59.25
CA PHE V 216 -26.35 49.85 -57.97
C PHE V 216 -27.57 48.96 -57.76
N TYR V 217 -27.71 48.40 -56.56
CA TYR V 217 -28.90 47.64 -56.21
C TYR V 217 -29.78 48.44 -55.27
N GLY V 218 -30.95 48.81 -55.78
CA GLY V 218 -31.95 49.63 -55.14
C GLY V 218 -33.32 48.98 -55.23
N LEU V 219 -34.35 49.81 -55.36
CA LEU V 219 -35.74 49.39 -55.30
C LEU V 219 -36.21 48.69 -56.58
N SER V 220 -37.38 48.07 -56.45
CA SER V 220 -38.00 47.27 -57.49
C SER V 220 -39.19 48.00 -58.10
N GLU V 221 -39.43 47.73 -59.37
CA GLU V 221 -40.48 48.42 -60.10
C GLU V 221 -41.88 48.00 -59.68
N ASN V 222 -42.01 46.87 -58.96
CA ASN V 222 -43.31 46.52 -58.39
C ASN V 222 -43.58 47.32 -57.14
N ASP V 223 -42.53 48.02 -56.68
CA ASP V 223 -42.70 48.94 -55.53
C ASP V 223 -42.63 50.36 -56.12
N GLU V 224 -43.09 51.37 -55.38
CA GLU V 224 -43.12 52.73 -55.98
C GLU V 224 -42.45 53.74 -55.04
N TRP V 225 -41.74 54.71 -55.61
CA TRP V 225 -41.07 55.76 -54.79
C TRP V 225 -42.16 56.65 -54.16
N THR V 226 -41.97 57.01 -52.90
CA THR V 226 -43.00 57.81 -52.18
C THR V 226 -42.45 59.20 -51.85
N GLN V 227 -41.27 59.54 -52.37
CA GLN V 227 -40.64 60.84 -52.01
C GLN V 227 -40.67 61.78 -53.22
N ASP V 228 -40.04 62.96 -53.09
CA ASP V 228 -40.07 63.96 -54.19
C ASP V 228 -38.77 63.87 -55.00
N ARG V 229 -37.94 62.85 -54.73
CA ARG V 229 -36.72 62.66 -55.55
C ARG V 229 -37.04 61.64 -56.65
N ALA V 230 -36.03 61.19 -57.40
CA ALA V 230 -36.25 60.18 -58.46
C ALA V 230 -36.51 58.82 -57.84
N LYS V 231 -36.98 57.85 -58.62
CA LYS V 231 -37.18 56.48 -58.09
C LYS V 231 -35.84 55.75 -58.10
N PRO V 232 -35.23 55.45 -56.92
CA PRO V 232 -33.92 54.82 -56.86
C PRO V 232 -34.05 53.31 -57.10
N VAL V 233 -34.22 52.91 -58.36
CA VAL V 233 -34.41 51.51 -58.67
C VAL V 233 -33.07 51.04 -59.17
N THR V 234 -32.95 49.72 -59.34
CA THR V 234 -31.75 49.15 -59.91
C THR V 234 -31.40 49.84 -61.24
N GLN V 235 -30.11 50.10 -61.45
CA GLN V 235 -29.65 50.91 -62.55
C GLN V 235 -28.14 50.76 -62.65
N ILE V 236 -27.58 51.17 -63.79
CA ILE V 236 -26.14 51.38 -63.92
C ILE V 236 -25.88 52.89 -63.92
N VAL V 237 -24.83 53.30 -63.20
CA VAL V 237 -24.33 54.67 -63.18
C VAL V 237 -22.86 54.61 -63.62
N SER V 238 -22.51 55.38 -64.64
CA SER V 238 -21.20 55.30 -65.27
C SER V 238 -20.55 56.68 -65.26
N ALA V 239 -19.24 56.66 -65.48
CA ALA V 239 -18.46 57.84 -65.87
C ALA V 239 -17.35 57.34 -66.78
N GLU V 240 -16.76 58.25 -67.54
CA GLU V 240 -15.81 57.82 -68.54
C GLU V 240 -14.75 58.87 -68.79
N ALA V 241 -13.69 58.43 -69.48
CA ALA V 241 -12.66 59.31 -69.99
C ALA V 241 -11.96 58.61 -71.14
N TRP V 242 -11.52 59.41 -72.10
CA TRP V 242 -10.69 58.96 -73.21
C TRP V 242 -9.24 59.39 -72.98
N GLY V 243 -8.35 58.82 -73.79
CA GLY V 243 -6.95 59.21 -73.78
C GLY V 243 -6.77 60.68 -74.13
N ARG V 244 -5.60 61.19 -73.77
CA ARG V 244 -5.30 62.60 -73.95
C ARG V 244 -3.90 62.67 -74.58
N ALA V 245 -3.22 63.79 -74.38
CA ALA V 245 -1.85 64.01 -74.88
C ALA V 245 -1.25 65.31 -74.30
N GLY W 2 -19.93 -20.47 -31.03
CA GLY W 2 -18.89 -19.68 -30.39
C GLY W 2 -18.95 -18.24 -30.86
N SER W 3 -19.49 -18.07 -32.06
CA SER W 3 -19.62 -16.79 -32.76
C SER W 3 -20.85 -16.02 -32.28
N HIS W 4 -20.78 -14.68 -32.38
CA HIS W 4 -21.89 -13.80 -32.00
C HIS W 4 -22.19 -12.78 -33.09
N SER W 5 -23.40 -12.19 -33.02
CA SER W 5 -23.98 -11.36 -34.07
C SER W 5 -24.78 -10.16 -33.54
N MET W 6 -24.77 -9.11 -34.32
CA MET W 6 -25.64 -7.98 -34.05
C MET W 6 -26.45 -7.72 -35.31
N ARG W 7 -27.76 -7.51 -35.14
CA ARG W 7 -28.68 -7.31 -36.24
C ARG W 7 -29.55 -6.13 -35.89
N TYR W 8 -29.84 -5.31 -36.86
CA TYR W 8 -30.81 -4.25 -36.68
C TYR W 8 -31.96 -4.44 -37.64
N PHE W 9 -33.17 -4.13 -37.19
CA PHE W 9 -34.37 -4.28 -37.98
C PHE W 9 -35.08 -2.93 -38.07
N PHE W 10 -35.42 -2.55 -39.26
CA PHE W 10 -36.16 -1.33 -39.45
C PHE W 10 -37.41 -1.71 -40.23
N THR W 11 -38.52 -1.03 -39.93
CA THR W 11 -39.76 -1.21 -40.69
C THR W 11 -40.52 0.12 -40.79
N SER W 12 -40.93 0.46 -42.02
CA SER W 12 -41.72 1.70 -42.23
C SER W 12 -43.03 1.32 -42.92
N VAL W 13 -44.17 1.72 -42.33
CA VAL W 13 -45.49 1.36 -42.90
C VAL W 13 -46.31 2.63 -43.09
N SER W 14 -46.75 2.87 -44.33
CA SER W 14 -47.46 4.13 -44.65
C SER W 14 -48.96 3.99 -44.37
N ARG W 15 -49.43 4.51 -43.24
CA ARG W 15 -50.89 4.51 -42.99
C ARG W 15 -51.49 5.48 -44.02
N PRO W 16 -52.39 5.03 -44.92
CA PRO W 16 -52.90 5.91 -45.96
C PRO W 16 -53.44 7.16 -45.26
N GLY W 17 -52.83 8.31 -45.52
CA GLY W 17 -53.25 9.53 -44.81
C GLY W 17 -53.40 9.22 -43.33
N ARG W 18 -54.48 9.68 -42.70
CA ARG W 18 -54.71 9.32 -41.28
C ARG W 18 -53.38 9.45 -40.52
N GLY W 19 -52.59 10.47 -40.83
CA GLY W 19 -51.32 10.69 -40.12
C GLY W 19 -50.10 10.36 -40.96
N GLU W 20 -48.93 10.33 -40.34
CA GLU W 20 -47.67 10.02 -41.07
C GLU W 20 -47.37 8.52 -40.93
N PRO W 21 -46.48 7.95 -41.75
CA PRO W 21 -46.20 6.52 -41.70
C PRO W 21 -45.68 6.04 -40.34
N ARG W 22 -46.18 4.89 -39.87
CA ARG W 22 -45.67 4.29 -38.61
C ARG W 22 -44.23 3.84 -38.86
N PHE W 23 -43.37 3.94 -37.85
CA PHE W 23 -41.96 3.59 -38.04
C PHE W 23 -41.48 2.78 -36.84
N ILE W 24 -40.99 1.57 -37.07
CA ILE W 24 -40.48 0.75 -35.98
C ILE W 24 -39.06 0.28 -36.29
N ALA W 25 -38.15 0.46 -35.32
CA ALA W 25 -36.79 -0.08 -35.40
C ALA W 25 -36.45 -0.79 -34.07
N VAL W 26 -35.83 -1.98 -34.16
CA VAL W 26 -35.43 -2.78 -33.00
C VAL W 26 -34.05 -3.38 -33.22
N GLY W 27 -33.24 -3.41 -32.18
CA GLY W 27 -31.91 -3.99 -32.25
C GLY W 27 -31.79 -5.27 -31.44
N TYR W 28 -30.99 -6.20 -31.95
CA TYR W 28 -30.74 -7.50 -31.34
C TYR W 28 -29.25 -7.71 -31.17
N VAL W 29 -28.83 -8.31 -30.06
CA VAL W 29 -27.56 -9.00 -30.08
C VAL W 29 -27.88 -10.45 -29.76
N ASP W 30 -27.55 -11.35 -30.70
CA ASP W 30 -28.07 -12.71 -30.70
C ASP W 30 -29.57 -12.68 -30.46
N ASP W 31 -30.07 -13.30 -29.40
CA ASP W 31 -31.53 -13.41 -29.28
C ASP W 31 -32.11 -12.50 -28.20
N THR W 32 -31.47 -11.38 -27.91
CA THR W 32 -32.00 -10.43 -26.94
C THR W 32 -32.12 -9.06 -27.57
N GLN W 33 -33.30 -8.47 -27.40
CA GLN W 33 -33.53 -7.10 -27.81
C GLN W 33 -32.97 -6.15 -26.77
N PHE W 34 -32.29 -5.11 -27.25
CA PHE W 34 -31.68 -4.14 -26.35
C PHE W 34 -31.96 -2.68 -26.67
N VAL W 35 -32.40 -2.33 -27.89
CA VAL W 35 -32.79 -0.96 -28.23
C VAL W 35 -34.09 -0.98 -29.00
N ARG W 36 -34.79 0.16 -29.01
CA ARG W 36 -36.09 0.17 -29.64
C ARG W 36 -36.46 1.59 -30.02
N PHE W 37 -37.16 1.74 -31.13
CA PHE W 37 -37.69 3.05 -31.49
C PHE W 37 -38.98 2.98 -32.27
N ASP W 38 -39.94 3.76 -31.82
CA ASP W 38 -41.22 3.81 -32.48
C ASP W 38 -41.58 5.28 -32.69
N SER W 39 -41.91 5.63 -33.93
CA SER W 39 -42.37 6.99 -34.24
C SER W 39 -43.63 7.37 -33.46
N ASP W 40 -44.41 6.40 -32.99
CA ASP W 40 -45.64 6.66 -32.24
C ASP W 40 -45.45 6.73 -30.73
N ALA W 41 -44.30 6.32 -30.22
CA ALA W 41 -44.12 6.36 -28.76
C ALA W 41 -43.95 7.80 -28.32
N ALA W 42 -44.35 8.07 -27.08
CA ALA W 42 -44.29 9.43 -26.56
C ALA W 42 -42.86 9.95 -26.41
N SER W 43 -41.92 9.05 -26.10
CA SER W 43 -40.52 9.44 -25.89
C SER W 43 -39.99 10.27 -27.04
N GLN W 44 -40.28 9.86 -28.27
CA GLN W 44 -39.70 10.44 -29.48
C GLN W 44 -38.19 10.29 -29.48
N ARG W 45 -37.72 9.25 -28.81
CA ARG W 45 -36.31 9.04 -28.64
C ARG W 45 -36.02 7.55 -28.72
N MET W 46 -34.83 7.25 -29.15
CA MET W 46 -34.34 5.89 -29.03
C MET W 46 -34.43 5.45 -27.57
N GLU W 47 -34.90 4.22 -27.35
CA GLU W 47 -35.04 3.79 -25.96
C GLU W 47 -34.26 2.49 -25.70
N PRO W 48 -33.78 2.30 -24.47
CA PRO W 48 -33.21 1.00 -24.08
C PRO W 48 -34.27 -0.03 -23.67
N ARG W 49 -33.86 -1.29 -23.74
CA ARG W 49 -34.62 -2.50 -23.42
C ARG W 49 -33.86 -3.51 -22.59
N ALA W 50 -32.60 -3.79 -22.92
CA ALA W 50 -31.86 -4.68 -22.04
C ALA W 50 -31.12 -3.89 -20.97
N PRO W 51 -30.97 -4.46 -19.78
CA PRO W 51 -30.40 -3.69 -18.67
C PRO W 51 -28.97 -3.24 -18.93
N TRP W 52 -28.19 -4.09 -19.60
CA TRP W 52 -26.76 -3.82 -19.70
C TRP W 52 -26.44 -2.66 -20.66
N ILE W 53 -27.45 -2.16 -21.40
CA ILE W 53 -27.26 -0.97 -22.23
C ILE W 53 -27.64 0.27 -21.45
N GLU W 54 -28.27 0.10 -20.29
CA GLU W 54 -28.72 1.25 -19.52
C GLU W 54 -27.56 2.07 -19.00
N GLN W 55 -26.40 1.44 -18.88
CA GLN W 55 -25.21 2.12 -18.39
C GLN W 55 -24.67 3.22 -19.31
N GLU W 56 -25.01 3.20 -20.61
CA GLU W 56 -24.56 4.22 -21.53
C GLU W 56 -25.28 5.55 -21.28
N GLY W 57 -24.56 6.66 -21.48
CA GLY W 57 -25.01 7.98 -21.07
C GLY W 57 -25.93 8.74 -22.02
N PRO W 58 -26.35 9.96 -21.66
CA PRO W 58 -27.17 10.77 -22.58
C PRO W 58 -26.49 11.10 -23.90
N GLU W 59 -25.15 11.10 -23.94
CA GLU W 59 -24.43 11.36 -25.17
C GLU W 59 -24.66 10.23 -26.15
N TYR W 60 -24.62 9.00 -25.66
CA TYR W 60 -24.92 7.87 -26.50
C TYR W 60 -26.38 7.90 -26.91
N TRP W 61 -27.29 8.24 -26.01
CA TRP W 61 -28.67 8.26 -26.51
C TRP W 61 -28.89 9.42 -27.49
N ASP W 62 -28.10 10.50 -27.44
CA ASP W 62 -28.32 11.57 -28.40
C ASP W 62 -27.89 11.16 -29.80
N GLN W 63 -26.68 10.61 -29.95
CA GLN W 63 -26.27 10.14 -31.27
C GLN W 63 -27.26 9.12 -31.81
N GLU W 64 -27.50 8.06 -31.05
CA GLU W 64 -28.40 7.01 -31.53
C GLU W 64 -29.77 7.55 -31.87
N THR W 65 -30.31 8.47 -31.08
CA THR W 65 -31.60 9.04 -31.42
C THR W 65 -31.53 9.81 -32.74
N ARG W 66 -30.54 10.70 -32.90
CA ARG W 66 -30.54 11.48 -34.14
C ARG W 66 -30.34 10.56 -35.34
N ASN W 67 -29.46 9.58 -35.22
CA ASN W 67 -29.18 8.70 -36.35
C ASN W 67 -30.27 7.68 -36.65
N VAL W 68 -31.23 7.40 -35.76
CA VAL W 68 -32.32 6.55 -36.25
C VAL W 68 -33.41 7.41 -36.91
N LYS W 69 -33.63 8.63 -36.42
CA LYS W 69 -34.62 9.51 -37.04
C LYS W 69 -34.23 9.88 -38.46
N ALA W 70 -32.93 9.93 -38.76
CA ALA W 70 -32.49 10.11 -40.13
C ALA W 70 -32.94 8.93 -40.96
N GLN W 71 -32.80 7.72 -40.41
CA GLN W 71 -33.29 6.56 -41.11
C GLN W 71 -34.78 6.65 -41.33
N SER W 72 -35.54 7.16 -40.36
CA SER W 72 -36.98 7.33 -40.58
C SER W 72 -37.25 8.20 -41.81
N GLN W 73 -36.49 9.28 -41.98
CA GLN W 73 -36.77 10.22 -43.04
C GLN W 73 -36.35 9.71 -44.41
N THR W 74 -35.16 9.11 -44.56
CA THR W 74 -34.83 8.52 -45.87
C THR W 74 -35.78 7.33 -46.10
N ASP W 75 -36.66 7.04 -45.14
CA ASP W 75 -37.67 6.04 -45.42
C ASP W 75 -39.07 6.58 -45.71
N ARG W 76 -39.45 7.75 -45.20
CA ARG W 76 -40.68 8.36 -45.70
C ARG W 76 -40.52 8.71 -47.15
N VAL W 77 -39.34 9.24 -47.51
CA VAL W 77 -39.05 9.59 -48.88
C VAL W 77 -39.17 8.37 -49.77
N ASP W 78 -38.48 7.28 -49.40
CA ASP W 78 -38.54 6.05 -50.20
C ASP W 78 -39.95 5.47 -50.29
N LEU W 79 -40.75 5.62 -49.23
CA LEU W 79 -42.15 5.16 -49.27
C LEU W 79 -42.88 5.66 -50.51
N GLY W 80 -42.68 6.95 -50.85
CA GLY W 80 -43.24 7.52 -52.05
C GLY W 80 -42.51 7.17 -53.34
N THR W 81 -41.20 7.15 -53.28
CA THR W 81 -40.41 6.85 -54.46
C THR W 81 -40.75 5.48 -55.05
N LEU W 82 -40.85 4.45 -54.20
CA LEU W 82 -41.23 3.15 -54.75
C LEU W 82 -42.68 3.13 -55.24
N ARG W 83 -43.58 3.88 -54.59
CA ARG W 83 -44.89 4.10 -55.19
C ARG W 83 -44.75 4.51 -56.65
N GLY W 84 -43.82 5.43 -56.91
CA GLY W 84 -43.57 5.87 -58.26
C GLY W 84 -42.98 4.78 -59.12
N TYR W 85 -41.83 4.23 -58.72
CA TYR W 85 -41.19 3.18 -59.52
C TYR W 85 -42.20 2.11 -59.94
N TYR W 86 -43.07 1.72 -59.02
CA TYR W 86 -44.04 0.66 -59.20
C TYR W 86 -45.37 1.18 -59.72
N ASN W 87 -45.52 2.50 -59.80
CA ASN W 87 -46.69 3.17 -60.32
C ASN W 87 -47.94 2.61 -59.64
N GLN W 88 -47.95 2.73 -58.32
CA GLN W 88 -48.96 2.17 -57.43
C GLN W 88 -49.87 3.31 -56.98
N SER W 89 -51.12 2.98 -56.63
CA SER W 89 -52.05 4.01 -56.16
C SER W 89 -51.62 4.55 -54.80
N GLU W 90 -51.92 5.84 -54.57
CA GLU W 90 -51.69 6.46 -53.27
C GLU W 90 -52.90 6.32 -52.36
N ALA W 91 -53.76 5.36 -52.67
CA ALA W 91 -54.84 4.94 -51.79
C ALA W 91 -54.47 3.72 -50.97
N GLY W 92 -53.30 3.12 -51.24
CA GLY W 92 -52.89 1.90 -50.59
C GLY W 92 -51.72 2.09 -49.64
N SER W 93 -51.72 1.30 -48.57
CA SER W 93 -50.66 1.31 -47.57
C SER W 93 -49.55 0.35 -48.00
N HIS W 94 -48.33 0.65 -47.59
CA HIS W 94 -47.17 -0.11 -48.06
C HIS W 94 -46.20 -0.42 -46.94
N THR W 95 -45.37 -1.44 -47.17
CA THR W 95 -44.42 -1.90 -46.18
C THR W 95 -42.99 -1.94 -46.73
N ILE W 96 -42.09 -1.21 -46.08
CA ILE W 96 -40.65 -1.31 -46.34
C ILE W 96 -40.03 -1.99 -45.14
N GLN W 97 -39.16 -2.95 -45.40
CA GLN W 97 -38.47 -3.62 -44.33
C GLN W 97 -36.98 -3.60 -44.62
N ILE W 98 -36.20 -3.12 -43.64
CA ILE W 98 -34.74 -3.12 -43.69
C ILE W 98 -34.23 -3.89 -42.48
N MET W 99 -33.21 -4.71 -42.73
CA MET W 99 -32.46 -5.51 -41.75
C MET W 99 -30.97 -5.43 -42.12
N TYR W 100 -30.13 -5.05 -41.19
CA TYR W 100 -28.72 -5.13 -41.50
C TYR W 100 -27.92 -5.47 -40.24
N GLY W 101 -26.75 -6.07 -40.44
CA GLY W 101 -25.95 -6.42 -39.28
C GLY W 101 -24.62 -7.04 -39.64
N CYS W 102 -23.88 -7.44 -38.57
CA CYS W 102 -22.53 -7.98 -38.63
C CYS W 102 -22.37 -9.17 -37.69
N ASP W 103 -21.46 -10.05 -38.07
CA ASP W 103 -21.09 -11.25 -37.31
C ASP W 103 -19.60 -11.23 -36.97
N VAL W 104 -19.27 -11.51 -35.69
CA VAL W 104 -17.90 -11.67 -35.22
C VAL W 104 -17.72 -13.08 -34.68
N GLY W 105 -16.51 -13.62 -34.85
CA GLY W 105 -16.21 -14.96 -34.43
C GLY W 105 -15.90 -14.92 -32.97
N SER W 106 -15.51 -16.07 -32.41
CA SER W 106 -15.34 -16.16 -30.96
C SER W 106 -14.28 -15.17 -30.41
N ASP W 107 -13.23 -14.84 -31.19
CA ASP W 107 -12.17 -13.93 -30.75
C ASP W 107 -12.49 -12.46 -31.03
N GLY W 108 -13.67 -12.19 -31.56
CA GLY W 108 -14.12 -10.86 -31.92
C GLY W 108 -13.91 -10.47 -33.37
N ARG W 109 -13.10 -11.21 -34.13
CA ARG W 109 -12.76 -10.80 -35.49
C ARG W 109 -14.00 -10.69 -36.35
N PHE W 110 -13.97 -9.74 -37.28
CA PHE W 110 -15.09 -9.59 -38.19
C PHE W 110 -15.23 -10.84 -39.05
N LEU W 111 -16.43 -11.38 -39.09
CA LEU W 111 -16.72 -12.53 -39.96
C LEU W 111 -17.47 -12.12 -41.23
N ARG W 112 -18.66 -11.55 -41.06
CA ARG W 112 -19.50 -11.25 -42.19
C ARG W 112 -20.35 -10.06 -41.78
N GLY W 113 -20.74 -9.27 -42.78
CA GLY W 113 -21.74 -8.24 -42.60
C GLY W 113 -22.75 -8.37 -43.72
N TYR W 114 -23.98 -7.95 -43.45
CA TYR W 114 -25.00 -8.29 -44.42
C TYR W 114 -26.09 -7.22 -44.38
N ARG W 115 -26.69 -6.96 -45.55
CA ARG W 115 -27.85 -6.04 -45.66
C ARG W 115 -28.89 -6.62 -46.60
N GLN W 116 -30.15 -6.62 -46.15
CA GLN W 116 -31.26 -7.04 -46.99
C GLN W 116 -32.44 -6.11 -46.79
N ASP W 117 -33.02 -5.67 -47.92
CA ASP W 117 -34.18 -4.78 -48.01
C ASP W 117 -35.26 -5.43 -48.86
N ALA W 118 -36.52 -5.12 -48.51
CA ALA W 118 -37.69 -5.66 -49.19
C ALA W 118 -38.83 -4.63 -49.23
N TYR W 119 -39.72 -4.81 -50.20
CA TYR W 119 -40.91 -3.98 -50.36
C TYR W 119 -42.14 -4.88 -50.37
N ASP W 120 -43.06 -4.63 -49.46
CA ASP W 120 -44.32 -5.39 -49.35
C ASP W 120 -44.08 -6.91 -49.30
N GLY W 121 -43.09 -7.31 -48.49
CA GLY W 121 -42.83 -8.70 -48.17
C GLY W 121 -42.10 -9.49 -49.23
N LYS W 122 -41.64 -8.81 -50.29
CA LYS W 122 -40.90 -9.39 -51.38
C LYS W 122 -39.53 -8.72 -51.41
N ASP W 123 -38.50 -9.49 -51.78
CA ASP W 123 -37.17 -8.92 -51.93
C ASP W 123 -37.18 -7.73 -52.85
N TYR W 124 -36.46 -6.69 -52.45
CA TYR W 124 -36.27 -5.52 -53.29
C TYR W 124 -34.80 -5.48 -53.72
N ILE W 125 -33.91 -5.19 -52.79
CA ILE W 125 -32.49 -5.19 -53.04
C ILE W 125 -31.80 -5.91 -51.89
N ALA W 126 -30.59 -6.39 -52.18
CA ALA W 126 -29.76 -7.08 -51.21
C ALA W 126 -28.29 -6.77 -51.47
N LEU W 127 -27.52 -6.74 -50.38
CA LEU W 127 -26.08 -6.53 -50.45
C LEU W 127 -25.37 -7.87 -50.66
N ASN W 128 -24.36 -7.86 -51.51
CA ASN W 128 -23.72 -9.10 -51.91
C ASN W 128 -22.67 -9.55 -50.91
N GLU W 129 -22.20 -10.77 -51.15
CA GLU W 129 -21.20 -11.42 -50.33
C GLU W 129 -19.99 -10.52 -50.15
N ASP W 130 -19.38 -10.14 -51.27
CA ASP W 130 -18.07 -9.51 -51.29
C ASP W 130 -18.03 -8.17 -50.61
N LEU W 131 -19.17 -7.59 -50.24
CA LEU W 131 -19.18 -6.26 -49.64
C LEU W 131 -18.62 -5.20 -50.60
N ARG W 132 -18.70 -5.45 -51.90
CA ARG W 132 -18.31 -4.50 -52.93
C ARG W 132 -19.37 -4.31 -54.01
N SER W 133 -20.33 -5.26 -54.16
CA SER W 133 -21.37 -5.29 -55.19
C SER W 133 -22.78 -5.33 -54.60
N TRP W 134 -23.76 -5.11 -55.48
CA TRP W 134 -25.17 -5.19 -55.11
C TRP W 134 -25.97 -6.13 -56.03
N THR W 135 -27.12 -6.57 -55.51
CA THR W 135 -28.10 -7.39 -56.23
C THR W 135 -29.50 -6.80 -56.13
N ALA W 136 -30.02 -6.36 -57.29
CA ALA W 136 -31.39 -5.90 -57.48
C ALA W 136 -32.28 -7.06 -57.89
N ALA W 137 -33.54 -7.02 -57.44
CA ALA W 137 -34.48 -8.11 -57.67
C ALA W 137 -35.34 -7.91 -58.90
N ASP W 138 -35.60 -6.65 -59.28
CA ASP W 138 -36.38 -6.33 -60.48
C ASP W 138 -35.81 -5.08 -61.15
N MET W 139 -36.49 -4.67 -62.23
CA MET W 139 -36.05 -3.55 -63.04
C MET W 139 -36.46 -2.20 -62.43
N ALA W 140 -37.40 -2.23 -61.46
CA ALA W 140 -37.64 -1.06 -60.61
C ALA W 140 -36.52 -0.90 -59.59
N ALA W 141 -36.15 -2.01 -58.95
CA ALA W 141 -35.03 -2.00 -58.03
C ALA W 141 -33.71 -1.85 -58.77
N GLN W 142 -33.66 -2.19 -60.05
CA GLN W 142 -32.44 -1.99 -60.83
C GLN W 142 -32.00 -0.54 -60.83
N ILE W 143 -32.95 0.40 -60.73
CA ILE W 143 -32.63 1.82 -60.68
C ILE W 143 -31.94 2.18 -59.38
N THR W 144 -32.46 1.65 -58.27
CA THR W 144 -31.88 1.94 -56.97
C THR W 144 -30.46 1.42 -56.92
N LYS W 145 -30.25 0.15 -57.30
CA LYS W 145 -28.92 -0.43 -57.41
C LYS W 145 -27.99 0.54 -58.12
N ARG W 146 -28.48 1.22 -59.15
CA ARG W 146 -27.63 2.14 -59.91
C ARG W 146 -27.19 3.35 -59.08
N LYS W 147 -28.09 3.92 -58.29
CA LYS W 147 -27.74 5.16 -57.59
C LYS W 147 -26.70 4.90 -56.51
N TRP W 148 -26.83 3.78 -55.81
CA TRP W 148 -25.94 3.46 -54.71
C TRP W 148 -24.58 3.10 -55.25
N GLU W 149 -24.56 2.53 -56.44
CA GLU W 149 -23.33 2.23 -57.14
C GLU W 149 -22.61 3.52 -57.52
N ALA W 150 -23.35 4.63 -57.54
CA ALA W 150 -22.87 5.94 -57.94
C ALA W 150 -22.26 6.76 -56.81
N ALA W 151 -23.05 6.98 -55.76
CA ALA W 151 -22.63 7.61 -54.51
C ALA W 151 -21.85 6.64 -53.61
N HIS W 152 -21.49 5.45 -54.09
CA HIS W 152 -20.60 4.52 -53.39
C HIS W 152 -21.13 4.08 -52.02
N GLU W 153 -22.43 3.86 -51.90
CA GLU W 153 -22.87 3.34 -50.61
C GLU W 153 -22.28 1.98 -50.32
N ALA W 154 -21.76 1.29 -51.34
CA ALA W 154 -21.17 -0.01 -51.07
C ALA W 154 -19.93 0.11 -50.20
N GLU W 155 -19.02 1.03 -50.52
CA GLU W 155 -17.77 1.05 -49.78
C GLU W 155 -17.93 1.74 -48.43
N GLN W 156 -18.72 2.79 -48.34
CA GLN W 156 -18.87 3.39 -47.01
C GLN W 156 -19.77 2.58 -46.09
N LEU W 157 -20.47 1.54 -46.58
CA LEU W 157 -21.17 0.65 -45.67
C LEU W 157 -20.25 -0.46 -45.14
N ARG W 158 -19.27 -0.87 -45.95
CA ARG W 158 -18.21 -1.73 -45.44
C ARG W 158 -17.49 -1.02 -44.32
N ALA W 159 -17.30 0.30 -44.46
CA ALA W 159 -16.71 1.13 -43.41
C ALA W 159 -17.43 0.93 -42.07
N TYR W 160 -18.76 1.02 -42.07
CA TYR W 160 -19.55 0.68 -40.89
C TYR W 160 -19.43 -0.79 -40.46
N LEU W 161 -19.67 -1.73 -41.40
CA LEU W 161 -19.91 -3.14 -41.00
C LEU W 161 -18.72 -3.91 -40.46
N ASP W 162 -17.48 -3.55 -40.79
CA ASP W 162 -16.37 -4.25 -40.13
C ASP W 162 -15.62 -3.34 -39.17
N GLY W 163 -16.09 -2.13 -38.96
CA GLY W 163 -15.48 -1.20 -38.04
C GLY W 163 -16.44 -0.91 -36.92
N THR W 164 -17.24 0.13 -37.12
CA THR W 164 -18.13 0.60 -36.07
C THR W 164 -19.08 -0.49 -35.57
N CYS W 165 -19.60 -1.34 -36.48
CA CYS W 165 -20.51 -2.40 -36.03
C CYS W 165 -19.82 -3.44 -35.16
N VAL W 166 -18.66 -3.95 -35.62
CA VAL W 166 -17.96 -5.00 -34.88
C VAL W 166 -17.40 -4.44 -33.57
N GLU W 167 -16.99 -3.16 -33.55
CA GLU W 167 -16.55 -2.55 -32.29
C GLU W 167 -17.63 -2.60 -31.25
N TRP W 168 -18.72 -1.87 -31.48
CA TRP W 168 -19.71 -1.78 -30.42
C TRP W 168 -20.32 -3.13 -30.07
N LEU W 169 -20.25 -4.11 -30.98
CA LEU W 169 -20.63 -5.47 -30.57
C LEU W 169 -19.70 -5.98 -29.48
N ARG W 170 -18.39 -5.75 -29.65
CA ARG W 170 -17.46 -6.15 -28.61
C ARG W 170 -17.77 -5.42 -27.31
N ARG W 171 -18.04 -4.12 -27.36
CA ARG W 171 -18.43 -3.42 -26.15
C ARG W 171 -19.69 -4.01 -25.54
N TYR W 172 -20.71 -4.24 -26.38
CA TYR W 172 -21.97 -4.80 -25.90
C TYR W 172 -21.79 -6.21 -25.33
N LEU W 173 -20.90 -7.00 -25.92
CA LEU W 173 -20.75 -8.39 -25.48
C LEU W 173 -20.02 -8.48 -24.14
N GLU W 174 -19.40 -7.39 -23.71
CA GLU W 174 -18.70 -7.34 -22.45
C GLU W 174 -19.45 -6.53 -21.43
N ASN W 175 -20.01 -5.41 -21.86
CA ASN W 175 -20.89 -4.66 -21.00
C ASN W 175 -22.06 -5.52 -20.56
N GLY W 176 -22.31 -6.63 -21.23
CA GLY W 176 -23.30 -7.53 -20.71
C GLY W 176 -22.93 -9.00 -20.69
N LYS W 177 -21.65 -9.35 -20.64
CA LYS W 177 -21.29 -10.78 -20.68
C LYS W 177 -22.03 -11.56 -19.61
N GLU W 178 -22.64 -10.87 -18.64
CA GLU W 178 -23.42 -11.56 -17.62
C GLU W 178 -24.62 -12.29 -18.23
N THR W 179 -25.29 -11.68 -19.22
CA THR W 179 -26.55 -12.26 -19.70
C THR W 179 -26.52 -12.70 -21.15
N LEU W 180 -25.53 -12.28 -21.94
CA LEU W 180 -25.55 -12.61 -23.36
C LEU W 180 -24.76 -13.87 -23.61
N GLN W 181 -23.79 -14.12 -22.76
CA GLN W 181 -22.97 -15.28 -22.96
C GLN W 181 -23.54 -16.49 -22.25
N ARG W 182 -24.43 -16.26 -21.26
CA ARG W 182 -25.01 -17.34 -20.48
C ARG W 182 -25.72 -18.31 -21.42
N THR W 183 -25.75 -19.58 -21.03
CA THR W 183 -26.49 -20.59 -21.77
C THR W 183 -27.42 -21.41 -20.88
N ASP W 184 -28.80 -21.13 -20.94
CA ASP W 184 -29.72 -21.94 -20.12
C ASP W 184 -30.09 -23.22 -20.87
N PRO W 185 -29.94 -24.38 -20.24
CA PRO W 185 -30.22 -25.63 -20.93
C PRO W 185 -31.71 -25.94 -20.89
N PRO W 186 -32.24 -26.65 -21.89
CA PRO W 186 -33.70 -26.90 -21.94
C PRO W 186 -34.15 -27.94 -20.91
N LYS W 187 -35.17 -27.57 -20.14
CA LYS W 187 -35.84 -28.45 -19.18
C LYS W 187 -36.89 -29.29 -19.92
N THR W 188 -36.62 -30.59 -20.08
CA THR W 188 -37.37 -31.48 -20.94
C THR W 188 -38.37 -32.32 -20.15
N HIS W 189 -39.45 -32.71 -20.83
CA HIS W 189 -40.41 -33.69 -20.32
C HIS W 189 -41.40 -34.03 -21.44
N MET W 190 -42.02 -35.20 -21.33
CA MET W 190 -42.98 -35.69 -22.31
C MET W 190 -44.37 -35.81 -21.70
N THR W 191 -45.41 -35.63 -22.52
CA THR W 191 -46.80 -35.75 -22.10
C THR W 191 -47.54 -36.70 -23.03
N HIS W 192 -48.73 -37.13 -22.62
CA HIS W 192 -49.49 -38.10 -23.38
C HIS W 192 -50.95 -37.74 -23.36
N HIS W 193 -51.59 -37.74 -24.53
CA HIS W 193 -53.01 -37.44 -24.70
C HIS W 193 -53.66 -38.41 -25.68
N PRO W 194 -54.59 -39.26 -25.25
CA PRO W 194 -55.30 -40.13 -26.21
C PRO W 194 -56.27 -39.34 -27.08
N ILE W 195 -56.18 -39.58 -28.40
CA ILE W 195 -57.04 -38.94 -29.41
C ILE W 195 -58.13 -39.88 -29.93
N SER W 196 -57.87 -41.18 -29.87
CA SER W 196 -58.81 -42.19 -30.35
C SER W 196 -58.61 -43.45 -29.52
N ASP W 197 -59.18 -44.55 -30.00
CA ASP W 197 -59.03 -45.83 -29.34
C ASP W 197 -57.57 -46.31 -29.41
N HIS W 198 -57.12 -46.57 -30.64
CA HIS W 198 -55.83 -47.13 -31.04
C HIS W 198 -54.69 -46.13 -31.07
N GLU W 199 -54.95 -44.86 -30.78
CA GLU W 199 -54.01 -43.78 -31.07
C GLU W 199 -53.81 -42.86 -29.88
N ALA W 200 -52.63 -42.26 -29.82
CA ALA W 200 -52.28 -41.32 -28.77
C ALA W 200 -51.26 -40.33 -29.32
N THR W 201 -51.08 -39.22 -28.61
CA THR W 201 -50.13 -38.19 -29.01
C THR W 201 -49.03 -38.20 -27.96
N LEU W 202 -47.81 -38.41 -28.41
CA LEU W 202 -46.65 -38.26 -27.55
C LEU W 202 -46.04 -36.92 -27.94
N ARG W 203 -46.12 -35.96 -27.01
CA ARG W 203 -45.67 -34.58 -27.22
C ARG W 203 -44.48 -34.32 -26.30
N CYS W 204 -43.37 -33.95 -26.91
CA CYS W 204 -42.11 -33.81 -26.20
C CYS W 204 -41.80 -32.32 -26.02
N TRP W 205 -41.73 -31.85 -24.78
CA TRP W 205 -41.54 -30.43 -24.50
C TRP W 205 -40.08 -30.11 -24.22
N ALA W 206 -39.77 -28.81 -24.16
CA ALA W 206 -38.45 -28.35 -23.71
C ALA W 206 -38.59 -26.86 -23.40
N LEU W 207 -38.46 -26.47 -22.14
CA LEU W 207 -38.66 -25.07 -21.79
C LEU W 207 -37.40 -24.42 -21.24
N GLY W 208 -37.45 -23.09 -21.22
CA GLY W 208 -36.45 -22.23 -20.62
C GLY W 208 -35.04 -22.30 -21.17
N PHE W 209 -34.89 -22.49 -22.49
CA PHE W 209 -33.57 -22.60 -23.09
C PHE W 209 -33.14 -21.28 -23.74
N TYR W 210 -31.82 -21.13 -23.88
CA TYR W 210 -31.15 -20.00 -24.50
C TYR W 210 -29.79 -20.51 -24.91
N PRO W 211 -29.32 -20.22 -26.11
CA PRO W 211 -29.92 -19.33 -27.12
C PRO W 211 -31.13 -19.98 -27.79
N ALA W 212 -31.73 -19.41 -28.84
CA ALA W 212 -32.97 -20.02 -29.28
C ALA W 212 -32.73 -21.28 -30.08
N GLU W 213 -31.50 -21.50 -30.53
CA GLU W 213 -31.10 -22.68 -31.26
C GLU W 213 -31.46 -23.96 -30.50
N ILE W 214 -32.24 -24.83 -31.12
CA ILE W 214 -32.59 -26.12 -30.52
C ILE W 214 -32.91 -27.11 -31.63
N THR W 215 -32.77 -28.40 -31.34
CA THR W 215 -33.15 -29.46 -32.27
C THR W 215 -33.90 -30.51 -31.50
N LEU W 216 -35.15 -30.74 -31.88
CA LEU W 216 -36.00 -31.73 -31.25
C LEU W 216 -36.26 -32.78 -32.30
N THR W 217 -35.81 -34.00 -32.03
CA THR W 217 -35.96 -35.05 -33.02
C THR W 217 -36.57 -36.30 -32.39
N TRP W 218 -37.71 -36.72 -32.94
CA TRP W 218 -38.41 -37.92 -32.50
C TRP W 218 -37.83 -39.09 -33.27
N GLN W 219 -37.24 -40.07 -32.58
CA GLN W 219 -36.61 -41.20 -33.26
C GLN W 219 -37.26 -42.49 -32.80
N ARG W 220 -37.78 -43.28 -33.76
CA ARG W 220 -38.40 -44.57 -33.47
C ARG W 220 -37.42 -45.70 -33.78
N ASP W 221 -36.87 -46.30 -32.71
CA ASP W 221 -35.91 -47.41 -32.81
C ASP W 221 -34.73 -47.05 -33.72
N GLY W 222 -34.24 -45.82 -33.60
CA GLY W 222 -33.11 -45.39 -34.38
C GLY W 222 -33.48 -44.69 -35.66
N GLU W 223 -34.75 -44.77 -36.06
CA GLU W 223 -35.26 -44.14 -37.28
C GLU W 223 -36.09 -42.92 -36.93
N ASP W 224 -35.79 -41.80 -37.59
CA ASP W 224 -36.49 -40.54 -37.32
C ASP W 224 -37.82 -40.54 -38.07
N GLN W 225 -38.86 -40.03 -37.41
CA GLN W 225 -40.17 -39.94 -38.02
C GLN W 225 -40.34 -38.59 -38.72
N THR W 226 -39.43 -38.32 -39.67
CA THR W 226 -39.55 -37.08 -40.43
C THR W 226 -40.89 -37.00 -41.15
N GLN W 227 -41.55 -38.14 -41.36
CA GLN W 227 -42.82 -38.17 -42.07
C GLN W 227 -44.02 -38.37 -41.15
N ASP W 228 -43.84 -38.33 -39.83
CA ASP W 228 -44.96 -38.50 -38.90
C ASP W 228 -44.99 -37.47 -37.79
N THR W 229 -43.93 -36.69 -37.61
CA THR W 229 -43.69 -35.80 -36.49
C THR W 229 -44.17 -34.38 -36.79
N GLU W 230 -44.65 -33.72 -35.75
CA GLU W 230 -45.01 -32.31 -35.76
C GLU W 230 -44.10 -31.48 -34.86
N LEU W 231 -43.50 -30.41 -35.43
CA LEU W 231 -42.68 -29.48 -34.67
C LEU W 231 -43.32 -28.09 -34.76
N VAL W 232 -43.40 -27.37 -33.64
CA VAL W 232 -44.01 -26.04 -33.61
C VAL W 232 -42.94 -24.95 -33.58
N GLU W 233 -43.37 -23.73 -33.92
CA GLU W 233 -42.50 -22.56 -33.86
C GLU W 233 -41.91 -22.35 -32.47
N THR W 234 -40.58 -22.17 -32.42
CA THR W 234 -39.93 -21.71 -31.21
C THR W 234 -40.62 -20.45 -30.72
N ARG W 235 -40.98 -20.43 -29.44
CA ARG W 235 -41.74 -19.29 -28.97
C ARG W 235 -41.02 -18.61 -27.84
N PRO W 236 -41.23 -17.31 -27.70
CA PRO W 236 -40.62 -16.58 -26.59
C PRO W 236 -41.49 -16.79 -25.37
N ALA W 237 -40.84 -17.05 -24.23
CA ALA W 237 -41.53 -17.14 -22.95
C ALA W 237 -41.95 -15.78 -22.43
N GLY W 238 -41.29 -14.72 -22.88
CA GLY W 238 -41.53 -13.39 -22.39
C GLY W 238 -40.46 -12.94 -21.44
N ASP W 239 -39.42 -13.76 -21.25
CA ASP W 239 -38.42 -13.50 -20.24
C ASP W 239 -36.97 -13.62 -20.73
N GLY W 240 -36.73 -13.91 -22.00
CA GLY W 240 -35.39 -14.17 -22.49
C GLY W 240 -35.07 -15.63 -22.69
N THR W 241 -35.95 -16.54 -22.26
CA THR W 241 -35.80 -17.95 -22.55
C THR W 241 -36.95 -18.40 -23.44
N PHE W 242 -36.78 -19.56 -24.07
CA PHE W 242 -37.65 -19.93 -25.17
C PHE W 242 -38.20 -21.32 -24.94
N GLN W 243 -39.22 -21.62 -25.72
CA GLN W 243 -39.95 -22.87 -25.63
C GLN W 243 -40.20 -23.38 -27.04
N LYS W 244 -40.02 -24.69 -27.23
CA LYS W 244 -40.33 -25.35 -28.50
C LYS W 244 -40.73 -26.77 -28.16
N TRP W 245 -41.72 -27.31 -28.89
CA TRP W 245 -42.18 -28.67 -28.62
C TRP W 245 -42.49 -29.40 -29.92
N ALA W 246 -42.31 -30.72 -29.91
CA ALA W 246 -42.65 -31.58 -31.03
C ALA W 246 -43.48 -32.75 -30.54
N ALA W 247 -44.38 -33.23 -31.40
CA ALA W 247 -45.29 -34.31 -31.06
C ALA W 247 -45.41 -35.28 -32.22
N VAL W 248 -45.66 -36.53 -31.89
CA VAL W 248 -45.83 -37.59 -32.85
C VAL W 248 -47.07 -38.37 -32.46
N VAL W 249 -47.80 -38.81 -33.45
CA VAL W 249 -48.96 -39.65 -33.25
C VAL W 249 -48.41 -41.07 -33.19
N VAL W 250 -48.81 -41.81 -32.17
CA VAL W 250 -48.28 -43.15 -31.99
C VAL W 250 -49.42 -44.17 -31.84
N PRO W 251 -49.27 -45.39 -32.34
CA PRO W 251 -50.31 -46.40 -32.11
C PRO W 251 -50.33 -46.82 -30.65
N SER W 252 -51.54 -46.90 -30.08
CA SER W 252 -51.68 -47.23 -28.66
C SER W 252 -51.09 -48.60 -28.35
N GLY W 253 -50.19 -48.66 -27.37
CA GLY W 253 -49.52 -49.91 -27.05
C GLY W 253 -48.12 -50.04 -27.59
N GLU W 254 -47.47 -48.94 -27.93
CA GLU W 254 -46.08 -48.93 -28.38
C GLU W 254 -45.36 -47.74 -27.77
N GLU W 255 -45.74 -47.37 -26.54
CA GLU W 255 -45.33 -46.09 -25.98
C GLU W 255 -43.86 -46.07 -25.61
N GLN W 256 -43.23 -47.23 -25.62
CA GLN W 256 -41.80 -47.34 -25.44
C GLN W 256 -41.04 -47.34 -26.76
N ARG W 257 -41.69 -47.74 -27.85
CA ARG W 257 -40.98 -47.89 -29.13
C ARG W 257 -40.40 -46.57 -29.61
N TYR W 258 -41.07 -45.46 -29.31
CA TYR W 258 -40.68 -44.13 -29.78
C TYR W 258 -39.87 -43.40 -28.70
N THR W 259 -38.78 -42.76 -29.10
CA THR W 259 -37.97 -41.94 -28.20
C THR W 259 -37.72 -40.58 -28.83
N CYS W 260 -37.55 -39.60 -27.97
CA CYS W 260 -37.37 -38.22 -28.38
C CYS W 260 -35.98 -37.75 -27.98
N HIS W 261 -35.34 -36.95 -28.84
CA HIS W 261 -33.97 -36.51 -28.61
C HIS W 261 -33.85 -35.00 -28.67
N VAL W 262 -33.21 -34.42 -27.66
CA VAL W 262 -33.00 -32.98 -27.51
C VAL W 262 -31.51 -32.66 -27.68
N GLN W 263 -31.18 -31.75 -28.59
CA GLN W 263 -29.80 -31.33 -28.84
C GLN W 263 -29.71 -29.83 -28.74
N HIS W 264 -28.89 -29.34 -27.80
CA HIS W 264 -28.78 -27.92 -27.52
C HIS W 264 -27.32 -27.59 -27.26
N GLU W 265 -26.97 -26.29 -27.34
CA GLU W 265 -25.61 -25.87 -27.01
C GLU W 265 -25.34 -25.95 -25.51
N GLY W 266 -26.37 -25.73 -24.68
CA GLY W 266 -26.34 -25.76 -23.22
C GLY W 266 -26.54 -27.11 -22.59
N LEU W 267 -26.65 -28.15 -23.41
CA LEU W 267 -26.69 -29.52 -22.94
C LEU W 267 -25.36 -30.19 -23.28
N PRO W 268 -24.62 -30.71 -22.28
CA PRO W 268 -23.33 -31.35 -22.58
C PRO W 268 -23.39 -32.43 -23.63
N LYS W 269 -24.28 -33.41 -23.45
CA LYS W 269 -24.49 -34.47 -24.43
C LYS W 269 -25.97 -34.64 -24.70
N PRO W 270 -26.36 -35.04 -25.91
CA PRO W 270 -27.79 -35.18 -26.23
C PRO W 270 -28.56 -36.03 -25.22
N LEU W 271 -29.69 -35.48 -24.75
CA LEU W 271 -30.64 -36.15 -23.85
C LEU W 271 -31.63 -36.97 -24.68
N THR W 272 -32.01 -38.15 -24.17
CA THR W 272 -33.04 -39.00 -24.78
C THR W 272 -34.19 -39.22 -23.80
N LEU W 273 -35.41 -38.92 -24.24
CA LEU W 273 -36.60 -39.09 -23.42
C LEU W 273 -37.44 -40.24 -23.96
N ARG W 274 -38.04 -41.00 -23.04
CA ARG W 274 -38.92 -42.08 -23.44
C ARG W 274 -40.04 -42.13 -22.40
N TRP W 275 -41.28 -42.28 -22.90
CA TRP W 275 -42.46 -42.22 -22.02
C TRP W 275 -42.71 -43.61 -21.46
N GLU W 276 -42.99 -43.66 -20.16
CA GLU W 276 -43.23 -44.91 -19.45
C GLU W 276 -44.37 -44.63 -18.48
N LEU W 277 -45.07 -45.67 -18.11
CA LEU W 277 -46.12 -45.60 -17.12
C LEU W 277 -45.89 -46.90 -16.35
N ILE X 2 -48.40 -11.81 -51.55
CA ILE X 2 -48.27 -10.45 -51.08
C ILE X 2 -48.88 -10.39 -49.67
N GLN X 3 -49.43 -11.53 -49.24
CA GLN X 3 -50.19 -11.67 -47.99
C GLN X 3 -50.09 -13.08 -47.40
N ARG X 4 -49.72 -13.17 -46.11
CA ARG X 4 -49.76 -14.42 -45.37
C ARG X 4 -50.56 -14.25 -44.09
N THR X 5 -51.16 -15.36 -43.67
CA THR X 5 -52.02 -15.47 -42.51
C THR X 5 -51.19 -15.70 -41.24
N PRO X 6 -51.61 -15.13 -40.11
CA PRO X 6 -50.92 -15.38 -38.85
C PRO X 6 -51.13 -16.82 -38.37
N LYS X 7 -50.07 -17.38 -37.77
CA LYS X 7 -50.12 -18.66 -37.07
C LYS X 7 -50.05 -18.31 -35.59
N ILE X 8 -50.99 -18.82 -34.80
CA ILE X 8 -51.17 -18.34 -33.43
C ILE X 8 -50.83 -19.43 -32.41
N GLN X 9 -50.15 -19.05 -31.32
CA GLN X 9 -49.89 -19.92 -30.18
C GLN X 9 -50.29 -19.25 -28.87
N VAL X 10 -51.10 -19.94 -28.06
CA VAL X 10 -51.51 -19.46 -26.75
C VAL X 10 -50.89 -20.34 -25.69
N TYR X 11 -50.25 -19.72 -24.71
CA TYR X 11 -49.50 -20.50 -23.71
C TYR X 11 -49.18 -19.60 -22.52
N SER X 12 -48.58 -20.24 -21.52
CA SER X 12 -48.19 -19.62 -20.28
C SER X 12 -46.67 -19.63 -20.14
N ARG X 13 -46.15 -18.56 -19.53
CA ARG X 13 -44.70 -18.41 -19.40
C ARG X 13 -44.10 -19.55 -18.56
N HIS X 14 -44.62 -19.76 -17.35
CA HIS X 14 -44.14 -20.83 -16.50
C HIS X 14 -45.12 -21.99 -16.54
N PRO X 15 -44.69 -23.21 -16.18
CA PRO X 15 -45.66 -24.30 -16.03
C PRO X 15 -46.83 -23.84 -15.17
N ALA X 16 -48.04 -24.20 -15.61
CA ALA X 16 -49.26 -23.62 -15.07
C ALA X 16 -49.61 -24.25 -13.73
N GLU X 17 -49.80 -23.42 -12.71
CA GLU X 17 -50.28 -23.90 -11.42
C GLU X 17 -51.36 -22.95 -10.93
N ASN X 18 -52.50 -23.54 -10.56
CA ASN X 18 -53.64 -22.78 -10.08
C ASN X 18 -53.27 -21.99 -8.83
N GLY X 19 -53.78 -20.76 -8.74
CA GLY X 19 -53.50 -19.92 -7.61
C GLY X 19 -52.19 -19.17 -7.70
N LYS X 20 -51.26 -19.61 -8.54
CA LYS X 20 -49.94 -18.99 -8.65
C LYS X 20 -49.87 -17.98 -9.79
N SER X 21 -49.25 -16.84 -9.49
CA SER X 21 -49.04 -15.82 -10.49
C SER X 21 -48.19 -16.40 -11.63
N ASN X 22 -48.62 -16.14 -12.86
CA ASN X 22 -47.92 -16.64 -14.04
C ASN X 22 -48.11 -15.61 -15.14
N PHE X 23 -47.67 -15.92 -16.36
CA PHE X 23 -47.83 -15.00 -17.47
C PHE X 23 -48.54 -15.69 -18.62
N LEU X 24 -49.50 -14.97 -19.19
CA LEU X 24 -50.26 -15.45 -20.34
C LEU X 24 -49.72 -14.85 -21.62
N ASN X 25 -49.28 -15.71 -22.54
CA ASN X 25 -48.66 -15.30 -23.80
C ASN X 25 -49.51 -15.75 -24.98
N CYS X 26 -49.61 -14.87 -25.94
CA CYS X 26 -50.23 -15.17 -27.22
C CYS X 26 -49.20 -14.79 -28.27
N TYR X 27 -48.64 -15.79 -28.94
CA TYR X 27 -47.57 -15.61 -29.90
C TYR X 27 -48.12 -15.75 -31.32
N VAL X 28 -48.14 -14.64 -32.06
CA VAL X 28 -48.63 -14.57 -33.43
C VAL X 28 -47.45 -14.31 -34.36
N SER X 29 -47.20 -15.25 -35.26
CA SER X 29 -46.04 -15.22 -36.15
C SER X 29 -46.46 -15.51 -37.58
N GLY X 30 -45.63 -15.09 -38.53
CA GLY X 30 -45.80 -15.50 -39.91
C GLY X 30 -46.90 -14.81 -40.68
N PHE X 31 -47.29 -13.59 -40.26
CA PHE X 31 -48.36 -12.86 -40.89
C PHE X 31 -47.78 -11.64 -41.60
N HIS X 32 -48.40 -11.29 -42.74
CA HIS X 32 -48.05 -10.20 -43.64
C HIS X 32 -49.27 -9.67 -44.32
N PRO X 33 -49.48 -8.35 -44.35
CA PRO X 33 -48.67 -7.26 -43.78
C PRO X 33 -48.96 -6.98 -42.32
N SER X 34 -48.52 -5.81 -41.82
CA SER X 34 -48.33 -5.60 -40.39
C SER X 34 -49.58 -5.31 -39.58
N ASP X 35 -50.67 -4.83 -40.19
CA ASP X 35 -51.85 -4.53 -39.38
C ASP X 35 -52.50 -5.80 -38.87
N ILE X 36 -52.51 -5.97 -37.55
CA ILE X 36 -53.10 -7.13 -36.90
C ILE X 36 -53.77 -6.65 -35.62
N GLU X 37 -54.91 -7.25 -35.28
CA GLU X 37 -55.59 -7.01 -34.01
C GLU X 37 -55.53 -8.29 -33.19
N VAL X 38 -55.01 -8.19 -31.98
CA VAL X 38 -54.92 -9.33 -31.08
C VAL X 38 -55.52 -8.86 -29.76
N ASP X 39 -56.50 -9.60 -29.25
CA ASP X 39 -57.10 -9.33 -27.94
C ASP X 39 -57.07 -10.61 -27.10
N LEU X 40 -56.66 -10.45 -25.85
CA LEU X 40 -56.64 -11.54 -24.88
C LEU X 40 -57.96 -11.59 -24.14
N LEU X 41 -58.48 -12.80 -23.94
CA LEU X 41 -59.81 -12.98 -23.38
C LEU X 41 -59.77 -13.73 -22.05
N LYS X 42 -60.56 -13.23 -21.09
CA LYS X 42 -60.81 -13.92 -19.84
C LYS X 42 -62.31 -14.14 -19.78
N ASN X 43 -62.72 -15.41 -19.89
CA ASN X 43 -64.13 -15.80 -19.81
C ASN X 43 -64.96 -15.12 -20.90
N GLY X 44 -64.38 -14.99 -22.10
CA GLY X 44 -65.06 -14.39 -23.21
C GLY X 44 -64.99 -12.88 -23.25
N GLU X 45 -64.33 -12.26 -22.28
CA GLU X 45 -64.25 -10.81 -22.10
C GLU X 45 -62.85 -10.28 -22.41
N ARG X 46 -62.77 -9.03 -22.87
CA ARG X 46 -61.49 -8.40 -23.17
C ARG X 46 -60.79 -8.02 -21.87
N ILE X 47 -59.61 -8.60 -21.62
CA ILE X 47 -58.80 -8.23 -20.46
C ILE X 47 -58.16 -6.86 -20.69
N GLU X 48 -58.02 -6.08 -19.62
CA GLU X 48 -57.84 -4.64 -19.78
C GLU X 48 -56.39 -4.25 -20.07
N LYS X 49 -55.46 -4.60 -19.17
CA LYS X 49 -54.05 -4.29 -19.36
C LYS X 49 -53.44 -5.41 -20.19
N VAL X 50 -53.08 -5.09 -21.44
CA VAL X 50 -52.44 -6.06 -22.31
C VAL X 50 -51.22 -5.38 -22.88
N GLU X 51 -50.05 -5.98 -22.70
CA GLU X 51 -48.82 -5.49 -23.29
C GLU X 51 -48.34 -6.46 -24.38
N HIS X 52 -47.62 -5.91 -25.34
CA HIS X 52 -47.15 -6.68 -26.48
C HIS X 52 -45.72 -6.29 -26.83
N SER X 53 -45.06 -7.18 -27.57
CA SER X 53 -43.68 -6.99 -27.98
C SER X 53 -43.58 -6.00 -29.14
N ASP X 54 -42.36 -5.63 -29.46
CA ASP X 54 -42.12 -4.75 -30.58
C ASP X 54 -42.13 -5.55 -31.87
N LEU X 55 -42.71 -4.95 -32.91
CA LEU X 55 -42.77 -5.63 -34.20
C LEU X 55 -41.38 -5.87 -34.76
N SER X 56 -41.17 -7.11 -35.22
CA SER X 56 -39.94 -7.48 -35.91
C SER X 56 -40.35 -8.54 -36.95
N PHE X 57 -39.39 -9.06 -37.73
CA PHE X 57 -39.74 -10.00 -38.80
C PHE X 57 -38.72 -11.12 -38.95
N SER X 58 -39.13 -12.16 -39.64
CA SER X 58 -38.30 -13.35 -39.78
C SER X 58 -37.45 -13.22 -41.05
N LYS X 59 -36.75 -14.27 -41.47
CA LYS X 59 -35.99 -14.18 -42.72
C LYS X 59 -36.89 -14.17 -43.95
N ASP X 60 -38.12 -14.66 -43.83
CA ASP X 60 -39.11 -14.57 -44.90
C ASP X 60 -39.87 -13.26 -44.92
N TRP X 61 -39.47 -12.28 -44.10
CA TRP X 61 -40.04 -10.94 -44.00
C TRP X 61 -41.37 -10.91 -43.25
N SER X 62 -41.85 -12.04 -42.75
CA SER X 62 -43.13 -12.07 -42.07
C SER X 62 -42.99 -11.59 -40.64
N PHE X 63 -44.07 -11.06 -40.12
CA PHE X 63 -44.01 -10.41 -38.83
C PHE X 63 -44.23 -11.40 -37.69
N TYR X 64 -43.74 -11.01 -36.50
CA TYR X 64 -43.96 -11.75 -35.26
C TYR X 64 -44.14 -10.80 -34.08
N LEU X 65 -45.20 -11.04 -33.34
CA LEU X 65 -45.58 -10.22 -32.21
C LEU X 65 -45.99 -11.13 -31.08
N LEU X 66 -45.68 -10.73 -29.84
CA LEU X 66 -46.05 -11.49 -28.66
C LEU X 66 -46.85 -10.60 -27.75
N TYR X 67 -48.08 -11.00 -27.49
CA TYR X 67 -48.94 -10.30 -26.54
C TYR X 67 -48.94 -11.04 -25.21
N TYR X 68 -48.77 -10.30 -24.12
CA TYR X 68 -48.76 -10.92 -22.81
C TYR X 68 -49.48 -10.06 -21.79
N THR X 69 -49.90 -10.74 -20.72
CA THR X 69 -50.44 -10.13 -19.51
C THR X 69 -50.24 -11.10 -18.35
N GLU X 70 -50.00 -10.53 -17.18
CA GLU X 70 -49.85 -11.34 -15.98
C GLU X 70 -51.24 -11.75 -15.49
N PHE X 71 -51.36 -13.00 -15.04
CA PHE X 71 -52.63 -13.58 -14.60
C PHE X 71 -52.39 -14.63 -13.50
N THR X 72 -53.47 -14.90 -12.75
CA THR X 72 -53.48 -15.95 -11.72
C THR X 72 -54.44 -17.04 -12.18
N PRO X 73 -53.95 -18.18 -12.66
CA PRO X 73 -54.86 -19.17 -13.23
C PRO X 73 -55.71 -19.74 -12.13
N THR X 74 -57.03 -19.63 -12.30
CA THR X 74 -57.93 -20.37 -11.44
C THR X 74 -58.40 -21.60 -12.21
N GLU X 75 -59.21 -22.43 -11.55
CA GLU X 75 -59.72 -23.60 -12.23
C GLU X 75 -61.03 -23.34 -12.94
N LYS X 76 -61.78 -22.33 -12.52
CA LYS X 76 -63.01 -21.97 -13.21
C LYS X 76 -62.79 -20.86 -14.23
N ASP X 77 -61.58 -20.69 -14.76
CA ASP X 77 -61.32 -19.63 -15.74
C ASP X 77 -60.78 -20.23 -17.05
N GLU X 78 -61.43 -19.89 -18.16
CA GLU X 78 -61.00 -20.27 -19.49
C GLU X 78 -60.41 -19.03 -20.15
N TYR X 79 -59.24 -19.18 -20.72
CA TYR X 79 -58.55 -18.05 -21.31
C TYR X 79 -58.42 -18.30 -22.80
N ALA X 80 -58.54 -17.24 -23.60
CA ALA X 80 -58.55 -17.36 -25.05
C ALA X 80 -57.93 -16.12 -25.70
N CYS X 81 -57.53 -16.29 -26.97
CA CYS X 81 -56.88 -15.23 -27.75
C CYS X 81 -57.70 -15.04 -29.02
N ARG X 82 -58.08 -13.78 -29.29
CA ARG X 82 -58.89 -13.41 -30.44
C ARG X 82 -58.05 -12.54 -31.37
N VAL X 83 -57.80 -13.03 -32.57
CA VAL X 83 -56.90 -12.37 -33.52
C VAL X 83 -57.70 -12.03 -34.77
N ASN X 84 -57.59 -10.79 -35.22
CA ASN X 84 -58.21 -10.36 -36.47
C ASN X 84 -57.12 -9.81 -37.39
N HIS X 85 -57.17 -10.25 -38.65
CA HIS X 85 -56.23 -9.86 -39.69
C HIS X 85 -56.98 -9.75 -41.02
N VAL X 86 -56.35 -9.08 -42.00
CA VAL X 86 -56.91 -8.99 -43.34
C VAL X 86 -57.06 -10.38 -43.95
N THR X 87 -56.17 -11.31 -43.61
CA THR X 87 -56.29 -12.67 -44.13
C THR X 87 -57.47 -13.43 -43.52
N LEU X 88 -58.09 -12.88 -42.46
CA LEU X 88 -59.10 -13.57 -41.69
C LEU X 88 -60.46 -12.97 -41.97
N SER X 89 -61.40 -13.81 -42.44
CA SER X 89 -62.77 -13.36 -42.65
C SER X 89 -63.38 -12.95 -41.31
N GLN X 90 -63.33 -13.83 -40.33
CA GLN X 90 -63.82 -13.62 -38.98
C GLN X 90 -62.64 -13.49 -38.02
N PRO X 91 -62.84 -12.84 -36.88
CA PRO X 91 -61.87 -12.98 -35.81
C PRO X 91 -61.67 -14.46 -35.49
N LYS X 92 -60.42 -14.89 -35.44
CA LYS X 92 -60.08 -16.26 -35.08
C LYS X 92 -59.71 -16.27 -33.59
N ILE X 93 -60.38 -17.13 -32.83
CA ILE X 93 -60.16 -17.22 -31.39
C ILE X 93 -59.62 -18.60 -31.06
N VAL X 94 -58.48 -18.62 -30.36
CA VAL X 94 -57.86 -19.86 -29.91
C VAL X 94 -57.72 -19.78 -28.40
N LYS X 95 -58.24 -20.80 -27.70
CA LYS X 95 -58.20 -20.83 -26.24
C LYS X 95 -56.94 -21.49 -25.73
N TRP X 96 -56.69 -21.27 -24.44
CA TRP X 96 -55.51 -21.77 -23.76
C TRP X 96 -55.77 -23.18 -23.27
N ASP X 97 -54.96 -24.12 -23.75
CA ASP X 97 -55.04 -25.50 -23.34
C ASP X 97 -53.98 -25.76 -22.28
N ARG X 98 -54.32 -26.60 -21.31
CA ARG X 98 -53.40 -26.87 -20.19
C ARG X 98 -52.22 -27.71 -20.64
N ASP X 99 -52.38 -28.50 -21.71
CA ASP X 99 -51.22 -29.09 -22.40
C ASP X 99 -51.42 -29.45 -23.91
N VAL Y 1 -24.81 -0.55 -32.50
CA VAL Y 1 -24.99 0.88 -32.69
C VAL Y 1 -25.55 1.10 -34.13
N VAL Y 2 -26.48 2.06 -34.28
CA VAL Y 2 -27.12 2.30 -35.57
C VAL Y 2 -26.18 3.04 -36.49
N VAL Y 3 -26.39 2.84 -37.80
CA VAL Y 3 -25.57 3.46 -38.83
C VAL Y 3 -25.41 4.95 -38.62
N GLY Y 4 -24.16 5.38 -38.78
CA GLY Y 4 -23.58 6.67 -38.44
C GLY Y 4 -23.77 7.81 -39.40
N ALA Y 5 -23.62 7.54 -40.70
CA ALA Y 5 -23.85 8.54 -41.75
C ALA Y 5 -24.84 7.99 -42.79
N VAL Y 6 -26.11 8.42 -42.72
CA VAL Y 6 -27.10 8.06 -43.74
C VAL Y 6 -26.87 8.91 -44.97
N GLY Y 7 -26.92 8.28 -46.13
CA GLY Y 7 -26.68 9.02 -47.39
C GLY Y 7 -27.88 8.99 -48.31
N VAL Y 8 -27.63 8.99 -49.62
CA VAL Y 8 -28.74 9.01 -50.60
C VAL Y 8 -29.62 7.79 -50.35
N GLY Y 9 -30.93 7.96 -50.48
CA GLY Y 9 -31.84 6.82 -50.30
C GLY Y 9 -32.03 6.08 -51.61
N LYS Y 10 -33.28 5.88 -52.00
CA LYS Y 10 -33.57 5.15 -53.25
C LYS Y 10 -33.98 6.17 -54.31
N ASP Z 4 -91.33 5.01 3.54
CA ASP Z 4 -92.38 4.80 4.55
C ASP Z 4 -93.18 3.50 4.27
N SER Z 5 -93.47 2.72 5.30
CA SER Z 5 -94.40 1.61 5.09
C SER Z 5 -95.62 1.71 5.95
N VAL Z 6 -95.44 2.15 7.20
CA VAL Z 6 -96.50 2.39 8.17
C VAL Z 6 -96.55 3.87 8.52
N THR Z 7 -97.76 4.35 8.75
CA THR Z 7 -97.95 5.77 8.97
C THR Z 7 -99.08 6.01 9.96
N GLN Z 8 -98.74 6.62 11.08
CA GLN Z 8 -99.68 7.05 12.11
C GLN Z 8 -99.79 8.58 11.92
N LYS Z 9 -100.90 9.04 11.31
CA LYS Z 9 -100.93 10.45 10.89
C LYS Z 9 -101.00 11.43 12.06
N GLU Z 10 -101.80 11.12 13.09
CA GLU Z 10 -102.04 12.04 14.20
C GLU Z 10 -100.92 12.00 15.24
N GLY Z 11 -100.35 13.17 15.55
CA GLY Z 11 -99.25 13.20 16.51
C GLY Z 11 -99.70 13.21 17.95
N LEU Z 12 -100.86 13.81 18.22
CA LEU Z 12 -101.32 13.99 19.59
C LEU Z 12 -102.83 13.94 19.66
N VAL Z 13 -103.34 13.16 20.62
CA VAL Z 13 -104.76 12.90 20.76
C VAL Z 13 -105.17 13.34 22.15
N THR Z 14 -106.01 14.36 22.22
CA THR Z 14 -106.41 14.86 23.52
C THR Z 14 -107.93 14.76 23.61
N LEU Z 15 -108.42 14.00 24.58
CA LEU Z 15 -109.86 13.94 24.75
C LEU Z 15 -110.23 13.61 26.20
N THR Z 16 -111.41 14.10 26.59
CA THR Z 16 -111.96 13.91 27.93
C THR Z 16 -112.28 12.46 28.17
N GLU Z 17 -112.28 12.06 29.43
CA GLU Z 17 -112.78 10.74 29.74
C GLU Z 17 -114.23 10.61 29.26
N GLY Z 18 -114.59 9.40 28.78
CA GLY Z 18 -115.94 9.11 28.32
C GLY Z 18 -116.18 9.21 26.81
N LEU Z 19 -115.26 9.78 26.08
CA LEU Z 19 -115.31 9.99 24.64
C LEU Z 19 -114.67 8.79 23.93
N PRO Z 20 -115.15 8.38 22.78
CA PRO Z 20 -114.55 7.23 22.09
C PRO Z 20 -113.14 7.53 21.60
N VAL Z 21 -112.38 6.46 21.38
CA VAL Z 21 -111.01 6.58 20.93
C VAL Z 21 -110.77 5.89 19.60
N MET Z 22 -109.97 6.55 18.76
CA MET Z 22 -109.58 5.98 17.48
C MET Z 22 -108.21 6.52 17.08
N LEU Z 23 -107.26 5.62 16.77
CA LEU Z 23 -105.95 6.02 16.25
C LEU Z 23 -105.75 5.60 14.80
N ASN Z 24 -105.18 6.52 14.01
CA ASN Z 24 -104.98 6.30 12.58
C ASN Z 24 -103.76 5.47 12.24
N CYS Z 25 -103.97 4.46 11.39
CA CYS Z 25 -102.84 3.69 10.89
C CYS Z 25 -103.17 3.15 9.49
N THR Z 26 -102.32 3.49 8.51
CA THR Z 26 -102.42 2.99 7.16
C THR Z 26 -101.08 2.38 6.76
N TYR Z 27 -101.09 1.47 5.80
CA TYR Z 27 -99.84 0.83 5.46
C TYR Z 27 -99.68 0.62 3.97
N GLN Z 28 -98.44 0.35 3.58
CA GLN Z 28 -98.09 0.14 2.17
C GLN Z 28 -97.20 -1.09 2.06
N THR Z 29 -97.77 -2.20 1.60
CA THR Z 29 -97.01 -3.42 1.35
C THR Z 29 -97.08 -3.84 -0.12
N ILE Z 30 -96.05 -4.56 -0.53
CA ILE Z 30 -95.98 -5.07 -1.89
C ILE Z 30 -96.40 -6.53 -1.93
N TYR Z 31 -96.64 -7.14 -0.77
CA TYR Z 31 -96.93 -8.55 -0.59
C TYR Z 31 -98.38 -8.69 -0.11
N SER Z 32 -98.92 -9.90 -0.30
CA SER Z 32 -100.25 -10.28 0.20
C SER Z 32 -100.25 -10.56 1.69
N ASN Z 33 -99.16 -11.16 2.19
CA ASN Z 33 -98.98 -11.68 3.54
C ASN Z 33 -98.76 -10.56 4.55
N ALA Z 34 -99.86 -10.01 5.10
CA ALA Z 34 -99.84 -8.75 5.82
C ALA Z 34 -100.14 -8.96 7.30
N PHE Z 35 -99.16 -8.65 8.15
CA PHE Z 35 -99.29 -8.79 9.60
C PHE Z 35 -99.18 -7.44 10.28
N LEU Z 36 -100.21 -7.06 11.02
CA LEU Z 36 -100.30 -5.76 11.66
C LEU Z 36 -100.39 -5.84 13.18
N PHE Z 37 -99.76 -4.86 13.85
CA PHE Z 37 -99.76 -4.82 15.31
C PHE Z 37 -100.07 -3.44 15.88
N TRP Z 38 -100.76 -3.47 17.02
CA TRP Z 38 -100.73 -2.37 17.98
C TRP Z 38 -99.92 -2.83 19.19
N TYR Z 39 -98.87 -2.05 19.53
CA TYR Z 39 -98.01 -2.24 20.69
C TYR Z 39 -98.14 -0.97 21.52
N VAL Z 40 -98.34 -1.09 22.84
CA VAL Z 40 -98.48 0.09 23.71
C VAL Z 40 -97.36 0.19 24.74
N HIS Z 41 -96.88 1.42 24.96
CA HIS Z 41 -95.70 1.66 25.78
C HIS Z 41 -96.02 2.84 26.70
N TYR Z 42 -96.29 2.53 27.96
CA TYR Z 42 -96.50 3.52 29.02
C TYR Z 42 -95.15 4.11 29.39
N LEU Z 43 -95.15 5.17 30.20
CA LEU Z 43 -93.85 5.66 30.61
C LEU Z 43 -93.28 4.77 31.71
N ASN Z 44 -91.97 4.54 31.61
CA ASN Z 44 -91.18 3.79 32.58
C ASN Z 44 -91.57 2.33 32.61
N GLU Z 45 -92.01 1.83 31.47
CA GLU Z 45 -92.29 0.42 31.29
C GLU Z 45 -91.73 -0.02 29.95
N SER Z 46 -91.76 -1.32 29.71
CA SER Z 46 -91.41 -1.65 28.34
C SER Z 46 -92.68 -1.82 27.49
N PRO Z 47 -92.58 -1.60 26.17
CA PRO Z 47 -93.71 -1.84 25.29
C PRO Z 47 -94.11 -3.31 25.21
N ARG Z 48 -95.41 -3.56 25.32
CA ARG Z 48 -95.90 -4.92 25.10
C ARG Z 48 -97.00 -4.89 24.04
N LEU Z 49 -97.38 -6.09 23.61
CA LEU Z 49 -98.39 -6.23 22.57
C LEU Z 49 -99.75 -5.87 23.15
N LEU Z 50 -100.49 -5.06 22.40
CA LEU Z 50 -101.87 -4.69 22.70
C LEU Z 50 -102.90 -5.47 21.88
N LEU Z 51 -102.80 -5.45 20.57
CA LEU Z 51 -103.56 -6.40 19.78
C LEU Z 51 -103.01 -6.50 18.38
N LYS Z 52 -103.39 -7.60 17.73
CA LYS Z 52 -102.88 -7.89 16.42
C LYS Z 52 -103.92 -8.67 15.66
N SER Z 53 -103.74 -8.63 14.33
CA SER Z 53 -104.47 -9.46 13.36
C SER Z 53 -103.69 -9.43 12.05
N SER Z 54 -103.94 -10.46 11.27
CA SER Z 54 -103.51 -10.53 9.89
C SER Z 54 -104.66 -10.84 8.96
N THR Z 55 -105.88 -10.90 9.49
CA THR Z 55 -107.07 -11.39 8.81
C THR Z 55 -107.90 -10.16 8.41
N ASP Z 56 -108.21 -10.02 7.12
CA ASP Z 56 -109.05 -8.89 6.70
C ASP Z 56 -110.50 -9.06 7.20
N ASN Z 57 -111.04 -7.97 7.76
CA ASN Z 57 -112.44 -7.87 8.19
C ASN Z 57 -112.75 -8.86 9.31
N LYS Z 58 -111.74 -9.17 10.12
CA LYS Z 58 -111.92 -9.88 11.39
C LYS Z 58 -111.76 -8.86 12.51
N ARG Z 59 -112.85 -8.60 13.23
CA ARG Z 59 -112.74 -7.76 14.41
C ARG Z 59 -111.95 -8.50 15.46
N THR Z 60 -110.85 -7.90 15.91
CA THR Z 60 -110.06 -8.40 17.02
C THR Z 60 -110.18 -7.44 18.17
N GLU Z 61 -110.39 -8.00 19.34
CA GLU Z 61 -110.57 -7.26 20.57
C GLU Z 61 -109.65 -7.85 21.61
N HIS Z 62 -109.16 -6.98 22.50
CA HIS Z 62 -108.20 -7.43 23.51
C HIS Z 62 -108.11 -6.33 24.55
N GLN Z 63 -108.51 -6.61 25.80
CA GLN Z 63 -108.42 -5.64 26.90
C GLN Z 63 -109.23 -4.37 26.59
N GLY Z 64 -110.44 -4.53 26.05
CA GLY Z 64 -111.30 -3.38 25.78
C GLY Z 64 -111.04 -2.60 24.50
N PHE Z 65 -109.88 -2.75 23.90
CA PHE Z 65 -109.62 -2.17 22.61
C PHE Z 65 -110.07 -3.14 21.53
N HIS Z 66 -110.29 -2.58 20.33
CA HIS Z 66 -110.48 -3.38 19.13
C HIS Z 66 -109.95 -2.59 17.95
N ALA Z 67 -109.53 -3.34 16.95
CA ALA Z 67 -109.15 -2.84 15.63
C ALA Z 67 -109.62 -3.90 14.65
N THR Z 68 -109.90 -3.47 13.44
CA THR Z 68 -110.24 -4.45 12.41
C THR Z 68 -109.38 -4.15 11.19
N LEU Z 69 -108.76 -5.19 10.64
CA LEU Z 69 -107.98 -5.00 9.44
C LEU Z 69 -108.92 -4.93 8.25
N HIS Z 70 -108.72 -3.89 7.40
CA HIS Z 70 -109.40 -3.67 6.09
C HIS Z 70 -108.31 -3.51 5.03
N LYS Z 71 -107.87 -4.64 4.45
CA LYS Z 71 -106.82 -4.57 3.47
C LYS Z 71 -107.27 -3.76 2.24
N SER Z 72 -108.59 -3.71 1.99
CA SER Z 72 -109.12 -3.03 0.81
C SER Z 72 -108.63 -1.59 0.76
N SER Z 73 -108.63 -0.91 1.90
CA SER Z 73 -108.12 0.45 2.02
C SER Z 73 -106.82 0.55 2.84
N SER Z 74 -106.17 -0.59 3.18
CA SER Z 74 -104.90 -0.61 3.92
C SER Z 74 -105.00 0.08 5.29
N SER Z 75 -106.05 -0.26 6.03
CA SER Z 75 -106.40 0.44 7.23
C SER Z 75 -106.37 -0.46 8.46
N PHE Z 76 -106.02 0.12 9.59
CA PHE Z 76 -105.99 -0.62 10.84
C PHE Z 76 -106.13 0.35 11.99
N HIS Z 77 -107.32 0.93 12.11
CA HIS Z 77 -107.59 1.88 13.15
C HIS Z 77 -107.97 1.22 14.45
N LEU Z 78 -107.42 1.77 15.52
CA LEU Z 78 -107.55 1.28 16.87
C LEU Z 78 -108.65 2.03 17.61
N GLN Z 79 -109.64 1.31 18.14
CA GLN Z 79 -110.80 1.96 18.70
C GLN Z 79 -111.06 1.44 20.09
N LYS Z 80 -111.45 2.34 20.98
CA LYS Z 80 -111.94 1.99 22.30
C LYS Z 80 -113.13 2.88 22.62
N SER Z 81 -114.13 2.26 23.22
CA SER Z 81 -115.45 2.85 23.37
C SER Z 81 -115.43 4.07 24.27
N SER Z 82 -114.75 3.97 25.41
CA SER Z 82 -114.90 5.00 26.42
C SER Z 82 -113.55 5.33 27.05
N ALA Z 83 -113.19 6.63 27.01
CA ALA Z 83 -111.89 7.09 27.50
C ALA Z 83 -111.76 6.90 28.99
N GLN Z 84 -110.61 6.39 29.41
CA GLN Z 84 -110.30 6.28 30.82
C GLN Z 84 -108.99 7.01 31.10
N LEU Z 85 -108.88 7.52 32.34
CA LEU Z 85 -107.67 8.24 32.75
C LEU Z 85 -106.43 7.35 32.64
N SER Z 86 -106.62 6.04 32.74
CA SER Z 86 -105.60 5.00 32.70
C SER Z 86 -104.99 4.75 31.31
N ASP Z 87 -105.54 5.31 30.22
CA ASP Z 87 -105.07 4.88 28.91
C ASP Z 87 -103.97 5.74 28.33
N SER Z 88 -103.66 6.91 28.94
CA SER Z 88 -102.66 7.85 28.42
C SER Z 88 -101.33 7.15 28.17
N ALA Z 89 -100.86 7.15 26.92
CA ALA Z 89 -99.68 6.38 26.61
C ALA Z 89 -99.19 6.76 25.22
N LEU Z 90 -98.10 6.11 24.83
CA LEU Z 90 -97.61 6.13 23.47
C LEU Z 90 -98.15 4.88 22.79
N TYR Z 91 -98.55 5.03 21.51
CA TYR Z 91 -99.07 3.92 20.74
C TYR Z 91 -98.28 3.78 19.47
N TYR Z 92 -97.76 2.59 19.28
CA TYR Z 92 -96.99 2.25 18.11
C TYR Z 92 -97.78 1.23 17.31
N CYS Z 93 -97.83 1.47 16.00
CA CYS Z 93 -98.44 0.59 15.02
C CYS Z 93 -97.32 0.01 14.15
N ALA Z 94 -97.36 -1.29 13.88
CA ALA Z 94 -96.20 -1.88 13.22
C ALA Z 94 -96.62 -3.03 12.30
N LEU Z 95 -95.84 -3.25 11.24
CA LEU Z 95 -96.27 -4.24 10.22
C LEU Z 95 -95.15 -5.21 9.85
N SER Z 96 -95.51 -6.45 9.47
CA SER Z 96 -94.51 -7.44 8.99
C SER Z 96 -94.80 -7.75 7.53
N GLU Z 97 -93.77 -7.99 6.73
CA GLU Z 97 -93.97 -8.23 5.28
C GLU Z 97 -93.44 -9.62 4.92
N GLY Z 98 -93.47 -9.99 3.65
CA GLY Z 98 -92.90 -11.28 3.24
C GLY Z 98 -91.45 -11.32 3.69
N GLY Z 99 -90.63 -10.39 3.21
CA GLY Z 99 -89.27 -10.29 3.77
C GLY Z 99 -89.35 -9.94 5.21
N ASN Z 100 -88.55 -10.58 6.07
CA ASN Z 100 -89.03 -10.29 7.39
C ASN Z 100 -87.95 -10.19 8.49
N TYR Z 101 -86.85 -9.39 8.43
CA TYR Z 101 -86.15 -9.55 9.71
C TYR Z 101 -86.47 -8.34 10.58
N LYS Z 102 -87.38 -7.53 10.05
CA LYS Z 102 -87.68 -6.15 10.32
C LYS Z 102 -89.14 -6.03 10.65
N TYR Z 103 -89.42 -5.12 11.57
CA TYR Z 103 -90.76 -4.70 11.93
C TYR Z 103 -90.72 -3.21 11.78
N VAL Z 104 -91.61 -2.66 10.95
CA VAL Z 104 -91.62 -1.19 10.72
C VAL Z 104 -92.62 -0.55 11.67
N PHE Z 105 -92.14 0.30 12.59
CA PHE Z 105 -93.03 0.96 13.58
C PHE Z 105 -93.34 2.38 13.12
N GLY Z 106 -94.48 2.91 13.55
CA GLY Z 106 -94.87 4.28 13.18
C GLY Z 106 -94.24 5.29 14.11
N ALA Z 107 -94.53 6.57 13.90
CA ALA Z 107 -93.96 7.65 14.73
C ALA Z 107 -94.53 7.57 16.15
N GLY Z 108 -95.68 6.93 16.30
CA GLY Z 108 -96.30 6.80 17.63
C GLY Z 108 -97.24 7.96 17.88
N THR Z 109 -98.46 7.67 18.34
CA THR Z 109 -99.46 8.73 18.56
C THR Z 109 -99.63 8.95 20.06
N ARG Z 110 -99.50 10.20 20.52
CA ARG Z 110 -99.59 10.50 21.97
C ARG Z 110 -101.05 10.57 22.39
N LEU Z 111 -101.46 9.71 23.34
CA LEU Z 111 -102.85 9.79 23.86
C LEU Z 111 -102.79 10.44 25.24
N LYS Z 112 -103.49 11.56 25.42
CA LYS Z 112 -103.55 12.22 26.74
C LYS Z 112 -105.02 12.31 27.14
N VAL Z 113 -105.51 11.34 27.90
CA VAL Z 113 -106.89 11.45 28.34
C VAL Z 113 -106.94 12.52 29.40
N ILE Z 114 -107.84 13.48 29.28
CA ILE Z 114 -107.85 14.54 30.27
C ILE Z 114 -109.14 14.43 31.08
N ALA Z 115 -109.11 15.07 32.24
CA ALA Z 115 -110.07 14.81 33.28
C ALA Z 115 -111.31 15.66 33.11
N HIS Z 116 -112.45 15.08 33.48
CA HIS Z 116 -113.71 15.79 33.44
C HIS Z 116 -113.94 16.33 34.84
N ILE Z 117 -113.86 17.66 34.98
CA ILE Z 117 -113.96 18.33 36.26
C ILE Z 117 -115.43 18.61 36.54
N GLN Z 118 -115.99 17.91 37.52
CA GLN Z 118 -117.44 17.94 37.75
C GLN Z 118 -117.91 19.30 38.27
N ASN Z 119 -117.22 19.85 39.28
CA ASN Z 119 -117.62 21.06 40.00
C ASN Z 119 -116.43 22.00 40.14
N PRO Z 120 -116.01 22.65 39.07
CA PRO Z 120 -114.71 23.36 39.07
C PRO Z 120 -114.66 24.52 40.07
N ASP Z 121 -113.45 24.82 40.55
CA ASP Z 121 -113.24 25.85 41.57
C ASP Z 121 -111.83 26.43 41.54
N PRO Z 122 -111.46 27.11 40.46
CA PRO Z 122 -110.06 27.55 40.31
C PRO Z 122 -109.57 28.39 41.49
N ALA Z 123 -108.30 28.17 41.88
CA ALA Z 123 -107.74 28.82 43.05
C ALA Z 123 -106.22 28.84 42.99
N VAL Z 124 -105.64 29.90 43.55
CA VAL Z 124 -104.20 30.04 43.74
C VAL Z 124 -103.93 30.28 45.22
N TYR Z 125 -103.12 29.42 45.81
CA TYR Z 125 -102.79 29.45 47.23
C TYR Z 125 -101.28 29.66 47.36
N GLN Z 126 -100.83 30.09 48.52
CA GLN Z 126 -99.39 30.32 48.70
C GLN Z 126 -98.88 29.36 49.77
N LEU Z 127 -97.92 28.51 49.38
CA LEU Z 127 -97.36 27.48 50.25
C LEU Z 127 -95.97 27.85 50.73
N ARG Z 128 -95.63 27.42 51.96
CA ARG Z 128 -94.36 27.71 52.60
C ARG Z 128 -93.53 26.45 52.66
N ASP Z 129 -92.23 26.66 52.88
CA ASP Z 129 -91.26 25.56 52.90
C ASP Z 129 -91.14 24.98 54.31
N SER Z 130 -90.93 23.66 54.35
CA SER Z 130 -90.78 22.96 55.62
C SER Z 130 -89.46 23.33 56.28
N LYS Z 131 -88.42 23.58 55.50
CA LYS Z 131 -87.13 23.93 56.05
C LYS Z 131 -86.75 25.36 55.66
N SER Z 132 -86.24 25.54 54.44
CA SER Z 132 -85.74 26.85 54.01
C SER Z 132 -86.91 27.77 53.66
N SER Z 133 -87.41 28.49 54.67
CA SER Z 133 -88.55 29.39 54.48
C SER Z 133 -88.33 30.36 53.32
N ASP Z 134 -87.06 30.63 52.97
CA ASP Z 134 -86.71 31.50 51.84
C ASP Z 134 -87.47 31.10 50.58
N LYS Z 135 -87.45 29.81 50.26
CA LYS Z 135 -88.18 29.28 49.11
C LYS Z 135 -89.67 29.47 49.37
N SER Z 136 -90.38 29.88 48.34
CA SER Z 136 -91.82 30.09 48.42
C SER Z 136 -92.41 29.68 47.08
N VAL Z 137 -93.60 29.09 47.14
CA VAL Z 137 -94.25 28.56 45.95
C VAL Z 137 -95.71 28.99 45.91
N CYS Z 138 -96.22 29.07 44.69
CA CYS Z 138 -97.63 29.37 44.40
C CYS Z 138 -98.26 28.18 43.69
N LEU Z 139 -99.45 27.76 44.16
CA LEU Z 139 -100.16 26.57 43.69
C LEU Z 139 -101.46 26.98 43.00
N PHE Z 140 -101.59 26.66 41.72
CA PHE Z 140 -102.84 26.83 40.99
C PHE Z 140 -103.55 25.49 40.85
N THR Z 141 -104.72 25.37 41.48
CA THR Z 141 -105.39 24.08 41.58
C THR Z 141 -106.91 24.25 41.50
N ASP Z 142 -107.56 23.11 41.23
CA ASP Z 142 -109.03 22.90 41.22
C ASP Z 142 -109.75 23.48 39.99
N PHE Z 143 -109.06 23.67 38.87
CA PHE Z 143 -109.66 24.21 37.64
C PHE Z 143 -110.09 23.05 36.73
N ASP Z 144 -110.94 23.38 35.75
CA ASP Z 144 -111.37 22.39 34.78
C ASP Z 144 -110.31 22.15 33.70
N SER Z 145 -110.37 20.96 33.07
CA SER Z 145 -109.34 20.62 32.10
C SER Z 145 -109.41 21.50 30.86
N GLN Z 146 -110.47 22.31 30.74
CA GLN Z 146 -110.62 23.17 29.59
C GLN Z 146 -109.63 24.32 29.64
N THR Z 147 -109.30 24.79 30.84
CA THR Z 147 -108.30 25.83 30.99
C THR Z 147 -106.93 25.30 30.61
N ASN Z 148 -106.14 26.11 29.92
CA ASN Z 148 -104.81 25.66 29.52
C ASN Z 148 -103.71 26.51 30.15
N VAL Z 149 -102.69 25.81 30.65
CA VAL Z 149 -101.48 26.43 31.16
C VAL Z 149 -100.75 27.06 29.99
N SER Z 150 -100.10 28.18 30.23
CA SER Z 150 -99.05 28.66 29.34
C SER Z 150 -97.73 28.80 30.12
N GLN Z 151 -96.63 28.78 29.36
CA GLN Z 151 -95.29 28.96 29.92
C GLN Z 151 -95.13 30.36 30.51
N SER Z 152 -94.18 30.52 31.43
CA SER Z 152 -93.91 31.84 31.98
C SER Z 152 -93.24 32.75 30.96
N LYS Z 153 -93.52 34.05 31.10
CA LYS Z 153 -92.91 35.08 30.27
C LYS Z 153 -91.56 35.53 30.79
N ASP Z 154 -91.38 35.45 32.10
CA ASP Z 154 -90.12 35.82 32.75
C ASP Z 154 -89.15 34.63 32.71
N SER Z 155 -87.84 34.95 32.56
CA SER Z 155 -86.83 33.89 32.47
C SER Z 155 -86.55 33.23 33.82
N ASP Z 156 -86.73 33.97 34.93
CA ASP Z 156 -86.50 33.46 36.28
C ASP Z 156 -87.80 33.06 36.99
N VAL Z 157 -88.89 32.89 36.26
CA VAL Z 157 -90.15 32.36 36.77
C VAL Z 157 -90.42 31.05 36.08
N TYR Z 158 -90.61 30.00 36.86
CA TYR Z 158 -90.80 28.66 36.35
C TYR Z 158 -92.26 28.28 36.57
N ILE Z 159 -92.88 27.72 35.53
CA ILE Z 159 -94.26 27.29 35.60
C ILE Z 159 -94.34 25.88 35.04
N THR Z 160 -95.07 24.99 35.73
CA THR Z 160 -95.20 23.61 35.32
C THR Z 160 -96.46 23.35 34.49
N ASP Z 161 -96.55 22.13 34.02
CA ASP Z 161 -97.70 21.67 33.26
C ASP Z 161 -98.80 21.29 34.24
N LYS Z 162 -99.90 20.79 33.70
CA LYS Z 162 -100.99 20.24 34.49
C LYS Z 162 -100.83 18.74 34.80
N CYS Z 163 -101.34 18.32 35.95
CA CYS Z 163 -101.51 16.90 36.20
C CYS Z 163 -102.81 16.76 36.98
N VAL Z 164 -103.34 15.53 37.02
CA VAL Z 164 -104.59 15.19 37.69
C VAL Z 164 -104.35 14.43 39.02
N LEU Z 165 -105.23 14.67 40.02
CA LEU Z 165 -105.20 14.00 41.34
C LEU Z 165 -106.40 13.10 41.51
N ASP Z 166 -106.15 11.82 41.71
CA ASP Z 166 -107.24 10.87 41.85
C ASP Z 166 -107.25 10.47 43.32
N MET Z 167 -108.10 11.10 44.12
CA MET Z 167 -108.24 10.76 45.53
C MET Z 167 -109.42 9.79 45.65
N ARG Z 168 -109.15 8.48 45.60
CA ARG Z 168 -110.25 7.50 45.54
C ARG Z 168 -111.21 7.64 46.70
N SER Z 169 -110.72 8.18 47.83
CA SER Z 169 -111.54 8.62 48.94
C SER Z 169 -112.19 9.94 48.54
N MET Z 170 -113.52 9.96 48.52
CA MET Z 170 -114.34 11.11 48.16
C MET Z 170 -114.39 11.43 46.65
N ASP Z 171 -113.66 10.71 45.81
CA ASP Z 171 -113.71 10.76 44.33
C ASP Z 171 -113.61 12.19 43.80
N PHE Z 172 -112.73 12.95 44.42
CA PHE Z 172 -112.50 14.33 44.02
C PHE Z 172 -111.30 14.37 43.07
N LYS Z 173 -111.55 14.39 41.75
CA LYS Z 173 -110.49 14.65 40.78
C LYS Z 173 -110.31 16.16 40.62
N SER Z 174 -109.06 16.59 40.52
CA SER Z 174 -108.81 18.00 40.31
C SER Z 174 -107.48 18.13 39.59
N ASN Z 175 -107.35 19.22 38.86
CA ASN Z 175 -106.13 19.54 38.15
C ASN Z 175 -105.26 20.52 38.94
N SER Z 176 -103.97 20.56 38.61
CA SER Z 176 -103.10 21.49 39.30
C SER Z 176 -101.86 21.80 38.46
N ALA Z 177 -101.29 22.97 38.72
CA ALA Z 177 -99.98 23.33 38.22
C ALA Z 177 -99.28 24.23 39.24
N VAL Z 178 -97.95 24.24 39.19
CA VAL Z 178 -97.09 24.89 40.19
C VAL Z 178 -96.32 26.04 39.52
N ALA Z 179 -96.05 27.12 40.28
CA ALA Z 179 -95.13 28.16 39.82
C ALA Z 179 -94.29 28.69 40.98
N TRP Z 180 -93.03 29.05 40.69
CA TRP Z 180 -92.13 29.60 41.71
C TRP Z 180 -91.03 30.44 41.06
N SER Z 181 -90.34 31.18 41.91
CA SER Z 181 -89.14 31.95 41.57
C SER Z 181 -88.30 32.11 42.84
N ASN Z 182 -86.99 32.35 42.64
CA ASN Z 182 -86.09 32.69 43.75
C ASN Z 182 -85.91 34.20 43.91
N LYS Z 183 -86.43 35.00 42.99
CA LYS Z 183 -86.40 36.45 43.11
C LYS Z 183 -87.41 36.89 44.17
N SER Z 184 -87.10 38.00 44.86
CA SER Z 184 -87.98 38.47 45.92
C SER Z 184 -89.16 39.32 45.42
N ASP Z 185 -89.10 39.86 44.19
CA ASP Z 185 -90.19 40.66 43.60
C ASP Z 185 -91.34 39.82 43.05
N PHE Z 186 -91.16 38.50 43.04
CA PHE Z 186 -92.16 37.54 42.56
C PHE Z 186 -93.39 37.54 43.44
N ALA Z 187 -94.58 37.62 42.84
CA ALA Z 187 -95.82 37.58 43.57
C ALA Z 187 -96.74 36.55 42.92
N CYS Z 188 -97.70 36.02 43.70
CA CYS Z 188 -98.61 35.02 43.15
C CYS Z 188 -99.56 35.61 42.11
N ALA Z 189 -99.92 36.89 42.27
CA ALA Z 189 -100.75 37.53 41.24
C ALA Z 189 -99.90 37.80 40.00
N ASN Z 190 -98.64 37.36 40.01
CA ASN Z 190 -97.73 37.65 38.87
C ASN Z 190 -97.75 36.49 37.86
N ALA Z 191 -98.66 35.53 38.04
CA ALA Z 191 -98.80 34.45 37.03
C ALA Z 191 -99.74 34.96 35.93
N PHE Z 192 -99.92 36.28 35.86
CA PHE Z 192 -100.81 36.89 34.84
C PHE Z 192 -100.27 36.54 33.45
N ASN Z 193 -99.01 36.12 33.38
CA ASN Z 193 -98.41 35.73 32.08
C ASN Z 193 -99.42 34.86 31.34
N ASN Z 194 -100.09 33.95 32.07
CA ASN Z 194 -101.13 33.08 31.46
C ASN Z 194 -102.46 33.82 31.48
N SER Z 195 -102.82 34.46 30.36
CA SER Z 195 -104.08 35.25 30.30
C SER Z 195 -105.27 34.32 30.54
N ILE Z 196 -105.06 33.01 30.40
CA ILE Z 196 -106.17 32.02 30.54
C ILE Z 196 -106.71 32.10 31.97
N ILE Z 197 -106.00 32.77 32.87
CA ILE Z 197 -106.41 32.86 34.30
C ILE Z 197 -107.93 33.03 34.39
N PRO Z 198 -108.68 32.07 34.96
CA PRO Z 198 -110.12 32.23 35.14
C PRO Z 198 -110.36 33.46 36.02
N GLU Z 199 -111.26 34.34 35.60
CA GLU Z 199 -111.52 35.59 36.36
C GLU Z 199 -111.85 35.23 37.80
N ASP Z 200 -112.72 34.24 38.01
CA ASP Z 200 -113.17 33.91 39.39
C ASP Z 200 -112.13 33.06 40.11
N THR Z 201 -110.88 33.55 40.20
CA THR Z 201 -109.86 32.81 40.99
C THR Z 201 -110.15 33.06 42.46
N PHE Z 202 -109.77 32.13 43.35
CA PHE Z 202 -110.11 32.27 44.79
C PHE Z 202 -108.99 33.05 45.48
N PHE Z 203 -108.22 33.84 44.71
CA PHE Z 203 -107.07 34.58 45.27
C PHE Z 203 -107.45 35.18 46.63
N PRO Z 204 -106.84 34.72 47.74
CA PRO Z 204 -107.13 35.25 49.06
C PRO Z 204 -105.97 36.10 49.58
N THR AA 6 -90.33 -13.20 33.46
CA THR AA 6 -89.42 -12.45 32.59
C THR AA 6 -88.59 -13.38 31.65
N LEU AA 7 -88.72 -13.20 30.32
CA LEU AA 7 -88.04 -14.09 29.40
C LEU AA 7 -86.71 -13.54 28.93
N LEU AA 8 -86.49 -12.24 29.05
CA LEU AA 8 -85.26 -11.61 28.60
C LEU AA 8 -84.67 -10.81 29.74
N GLU AA 9 -83.34 -10.77 29.76
CA GLU AA 9 -82.57 -10.11 30.81
C GLU AA 9 -81.52 -9.22 30.18
N GLN AA 10 -81.58 -7.94 30.46
CA GLN AA 10 -80.75 -6.99 29.75
C GLN AA 10 -79.84 -6.24 30.71
N ASN AA 11 -78.56 -6.12 30.34
CA ASN AA 11 -77.52 -5.43 31.10
C ASN AA 11 -76.67 -4.58 30.15
N PRO AA 12 -76.12 -3.45 30.63
CA PRO AA 12 -76.41 -2.81 31.90
C PRO AA 12 -77.75 -2.15 31.72
N ARG AA 13 -78.45 -1.83 32.79
CA ARG AA 13 -79.79 -1.28 32.65
C ARG AA 13 -79.78 0.22 32.40
N TRP AA 14 -78.65 0.87 32.67
CA TRP AA 14 -78.48 2.29 32.55
C TRP AA 14 -76.99 2.58 32.51
N ARG AA 15 -76.58 3.54 31.67
CA ARG AA 15 -75.16 3.90 31.64
C ARG AA 15 -74.96 5.23 30.92
N LEU AA 16 -74.30 6.17 31.60
CA LEU AA 16 -73.84 7.41 30.99
C LEU AA 16 -72.62 7.21 30.11
N VAL AA 17 -72.61 7.85 28.95
CA VAL AA 17 -71.52 7.72 28.00
C VAL AA 17 -70.99 9.10 27.58
N PRO AA 18 -69.73 9.42 27.83
CA PRO AA 18 -69.12 10.63 27.25
C PRO AA 18 -69.02 10.51 25.74
N ARG AA 19 -69.05 11.65 25.06
CA ARG AA 19 -69.06 11.63 23.59
C ARG AA 19 -67.78 11.00 23.04
N GLY AA 20 -67.93 10.20 21.98
CA GLY AA 20 -66.82 9.49 21.37
C GLY AA 20 -66.40 8.19 22.04
N GLN AA 21 -66.95 7.83 23.22
CA GLN AA 21 -66.58 6.61 23.94
C GLN AA 21 -67.45 5.43 23.52
N ALA AA 22 -67.21 4.27 24.15
CA ALA AA 22 -67.86 3.04 23.74
C ALA AA 22 -68.59 2.46 24.94
N VAL AA 23 -69.51 1.54 24.69
CA VAL AA 23 -70.27 0.94 25.78
C VAL AA 23 -70.60 -0.49 25.42
N ASN AA 24 -70.53 -1.37 26.43
CA ASN AA 24 -70.81 -2.80 26.27
C ASN AA 24 -72.24 -3.05 26.74
N LEU AA 25 -73.06 -3.65 25.87
CA LEU AA 25 -74.40 -4.07 26.25
C LEU AA 25 -74.55 -5.58 26.05
N ARG AA 26 -75.46 -6.18 26.80
CA ARG AA 26 -75.64 -7.62 26.76
C ARG AA 26 -77.09 -7.94 27.08
N CYS AA 27 -77.59 -9.01 26.48
CA CYS AA 27 -78.95 -9.46 26.72
C CYS AA 27 -78.98 -10.98 26.77
N ILE AA 28 -79.68 -11.52 27.77
CA ILE AA 28 -79.77 -12.96 27.96
C ILE AA 28 -81.20 -13.44 27.75
N LEU AA 29 -81.35 -14.43 26.89
CA LEU AA 29 -82.65 -15.05 26.69
C LEU AA 29 -82.83 -16.11 27.76
N LYS AA 30 -83.96 -16.06 28.47
CA LYS AA 30 -84.27 -16.96 29.56
C LYS AA 30 -85.12 -18.16 29.15
N ASN AA 31 -85.56 -18.24 27.91
CA ASN AA 31 -86.40 -19.35 27.46
C ASN AA 31 -85.97 -19.67 26.04
N SER AA 32 -85.40 -20.87 25.85
CA SER AA 32 -84.94 -21.30 24.53
C SER AA 32 -86.11 -21.54 23.56
N GLN AA 33 -87.36 -21.38 23.97
CA GLN AA 33 -88.47 -21.53 23.03
C GLN AA 33 -88.82 -20.25 22.24
N TYR AA 34 -88.05 -19.15 22.43
CA TYR AA 34 -88.24 -17.88 21.73
C TYR AA 34 -86.94 -17.39 21.09
N PRO AA 35 -86.28 -18.23 20.30
CA PRO AA 35 -84.87 -17.98 19.96
C PRO AA 35 -84.64 -16.84 19.00
N TRP AA 36 -85.69 -16.18 18.54
CA TRP AA 36 -85.51 -15.13 17.55
C TRP AA 36 -85.31 -13.81 18.28
N MET AA 37 -84.04 -13.43 18.43
CA MET AA 37 -83.65 -12.26 19.19
C MET AA 37 -83.27 -11.15 18.23
N SER AA 38 -83.65 -9.92 18.57
CA SER AA 38 -83.32 -8.76 17.76
C SER AA 38 -83.04 -7.59 18.68
N TRP AA 39 -82.32 -6.61 18.14
CA TRP AA 39 -82.06 -5.36 18.83
C TRP AA 39 -82.81 -4.27 18.10
N TYR AA 40 -83.53 -3.43 18.84
CA TYR AA 40 -84.21 -2.28 18.26
C TYR AA 40 -83.66 -1.04 18.95
N GLN AA 41 -83.55 0.07 18.23
CA GLN AA 41 -83.18 1.28 18.92
C GLN AA 41 -84.35 2.25 18.92
N GLN AA 42 -84.31 3.14 19.90
CA GLN AA 42 -85.26 4.23 20.06
C GLN AA 42 -84.50 5.55 20.10
N ASP AA 43 -84.78 6.44 19.14
CA ASP AA 43 -84.04 7.69 19.14
C ASP AA 43 -84.63 8.68 20.16
N LEU AA 44 -84.00 9.85 20.26
CA LEU AA 44 -84.42 10.86 21.21
C LEU AA 44 -85.82 11.39 20.91
N GLN AA 45 -86.37 11.03 19.75
CA GLN AA 45 -87.70 11.45 19.35
C GLN AA 45 -88.77 10.43 19.74
N LYS AA 46 -88.38 9.31 20.37
CA LYS AA 46 -89.26 8.16 20.67
C LYS AA 46 -89.61 7.32 19.43
N GLN AA 47 -88.90 7.48 18.31
CA GLN AA 47 -89.14 6.64 17.15
C GLN AA 47 -88.45 5.29 17.30
N LEU AA 48 -89.19 4.23 16.98
CA LEU AA 48 -88.69 2.86 17.02
C LEU AA 48 -88.12 2.43 15.67
N GLN AA 49 -87.03 1.66 15.74
CA GLN AA 49 -86.34 1.20 14.55
C GLN AA 49 -85.66 -0.12 14.80
N TRP AA 50 -85.80 -1.04 13.85
CA TRP AA 50 -85.07 -2.30 13.93
C TRP AA 50 -83.57 -2.04 13.73
N LEU AA 51 -82.72 -2.84 14.41
CA LEU AA 51 -81.26 -2.70 14.26
C LEU AA 51 -80.58 -3.97 13.75
N PHE AA 52 -80.78 -5.12 14.39
CA PHE AA 52 -80.11 -6.33 13.95
C PHE AA 52 -81.00 -7.52 14.27
N THR AA 53 -80.75 -8.62 13.55
CA THR AA 53 -81.31 -9.91 13.93
C THR AA 53 -80.26 -10.99 13.71
N LEU AA 54 -79.89 -11.70 14.78
CA LEU AA 54 -78.81 -12.68 14.77
C LEU AA 54 -79.35 -13.98 15.35
N ARG AA 55 -79.25 -15.10 14.61
CA ARG AA 55 -79.78 -16.38 15.07
C ARG AA 55 -78.73 -17.36 15.58
N SER AA 56 -77.62 -17.52 14.84
CA SER AA 56 -76.63 -18.56 15.14
C SER AA 56 -75.50 -17.95 15.92
N PRO AA 57 -74.97 -18.73 16.84
CA PRO AA 57 -73.68 -18.38 17.45
C PRO AA 57 -72.64 -18.04 16.39
N GLY AA 58 -71.83 -17.02 16.68
CA GLY AA 58 -70.78 -16.58 15.79
C GLY AA 58 -71.22 -15.50 14.83
N ASP AA 59 -72.53 -15.26 14.70
CA ASP AA 59 -73.05 -14.23 13.80
C ASP AA 59 -72.67 -12.86 14.33
N LYS AA 60 -72.06 -12.06 13.48
CA LYS AA 60 -71.62 -10.74 13.87
C LYS AA 60 -72.09 -9.82 12.76
N GLU AA 61 -72.58 -8.64 13.12
CA GLU AA 61 -72.92 -7.70 12.06
C GLU AA 61 -72.67 -6.30 12.57
N VAL AA 62 -72.33 -5.40 11.65
CA VAL AA 62 -72.02 -4.01 11.98
C VAL AA 62 -73.02 -3.09 11.29
N LYS AA 63 -73.24 -1.92 11.88
CA LYS AA 63 -74.08 -0.91 11.24
C LYS AA 63 -73.80 0.45 11.85
N SER AA 64 -73.89 1.51 11.02
CA SER AA 64 -73.77 2.90 11.44
C SER AA 64 -75.08 3.63 11.19
N LEU AA 65 -75.57 4.36 12.20
CA LEU AA 65 -76.72 5.27 12.06
C LEU AA 65 -76.31 6.68 12.45
N PRO AA 66 -77.13 7.70 12.15
CA PRO AA 66 -76.79 9.06 12.61
C PRO AA 66 -76.71 9.11 14.12
N GLY AA 67 -75.49 9.35 14.63
CA GLY AA 67 -75.28 9.51 16.04
C GLY AA 67 -74.70 8.30 16.76
N ALA AA 68 -74.68 7.14 16.12
CA ALA AA 68 -74.23 5.95 16.83
C ALA AA 68 -73.64 4.94 15.86
N ASP AA 69 -72.56 4.29 16.29
CA ASP AA 69 -71.94 3.16 15.59
C ASP AA 69 -72.26 1.89 16.38
N TYR AA 70 -72.57 0.81 15.67
CA TYR AA 70 -73.04 -0.43 16.29
C TYR AA 70 -72.17 -1.63 15.87
N LEU AA 71 -71.91 -2.50 16.84
CA LEU AA 71 -71.31 -3.82 16.59
C LEU AA 71 -72.05 -4.86 17.42
N ALA AA 72 -72.70 -5.79 16.75
CA ALA AA 72 -73.58 -6.74 17.41
C ALA AA 72 -73.01 -8.15 17.30
N THR AA 73 -73.29 -8.96 18.32
CA THR AA 73 -72.86 -10.35 18.32
C THR AA 73 -73.88 -11.22 19.05
N ARG AA 74 -74.26 -12.32 18.42
CA ARG AA 74 -74.96 -13.41 19.10
C ARG AA 74 -73.89 -14.42 19.50
N VAL AA 75 -73.52 -14.43 20.78
CA VAL AA 75 -72.38 -15.21 21.24
C VAL AA 75 -72.79 -16.67 21.46
N THR AA 76 -73.92 -16.89 22.11
CA THR AA 76 -74.49 -18.22 22.25
C THR AA 76 -75.98 -18.22 21.98
N ASP AA 77 -76.66 -19.33 22.24
CA ASP AA 77 -78.08 -19.41 21.93
C ASP AA 77 -78.92 -18.48 22.76
N THR AA 78 -78.42 -18.04 23.89
CA THR AA 78 -79.21 -17.24 24.81
C THR AA 78 -78.48 -15.99 25.30
N GLU AA 79 -77.27 -15.71 24.80
CA GLU AA 79 -76.50 -14.54 25.20
C GLU AA 79 -76.30 -13.72 23.94
N LEU AA 80 -76.86 -12.51 23.94
CA LEU AA 80 -76.79 -11.61 22.80
C LEU AA 80 -76.08 -10.33 23.21
N ARG AA 81 -75.16 -9.87 22.36
CA ARG AA 81 -74.35 -8.72 22.72
C ARG AA 81 -74.45 -7.59 21.69
N LEU AA 82 -74.17 -6.39 22.19
CA LEU AA 82 -74.21 -5.16 21.40
C LEU AA 82 -73.20 -4.15 21.95
N GLN AA 83 -72.31 -3.70 21.08
CA GLN AA 83 -71.40 -2.58 21.35
C GLN AA 83 -71.92 -1.34 20.63
N VAL AA 84 -72.01 -0.25 21.35
CA VAL AA 84 -72.29 1.05 20.77
C VAL AA 84 -71.02 1.87 20.88
N ALA AA 85 -70.57 2.44 19.76
CA ALA AA 85 -69.32 3.16 19.73
C ALA AA 85 -69.52 4.48 19.00
N ASN AA 86 -68.58 5.39 19.25
CA ASN AA 86 -68.53 6.68 18.59
C ASN AA 86 -69.88 7.37 18.63
N MET AA 87 -70.42 7.49 19.83
CA MET AA 87 -71.71 8.12 20.03
C MET AA 87 -71.57 9.64 19.95
N SER AA 88 -72.65 10.29 19.48
CA SER AA 88 -72.78 11.74 19.52
C SER AA 88 -74.18 12.17 19.93
N GLN AA 89 -75.07 11.23 20.18
CA GLN AA 89 -76.47 11.49 20.47
C GLN AA 89 -76.99 10.39 21.40
N GLY AA 90 -77.86 10.77 22.33
CA GLY AA 90 -78.50 9.77 23.17
C GLY AA 90 -79.50 8.92 22.41
N ARG AA 91 -79.74 7.72 22.97
CA ARG AA 91 -80.63 6.72 22.39
C ARG AA 91 -81.00 5.77 23.54
N THR AA 92 -81.97 4.90 23.27
CA THR AA 92 -82.24 3.72 24.10
C THR AA 92 -82.24 2.45 23.26
N LEU AA 93 -81.70 1.38 23.82
CA LEU AA 93 -81.57 0.12 23.11
C LEU AA 93 -82.49 -0.89 23.76
N TYR AA 94 -83.19 -1.67 22.96
CA TYR AA 94 -84.02 -2.75 23.43
C TYR AA 94 -83.63 -4.08 22.82
N CYS AA 95 -83.66 -5.11 23.63
CA CYS AA 95 -83.59 -6.47 23.17
C CYS AA 95 -85.03 -6.96 22.95
N THR AA 96 -85.19 -7.89 22.02
CA THR AA 96 -86.49 -8.50 21.79
C THR AA 96 -86.33 -9.99 21.51
N CYS AA 97 -87.41 -10.72 21.75
CA CYS AA 97 -87.47 -12.09 21.27
C CYS AA 97 -88.84 -12.37 20.69
N SER AA 98 -88.90 -13.38 19.84
CA SER AA 98 -90.17 -13.93 19.38
C SER AA 98 -89.96 -15.37 18.95
N ALA AA 99 -91.09 -16.06 18.79
CA ALA AA 99 -91.12 -17.50 18.49
C ALA AA 99 -90.75 -17.82 17.04
N ARG AA 100 -91.02 -16.90 16.12
CA ARG AA 100 -90.74 -17.10 14.70
C ARG AA 100 -90.08 -15.84 14.19
N HIS AA 101 -89.20 -15.98 13.19
CA HIS AA 101 -88.36 -14.87 12.73
C HIS AA 101 -89.12 -13.68 12.15
N SER AA 102 -90.35 -13.88 11.63
CA SER AA 102 -91.30 -12.76 11.47
C SER AA 102 -92.73 -13.28 11.53
N ALA AA 103 -93.65 -12.33 11.51
CA ALA AA 103 -95.06 -12.56 11.61
C ALA AA 103 -95.45 -12.97 13.00
N GLU AA 104 -94.68 -12.57 13.98
CA GLU AA 104 -95.03 -12.97 15.33
C GLU AA 104 -95.03 -11.81 16.31
N THR AA 105 -95.57 -12.10 17.49
CA THR AA 105 -95.52 -11.13 18.57
C THR AA 105 -94.08 -10.87 18.96
N LEU AA 106 -93.71 -9.59 19.08
CA LEU AA 106 -92.35 -9.20 19.46
C LEU AA 106 -92.39 -8.85 20.95
N TYR AA 107 -91.51 -9.49 21.75
CA TYR AA 107 -91.46 -9.34 23.21
C TYR AA 107 -90.27 -8.49 23.64
N PHE AA 108 -90.54 -7.55 24.52
CA PHE AA 108 -89.56 -6.53 24.86
C PHE AA 108 -88.87 -6.79 26.20
N GLY AA 109 -87.56 -6.59 26.19
CA GLY AA 109 -86.78 -6.58 27.40
C GLY AA 109 -86.93 -5.28 28.15
N SER AA 110 -86.23 -5.21 29.27
CA SER AA 110 -86.39 -4.01 30.09
C SER AA 110 -85.83 -2.77 29.40
N GLY AA 111 -84.83 -2.91 28.55
CA GLY AA 111 -84.25 -1.77 27.89
C GLY AA 111 -82.99 -1.28 28.60
N THR AA 112 -82.15 -0.58 27.82
CA THR AA 112 -80.90 0.02 28.27
C THR AA 112 -80.91 1.47 27.83
N ARG AA 113 -81.04 2.40 28.76
CA ARG AA 113 -81.02 3.82 28.42
C ARG AA 113 -79.58 4.35 28.44
N LEU AA 114 -79.15 4.94 27.32
CA LEU AA 114 -77.83 5.54 27.21
C LEU AA 114 -77.95 7.04 26.96
N THR AA 115 -77.24 7.83 27.77
CA THR AA 115 -77.29 9.29 27.69
C THR AA 115 -75.88 9.83 27.46
N VAL AA 116 -75.75 10.75 26.50
CA VAL AA 116 -74.46 11.32 26.09
C VAL AA 116 -74.33 12.72 26.69
N LEU AA 117 -73.24 12.93 27.44
CA LEU AA 117 -73.00 14.17 28.17
C LEU AA 117 -71.53 14.28 28.59
N ASP AA 118 -71.23 15.39 29.27
CA ASP AA 118 -69.97 15.63 29.97
C ASP AA 118 -70.14 15.31 31.46
N LEU AA 119 -69.31 14.38 32.00
CA LEU AA 119 -69.50 13.98 33.41
C LEU AA 119 -69.37 15.14 34.39
N ARG AA 120 -68.56 16.15 34.08
CA ARG AA 120 -68.35 17.24 35.03
C ARG AA 120 -69.54 18.21 35.11
N ASN AA 121 -70.60 17.98 34.33
CA ASN AA 121 -71.83 18.76 34.38
C ASN AA 121 -72.92 18.12 35.25
N VAL AA 122 -72.60 17.00 35.95
CA VAL AA 122 -73.58 16.23 36.72
C VAL AA 122 -73.84 16.91 38.07
N PHE AA 123 -75.12 16.97 38.45
CA PHE AA 123 -75.61 17.64 39.65
C PHE AA 123 -76.64 16.70 40.28
N PRO AA 124 -76.60 16.53 41.59
CA PRO AA 124 -77.66 15.76 42.27
C PRO AA 124 -78.90 16.62 42.48
N PRO AA 125 -80.06 16.00 42.71
CA PRO AA 125 -81.29 16.78 42.91
C PRO AA 125 -81.39 17.27 44.34
N GLU AA 126 -81.89 18.50 44.47
CA GLU AA 126 -82.13 19.12 45.77
C GLU AA 126 -83.59 18.89 46.16
N VAL AA 127 -83.83 18.35 47.35
CA VAL AA 127 -85.17 17.88 47.68
C VAL AA 127 -85.71 18.63 48.90
N ALA AA 128 -86.84 19.33 48.69
CA ALA AA 128 -87.53 20.16 49.67
C ALA AA 128 -89.03 19.94 49.53
N VAL AA 129 -89.73 19.82 50.66
CA VAL AA 129 -91.18 19.61 50.68
C VAL AA 129 -91.85 20.89 51.19
N PHE AA 130 -92.97 21.27 50.58
CA PHE AA 130 -93.69 22.52 50.88
C PHE AA 130 -95.07 22.21 51.45
N GLU AA 131 -95.40 22.88 52.56
CA GLU AA 131 -96.58 22.61 53.36
C GLU AA 131 -97.81 23.35 52.86
N PRO AA 132 -99.02 22.79 53.07
CA PRO AA 132 -100.23 23.36 52.48
C PRO AA 132 -100.43 24.82 52.88
N SER AA 133 -101.00 25.60 51.96
CA SER AA 133 -101.44 26.95 52.32
C SER AA 133 -102.61 26.86 53.29
N GLU AA 134 -102.66 27.80 54.25
CA GLU AA 134 -103.78 27.80 55.18
C GLU AA 134 -105.09 28.12 54.47
N ALA AA 135 -105.03 28.99 53.45
CA ALA AA 135 -106.23 29.37 52.72
C ALA AA 135 -106.86 28.18 52.00
N GLU AA 136 -106.02 27.26 51.49
CA GLU AA 136 -106.50 26.03 50.86
C GLU AA 136 -107.31 25.18 51.83
N ILE AA 137 -106.77 24.97 53.03
CA ILE AA 137 -107.41 24.10 54.02
C ILE AA 137 -108.72 24.70 54.45
N SER AA 138 -108.78 26.03 54.52
CA SER AA 138 -110.00 26.73 54.90
C SER AA 138 -111.13 26.50 53.90
N HIS AA 139 -110.82 26.63 52.61
CA HIS AA 139 -111.84 26.70 51.58
C HIS AA 139 -112.28 25.32 51.08
N THR AA 140 -111.36 24.36 51.01
CA THR AA 140 -111.57 23.14 50.26
C THR AA 140 -111.55 21.86 51.09
N GLN AA 141 -111.09 21.91 52.35
CA GLN AA 141 -111.03 20.76 53.28
C GLN AA 141 -110.03 19.72 52.78
N LYS AA 142 -109.03 20.14 52.02
CA LYS AA 142 -108.02 19.27 51.46
C LYS AA 142 -106.64 19.88 51.71
N ALA AA 143 -105.60 19.11 51.48
CA ALA AA 143 -104.24 19.56 51.76
C ALA AA 143 -103.36 19.10 50.60
N THR AA 144 -102.83 20.05 49.86
CA THR AA 144 -101.97 19.75 48.71
C THR AA 144 -100.51 19.95 49.10
N LEU AA 145 -99.76 18.85 49.10
CA LEU AA 145 -98.34 18.90 49.32
C LEU AA 145 -97.63 19.12 47.99
N VAL AA 146 -96.52 19.83 48.05
CA VAL AA 146 -95.65 20.09 46.92
C VAL AA 146 -94.26 19.59 47.28
N CYS AA 147 -93.62 18.90 46.37
CA CYS AA 147 -92.22 18.49 46.50
C CYS AA 147 -91.50 19.12 45.31
N LEU AA 148 -90.36 19.76 45.55
CA LEU AA 148 -89.61 20.39 44.48
C LEU AA 148 -88.18 19.86 44.42
N ALA AA 149 -87.80 19.34 43.26
CA ALA AA 149 -86.43 18.95 42.98
C ALA AA 149 -85.87 19.91 41.94
N THR AA 150 -84.71 20.48 42.23
CA THR AA 150 -84.10 21.51 41.41
C THR AA 150 -82.60 21.23 41.30
N GLY AA 151 -82.02 21.66 40.18
CA GLY AA 151 -80.58 21.61 40.00
C GLY AA 151 -79.98 20.22 39.86
N PHE AA 152 -80.30 19.53 38.76
CA PHE AA 152 -79.75 18.21 38.49
C PHE AA 152 -79.63 18.00 36.98
N TYR AA 153 -78.77 17.06 36.61
CA TYR AA 153 -78.36 16.75 35.24
C TYR AA 153 -77.71 15.36 35.26
N PRO AA 154 -78.16 14.41 34.40
CA PRO AA 154 -79.19 14.55 33.37
C PRO AA 154 -80.57 14.59 33.99
N ASP AA 155 -81.60 14.51 33.16
CA ASP AA 155 -82.98 14.57 33.62
C ASP AA 155 -83.53 13.21 33.98
N HIS AA 156 -82.65 12.29 34.42
CA HIS AA 156 -83.04 10.92 34.80
C HIS AA 156 -83.23 10.83 36.31
N VAL AA 157 -84.45 11.08 36.76
CA VAL AA 157 -84.84 10.99 38.16
C VAL AA 157 -86.19 10.29 38.20
N GLU AA 158 -86.50 9.69 39.36
CA GLU AA 158 -87.76 8.99 39.58
C GLU AA 158 -88.27 9.40 40.95
N LEU AA 159 -89.49 9.93 41.01
CA LEU AA 159 -90.02 10.54 42.23
C LEU AA 159 -91.14 9.69 42.83
N SER AA 160 -91.18 9.62 44.17
CA SER AA 160 -92.23 8.90 44.89
C SER AA 160 -92.56 9.62 46.18
N TRP AA 161 -93.79 9.43 46.65
CA TRP AA 161 -94.20 9.87 47.98
C TRP AA 161 -94.28 8.65 48.89
N TRP AA 162 -93.91 8.83 50.16
CA TRP AA 162 -93.98 7.77 51.16
C TRP AA 162 -94.75 8.34 52.34
N VAL AA 163 -95.89 7.72 52.64
CA VAL AA 163 -96.71 8.09 53.79
C VAL AA 163 -96.64 6.98 54.82
N ASN AA 164 -96.06 7.30 55.98
CA ASN AA 164 -95.95 6.34 57.08
C ASN AA 164 -95.25 5.05 56.62
N GLY AA 165 -94.11 5.24 55.96
CA GLY AA 165 -93.22 4.16 55.57
C GLY AA 165 -93.62 3.39 54.34
N LYS AA 166 -94.78 3.68 53.77
CA LYS AA 166 -95.27 2.99 52.59
C LYS AA 166 -95.32 3.97 51.44
N GLU AA 167 -94.97 3.51 50.25
CA GLU AA 167 -95.15 4.35 49.08
C GLU AA 167 -96.65 4.54 48.86
N VAL AA 168 -97.07 5.73 48.42
CA VAL AA 168 -98.48 6.01 48.16
C VAL AA 168 -98.78 6.05 46.67
N HIS AA 169 -100.02 5.77 46.40
CA HIS AA 169 -100.55 5.61 45.06
C HIS AA 169 -101.61 6.65 44.77
N SER AA 170 -102.59 6.85 45.66
CA SER AA 170 -103.64 7.85 45.48
C SER AA 170 -103.13 9.27 45.76
N GLY AA 171 -103.80 10.26 45.18
CA GLY AA 171 -103.42 11.65 45.41
C GLY AA 171 -102.08 12.04 44.85
N VAL AA 172 -101.45 11.17 44.09
CA VAL AA 172 -100.09 11.38 43.61
C VAL AA 172 -100.13 12.12 42.27
N CYS AA 173 -99.25 13.11 42.12
CA CYS AA 173 -99.20 13.95 40.92
C CYS AA 173 -97.74 14.10 40.54
N THR AA 174 -97.20 13.17 39.80
CA THR AA 174 -95.83 13.36 39.37
C THR AA 174 -95.94 14.07 38.03
N ASP AA 175 -95.26 15.21 37.90
CA ASP AA 175 -95.28 15.96 36.64
C ASP AA 175 -94.71 15.14 35.48
N PRO AA 176 -95.25 15.34 34.28
CA PRO AA 176 -94.82 14.48 33.17
C PRO AA 176 -93.34 14.62 32.80
N GLN AA 177 -92.87 15.86 32.67
CA GLN AA 177 -91.52 16.02 32.20
C GLN AA 177 -90.82 17.05 33.05
N PRO AA 178 -89.54 16.85 33.34
CA PRO AA 178 -88.76 17.91 33.97
C PRO AA 178 -88.62 19.08 33.00
N LEU AA 179 -88.38 20.26 33.57
CA LEU AA 179 -88.18 21.47 32.81
C LEU AA 179 -86.81 22.09 33.05
N LYS AA 180 -86.27 22.73 32.02
CA LYS AA 180 -84.96 23.38 32.14
C LYS AA 180 -85.07 24.69 32.89
N GLU AA 181 -84.25 24.82 33.93
CA GLU AA 181 -84.16 26.08 34.65
C GLU AA 181 -83.68 27.19 33.73
N GLN AA 182 -82.79 26.84 32.79
CA GLN AA 182 -82.16 27.79 31.88
C GLN AA 182 -82.44 27.30 30.47
N PRO AA 183 -83.63 27.59 29.92
CA PRO AA 183 -83.98 27.04 28.59
C PRO AA 183 -83.01 27.45 27.49
N ALA AA 184 -82.07 28.39 27.77
CA ALA AA 184 -81.13 28.89 26.79
C ALA AA 184 -79.95 27.95 26.56
N LEU AA 185 -79.46 27.28 27.60
CA LEU AA 185 -78.41 26.29 27.40
C LEU AA 185 -79.06 25.00 26.91
N ASN AA 186 -78.43 24.35 25.94
CA ASN AA 186 -78.86 23.00 25.62
C ASN AA 186 -78.28 21.95 26.58
N ASP AA 187 -77.55 22.39 27.63
CA ASP AA 187 -77.02 21.48 28.64
C ASP AA 187 -77.32 22.00 30.05
N SER AA 188 -78.41 22.74 30.21
CA SER AA 188 -78.84 23.26 31.50
C SER AA 188 -79.21 22.15 32.48
N ARG AA 189 -79.29 22.54 33.74
CA ARG AA 189 -79.86 21.71 34.77
C ARG AA 189 -81.38 21.70 34.69
N TYR AA 190 -82.00 20.68 35.30
CA TYR AA 190 -83.42 20.41 35.19
C TYR AA 190 -84.10 20.55 36.54
N ALA AA 191 -85.43 20.58 36.53
CA ALA AA 191 -86.22 20.61 37.75
C ALA AA 191 -87.51 19.84 37.51
N LEU AA 192 -88.09 19.35 38.60
CA LEU AA 192 -89.30 18.52 38.56
C LEU AA 192 -90.19 18.90 39.74
N SER AA 193 -91.51 18.84 39.56
CA SER AA 193 -92.42 19.03 40.70
C SER AA 193 -93.30 17.80 40.84
N SER AA 194 -93.99 17.75 41.98
CA SER AA 194 -94.98 16.72 42.24
C SER AA 194 -95.97 17.29 43.24
N ARG AA 195 -97.15 16.66 43.29
CA ARG AA 195 -98.19 17.00 44.27
C ARG AA 195 -98.71 15.75 44.96
N LEU AA 196 -99.01 15.89 46.25
CA LEU AA 196 -99.66 14.86 47.04
C LEU AA 196 -100.80 15.52 47.81
N ARG AA 197 -102.02 15.15 47.51
CA ARG AA 197 -103.20 15.72 48.15
C ARG AA 197 -103.83 14.69 49.07
N VAL AA 198 -104.07 15.09 50.31
CA VAL AA 198 -104.73 14.25 51.30
C VAL AA 198 -105.82 15.05 51.99
N SER AA 199 -106.81 14.31 52.48
CA SER AA 199 -107.99 14.88 53.13
C SER AA 199 -107.57 15.81 54.27
N ALA AA 200 -108.47 16.76 54.62
CA ALA AA 200 -108.14 17.74 55.66
C ALA AA 200 -107.90 17.09 57.03
N THR AA 201 -108.71 16.10 57.37
CA THR AA 201 -108.52 15.40 58.63
C THR AA 201 -107.16 14.68 58.71
N PHE AA 202 -106.67 14.16 57.57
CA PHE AA 202 -105.44 13.37 57.47
C PHE AA 202 -104.19 14.25 57.70
N TRP AA 203 -104.22 15.50 57.22
CA TRP AA 203 -103.11 16.44 57.43
C TRP AA 203 -103.05 16.95 58.86
N GLN AA 204 -104.21 17.14 59.50
CA GLN AA 204 -104.33 17.77 60.82
C GLN AA 204 -103.99 16.84 61.97
N ASN AA 205 -103.46 15.66 61.69
CA ASN AA 205 -103.02 14.70 62.69
C ASN AA 205 -101.51 14.84 62.77
N PRO AA 206 -100.98 15.52 63.77
CA PRO AA 206 -99.53 15.71 63.83
C PRO AA 206 -98.72 14.40 64.01
N ARG AA 207 -99.38 13.25 64.06
CA ARG AA 207 -98.74 11.93 64.09
C ARG AA 207 -98.40 11.34 62.70
N ASN AA 208 -98.83 11.94 61.58
CA ASN AA 208 -98.63 11.35 60.25
C ASN AA 208 -97.38 11.87 59.54
N HIS AA 209 -96.66 10.95 58.91
CA HIS AA 209 -95.35 11.21 58.31
C HIS AA 209 -95.46 11.13 56.81
N PHE AA 210 -94.98 12.17 56.13
CA PHE AA 210 -95.00 12.27 54.68
C PHE AA 210 -93.57 12.45 54.22
N ARG AA 211 -93.09 11.57 53.34
CA ARG AA 211 -91.72 11.71 52.89
C ARG AA 211 -91.65 11.55 51.37
N CYS AA 212 -90.99 12.50 50.71
CA CYS AA 212 -90.86 12.55 49.27
C CYS AA 212 -89.45 12.13 48.83
N GLN AA 213 -89.36 11.06 48.04
CA GLN AA 213 -88.08 10.47 47.68
C GLN AA 213 -87.83 10.66 46.18
N VAL AA 214 -86.61 11.09 45.85
CA VAL AA 214 -86.14 11.26 44.47
C VAL AA 214 -84.92 10.37 44.29
N GLN AA 215 -85.06 9.29 43.52
CA GLN AA 215 -83.90 8.49 43.12
C GLN AA 215 -83.18 9.15 41.93
N PHE AA 216 -81.88 9.41 42.06
CA PHE AA 216 -81.09 10.02 40.99
C PHE AA 216 -80.08 9.03 40.45
N TYR AA 217 -79.97 8.96 39.12
CA TYR AA 217 -78.99 8.08 38.47
C TYR AA 217 -77.82 8.91 37.97
N GLY AA 218 -76.68 8.72 38.60
CA GLY AA 218 -75.48 9.46 38.33
C GLY AA 218 -74.32 8.53 38.10
N LEU AA 219 -73.14 8.98 38.52
CA LEU AA 219 -71.92 8.27 38.24
C LEU AA 219 -71.78 7.03 39.11
N SER AA 220 -70.74 6.25 38.82
CA SER AA 220 -70.36 5.03 39.55
C SER AA 220 -69.07 5.28 40.32
N GLU AA 221 -68.85 4.50 41.39
CA GLU AA 221 -67.60 4.73 42.10
C GLU AA 221 -66.40 4.28 41.27
N ASN AA 222 -66.65 3.61 40.13
CA ASN AA 222 -65.59 3.20 39.21
C ASN AA 222 -65.15 4.32 38.29
N ASP AA 223 -65.75 5.50 38.38
CA ASP AA 223 -65.23 6.66 37.68
C ASP AA 223 -64.46 7.51 38.67
N GLU AA 224 -63.63 8.38 38.13
CA GLU AA 224 -62.76 9.17 38.97
C GLU AA 224 -63.22 10.61 38.92
N TRP AA 225 -63.06 11.31 40.04
CA TRP AA 225 -63.58 12.67 40.22
C TRP AA 225 -62.46 13.70 40.07
N THR AA 226 -62.36 14.29 38.88
CA THR AA 226 -61.36 15.30 38.63
C THR AA 226 -61.74 16.65 39.21
N GLN AA 227 -62.99 16.83 39.62
CA GLN AA 227 -63.42 18.06 40.26
C GLN AA 227 -63.43 17.87 41.77
N ASP AA 228 -63.19 18.96 42.51
CA ASP AA 228 -63.07 18.91 43.98
C ASP AA 228 -64.37 19.33 44.66
N ARG AA 229 -65.38 18.50 44.42
CA ARG AA 229 -66.68 18.57 45.05
C ARG AA 229 -67.12 17.13 45.30
N ALA AA 230 -68.23 16.93 46.00
CA ALA AA 230 -68.68 15.57 46.26
C ALA AA 230 -68.98 14.86 44.93
N LYS AA 231 -68.76 13.54 44.89
CA LYS AA 231 -68.97 12.80 43.64
C LYS AA 231 -70.46 12.69 43.34
N PRO AA 232 -70.94 13.16 42.16
CA PRO AA 232 -72.38 13.11 41.84
C PRO AA 232 -72.74 11.70 41.38
N VAL AA 233 -72.77 10.78 42.34
CA VAL AA 233 -73.01 9.37 42.08
C VAL AA 233 -74.48 9.06 42.26
N THR AA 234 -74.89 7.88 41.80
CA THR AA 234 -76.24 7.38 42.03
C THR AA 234 -76.54 7.46 43.51
N GLN AA 235 -77.74 7.91 43.86
CA GLN AA 235 -78.00 8.26 45.25
C GLN AA 235 -79.51 8.43 45.43
N ILE AA 236 -79.96 8.41 46.69
CA ILE AA 236 -81.31 8.84 47.07
C ILE AA 236 -81.20 10.18 47.78
N VAL AA 237 -82.12 11.10 47.46
CA VAL AA 237 -82.29 12.37 48.18
C VAL AA 237 -83.75 12.48 48.58
N SER AA 238 -84.01 12.72 49.87
CA SER AA 238 -85.37 12.75 50.42
C SER AA 238 -85.66 14.05 51.17
N ALA AA 239 -86.96 14.33 51.32
CA ALA AA 239 -87.45 15.36 52.21
C ALA AA 239 -88.77 14.88 52.79
N GLU AA 240 -89.19 15.51 53.89
CA GLU AA 240 -90.31 15.04 54.68
C GLU AA 240 -91.10 16.18 55.32
N ALA AA 241 -92.29 15.84 55.79
CA ALA AA 241 -93.07 16.73 56.64
C ALA AA 241 -94.00 15.89 57.49
N TRP AA 242 -94.20 16.33 58.74
CA TRP AA 242 -95.12 15.74 59.70
C TRP AA 242 -96.40 16.56 59.80
N GLY AA 243 -97.41 15.95 60.41
CA GLY AA 243 -98.65 16.65 60.64
C GLY AA 243 -98.47 17.88 61.51
N ARG AA 244 -99.44 18.78 61.39
CA ARG AA 244 -99.40 20.05 62.08
C ARG AA 244 -100.79 20.43 62.57
N ALA AA 245 -100.81 21.19 63.67
CA ALA AA 245 -102.07 21.82 64.19
C ALA AA 245 -102.21 23.36 63.91
N GLY BA 2 -105.60 -37.94 -10.25
CA GLY BA 2 -105.02 -36.96 -11.14
C GLY BA 2 -104.66 -35.75 -10.33
N SER BA 3 -104.02 -36.09 -9.21
CA SER BA 3 -103.56 -35.14 -8.22
C SER BA 3 -102.14 -34.67 -8.51
N HIS BA 4 -101.84 -33.47 -8.01
CA HIS BA 4 -100.52 -32.86 -8.14
C HIS BA 4 -100.03 -32.44 -6.75
N SER BA 5 -98.71 -32.29 -6.64
CA SER BA 5 -98.06 -32.06 -5.36
C SER BA 5 -96.92 -31.06 -5.52
N MET BA 6 -96.66 -30.33 -4.44
CA MET BA 6 -95.48 -29.50 -4.37
C MET BA 6 -94.70 -30.02 -3.17
N ARG BA 7 -93.38 -30.20 -3.35
CA ARG BA 7 -92.49 -30.80 -2.36
C ARG BA 7 -91.20 -30.00 -2.28
N TYR BA 8 -90.69 -29.82 -1.09
CA TYR BA 8 -89.43 -29.12 -0.91
C TYR BA 8 -88.38 -30.04 -0.25
N PHE BA 9 -87.12 -29.89 -0.67
CA PHE BA 9 -86.02 -30.73 -0.17
C PHE BA 9 -84.86 -29.87 0.34
N PHE BA 10 -84.36 -30.21 1.52
CA PHE BA 10 -83.25 -29.53 2.17
C PHE BA 10 -82.16 -30.50 2.56
N THR BA 11 -80.91 -30.02 2.51
CA THR BA 11 -79.78 -30.80 3.00
C THR BA 11 -78.81 -29.85 3.70
N SER BA 12 -78.37 -30.24 4.93
CA SER BA 12 -77.29 -29.57 5.69
C SER BA 12 -76.16 -30.53 6.03
N VAL BA 13 -74.97 -30.18 5.57
CA VAL BA 13 -73.77 -31.01 5.86
C VAL BA 13 -72.75 -30.14 6.57
N SER BA 14 -72.35 -30.53 7.79
CA SER BA 14 -71.41 -29.72 8.60
C SER BA 14 -69.99 -29.89 8.06
N ARG BA 15 -69.19 -28.83 8.12
CA ARG BA 15 -67.77 -28.95 7.70
C ARG BA 15 -66.92 -28.87 8.97
N PRO BA 16 -66.28 -29.98 9.41
CA PRO BA 16 -65.49 -29.95 10.63
C PRO BA 16 -64.18 -29.22 10.35
N GLY BA 17 -64.28 -27.95 9.93
CA GLY BA 17 -63.07 -27.19 9.59
C GLY BA 17 -63.40 -25.87 8.92
N ARG BA 18 -62.42 -25.25 8.27
CA ARG BA 18 -62.63 -23.93 7.62
C ARG BA 18 -63.87 -24.01 6.75
N GLY BA 19 -64.71 -22.97 6.81
CA GLY BA 19 -65.94 -22.94 5.99
C GLY BA 19 -67.18 -23.14 6.83
N GLU BA 20 -68.29 -22.52 6.43
CA GLU BA 20 -69.57 -22.70 7.16
C GLU BA 20 -70.33 -23.87 6.54
N PRO BA 21 -71.25 -24.51 7.26
CA PRO BA 21 -72.01 -25.63 6.73
C PRO BA 21 -72.63 -25.39 5.35
N ARG BA 22 -72.61 -26.41 4.48
CA ARG BA 22 -73.21 -26.35 3.17
C ARG BA 22 -74.74 -26.49 3.25
N PHE BA 23 -75.47 -25.64 2.54
CA PHE BA 23 -76.93 -25.69 2.54
C PHE BA 23 -77.40 -25.76 1.09
N ILE BA 24 -78.08 -26.84 0.75
CA ILE BA 24 -78.64 -27.05 -0.58
C ILE BA 24 -80.12 -27.35 -0.43
N ALA BA 25 -80.94 -26.53 -1.11
CA ALA BA 25 -82.39 -26.65 -1.09
C ALA BA 25 -82.97 -26.62 -2.51
N VAL BA 26 -83.88 -27.56 -2.80
CA VAL BA 26 -84.50 -27.67 -4.11
C VAL BA 26 -85.99 -27.93 -3.92
N GLY BA 27 -86.78 -27.35 -4.81
CA GLY BA 27 -88.21 -27.59 -4.86
C GLY BA 27 -88.65 -28.32 -6.12
N TYR BA 28 -89.66 -29.16 -5.97
CA TYR BA 28 -90.26 -29.91 -7.06
C TYR BA 28 -91.74 -29.57 -7.10
N VAL BA 29 -92.28 -29.39 -8.29
CA VAL BA 29 -93.70 -29.53 -8.47
C VAL BA 29 -93.87 -30.73 -9.37
N ASP BA 30 -94.57 -31.74 -8.85
CA ASP BA 30 -94.58 -33.07 -9.42
C ASP BA 30 -93.14 -33.47 -9.71
N ASP BA 31 -92.80 -33.74 -10.95
CA ASP BA 31 -91.46 -34.21 -11.28
C ASP BA 31 -90.62 -33.15 -12.01
N THR BA 32 -90.88 -31.88 -11.74
CA THR BA 32 -90.07 -30.81 -12.32
C THR BA 32 -89.48 -29.94 -11.21
N GLN BA 33 -88.16 -29.80 -11.24
CA GLN BA 33 -87.45 -28.89 -10.33
C GLN BA 33 -87.58 -27.46 -10.83
N PHE BA 34 -87.88 -26.53 -9.91
CA PHE BA 34 -88.08 -25.14 -10.29
C PHE BA 34 -87.35 -24.10 -9.46
N VAL BA 35 -86.95 -24.37 -8.22
CA VAL BA 35 -86.21 -23.38 -7.45
C VAL BA 35 -85.01 -24.03 -6.79
N ARG BA 36 -84.04 -23.20 -6.42
CA ARG BA 36 -82.80 -23.76 -5.96
C ARG BA 36 -82.11 -22.75 -5.06
N PHE BA 37 -81.52 -23.25 -3.98
CA PHE BA 37 -80.67 -22.40 -3.18
C PHE BA 37 -79.50 -23.19 -2.59
N ASP BA 38 -78.30 -22.68 -2.85
CA ASP BA 38 -77.03 -23.25 -2.41
C ASP BA 38 -76.17 -22.13 -1.82
N SER BA 39 -75.78 -22.29 -0.55
CA SER BA 39 -74.98 -21.27 0.15
C SER BA 39 -73.61 -21.06 -0.47
N ASP BA 40 -73.09 -22.00 -1.24
CA ASP BA 40 -71.75 -21.83 -1.77
C ASP BA 40 -71.73 -21.05 -3.09
N ALA BA 41 -72.90 -20.81 -3.71
CA ALA BA 41 -72.95 -20.03 -4.94
C ALA BA 41 -72.79 -18.55 -4.60
N ALA BA 42 -72.15 -17.83 -5.52
CA ALA BA 42 -71.87 -16.43 -5.23
C ALA BA 42 -73.16 -15.63 -5.06
N SER BA 43 -74.25 -16.11 -5.66
CA SER BA 43 -75.52 -15.41 -5.64
C SER BA 43 -75.95 -14.98 -4.25
N GLN BA 44 -75.91 -15.92 -3.31
CA GLN BA 44 -76.49 -15.76 -1.98
C GLN BA 44 -77.98 -15.41 -2.06
N ARG BA 45 -78.66 -15.94 -3.09
CA ARG BA 45 -80.05 -15.63 -3.32
C ARG BA 45 -80.76 -16.88 -3.82
N MET BA 46 -82.06 -16.95 -3.51
CA MET BA 46 -82.96 -17.93 -4.11
C MET BA 46 -83.04 -17.77 -5.64
N GLU BA 47 -82.93 -18.89 -6.37
CA GLU BA 47 -82.83 -18.91 -7.83
C GLU BA 47 -83.90 -19.75 -8.50
N PRO BA 48 -84.30 -19.36 -9.72
CA PRO BA 48 -85.20 -20.18 -10.56
C PRO BA 48 -84.49 -21.27 -11.36
N ARG BA 49 -85.28 -22.27 -11.75
CA ARG BA 49 -84.73 -23.35 -12.54
C ARG BA 49 -85.60 -23.67 -13.76
N ALA BA 50 -86.91 -23.86 -13.61
CA ALA BA 50 -87.75 -24.03 -14.80
C ALA BA 50 -88.31 -22.68 -15.24
N PRO BA 51 -88.46 -22.45 -16.56
CA PRO BA 51 -88.70 -21.09 -17.07
C PRO BA 51 -89.96 -20.42 -16.57
N TRP BA 52 -91.04 -21.16 -16.31
CA TRP BA 52 -92.33 -20.55 -15.99
C TRP BA 52 -92.38 -19.90 -14.60
N ILE BA 53 -91.32 -20.02 -13.81
CA ILE BA 53 -91.24 -19.28 -12.55
C ILE BA 53 -90.50 -17.95 -12.73
N GLU BA 54 -89.81 -17.77 -13.87
CA GLU BA 54 -88.98 -16.58 -14.08
C GLU BA 54 -89.83 -15.30 -14.20
N GLN BA 55 -91.12 -15.45 -14.51
CA GLN BA 55 -91.98 -14.28 -14.60
C GLN BA 55 -92.24 -13.62 -13.26
N GLU BA 56 -92.08 -14.33 -12.14
CA GLU BA 56 -92.46 -13.79 -10.83
C GLU BA 56 -91.52 -12.64 -10.42
N GLY BA 57 -92.10 -11.67 -9.71
CA GLY BA 57 -91.49 -10.37 -9.60
C GLY BA 57 -90.36 -10.32 -8.59
N PRO BA 58 -89.80 -9.11 -8.44
CA PRO BA 58 -88.76 -8.91 -7.43
C PRO BA 58 -89.23 -9.13 -6.00
N GLU BA 59 -90.53 -8.98 -5.71
CA GLU BA 59 -90.97 -9.24 -4.34
C GLU BA 59 -90.93 -10.73 -4.02
N TYR BA 60 -91.31 -11.58 -4.97
CA TYR BA 60 -91.27 -13.01 -4.74
C TYR BA 60 -89.84 -13.48 -4.45
N TRP BA 61 -88.85 -13.02 -5.23
CA TRP BA 61 -87.48 -13.45 -4.94
C TRP BA 61 -86.92 -12.83 -3.65
N ASP BA 62 -87.46 -11.68 -3.21
CA ASP BA 62 -87.00 -11.10 -1.95
C ASP BA 62 -87.55 -11.87 -0.76
N GLN BA 63 -88.86 -12.13 -0.77
CA GLN BA 63 -89.42 -12.98 0.26
C GLN BA 63 -88.75 -14.33 0.27
N GLU BA 64 -88.83 -15.05 -0.84
CA GLU BA 64 -88.30 -16.41 -0.89
C GLU BA 64 -86.84 -16.50 -0.47
N THR BA 65 -86.05 -15.50 -0.77
CA THR BA 65 -84.68 -15.52 -0.27
C THR BA 65 -84.65 -15.44 1.26
N ARG BA 66 -85.46 -14.56 1.88
CA ARG BA 66 -85.37 -14.46 3.34
C ARG BA 66 -85.88 -15.73 4.03
N ASN BA 67 -86.96 -16.34 3.54
CA ASN BA 67 -87.46 -17.51 4.24
C ASN BA 67 -86.52 -18.70 4.10
N VAL BA 68 -85.70 -18.74 3.05
CA VAL BA 68 -84.76 -19.84 2.92
C VAL BA 68 -83.44 -19.53 3.63
N LYS BA 69 -83.00 -18.27 3.67
CA LYS BA 69 -81.85 -17.99 4.52
C LYS BA 69 -82.21 -18.13 6.00
N ALA BA 70 -83.47 -17.92 6.35
CA ALA BA 70 -83.87 -18.20 7.73
C ALA BA 70 -83.73 -19.68 8.00
N GLN BA 71 -84.21 -20.51 7.07
CA GLN BA 71 -84.17 -21.93 7.27
C GLN BA 71 -82.75 -22.47 7.40
N SER BA 72 -81.82 -21.98 6.58
CA SER BA 72 -80.42 -22.38 6.73
C SER BA 72 -79.94 -22.04 8.12
N GLN BA 73 -80.37 -20.90 8.67
CA GLN BA 73 -79.79 -20.51 9.94
C GLN BA 73 -80.28 -21.41 11.07
N THR BA 74 -81.59 -21.66 11.15
CA THR BA 74 -82.03 -22.59 12.21
C THR BA 74 -81.42 -23.97 12.05
N ASP BA 75 -80.73 -24.21 10.96
CA ASP BA 75 -80.07 -25.49 10.80
C ASP BA 75 -78.59 -25.42 11.11
N ARG BA 76 -77.96 -24.24 11.00
CA ARG BA 76 -76.62 -24.15 11.56
C ARG BA 76 -76.70 -24.40 13.06
N VAL BA 77 -77.73 -23.84 13.70
CA VAL BA 77 -77.95 -24.08 15.11
C VAL BA 77 -78.16 -25.57 15.36
N ASP BA 78 -79.08 -26.19 14.62
CA ASP BA 78 -79.45 -27.59 14.83
C ASP BA 78 -78.34 -28.60 14.57
N LEU BA 79 -77.48 -28.39 13.58
CA LEU BA 79 -76.35 -29.30 13.38
C LEU BA 79 -75.54 -29.47 14.66
N GLY BA 80 -75.32 -28.36 15.39
CA GLY BA 80 -74.62 -28.35 16.66
C GLY BA 80 -75.46 -28.93 17.79
N THR BA 81 -76.75 -28.61 17.83
CA THR BA 81 -77.66 -29.19 18.82
C THR BA 81 -77.73 -30.71 18.74
N LEU BA 82 -77.90 -31.26 17.54
CA LEU BA 82 -77.92 -32.72 17.44
C LEU BA 82 -76.55 -33.33 17.72
N ARG BA 83 -75.48 -32.63 17.33
CA ARG BA 83 -74.13 -32.99 17.78
C ARG BA 83 -74.12 -33.17 19.30
N GLY BA 84 -74.76 -32.25 20.02
CA GLY BA 84 -74.85 -32.32 21.45
C GLY BA 84 -75.71 -33.47 21.92
N TYR BA 85 -77.02 -33.48 21.60
CA TYR BA 85 -77.90 -34.57 22.06
C TYR BA 85 -77.23 -35.92 21.90
N TYR BA 86 -76.54 -36.11 20.78
CA TYR BA 86 -75.95 -37.39 20.46
C TYR BA 86 -74.55 -37.52 21.05
N ASN BA 87 -74.04 -36.43 21.64
CA ASN BA 87 -72.73 -36.38 22.29
C ASN BA 87 -71.66 -36.93 21.33
N GLN BA 88 -71.58 -36.30 20.16
CA GLN BA 88 -70.74 -36.76 19.06
C GLN BA 88 -69.50 -35.88 18.98
N SER BA 89 -68.39 -36.44 18.48
CA SER BA 89 -67.18 -35.64 18.35
C SER BA 89 -67.40 -34.58 17.26
N GLU BA 90 -66.86 -33.37 17.46
CA GLU BA 90 -67.12 -32.28 16.51
C GLU BA 90 -66.10 -32.16 15.41
N ALA BA 91 -65.28 -33.18 15.24
CA ALA BA 91 -64.33 -33.28 14.15
C ALA BA 91 -64.89 -34.10 12.99
N GLY BA 92 -66.10 -34.65 13.14
CA GLY BA 92 -66.72 -35.47 12.11
C GLY BA 92 -67.87 -34.69 11.49
N SER BA 93 -68.07 -34.88 10.19
CA SER BA 93 -69.09 -34.13 9.48
C SER BA 93 -70.43 -34.85 9.60
N HIS BA 94 -71.51 -34.06 9.65
CA HIS BA 94 -72.82 -34.59 9.91
C HIS BA 94 -73.83 -34.02 8.92
N THR BA 95 -74.89 -34.78 8.67
CA THR BA 95 -75.87 -34.47 7.65
C THR BA 95 -77.26 -34.45 8.26
N ILE BA 96 -78.00 -33.36 8.05
CA ILE BA 96 -79.43 -33.32 8.32
C ILE BA 96 -80.18 -33.10 7.03
N GLN BA 97 -81.29 -33.81 6.85
CA GLN BA 97 -82.12 -33.68 5.67
C GLN BA 97 -83.55 -33.36 6.08
N ILE BA 98 -84.14 -32.36 5.43
CA ILE BA 98 -85.54 -31.98 5.63
C ILE BA 98 -86.32 -32.00 4.32
N MET BA 99 -87.52 -32.58 4.37
CA MET BA 99 -88.46 -32.58 3.24
C MET BA 99 -89.89 -32.36 3.72
N TYR BA 100 -90.62 -31.47 3.05
CA TYR BA 100 -92.03 -31.30 3.31
C TYR BA 100 -92.80 -30.89 2.06
N GLY BA 101 -94.11 -31.14 2.10
CA GLY BA 101 -94.94 -30.72 0.98
C GLY BA 101 -96.43 -30.91 1.20
N CYS BA 102 -97.19 -30.52 0.16
CA CYS BA 102 -98.65 -30.49 0.14
C CYS BA 102 -99.18 -31.05 -1.18
N ASP BA 103 -100.37 -31.63 -1.09
CA ASP BA 103 -101.04 -32.25 -2.22
C ASP BA 103 -102.38 -31.59 -2.52
N VAL BA 104 -102.62 -31.37 -3.81
CA VAL BA 104 -103.91 -30.94 -4.29
C VAL BA 104 -104.47 -32.02 -5.20
N GLY BA 105 -105.80 -32.17 -5.13
CA GLY BA 105 -106.52 -33.16 -5.92
C GLY BA 105 -106.86 -32.61 -7.29
N SER BA 106 -107.67 -33.36 -8.02
CA SER BA 106 -107.96 -32.95 -9.38
C SER BA 106 -108.58 -31.55 -9.41
N ASP BA 107 -109.45 -31.24 -8.44
CA ASP BA 107 -110.15 -29.96 -8.39
C ASP BA 107 -109.43 -28.90 -7.55
N GLY BA 108 -108.18 -29.17 -7.13
CA GLY BA 108 -107.42 -28.25 -6.30
C GLY BA 108 -107.49 -28.51 -4.81
N ARG BA 109 -108.39 -29.40 -4.37
CA ARG BA 109 -108.63 -29.63 -2.95
C ARG BA 109 -107.41 -30.17 -2.21
N PHE BA 110 -107.22 -29.71 -0.99
CA PHE BA 110 -106.17 -30.27 -0.16
C PHE BA 110 -106.53 -31.71 0.19
N LEU BA 111 -105.63 -32.63 -0.11
CA LEU BA 111 -105.83 -34.02 0.26
C LEU BA 111 -104.88 -34.57 1.37
N ARG BA 112 -103.73 -33.96 1.62
CA ARG BA 112 -102.76 -34.43 2.59
C ARG BA 112 -101.51 -33.55 2.62
N GLY BA 113 -100.84 -33.50 3.78
CA GLY BA 113 -99.57 -32.78 3.91
C GLY BA 113 -98.53 -33.63 4.60
N TYR BA 114 -97.26 -33.24 4.45
CA TYR BA 114 -96.17 -34.09 4.91
C TYR BA 114 -94.95 -33.28 5.35
N ARG BA 115 -94.28 -33.77 6.40
CA ARG BA 115 -93.00 -33.22 6.87
C ARG BA 115 -92.17 -34.39 7.39
N GLN BA 116 -90.92 -34.54 6.93
CA GLN BA 116 -90.05 -35.58 7.47
C GLN BA 116 -88.60 -35.13 7.58
N ASP BA 117 -87.98 -35.38 8.73
CA ASP BA 117 -86.62 -34.95 9.05
C ASP BA 117 -85.72 -36.13 9.37
N ALA BA 118 -84.42 -35.99 9.09
CA ALA BA 118 -83.48 -37.09 9.32
C ALA BA 118 -82.11 -36.58 9.75
N TYR BA 119 -81.38 -37.43 10.47
CA TYR BA 119 -80.02 -37.13 10.90
C TYR BA 119 -79.10 -38.24 10.44
N ASP BA 120 -78.00 -37.86 9.77
CA ASP BA 120 -77.01 -38.80 9.25
C ASP BA 120 -77.69 -39.94 8.48
N GLY BA 121 -78.77 -39.62 7.78
CA GLY BA 121 -79.46 -40.66 7.06
C GLY BA 121 -80.41 -41.51 7.89
N LYS BA 122 -80.75 -41.08 9.10
CA LYS BA 122 -81.65 -41.82 9.96
C LYS BA 122 -82.91 -41.02 10.18
N ASP BA 123 -84.04 -41.72 10.27
CA ASP BA 123 -85.31 -41.11 10.65
C ASP BA 123 -85.14 -40.41 11.98
N TYR BA 124 -85.58 -39.16 12.07
CA TYR BA 124 -85.50 -38.45 13.33
C TYR BA 124 -86.88 -38.12 13.89
N ILE BA 125 -87.55 -37.19 13.29
CA ILE BA 125 -88.92 -36.87 13.60
C ILE BA 125 -89.66 -36.76 12.27
N ALA BA 126 -90.96 -37.01 12.35
CA ALA BA 126 -91.83 -36.92 11.20
C ALA BA 126 -93.18 -36.39 11.69
N LEU BA 127 -93.85 -35.66 10.82
CA LEU BA 127 -95.18 -35.18 11.11
C LEU BA 127 -96.18 -36.26 10.72
N ASN BA 128 -97.15 -36.46 11.58
CA ASN BA 128 -98.07 -37.57 11.42
C ASN BA 128 -99.25 -37.23 10.52
N GLU BA 129 -100.06 -38.25 10.29
CA GLU BA 129 -101.21 -38.17 9.40
C GLU BA 129 -102.16 -37.00 9.74
N ASP BA 130 -102.70 -37.00 10.95
CA ASP BA 130 -103.71 -36.02 11.33
C ASP BA 130 -103.20 -34.59 11.27
N LEU BA 131 -101.91 -34.37 11.05
CA LEU BA 131 -101.29 -33.06 11.07
C LEU BA 131 -101.41 -32.38 12.44
N ARG BA 132 -101.52 -33.13 13.50
CA ARG BA 132 -101.61 -32.53 14.82
C ARG BA 132 -100.62 -33.13 15.81
N SER BA 133 -100.06 -34.27 15.48
CA SER BA 133 -99.19 -35.08 16.32
C SER BA 133 -97.82 -35.20 15.67
N TRP BA 134 -96.87 -35.62 16.47
CA TRP BA 134 -95.54 -35.89 15.98
C TRP BA 134 -95.12 -37.32 16.34
N THR BA 135 -94.12 -37.80 15.64
CA THR BA 135 -93.51 -39.09 15.94
C THR BA 135 -92.01 -38.91 15.97
N ALA BA 136 -91.41 -39.13 17.14
CA ALA BA 136 -89.96 -39.16 17.30
C ALA BA 136 -89.48 -40.60 17.18
N ALA BA 137 -88.30 -40.76 16.59
CA ALA BA 137 -87.77 -42.08 16.31
C ALA BA 137 -86.84 -42.59 17.40
N ASP BA 138 -86.16 -41.69 18.08
CA ASP BA 138 -85.30 -42.15 19.16
C ASP BA 138 -85.52 -41.25 20.35
N MET BA 139 -84.74 -41.44 21.41
CA MET BA 139 -85.01 -40.60 22.55
C MET BA 139 -84.44 -39.19 22.38
N ALA BA 140 -83.42 -38.98 21.55
CA ALA BA 140 -82.92 -37.62 21.37
C ALA BA 140 -83.95 -36.75 20.68
N ALA BA 141 -84.58 -37.31 19.65
CA ALA BA 141 -85.64 -36.61 18.97
C ALA BA 141 -86.82 -36.42 19.89
N GLN BA 142 -86.92 -37.22 20.96
CA GLN BA 142 -88.02 -37.04 21.88
C GLN BA 142 -88.03 -35.67 22.55
N ILE BA 143 -86.85 -35.03 22.70
CA ILE BA 143 -86.78 -33.65 23.20
C ILE BA 143 -87.30 -32.65 22.18
N THR BA 144 -86.97 -32.86 20.90
CA THR BA 144 -87.56 -32.03 19.86
C THR BA 144 -89.07 -32.20 19.87
N LYS BA 145 -89.55 -33.46 19.89
CA LYS BA 145 -90.99 -33.70 19.96
C LYS BA 145 -91.65 -32.95 21.11
N ARG BA 146 -91.02 -32.92 22.29
CA ARG BA 146 -91.66 -32.19 23.39
C ARG BA 146 -91.65 -30.67 23.14
N LYS BA 147 -90.53 -30.12 22.64
CA LYS BA 147 -90.40 -28.66 22.50
C LYS BA 147 -91.36 -28.10 21.47
N TRP BA 148 -91.58 -28.84 20.40
CA TRP BA 148 -92.48 -28.43 19.35
C TRP BA 148 -93.93 -28.60 19.79
N GLU BA 149 -94.21 -29.59 20.63
CA GLU BA 149 -95.55 -29.74 21.17
C GLU BA 149 -95.86 -28.55 22.07
N ALA BA 150 -94.83 -27.86 22.49
CA ALA BA 150 -95.02 -26.75 23.41
C ALA BA 150 -95.39 -25.49 22.66
N ALA BA 151 -94.58 -25.09 21.68
CA ALA BA 151 -94.84 -23.93 20.84
C ALA BA 151 -95.91 -24.15 19.77
N HIS BA 152 -96.50 -25.35 19.68
CA HIS BA 152 -97.58 -25.65 18.74
C HIS BA 152 -97.10 -25.53 17.30
N GLU BA 153 -95.87 -25.99 17.06
CA GLU BA 153 -95.36 -26.06 15.71
C GLU BA 153 -96.17 -27.05 14.90
N ALA BA 154 -96.94 -27.92 15.57
CA ALA BA 154 -97.77 -28.86 14.85
C ALA BA 154 -98.90 -28.14 14.12
N GLU BA 155 -99.59 -27.24 14.79
CA GLU BA 155 -100.79 -26.66 14.18
C GLU BA 155 -100.45 -25.55 13.19
N GLN BA 156 -99.46 -24.72 13.49
CA GLN BA 156 -99.06 -23.73 12.49
C GLN BA 156 -98.30 -24.30 11.32
N LEU BA 157 -97.88 -25.55 11.35
CA LEU BA 157 -97.35 -26.13 10.13
C LEU BA 157 -98.49 -26.66 9.29
N ARG BA 158 -99.58 -27.03 9.95
CA ARG BA 158 -100.82 -27.29 9.24
C ARG BA 158 -101.29 -26.03 8.50
N ALA BA 159 -101.14 -24.87 9.14
CA ALA BA 159 -101.56 -23.60 8.56
C ALA BA 159 -100.94 -23.36 7.18
N TYR BA 160 -99.62 -23.38 7.11
CA TYR BA 160 -98.93 -23.32 5.83
C TYR BA 160 -99.41 -24.40 4.87
N LEU BA 161 -99.46 -25.67 5.31
CA LEU BA 161 -99.65 -26.75 4.35
C LEU BA 161 -101.00 -26.78 3.63
N ASP BA 162 -102.10 -26.34 4.26
CA ASP BA 162 -103.37 -26.29 3.53
C ASP BA 162 -103.86 -24.86 3.29
N GLY BA 163 -103.00 -23.87 3.54
CA GLY BA 163 -103.32 -22.52 3.18
C GLY BA 163 -102.29 -22.10 2.16
N THR BA 164 -101.24 -21.42 2.62
CA THR BA 164 -100.30 -20.80 1.70
C THR BA 164 -99.70 -21.79 0.71
N CYS BA 165 -99.41 -23.02 1.15
CA CYS BA 165 -98.80 -24.02 0.27
C CYS BA 165 -99.78 -24.47 -0.81
N VAL BA 166 -101.01 -24.79 -0.43
CA VAL BA 166 -101.91 -25.32 -1.46
C VAL BA 166 -102.23 -24.22 -2.48
N GLU BA 167 -102.32 -22.96 -2.04
CA GLU BA 167 -102.55 -21.89 -3.00
C GLU BA 167 -101.46 -21.87 -4.07
N TRP BA 168 -100.23 -21.57 -3.65
CA TRP BA 168 -99.11 -21.40 -4.57
C TRP BA 168 -98.81 -22.66 -5.37
N LEU BA 169 -99.37 -23.80 -4.98
CA LEU BA 169 -99.34 -24.93 -5.91
C LEU BA 169 -100.21 -24.63 -7.12
N ARG BA 170 -101.44 -24.15 -6.91
CA ARG BA 170 -102.29 -23.84 -8.05
C ARG BA 170 -101.62 -22.82 -8.95
N ARG BA 171 -101.14 -21.73 -8.35
CA ARG BA 171 -100.48 -20.68 -9.12
C ARG BA 171 -99.28 -21.19 -9.88
N TYR BA 172 -98.48 -22.04 -9.25
CA TYR BA 172 -97.43 -22.66 -10.03
C TYR BA 172 -98.03 -23.53 -11.16
N LEU BA 173 -99.18 -24.19 -10.90
CA LEU BA 173 -99.76 -25.10 -11.89
C LEU BA 173 -100.41 -24.36 -13.05
N GLU BA 174 -100.55 -23.07 -12.93
CA GLU BA 174 -101.16 -22.34 -14.00
C GLU BA 174 -100.16 -21.46 -14.71
N ASN BA 175 -99.29 -20.81 -13.97
CA ASN BA 175 -98.20 -20.08 -14.57
C ASN BA 175 -97.33 -20.98 -15.43
N GLY BA 176 -97.47 -22.29 -15.27
CA GLY BA 176 -96.81 -23.20 -16.19
C GLY BA 176 -97.69 -24.32 -16.70
N LYS BA 177 -99.01 -24.13 -16.72
CA LYS BA 177 -99.88 -25.19 -17.19
C LYS BA 177 -99.43 -25.72 -18.56
N GLU BA 178 -98.62 -24.93 -19.30
CA GLU BA 178 -98.12 -25.34 -20.61
C GLU BA 178 -97.22 -26.56 -20.49
N THR BA 179 -96.39 -26.61 -19.43
CA THR BA 179 -95.32 -27.60 -19.30
C THR BA 179 -95.52 -28.58 -18.17
N LEU BA 180 -96.39 -28.26 -17.21
CA LEU BA 180 -96.53 -29.09 -16.04
C LEU BA 180 -97.70 -30.03 -16.21
N GLN BA 181 -98.63 -29.67 -17.07
CA GLN BA 181 -99.84 -30.44 -17.27
C GLN BA 181 -99.70 -31.50 -18.37
N ARG BA 182 -98.64 -31.42 -19.20
CA ARG BA 182 -98.42 -32.39 -20.29
C ARG BA 182 -98.35 -33.80 -19.72
N THR BA 183 -98.87 -34.78 -20.47
CA THR BA 183 -98.71 -36.20 -20.13
C THR BA 183 -98.15 -36.88 -21.38
N ASP BA 184 -96.84 -37.12 -21.39
CA ASP BA 184 -96.04 -37.61 -22.51
C ASP BA 184 -96.05 -39.14 -22.51
N PRO BA 185 -96.31 -39.78 -23.63
CA PRO BA 185 -96.39 -41.23 -23.63
C PRO BA 185 -95.00 -41.83 -23.73
N PRO BA 186 -94.78 -43.03 -23.19
CA PRO BA 186 -93.49 -43.70 -23.37
C PRO BA 186 -93.36 -44.31 -24.76
N LYS BA 187 -92.33 -43.90 -25.49
CA LYS BA 187 -91.99 -44.46 -26.80
C LYS BA 187 -91.22 -45.76 -26.54
N THR BA 188 -91.84 -46.90 -26.85
CA THR BA 188 -91.39 -48.22 -26.45
C THR BA 188 -90.65 -48.95 -27.57
N HIS BA 189 -89.76 -49.87 -27.20
CA HIS BA 189 -89.13 -50.77 -28.15
C HIS BA 189 -88.38 -51.85 -27.39
N MET BA 190 -88.20 -53.00 -28.03
CA MET BA 190 -87.54 -54.16 -27.42
C MET BA 190 -86.23 -54.49 -28.11
N THR BA 191 -85.29 -55.03 -27.36
CA THR BA 191 -84.03 -55.47 -27.93
C THR BA 191 -83.79 -56.92 -27.53
N HIS BA 192 -82.85 -57.55 -28.23
CA HIS BA 192 -82.51 -58.94 -28.02
C HIS BA 192 -81.01 -59.13 -28.15
N HIS BA 193 -80.40 -59.74 -27.13
CA HIS BA 193 -78.97 -59.97 -27.07
C HIS BA 193 -78.72 -61.40 -26.62
N PRO BA 194 -78.17 -62.27 -27.48
CA PRO BA 194 -77.84 -63.64 -27.03
C PRO BA 194 -76.64 -63.60 -26.10
N ILE BA 195 -76.75 -64.32 -24.99
CA ILE BA 195 -75.66 -64.42 -24.02
C ILE BA 195 -74.92 -65.76 -24.14
N SER BA 196 -75.61 -66.80 -24.62
CA SER BA 196 -75.01 -68.11 -24.82
C SER BA 196 -75.72 -68.84 -25.96
N ASP BA 197 -75.32 -70.09 -26.17
CA ASP BA 197 -75.98 -70.91 -27.19
C ASP BA 197 -77.38 -71.33 -26.76
N HIS BA 198 -77.73 -71.16 -25.49
CA HIS BA 198 -78.98 -71.65 -24.95
C HIS BA 198 -79.76 -70.57 -24.24
N GLU BA 199 -79.21 -69.36 -24.15
CA GLU BA 199 -79.82 -68.27 -23.40
C GLU BA 199 -79.67 -66.98 -24.20
N ALA BA 200 -80.64 -66.07 -24.04
CA ALA BA 200 -80.61 -64.73 -24.62
C ALA BA 200 -81.43 -63.80 -23.73
N THR BA 201 -81.19 -62.50 -23.82
CA THR BA 201 -81.84 -61.52 -22.94
C THR BA 201 -82.71 -60.59 -23.79
N LEU BA 202 -84.00 -60.49 -23.44
CA LEU BA 202 -84.94 -59.60 -24.11
C LEU BA 202 -85.14 -58.35 -23.25
N ARG BA 203 -84.69 -57.20 -23.77
CA ARG BA 203 -84.66 -55.95 -23.01
C ARG BA 203 -85.71 -55.00 -23.58
N CYS BA 204 -86.64 -54.61 -22.72
CA CYS BA 204 -87.80 -53.80 -23.08
C CYS BA 204 -87.56 -52.36 -22.62
N TRP BA 205 -87.45 -51.43 -23.56
CA TRP BA 205 -87.13 -50.05 -23.21
C TRP BA 205 -88.42 -49.24 -23.13
N ALA BA 206 -88.30 -48.01 -22.65
CA ALA BA 206 -89.40 -47.06 -22.69
C ALA BA 206 -88.75 -45.71 -22.46
N LEU BA 207 -88.69 -44.88 -23.49
CA LEU BA 207 -88.00 -43.61 -23.40
C LEU BA 207 -89.00 -42.47 -23.54
N GLY BA 208 -88.61 -41.28 -23.07
CA GLY BA 208 -89.34 -40.02 -23.21
C GLY BA 208 -90.70 -39.88 -22.56
N PHE BA 209 -90.90 -40.41 -21.35
CA PHE BA 209 -92.17 -40.32 -20.66
C PHE BA 209 -92.17 -39.29 -19.53
N TYR BA 210 -93.35 -38.87 -19.20
CA TYR BA 210 -93.67 -37.91 -18.18
C TYR BA 210 -95.13 -38.09 -17.80
N PRO BA 211 -95.47 -38.17 -16.53
CA PRO BA 211 -94.59 -38.04 -15.36
C PRO BA 211 -93.80 -39.31 -15.10
N ALA BA 212 -93.05 -39.40 -13.99
CA ALA BA 212 -92.05 -40.46 -13.86
C ALA BA 212 -92.67 -41.79 -13.48
N GLU BA 213 -93.92 -41.77 -13.01
CA GLU BA 213 -94.62 -43.01 -12.76
C GLU BA 213 -94.72 -43.85 -14.01
N ILE BA 214 -94.24 -45.10 -13.95
CA ILE BA 214 -94.41 -46.05 -15.04
C ILE BA 214 -94.33 -47.44 -14.45
N THR BA 215 -94.94 -48.41 -15.14
CA THR BA 215 -94.91 -49.80 -14.66
C THR BA 215 -94.65 -50.75 -15.82
N LEU BA 216 -93.56 -51.53 -15.68
CA LEU BA 216 -93.13 -52.53 -16.65
C LEU BA 216 -93.25 -53.92 -16.04
N THR BA 217 -94.05 -54.80 -16.65
CA THR BA 217 -94.23 -56.17 -16.18
C THR BA 217 -94.02 -57.19 -17.29
N TRP BA 218 -93.09 -58.13 -17.07
CA TRP BA 218 -92.83 -59.20 -18.03
C TRP BA 218 -93.83 -60.32 -17.78
N GLN BA 219 -94.57 -60.72 -18.82
CA GLN BA 219 -95.56 -61.79 -18.71
C GLN BA 219 -95.18 -62.92 -19.68
N ARG BA 220 -94.99 -64.14 -19.14
CA ARG BA 220 -94.70 -65.33 -19.94
C ARG BA 220 -96.00 -66.13 -20.06
N ASP BA 221 -96.65 -66.01 -21.21
CA ASP BA 221 -97.92 -66.69 -21.47
C ASP BA 221 -98.94 -66.40 -20.35
N GLY BA 222 -98.95 -65.16 -19.88
CA GLY BA 222 -99.89 -64.73 -18.86
C GLY BA 222 -99.34 -64.76 -17.45
N GLU BA 223 -98.19 -65.40 -17.23
CA GLU BA 223 -97.56 -65.55 -15.93
C GLU BA 223 -96.39 -64.58 -15.79
N ASP BA 224 -96.33 -63.88 -14.66
CA ASP BA 224 -95.30 -62.86 -14.49
C ASP BA 224 -93.99 -63.49 -14.04
N GLN BA 225 -92.89 -63.04 -14.63
CA GLN BA 225 -91.57 -63.56 -14.28
C GLN BA 225 -90.97 -62.72 -13.16
N THR BA 226 -91.71 -62.67 -12.05
CA THR BA 226 -91.26 -61.89 -10.91
C THR BA 226 -89.90 -62.34 -10.41
N GLN BA 227 -89.50 -63.58 -10.71
CA GLN BA 227 -88.23 -64.13 -10.27
C GLN BA 227 -87.16 -64.21 -11.38
N ASP BA 228 -87.39 -63.58 -12.54
CA ASP BA 228 -86.46 -63.67 -13.66
C ASP BA 228 -86.11 -62.32 -14.25
N THR BA 229 -86.73 -61.25 -13.78
CA THR BA 229 -86.63 -59.90 -14.33
C THR BA 229 -85.60 -59.02 -13.61
N GLU BA 230 -84.92 -58.18 -14.39
CA GLU BA 230 -84.07 -57.08 -13.90
C GLU BA 230 -84.76 -55.76 -14.20
N LEU BA 231 -85.00 -54.95 -13.18
CA LEU BA 231 -85.60 -53.64 -13.39
C LEU BA 231 -84.61 -52.59 -12.90
N VAL BA 232 -84.35 -51.55 -13.71
CA VAL BA 232 -83.40 -50.51 -13.33
C VAL BA 232 -84.15 -49.26 -12.87
N GLU BA 233 -83.41 -48.40 -12.17
CA GLU BA 233 -83.93 -47.12 -11.70
C GLU BA 233 -84.48 -46.28 -12.84
N THR BA 234 -85.67 -45.72 -12.65
CA THR BA 234 -86.11 -44.62 -13.51
C THR BA 234 -85.07 -43.50 -13.51
N ARG BA 235 -84.58 -43.17 -14.70
CA ARG BA 235 -83.51 -42.20 -14.77
C ARG BA 235 -83.96 -41.01 -15.61
N PRO BA 236 -83.45 -39.82 -15.29
CA PRO BA 236 -83.83 -38.63 -16.06
C PRO BA 236 -83.07 -38.58 -17.37
N ALA BA 237 -83.75 -38.12 -18.44
CA ALA BA 237 -83.02 -37.85 -19.69
C ALA BA 237 -82.19 -36.59 -19.58
N GLY BA 238 -82.57 -35.68 -18.70
CA GLY BA 238 -81.91 -34.42 -18.58
C GLY BA 238 -82.67 -33.30 -19.19
N ASP BA 239 -83.86 -33.59 -19.73
CA ASP BA 239 -84.65 -32.63 -20.48
C ASP BA 239 -86.08 -32.55 -19.98
N GLY BA 240 -86.42 -33.25 -18.89
CA GLY BA 240 -87.78 -33.36 -18.42
C GLY BA 240 -88.45 -34.69 -18.68
N THR BA 241 -87.78 -35.63 -19.32
CA THR BA 241 -88.36 -36.95 -19.45
C THR BA 241 -87.46 -37.97 -18.78
N PHE BA 242 -88.01 -39.19 -18.74
CA PHE BA 242 -87.48 -40.29 -17.96
C PHE BA 242 -87.31 -41.52 -18.83
N GLN BA 243 -86.51 -42.45 -18.34
CA GLN BA 243 -86.24 -43.68 -19.07
C GLN BA 243 -86.25 -44.82 -18.07
N LYS BA 244 -86.82 -45.95 -18.44
CA LYS BA 244 -86.76 -47.12 -17.58
C LYS BA 244 -86.80 -48.34 -18.46
N TRP BA 245 -86.04 -49.37 -18.09
CA TRP BA 245 -86.02 -50.58 -18.89
C TRP BA 245 -85.99 -51.80 -17.97
N ALA BA 246 -86.58 -52.90 -18.47
CA ALA BA 246 -86.58 -54.19 -17.79
C ALA BA 246 -86.13 -55.28 -18.76
N ALA BA 247 -85.51 -56.33 -18.23
CA ALA BA 247 -85.04 -57.40 -19.08
C ALA BA 247 -85.38 -58.73 -18.44
N VAL BA 248 -85.57 -59.76 -19.26
CA VAL BA 248 -85.85 -61.09 -18.78
C VAL BA 248 -84.91 -62.03 -19.51
N VAL BA 249 -84.40 -63.03 -18.79
CA VAL BA 249 -83.50 -64.04 -19.42
C VAL BA 249 -84.37 -65.14 -20.01
N VAL BA 250 -84.32 -65.31 -21.32
CA VAL BA 250 -85.23 -66.30 -21.97
C VAL BA 250 -84.40 -67.41 -22.60
N PRO BA 251 -84.93 -68.64 -22.71
CA PRO BA 251 -84.21 -69.72 -23.35
C PRO BA 251 -84.05 -69.40 -24.84
N SER BA 252 -82.89 -69.73 -25.42
CA SER BA 252 -82.65 -69.46 -26.86
C SER BA 252 -83.71 -70.16 -27.71
N GLY BA 253 -84.62 -69.40 -28.32
CA GLY BA 253 -85.63 -69.98 -29.22
C GLY BA 253 -87.06 -69.76 -28.75
N GLU BA 254 -87.32 -69.93 -27.45
CA GLU BA 254 -88.72 -69.82 -26.94
C GLU BA 254 -89.03 -68.34 -26.66
N GLU BA 255 -88.38 -67.42 -27.37
CA GLU BA 255 -88.57 -65.98 -27.09
C GLU BA 255 -90.03 -65.59 -27.34
N GLN BA 256 -90.64 -66.11 -28.41
CA GLN BA 256 -92.02 -65.69 -28.76
C GLN BA 256 -92.96 -65.85 -27.55
N ARG BA 257 -92.74 -66.88 -26.74
CA ARG BA 257 -93.68 -67.18 -25.62
C ARG BA 257 -93.80 -66.01 -24.63
N TYR BA 258 -92.74 -65.22 -24.46
CA TYR BA 258 -92.78 -64.18 -23.41
C TYR BA 258 -93.37 -62.89 -23.95
N THR BA 259 -93.86 -62.02 -23.06
CA THR BA 259 -94.37 -60.72 -23.46
C THR BA 259 -94.21 -59.68 -22.36
N CYS BA 260 -94.09 -58.42 -22.78
CA CYS BA 260 -93.80 -57.26 -21.96
C CYS BA 260 -94.99 -56.29 -21.95
N HIS BA 261 -95.32 -55.70 -20.78
CA HIS BA 261 -96.49 -54.81 -20.68
C HIS BA 261 -96.14 -53.46 -20.06
N VAL BA 262 -96.39 -52.39 -20.81
CA VAL BA 262 -96.01 -51.02 -20.44
C VAL BA 262 -97.28 -50.29 -20.05
N GLN BA 263 -97.29 -49.67 -18.88
CA GLN BA 263 -98.47 -48.96 -18.39
C GLN BA 263 -98.07 -47.58 -17.87
N HIS BA 264 -98.61 -46.52 -18.49
CA HIS BA 264 -98.28 -45.15 -18.12
C HIS BA 264 -99.59 -44.40 -18.16
N GLU BA 265 -99.61 -43.21 -17.54
CA GLU BA 265 -100.82 -42.39 -17.59
C GLU BA 265 -101.00 -41.76 -18.97
N GLY BA 266 -99.90 -41.52 -19.68
CA GLY BA 266 -99.85 -40.95 -21.01
C GLY BA 266 -100.03 -41.95 -22.12
N LEU BA 267 -100.33 -43.24 -21.79
CA LEU BA 267 -100.65 -44.30 -22.72
C LEU BA 267 -102.15 -44.56 -22.73
N PRO BA 268 -102.76 -44.54 -23.90
CA PRO BA 268 -104.22 -44.74 -24.00
C PRO BA 268 -104.68 -46.00 -23.29
N LYS BA 269 -104.11 -47.10 -23.75
CA LYS BA 269 -104.28 -48.46 -23.25
C LYS BA 269 -102.91 -49.11 -23.16
N PRO BA 270 -102.72 -50.02 -22.19
CA PRO BA 270 -101.42 -50.69 -22.08
C PRO BA 270 -100.98 -51.29 -23.41
N LEU BA 271 -99.72 -51.02 -23.77
CA LEU BA 271 -99.11 -51.63 -24.95
C LEU BA 271 -98.58 -53.00 -24.57
N THR BA 272 -98.72 -53.97 -25.47
CA THR BA 272 -98.09 -55.28 -25.27
C THR BA 272 -97.13 -55.59 -26.41
N LEU BA 273 -95.85 -55.80 -26.06
CA LEU BA 273 -94.76 -56.04 -26.99
C LEU BA 273 -94.18 -57.43 -26.76
N ARG BA 274 -93.79 -58.11 -27.83
CA ARG BA 274 -93.12 -59.42 -27.74
C ARG BA 274 -92.08 -59.46 -28.85
N TRP BA 275 -91.38 -60.59 -28.97
CA TRP BA 275 -90.32 -60.71 -29.97
C TRP BA 275 -90.90 -61.07 -31.34
N GLU BA 276 -90.07 -60.86 -32.38
CA GLU BA 276 -90.41 -61.15 -33.78
C GLU BA 276 -89.12 -61.64 -34.46
N LEU BA 277 -89.05 -62.97 -34.63
CA LEU BA 277 -88.02 -63.66 -35.44
C LEU BA 277 -87.79 -63.19 -36.89
N ILE CA 2 -74.72 -46.89 8.72
CA ILE CA 2 -74.72 -45.43 8.58
C ILE CA 2 -74.39 -44.99 7.14
N GLN CA 3 -74.13 -45.96 6.27
CA GLN CA 3 -73.57 -45.69 4.94
C GLN CA 3 -74.05 -46.68 3.89
N ARG CA 4 -74.51 -46.15 2.74
CA ARG CA 4 -74.85 -46.96 1.59
C ARG CA 4 -74.13 -46.50 0.33
N THR CA 5 -73.88 -47.49 -0.53
CA THR CA 5 -73.10 -47.44 -1.76
C THR CA 5 -73.92 -46.95 -2.95
N PRO CA 6 -73.31 -46.10 -3.79
CA PRO CA 6 -74.00 -45.60 -4.99
C PRO CA 6 -74.22 -46.69 -6.03
N LYS CA 7 -75.34 -46.59 -6.73
CA LYS CA 7 -75.66 -47.40 -7.90
C LYS CA 7 -75.53 -46.47 -9.09
N ILE CA 8 -74.86 -46.93 -10.15
CA ILE CA 8 -74.47 -46.06 -11.27
C ILE CA 8 -75.22 -46.45 -12.53
N GLN CA 9 -75.71 -45.44 -13.27
CA GLN CA 9 -76.24 -45.64 -14.62
C GLN CA 9 -75.63 -44.64 -15.59
N VAL CA 10 -74.96 -45.16 -16.62
CA VAL CA 10 -74.32 -44.38 -17.67
C VAL CA 10 -75.10 -44.60 -18.94
N TYR CA 11 -75.43 -43.53 -19.62
CA TYR CA 11 -76.27 -43.66 -20.81
C TYR CA 11 -76.27 -42.35 -21.59
N SER CA 12 -77.06 -42.39 -22.66
CA SER CA 12 -77.29 -41.28 -23.57
C SER CA 12 -78.75 -40.85 -23.48
N ARG CA 13 -78.95 -39.54 -23.63
CA ARG CA 13 -80.29 -38.98 -23.49
C ARG CA 13 -81.23 -39.55 -24.55
N HIS CA 14 -80.83 -39.45 -25.80
CA HIS CA 14 -81.53 -39.95 -26.98
C HIS CA 14 -80.85 -41.19 -27.52
N PRO CA 15 -81.50 -41.92 -28.40
CA PRO CA 15 -80.80 -42.97 -29.14
C PRO CA 15 -79.55 -42.44 -29.82
N ALA CA 16 -78.44 -43.16 -29.66
CA ALA CA 16 -77.13 -42.71 -30.10
C ALA CA 16 -76.92 -43.06 -31.55
N GLU CA 17 -76.56 -42.06 -32.36
CA GLU CA 17 -76.21 -42.28 -33.75
C GLU CA 17 -74.92 -41.54 -34.06
N ASN CA 18 -73.95 -42.26 -34.64
CA ASN CA 18 -72.61 -41.70 -34.82
C ASN CA 18 -72.67 -40.39 -35.58
N GLY CA 19 -71.90 -39.41 -35.10
CA GLY CA 19 -71.82 -38.10 -35.69
C GLY CA 19 -72.89 -37.11 -35.29
N LYS CA 20 -74.04 -37.56 -34.79
CA LYS CA 20 -75.15 -36.66 -34.45
C LYS CA 20 -75.11 -36.31 -32.96
N SER CA 21 -75.18 -35.00 -32.65
CA SER CA 21 -74.94 -34.49 -31.30
C SER CA 21 -75.97 -34.97 -30.28
N ASN CA 22 -75.47 -35.35 -29.12
CA ASN CA 22 -76.31 -35.91 -28.08
C ASN CA 22 -75.74 -35.53 -26.72
N PHE CA 23 -76.25 -36.18 -25.68
CA PHE CA 23 -75.81 -35.95 -24.31
C PHE CA 23 -75.44 -37.27 -23.66
N LEU CA 24 -74.32 -37.24 -22.98
CA LEU CA 24 -73.84 -38.36 -22.19
C LEU CA 24 -74.24 -38.12 -20.76
N ASN CA 25 -74.97 -39.07 -20.19
CA ASN CA 25 -75.44 -38.95 -18.82
C ASN CA 25 -74.87 -40.07 -17.94
N CYS CA 26 -74.48 -39.68 -16.73
CA CYS CA 26 -74.06 -40.63 -15.71
C CYS CA 26 -74.93 -40.33 -14.49
N TYR CA 27 -75.76 -41.30 -14.12
CA TYR CA 27 -76.73 -41.19 -13.03
C TYR CA 27 -76.24 -42.01 -11.85
N VAL CA 28 -75.98 -41.35 -10.71
CA VAL CA 28 -75.52 -42.02 -9.49
C VAL CA 28 -76.61 -41.93 -8.41
N SER CA 29 -77.13 -43.08 -7.99
CA SER CA 29 -78.30 -43.11 -7.11
C SER CA 29 -78.14 -44.10 -5.97
N GLY CA 30 -78.86 -43.81 -4.87
CA GLY CA 30 -78.93 -44.67 -3.70
C GLY CA 30 -77.75 -44.60 -2.75
N PHE CA 31 -77.03 -43.48 -2.72
CA PHE CA 31 -75.80 -43.37 -1.94
C PHE CA 31 -75.95 -42.41 -0.77
N HIS CA 32 -75.21 -42.70 0.32
CA HIS CA 32 -75.13 -41.93 1.59
C HIS CA 32 -73.77 -42.04 2.25
N PRO CA 33 -73.13 -40.91 2.69
CA PRO CA 33 -73.50 -39.50 2.72
C PRO CA 33 -73.20 -38.81 1.42
N SER CA 34 -73.26 -37.49 1.42
CA SER CA 34 -73.37 -36.71 0.18
C SER CA 34 -72.07 -36.59 -0.59
N ASP CA 35 -70.94 -36.73 0.06
CA ASP CA 35 -69.68 -36.52 -0.64
C ASP CA 35 -69.45 -37.66 -1.63
N ILE CA 36 -69.47 -37.34 -2.94
CA ILE CA 36 -69.23 -38.30 -4.01
C ILE CA 36 -68.46 -37.61 -5.14
N GLU CA 37 -67.54 -38.33 -5.76
CA GLU CA 37 -66.73 -37.81 -6.86
C GLU CA 37 -67.17 -38.52 -8.13
N VAL CA 38 -67.56 -37.74 -9.14
CA VAL CA 38 -68.06 -38.28 -10.41
C VAL CA 38 -67.35 -37.57 -11.56
N ASP CA 39 -66.70 -38.35 -12.45
CA ASP CA 39 -66.08 -37.85 -13.67
C ASP CA 39 -66.46 -38.64 -14.92
N LEU CA 40 -66.67 -37.90 -16.02
CA LEU CA 40 -66.96 -38.42 -17.35
C LEU CA 40 -65.66 -38.63 -18.14
N LEU CA 41 -65.53 -39.79 -18.78
CA LEU CA 41 -64.29 -40.21 -19.44
C LEU CA 41 -64.47 -40.44 -20.93
N LYS CA 42 -63.50 -39.95 -21.71
CA LYS CA 42 -63.34 -40.22 -23.14
C LYS CA 42 -61.93 -40.75 -23.37
N ASN CA 43 -61.82 -42.01 -23.74
CA ASN CA 43 -60.52 -42.63 -24.01
C ASN CA 43 -59.59 -42.54 -22.81
N GLY CA 44 -60.14 -42.71 -21.61
CA GLY CA 44 -59.35 -42.76 -20.40
C GLY CA 44 -59.00 -41.45 -19.74
N GLU CA 45 -59.39 -40.31 -20.31
CA GLU CA 45 -59.02 -39.01 -19.78
C GLU CA 45 -60.23 -38.24 -19.24
N ARG CA 46 -59.94 -37.37 -18.29
CA ARG CA 46 -60.97 -36.59 -17.60
C ARG CA 46 -61.52 -35.49 -18.51
N ILE CA 47 -62.84 -35.53 -18.77
CA ILE CA 47 -63.50 -34.47 -19.54
C ILE CA 47 -63.65 -33.20 -18.71
N GLU CA 48 -63.52 -32.04 -19.36
CA GLU CA 48 -63.35 -30.77 -18.64
C GLU CA 48 -64.65 -30.06 -18.29
N LYS CA 49 -65.51 -29.78 -19.27
CA LYS CA 49 -66.76 -29.08 -19.00
C LYS CA 49 -67.83 -30.12 -18.64
N VAL CA 50 -68.18 -30.22 -17.35
CA VAL CA 50 -69.20 -31.17 -16.91
C VAL CA 50 -70.14 -30.46 -15.94
N GLU CA 51 -71.43 -30.52 -16.22
CA GLU CA 51 -72.44 -30.02 -15.29
C GLU CA 51 -73.15 -31.18 -14.62
N HIS CA 52 -73.73 -30.86 -13.46
CA HIS CA 52 -74.47 -31.80 -12.65
C HIS CA 52 -75.71 -31.13 -12.07
N SER CA 53 -76.67 -31.95 -11.65
CA SER CA 53 -77.92 -31.49 -11.08
C SER CA 53 -77.73 -31.06 -9.61
N ASP CA 54 -78.77 -30.41 -9.06
CA ASP CA 54 -78.79 -29.99 -7.65
C ASP CA 54 -79.15 -31.16 -6.75
N LEU CA 55 -78.38 -31.31 -5.67
CA LEU CA 55 -78.51 -32.48 -4.81
C LEU CA 55 -79.89 -32.62 -4.22
N SER CA 56 -80.44 -33.80 -4.39
CA SER CA 56 -81.71 -34.10 -3.80
C SER CA 56 -81.62 -35.54 -3.32
N PHE CA 57 -82.67 -36.00 -2.66
CA PHE CA 57 -82.62 -37.29 -2.00
C PHE CA 57 -83.97 -38.00 -2.08
N SER CA 58 -83.93 -39.32 -1.83
CA SER CA 58 -85.12 -40.15 -2.03
C SER CA 58 -85.97 -40.17 -0.76
N LYS CA 59 -87.02 -40.99 -0.74
CA LYS CA 59 -87.70 -41.19 0.53
C LYS CA 59 -86.89 -42.10 1.46
N ASP CA 60 -85.99 -42.93 0.92
CA ASP CA 60 -85.10 -43.68 1.80
C ASP CA 60 -83.87 -42.87 2.27
N TRP CA 61 -83.86 -41.57 2.00
CA TRP CA 61 -82.85 -40.61 2.45
C TRP CA 61 -81.53 -40.72 1.70
N SER CA 62 -81.43 -41.60 0.71
CA SER CA 62 -80.20 -41.69 -0.05
C SER CA 62 -80.15 -40.60 -1.10
N PHE CA 63 -78.95 -40.22 -1.46
CA PHE CA 63 -78.87 -39.16 -2.43
C PHE CA 63 -78.93 -39.73 -3.84
N TYR CA 64 -79.27 -38.86 -4.80
CA TYR CA 64 -79.21 -39.23 -6.21
C TYR CA 64 -78.84 -37.99 -7.01
N LEU CA 65 -77.93 -38.18 -7.96
CA LEU CA 65 -77.38 -37.09 -8.76
C LEU CA 65 -77.33 -37.45 -10.24
N LEU CA 66 -77.43 -36.42 -11.07
CA LEU CA 66 -77.23 -36.60 -12.49
C LEU CA 66 -76.18 -35.62 -12.99
N TYR CA 67 -75.07 -36.16 -13.50
CA TYR CA 67 -74.02 -35.38 -14.17
C TYR CA 67 -74.14 -35.58 -15.69
N TYR CA 68 -74.08 -34.48 -16.45
CA TYR CA 68 -74.23 -34.57 -17.89
C TYR CA 68 -73.25 -33.64 -18.61
N THR CA 69 -73.00 -33.97 -19.87
CA THR CA 69 -72.21 -33.15 -20.79
C THR CA 69 -72.61 -33.47 -22.23
N GLU CA 70 -72.54 -32.45 -23.07
CA GLU CA 70 -72.79 -32.68 -24.50
C GLU CA 70 -71.60 -33.38 -25.14
N PHE CA 71 -71.90 -34.32 -26.03
CA PHE CA 71 -70.87 -35.04 -26.75
C PHE CA 71 -71.39 -35.41 -28.14
N THR CA 72 -70.44 -35.66 -29.03
CA THR CA 72 -70.75 -36.17 -30.37
C THR CA 72 -70.10 -37.52 -30.53
N PRO CA 73 -70.88 -38.59 -30.50
CA PRO CA 73 -70.34 -39.96 -30.53
C PRO CA 73 -69.77 -40.27 -31.91
N THR CA 74 -68.50 -40.68 -31.94
CA THR CA 74 -67.88 -41.31 -33.10
C THR CA 74 -67.77 -42.83 -32.90
N GLU CA 75 -67.16 -43.51 -33.87
CA GLU CA 75 -66.89 -44.94 -33.74
C GLU CA 75 -65.58 -45.27 -33.05
N LYS CA 76 -64.59 -44.38 -33.10
CA LYS CA 76 -63.30 -44.56 -32.45
C LYS CA 76 -63.22 -43.89 -31.06
N ASP CA 77 -64.38 -43.71 -30.40
CA ASP CA 77 -64.45 -43.13 -29.06
C ASP CA 77 -65.20 -44.07 -28.10
N GLU CA 78 -64.56 -44.37 -26.97
CA GLU CA 78 -65.17 -45.11 -25.89
C GLU CA 78 -65.45 -44.11 -24.78
N TYR CA 79 -66.62 -44.18 -24.19
CA TYR CA 79 -66.99 -43.25 -23.15
C TYR CA 79 -67.22 -44.03 -21.85
N ALA CA 80 -66.79 -43.43 -20.73
CA ALA CA 80 -66.82 -44.11 -19.45
C ALA CA 80 -67.10 -43.13 -18.32
N CYS CA 81 -67.51 -43.67 -17.17
CA CYS CA 81 -67.86 -42.89 -16.00
C CYS CA 81 -67.05 -43.37 -14.82
N ARG CA 82 -66.36 -42.46 -14.13
CA ARG CA 82 -65.54 -42.75 -12.95
C ARG CA 82 -66.17 -42.13 -11.70
N VAL CA 83 -66.50 -42.98 -10.73
CA VAL CA 83 -67.11 -42.56 -9.47
C VAL CA 83 -66.23 -43.05 -8.32
N ASN CA 84 -65.93 -42.16 -7.39
CA ASN CA 84 -65.22 -42.51 -6.17
C ASN CA 84 -66.07 -42.07 -4.99
N HIS CA 85 -66.13 -42.93 -3.96
CA HIS CA 85 -66.93 -42.66 -2.76
C HIS CA 85 -66.18 -43.14 -1.52
N VAL CA 86 -66.65 -42.63 -0.37
CA VAL CA 86 -66.15 -43.09 0.92
C VAL CA 86 -66.44 -44.58 1.14
N THR CA 87 -67.60 -45.08 0.66
CA THR CA 87 -67.93 -46.52 0.70
C THR CA 87 -67.18 -47.34 -0.34
N LEU CA 88 -66.43 -46.69 -1.22
CA LEU CA 88 -65.72 -47.35 -2.31
C LEU CA 88 -64.24 -47.35 -2.01
N SER CA 89 -63.64 -48.54 -2.03
CA SER CA 89 -62.21 -48.66 -1.78
C SER CA 89 -61.40 -47.88 -2.82
N GLN CA 90 -61.51 -48.26 -4.08
CA GLN CA 90 -60.89 -47.53 -5.17
C GLN CA 90 -61.99 -46.96 -6.07
N PRO CA 91 -61.71 -45.91 -6.84
CA PRO CA 91 -62.74 -45.41 -7.77
C PRO CA 91 -63.29 -46.56 -8.59
N LYS CA 92 -64.61 -46.66 -8.66
CA LYS CA 92 -65.26 -47.67 -9.49
C LYS CA 92 -65.62 -47.01 -10.81
N ILE CA 93 -65.15 -47.59 -11.91
CA ILE CA 93 -65.32 -47.02 -13.25
C ILE CA 93 -66.20 -47.96 -14.08
N VAL CA 94 -67.30 -47.42 -14.59
CA VAL CA 94 -68.27 -48.14 -15.39
C VAL CA 94 -68.38 -47.48 -16.75
N LYS CA 95 -68.27 -48.29 -17.80
CA LYS CA 95 -68.22 -47.84 -19.17
C LYS CA 95 -69.61 -47.64 -19.75
N TRP CA 96 -69.67 -46.83 -20.80
CA TRP CA 96 -70.92 -46.55 -21.50
C TRP CA 96 -71.13 -47.66 -22.50
N ASP CA 97 -72.24 -48.35 -22.36
CA ASP CA 97 -72.60 -49.38 -23.32
C ASP CA 97 -73.53 -48.71 -24.31
N ARG CA 98 -73.25 -48.88 -25.60
CA ARG CA 98 -74.10 -48.25 -26.59
C ARG CA 98 -75.48 -48.85 -26.60
N ASP CA 99 -75.65 -50.07 -26.07
CA ASP CA 99 -76.98 -50.65 -25.83
C ASP CA 99 -77.26 -51.05 -24.37
N VAL DA 1 -93.72 -22.23 -2.52
CA VAL DA 1 -93.26 -21.11 -1.70
C VAL DA 1 -92.66 -21.71 -0.41
N VAL DA 2 -91.63 -21.07 0.16
CA VAL DA 2 -90.98 -21.56 1.38
C VAL DA 2 -91.88 -21.27 2.58
N VAL DA 3 -91.73 -22.07 3.65
CA VAL DA 3 -92.47 -21.80 4.88
C VAL DA 3 -92.29 -20.37 5.31
N GLY DA 4 -93.40 -19.76 5.78
CA GLY DA 4 -93.46 -18.32 5.91
C GLY DA 4 -92.71 -17.69 7.07
N ALA DA 5 -92.85 -18.22 8.30
CA ALA DA 5 -92.11 -17.76 9.48
C ALA DA 5 -91.45 -18.98 10.08
N VAL DA 6 -90.11 -19.06 10.04
CA VAL DA 6 -89.44 -20.20 10.66
C VAL DA 6 -89.55 -20.10 12.18
N GLY DA 7 -89.84 -21.21 12.82
CA GLY DA 7 -90.21 -21.09 14.21
C GLY DA 7 -89.10 -21.47 15.15
N VAL DA 8 -89.44 -22.26 16.18
CA VAL DA 8 -88.43 -22.62 17.16
C VAL DA 8 -87.41 -23.51 16.51
N GLY DA 9 -86.19 -23.47 17.02
CA GLY DA 9 -85.23 -24.42 16.52
C GLY DA 9 -85.62 -25.81 16.99
N LYS DA 10 -84.67 -26.73 16.84
CA LYS DA 10 -84.91 -28.13 17.26
C LYS DA 10 -84.48 -28.26 18.73
N ASP EA 4 30.37 -33.25 59.48
CA ASP EA 4 29.00 -33.65 59.84
C ASP EA 4 27.90 -32.71 59.34
N SER EA 5 27.80 -31.54 59.95
CA SER EA 5 26.78 -30.63 59.51
C SER EA 5 27.16 -29.19 59.84
N VAL EA 6 26.40 -28.31 59.20
CA VAL EA 6 26.39 -26.87 59.37
C VAL EA 6 25.11 -26.59 60.14
N THR EA 7 25.15 -25.64 61.06
CA THR EA 7 23.93 -25.39 61.80
C THR EA 7 23.74 -23.91 62.01
N GLN EA 8 22.63 -23.42 61.49
CA GLN EA 8 22.15 -22.07 61.68
C GLN EA 8 21.07 -22.19 62.73
N LYS EA 9 21.43 -21.87 63.98
CA LYS EA 9 20.49 -22.04 65.09
C LYS EA 9 19.32 -21.08 64.95
N GLU EA 10 19.61 -19.89 64.44
CA GLU EA 10 18.62 -18.83 64.33
C GLU EA 10 17.74 -19.15 63.12
N GLY EA 11 16.43 -19.31 63.34
CA GLY EA 11 15.50 -19.61 62.25
C GLY EA 11 14.90 -18.38 61.60
N LEU EA 12 14.77 -17.34 62.42
CA LEU EA 12 14.06 -16.12 62.10
C LEU EA 12 14.69 -14.96 62.85
N VAL EA 13 14.99 -13.90 62.14
CA VAL EA 13 15.61 -12.73 62.76
C VAL EA 13 14.74 -11.55 62.38
N THR EA 14 14.17 -10.88 63.35
CA THR EA 14 13.34 -9.75 62.99
C THR EA 14 13.90 -8.52 63.68
N LEU EA 15 14.17 -7.49 62.89
CA LEU EA 15 14.66 -6.27 63.48
C LEU EA 15 14.22 -5.09 62.63
N THR EA 16 14.13 -3.95 63.31
CA THR EA 16 13.83 -2.69 62.70
C THR EA 16 14.96 -2.27 61.75
N GLU EA 17 14.60 -1.55 60.69
CA GLU EA 17 15.62 -1.00 59.83
C GLU EA 17 16.58 -0.14 60.65
N GLY EA 18 17.87 -0.17 60.30
CA GLY EA 18 18.89 0.64 60.93
C GLY EA 18 19.72 -0.01 62.04
N LEU EA 19 19.31 -1.18 62.55
CA LEU EA 19 19.89 -1.99 63.62
C LEU EA 19 20.92 -2.95 63.03
N PRO EA 20 22.04 -3.22 63.69
CA PRO EA 20 23.03 -4.11 63.06
C PRO EA 20 22.51 -5.53 62.99
N VAL EA 21 23.07 -6.29 62.05
CA VAL EA 21 22.60 -7.65 61.77
C VAL EA 21 23.66 -8.68 62.09
N MET EA 22 23.22 -9.78 62.71
CA MET EA 22 24.11 -10.92 62.92
C MET EA 22 23.32 -12.23 62.87
N LEU EA 23 23.78 -13.12 61.99
CA LEU EA 23 23.22 -14.45 61.84
C LEU EA 23 24.20 -15.50 62.36
N ASN EA 24 23.64 -16.55 62.97
CA ASN EA 24 24.42 -17.70 63.43
C ASN EA 24 24.80 -18.68 62.35
N CYS EA 25 26.09 -19.00 62.31
CA CYS EA 25 26.54 -20.07 61.45
C CYS EA 25 27.69 -20.74 62.15
N THR EA 26 27.51 -22.01 62.48
CA THR EA 26 28.52 -22.86 63.10
C THR EA 26 28.63 -24.15 62.30
N TYR EA 27 29.82 -24.77 62.33
CA TYR EA 27 30.04 -25.96 61.53
C TYR EA 27 30.87 -26.99 62.27
N GLN EA 28 30.87 -28.20 61.74
CA GLN EA 28 31.68 -29.26 62.34
C GLN EA 28 32.41 -30.02 61.25
N THR EA 29 33.73 -29.80 61.11
CA THR EA 29 34.56 -30.53 60.17
C THR EA 29 35.64 -31.34 60.84
N ILE EA 30 36.14 -32.31 60.07
CA ILE EA 30 37.27 -33.12 60.49
C ILE EA 30 38.55 -32.79 59.75
N TYR EA 31 38.52 -31.91 58.75
CA TYR EA 31 39.71 -31.62 57.93
C TYR EA 31 40.28 -30.21 58.09
N SER EA 32 41.46 -30.03 57.48
CA SER EA 32 42.08 -28.73 57.33
C SER EA 32 41.36 -27.90 56.30
N ASN EA 33 40.84 -28.60 55.29
CA ASN EA 33 40.26 -28.07 54.04
C ASN EA 33 38.87 -27.52 54.31
N ALA EA 34 38.79 -26.31 54.86
CA ALA EA 34 37.51 -25.80 55.31
C ALA EA 34 37.11 -24.57 54.48
N PHE EA 35 36.04 -24.72 53.67
CA PHE EA 35 35.49 -23.64 52.85
C PHE EA 35 34.08 -23.28 53.27
N LEU EA 36 33.90 -22.02 53.63
CA LEU EA 36 32.63 -21.56 54.15
C LEU EA 36 32.04 -20.54 53.21
N PHE EA 37 30.72 -20.62 53.04
CA PHE EA 37 29.97 -19.73 52.16
C PHE EA 37 28.75 -19.17 52.85
N TRP EA 38 28.44 -17.93 52.50
CA TRP EA 38 27.11 -17.39 52.64
C TRP EA 38 26.48 -17.23 51.25
N TYR EA 39 25.31 -17.82 51.07
CA TYR EA 39 24.52 -17.72 49.85
C TYR EA 39 23.21 -17.06 50.24
N VAL EA 40 22.72 -16.11 49.45
CA VAL EA 40 21.42 -15.50 49.71
C VAL EA 40 20.45 -15.87 48.60
N HIS EA 41 19.19 -16.10 48.97
CA HIS EA 41 18.15 -16.58 48.06
C HIS EA 41 16.96 -15.66 48.33
N TYR EA 42 16.76 -14.69 47.46
CA TYR EA 42 15.62 -13.79 47.58
C TYR EA 42 14.35 -14.44 47.07
N LEU EA 43 13.22 -13.75 47.30
CA LEU EA 43 11.93 -14.22 46.83
C LEU EA 43 11.82 -14.05 45.32
N ASN EA 44 11.36 -15.12 44.64
CA ASN EA 44 11.18 -15.18 43.19
C ASN EA 44 12.51 -15.08 42.44
N GLU EA 45 13.59 -15.46 43.12
CA GLU EA 45 14.93 -15.44 42.57
C GLU EA 45 15.66 -16.75 42.87
N SER EA 46 16.82 -16.86 42.33
CA SER EA 46 17.68 -17.96 42.67
C SER EA 46 18.73 -17.59 43.71
N PRO EA 47 19.24 -18.60 44.41
CA PRO EA 47 20.37 -18.41 45.33
C PRO EA 47 21.65 -17.96 44.66
N ARG EA 48 22.27 -16.93 45.21
CA ARG EA 48 23.59 -16.53 44.73
C ARG EA 48 24.55 -16.36 45.90
N LEU EA 49 25.84 -16.23 45.56
CA LEU EA 49 26.92 -16.09 46.53
C LEU EA 49 26.93 -14.69 47.10
N LEU EA 50 26.95 -14.59 48.44
CA LEU EA 50 27.01 -13.31 49.12
C LEU EA 50 28.42 -12.96 49.54
N LEU EA 51 29.10 -13.88 50.22
CA LEU EA 51 30.53 -13.81 50.47
C LEU EA 51 31.01 -15.20 50.85
N LYS EA 52 32.30 -15.42 50.67
CA LYS EA 52 32.87 -16.72 50.97
C LYS EA 52 34.26 -16.53 51.52
N SER EA 53 34.72 -17.52 52.30
CA SER EA 53 36.10 -17.53 52.76
C SER EA 53 36.46 -18.89 53.35
N SER EA 54 37.77 -19.14 53.35
CA SER EA 54 38.40 -20.26 54.03
C SER EA 54 39.63 -19.86 54.86
N THR EA 55 39.86 -18.57 55.08
CA THR EA 55 41.08 -18.08 55.73
C THR EA 55 40.73 -17.70 57.17
N ASP EA 56 41.44 -18.30 58.15
CA ASP EA 56 41.20 -17.97 59.56
C ASP EA 56 41.58 -16.53 59.90
N ASN EA 57 40.60 -15.86 60.52
CA ASN EA 57 40.69 -14.51 61.09
C ASN EA 57 41.06 -13.48 60.01
N LYS EA 58 40.70 -13.77 58.74
CA LYS EA 58 40.71 -12.79 57.67
C LYS EA 58 39.27 -12.42 57.37
N ARG EA 59 38.96 -11.15 57.58
CA ARG EA 59 37.68 -10.58 57.18
C ARG EA 59 37.58 -10.57 55.65
N THR EA 60 36.44 -11.08 55.13
CA THR EA 60 36.00 -10.90 53.72
C THR EA 60 34.68 -10.12 53.69
N GLU EA 61 34.60 -9.16 52.79
CA GLU EA 61 33.43 -8.30 52.76
C GLU EA 61 33.00 -8.18 51.29
N HIS EA 62 31.69 -8.04 51.07
CA HIS EA 62 31.10 -8.06 49.72
C HIS EA 62 29.69 -7.49 49.77
N GLN EA 63 29.45 -6.39 49.06
CA GLN EA 63 28.15 -5.73 49.07
C GLN EA 63 27.78 -5.28 50.48
N GLY EA 64 28.72 -4.76 51.25
CA GLY EA 64 28.34 -4.20 52.54
C GLY EA 64 28.14 -5.18 53.69
N PHE EA 65 28.00 -6.46 53.42
CA PHE EA 65 28.05 -7.51 54.44
C PHE EA 65 29.48 -7.95 54.67
N HIS EA 66 29.73 -8.53 55.84
CA HIS EA 66 30.99 -9.20 56.08
C HIS EA 66 30.78 -10.31 57.06
N ALA EA 67 31.67 -11.29 56.98
CA ALA EA 67 31.82 -12.34 57.95
C ALA EA 67 33.31 -12.60 58.07
N THR EA 68 33.75 -13.06 59.24
CA THR EA 68 35.14 -13.45 59.42
C THR EA 68 35.15 -14.88 59.94
N LEU EA 69 35.96 -15.71 59.28
CA LEU EA 69 36.06 -17.10 59.67
C LEU EA 69 36.86 -17.24 60.95
N HIS EA 70 36.35 -18.02 61.90
CA HIS EA 70 37.05 -18.37 63.15
C HIS EA 70 37.14 -19.90 63.25
N LYS EA 71 38.22 -20.48 62.70
CA LYS EA 71 38.32 -21.94 62.69
C LYS EA 71 38.40 -22.49 64.10
N SER EA 72 38.91 -21.69 65.05
CA SER EA 72 39.04 -22.15 66.44
C SER EA 72 37.69 -22.59 67.00
N SER EA 73 36.65 -21.79 66.77
CA SER EA 73 35.30 -22.04 67.30
C SER EA 73 34.28 -22.48 66.25
N SER EA 74 34.72 -22.76 65.02
CA SER EA 74 33.88 -23.25 63.92
C SER EA 74 32.70 -22.32 63.61
N SER EA 75 33.00 -21.01 63.58
CA SER EA 75 31.98 -19.98 63.39
C SER EA 75 32.33 -19.13 62.17
N PHE EA 76 31.29 -18.68 61.47
CA PHE EA 76 31.31 -17.84 60.29
C PHE EA 76 29.99 -17.10 60.36
N HIS EA 77 29.93 -16.22 61.34
CA HIS EA 77 28.73 -15.43 61.54
C HIS EA 77 28.72 -14.23 60.62
N LEU EA 78 27.52 -13.94 60.12
CA LEU EA 78 27.28 -12.91 59.13
C LEU EA 78 26.80 -11.63 59.79
N GLN EA 79 27.45 -10.50 59.46
CA GLN EA 79 27.12 -9.20 60.04
C GLN EA 79 26.97 -8.16 58.95
N LYS EA 80 26.03 -7.23 59.15
CA LYS EA 80 25.91 -6.03 58.33
C LYS EA 80 25.61 -4.84 59.20
N SER EA 81 26.18 -3.71 58.79
CA SER EA 81 26.24 -2.54 59.62
C SER EA 81 24.84 -2.11 60.03
N SER EA 82 23.95 -1.94 59.05
CA SER EA 82 22.65 -1.33 59.27
C SER EA 82 21.57 -2.00 58.42
N ALA EA 83 20.47 -2.39 59.06
CA ALA EA 83 19.38 -3.06 58.37
C ALA EA 83 18.73 -2.13 57.36
N GLN EA 84 18.49 -2.67 56.17
CA GLN EA 84 17.75 -1.96 55.13
C GLN EA 84 16.51 -2.79 54.77
N LEU EA 85 15.42 -2.10 54.39
CA LEU EA 85 14.20 -2.83 54.06
C LEU EA 85 14.46 -3.85 52.98
N SER EA 86 15.45 -3.56 52.15
CA SER EA 86 15.80 -4.34 50.97
C SER EA 86 16.42 -5.71 51.29
N ASP EA 87 16.75 -5.97 52.55
CA ASP EA 87 17.57 -7.13 52.92
C ASP EA 87 16.74 -8.37 53.25
N SER EA 88 15.40 -8.24 53.34
CA SER EA 88 14.52 -9.36 53.66
C SER EA 88 14.73 -10.51 52.67
N ALA EA 89 15.17 -11.67 53.16
CA ALA EA 89 15.50 -12.79 52.29
C ALA EA 89 15.74 -14.03 53.14
N LEU EA 90 15.99 -15.15 52.45
CA LEU EA 90 16.51 -16.34 53.11
C LEU EA 90 18.01 -16.34 52.93
N TYR EA 91 18.73 -16.72 53.98
CA TYR EA 91 20.18 -16.77 53.96
C TYR EA 91 20.61 -18.17 54.33
N TYR EA 92 21.41 -18.77 53.48
CA TYR EA 92 21.96 -20.09 53.73
C TYR EA 92 23.45 -19.94 53.92
N CYS EA 93 23.95 -20.70 54.89
CA CYS EA 93 25.35 -20.83 55.21
C CYS EA 93 25.81 -22.24 54.80
N ALA EA 94 26.94 -22.33 54.09
CA ALA EA 94 27.35 -23.65 53.56
C ALA EA 94 28.83 -23.94 53.80
N LEU EA 95 29.23 -25.21 53.69
CA LEU EA 95 30.63 -25.62 53.96
C LEU EA 95 31.10 -26.63 52.92
N SER EA 96 32.40 -26.64 52.62
CA SER EA 96 32.95 -27.60 51.62
C SER EA 96 34.03 -28.46 52.28
N GLU EA 97 33.61 -29.49 53.03
CA GLU EA 97 34.60 -30.41 53.63
C GLU EA 97 35.52 -30.91 52.53
N GLY EA 98 36.83 -30.79 52.73
CA GLY EA 98 37.77 -31.18 51.67
C GLY EA 98 37.46 -32.56 51.12
N GLY EA 99 37.62 -32.74 49.82
CA GLY EA 99 37.39 -34.06 49.20
C GLY EA 99 35.92 -34.42 49.25
N ASN EA 100 35.08 -33.65 48.58
CA ASN EA 100 33.65 -34.01 48.51
C ASN EA 100 33.07 -33.56 47.17
N TYR EA 101 32.06 -34.26 46.67
CA TYR EA 101 31.39 -33.83 45.41
C TYR EA 101 30.12 -33.10 45.83
N LYS EA 102 29.93 -32.96 47.14
CA LYS EA 102 28.66 -32.36 47.64
C LYS EA 102 28.96 -31.16 48.52
N TYR EA 103 27.95 -30.32 48.74
CA TYR EA 103 28.10 -29.15 49.65
C TYR EA 103 27.01 -29.29 50.71
N VAL EA 104 27.25 -28.76 51.90
CA VAL EA 104 26.25 -28.94 53.00
C VAL EA 104 25.67 -27.59 53.37
N PHE EA 105 24.36 -27.41 53.18
CA PHE EA 105 23.72 -26.16 53.54
C PHE EA 105 22.99 -26.34 54.84
N GLY EA 106 23.19 -25.41 55.75
CA GLY EA 106 22.37 -25.49 56.94
C GLY EA 106 21.00 -24.92 56.61
N ALA EA 107 20.10 -25.01 57.57
CA ALA EA 107 18.77 -24.47 57.32
C ALA EA 107 18.81 -22.95 57.36
N GLY EA 108 18.14 -22.33 56.38
CA GLY EA 108 18.22 -20.90 56.24
C GLY EA 108 17.66 -20.08 57.39
N THR EA 109 18.31 -18.94 57.61
CA THR EA 109 17.80 -17.91 58.49
C THR EA 109 16.88 -17.02 57.66
N ARG EA 110 15.59 -17.02 57.96
CA ARG EA 110 14.71 -16.05 57.33
C ARG EA 110 14.89 -14.73 58.07
N LEU EA 111 15.34 -13.71 57.35
CA LEU EA 111 15.52 -12.36 57.88
C LEU EA 111 14.39 -11.45 57.41
N LYS EA 112 13.67 -10.83 58.35
CA LYS EA 112 12.54 -9.96 58.01
C LYS EA 112 12.75 -8.57 58.58
N VAL EA 113 13.22 -7.64 57.78
CA VAL EA 113 13.36 -6.28 58.26
C VAL EA 113 11.99 -5.62 58.20
N ILE EA 114 11.56 -5.02 59.30
CA ILE EA 114 10.24 -4.40 59.35
C ILE EA 114 10.39 -2.89 59.50
N ALA EA 115 9.28 -2.18 59.29
CA ALA EA 115 9.31 -0.74 59.07
C ALA EA 115 9.37 0.10 60.34
N HIS EA 116 10.09 1.20 60.25
CA HIS EA 116 10.18 2.20 61.30
C HIS EA 116 9.19 3.32 61.01
N ILE EA 117 8.09 3.35 61.76
CA ILE EA 117 6.99 4.28 61.50
C ILE EA 117 7.21 5.55 62.33
N GLN EA 118 7.56 6.65 61.65
CA GLN EA 118 7.95 7.90 62.30
C GLN EA 118 6.77 8.59 63.00
N ASN EA 119 5.61 8.71 62.34
CA ASN EA 119 4.47 9.49 62.84
C ASN EA 119 3.20 8.66 62.73
N PRO EA 120 3.02 7.67 63.60
CA PRO EA 120 1.94 6.70 63.43
C PRO EA 120 0.55 7.30 63.60
N ASP EA 121 -0.42 6.69 62.86
CA ASP EA 121 -1.82 7.07 62.76
C ASP EA 121 -2.76 5.91 62.42
N PRO EA 122 -2.86 4.89 63.26
CA PRO EA 122 -3.65 3.71 62.89
C PRO EA 122 -5.10 4.06 62.57
N ALA EA 123 -5.63 3.39 61.54
CA ALA EA 123 -6.98 3.65 61.05
C ALA EA 123 -7.46 2.43 60.28
N VAL EA 124 -8.77 2.22 60.30
CA VAL EA 124 -9.42 1.19 59.49
C VAL EA 124 -10.38 1.89 58.56
N TYR EA 125 -10.22 1.65 57.27
CA TYR EA 125 -11.06 2.29 56.25
C TYR EA 125 -11.83 1.18 55.54
N GLN EA 126 -12.92 1.54 54.87
CA GLN EA 126 -13.74 0.57 54.14
C GLN EA 126 -13.66 0.91 52.68
N LEU EA 127 -13.21 -0.04 51.88
CA LEU EA 127 -13.07 0.25 50.46
C LEU EA 127 -14.29 -0.33 49.75
N ARG EA 128 -14.65 0.26 48.63
CA ARG EA 128 -15.85 -0.24 48.00
C ARG EA 128 -15.31 -0.89 46.74
N ASP EA 129 -16.08 -1.81 46.12
CA ASP EA 129 -15.63 -2.46 44.87
C ASP EA 129 -16.10 -1.64 43.67
N SER EA 130 -15.22 -1.42 42.69
CA SER EA 130 -15.61 -0.56 41.57
C SER EA 130 -16.63 -1.23 40.68
N LYS EA 131 -16.53 -2.56 40.51
CA LYS EA 131 -17.46 -3.26 39.63
C LYS EA 131 -18.76 -3.55 40.34
N SER EA 132 -18.70 -3.84 41.64
CA SER EA 132 -19.88 -4.29 42.38
C SER EA 132 -19.91 -3.71 43.79
N SER EA 133 -20.77 -2.70 44.02
CA SER EA 133 -20.89 -2.11 45.36
C SER EA 133 -21.14 -3.17 46.43
N ASP EA 134 -21.83 -4.25 46.05
CA ASP EA 134 -22.11 -5.39 46.94
C ASP EA 134 -20.82 -5.93 47.57
N LYS EA 135 -19.79 -6.13 46.74
CA LYS EA 135 -18.51 -6.61 47.26
C LYS EA 135 -17.92 -5.54 48.18
N SER EA 136 -17.36 -5.98 49.30
CA SER EA 136 -16.84 -5.04 50.30
C SER EA 136 -15.61 -5.62 50.98
N VAL EA 137 -14.70 -4.71 51.36
CA VAL EA 137 -13.47 -5.05 52.07
C VAL EA 137 -13.17 -3.99 53.12
N CYS EA 138 -12.39 -4.36 54.14
CA CYS EA 138 -11.88 -3.42 55.15
C CYS EA 138 -10.34 -3.38 55.17
N LEU EA 139 -9.79 -2.16 55.25
CA LEU EA 139 -8.36 -1.87 55.17
C LEU EA 139 -7.85 -1.31 56.48
N PHE EA 140 -6.88 -1.99 57.10
CA PHE EA 140 -6.18 -1.44 58.26
C PHE EA 140 -4.75 -0.99 57.93
N THR EA 141 -4.51 0.32 58.05
CA THR EA 141 -3.28 0.93 57.59
C THR EA 141 -2.84 1.99 58.58
N ASP EA 142 -1.58 2.41 58.45
CA ASP EA 142 -0.97 3.52 59.19
C ASP EA 142 -0.65 3.20 60.66
N PHE EA 143 -0.41 1.93 60.99
CA PHE EA 143 0.03 1.51 62.31
C PHE EA 143 1.54 1.32 62.27
N ASP EA 144 2.16 1.36 63.47
CA ASP EA 144 3.59 1.06 63.56
C ASP EA 144 3.86 -0.46 63.64
N SER EA 145 5.10 -0.82 63.26
CA SER EA 145 5.48 -2.22 63.08
C SER EA 145 5.57 -2.99 64.39
N GLN EA 146 5.43 -2.31 65.53
CA GLN EA 146 5.42 -3.04 66.78
C GLN EA 146 4.13 -3.84 66.95
N THR EA 147 3.00 -3.32 66.44
CA THR EA 147 1.75 -4.08 66.48
C THR EA 147 1.88 -5.32 65.62
N ASN EA 148 1.36 -6.45 66.11
CA ASN EA 148 1.39 -7.69 65.36
C ASN EA 148 -0.01 -8.15 65.07
N VAL EA 149 -0.23 -8.55 63.81
CA VAL EA 149 -1.50 -9.14 63.40
C VAL EA 149 -1.65 -10.48 64.08
N SER EA 150 -2.89 -10.85 64.39
CA SER EA 150 -3.20 -12.25 64.66
C SER EA 150 -4.19 -12.71 63.61
N GLN EA 151 -4.14 -14.01 63.34
CA GLN EA 151 -5.09 -14.57 62.40
C GLN EA 151 -6.49 -14.50 63.03
N SER EA 152 -7.51 -14.52 62.16
CA SER EA 152 -8.91 -14.49 62.62
C SER EA 152 -9.34 -15.81 63.27
N LYS EA 153 -10.24 -15.70 64.26
CA LYS EA 153 -10.79 -16.89 64.91
C LYS EA 153 -11.95 -17.45 64.09
N ASP EA 154 -12.58 -16.58 63.30
CA ASP EA 154 -13.66 -16.98 62.43
C ASP EA 154 -13.10 -17.63 61.17
N SER EA 155 -13.75 -18.72 60.72
CA SER EA 155 -13.31 -19.45 59.53
C SER EA 155 -13.70 -18.77 58.22
N ASP EA 156 -14.82 -18.03 58.21
CA ASP EA 156 -15.32 -17.35 57.02
C ASP EA 156 -14.95 -15.88 56.98
N VAL EA 157 -14.01 -15.47 57.83
CA VAL EA 157 -13.42 -14.14 57.78
C VAL EA 157 -11.93 -14.29 57.52
N TYR EA 158 -11.45 -13.62 56.48
CA TYR EA 158 -10.06 -13.73 56.05
C TYR EA 158 -9.33 -12.46 56.46
N ILE EA 159 -8.19 -12.65 57.11
CA ILE EA 159 -7.36 -11.54 57.54
C ILE EA 159 -5.93 -11.87 57.13
N THR EA 160 -5.25 -10.88 56.55
CA THR EA 160 -3.91 -11.07 56.02
C THR EA 160 -2.82 -10.69 57.03
N ASP EA 161 -1.58 -10.90 56.60
CA ASP EA 161 -0.44 -10.54 57.42
C ASP EA 161 -0.17 -9.04 57.29
N LYS EA 162 0.89 -8.63 57.95
CA LYS EA 162 1.40 -7.29 57.77
C LYS EA 162 1.97 -7.17 56.37
N CYS EA 163 1.96 -5.95 55.87
CA CYS EA 163 2.57 -5.65 54.59
C CYS EA 163 3.32 -4.34 54.78
N VAL EA 164 4.49 -4.22 54.19
CA VAL EA 164 5.29 -3.01 54.26
C VAL EA 164 5.13 -2.30 52.92
N LEU EA 165 4.72 -1.03 52.95
CA LEU EA 165 4.49 -0.28 51.68
C LEU EA 165 5.41 0.94 51.63
N ASP EA 166 6.14 1.11 50.53
CA ASP EA 166 7.09 2.24 50.41
C ASP EA 166 6.57 3.24 49.40
N MET EA 167 6.71 4.53 49.69
CA MET EA 167 6.30 5.58 48.73
C MET EA 167 7.48 6.54 48.59
N ARG EA 168 8.18 6.50 47.46
CA ARG EA 168 9.38 7.36 47.27
C ARG EA 168 8.97 8.83 47.31
N SER EA 169 7.67 9.11 47.36
CA SER EA 169 7.21 10.52 47.49
C SER EA 169 7.04 10.87 48.97
N MET EA 170 7.94 11.67 49.53
CA MET EA 170 7.86 12.14 50.94
C MET EA 170 8.19 11.00 51.91
N ASP EA 171 8.87 9.95 51.44
CA ASP EA 171 9.32 8.86 52.35
C ASP EA 171 8.17 8.34 53.18
N PHE EA 172 6.92 8.40 52.69
CA PHE EA 172 5.82 7.95 53.58
C PHE EA 172 5.71 6.43 53.50
N LYS EA 173 6.65 5.72 54.12
CA LYS EA 173 6.51 4.25 54.17
C LYS EA 173 5.43 3.94 55.21
N SER EA 174 4.50 3.04 54.91
CA SER EA 174 3.51 2.70 55.93
C SER EA 174 3.12 1.25 55.78
N ASN EA 175 2.68 0.68 56.91
CA ASN EA 175 2.26 -0.70 56.97
C ASN EA 175 0.74 -0.81 56.74
N SER EA 176 0.32 -2.01 56.39
CA SER EA 176 -1.08 -2.25 56.08
C SER EA 176 -1.39 -3.72 56.22
N ALA EA 177 -2.68 -3.99 56.43
CA ALA EA 177 -3.23 -5.33 56.29
C ALA EA 177 -4.68 -5.22 55.83
N VAL EA 178 -5.17 -6.27 55.19
CA VAL EA 178 -6.52 -6.35 54.63
C VAL EA 178 -7.29 -7.43 55.37
N ALA EA 179 -8.61 -7.22 55.53
CA ALA EA 179 -9.50 -8.28 56.02
C ALA EA 179 -10.85 -8.19 55.30
N TRP EA 180 -11.45 -9.35 55.05
CA TRP EA 180 -12.72 -9.36 54.33
C TRP EA 180 -13.53 -10.59 54.71
N SER EA 181 -14.79 -10.55 54.29
CA SER EA 181 -15.70 -11.68 54.35
C SER EA 181 -16.74 -11.48 53.27
N ASN EA 182 -17.35 -12.58 52.86
CA ASN EA 182 -18.48 -12.55 51.94
C ASN EA 182 -19.81 -12.56 52.67
N LYS EA 183 -19.77 -12.57 54.00
CA LYS EA 183 -21.00 -12.49 54.79
C LYS EA 183 -21.58 -11.10 54.60
N SER EA 184 -22.92 -11.01 54.56
CA SER EA 184 -23.54 -9.69 54.40
C SER EA 184 -23.63 -8.91 55.71
N ASP EA 185 -23.55 -9.62 56.87
CA ASP EA 185 -23.54 -9.06 58.23
C ASP EA 185 -22.15 -8.57 58.66
N PHE EA 186 -21.12 -8.84 57.84
CA PHE EA 186 -19.74 -8.49 58.15
C PHE EA 186 -19.61 -6.97 58.24
N ALA EA 187 -19.02 -6.51 59.35
CA ALA EA 187 -18.80 -5.10 59.59
C ALA EA 187 -17.35 -4.89 59.99
N CYS EA 188 -16.84 -3.67 59.77
CA CYS EA 188 -15.43 -3.41 60.04
C CYS EA 188 -15.11 -3.51 61.55
N ALA EA 189 -16.07 -3.24 62.44
CA ALA EA 189 -15.80 -3.38 63.87
C ALA EA 189 -15.49 -4.82 64.28
N ASN EA 190 -15.53 -5.75 63.33
CA ASN EA 190 -15.30 -7.18 63.64
C ASN EA 190 -13.82 -7.53 63.46
N ALA EA 191 -12.92 -6.59 63.78
CA ALA EA 191 -11.48 -6.90 63.72
C ALA EA 191 -10.91 -6.83 65.15
N PHE EA 192 -11.77 -6.59 66.13
CA PHE EA 192 -11.32 -6.57 67.55
C PHE EA 192 -10.78 -7.95 67.91
N ASN EA 193 -11.03 -8.94 67.05
CA ASN EA 193 -10.48 -10.29 67.28
C ASN EA 193 -9.01 -10.12 67.68
N ASN EA 194 -8.25 -9.35 66.89
CA ASN EA 194 -6.82 -9.11 67.20
C ASN EA 194 -6.74 -8.37 68.54
N SER EA 195 -7.53 -7.30 68.71
CA SER EA 195 -7.59 -6.57 70.01
C SER EA 195 -6.23 -5.93 70.34
N ILE EA 196 -5.21 -6.15 69.52
CA ILE EA 196 -3.90 -5.46 69.76
C ILE EA 196 -4.04 -4.07 69.13
N ILE EA 197 -5.26 -3.73 68.72
CA ILE EA 197 -5.52 -2.40 68.10
C ILE EA 197 -5.12 -1.30 69.08
N PRO EA 198 -4.31 -0.31 68.67
CA PRO EA 198 -3.98 0.81 69.56
C PRO EA 198 -5.27 1.60 69.84
N GLU EA 199 -5.36 2.21 71.01
CA GLU EA 199 -6.60 2.93 71.39
C GLU EA 199 -6.90 4.03 70.37
N ASP EA 200 -5.87 4.70 69.86
CA ASP EA 200 -6.09 5.85 68.95
C ASP EA 200 -6.60 5.38 67.58
N THR EA 201 -6.79 4.07 67.41
CA THR EA 201 -7.21 3.56 66.07
C THR EA 201 -8.32 4.45 65.53
N PHE EA 202 -8.09 5.09 64.38
CA PHE EA 202 -9.15 5.92 63.75
C PHE EA 202 -10.17 5.00 63.09
N PHE EA 203 -11.44 5.14 63.45
CA PHE EA 203 -12.48 4.24 62.89
C PHE EA 203 -13.64 5.09 62.38
N PRO EA 204 -13.62 5.52 61.10
CA PRO EA 204 -14.70 6.35 60.56
C PRO EA 204 -15.96 5.55 60.28
N SER EA 205 -17.03 6.30 59.96
CA SER EA 205 -18.40 5.79 59.77
C SER EA 205 -19.00 6.13 58.37
N THR FA 6 23.71 -15.30 31.52
CA THR FA 6 22.94 -16.54 31.69
C THR FA 6 23.85 -17.79 31.50
N LEU FA 7 24.39 -18.35 32.61
CA LEU FA 7 25.31 -19.49 32.49
C LEU FA 7 24.60 -20.83 32.56
N LEU FA 8 23.38 -20.87 33.08
CA LEU FA 8 22.64 -22.12 33.09
C LEU FA 8 21.26 -21.85 32.55
N GLU FA 9 20.73 -22.83 31.83
CA GLU FA 9 19.41 -22.74 31.21
C GLU FA 9 18.66 -24.04 31.49
N GLN FA 10 17.56 -23.92 32.22
CA GLN FA 10 16.84 -25.07 32.77
C GLN FA 10 15.42 -25.11 32.25
N ASN FA 11 14.98 -26.32 31.87
CA ASN FA 11 13.64 -26.60 31.36
C ASN FA 11 13.10 -27.89 31.94
N PRO FA 12 11.76 -27.99 32.11
CA PRO FA 12 10.77 -26.90 32.05
C PRO FA 12 10.82 -26.07 33.34
N ARG FA 13 10.33 -24.83 33.32
CA ARG FA 13 10.42 -23.91 34.45
C ARG FA 13 9.31 -24.13 35.47
N TRP FA 14 8.26 -24.84 35.08
CA TRP FA 14 7.12 -25.14 35.92
C TRP FA 14 6.44 -26.29 35.22
N ARG FA 15 5.92 -27.24 35.99
CA ARG FA 15 5.14 -28.31 35.37
C ARG FA 15 4.40 -28.96 36.52
N LEU FA 16 3.07 -29.00 36.42
CA LEU FA 16 2.28 -29.70 37.40
C LEU FA 16 2.44 -31.21 37.20
N VAL FA 17 2.57 -31.94 38.30
CA VAL FA 17 2.82 -33.37 38.22
C VAL FA 17 1.63 -34.10 38.84
N PRO FA 18 0.90 -34.91 38.07
CA PRO FA 18 -0.13 -35.77 38.68
C PRO FA 18 0.55 -36.76 39.58
N ARG FA 19 -0.15 -37.16 40.65
CA ARG FA 19 0.52 -38.03 41.60
C ARG FA 19 0.88 -39.33 40.88
N GLY FA 20 2.05 -39.88 41.21
CA GLY FA 20 2.52 -41.11 40.63
C GLY FA 20 3.16 -40.99 39.27
N GLN FA 21 3.15 -39.81 38.65
CA GLN FA 21 3.70 -39.71 37.30
C GLN FA 21 5.19 -39.37 37.36
N ALA FA 22 5.79 -39.25 36.19
CA ALA FA 22 7.22 -38.98 36.05
C ALA FA 22 7.40 -37.73 35.20
N VAL FA 23 8.56 -37.11 35.36
CA VAL FA 23 8.83 -35.84 34.69
C VAL FA 23 10.30 -35.79 34.32
N ASN FA 24 10.59 -35.21 33.16
CA ASN FA 24 11.95 -35.11 32.65
C ASN FA 24 12.44 -33.68 32.84
N LEU FA 25 13.59 -33.50 33.47
CA LEU FA 25 14.20 -32.18 33.53
C LEU FA 25 15.57 -32.21 32.90
N ARG FA 26 16.00 -31.05 32.40
CA ARG FA 26 17.27 -30.94 31.71
C ARG FA 26 17.86 -29.57 31.98
N CYS FA 27 19.17 -29.52 31.88
CA CYS FA 27 19.90 -28.31 32.17
C CYS FA 27 21.03 -28.17 31.15
N ILE FA 28 21.22 -26.97 30.65
CA ILE FA 28 22.22 -26.70 29.63
C ILE FA 28 23.26 -25.73 30.18
N LEU FA 29 24.53 -26.11 30.05
CA LEU FA 29 25.64 -25.24 30.41
C LEU FA 29 26.03 -24.42 29.20
N LYS FA 30 26.07 -23.12 29.35
CA LYS FA 30 26.42 -22.26 28.22
C LYS FA 30 27.91 -21.95 28.14
N ASN FA 31 28.72 -22.38 29.10
CA ASN FA 31 30.14 -22.01 29.10
C ASN FA 31 30.94 -23.24 29.51
N SER FA 32 31.77 -23.75 28.61
CA SER FA 32 32.53 -24.96 28.94
C SER FA 32 33.51 -24.70 30.05
N GLN FA 33 33.63 -23.47 30.50
CA GLN FA 33 34.59 -23.20 31.55
C GLN FA 33 34.08 -23.41 32.97
N TYR FA 34 32.84 -23.86 33.14
CA TYR FA 34 32.30 -24.21 34.46
C TYR FA 34 31.77 -25.62 34.47
N PRO FA 35 32.61 -26.60 34.07
CA PRO FA 35 32.09 -27.92 33.70
C PRO FA 35 31.62 -28.78 34.84
N TRP FA 36 31.75 -28.33 36.08
CA TRP FA 36 31.35 -29.17 37.18
C TRP FA 36 29.88 -28.90 37.45
N MET FA 37 29.04 -29.80 36.98
CA MET FA 37 27.61 -29.62 37.06
C MET FA 37 27.08 -30.45 38.21
N SER FA 38 26.03 -29.94 38.87
CA SER FA 38 25.40 -30.64 39.96
C SER FA 38 23.89 -30.40 39.94
N TRP FA 39 23.14 -31.30 40.57
CA TRP FA 39 21.70 -31.18 40.82
C TRP FA 39 21.45 -31.12 42.31
N TYR FA 40 20.60 -30.19 42.73
CA TYR FA 40 20.21 -30.06 44.13
C TYR FA 40 18.69 -30.10 44.23
N GLN FA 41 18.16 -30.54 45.37
CA GLN FA 41 16.72 -30.38 45.56
C GLN FA 41 16.45 -29.37 46.66
N GLN FA 42 15.29 -28.74 46.55
CA GLN FA 42 14.75 -27.92 47.63
C GLN FA 42 13.34 -28.46 47.92
N ASP FA 43 13.16 -29.03 49.10
CA ASP FA 43 11.88 -29.62 49.48
C ASP FA 43 10.93 -28.51 49.96
N LEU FA 44 9.73 -28.90 50.33
CA LEU FA 44 8.72 -27.91 50.68
C LEU FA 44 9.04 -27.12 51.94
N GLN FA 45 10.14 -27.42 52.61
CA GLN FA 45 10.57 -26.69 53.81
C GLN FA 45 11.62 -25.61 53.58
N LYS FA 46 12.06 -25.36 52.34
CA LYS FA 46 13.16 -24.45 51.96
C LYS FA 46 14.53 -25.05 52.31
N GLN FA 47 14.61 -26.34 52.66
CA GLN FA 47 15.91 -26.92 52.97
C GLN FA 47 16.63 -27.41 51.70
N LEU FA 48 17.87 -26.96 51.54
CA LEU FA 48 18.70 -27.27 50.40
C LEU FA 48 19.49 -28.55 50.61
N GLN FA 49 19.67 -29.30 49.54
CA GLN FA 49 20.35 -30.58 49.65
C GLN FA 49 21.01 -30.95 48.33
N TRP FA 50 22.20 -31.52 48.42
CA TRP FA 50 22.86 -32.07 47.25
C TRP FA 50 22.18 -33.35 46.79
N LEU FA 51 22.17 -33.56 45.47
CA LEU FA 51 21.56 -34.73 44.86
C LEU FA 51 22.56 -35.53 44.03
N PHE FA 52 23.18 -34.92 43.02
CA PHE FA 52 24.10 -35.64 42.15
C PHE FA 52 25.18 -34.68 41.68
N THR FA 53 26.34 -35.23 41.36
CA THR FA 53 27.39 -34.52 40.61
C THR FA 53 27.93 -35.52 39.61
N LEU FA 54 27.78 -35.23 38.31
CA LEU FA 54 28.19 -36.15 37.26
C LEU FA 54 29.11 -35.39 36.31
N ARG FA 55 30.35 -35.85 36.11
CA ARG FA 55 31.15 -35.11 35.16
C ARG FA 55 31.17 -35.74 33.77
N SER FA 56 31.14 -37.09 33.67
CA SER FA 56 31.41 -37.65 32.33
C SER FA 56 30.13 -37.96 31.55
N PRO FA 57 30.19 -37.80 30.22
CA PRO FA 57 29.14 -38.33 29.36
C PRO FA 57 28.90 -39.79 29.68
N GLY FA 58 27.65 -40.20 29.71
CA GLY FA 58 27.32 -41.57 29.98
C GLY FA 58 27.04 -41.85 31.43
N ASP FA 59 27.30 -40.88 32.30
CA ASP FA 59 27.05 -41.06 33.72
C ASP FA 59 25.56 -41.17 34.00
N LYS FA 60 25.17 -42.21 34.74
CA LYS FA 60 23.81 -42.43 35.22
C LYS FA 60 23.87 -42.78 36.68
N GLU FA 61 22.98 -42.17 37.48
CA GLU FA 61 22.88 -42.65 38.85
C GLU FA 61 21.48 -42.40 39.38
N VAL FA 62 21.10 -43.23 40.32
CA VAL FA 62 19.80 -43.20 40.98
C VAL FA 62 19.98 -42.94 42.48
N LYS FA 63 18.94 -42.39 43.08
CA LYS FA 63 18.84 -42.27 44.53
C LYS FA 63 17.37 -42.11 44.89
N SER FA 64 17.01 -42.56 46.08
CA SER FA 64 15.66 -42.40 46.61
C SER FA 64 15.70 -41.40 47.76
N LEU FA 65 14.76 -40.44 47.72
CA LEU FA 65 14.54 -39.48 48.78
C LEU FA 65 13.11 -39.63 49.28
N PRO FA 66 12.77 -39.07 50.41
CA PRO FA 66 11.36 -39.09 50.84
C PRO FA 66 10.46 -38.35 49.87
N GLY FA 67 9.60 -39.06 49.12
CA GLY FA 67 8.64 -38.41 48.26
C GLY FA 67 8.94 -38.36 46.77
N ALA FA 68 10.17 -38.67 46.35
CA ALA FA 68 10.51 -38.56 44.93
C ALA FA 68 11.63 -39.54 44.62
N ASP FA 69 11.56 -40.14 43.44
CA ASP FA 69 12.59 -41.04 42.94
C ASP FA 69 13.39 -40.31 41.88
N TYR FA 70 14.71 -40.51 41.89
CA TYR FA 70 15.57 -39.76 41.00
C TYR FA 70 16.38 -40.70 40.13
N LEU FA 71 16.51 -40.32 38.86
CA LEU FA 71 17.40 -40.95 37.89
C LEU FA 71 18.05 -39.86 37.06
N ALA FA 72 19.39 -39.79 37.08
CA ALA FA 72 20.12 -38.71 36.42
C ALA FA 72 21.04 -39.22 35.31
N THR FA 73 21.28 -38.35 34.31
CA THR FA 73 22.21 -38.59 33.20
C THR FA 73 22.92 -37.31 32.80
N ARG FA 74 24.23 -37.41 32.68
CA ARG FA 74 25.06 -36.39 32.03
C ARG FA 74 25.22 -36.88 30.59
N VAL FA 75 24.47 -36.30 29.66
CA VAL FA 75 24.43 -36.87 28.32
C VAL FA 75 25.61 -36.41 27.49
N THR FA 76 25.88 -35.12 27.48
CA THR FA 76 27.13 -34.65 26.91
C THR FA 76 27.70 -33.63 27.87
N ASP FA 77 28.73 -32.91 27.43
CA ASP FA 77 29.37 -31.93 28.30
C ASP FA 77 28.48 -30.75 28.66
N THR FA 78 27.39 -30.53 27.94
CA THR FA 78 26.57 -29.37 28.18
C THR FA 78 25.11 -29.71 28.46
N GLU FA 79 24.74 -30.98 28.44
CA GLU FA 79 23.37 -31.43 28.68
C GLU FA 79 23.34 -32.36 29.88
N LEU FA 80 22.64 -31.94 30.91
CA LEU FA 80 22.46 -32.73 32.11
C LEU FA 80 20.98 -33.03 32.20
N ARG FA 81 20.63 -34.29 32.44
CA ARG FA 81 19.24 -34.73 32.46
C ARG FA 81 18.87 -35.29 33.81
N LEU FA 82 17.59 -35.17 34.12
CA LEU FA 82 17.09 -35.66 35.40
C LEU FA 82 15.62 -36.04 35.22
N GLN FA 83 15.30 -37.31 35.52
CA GLN FA 83 13.91 -37.78 35.58
C GLN FA 83 13.50 -37.94 37.04
N VAL FA 84 12.39 -37.32 37.40
CA VAL FA 84 11.78 -37.46 38.70
C VAL FA 84 10.47 -38.21 38.53
N ALA FA 85 10.35 -39.33 39.20
CA ALA FA 85 9.23 -40.23 39.00
C ALA FA 85 8.63 -40.62 40.33
N ASN FA 86 7.40 -41.12 40.24
CA ASN FA 86 6.69 -41.71 41.36
C ASN FA 86 6.73 -40.75 42.56
N MET FA 87 6.36 -39.50 42.28
CA MET FA 87 6.35 -38.39 43.23
C MET FA 87 5.18 -38.44 44.20
N SER FA 88 5.41 -37.95 45.41
CA SER FA 88 4.33 -37.78 46.37
C SER FA 88 4.37 -36.45 47.10
N GLN FA 89 5.38 -35.63 46.86
CA GLN FA 89 5.53 -34.39 47.59
C GLN FA 89 6.16 -33.40 46.64
N GLY FA 90 5.65 -32.18 46.65
CA GLY FA 90 6.20 -31.18 45.77
C GLY FA 90 7.61 -30.83 46.16
N ARG FA 91 8.33 -30.28 45.18
CA ARG FA 91 9.74 -29.92 45.36
C ARG FA 91 10.10 -28.82 44.39
N THR FA 92 11.28 -28.26 44.60
CA THR FA 92 11.94 -27.40 43.62
C THR FA 92 13.32 -27.96 43.35
N LEU FA 93 13.71 -27.98 42.09
CA LEU FA 93 15.01 -28.49 41.70
C LEU FA 93 15.84 -27.36 41.12
N TYR FA 94 17.10 -27.28 41.52
CA TYR FA 94 18.02 -26.31 40.97
C TYR FA 94 19.16 -27.04 40.31
N CYS FA 95 19.53 -26.59 39.14
CA CYS FA 95 20.73 -27.06 38.52
C CYS FA 95 21.87 -26.17 39.00
N THR FA 96 23.09 -26.70 39.01
CA THR FA 96 24.24 -25.88 39.36
C THR FA 96 25.44 -26.26 38.52
N CYS FA 97 26.34 -25.30 38.38
CA CYS FA 97 27.62 -25.53 37.78
C CYS FA 97 28.70 -24.90 38.62
N SER FA 98 29.94 -25.39 38.51
CA SER FA 98 31.06 -24.67 39.13
C SER FA 98 32.36 -25.06 38.44
N ALA FA 99 33.38 -24.26 38.74
CA ALA FA 99 34.69 -24.39 38.09
C ALA FA 99 35.53 -25.57 38.61
N ARG FA 100 35.29 -25.98 39.85
CA ARG FA 100 36.00 -27.10 40.45
C ARG FA 100 34.97 -27.92 41.20
N HIS FA 101 35.20 -29.22 41.30
CA HIS FA 101 34.17 -30.07 41.87
C HIS FA 101 33.83 -29.71 43.32
N SER FA 102 34.77 -29.15 44.07
CA SER FA 102 34.46 -28.61 45.41
C SER FA 102 35.48 -27.52 45.76
N ALA FA 103 35.18 -26.80 46.85
CA ALA FA 103 36.00 -25.69 47.32
C ALA FA 103 35.88 -24.50 46.42
N GLU FA 104 34.77 -24.42 45.69
CA GLU FA 104 34.50 -23.35 44.74
C GLU FA 104 33.10 -22.78 44.90
N THR FA 105 32.92 -21.62 44.25
CA THR FA 105 31.60 -21.01 44.14
C THR FA 105 30.68 -21.84 43.24
N LEU FA 106 29.50 -22.16 43.76
CA LEU FA 106 28.49 -22.94 43.09
C LEU FA 106 27.34 -22.04 42.60
N TYR FA 107 27.03 -22.11 41.30
CA TYR FA 107 26.10 -21.21 40.63
C TYR FA 107 24.77 -21.88 40.27
N PHE FA 108 23.68 -21.17 40.55
CA PHE FA 108 22.33 -21.74 40.45
C PHE FA 108 21.59 -21.32 39.17
N GLY FA 109 20.89 -22.30 38.58
CA GLY FA 109 19.91 -22.05 37.54
C GLY FA 109 18.59 -21.56 38.13
N SER FA 110 17.64 -21.26 37.24
CA SER FA 110 16.39 -20.62 37.67
C SER FA 110 15.52 -21.52 38.53
N GLY FA 111 15.69 -22.83 38.43
CA GLY FA 111 14.88 -23.69 39.28
C GLY FA 111 13.67 -24.20 38.55
N THR FA 112 13.18 -25.35 39.01
CA THR FA 112 11.99 -26.01 38.45
C THR FA 112 11.06 -26.36 39.59
N ARG FA 113 9.96 -25.65 39.72
CA ARG FA 113 9.00 -25.95 40.76
C ARG FA 113 8.09 -27.08 40.28
N LEU FA 114 8.01 -28.15 41.05
CA LEU FA 114 7.13 -29.25 40.73
C LEU FA 114 6.07 -29.36 41.83
N THR FA 115 4.80 -29.44 41.44
CA THR FA 115 3.71 -29.52 42.42
C THR FA 115 2.85 -30.75 42.12
N VAL FA 116 2.53 -31.54 43.14
CA VAL FA 116 1.72 -32.75 42.98
C VAL FA 116 0.30 -32.46 43.44
N LEU FA 117 -0.66 -32.69 42.54
CA LEU FA 117 -2.08 -32.40 42.80
C LEU FA 117 -2.93 -33.19 41.81
N ASP FA 118 -4.24 -33.10 42.00
CA ASP FA 118 -5.22 -33.66 41.06
C ASP FA 118 -5.69 -32.56 40.12
N LEU FA 119 -5.54 -32.78 38.81
CA LEU FA 119 -5.82 -31.72 37.85
C LEU FA 119 -7.23 -31.18 37.98
N ARG FA 120 -8.19 -32.02 38.39
CA ARG FA 120 -9.58 -31.54 38.45
C ARG FA 120 -9.84 -30.61 39.64
N ASN FA 121 -8.85 -30.35 40.51
CA ASN FA 121 -8.98 -29.33 41.56
C ASN FA 121 -8.36 -28.00 41.15
N VAL FA 122 -7.92 -27.87 39.90
CA VAL FA 122 -7.26 -26.66 39.41
C VAL FA 122 -8.32 -25.61 39.07
N PHE FA 123 -8.10 -24.39 39.54
CA PHE FA 123 -9.06 -23.33 39.38
C PHE FA 123 -8.28 -22.07 39.03
N PRO FA 124 -8.75 -21.29 38.07
CA PRO FA 124 -8.12 -20.00 37.81
C PRO FA 124 -8.55 -18.96 38.84
N PRO FA 125 -7.78 -17.87 38.99
CA PRO FA 125 -8.12 -16.87 40.01
C PRO FA 125 -9.18 -15.86 39.56
N GLU FA 126 -10.06 -15.49 40.50
CA GLU FA 126 -11.05 -14.44 40.27
C GLU FA 126 -10.50 -13.10 40.77
N VAL FA 127 -10.53 -12.07 39.92
CA VAL FA 127 -9.81 -10.83 40.16
C VAL FA 127 -10.74 -9.62 40.24
N ALA FA 128 -10.63 -8.91 41.36
CA ALA FA 128 -11.44 -7.75 41.67
C ALA FA 128 -10.59 -6.66 42.29
N VAL FA 129 -10.81 -5.42 41.90
CA VAL FA 129 -10.08 -4.29 42.45
C VAL FA 129 -11.06 -3.46 43.27
N PHE FA 130 -10.61 -2.93 44.41
CA PHE FA 130 -11.43 -2.14 45.33
C PHE FA 130 -10.92 -0.71 45.45
N GLU FA 131 -11.83 0.30 45.30
CA GLU FA 131 -11.44 1.71 45.28
C GLU FA 131 -11.36 2.31 46.69
N PRO FA 132 -10.52 3.33 46.86
CA PRO FA 132 -10.22 3.86 48.19
C PRO FA 132 -11.44 4.32 48.98
N SER FA 133 -11.33 4.27 50.30
CA SER FA 133 -12.30 4.95 51.14
C SER FA 133 -12.15 6.46 51.01
N GLU FA 134 -13.28 7.15 51.05
CA GLU FA 134 -13.23 8.61 51.06
C GLU FA 134 -12.74 9.15 52.40
N ALA FA 135 -13.02 8.44 53.51
CA ALA FA 135 -12.53 8.87 54.80
C ALA FA 135 -11.02 8.87 54.79
N GLU FA 136 -10.43 7.89 54.10
CA GLU FA 136 -8.98 7.79 53.91
C GLU FA 136 -8.42 9.02 53.19
N ILE FA 137 -9.03 9.39 52.06
CA ILE FA 137 -8.52 10.50 51.25
C ILE FA 137 -8.65 11.80 52.03
N SER FA 138 -9.73 11.92 52.81
CA SER FA 138 -9.95 13.08 53.67
C SER FA 138 -8.89 13.17 54.76
N HIS FA 139 -8.57 12.04 55.42
CA HIS FA 139 -7.74 12.00 56.61
C HIS FA 139 -6.25 12.06 56.30
N THR FA 140 -5.84 11.46 55.18
CA THR FA 140 -4.43 11.21 54.92
C THR FA 140 -3.92 11.83 53.63
N GLN FA 141 -4.77 12.34 52.75
CA GLN FA 141 -4.33 12.93 51.49
C GLN FA 141 -3.72 11.88 50.58
N LYS FA 142 -4.11 10.63 50.80
CA LYS FA 142 -3.62 9.51 50.02
C LYS FA 142 -4.75 8.55 49.67
N ALA FA 143 -4.42 7.60 48.80
CA ALA FA 143 -5.39 6.64 48.28
C ALA FA 143 -4.77 5.25 48.23
N THR FA 144 -5.32 4.35 49.02
CA THR FA 144 -4.88 2.96 49.05
C THR FA 144 -5.88 2.09 48.30
N LEU FA 145 -5.46 1.53 47.18
CA LEU FA 145 -6.22 0.54 46.41
C LEU FA 145 -5.86 -0.89 46.83
N VAL FA 146 -6.83 -1.78 46.71
CA VAL FA 146 -6.68 -3.20 47.06
C VAL FA 146 -6.99 -4.06 45.84
N CYS FA 147 -6.19 -5.11 45.63
CA CYS FA 147 -6.49 -6.13 44.64
C CYS FA 147 -6.62 -7.47 45.37
N LEU FA 148 -7.71 -8.18 45.11
CA LEU FA 148 -7.96 -9.47 45.74
C LEU FA 148 -8.20 -10.51 44.66
N ALA FA 149 -7.38 -11.56 44.66
CA ALA FA 149 -7.60 -12.70 43.77
C ALA FA 149 -7.99 -13.90 44.63
N THR FA 150 -9.07 -14.58 44.25
CA THR FA 150 -9.63 -15.64 45.06
C THR FA 150 -10.05 -16.84 44.23
N GLY FA 151 -10.06 -18.00 44.90
CA GLY FA 151 -10.59 -19.21 44.30
C GLY FA 151 -9.67 -19.72 43.22
N PHE FA 152 -8.50 -20.18 43.63
CA PHE FA 152 -7.53 -20.74 42.71
C PHE FA 152 -6.72 -21.80 43.46
N TYR FA 153 -6.12 -22.70 42.67
CA TYR FA 153 -5.38 -23.85 43.16
C TYR FA 153 -4.53 -24.43 42.03
N PRO FA 154 -3.24 -24.66 42.24
CA PRO FA 154 -2.43 -24.44 43.44
C PRO FA 154 -2.07 -22.96 43.63
N ASP FA 155 -1.12 -22.66 44.53
CA ASP FA 155 -0.77 -21.30 44.94
C ASP FA 155 0.36 -20.66 44.12
N HIS FA 156 0.53 -21.07 42.85
CA HIS FA 156 1.53 -20.47 41.95
C HIS FA 156 0.81 -19.41 41.14
N VAL FA 157 0.86 -18.19 41.65
CA VAL FA 157 0.22 -17.03 41.05
C VAL FA 157 1.22 -15.89 41.11
N GLU FA 158 1.09 -14.92 40.22
CA GLU FA 158 2.00 -13.78 40.21
C GLU FA 158 1.19 -12.51 40.04
N LEU FA 159 1.40 -11.54 40.93
CA LEU FA 159 0.62 -10.32 40.91
C LEU FA 159 1.49 -9.13 40.49
N SER FA 160 0.88 -8.19 39.73
CA SER FA 160 1.53 -6.96 39.29
C SER FA 160 0.48 -5.84 39.23
N TRP FA 161 0.94 -4.60 39.42
CA TRP FA 161 0.10 -3.43 39.19
C TRP FA 161 0.52 -2.67 37.93
N TRP FA 162 -0.46 -2.03 37.29
CA TRP FA 162 -0.25 -1.21 36.09
C TRP FA 162 -0.94 0.14 36.24
N VAL FA 163 -0.15 1.20 36.18
CA VAL FA 163 -0.62 2.59 36.18
C VAL FA 163 -0.31 3.19 34.81
N ASN FA 164 -1.36 3.60 34.09
CA ASN FA 164 -1.18 4.18 32.78
C ASN FA 164 -0.43 3.21 31.90
N GLY FA 165 -0.82 1.93 31.96
CA GLY FA 165 -0.25 0.94 31.05
C GLY FA 165 1.15 0.50 31.38
N LYS FA 166 1.79 1.11 32.37
CA LYS FA 166 3.14 0.76 32.80
C LYS FA 166 3.10 0.15 34.20
N GLU FA 167 3.95 -0.84 34.39
CA GLU FA 167 4.09 -1.47 35.69
C GLU FA 167 4.76 -0.50 36.68
N VAL FA 168 4.31 -0.52 37.93
CA VAL FA 168 4.76 0.41 38.96
C VAL FA 168 5.65 -0.23 40.03
N HIS FA 169 6.39 0.64 40.69
CA HIS FA 169 7.41 0.29 41.66
C HIS FA 169 7.07 0.80 43.06
N SER FA 170 6.81 2.10 43.24
CA SER FA 170 6.50 2.61 44.57
C SER FA 170 5.06 2.26 44.95
N GLY FA 171 4.80 2.20 46.24
CA GLY FA 171 3.43 1.96 46.60
C GLY FA 171 2.90 0.57 46.29
N VAL FA 172 3.76 -0.35 45.87
CA VAL FA 172 3.33 -1.71 45.54
C VAL FA 172 3.43 -2.53 46.82
N CYS FA 173 2.42 -3.31 47.13
CA CYS FA 173 2.49 -4.08 48.37
C CYS FA 173 1.82 -5.43 48.15
N THR FA 174 2.58 -6.40 47.67
CA THR FA 174 2.03 -7.73 47.45
C THR FA 174 2.29 -8.59 48.67
N ASP FA 175 1.26 -9.25 49.16
CA ASP FA 175 1.43 -10.08 50.35
C ASP FA 175 2.45 -11.20 50.14
N PRO FA 176 3.16 -11.58 51.21
CA PRO FA 176 4.25 -12.56 51.05
C PRO FA 176 3.78 -13.93 50.57
N GLN FA 177 2.72 -14.47 51.16
CA GLN FA 177 2.31 -15.82 50.83
C GLN FA 177 0.80 -15.87 50.64
N PRO FA 178 0.32 -16.67 49.69
CA PRO FA 178 -1.14 -16.84 49.57
C PRO FA 178 -1.71 -17.61 50.75
N LEU FA 179 -2.98 -17.34 51.08
CA LEU FA 179 -3.63 -18.04 52.18
C LEU FA 179 -4.84 -18.85 51.71
N LYS FA 180 -5.10 -19.93 52.44
CA LYS FA 180 -6.23 -20.83 52.18
C LYS FA 180 -7.51 -20.21 52.69
N GLU FA 181 -8.51 -20.12 51.81
CA GLU FA 181 -9.84 -19.71 52.22
C GLU FA 181 -10.39 -20.67 53.28
N GLN FA 182 -9.94 -21.93 53.24
CA GLN FA 182 -10.39 -22.98 54.15
C GLN FA 182 -9.18 -23.63 54.81
N PRO FA 183 -8.65 -23.04 55.88
CA PRO FA 183 -7.44 -23.62 56.50
C PRO FA 183 -7.64 -25.02 57.03
N ALA FA 184 -8.89 -25.48 57.16
CA ALA FA 184 -9.14 -26.80 57.69
C ALA FA 184 -8.85 -27.87 56.64
N LEU FA 185 -9.04 -27.55 55.37
CA LEU FA 185 -8.71 -28.46 54.29
C LEU FA 185 -7.21 -28.44 54.02
N ASN FA 186 -6.63 -29.60 53.67
CA ASN FA 186 -5.26 -29.64 53.16
C ASN FA 186 -5.15 -29.38 51.66
N ASP FA 187 -6.25 -29.14 50.96
CA ASP FA 187 -6.22 -28.81 49.53
C ASP FA 187 -7.14 -27.63 49.23
N SER FA 188 -7.30 -26.73 50.19
CA SER FA 188 -8.17 -25.59 50.00
C SER FA 188 -7.71 -24.74 48.83
N ARG FA 189 -8.67 -24.03 48.24
CA ARG FA 189 -8.34 -23.03 47.24
C ARG FA 189 -7.79 -21.80 47.94
N TYR FA 190 -7.05 -21.00 47.19
CA TYR FA 190 -6.21 -19.97 47.77
C TYR FA 190 -6.72 -18.58 47.45
N ALA FA 191 -6.12 -17.61 48.13
CA ALA FA 191 -6.37 -16.19 47.94
C ALA FA 191 -5.08 -15.44 48.15
N LEU FA 192 -5.01 -14.25 47.55
CA LEU FA 192 -3.86 -13.38 47.65
C LEU FA 192 -4.33 -11.93 47.68
N SER FA 193 -3.65 -11.06 48.43
CA SER FA 193 -3.97 -9.64 48.36
C SER FA 193 -2.76 -8.85 47.92
N SER FA 194 -3.03 -7.60 47.55
CA SER FA 194 -2.01 -6.63 47.25
C SER FA 194 -2.58 -5.24 47.52
N ARG FA 195 -1.67 -4.28 47.68
CA ARG FA 195 -2.05 -2.89 47.88
C ARG FA 195 -1.26 -1.99 46.95
N LEU FA 196 -1.92 -0.90 46.55
CA LEU FA 196 -1.28 0.16 45.78
C LEU FA 196 -1.67 1.51 46.39
N ARG FA 197 -0.71 2.24 46.94
CA ARG FA 197 -0.98 3.55 47.51
C ARG FA 197 -0.33 4.61 46.65
N VAL FA 198 -1.12 5.61 46.27
CA VAL FA 198 -0.63 6.78 45.55
C VAL FA 198 -1.27 8.01 46.18
N SER FA 199 -0.67 9.16 45.93
CA SER FA 199 -1.19 10.40 46.50
C SER FA 199 -2.63 10.61 46.04
N ALA FA 200 -3.42 11.27 46.90
CA ALA FA 200 -4.83 11.52 46.60
C ALA FA 200 -5.01 12.41 45.37
N THR FA 201 -4.11 13.38 45.18
CA THR FA 201 -4.20 14.25 44.03
C THR FA 201 -4.16 13.43 42.74
N PHE FA 202 -3.36 12.36 42.72
CA PHE FA 202 -3.23 11.46 41.58
C PHE FA 202 -4.48 10.61 41.39
N TRP FA 203 -5.13 10.19 42.49
CA TRP FA 203 -6.35 9.40 42.39
C TRP FA 203 -7.52 10.20 41.87
N GLN FA 204 -7.59 11.48 42.22
CA GLN FA 204 -8.73 12.30 41.83
C GLN FA 204 -8.64 12.81 40.39
N ASN FA 205 -7.74 12.26 39.59
CA ASN FA 205 -7.59 12.58 38.17
C ASN FA 205 -8.18 11.43 37.35
N PRO FA 206 -9.39 11.57 36.79
CA PRO FA 206 -9.96 10.47 35.99
C PRO FA 206 -9.20 10.15 34.71
N ARG FA 207 -8.16 10.92 34.35
CA ARG FA 207 -7.32 10.59 33.19
C ARG FA 207 -6.35 9.46 33.45
N ASN FA 208 -6.21 9.03 34.72
CA ASN FA 208 -5.21 8.03 35.11
C ASN FA 208 -5.82 6.64 35.27
N HIS FA 209 -5.10 5.65 34.74
CA HIS FA 209 -5.57 4.27 34.59
C HIS FA 209 -4.79 3.33 35.49
N PHE FA 210 -5.52 2.52 36.26
CA PHE FA 210 -4.94 1.56 37.20
C PHE FA 210 -5.47 0.16 36.85
N ARG FA 211 -4.56 -0.80 36.65
CA ARG FA 211 -5.00 -2.15 36.32
C ARG FA 211 -4.23 -3.19 37.11
N CYS FA 212 -4.93 -4.14 37.74
CA CYS FA 212 -4.29 -5.21 38.53
C CYS FA 212 -4.26 -6.52 37.76
N GLN FA 213 -3.04 -7.05 37.52
CA GLN FA 213 -2.86 -8.26 36.71
C GLN FA 213 -2.32 -9.40 37.58
N VAL FA 214 -2.95 -10.57 37.46
CA VAL FA 214 -2.59 -11.78 38.18
C VAL FA 214 -2.27 -12.89 37.16
N GLN FA 215 -0.99 -13.25 37.02
CA GLN FA 215 -0.61 -14.38 36.18
C GLN FA 215 -0.78 -15.72 36.92
N PHE FA 216 -1.56 -16.62 36.33
CA PHE FA 216 -1.84 -17.93 36.91
C PHE FA 216 -1.17 -19.02 36.09
N TYR FA 217 -0.58 -19.97 36.80
CA TYR FA 217 0.01 -21.16 36.17
C TYR FA 217 -0.96 -22.30 36.35
N GLY FA 218 -1.50 -22.76 35.24
CA GLY FA 218 -2.49 -23.83 35.23
C GLY FA 218 -2.10 -24.90 34.24
N LEU FA 219 -3.11 -25.55 33.68
CA LEU FA 219 -2.88 -26.70 32.84
C LEU FA 219 -2.38 -26.28 31.46
N SER FA 220 -1.99 -27.29 30.68
CA SER FA 220 -1.62 -27.16 29.28
C SER FA 220 -2.66 -27.88 28.42
N GLU FA 221 -2.80 -27.47 27.16
CA GLU FA 221 -3.82 -28.02 26.27
C GLU FA 221 -3.58 -29.48 25.89
N ASN FA 222 -2.41 -30.05 26.18
CA ASN FA 222 -2.25 -31.48 25.93
C ASN FA 222 -2.87 -32.31 27.03
N ASP FA 223 -3.52 -31.66 28.01
CA ASP FA 223 -4.47 -32.31 28.89
C ASP FA 223 -5.86 -31.97 28.40
N GLU FA 224 -6.82 -32.78 28.82
CA GLU FA 224 -8.19 -32.66 28.37
C GLU FA 224 -9.07 -32.23 29.52
N TRP FA 225 -10.14 -31.50 29.20
CA TRP FA 225 -11.04 -31.10 30.26
C TRP FA 225 -12.01 -32.26 30.48
N THR FA 226 -11.53 -33.22 31.27
CA THR FA 226 -12.34 -34.38 31.61
C THR FA 226 -13.28 -34.05 32.76
N GLN FA 227 -13.15 -32.85 33.29
CA GLN FA 227 -13.99 -32.38 34.38
C GLN FA 227 -15.24 -31.73 33.78
N ASP FA 228 -16.26 -31.57 34.62
CA ASP FA 228 -17.55 -31.04 34.18
C ASP FA 228 -17.58 -29.54 34.51
N ARG FA 229 -16.76 -28.80 33.74
CA ARG FA 229 -16.56 -27.36 33.93
C ARG FA 229 -15.64 -26.78 32.85
N ALA FA 230 -15.35 -25.49 32.92
CA ALA FA 230 -14.37 -24.81 32.08
C ALA FA 230 -12.96 -25.37 32.31
N LYS FA 231 -12.09 -25.25 31.29
CA LYS FA 231 -10.72 -25.74 31.38
C LYS FA 231 -9.80 -24.72 32.04
N PRO FA 232 -9.17 -25.05 33.20
CA PRO FA 232 -8.21 -24.16 33.92
C PRO FA 232 -6.75 -24.16 33.46
N VAL FA 233 -6.52 -23.56 32.29
CA VAL FA 233 -5.19 -23.50 31.69
C VAL FA 233 -4.51 -22.20 32.08
N THR FA 234 -3.21 -22.13 31.77
CA THR FA 234 -2.42 -20.93 31.98
C THR FA 234 -3.13 -19.77 31.33
N GLN FA 235 -3.12 -18.62 32.02
CA GLN FA 235 -3.95 -17.50 31.61
C GLN FA 235 -3.54 -16.25 32.38
N ILE FA 236 -4.02 -15.11 31.91
CA ILE FA 236 -3.97 -13.85 32.65
C ILE FA 236 -5.38 -13.53 33.11
N VAL FA 237 -5.52 -13.09 34.36
CA VAL FA 237 -6.78 -12.62 34.91
C VAL FA 237 -6.57 -11.19 35.44
N SER FA 238 -7.38 -10.24 34.97
CA SER FA 238 -7.23 -8.82 35.30
C SER FA 238 -8.54 -8.24 35.82
N ALA FA 239 -8.42 -7.12 36.53
CA ALA FA 239 -9.52 -6.23 36.86
C ALA FA 239 -8.95 -4.82 36.84
N GLU FA 240 -9.82 -3.81 36.71
CA GLU FA 240 -9.33 -2.45 36.55
C GLU FA 240 -10.29 -1.43 37.14
N ALA FA 241 -9.75 -0.20 37.29
CA ALA FA 241 -10.45 1.03 37.63
C ALA FA 241 -9.64 2.23 37.17
N TRP FA 242 -10.37 3.28 36.81
CA TRP FA 242 -9.81 4.56 36.41
C TRP FA 242 -9.88 5.52 37.58
N GLY FA 243 -9.18 6.64 37.44
CA GLY FA 243 -9.32 7.68 38.43
C GLY FA 243 -10.75 8.18 38.43
N ARG FA 244 -11.18 8.68 39.59
CA ARG FA 244 -12.54 9.18 39.76
C ARG FA 244 -12.38 10.45 40.60
N ALA FA 245 -12.44 11.61 39.96
CA ALA FA 245 -12.27 12.91 40.63
C ALA FA 245 -12.88 13.00 42.03
N GLY GA 2 70.56 -32.49 49.52
CA GLY GA 2 70.02 -33.77 49.97
C GLY GA 2 68.51 -33.72 50.01
N SER GA 3 67.96 -33.19 48.93
CA SER GA 3 66.55 -32.90 48.70
C SER GA 3 65.76 -34.16 48.37
N HIS GA 4 64.44 -34.07 48.64
CA HIS GA 4 63.47 -35.13 48.48
C HIS GA 4 62.36 -34.64 47.55
N SER GA 5 61.59 -35.58 46.99
CA SER GA 5 60.58 -35.27 45.97
C SER GA 5 59.33 -36.13 46.14
N MET GA 6 58.19 -35.59 45.74
CA MET GA 6 56.98 -36.40 45.67
C MET GA 6 56.37 -36.22 44.29
N ARG GA 7 55.92 -37.31 43.68
CA ARG GA 7 55.37 -37.30 42.34
C ARG GA 7 54.14 -38.18 42.29
N TYR GA 8 53.14 -37.76 41.56
CA TYR GA 8 51.98 -38.58 41.30
C TYR GA 8 51.90 -38.86 39.80
N PHE GA 9 51.49 -40.08 39.44
CA PHE GA 9 51.47 -40.54 38.06
C PHE GA 9 50.07 -40.98 37.65
N PHE GA 10 49.61 -40.48 36.50
CA PHE GA 10 48.30 -40.85 35.96
C PHE GA 10 48.44 -41.29 34.51
N THR GA 11 47.64 -42.31 34.16
CA THR GA 11 47.58 -42.85 32.82
C THR GA 11 46.12 -43.16 32.49
N SER GA 12 45.68 -42.66 31.33
CA SER GA 12 44.35 -42.94 30.82
C SER GA 12 44.46 -43.55 29.43
N VAL GA 13 43.97 -44.77 29.29
CA VAL GA 13 43.99 -45.50 28.04
C VAL GA 13 42.57 -45.93 27.73
N SER GA 14 42.08 -45.57 26.53
CA SER GA 14 40.70 -45.91 26.18
C SER GA 14 40.57 -47.39 25.89
N ARG GA 15 39.38 -47.92 26.17
CA ARG GA 15 39.05 -49.34 25.94
C ARG GA 15 37.92 -49.38 24.93
N PRO GA 16 38.24 -49.50 23.64
CA PRO GA 16 37.20 -49.40 22.62
C PRO GA 16 36.12 -50.45 22.78
N GLY GA 17 34.95 -50.01 23.17
CA GLY GA 17 33.84 -50.93 23.19
C GLY GA 17 33.73 -51.73 24.46
N ARG GA 18 34.79 -52.46 24.82
CA ARG GA 18 34.80 -53.40 25.94
C ARG GA 18 34.24 -52.74 27.19
N GLY GA 19 34.44 -51.44 27.33
CA GLY GA 19 33.92 -50.78 28.51
C GLY GA 19 34.62 -49.45 28.72
N GLU GA 20 34.49 -48.95 29.95
CA GLU GA 20 35.06 -47.66 30.32
C GLU GA 20 36.56 -47.72 30.15
N PRO GA 21 37.21 -46.60 29.87
CA PRO GA 21 38.65 -46.65 29.71
C PRO GA 21 39.36 -46.98 31.02
N ARG GA 22 40.50 -47.63 30.86
CA ARG GA 22 41.31 -48.05 31.97
C ARG GA 22 41.98 -46.85 32.60
N PHE GA 23 41.91 -46.76 33.92
CA PHE GA 23 42.53 -45.67 34.65
C PHE GA 23 43.44 -46.24 35.72
N ILE GA 24 44.72 -45.92 35.63
CA ILE GA 24 45.71 -46.31 36.61
C ILE GA 24 46.41 -45.07 37.11
N ALA GA 25 46.40 -44.89 38.42
CA ALA GA 25 47.15 -43.83 39.06
C ALA GA 25 47.99 -44.41 40.20
N VAL GA 26 49.26 -43.98 40.31
CA VAL GA 26 50.19 -44.39 41.37
C VAL GA 26 50.99 -43.19 41.86
N GLY GA 27 51.29 -43.21 43.15
CA GLY GA 27 52.13 -42.19 43.77
C GLY GA 27 53.47 -42.69 44.28
N TYR GA 28 54.47 -41.82 44.20
CA TYR GA 28 55.80 -42.08 44.70
C TYR GA 28 56.14 -41.00 45.72
N VAL GA 29 56.78 -41.39 46.81
CA VAL GA 29 57.54 -40.44 47.63
C VAL GA 29 59.02 -40.84 47.49
N ASP GA 30 59.81 -39.91 46.93
CA ASP GA 30 61.14 -40.20 46.36
C ASP GA 30 61.01 -41.46 45.53
N ASP GA 31 61.73 -42.53 45.83
CA ASP GA 31 61.64 -43.71 44.98
C ASP GA 31 60.91 -44.87 45.64
N THR GA 32 59.93 -44.56 46.48
CA THR GA 32 59.11 -45.58 47.10
C THR GA 32 57.65 -45.31 46.72
N GLN GA 33 57.01 -46.34 46.16
CA GLN GA 33 55.59 -46.28 45.87
C GLN GA 33 54.78 -46.48 47.15
N PHE GA 34 53.78 -45.63 47.35
CA PHE GA 34 53.04 -45.71 48.60
C PHE GA 34 51.53 -45.73 48.47
N VAL GA 35 50.96 -45.27 47.35
CA VAL GA 35 49.52 -45.36 47.14
C VAL GA 35 49.25 -45.83 45.72
N ARG GA 36 48.07 -46.38 45.54
CA ARG GA 36 47.80 -47.05 44.30
C ARG GA 36 46.29 -47.05 44.07
N PHE GA 37 45.90 -46.84 42.82
CA PHE GA 37 44.50 -46.93 42.44
C PHE GA 37 44.34 -47.44 41.04
N ASP GA 38 43.46 -48.43 40.89
CA ASP GA 38 43.14 -48.98 39.59
C ASP GA 38 41.64 -48.99 39.44
N SER GA 39 41.16 -48.40 38.35
CA SER GA 39 39.72 -48.35 38.05
C SER GA 39 39.11 -49.73 37.86
N ASP GA 40 39.93 -50.72 37.51
CA ASP GA 40 39.43 -52.08 37.25
C ASP GA 40 39.41 -52.94 38.51
N ALA GA 41 40.01 -52.49 39.60
CA ALA GA 41 40.00 -53.26 40.83
C ALA GA 41 38.64 -53.18 41.52
N ALA GA 42 38.27 -54.27 42.21
CA ALA GA 42 37.00 -54.29 42.92
C ALA GA 42 36.97 -53.25 44.02
N SER GA 43 38.16 -52.86 44.53
CA SER GA 43 38.29 -51.87 45.60
C SER GA 43 37.52 -50.61 45.28
N GLN GA 44 37.70 -50.10 44.06
CA GLN GA 44 37.15 -48.81 43.66
C GLN GA 44 37.58 -47.74 44.65
N ARG GA 45 38.72 -47.95 45.28
CA ARG GA 45 39.16 -47.04 46.32
C ARG GA 45 40.66 -46.90 46.23
N MET GA 46 41.13 -45.73 46.65
CA MET GA 46 42.55 -45.48 46.78
C MET GA 46 43.17 -46.51 47.71
N GLU GA 47 44.30 -47.09 47.30
CA GLU GA 47 44.86 -48.08 48.21
C GLU GA 47 46.31 -47.78 48.56
N PRO GA 48 46.74 -48.17 49.76
CA PRO GA 48 48.14 -48.07 50.16
C PRO GA 48 49.01 -49.21 49.64
N ARG GA 49 50.30 -48.92 49.58
CA ARG GA 49 51.33 -49.83 49.09
C ARG GA 49 52.56 -49.90 49.97
N ALA GA 50 53.06 -48.75 50.46
CA ALA GA 50 54.12 -48.71 51.46
C ALA GA 50 53.51 -48.70 52.87
N PRO GA 51 54.19 -49.33 53.87
CA PRO GA 51 53.53 -49.53 55.18
C PRO GA 51 53.23 -48.28 55.95
N TRP GA 52 54.11 -47.29 55.88
CA TRP GA 52 53.98 -46.17 56.81
C TRP GA 52 52.79 -45.29 56.54
N ILE GA 53 52.05 -45.56 55.47
CA ILE GA 53 50.86 -44.76 55.17
C ILE GA 53 49.60 -45.36 55.76
N GLU GA 54 49.65 -46.63 56.23
CA GLU GA 54 48.46 -47.31 56.75
C GLU GA 54 47.99 -46.77 58.08
N GLN GA 55 48.88 -46.05 58.77
CA GLN GA 55 48.56 -45.42 60.03
C GLN GA 55 47.50 -44.32 59.86
N GLU GA 56 47.34 -43.79 58.64
CA GLU GA 56 46.39 -42.70 58.36
C GLU GA 56 44.95 -43.22 58.43
N GLY GA 57 44.03 -42.32 58.86
CA GLY GA 57 42.69 -42.72 59.22
C GLY GA 57 41.76 -42.85 58.01
N PRO GA 58 40.51 -43.24 58.29
CA PRO GA 58 39.54 -43.37 57.19
C PRO GA 58 39.28 -42.06 56.47
N GLU GA 59 39.43 -40.94 57.19
CA GLU GA 59 39.24 -39.60 56.63
C GLU GA 59 40.27 -39.30 55.56
N TYR GA 60 41.53 -39.68 55.80
CA TYR GA 60 42.53 -39.56 54.76
C TYR GA 60 42.18 -40.45 53.58
N TRP GA 61 41.76 -41.69 53.84
CA TRP GA 61 41.41 -42.54 52.72
C TRP GA 61 40.10 -42.13 52.08
N ASP GA 62 39.21 -41.46 52.80
CA ASP GA 62 37.98 -41.03 52.15
C ASP GA 62 38.25 -39.91 51.16
N GLN GA 63 38.92 -38.85 51.61
CA GLN GA 63 39.24 -37.75 50.71
C GLN GA 63 40.04 -38.23 49.49
N GLU GA 64 41.16 -38.91 49.73
CA GLU GA 64 41.99 -39.33 48.60
C GLU GA 64 41.21 -40.09 47.54
N THR GA 65 40.25 -40.91 47.95
CA THR GA 65 39.47 -41.62 46.95
C THR GA 65 38.73 -40.63 46.04
N ARG GA 66 38.06 -39.64 46.64
CA ARG GA 66 37.27 -38.70 45.87
C ARG GA 66 38.15 -37.76 45.06
N ASN GA 67 39.29 -37.38 45.59
CA ASN GA 67 40.11 -36.49 44.79
C ASN GA 67 40.77 -37.22 43.64
N VAL GA 68 40.88 -38.55 43.69
CA VAL GA 68 41.38 -39.29 42.53
C VAL GA 68 40.27 -39.71 41.59
N LYS GA 69 39.07 -40.03 42.11
CA LYS GA 69 37.95 -40.37 41.24
C LYS GA 69 37.52 -39.19 40.38
N ALA GA 70 37.74 -37.98 40.89
CA ALA GA 70 37.52 -36.76 40.12
C ALA GA 70 38.56 -36.65 39.01
N GLN GA 71 39.83 -36.94 39.31
CA GLN GA 71 40.84 -36.88 38.26
C GLN GA 71 40.59 -37.87 37.15
N SER GA 72 40.15 -39.09 37.49
CA SER GA 72 39.80 -40.10 36.48
C SER GA 72 38.67 -39.65 35.53
N GLN GA 73 37.64 -39.03 36.08
CA GLN GA 73 36.51 -38.69 35.24
C GLN GA 73 36.88 -37.55 34.31
N THR GA 74 37.57 -36.53 34.82
CA THR GA 74 38.09 -35.43 34.00
C THR GA 74 39.12 -35.94 33.01
N ASP GA 75 39.40 -37.24 33.03
CA ASP GA 75 40.22 -37.82 31.98
C ASP GA 75 39.43 -38.63 30.95
N ARG GA 76 38.35 -39.28 31.38
CA ARG GA 76 37.46 -39.93 30.43
C ARG GA 76 36.93 -38.89 29.48
N VAL GA 77 36.52 -37.76 30.03
CA VAL GA 77 36.05 -36.67 29.20
C VAL GA 77 37.13 -36.24 28.24
N ASP GA 78 38.31 -35.95 28.77
CA ASP GA 78 39.40 -35.46 27.92
C ASP GA 78 39.86 -36.47 26.87
N LEU GA 79 39.80 -37.77 27.17
CA LEU GA 79 40.18 -38.77 26.17
C LEU GA 79 39.41 -38.58 24.85
N GLY GA 80 38.09 -38.37 24.94
CA GLY GA 80 37.27 -38.09 23.76
C GLY GA 80 37.44 -36.69 23.23
N THR GA 81 37.66 -35.72 24.11
CA THR GA 81 37.86 -34.34 23.69
C THR GA 81 39.04 -34.20 22.74
N LEU GA 82 40.16 -34.84 23.06
CA LEU GA 82 41.28 -34.78 22.13
C LEU GA 82 41.00 -35.57 20.85
N ARG GA 83 40.22 -36.65 20.95
CA ARG GA 83 39.68 -37.32 19.76
C ARG GA 83 39.10 -36.30 18.82
N GLY GA 84 38.29 -35.40 19.36
CA GLY GA 84 37.74 -34.31 18.60
C GLY GA 84 38.82 -33.37 18.13
N TYR GA 85 39.58 -32.78 19.07
CA TYR GA 85 40.63 -31.83 18.70
C TYR GA 85 41.44 -32.33 17.51
N TYR GA 86 41.79 -33.61 17.52
CA TYR GA 86 42.66 -34.20 16.53
C TYR GA 86 41.92 -34.77 15.31
N ASN GA 87 40.58 -34.69 15.30
CA ASN GA 87 39.74 -35.18 14.20
C ASN GA 87 40.15 -36.63 13.91
N GLN GA 88 40.14 -37.44 14.98
CA GLN GA 88 40.61 -38.82 15.00
C GLN GA 88 39.45 -39.80 15.08
N SER GA 89 39.70 -41.00 14.57
CA SER GA 89 38.68 -42.05 14.59
C SER GA 89 38.38 -42.49 16.02
N GLU GA 90 37.14 -42.90 16.26
CA GLU GA 90 36.81 -43.43 17.57
C GLU GA 90 36.93 -44.94 17.63
N ALA GA 91 37.59 -45.56 16.66
CA ALA GA 91 37.79 -46.98 16.73
C ALA GA 91 39.15 -47.35 17.32
N GLY GA 92 40.02 -46.38 17.55
CA GLY GA 92 41.38 -46.64 18.00
C GLY GA 92 41.50 -46.29 19.46
N SER GA 93 42.32 -47.04 20.18
CA SER GA 93 42.51 -46.75 21.58
C SER GA 93 43.57 -45.65 21.71
N HIS GA 94 43.45 -44.84 22.77
CA HIS GA 94 44.34 -43.68 22.97
C HIS GA 94 44.83 -43.58 24.42
N THR GA 95 45.98 -42.90 24.58
CA THR GA 95 46.69 -42.78 25.85
C THR GA 95 46.95 -41.34 26.25
N ILE GA 96 46.48 -40.94 27.43
CA ILE GA 96 46.83 -39.67 28.05
C ILE GA 96 47.69 -39.99 29.26
N GLN GA 97 48.75 -39.24 29.46
CA GLN GA 97 49.56 -39.40 30.66
C GLN GA 97 49.74 -38.06 31.35
N ILE GA 98 49.41 -38.02 32.66
CA ILE GA 98 49.63 -36.84 33.50
C ILE GA 98 50.55 -37.25 34.63
N MET GA 99 51.52 -36.38 34.93
CA MET GA 99 52.44 -36.49 36.06
C MET GA 99 52.68 -35.13 36.71
N TYR GA 100 52.54 -35.06 38.03
CA TYR GA 100 52.91 -33.82 38.69
C TYR GA 100 53.48 -34.08 40.07
N GLY GA 101 54.21 -33.09 40.60
CA GLY GA 101 54.77 -33.26 41.93
C GLY GA 101 55.51 -32.04 42.42
N CYS GA 102 56.13 -32.19 43.62
CA CYS GA 102 56.86 -31.13 44.31
C CYS GA 102 58.18 -31.67 44.86
N ASP GA 103 59.15 -30.75 44.99
CA ASP GA 103 60.47 -30.99 45.55
C ASP GA 103 60.66 -30.15 46.80
N VAL GA 104 61.14 -30.78 47.87
CA VAL GA 104 61.54 -30.07 49.08
C VAL GA 104 63.03 -30.30 49.30
N GLY GA 105 63.67 -29.30 49.92
CA GLY GA 105 65.08 -29.41 50.22
C GLY GA 105 65.22 -30.18 51.51
N SER GA 106 66.46 -30.28 52.01
CA SER GA 106 66.68 -31.10 53.22
C SER GA 106 65.89 -30.58 54.43
N ASP GA 107 65.72 -29.25 54.56
CA ASP GA 107 64.98 -28.63 55.66
C ASP GA 107 63.49 -28.43 55.38
N GLY GA 108 62.95 -29.01 54.31
CA GLY GA 108 61.56 -28.83 53.99
C GLY GA 108 61.25 -27.75 52.97
N ARG GA 109 62.25 -26.96 52.56
CA ARG GA 109 62.02 -25.78 51.70
C ARG GA 109 61.31 -26.14 50.40
N PHE GA 110 60.40 -25.26 49.99
CA PHE GA 110 59.76 -25.44 48.70
C PHE GA 110 60.80 -25.14 47.62
N LEU GA 111 60.96 -26.06 46.68
CA LEU GA 111 61.94 -25.88 45.64
C LEU GA 111 61.29 -25.56 44.32
N ARG GA 112 60.56 -26.58 43.87
CA ARG GA 112 60.09 -26.74 42.52
C ARG GA 112 58.83 -27.57 42.55
N GLY GA 113 57.92 -27.23 41.66
CA GLY GA 113 56.76 -28.04 41.39
C GLY GA 113 56.63 -28.15 39.89
N TYR GA 114 56.01 -29.24 39.47
CA TYR GA 114 56.03 -29.45 38.03
C TYR GA 114 54.78 -30.23 37.63
N ARG GA 115 54.25 -29.91 36.46
CA ARG GA 115 53.11 -30.64 35.90
C ARG GA 115 53.37 -30.81 34.42
N GLN GA 116 53.23 -32.04 33.94
CA GLN GA 116 53.36 -32.39 32.55
C GLN GA 116 52.30 -33.40 32.15
N ASP GA 117 51.70 -33.17 31.00
CA ASP GA 117 50.63 -33.98 30.45
C ASP GA 117 51.03 -34.46 29.07
N ALA GA 118 50.55 -35.64 28.68
CA ALA GA 118 50.91 -36.19 27.38
C ALA GA 118 49.72 -36.91 26.73
N TYR GA 119 49.72 -36.92 25.40
CA TYR GA 119 48.69 -37.60 24.61
C TYR GA 119 49.37 -38.59 23.67
N ASP GA 120 49.01 -39.86 23.80
CA ASP GA 120 49.57 -40.94 22.98
C ASP GA 120 51.10 -40.95 23.03
N GLY GA 121 51.66 -40.70 24.21
CA GLY GA 121 53.10 -40.76 24.24
C GLY GA 121 53.81 -39.54 23.69
N LYS GA 122 53.08 -38.45 23.44
CA LYS GA 122 53.69 -37.22 22.97
C LYS GA 122 53.45 -36.16 24.01
N ASP GA 123 54.42 -35.26 24.16
CA ASP GA 123 54.26 -34.10 25.03
C ASP GA 123 53.00 -33.37 24.57
N TYR GA 124 52.14 -32.99 25.50
CA TYR GA 124 50.94 -32.25 25.11
C TYR GA 124 51.04 -30.82 25.63
N ILE GA 125 50.91 -30.63 26.94
CA ILE GA 125 51.12 -29.34 27.53
C ILE GA 125 51.86 -29.54 28.84
N ALA GA 126 52.54 -28.49 29.27
CA ALA GA 126 53.26 -28.58 30.54
C ALA GA 126 53.26 -27.23 31.25
N LEU GA 127 53.48 -27.29 32.57
CA LEU GA 127 53.62 -26.11 33.42
C LEU GA 127 55.06 -25.62 33.38
N ASN GA 128 55.25 -24.32 33.20
CA ASN GA 128 56.59 -23.83 33.00
C ASN GA 128 57.30 -23.61 34.32
N GLU GA 129 58.58 -23.25 34.19
CA GLU GA 129 59.38 -23.00 35.37
C GLU GA 129 58.69 -21.98 36.27
N ASP GA 130 58.29 -20.84 35.70
CA ASP GA 130 57.80 -19.75 36.53
C ASP GA 130 56.59 -20.13 37.40
N LEU GA 131 55.96 -21.28 37.14
CA LEU GA 131 54.76 -21.75 37.85
C LEU GA 131 53.59 -20.79 37.69
N ARG GA 132 53.64 -20.01 36.59
CA ARG GA 132 52.65 -18.99 36.24
C ARG GA 132 52.13 -19.06 34.81
N SER GA 133 52.71 -19.88 33.93
CA SER GA 133 52.32 -19.96 32.52
C SER GA 133 52.45 -21.40 32.02
N TRP GA 134 51.96 -21.65 30.82
CA TRP GA 134 52.04 -22.99 30.27
C TRP GA 134 52.73 -22.99 28.91
N THR GA 135 53.15 -24.19 28.47
CA THR GA 135 53.73 -24.36 27.15
C THR GA 135 53.00 -25.46 26.39
N ALA GA 136 52.47 -25.05 25.25
CA ALA GA 136 51.81 -25.91 24.29
C ALA GA 136 52.79 -26.39 23.21
N ALA GA 137 52.56 -27.60 22.73
CA ALA GA 137 53.37 -28.25 21.71
C ALA GA 137 52.80 -28.15 20.29
N ASP GA 138 51.47 -28.02 20.14
CA ASP GA 138 50.79 -27.92 18.85
C ASP GA 138 49.63 -26.91 18.94
N MET GA 139 48.88 -26.75 17.85
CA MET GA 139 47.79 -25.77 17.86
C MET GA 139 46.56 -26.25 18.63
N ALA GA 140 46.43 -27.59 18.87
CA ALA GA 140 45.37 -28.11 19.75
C ALA GA 140 45.65 -27.81 21.21
N ALA GA 141 46.89 -28.04 21.64
CA ALA GA 141 47.31 -27.69 22.97
C ALA GA 141 47.30 -26.19 23.16
N GLN GA 142 47.39 -25.45 22.07
CA GLN GA 142 47.20 -24.02 22.16
C GLN GA 142 45.79 -23.68 22.66
N ILE GA 143 44.78 -24.53 22.38
CA ILE GA 143 43.41 -24.36 22.89
C ILE GA 143 43.27 -24.78 24.34
N THR GA 144 43.93 -25.87 24.73
CA THR GA 144 43.92 -26.20 26.16
C THR GA 144 44.59 -25.09 26.97
N LYS GA 145 45.82 -24.70 26.55
CA LYS GA 145 46.56 -23.59 27.15
C LYS GA 145 45.71 -22.33 27.27
N ARG GA 146 45.01 -21.97 26.20
CA ARG GA 146 44.18 -20.78 26.24
C ARG GA 146 43.05 -20.99 27.23
N LYS GA 147 42.45 -22.19 27.23
CA LYS GA 147 41.29 -22.38 28.07
C LYS GA 147 41.69 -22.23 29.54
N TRP GA 148 42.87 -22.72 29.89
CA TRP GA 148 43.30 -22.66 31.26
C TRP GA 148 43.73 -21.27 31.63
N GLU GA 149 44.31 -20.52 30.69
CA GLU GA 149 44.79 -19.18 31.04
C GLU GA 149 43.65 -18.30 31.52
N ALA GA 150 42.43 -18.68 31.18
CA ALA GA 150 41.24 -17.98 31.62
C ALA GA 150 40.78 -18.46 32.98
N ALA GA 151 40.67 -19.79 33.12
CA ALA GA 151 40.26 -20.47 34.35
C ALA GA 151 41.32 -20.42 35.43
N HIS GA 152 42.47 -19.81 35.14
CA HIS GA 152 43.48 -19.62 36.16
C HIS GA 152 43.92 -20.96 36.74
N GLU GA 153 44.13 -21.96 35.90
CA GLU GA 153 44.66 -23.18 36.51
C GLU GA 153 46.12 -23.06 36.94
N ALA GA 154 46.90 -22.11 36.38
CA ALA GA 154 48.28 -21.94 36.83
C ALA GA 154 48.34 -21.38 38.24
N GLU GA 155 47.46 -20.43 38.56
CA GLU GA 155 47.58 -19.76 39.83
C GLU GA 155 47.13 -20.69 40.95
N GLN GA 156 45.99 -21.34 40.79
CA GLN GA 156 45.63 -22.27 41.84
C GLN GA 156 46.33 -23.62 41.77
N LEU GA 157 47.12 -23.91 40.74
CA LEU GA 157 47.92 -25.13 40.83
C LEU GA 157 49.23 -24.89 41.53
N ARG GA 158 49.75 -23.65 41.46
CA ARG GA 158 50.88 -23.26 42.30
C ARG GA 158 50.52 -23.36 43.78
N ALA GA 159 49.31 -22.94 44.16
CA ALA GA 159 48.87 -23.02 45.54
C ALA GA 159 49.04 -24.41 46.12
N TYR GA 160 48.51 -25.43 45.43
CA TYR GA 160 48.79 -26.81 45.79
C TYR GA 160 50.28 -27.08 45.90
N LEU GA 161 51.04 -26.74 44.86
CA LEU GA 161 52.41 -27.24 44.80
C LEU GA 161 53.31 -26.74 45.91
N ASP GA 162 53.09 -25.54 46.40
CA ASP GA 162 53.86 -25.07 47.52
C ASP GA 162 53.02 -24.94 48.79
N GLY GA 163 51.80 -25.45 48.77
CA GLY GA 163 51.02 -25.43 49.98
C GLY GA 163 50.81 -26.86 50.40
N THR GA 164 49.67 -27.42 50.02
CA THR GA 164 49.31 -28.75 50.48
C THR GA 164 50.36 -29.81 50.10
N CYS GA 165 50.99 -29.71 48.93
CA CYS GA 165 51.95 -30.76 48.57
C CYS GA 165 53.15 -30.74 49.51
N VAL GA 166 53.75 -29.56 49.70
CA VAL GA 166 54.96 -29.52 50.49
C VAL GA 166 54.65 -29.83 51.97
N GLU GA 167 53.48 -29.43 52.47
CA GLU GA 167 53.13 -29.84 53.82
C GLU GA 167 53.11 -31.35 53.91
N TRP GA 168 52.19 -31.97 53.19
CA TRP GA 168 52.01 -33.41 53.27
C TRP GA 168 53.23 -34.19 52.81
N LEU GA 169 54.14 -33.59 52.05
CA LEU GA 169 55.44 -34.25 51.85
C LEU GA 169 56.27 -34.24 53.12
N ARG GA 170 56.31 -33.11 53.83
CA ARG GA 170 57.02 -33.07 55.11
C ARG GA 170 56.46 -34.10 56.09
N ARG GA 171 55.12 -34.17 56.20
CA ARG GA 171 54.46 -35.15 57.04
C ARG GA 171 54.72 -36.58 56.58
N TYR GA 172 54.62 -36.86 55.29
CA TYR GA 172 54.96 -38.21 54.83
C TYR GA 172 56.43 -38.57 55.13
N LEU GA 173 57.35 -37.59 55.06
CA LEU GA 173 58.78 -37.86 55.29
C LEU GA 173 59.11 -38.09 56.75
N GLU GA 174 58.20 -37.80 57.65
CA GLU GA 174 58.47 -38.02 59.05
C GLU GA 174 57.69 -39.21 59.53
N ASN GA 175 56.46 -39.31 59.06
CA ASN GA 175 55.59 -40.46 59.26
C ASN GA 175 56.21 -41.75 58.73
N GLY GA 176 57.21 -41.62 57.85
CA GLY GA 176 58.00 -42.75 57.40
C GLY GA 176 59.50 -42.51 57.35
N LYS GA 177 60.03 -41.58 58.15
CA LYS GA 177 61.46 -41.28 58.09
C LYS GA 177 62.32 -42.54 58.27
N GLU GA 178 61.72 -43.63 58.78
CA GLU GA 178 62.46 -44.87 59.00
C GLU GA 178 62.97 -45.50 57.70
N THR GA 179 62.17 -45.43 56.63
CA THR GA 179 62.47 -46.13 55.39
C THR GA 179 62.77 -45.19 54.26
N LEU GA 180 62.44 -43.91 54.40
CA LEU GA 180 62.64 -42.97 53.31
C LEU GA 180 63.92 -42.18 53.46
N GLN GA 181 64.37 -41.99 54.71
CA GLN GA 181 65.57 -41.23 55.01
C GLN GA 181 66.83 -42.09 55.02
N ARG GA 182 66.66 -43.42 55.09
CA ARG GA 182 67.76 -44.39 55.06
C ARG GA 182 68.58 -44.27 53.77
N THR GA 183 69.89 -44.56 53.87
CA THR GA 183 70.76 -44.66 52.70
C THR GA 183 71.49 -46.00 52.68
N ASP GA 184 71.02 -46.95 51.81
CA ASP GA 184 71.64 -48.28 51.66
C ASP GA 184 72.74 -48.22 50.61
N PRO GA 185 73.95 -48.65 50.95
CA PRO GA 185 75.09 -48.51 50.04
C PRO GA 185 75.17 -49.65 49.05
N PRO GA 186 75.78 -49.44 47.87
CA PRO GA 186 75.91 -50.52 46.88
C PRO GA 186 77.00 -51.52 47.26
N LYS GA 187 76.63 -52.80 47.30
CA LYS GA 187 77.51 -53.94 47.55
C LYS GA 187 78.16 -54.39 46.24
N THR GA 188 79.46 -54.12 46.07
CA THR GA 188 80.11 -54.30 44.77
C THR GA 188 80.85 -55.61 44.71
N HIS GA 189 80.93 -56.16 43.50
CA HIS GA 189 81.76 -57.30 43.16
C HIS GA 189 81.79 -57.42 41.65
N MET GA 190 82.85 -58.00 41.12
CA MET GA 190 83.01 -58.12 39.68
C MET GA 190 82.96 -59.59 39.26
N THR GA 191 82.51 -59.84 38.03
CA THR GA 191 82.47 -61.20 37.46
C THR GA 191 83.15 -61.22 36.09
N HIS GA 192 83.51 -62.44 35.67
CA HIS GA 192 84.22 -62.64 34.40
C HIS GA 192 83.75 -63.89 33.65
N HIS GA 193 83.40 -63.73 32.35
CA HIS GA 193 82.99 -64.79 31.43
C HIS GA 193 83.63 -64.61 30.05
N PRO GA 194 84.55 -65.48 29.65
CA PRO GA 194 85.12 -65.40 28.30
C PRO GA 194 84.16 -65.88 27.21
N ILE GA 195 84.15 -65.18 26.09
CA ILE GA 195 83.41 -65.65 24.91
C ILE GA 195 84.33 -66.37 23.91
N SER GA 196 85.65 -66.13 23.98
CA SER GA 196 86.64 -66.83 23.15
C SER GA 196 88.00 -66.88 23.86
N ASP GA 197 88.99 -67.50 23.18
CA ASP GA 197 90.35 -67.54 23.72
C ASP GA 197 91.03 -66.18 23.64
N HIS GA 198 90.64 -65.36 22.66
CA HIS GA 198 91.22 -64.04 22.46
C HIS GA 198 90.39 -62.90 23.06
N GLU GA 199 89.24 -63.20 23.71
CA GLU GA 199 88.28 -62.20 24.17
C GLU GA 199 87.84 -62.49 25.60
N ALA GA 200 87.45 -61.43 26.32
CA ALA GA 200 86.93 -61.60 27.68
C ALA GA 200 85.96 -60.48 28.00
N THR GA 201 85.10 -60.74 28.99
CA THR GA 201 84.06 -59.80 29.42
C THR GA 201 84.25 -59.46 30.89
N LEU GA 202 84.33 -58.17 31.19
CA LEU GA 202 84.31 -57.70 32.57
C LEU GA 202 82.93 -57.11 32.87
N ARG GA 203 82.17 -57.77 33.75
CA ARG GA 203 80.83 -57.31 34.12
C ARG GA 203 80.92 -56.89 35.58
N CYS GA 204 80.63 -55.62 35.83
CA CYS GA 204 80.79 -55.01 37.16
C CYS GA 204 79.41 -54.86 37.81
N TRP GA 205 79.19 -55.55 38.93
CA TRP GA 205 77.88 -55.60 39.58
C TRP GA 205 77.77 -54.62 40.76
N ALA GA 206 76.54 -54.43 41.22
CA ALA GA 206 76.26 -53.70 42.46
C ALA GA 206 74.79 -53.95 42.81
N LEU GA 207 74.53 -54.65 43.92
CA LEU GA 207 73.15 -54.97 44.25
C LEU GA 207 72.75 -54.30 45.56
N GLY GA 208 71.44 -54.22 45.77
CA GLY GA 208 70.80 -53.73 46.99
C GLY GA 208 71.01 -52.29 47.42
N PHE GA 209 71.04 -51.35 46.45
CA PHE GA 209 71.23 -49.92 46.76
C PHE GA 209 69.91 -49.15 46.71
N TYR GA 210 69.89 -48.03 47.45
CA TYR GA 210 68.77 -47.13 47.58
C TYR GA 210 69.34 -45.77 47.96
N PRO GA 211 68.91 -44.69 47.31
CA PRO GA 211 67.90 -44.65 46.23
C PRO GA 211 68.45 -45.16 44.89
N ALA GA 212 67.72 -45.04 43.77
CA ALA GA 212 68.12 -45.72 42.54
C ALA GA 212 69.25 -44.99 41.83
N GLU GA 213 69.51 -43.74 42.19
CA GLU GA 213 70.62 -42.98 41.62
C GLU GA 213 71.94 -43.72 41.80
N ILE GA 214 72.61 -44.02 40.68
CA ILE GA 214 73.92 -44.66 40.70
C ILE GA 214 74.68 -44.30 39.44
N THR GA 215 76.01 -44.34 39.53
CA THR GA 215 76.89 -44.12 38.38
C THR GA 215 78.02 -45.13 38.44
N LEU GA 216 78.10 -45.99 37.42
CA LEU GA 216 79.16 -46.99 37.27
C LEU GA 216 79.95 -46.60 36.03
N THR GA 217 81.23 -46.31 36.20
CA THR GA 217 82.02 -45.79 35.10
C THR GA 217 83.26 -46.66 34.89
N TRP GA 218 83.39 -47.22 33.67
CA TRP GA 218 84.51 -48.08 33.26
C TRP GA 218 85.66 -47.21 32.81
N GLN GA 219 86.78 -47.34 33.50
CA GLN GA 219 87.94 -46.51 33.19
C GLN GA 219 89.08 -47.41 32.78
N ARG GA 220 89.55 -47.23 31.54
CA ARG GA 220 90.65 -47.97 30.95
C ARG GA 220 91.92 -47.14 31.13
N ASP GA 221 92.78 -47.59 32.04
CA ASP GA 221 93.98 -46.87 32.45
C ASP GA 221 93.62 -45.48 32.97
N GLY GA 222 92.49 -45.39 33.67
CA GLY GA 222 92.04 -44.13 34.22
C GLY GA 222 91.16 -43.35 33.28
N GLU GA 223 91.07 -43.77 32.02
CA GLU GA 223 90.39 -43.06 30.95
C GLU GA 223 89.05 -43.71 30.62
N ASP GA 224 88.04 -42.89 30.34
CA ASP GA 224 86.69 -43.39 30.15
C ASP GA 224 86.49 -44.02 28.78
N GLN GA 225 85.80 -45.16 28.79
CA GLN GA 225 85.44 -45.93 27.60
C GLN GA 225 84.07 -45.49 27.08
N THR GA 226 84.04 -44.24 26.61
CA THR GA 226 82.79 -43.65 26.13
C THR GA 226 82.14 -44.48 25.01
N GLN GA 227 82.93 -45.22 24.22
CA GLN GA 227 82.41 -46.05 23.14
C GLN GA 227 82.56 -47.56 23.35
N ASP GA 228 82.92 -48.05 24.54
CA ASP GA 228 83.21 -49.47 24.72
C ASP GA 228 82.39 -50.12 25.83
N THR GA 229 81.70 -49.34 26.64
CA THR GA 229 80.93 -49.83 27.76
C THR GA 229 79.45 -49.95 27.37
N GLU GA 230 78.80 -51.00 27.84
CA GLU GA 230 77.35 -51.14 27.74
C GLU GA 230 76.72 -51.10 29.12
N LEU GA 231 75.74 -50.23 29.30
CA LEU GA 231 75.05 -50.03 30.56
C LEU GA 231 73.61 -50.52 30.44
N VAL GA 232 73.13 -51.25 31.45
CA VAL GA 232 71.75 -51.74 31.42
C VAL GA 232 70.90 -50.88 32.34
N GLU GA 233 69.59 -50.92 32.11
CA GLU GA 233 68.66 -50.21 32.97
C GLU GA 233 68.88 -50.62 34.42
N THR GA 234 68.95 -49.62 35.29
CA THR GA 234 68.77 -49.88 36.71
C THR GA 234 67.47 -50.63 36.87
N ARG GA 235 67.53 -51.76 37.55
CA ARG GA 235 66.28 -52.50 37.62
C ARG GA 235 65.87 -52.67 39.07
N PRO GA 236 64.58 -52.77 39.34
CA PRO GA 236 64.13 -52.92 40.73
C PRO GA 236 64.35 -54.36 41.19
N ALA GA 237 64.83 -54.50 42.42
CA ALA GA 237 64.96 -55.86 42.94
C ALA GA 237 63.61 -56.46 43.28
N GLY GA 238 62.63 -55.62 43.61
CA GLY GA 238 61.34 -56.10 44.04
C GLY GA 238 61.14 -56.02 45.55
N ASP GA 239 62.13 -55.47 46.28
CA ASP GA 239 62.11 -55.42 47.73
C ASP GA 239 62.40 -54.03 48.28
N GLY GA 240 62.54 -53.02 47.40
CA GLY GA 240 62.90 -51.68 47.80
C GLY GA 240 64.33 -51.31 47.46
N THR GA 241 65.11 -52.24 46.93
CA THR GA 241 66.44 -51.91 46.49
C THR GA 241 66.56 -52.12 44.98
N PHE GA 242 67.67 -51.63 44.45
CA PHE GA 242 67.91 -51.52 43.01
C PHE GA 242 69.23 -52.19 42.66
N GLN GA 243 69.40 -52.50 41.38
CA GLN GA 243 70.57 -53.19 40.89
C GLN GA 243 71.01 -52.53 39.60
N LYS GA 244 72.30 -52.40 39.38
CA LYS GA 244 72.74 -51.96 38.06
C LYS GA 244 74.15 -52.48 37.80
N TRP GA 245 74.39 -52.91 36.56
CA TRP GA 245 75.70 -53.39 36.17
C TRP GA 245 76.09 -52.80 34.82
N ALA GA 246 77.39 -52.67 34.62
CA ALA GA 246 77.97 -52.19 33.37
C ALA GA 246 79.02 -53.20 32.93
N ALA GA 247 79.24 -53.29 31.64
CA ALA GA 247 80.21 -54.24 31.11
C ALA GA 247 81.06 -53.56 30.05
N VAL GA 248 82.31 -54.01 29.94
CA VAL GA 248 83.28 -53.44 29.02
C VAL GA 248 83.95 -54.58 28.25
N VAL GA 249 84.25 -54.34 26.98
CA VAL GA 249 84.89 -55.34 26.14
C VAL GA 249 86.39 -55.27 26.36
N VAL GA 250 86.97 -56.37 26.83
CA VAL GA 250 88.40 -56.40 27.16
C VAL GA 250 89.05 -57.58 26.45
N PRO GA 251 90.20 -57.39 25.77
CA PRO GA 251 90.92 -58.54 25.20
C PRO GA 251 91.52 -59.39 26.31
N SER GA 252 91.42 -60.71 26.16
CA SER GA 252 91.88 -61.62 27.19
C SER GA 252 93.36 -61.43 27.52
N GLY GA 253 93.66 -61.20 28.81
CA GLY GA 253 95.02 -60.97 29.27
C GLY GA 253 95.42 -59.55 29.62
N GLU GA 254 94.47 -58.65 29.91
CA GLU GA 254 94.75 -57.28 30.30
C GLU GA 254 93.78 -56.79 31.37
N GLU GA 255 93.37 -57.67 32.29
CA GLU GA 255 92.31 -57.40 33.26
C GLU GA 255 92.70 -56.47 34.39
N GLN GA 256 93.95 -56.01 34.43
CA GLN GA 256 94.34 -55.03 35.44
C GLN GA 256 94.21 -53.59 34.95
N ARG GA 257 94.34 -53.35 33.63
CA ARG GA 257 94.32 -51.98 33.08
C ARG GA 257 92.97 -51.30 33.28
N TYR GA 258 91.89 -52.07 33.36
CA TYR GA 258 90.55 -51.51 33.50
C TYR GA 258 90.16 -51.41 34.97
N THR GA 259 89.58 -50.27 35.33
CA THR GA 259 89.08 -50.04 36.67
C THR GA 259 87.64 -49.56 36.57
N CYS GA 260 86.87 -49.89 37.62
CA CYS GA 260 85.45 -49.61 37.70
C CYS GA 260 85.19 -48.64 38.86
N HIS GA 261 84.34 -47.63 38.65
CA HIS GA 261 84.05 -46.63 39.67
C HIS GA 261 82.55 -46.54 39.90
N VAL GA 262 82.15 -46.67 41.17
CA VAL GA 262 80.75 -46.64 41.60
C VAL GA 262 80.57 -45.34 42.38
N GLN GA 263 79.54 -44.58 42.02
CA GLN GA 263 79.25 -43.30 42.63
C GLN GA 263 77.79 -43.35 43.09
N HIS GA 264 77.57 -43.31 44.41
CA HIS GA 264 76.24 -43.47 45.00
C HIS GA 264 76.09 -42.53 46.18
N GLU GA 265 74.85 -42.39 46.63
CA GLU GA 265 74.57 -41.55 47.80
C GLU GA 265 75.08 -42.21 49.07
N GLY GA 266 75.06 -43.54 49.12
CA GLY GA 266 75.45 -44.40 50.21
C GLY GA 266 76.91 -44.77 50.30
N LEU GA 267 77.76 -44.18 49.46
CA LEU GA 267 79.19 -44.47 49.48
C LEU GA 267 80.00 -43.33 50.11
N PRO GA 268 80.78 -43.61 51.20
CA PRO GA 268 81.62 -42.56 51.81
C PRO GA 268 82.55 -41.88 50.82
N LYS GA 269 83.30 -42.68 50.08
CA LYS GA 269 84.15 -42.28 48.98
C LYS GA 269 83.99 -43.27 47.82
N PRO GA 270 84.10 -42.81 46.57
CA PRO GA 270 83.92 -43.73 45.42
C PRO GA 270 84.82 -44.95 45.51
N LEU GA 271 84.24 -46.12 45.29
CA LEU GA 271 84.97 -47.39 45.26
C LEU GA 271 85.54 -47.62 43.87
N THR GA 272 86.78 -48.12 43.81
CA THR GA 272 87.42 -48.49 42.54
C THR GA 272 87.70 -49.99 42.55
N LEU GA 273 87.20 -50.69 41.54
CA LEU GA 273 87.34 -52.14 41.41
C LEU GA 273 88.18 -52.49 40.17
N ARG GA 274 89.01 -53.54 40.32
CA ARG GA 274 89.89 -54.11 39.29
C ARG GA 274 89.86 -55.63 39.44
N TRP GA 275 89.89 -56.34 38.31
CA TRP GA 275 89.75 -57.80 38.31
C TRP GA 275 90.91 -58.50 39.03
N ILE HA 2 54.81 -43.21 16.73
CA ILE HA 2 53.74 -43.45 17.71
C ILE HA 2 54.01 -44.71 18.55
N GLN HA 3 55.10 -45.42 18.34
CA GLN HA 3 55.22 -46.73 18.99
C GLN HA 3 56.66 -47.09 19.32
N ARG HA 4 56.88 -47.47 20.57
CA ARG HA 4 58.17 -48.00 21.00
C ARG HA 4 58.02 -49.38 21.61
N THR HA 5 59.10 -50.15 21.43
CA THR HA 5 59.42 -51.54 21.71
C THR HA 5 59.86 -51.73 23.17
N PRO HA 6 59.44 -52.82 23.81
CA PRO HA 6 59.85 -53.05 25.19
C PRO HA 6 61.35 -53.34 25.26
N LYS HA 7 61.93 -52.90 26.38
CA LYS HA 7 63.29 -53.25 26.77
C LYS HA 7 63.04 -54.27 27.86
N ILE HA 8 63.59 -55.48 27.72
CA ILE HA 8 63.29 -56.59 28.64
C ILE HA 8 64.54 -57.04 29.40
N GLN HA 9 64.41 -57.20 30.73
CA GLN HA 9 65.43 -57.79 31.59
C GLN HA 9 64.82 -58.84 32.51
N VAL HA 10 65.44 -60.03 32.55
CA VAL HA 10 65.03 -61.14 33.40
C VAL HA 10 66.14 -61.38 34.42
N TYR HA 11 65.77 -61.56 35.68
CA TYR HA 11 66.78 -61.74 36.73
C TYR HA 11 66.14 -62.27 38.01
N SER HA 12 66.99 -62.52 39.01
CA SER HA 12 66.57 -62.98 40.32
C SER HA 12 66.86 -61.91 41.36
N ARG HA 13 65.97 -61.83 42.35
CA ARG HA 13 66.05 -60.75 43.34
C ARG HA 13 67.35 -60.80 44.12
N HIS HA 14 67.66 -61.94 44.68
CA HIS HA 14 68.85 -62.18 45.46
C HIS HA 14 69.85 -62.91 44.58
N PRO HA 15 71.15 -62.88 44.90
CA PRO HA 15 72.08 -63.77 44.21
C PRO HA 15 71.55 -65.19 44.27
N ALA HA 16 71.55 -65.86 43.12
CA ALA HA 16 70.80 -67.10 42.98
C ALA HA 16 71.56 -68.25 43.63
N GLU HA 17 70.87 -69.00 44.49
CA GLU HA 17 71.45 -70.19 45.13
C GLU HA 17 70.49 -71.35 44.98
N ASN HA 18 71.00 -72.47 44.44
CA ASN HA 18 70.20 -73.68 44.25
C ASN HA 18 69.65 -74.19 45.59
N GLY HA 19 68.38 -74.60 45.58
CA GLY HA 19 67.70 -75.11 46.76
C GLY HA 19 67.09 -74.06 47.68
N LYS HA 20 67.53 -72.81 47.59
CA LYS HA 20 67.06 -71.72 48.45
C LYS HA 20 66.00 -70.88 47.74
N SER HA 21 64.94 -70.52 48.48
CA SER HA 21 63.88 -69.68 47.91
C SER HA 21 64.41 -68.30 47.52
N ASN HA 22 63.96 -67.84 46.35
CA ASN HA 22 64.39 -66.61 45.67
C ASN HA 22 63.17 -66.00 45.00
N PHE HA 23 63.39 -64.97 44.20
CA PHE HA 23 62.33 -64.36 43.42
C PHE HA 23 62.84 -64.22 41.99
N LEU HA 24 61.99 -64.57 41.03
CA LEU HA 24 62.30 -64.35 39.64
C LEU HA 24 61.59 -63.08 39.20
N ASN HA 25 62.35 -62.12 38.69
CA ASN HA 25 61.82 -60.83 38.28
C ASN HA 25 62.02 -60.67 36.79
N CYS HA 26 61.00 -60.14 36.11
CA CYS HA 26 61.12 -59.81 34.69
C CYS HA 26 60.71 -58.35 34.55
N TYR HA 27 61.67 -57.50 34.18
CA TYR HA 27 61.50 -56.05 34.13
C TYR HA 27 61.46 -55.60 32.68
N VAL HA 28 60.30 -55.11 32.24
CA VAL HA 28 60.06 -54.58 30.91
C VAL HA 28 59.84 -53.07 31.03
N SER HA 29 60.71 -52.27 30.39
CA SER HA 29 60.65 -50.82 30.52
C SER HA 29 60.79 -50.15 29.17
N GLY HA 30 60.28 -48.92 29.07
CA GLY HA 30 60.54 -48.14 27.88
C GLY HA 30 59.69 -48.47 26.67
N PHE HA 31 58.50 -49.01 26.85
CA PHE HA 31 57.65 -49.44 25.74
C PHE HA 31 56.39 -48.57 25.65
N HIS HA 32 55.88 -48.37 24.42
CA HIS HA 32 54.67 -47.53 24.19
C HIS HA 32 53.90 -48.10 23.01
N PRO HA 33 52.58 -48.30 23.15
CA PRO HA 33 51.70 -47.97 24.26
C PRO HA 33 51.71 -48.96 25.39
N SER HA 34 50.72 -48.79 26.27
CA SER HA 34 50.79 -49.38 27.59
C SER HA 34 50.40 -50.85 27.65
N ASP HA 35 49.54 -51.33 26.75
CA ASP HA 35 49.10 -52.71 26.85
C ASP HA 35 50.22 -53.66 26.46
N ILE HA 36 50.63 -54.50 27.41
CA ILE HA 36 51.70 -55.46 27.17
C ILE HA 36 51.34 -56.76 27.91
N GLU HA 37 51.65 -57.88 27.27
CA GLU HA 37 51.39 -59.21 27.80
C GLU HA 37 52.74 -59.77 28.16
N VAL HA 38 52.87 -60.19 29.41
CA VAL HA 38 54.12 -60.74 29.91
C VAL HA 38 53.77 -62.06 30.57
N ASP HA 39 54.49 -63.11 30.19
CA ASP HA 39 54.34 -64.43 30.81
C ASP HA 39 55.69 -64.94 31.28
N LEU HA 40 55.74 -65.41 32.54
CA LEU HA 40 56.92 -66.06 33.10
C LEU HA 40 56.80 -67.56 32.86
N LEU HA 41 57.85 -68.16 32.31
CA LEU HA 41 57.78 -69.54 31.87
C LEU HA 41 58.76 -70.41 32.66
N LYS HA 42 58.31 -71.60 33.05
CA LYS HA 42 59.17 -72.61 33.68
C LYS HA 42 59.15 -73.86 32.81
N ASN HA 43 60.30 -74.16 32.18
CA ASN HA 43 60.46 -75.31 31.30
C ASN HA 43 59.50 -75.28 30.12
N GLY HA 44 59.25 -74.08 29.57
CA GLY HA 44 58.34 -73.91 28.46
C GLY HA 44 56.90 -73.76 28.86
N GLU HA 45 56.59 -73.81 30.15
CA GLU HA 45 55.23 -73.76 30.65
C GLU HA 45 54.95 -72.42 31.36
N ARG HA 46 53.69 -71.99 31.27
CA ARG HA 46 53.23 -70.78 31.95
C ARG HA 46 53.04 -71.07 33.45
N ILE HA 47 53.75 -70.31 34.29
CA ILE HA 47 53.57 -70.39 35.74
C ILE HA 47 52.20 -69.82 36.09
N GLU HA 48 51.53 -70.39 37.09
CA GLU HA 48 50.14 -69.97 37.30
C GLU HA 48 50.00 -68.76 38.22
N LYS HA 49 50.60 -68.81 39.41
CA LYS HA 49 50.56 -67.66 40.31
C LYS HA 49 51.73 -66.75 39.98
N VAL HA 50 51.46 -65.62 39.32
CA VAL HA 50 52.48 -64.62 39.00
C VAL HA 50 51.90 -63.24 39.28
N GLU HA 51 52.65 -62.40 40.00
CA GLU HA 51 52.25 -61.04 40.26
C GLU HA 51 53.11 -60.02 39.51
N HIS HA 52 52.53 -58.83 39.35
CA HIS HA 52 53.12 -57.71 38.63
C HIS HA 52 52.99 -56.40 39.39
N SER HA 53 53.89 -55.48 39.09
CA SER HA 53 53.89 -54.16 39.69
C SER HA 53 52.84 -53.29 38.99
N ASP HA 54 52.59 -52.11 39.55
CA ASP HA 54 51.62 -51.18 38.96
C ASP HA 54 52.24 -50.33 37.85
N LEU HA 55 51.44 -50.11 36.80
CA LEU HA 55 51.89 -49.39 35.63
C LEU HA 55 52.37 -48.00 36.01
N SER HA 56 53.55 -47.63 35.53
CA SER HA 56 54.03 -46.27 35.70
C SER HA 56 54.90 -45.95 34.47
N PHE HA 57 55.42 -44.72 34.37
CA PHE HA 57 56.15 -44.31 33.17
C PHE HA 57 57.32 -43.38 33.48
N SER HA 58 58.24 -43.30 32.52
CA SER HA 58 59.50 -42.57 32.65
C SER HA 58 59.36 -41.14 32.11
N LYS HA 59 60.48 -40.41 31.96
CA LYS HA 59 60.42 -39.11 31.30
C LYS HA 59 60.21 -39.23 29.80
N ASP HA 60 60.53 -40.37 29.17
CA ASP HA 60 60.23 -40.46 27.75
C ASP HA 60 58.78 -40.82 27.48
N TRP HA 61 57.95 -40.88 28.51
CA TRP HA 61 56.54 -41.19 28.45
C TRP HA 61 56.31 -42.67 28.25
N SER HA 62 57.35 -43.48 28.28
CA SER HA 62 57.23 -44.92 28.14
C SER HA 62 56.91 -45.60 29.45
N PHE HA 63 56.23 -46.73 29.34
CA PHE HA 63 55.80 -47.51 30.48
C PHE HA 63 56.86 -48.51 30.87
N TYR HA 64 56.74 -48.96 32.12
CA TYR HA 64 57.61 -49.99 32.67
C TYR HA 64 56.81 -50.84 33.64
N LEU HA 65 57.01 -52.14 33.56
CA LEU HA 65 56.29 -53.06 34.43
C LEU HA 65 57.27 -54.08 34.97
N LEU HA 66 57.03 -54.50 36.19
CA LEU HA 66 57.83 -55.57 36.78
C LEU HA 66 56.89 -56.70 37.17
N TYR HA 67 57.06 -57.86 36.52
CA TYR HA 67 56.36 -59.09 36.83
C TYR HA 67 57.33 -59.98 37.61
N TYR HA 68 56.89 -60.49 38.76
CA TYR HA 68 57.76 -61.29 39.62
C TYR HA 68 56.98 -62.46 40.20
N THR HA 69 57.73 -63.48 40.62
CA THR HA 69 57.21 -64.68 41.26
C THR HA 69 58.26 -65.31 42.15
N GLU HA 70 57.80 -65.94 43.23
CA GLU HA 70 58.68 -66.72 44.09
C GLU HA 70 59.02 -68.06 43.46
N PHE HA 71 60.30 -68.44 43.57
CA PHE HA 71 60.79 -69.70 43.03
C PHE HA 71 61.92 -70.19 43.91
N THR HA 72 62.18 -71.49 43.81
CA THR HA 72 63.34 -72.12 44.44
C THR HA 72 64.21 -72.70 43.34
N PRO HA 73 65.28 -72.03 42.92
CA PRO HA 73 66.00 -72.47 41.73
C PRO HA 73 66.69 -73.80 42.00
N THR HA 74 66.35 -74.80 41.22
CA THR HA 74 67.16 -76.00 41.16
C THR HA 74 68.02 -75.90 39.90
N GLU HA 75 68.87 -76.89 39.68
CA GLU HA 75 69.74 -76.79 38.52
C GLU HA 75 69.17 -77.35 37.23
N LYS HA 76 68.17 -78.24 37.29
CA LYS HA 76 67.57 -78.82 36.09
C LYS HA 76 66.34 -78.02 35.60
N ASP HA 77 66.28 -76.72 35.90
CA ASP HA 77 65.17 -75.84 35.52
C ASP HA 77 65.67 -74.64 34.71
N GLU HA 78 65.05 -74.42 33.57
CA GLU HA 78 65.26 -73.22 32.77
C GLU HA 78 64.03 -72.34 32.91
N TYR HA 79 64.26 -71.07 33.14
CA TYR HA 79 63.19 -70.12 33.33
C TYR HA 79 63.25 -69.10 32.21
N ALA HA 80 62.09 -68.67 31.73
CA ALA HA 80 62.05 -67.75 30.61
C ALA HA 80 60.86 -66.80 30.77
N CYS HA 81 60.94 -65.71 30.03
CA CYS HA 81 59.93 -64.66 30.11
C CYS HA 81 59.41 -64.47 28.68
N ARG HA 82 58.08 -64.47 28.52
CA ARG HA 82 57.42 -64.26 27.23
C ARG HA 82 56.63 -62.96 27.21
N VAL HA 83 57.02 -62.04 26.31
CA VAL HA 83 56.41 -60.72 26.16
C VAL HA 83 55.89 -60.59 24.73
N ASN HA 84 54.63 -60.17 24.60
CA ASN HA 84 54.02 -59.79 23.32
C ASN HA 84 53.50 -58.38 23.42
N HIS HA 85 53.77 -57.60 22.39
CA HIS HA 85 53.42 -56.20 22.35
C HIS HA 85 53.05 -55.91 20.91
N VAL HA 86 52.43 -54.76 20.65
CA VAL HA 86 52.21 -54.38 19.26
C VAL HA 86 53.55 -54.21 18.54
N THR HA 87 54.58 -53.74 19.25
CA THR HA 87 55.90 -53.56 18.63
C THR HA 87 56.59 -54.87 18.30
N LEU HA 88 56.06 -55.99 18.79
CA LEU HA 88 56.63 -57.32 18.63
C LEU HA 88 55.76 -58.07 17.64
N SER HA 89 56.37 -58.55 16.55
CA SER HA 89 55.62 -59.33 15.57
C SER HA 89 55.02 -60.59 16.21
N GLN HA 90 55.87 -61.45 16.74
CA GLN HA 90 55.57 -62.67 17.48
C GLN HA 90 55.99 -62.49 18.93
N PRO HA 91 55.38 -63.22 19.87
CA PRO HA 91 55.86 -63.18 21.26
C PRO HA 91 57.37 -63.44 21.35
N LYS HA 92 58.09 -62.53 22.00
CA LYS HA 92 59.54 -62.61 22.13
C LYS HA 92 59.90 -63.17 23.51
N ILE HA 93 60.70 -64.24 23.56
CA ILE HA 93 61.09 -64.93 24.80
C ILE HA 93 62.60 -64.90 25.02
N VAL HA 94 63.00 -64.48 26.22
CA VAL HA 94 64.39 -64.47 26.67
C VAL HA 94 64.46 -65.29 27.96
N LYS HA 95 65.48 -66.14 28.07
CA LYS HA 95 65.66 -67.08 29.16
C LYS HA 95 66.40 -66.45 30.34
N TRP HA 96 66.35 -67.14 31.48
CA TRP HA 96 67.09 -66.75 32.66
C TRP HA 96 68.48 -67.37 32.59
N ASP HA 97 69.53 -66.54 32.63
CA ASP HA 97 70.88 -67.06 32.70
C ASP HA 97 71.39 -66.92 34.15
N ARG HA 98 72.71 -67.00 34.36
CA ARG HA 98 73.34 -66.83 35.70
C ARG HA 98 74.66 -66.06 35.68
N VAL IA 1 49.90 -36.12 48.74
CA VAL IA 1 48.45 -36.11 48.66
C VAL IA 1 48.05 -35.63 47.26
N VAL IA 2 46.86 -36.04 46.80
CA VAL IA 2 46.35 -35.68 45.48
C VAL IA 2 45.81 -34.27 45.48
N VAL IA 3 45.85 -33.62 44.31
CA VAL IA 3 45.24 -32.31 44.12
C VAL IA 3 43.84 -32.30 44.71
N GLY IA 4 43.52 -31.20 45.40
CA GLY IA 4 42.38 -31.07 46.29
C GLY IA 4 41.04 -30.88 45.62
N ALA IA 5 40.95 -29.99 44.61
CA ALA IA 5 39.76 -29.81 43.77
C ALA IA 5 40.17 -29.79 42.30
N VAL IA 6 39.78 -30.80 41.54
CA VAL IA 6 40.08 -30.77 40.12
C VAL IA 6 39.22 -29.68 39.48
N GLY IA 7 39.79 -28.98 38.49
CA GLY IA 7 39.13 -27.81 37.93
C GLY IA 7 38.52 -28.10 36.57
N VAL IA 8 38.74 -27.20 35.61
CA VAL IA 8 38.15 -27.31 34.27
C VAL IA 8 38.78 -28.51 33.57
N GLY IA 9 38.11 -29.05 32.55
CA GLY IA 9 38.76 -30.04 31.71
C GLY IA 9 39.90 -29.38 30.94
N LYS IA 10 40.34 -30.07 29.89
CA LYS IA 10 41.39 -29.61 28.98
C LYS IA 10 40.84 -28.75 27.77
N ASP JA 4 -8.31 -1.53 -70.87
CA ASP JA 4 -9.68 -1.01 -70.89
C ASP JA 4 -9.79 0.38 -70.24
N SER JA 5 -9.41 1.45 -70.98
CA SER JA 5 -9.36 2.79 -70.37
C SER JA 5 -10.75 3.29 -69.97
N VAL JA 6 -11.75 3.06 -70.81
CA VAL JA 6 -13.11 3.42 -70.49
C VAL JA 6 -13.92 2.15 -70.32
N THR JA 7 -14.82 2.14 -69.32
CA THR JA 7 -15.66 0.96 -69.08
C THR JA 7 -17.04 1.43 -68.74
N GLN JA 8 -17.97 1.10 -69.60
CA GLN JA 8 -19.36 1.34 -69.33
C GLN JA 8 -19.85 -0.02 -68.88
N LYS JA 9 -19.98 -0.17 -67.56
CA LYS JA 9 -20.22 -1.50 -67.03
C LYS JA 9 -21.59 -2.03 -67.43
N GLU JA 10 -22.59 -1.15 -67.46
CA GLU JA 10 -24.00 -1.50 -67.68
C GLU JA 10 -24.22 -1.80 -69.17
N GLY JA 11 -24.69 -3.03 -69.49
CA GLY JA 11 -24.82 -3.41 -70.90
C GLY JA 11 -26.11 -3.06 -71.59
N LEU JA 12 -27.22 -3.20 -70.87
CA LEU JA 12 -28.54 -2.94 -71.41
C LEU JA 12 -29.44 -2.48 -70.26
N VAL JA 13 -30.17 -1.41 -70.49
CA VAL JA 13 -30.98 -0.79 -69.46
C VAL JA 13 -32.42 -0.75 -69.95
N THR JA 14 -33.30 -1.38 -69.19
CA THR JA 14 -34.70 -1.47 -69.52
C THR JA 14 -35.45 -0.77 -68.41
N LEU JA 15 -36.22 0.21 -68.78
CA LEU JA 15 -37.04 0.85 -67.77
C LEU JA 15 -38.26 1.49 -68.43
N THR JA 16 -39.32 1.51 -67.65
CA THR JA 16 -40.56 2.12 -68.11
C THR JA 16 -40.37 3.60 -68.22
N GLU JA 17 -41.10 4.20 -69.14
CA GLU JA 17 -41.08 5.65 -69.20
C GLU JA 17 -41.40 6.20 -67.80
N GLY JA 18 -40.81 7.34 -67.49
CA GLY JA 18 -41.14 8.04 -66.26
C GLY JA 18 -40.26 7.72 -65.06
N LEU JA 19 -39.54 6.85 -65.15
CA LEU JA 19 -38.58 6.38 -64.20
C LEU JA 19 -37.28 7.12 -64.44
N PRO JA 20 -36.54 7.40 -63.39
CA PRO JA 20 -35.26 8.07 -63.57
C PRO JA 20 -34.28 7.13 -64.26
N VAL JA 21 -33.31 7.73 -64.93
CA VAL JA 21 -32.38 7.00 -65.79
C VAL JA 21 -30.95 7.23 -65.35
N MET JA 22 -30.14 6.16 -65.37
CA MET JA 22 -28.72 6.33 -65.15
C MET JA 22 -27.88 5.32 -65.92
N LEU JA 23 -26.92 5.80 -66.73
CA LEU JA 23 -25.97 4.90 -67.40
C LEU JA 23 -24.58 4.98 -66.80
N ASN JA 24 -24.05 3.83 -66.41
CA ASN JA 24 -22.80 3.82 -65.68
C ASN JA 24 -21.59 3.92 -66.60
N CYS JA 25 -20.68 4.83 -66.24
CA CYS JA 25 -19.47 5.11 -67.02
C CYS JA 25 -18.31 5.42 -66.09
N THR JA 26 -17.23 4.64 -66.20
CA THR JA 26 -16.00 4.90 -65.47
C THR JA 26 -14.79 4.87 -66.40
N TYR JA 27 -13.73 5.58 -66.02
CA TYR JA 27 -12.57 5.67 -66.89
C TYR JA 27 -11.29 5.59 -66.08
N GLN JA 28 -10.18 5.42 -66.79
CA GLN JA 28 -8.83 5.27 -66.22
C GLN JA 28 -7.83 6.10 -67.02
N THR JA 29 -7.28 7.17 -66.42
CA THR JA 29 -6.32 8.03 -67.12
C THR JA 29 -4.97 8.08 -66.45
N ILE JA 30 -3.94 8.33 -67.26
CA ILE JA 30 -2.60 8.55 -66.74
C ILE JA 30 -2.19 10.02 -66.78
N TYR JA 31 -2.95 10.88 -67.46
CA TYR JA 31 -2.68 12.30 -67.57
C TYR JA 31 -3.75 13.02 -66.77
N SER JA 32 -3.47 14.23 -66.27
CA SER JA 32 -4.57 14.91 -65.55
C SER JA 32 -5.54 15.57 -66.52
N ASN JA 33 -5.02 16.09 -67.62
CA ASN JA 33 -5.80 16.80 -68.62
C ASN JA 33 -6.60 15.77 -69.42
N ALA JA 34 -7.74 15.39 -68.86
CA ALA JA 34 -8.50 14.28 -69.41
C ALA JA 34 -9.86 14.80 -69.86
N PHE JA 35 -10.27 14.44 -71.08
CA PHE JA 35 -11.54 14.87 -71.66
C PHE JA 35 -12.47 13.70 -71.91
N LEU JA 36 -13.66 13.80 -71.35
CA LEU JA 36 -14.66 12.74 -71.45
C LEU JA 36 -15.84 13.23 -72.27
N PHE JA 37 -16.42 12.32 -73.09
CA PHE JA 37 -17.59 12.65 -73.90
C PHE JA 37 -18.69 11.59 -73.76
N TRP JA 38 -19.93 12.07 -73.84
CA TRP JA 38 -21.08 11.23 -74.17
C TRP JA 38 -21.56 11.54 -75.59
N TYR JA 39 -21.69 10.46 -76.39
CA TYR JA 39 -22.17 10.46 -77.77
C TYR JA 39 -23.40 9.56 -77.89
N VAL JA 40 -24.40 9.96 -78.68
CA VAL JA 40 -25.57 9.10 -78.88
C VAL JA 40 -25.74 8.73 -80.35
N HIS JA 41 -26.14 7.48 -80.59
CA HIS JA 41 -26.31 6.93 -81.94
C HIS JA 41 -27.61 6.12 -81.94
N TYR JA 42 -28.65 6.71 -82.56
CA TYR JA 42 -29.97 6.12 -82.83
C TYR JA 42 -29.90 5.19 -84.05
N LEU JA 43 -31.00 4.49 -84.30
CA LEU JA 43 -31.03 3.54 -85.41
C LEU JA 43 -30.99 4.22 -86.78
N ASN JA 44 -30.11 3.72 -87.66
CA ASN JA 44 -29.97 4.26 -89.03
C ASN JA 44 -29.60 5.72 -89.06
N GLU JA 45 -28.83 6.14 -88.06
CA GLU JA 45 -28.34 7.51 -88.00
C GLU JA 45 -26.85 7.50 -87.74
N SER JA 46 -26.33 8.68 -87.78
CA SER JA 46 -24.95 8.70 -87.35
C SER JA 46 -24.87 9.05 -85.87
N PRO JA 47 -23.81 8.61 -85.20
CA PRO JA 47 -23.58 9.05 -83.82
C PRO JA 47 -23.30 10.55 -83.72
N ARG JA 48 -23.91 11.22 -82.73
CA ARG JA 48 -23.61 12.64 -82.49
C ARG JA 48 -23.33 12.92 -81.00
N LEU JA 49 -22.83 14.14 -80.77
CA LEU JA 49 -22.46 14.59 -79.43
C LEU JA 49 -23.68 14.87 -78.60
N LEU JA 50 -23.72 14.28 -77.39
CA LEU JA 50 -24.80 14.58 -76.45
C LEU JA 50 -24.35 15.54 -75.35
N LEU JA 51 -23.19 15.28 -74.74
CA LEU JA 51 -22.55 16.30 -73.91
C LEU JA 51 -21.09 15.93 -73.70
N LYS JA 52 -20.33 16.93 -73.29
CA LYS JA 52 -18.91 16.72 -73.06
C LYS JA 52 -18.53 17.59 -71.88
N SER JA 53 -17.42 17.19 -71.25
CA SER JA 53 -16.85 17.94 -70.14
C SER JA 53 -15.43 17.46 -69.88
N SER JA 54 -14.68 18.38 -69.30
CA SER JA 54 -13.35 18.14 -68.81
C SER JA 54 -13.12 18.66 -67.39
N THR JA 55 -14.18 19.12 -66.73
CA THR JA 55 -14.10 19.82 -65.46
C THR JA 55 -14.67 18.96 -64.31
N ASP JA 56 -13.88 18.77 -63.24
CA ASP JA 56 -14.35 18.03 -62.07
C ASP JA 56 -15.45 18.79 -61.32
N ASN JA 57 -16.49 18.04 -60.96
CA ASN JA 57 -17.64 18.44 -60.12
C ASN JA 57 -18.35 19.66 -60.70
N LYS JA 58 -18.27 19.81 -62.01
CA LYS JA 58 -19.12 20.75 -62.72
C LYS JA 58 -20.15 19.91 -63.46
N ARG JA 59 -21.40 20.10 -63.08
CA ARG JA 59 -22.51 19.50 -63.81
C ARG JA 59 -22.53 20.04 -65.23
N THR JA 60 -22.56 19.13 -66.20
CA THR JA 60 -22.82 19.47 -67.59
C THR JA 60 -24.16 18.86 -68.00
N GLU JA 61 -25.00 19.67 -68.63
CA GLU JA 61 -26.36 19.36 -68.99
C GLU JA 61 -26.57 19.77 -70.44
N HIS JA 62 -27.44 19.03 -71.13
CA HIS JA 62 -27.80 19.36 -72.51
C HIS JA 62 -29.03 18.54 -72.87
N GLN JA 63 -30.15 19.21 -73.16
CA GLN JA 63 -31.37 18.52 -73.55
C GLN JA 63 -31.84 17.57 -72.46
N GLY JA 64 -31.80 18.01 -71.20
CA GLY JA 64 -32.33 17.18 -70.14
C GLY JA 64 -31.42 16.08 -69.64
N PHE JA 65 -30.40 15.71 -70.40
CA PHE JA 65 -29.39 14.78 -69.91
C PHE JA 65 -28.34 15.59 -69.16
N HIS JA 66 -27.75 14.96 -68.15
CA HIS JA 66 -26.64 15.56 -67.44
C HIS JA 66 -25.70 14.49 -66.94
N ALA JA 67 -24.46 14.88 -66.82
CA ALA JA 67 -23.41 14.08 -66.22
C ALA JA 67 -22.59 15.07 -65.43
N THR JA 68 -21.88 14.56 -64.44
CA THR JA 68 -20.96 15.42 -63.73
C THR JA 68 -19.63 14.67 -63.75
N LEU JA 69 -18.56 15.37 -64.14
CA LEU JA 69 -17.26 14.73 -64.07
C LEU JA 69 -16.76 14.75 -62.63
N HIS JA 70 -16.34 13.59 -62.11
CA HIS JA 70 -15.70 13.42 -60.79
C HIS JA 70 -14.38 12.69 -60.98
N LYS JA 71 -13.28 13.45 -61.15
CA LYS JA 71 -11.96 12.85 -61.39
C LYS JA 71 -11.55 12.02 -60.17
N SER JA 72 -12.06 12.41 -59.00
CA SER JA 72 -11.76 11.75 -57.73
C SER JA 72 -12.10 10.25 -57.76
N SER JA 73 -13.26 9.87 -58.30
CA SER JA 73 -13.67 8.46 -58.42
C SER JA 73 -13.65 7.94 -59.85
N SER JA 74 -13.07 8.72 -60.78
CA SER JA 74 -12.97 8.36 -62.21
C SER JA 74 -14.34 8.10 -62.85
N SER JA 75 -15.31 8.99 -62.55
CA SER JA 75 -16.72 8.81 -62.92
C SER JA 75 -17.20 9.93 -63.81
N PHE JA 76 -18.07 9.56 -64.77
CA PHE JA 76 -18.73 10.41 -65.72
C PHE JA 76 -19.97 9.62 -66.09
N HIS JA 77 -20.85 9.52 -65.11
CA HIS JA 77 -22.09 8.81 -65.28
C HIS JA 77 -23.15 9.72 -65.87
N LEU JA 78 -23.91 9.17 -66.82
CA LEU JA 78 -24.94 9.92 -67.52
C LEU JA 78 -26.27 9.62 -66.84
N GLN JA 79 -27.00 10.68 -66.52
CA GLN JA 79 -28.26 10.56 -65.83
C GLN JA 79 -29.29 11.44 -66.50
N LYS JA 80 -30.53 10.96 -66.55
CA LYS JA 80 -31.64 11.81 -66.97
C LYS JA 80 -32.84 11.54 -66.08
N SER JA 81 -33.56 12.62 -65.79
CA SER JA 81 -34.57 12.59 -64.75
C SER JA 81 -35.70 11.64 -65.07
N SER JA 82 -36.23 11.67 -66.28
CA SER JA 82 -37.45 10.89 -66.59
C SER JA 82 -37.35 10.22 -67.95
N ALA JA 83 -37.56 8.91 -67.95
CA ALA JA 83 -37.45 8.14 -69.18
C ALA JA 83 -38.51 8.63 -70.16
N GLN JA 84 -38.09 8.81 -71.40
CA GLN JA 84 -39.02 9.10 -72.47
C GLN JA 84 -38.94 8.01 -73.53
N LEU JA 85 -40.07 7.81 -74.22
CA LEU JA 85 -40.18 6.75 -75.22
C LEU JA 85 -39.12 6.90 -76.27
N SER JA 86 -38.77 8.15 -76.56
CA SER JA 86 -37.87 8.62 -77.61
C SER JA 86 -36.38 8.39 -77.36
N ASP JA 87 -36.00 7.99 -76.18
CA ASP JA 87 -34.58 8.00 -75.86
C ASP JA 87 -33.90 6.71 -76.23
N SER JA 88 -34.67 5.70 -76.65
CA SER JA 88 -34.13 4.37 -76.95
C SER JA 88 -32.99 4.50 -77.94
N ALA JA 89 -31.80 4.13 -77.51
CA ALA JA 89 -30.65 4.33 -78.38
C ALA JA 89 -29.41 3.63 -77.82
N LEU JA 90 -28.35 3.70 -78.61
CA LEU JA 90 -27.03 3.32 -78.18
C LEU JA 90 -26.36 4.56 -77.63
N TYR JA 91 -25.63 4.40 -76.53
CA TYR JA 91 -24.92 5.51 -75.92
C TYR JA 91 -23.46 5.15 -75.70
N TYR JA 92 -22.56 6.01 -76.17
CA TYR JA 92 -21.12 5.82 -76.02
C TYR JA 92 -20.51 6.88 -75.10
N CYS JA 93 -19.63 6.42 -74.21
CA CYS JA 93 -18.81 7.23 -73.34
C CYS JA 93 -17.37 7.10 -73.85
N ALA JA 94 -16.72 8.22 -74.08
CA ALA JA 94 -15.39 8.12 -74.64
C ALA JA 94 -14.55 9.30 -74.16
N LEU JA 95 -13.23 9.07 -74.08
CA LEU JA 95 -12.37 10.10 -73.45
C LEU JA 95 -11.11 10.42 -74.26
N SER JA 96 -10.59 11.65 -74.11
CA SER JA 96 -9.34 12.06 -74.78
C SER JA 96 -8.26 12.25 -73.72
N GLU JA 97 -7.13 11.54 -73.84
CA GLU JA 97 -6.07 11.60 -72.80
C GLU JA 97 -5.33 12.93 -72.93
N GLY JA 98 -5.73 13.76 -73.89
CA GLY JA 98 -5.05 15.04 -74.11
C GLY JA 98 -3.57 14.94 -74.39
N GLY JA 99 -3.08 13.70 -74.50
CA GLY JA 99 -1.65 13.48 -74.80
C GLY JA 99 -1.77 12.48 -75.92
N ASN JA 100 -2.99 12.25 -76.40
CA ASN JA 100 -3.22 11.29 -77.50
C ASN JA 100 -4.07 11.98 -78.57
N TYR JA 101 -3.91 11.62 -79.84
CA TYR JA 101 -4.82 12.17 -80.88
C TYR JA 101 -5.75 11.04 -81.35
N LYS JA 102 -6.13 10.15 -80.42
CA LYS JA 102 -7.05 9.04 -80.75
C LYS JA 102 -8.09 8.95 -79.63
N TYR JA 103 -9.37 8.86 -79.97
CA TYR JA 103 -10.40 8.83 -78.97
C TYR JA 103 -10.76 7.40 -78.72
N VAL JA 104 -11.27 7.10 -77.53
CA VAL JA 104 -11.51 5.67 -77.19
C VAL JA 104 -12.94 5.49 -76.68
N PHE JA 105 -13.74 4.72 -77.40
CA PHE JA 105 -15.15 4.52 -77.01
C PHE JA 105 -15.30 3.15 -76.34
N GLY JA 106 -16.35 2.99 -75.53
CA GLY JA 106 -16.57 1.71 -74.82
C GLY JA 106 -17.63 0.89 -75.50
N ALA JA 107 -18.07 -0.20 -74.85
CA ALA JA 107 -19.07 -1.11 -75.45
C ALA JA 107 -20.34 -0.33 -75.77
N GLY JA 108 -20.70 0.62 -74.92
CA GLY JA 108 -21.94 1.37 -75.13
C GLY JA 108 -23.09 0.75 -74.38
N THR JA 109 -24.12 1.54 -74.06
CA THR JA 109 -25.27 1.02 -73.29
C THR JA 109 -26.54 1.23 -74.10
N ARG JA 110 -27.45 0.26 -74.09
CA ARG JA 110 -28.74 0.41 -74.81
C ARG JA 110 -29.85 0.77 -73.81
N LEU JA 111 -30.45 1.96 -73.99
CA LEU JA 111 -31.56 2.38 -73.10
C LEU JA 111 -32.87 1.96 -73.76
N LYS JA 112 -33.33 0.75 -73.51
CA LYS JA 112 -34.53 0.25 -74.18
C LYS JA 112 -35.72 0.70 -73.32
N VAL JA 113 -36.30 1.87 -73.59
CA VAL JA 113 -37.39 2.37 -72.74
C VAL JA 113 -38.68 1.72 -73.16
N ILE JA 114 -39.44 1.19 -72.21
CA ILE JA 114 -40.66 0.43 -72.52
C ILE JA 114 -41.89 1.20 -72.06
N ALA JA 115 -43.04 0.81 -72.61
CA ALA JA 115 -44.27 1.59 -72.51
C ALA JA 115 -45.06 1.32 -71.22
N HIS JA 116 -45.75 2.35 -70.75
CA HIS JA 116 -46.66 2.24 -69.60
C HIS JA 116 -48.08 2.04 -70.12
N ILE JA 117 -48.58 0.82 -70.04
CA ILE JA 117 -49.89 0.48 -70.59
C ILE JA 117 -50.93 0.67 -69.50
N GLN JA 118 -51.73 1.71 -69.60
CA GLN JA 118 -52.61 2.05 -68.49
C GLN JA 118 -53.75 1.04 -68.32
N ASN JA 119 -54.37 0.58 -69.41
CA ASN JA 119 -55.56 -0.27 -69.37
C ASN JA 119 -55.31 -1.53 -70.19
N PRO JA 120 -54.51 -2.45 -69.68
CA PRO JA 120 -54.14 -3.61 -70.49
C PRO JA 120 -55.35 -4.50 -70.76
N ASP JA 121 -55.32 -5.12 -71.92
CA ASP JA 121 -56.36 -6.01 -72.41
C ASP JA 121 -55.79 -7.02 -73.38
N PRO JA 122 -54.89 -7.90 -72.95
CA PRO JA 122 -54.24 -8.79 -73.92
C PRO JA 122 -55.28 -9.59 -74.70
N ALA JA 123 -54.98 -9.80 -75.98
CA ALA JA 123 -55.88 -10.46 -76.91
C ALA JA 123 -55.06 -11.08 -78.03
N VAL JA 124 -55.57 -12.16 -78.60
CA VAL JA 124 -54.96 -12.79 -79.77
C VAL JA 124 -55.97 -12.84 -80.91
N TYR JA 125 -55.56 -12.32 -82.08
CA TYR JA 125 -56.39 -12.20 -83.27
C TYR JA 125 -55.75 -12.94 -84.46
N GLN JA 126 -56.57 -13.25 -85.46
CA GLN JA 126 -56.13 -13.89 -86.71
C GLN JA 126 -56.41 -12.97 -87.89
N LEU JA 127 -55.38 -12.69 -88.70
CA LEU JA 127 -55.53 -11.79 -89.83
C LEU JA 127 -55.68 -12.55 -91.15
N ARG JA 128 -56.54 -12.04 -92.04
CA ARG JA 128 -56.72 -12.65 -93.38
C ARG JA 128 -55.58 -12.16 -94.28
N ASP JA 129 -55.57 -12.57 -95.55
CA ASP JA 129 -54.43 -12.19 -96.43
C ASP JA 129 -54.94 -11.47 -97.68
N SER JA 130 -54.15 -10.52 -98.19
CA SER JA 130 -54.54 -9.76 -99.40
C SER JA 130 -54.66 -10.71 -100.59
N LYS JA 131 -53.79 -11.72 -100.65
CA LYS JA 131 -53.80 -12.68 -101.79
C LYS JA 131 -53.66 -14.11 -101.26
N SER JA 132 -52.62 -14.38 -100.46
CA SER JA 132 -52.38 -15.77 -99.98
C SER JA 132 -53.38 -16.12 -98.88
N SER JA 133 -54.65 -16.32 -99.25
CA SER JA 133 -55.69 -16.63 -98.26
C SER JA 133 -55.23 -17.79 -97.36
N ASP JA 134 -54.55 -18.77 -97.94
CA ASP JA 134 -54.07 -19.95 -97.17
C ASP JA 134 -53.36 -19.47 -95.91
N LYS JA 135 -52.36 -18.60 -96.06
CA LYS JA 135 -51.57 -18.15 -94.89
C LYS JA 135 -52.44 -17.24 -94.02
N SER JA 136 -52.38 -17.42 -92.70
CA SER JA 136 -53.16 -16.57 -91.77
C SER JA 136 -52.32 -16.31 -90.52
N VAL JA 137 -51.78 -15.11 -90.39
CA VAL JA 137 -50.91 -14.78 -89.27
C VAL JA 137 -51.78 -14.58 -88.04
N CYS JA 138 -51.17 -14.79 -86.89
CA CYS JA 138 -51.80 -14.60 -85.59
C CYS JA 138 -51.07 -13.49 -84.81
N LEU JA 139 -51.84 -12.57 -84.24
CA LEU JA 139 -51.35 -11.36 -83.57
C LEU JA 139 -51.74 -11.33 -82.10
N PHE JA 140 -50.77 -11.07 -81.22
CA PHE JA 140 -51.05 -10.93 -79.78
C PHE JA 140 -50.77 -9.47 -79.41
N THR JA 141 -51.80 -8.73 -78.97
CA THR JA 141 -51.59 -7.28 -78.72
C THR JA 141 -52.28 -6.84 -77.44
N ASP JA 142 -52.01 -5.60 -76.99
CA ASP JA 142 -52.64 -5.03 -75.77
C ASP JA 142 -52.10 -5.71 -74.51
N PHE JA 143 -50.79 -5.96 -74.44
CA PHE JA 143 -50.18 -6.56 -73.23
C PHE JA 143 -49.29 -5.55 -72.51
N ASP JA 144 -49.28 -5.60 -71.17
CA ASP JA 144 -48.48 -4.65 -70.36
C ASP JA 144 -46.99 -4.87 -70.65
N SER JA 145 -46.19 -3.80 -70.59
CA SER JA 145 -44.78 -3.98 -70.96
C SER JA 145 -44.05 -4.97 -70.06
N GLN JA 146 -44.69 -5.42 -68.99
CA GLN JA 146 -44.10 -6.42 -68.09
C GLN JA 146 -44.12 -7.82 -68.71
N THR JA 147 -45.18 -8.13 -69.46
CA THR JA 147 -45.23 -9.44 -70.11
C THR JA 147 -44.14 -9.54 -71.16
N ASN JA 148 -43.41 -10.65 -71.15
CA ASN JA 148 -42.30 -10.83 -72.07
C ASN JA 148 -42.50 -12.00 -73.00
N VAL JA 149 -42.14 -11.74 -74.27
CA VAL JA 149 -42.18 -12.75 -75.32
C VAL JA 149 -41.32 -13.92 -74.90
N SER JA 150 -41.71 -15.11 -75.33
CA SER JA 150 -40.79 -16.22 -75.43
C SER JA 150 -40.63 -16.57 -76.90
N GLN JA 151 -39.43 -17.04 -77.24
CA GLN JA 151 -39.19 -17.51 -78.58
C GLN JA 151 -40.00 -18.79 -78.78
N SER JA 152 -40.26 -19.14 -80.03
CA SER JA 152 -41.01 -20.36 -80.28
C SER JA 152 -40.19 -21.59 -79.90
N LYS JA 153 -40.91 -22.64 -79.51
CA LYS JA 153 -40.32 -23.93 -79.21
C LYS JA 153 -40.16 -24.77 -80.46
N ASP JA 154 -41.04 -24.56 -81.45
CA ASP JA 154 -40.98 -25.22 -82.75
C ASP JA 154 -40.09 -24.43 -83.71
N SER JA 155 -39.33 -25.15 -84.54
CA SER JA 155 -38.41 -24.48 -85.47
C SER JA 155 -39.11 -23.82 -86.66
N ASP JA 156 -40.28 -24.33 -87.07
CA ASP JA 156 -41.08 -23.79 -88.18
C ASP JA 156 -42.21 -22.90 -87.69
N VAL JA 157 -42.12 -22.42 -86.47
CA VAL JA 157 -43.00 -21.41 -85.94
C VAL JA 157 -42.15 -20.18 -85.65
N TYR JA 158 -42.51 -19.05 -86.26
CA TYR JA 158 -41.73 -17.83 -86.19
C TYR JA 158 -42.45 -16.83 -85.30
N ILE JA 159 -41.72 -16.25 -84.36
CA ILE JA 159 -42.28 -15.31 -83.40
C ILE JA 159 -41.43 -14.07 -83.36
N THR JA 160 -42.09 -12.93 -83.34
CA THR JA 160 -41.44 -11.65 -83.37
C THR JA 160 -41.16 -11.15 -81.95
N ASP JA 161 -40.48 -10.01 -81.88
CA ASP JA 161 -40.13 -9.42 -80.61
C ASP JA 161 -41.35 -8.70 -80.05
N LYS JA 162 -41.22 -8.13 -78.87
CA LYS JA 162 -42.25 -7.21 -78.45
C LYS JA 162 -42.10 -5.97 -79.31
N CYS JA 163 -43.21 -5.28 -79.57
CA CYS JA 163 -43.16 -4.05 -80.35
C CYS JA 163 -44.08 -3.00 -79.74
N VAL JA 164 -43.59 -1.77 -79.71
CA VAL JA 164 -44.33 -0.63 -79.17
C VAL JA 164 -44.87 0.21 -80.32
N LEU JA 165 -46.18 0.45 -80.34
CA LEU JA 165 -46.80 1.26 -81.40
C LEU JA 165 -47.56 2.43 -80.76
N ASP JA 166 -47.34 3.63 -81.26
CA ASP JA 166 -48.02 4.80 -80.70
C ASP JA 166 -49.23 5.14 -81.58
N MET JA 167 -50.09 6.00 -81.06
CA MET JA 167 -51.27 6.47 -81.84
C MET JA 167 -51.66 7.84 -81.29
N ARG JA 168 -51.06 8.89 -81.84
CA ARG JA 168 -51.33 10.27 -81.35
C ARG JA 168 -52.83 10.54 -81.45
N SER JA 169 -53.57 9.64 -82.11
CA SER JA 169 -55.02 9.83 -82.27
C SER JA 169 -55.59 10.20 -80.89
N MET JA 170 -55.16 9.49 -79.86
CA MET JA 170 -55.58 9.82 -78.47
C MET JA 170 -54.57 9.22 -77.52
N ASP JA 171 -53.28 9.48 -77.77
CA ASP JA 171 -52.22 8.90 -76.92
C ASP JA 171 -52.56 7.44 -76.63
N PHE JA 172 -52.99 6.70 -77.65
CA PHE JA 172 -53.23 5.25 -77.42
C PHE JA 172 -51.92 4.52 -77.68
N LYS JA 173 -51.26 4.09 -76.60
CA LYS JA 173 -50.01 3.31 -76.76
C LYS JA 173 -50.33 1.86 -76.40
N SER JA 174 -49.94 0.93 -77.27
CA SER JA 174 -50.19 -0.48 -77.01
C SER JA 174 -49.08 -1.31 -77.66
N ASN JA 175 -48.79 -2.44 -77.05
CA ASN JA 175 -47.77 -3.39 -77.48
C ASN JA 175 -48.40 -4.43 -78.39
N SER JA 176 -47.54 -5.17 -79.10
CA SER JA 176 -47.98 -6.21 -80.00
C SER JA 176 -46.85 -7.18 -80.30
N ALA JA 177 -47.20 -8.43 -80.60
CA ALA JA 177 -46.21 -9.36 -81.14
C ALA JA 177 -46.87 -10.32 -82.12
N VAL JA 178 -46.10 -10.73 -83.14
CA VAL JA 178 -46.61 -11.46 -84.31
C VAL JA 178 -46.07 -12.87 -84.35
N ALA JA 179 -46.91 -13.80 -84.81
CA ALA JA 179 -46.50 -15.18 -85.05
C ALA JA 179 -47.17 -15.73 -86.29
N TRP JA 180 -46.46 -16.61 -86.99
CA TRP JA 180 -46.98 -17.23 -88.19
C TRP JA 180 -46.31 -18.57 -88.41
N SER JA 181 -46.95 -19.39 -89.25
CA SER JA 181 -46.38 -20.63 -89.74
C SER JA 181 -47.08 -20.93 -91.06
N ASN JA 182 -46.40 -21.70 -91.91
CA ASN JA 182 -46.97 -22.19 -93.15
C ASN JA 182 -47.53 -23.60 -93.06
N LYS JA 183 -47.49 -24.22 -91.87
CA LYS JA 183 -48.07 -25.54 -91.65
C LYS JA 183 -49.60 -25.48 -91.72
N SER JA 184 -50.21 -26.55 -92.22
CA SER JA 184 -51.68 -26.55 -92.34
C SER JA 184 -52.37 -26.91 -91.03
N ASP JA 185 -51.66 -27.58 -90.12
CA ASP JA 185 -52.17 -27.91 -88.78
C ASP JA 185 -52.07 -26.75 -87.80
N PHE JA 186 -51.40 -25.65 -88.20
CA PHE JA 186 -51.17 -24.49 -87.34
C PHE JA 186 -52.47 -23.79 -86.94
N ALA JA 187 -52.61 -23.49 -85.65
CA ALA JA 187 -53.76 -22.79 -85.10
C ALA JA 187 -53.29 -21.60 -84.27
N CYS JA 188 -54.16 -20.62 -84.09
CA CYS JA 188 -53.76 -19.43 -83.36
C CYS JA 188 -53.59 -19.67 -81.86
N ALA JA 189 -54.43 -20.52 -81.26
CA ALA JA 189 -54.32 -20.73 -79.82
C ALA JA 189 -53.01 -21.41 -79.42
N ASN JA 190 -52.40 -22.21 -80.29
CA ASN JA 190 -51.16 -22.90 -79.92
C ASN JA 190 -49.90 -22.09 -80.28
N ALA JA 191 -49.98 -20.75 -80.27
CA ALA JA 191 -48.80 -19.93 -80.54
C ALA JA 191 -47.88 -19.88 -79.35
N PHE JA 192 -48.49 -19.83 -78.18
CA PHE JA 192 -47.74 -19.74 -76.94
C PHE JA 192 -47.68 -21.12 -76.33
N ASN JA 193 -46.49 -21.62 -76.17
CA ASN JA 193 -46.39 -22.84 -75.40
C ASN JA 193 -45.91 -22.58 -74.01
N ASN JA 194 -45.14 -21.52 -73.85
CA ASN JA 194 -44.57 -21.08 -72.59
C ASN JA 194 -44.20 -19.61 -72.73
N SER JA 195 -45.16 -18.71 -72.66
CA SER JA 195 -44.83 -17.34 -72.94
C SER JA 195 -45.45 -16.34 -71.95
N ILE JA 196 -45.48 -16.66 -70.65
CA ILE JA 196 -45.98 -15.74 -69.62
C ILE JA 196 -47.35 -15.18 -70.02
N ILE JA 197 -48.17 -16.02 -70.66
CA ILE JA 197 -49.44 -15.58 -71.22
C ILE JA 197 -50.38 -15.10 -70.12
N PRO JA 198 -50.90 -13.87 -70.19
CA PRO JA 198 -51.95 -13.49 -69.25
C PRO JA 198 -53.13 -14.43 -69.46
N GLU JA 199 -53.66 -14.96 -68.36
CA GLU JA 199 -54.77 -15.90 -68.49
C GLU JA 199 -55.92 -15.28 -69.29
N ASP JA 200 -56.17 -13.98 -69.09
CA ASP JA 200 -57.27 -13.24 -69.72
C ASP JA 200 -56.88 -12.85 -71.15
N THR JA 201 -56.69 -13.87 -72.00
CA THR JA 201 -56.35 -13.62 -73.41
C THR JA 201 -57.64 -13.79 -74.20
N PHE JA 202 -58.06 -12.72 -74.87
CA PHE JA 202 -59.28 -12.77 -75.66
C PHE JA 202 -59.07 -13.68 -76.87
N PHE JA 203 -59.87 -14.75 -76.94
CA PHE JA 203 -59.76 -15.77 -77.97
C PHE JA 203 -61.06 -15.84 -78.80
N THR KA 6 -24.56 20.15 -94.62
CA THR KA 6 -23.71 18.98 -94.43
C THR KA 6 -22.22 19.32 -94.53
N LEU KA 7 -21.43 19.07 -93.46
CA LEU KA 7 -20.00 19.40 -93.43
C LEU KA 7 -19.11 18.24 -93.87
N LEU KA 8 -19.62 17.01 -93.84
CA LEU KA 8 -18.89 15.88 -94.35
C LEU KA 8 -19.81 15.10 -95.27
N GLU KA 9 -19.21 14.50 -96.29
CA GLU KA 9 -19.91 13.75 -97.33
C GLU KA 9 -19.17 12.44 -97.60
N GLN KA 10 -19.84 11.30 -97.37
CA GLN KA 10 -19.18 10.00 -97.42
C GLN KA 10 -19.81 9.07 -98.45
N ASN KA 11 -18.94 8.40 -99.23
CA ASN KA 11 -19.30 7.42 -100.24
C ASN KA 11 -18.32 6.25 -100.28
N PRO KA 12 -18.78 5.05 -100.73
CA PRO KA 12 -20.19 4.76 -101.01
C PRO KA 12 -20.94 4.56 -99.72
N ARG KA 13 -22.25 4.78 -99.77
CA ARG KA 13 -23.08 4.68 -98.60
C ARG KA 13 -23.40 3.23 -98.29
N TRP KA 14 -23.16 2.35 -99.24
CA TRP KA 14 -23.54 0.96 -99.13
C TRP KA 14 -22.73 0.20 -100.17
N ARG KA 15 -22.29 -1.01 -99.84
CA ARG KA 15 -21.55 -1.78 -100.86
C ARG KA 15 -21.45 -3.23 -100.42
N LEU KA 16 -21.96 -4.16 -101.22
CA LEU KA 16 -21.73 -5.58 -100.98
C LEU KA 16 -20.31 -5.96 -101.39
N VAL KA 17 -19.64 -6.73 -100.55
CA VAL KA 17 -18.28 -7.19 -100.82
C VAL KA 17 -18.21 -8.71 -100.72
N PRO KA 18 -17.90 -9.42 -101.82
CA PRO KA 18 -17.64 -10.86 -101.74
C PRO KA 18 -16.38 -11.11 -100.95
N ARG KA 19 -16.30 -12.29 -100.36
CA ARG KA 19 -15.16 -12.58 -99.50
C ARG KA 19 -13.86 -12.52 -100.30
N GLY KA 20 -12.81 -11.98 -99.68
CA GLY KA 20 -11.51 -11.79 -100.29
C GLY KA 20 -11.34 -10.55 -101.16
N GLN KA 21 -12.41 -9.78 -101.40
CA GLN KA 21 -12.37 -8.64 -102.31
C GLN KA 21 -11.94 -7.36 -101.60
N ALA KA 22 -11.93 -6.24 -102.33
CA ALA KA 22 -11.51 -4.94 -101.82
C ALA KA 22 -12.56 -3.89 -102.17
N VAL KA 23 -12.54 -2.76 -101.46
CA VAL KA 23 -13.48 -1.67 -101.70
C VAL KA 23 -12.80 -0.36 -101.31
N ASN KA 24 -13.11 0.70 -102.05
CA ASN KA 24 -12.55 2.03 -101.86
C ASN KA 24 -13.55 2.92 -101.16
N LEU KA 25 -13.11 3.64 -100.14
CA LEU KA 25 -13.97 4.64 -99.53
C LEU KA 25 -13.33 6.01 -99.72
N ARG KA 26 -14.17 7.03 -99.70
CA ARG KA 26 -13.75 8.40 -99.95
C ARG KA 26 -14.61 9.32 -99.11
N CYS KA 27 -14.01 10.43 -98.68
CA CYS KA 27 -14.73 11.36 -97.83
C CYS KA 27 -14.37 12.79 -98.24
N ILE KA 28 -15.37 13.66 -98.28
CA ILE KA 28 -15.22 15.07 -98.68
C ILE KA 28 -15.55 15.99 -97.52
N LEU KA 29 -14.60 16.86 -97.19
CA LEU KA 29 -14.78 17.88 -96.18
C LEU KA 29 -15.35 19.14 -96.84
N LYS KA 30 -16.44 19.67 -96.29
CA LYS KA 30 -17.05 20.87 -96.86
C LYS KA 30 -16.67 22.17 -96.14
N ASN KA 31 -15.98 22.09 -95.00
CA ASN KA 31 -15.57 23.29 -94.27
C ASN KA 31 -14.16 23.02 -93.76
N SER KA 32 -13.19 23.75 -94.29
CA SER KA 32 -11.80 23.53 -93.90
C SER KA 32 -11.53 23.92 -92.46
N GLN KA 33 -12.50 24.46 -91.73
CA GLN KA 33 -12.23 24.78 -90.33
C GLN KA 33 -12.31 23.54 -89.40
N TYR KA 34 -12.53 22.33 -89.92
CA TYR KA 34 -12.53 21.10 -89.13
C TYR KA 34 -11.54 20.10 -89.73
N PRO KA 35 -10.28 20.49 -89.93
CA PRO KA 35 -9.37 19.74 -90.82
C PRO KA 35 -8.80 18.43 -90.27
N TRP KA 36 -9.14 18.06 -89.05
CA TRP KA 36 -8.59 16.84 -88.46
C TRP KA 36 -9.54 15.69 -88.79
N MET KA 37 -9.20 14.95 -89.86
CA MET KA 37 -10.08 13.93 -90.41
C MET KA 37 -9.66 12.57 -89.92
N SER KA 38 -10.62 11.71 -89.66
CA SER KA 38 -10.24 10.43 -89.14
C SER KA 38 -11.12 9.34 -89.72
N TRP KA 39 -10.59 8.14 -89.66
CA TRP KA 39 -11.34 6.92 -89.97
C TRP KA 39 -11.47 6.11 -88.70
N TYR KA 40 -12.69 5.69 -88.39
CA TYR KA 40 -13.03 4.82 -87.28
C TYR KA 40 -13.82 3.62 -87.80
N GLN KA 41 -13.69 2.46 -87.15
CA GLN KA 41 -14.51 1.31 -87.54
C GLN KA 41 -15.48 0.87 -86.44
N GLN KA 42 -16.57 0.25 -86.88
CA GLN KA 42 -17.52 -0.41 -86.00
C GLN KA 42 -17.74 -1.83 -86.50
N ASP KA 43 -17.48 -2.81 -85.62
CA ASP KA 43 -17.66 -4.22 -85.94
C ASP KA 43 -19.10 -4.66 -85.71
N LEU KA 44 -19.34 -5.93 -85.99
CA LEU KA 44 -20.65 -6.52 -85.82
C LEU KA 44 -21.09 -6.53 -84.37
N GLN KA 45 -20.19 -6.24 -83.45
CA GLN KA 45 -20.51 -6.25 -82.02
C GLN KA 45 -20.93 -4.88 -81.50
N LYS KA 46 -20.96 -3.86 -82.36
CA LYS KA 46 -21.30 -2.47 -81.99
C LYS KA 46 -20.18 -1.77 -81.18
N GLN KA 47 -18.96 -2.30 -81.18
CA GLN KA 47 -17.81 -1.60 -80.60
C GLN KA 47 -17.15 -0.65 -81.60
N LEU KA 48 -16.94 0.59 -81.16
CA LEU KA 48 -16.32 1.67 -81.92
C LEU KA 48 -14.82 1.61 -81.73
N GLN KA 49 -14.07 1.96 -82.76
CA GLN KA 49 -12.61 1.88 -82.68
C GLN KA 49 -11.92 2.89 -83.58
N TRP KA 50 -10.87 3.54 -83.09
CA TRP KA 50 -10.07 4.43 -83.93
C TRP KA 50 -9.19 3.62 -84.87
N LEU KA 51 -8.99 4.12 -86.09
CA LEU KA 51 -8.17 3.48 -87.11
C LEU KA 51 -7.07 4.39 -87.64
N PHE KA 52 -7.41 5.58 -88.17
CA PHE KA 52 -6.41 6.46 -88.76
C PHE KA 52 -6.77 7.92 -88.56
N THR KA 53 -5.72 8.73 -88.52
CA THR KA 53 -5.78 10.19 -88.61
C THR KA 53 -4.60 10.63 -89.47
N LEU KA 54 -4.87 11.25 -90.60
CA LEU KA 54 -3.82 11.66 -91.54
C LEU KA 54 -4.08 13.13 -91.78
N ARG KA 55 -3.11 13.99 -91.45
CA ARG KA 55 -3.40 15.42 -91.57
C ARG KA 55 -2.97 16.05 -92.89
N SER KA 56 -1.73 15.70 -93.43
CA SER KA 56 -1.01 16.35 -94.52
C SER KA 56 -1.33 15.71 -95.86
N PRO KA 57 -1.28 16.48 -96.94
CA PRO KA 57 -1.25 15.84 -98.25
C PRO KA 57 -0.16 14.79 -98.18
N GLY KA 58 -0.41 13.61 -98.73
CA GLY KA 58 0.65 12.63 -98.79
C GLY KA 58 0.68 11.60 -97.68
N ASP KA 59 -0.14 11.75 -96.66
CA ASP KA 59 -0.16 10.72 -95.64
C ASP KA 59 -0.75 9.43 -96.19
N LYS KA 60 -0.03 8.33 -95.99
CA LYS KA 60 -0.46 6.96 -96.25
C LYS KA 60 -0.05 6.09 -95.07
N GLU KA 61 -0.93 5.19 -94.66
CA GLU KA 61 -0.62 4.24 -93.61
C GLU KA 61 -1.39 2.96 -93.85
N VAL KA 62 -0.85 1.84 -93.35
CA VAL KA 62 -1.47 0.54 -93.44
C VAL KA 62 -1.76 0.01 -92.05
N LYS KA 63 -2.77 -0.84 -91.95
CA LYS KA 63 -3.11 -1.50 -90.69
C LYS KA 63 -3.95 -2.74 -90.95
N SER KA 64 -3.73 -3.77 -90.12
CA SER KA 64 -4.51 -4.99 -90.16
C SER KA 64 -5.21 -5.22 -88.82
N LEU KA 65 -6.52 -5.44 -88.87
CA LEU KA 65 -7.32 -5.77 -87.71
C LEU KA 65 -7.97 -7.13 -87.95
N PRO KA 66 -8.59 -7.73 -86.94
CA PRO KA 66 -9.35 -8.97 -87.21
C PRO KA 66 -10.47 -8.72 -88.21
N GLY KA 67 -10.34 -9.37 -89.38
CA GLY KA 67 -11.36 -9.37 -90.43
C GLY KA 67 -11.13 -8.42 -91.58
N ALA KA 68 -10.19 -7.48 -91.46
CA ALA KA 68 -10.05 -6.43 -92.45
C ALA KA 68 -8.62 -5.89 -92.48
N ASP KA 69 -8.18 -5.55 -93.68
CA ASP KA 69 -6.89 -4.90 -93.93
C ASP KA 69 -7.18 -3.45 -94.31
N TYR KA 70 -6.33 -2.53 -93.84
CA TYR KA 70 -6.62 -1.12 -94.10
C TYR KA 70 -5.45 -0.38 -94.77
N LEU KA 71 -5.80 0.48 -95.74
CA LEU KA 71 -4.92 1.45 -96.39
C LEU KA 71 -5.63 2.80 -96.55
N ALA KA 72 -5.09 3.84 -95.91
CA ALA KA 72 -5.69 5.17 -95.90
C ALA KA 72 -4.74 6.20 -96.52
N THR KA 73 -5.33 7.24 -97.10
CA THR KA 73 -4.54 8.33 -97.68
C THR KA 73 -5.29 9.66 -97.58
N ARG KA 74 -4.57 10.69 -97.12
CA ARG KA 74 -5.05 12.06 -97.16
C ARG KA 74 -4.56 12.71 -98.46
N VAL KA 75 -5.49 12.88 -99.40
CA VAL KA 75 -5.22 13.28 -100.77
C VAL KA 75 -5.04 14.78 -100.90
N THR KA 76 -6.03 15.52 -100.40
CA THR KA 76 -6.00 16.95 -100.39
C THR KA 76 -6.49 17.39 -99.02
N ASP KA 77 -6.75 18.70 -98.86
CA ASP KA 77 -7.28 19.19 -97.59
C ASP KA 77 -8.68 18.72 -97.27
N THR KA 78 -9.45 18.23 -98.26
CA THR KA 78 -10.83 17.82 -98.02
C THR KA 78 -11.16 16.42 -98.54
N GLU KA 79 -10.19 15.70 -99.10
CA GLU KA 79 -10.41 14.39 -99.69
C GLU KA 79 -9.58 13.36 -98.95
N LEU KA 80 -10.26 12.41 -98.32
CA LEU KA 80 -9.62 11.32 -97.61
C LEU KA 80 -10.08 10.00 -98.19
N ARG KA 81 -9.12 9.10 -98.40
CA ARG KA 81 -9.39 7.83 -99.05
C ARG KA 81 -9.05 6.70 -98.11
N LEU KA 82 -9.73 5.58 -98.33
CA LEU KA 82 -9.54 4.40 -97.51
C LEU KA 82 -9.83 3.17 -98.35
N GLN KA 83 -8.88 2.23 -98.39
CA GLN KA 83 -9.09 0.92 -98.99
C GLN KA 83 -9.21 -0.12 -97.89
N VAL KA 84 -10.23 -0.95 -98.01
CA VAL KA 84 -10.42 -2.11 -97.16
C VAL KA 84 -10.17 -3.32 -98.03
N ALA KA 85 -9.28 -4.20 -97.58
CA ALA KA 85 -8.89 -5.31 -98.42
C ALA KA 85 -9.02 -6.63 -97.67
N ASN KA 86 -9.26 -7.69 -98.45
CA ASN KA 86 -9.36 -9.06 -97.97
C ASN KA 86 -10.26 -9.19 -96.74
N MET KA 87 -11.50 -8.74 -96.87
CA MET KA 87 -12.43 -8.79 -95.76
C MET KA 87 -12.93 -10.21 -95.50
N SER KA 88 -13.24 -10.48 -94.23
CA SER KA 88 -13.84 -11.72 -93.80
C SER KA 88 -14.98 -11.50 -92.82
N GLN KA 89 -15.22 -10.26 -92.41
CA GLN KA 89 -16.24 -9.92 -91.44
C GLN KA 89 -16.78 -8.58 -91.86
N GLY KA 90 -18.10 -8.45 -91.86
CA GLY KA 90 -18.70 -7.17 -92.18
C GLY KA 90 -18.35 -6.16 -91.11
N ARG KA 91 -18.47 -4.88 -91.47
CA ARG KA 91 -18.13 -3.78 -90.57
C ARG KA 91 -18.92 -2.57 -91.03
N THR KA 92 -18.88 -1.54 -90.22
CA THR KA 92 -19.29 -0.21 -90.65
C THR KA 92 -18.15 0.74 -90.36
N LEU KA 93 -17.79 1.55 -91.34
CA LEU KA 93 -16.70 2.48 -91.14
C LEU KA 93 -17.33 3.85 -91.19
N TYR KA 94 -16.90 4.73 -90.30
CA TYR KA 94 -17.34 6.11 -90.29
C TYR KA 94 -16.16 7.03 -90.56
N CYS KA 95 -16.42 8.05 -91.35
CA CYS KA 95 -15.48 9.15 -91.49
C CYS KA 95 -15.84 10.16 -90.42
N THR KA 96 -14.82 10.78 -89.82
CA THR KA 96 -15.04 11.85 -88.87
C THR KA 96 -13.92 12.89 -88.95
N CYS KA 97 -14.28 14.10 -88.55
CA CYS KA 97 -13.37 15.23 -88.42
C CYS KA 97 -13.69 15.98 -87.13
N SER KA 98 -12.74 16.80 -86.68
CA SER KA 98 -12.97 17.75 -85.60
C SER KA 98 -12.01 18.94 -85.76
N ALA KA 99 -12.25 20.00 -84.97
CA ALA KA 99 -11.52 21.26 -85.14
C ALA KA 99 -10.07 21.19 -84.64
N ARG KA 100 -9.78 20.30 -83.69
CA ARG KA 100 -8.46 20.20 -83.09
C ARG KA 100 -8.10 18.73 -83.01
N HIS KA 101 -6.80 18.42 -83.05
CA HIS KA 101 -6.44 17.01 -83.24
C HIS KA 101 -6.86 16.13 -82.05
N SER KA 102 -6.96 16.68 -80.82
CA SER KA 102 -7.58 15.95 -79.72
C SER KA 102 -8.15 16.93 -78.72
N ALA KA 103 -8.90 16.39 -77.77
CA ALA KA 103 -9.54 17.17 -76.72
C ALA KA 103 -10.65 18.05 -77.27
N GLU KA 104 -11.24 17.68 -78.41
CA GLU KA 104 -12.35 18.41 -79.01
C GLU KA 104 -13.49 17.49 -79.41
N THR KA 105 -14.60 18.11 -79.79
CA THR KA 105 -15.73 17.36 -80.30
C THR KA 105 -15.41 16.68 -81.63
N LEU KA 106 -15.65 15.38 -81.70
CA LEU KA 106 -15.41 14.60 -82.90
C LEU KA 106 -16.78 14.48 -83.60
N TYR KA 107 -16.88 14.84 -84.91
CA TYR KA 107 -18.14 14.85 -85.69
C TYR KA 107 -18.21 13.76 -86.74
N PHE KA 108 -19.38 13.12 -86.88
CA PHE KA 108 -19.55 11.89 -87.66
C PHE KA 108 -20.16 11.99 -89.08
N GLY KA 109 -19.62 11.17 -90.01
CA GLY KA 109 -20.23 10.99 -91.32
C GLY KA 109 -21.41 10.01 -91.32
N SER KA 110 -22.04 9.90 -92.50
CA SER KA 110 -23.25 9.10 -92.73
C SER KA 110 -23.01 7.60 -92.66
N GLY KA 111 -21.77 7.15 -92.78
CA GLY KA 111 -21.41 5.76 -92.63
C GLY KA 111 -21.24 5.03 -93.96
N THR KA 112 -20.50 3.94 -93.89
CA THR KA 112 -20.31 3.02 -95.00
C THR KA 112 -20.55 1.60 -94.49
N ARG KA 113 -21.69 1.01 -94.84
CA ARG KA 113 -21.99 -0.35 -94.45
C ARG KA 113 -21.42 -1.33 -95.47
N LEU KA 114 -20.60 -2.26 -95.02
CA LEU KA 114 -20.03 -3.30 -95.87
C LEU KA 114 -20.51 -4.65 -95.35
N THR KA 115 -20.96 -5.51 -96.26
CA THR KA 115 -21.43 -6.84 -95.90
C THR KA 115 -20.65 -7.88 -96.71
N VAL KA 116 -20.14 -8.91 -96.03
CA VAL KA 116 -19.33 -9.95 -96.66
C VAL KA 116 -20.22 -11.16 -96.87
N LEU KA 117 -20.29 -11.65 -98.10
CA LEU KA 117 -21.20 -12.75 -98.38
C LEU KA 117 -20.82 -13.43 -99.69
N ASP KA 118 -21.55 -14.52 -99.98
CA ASP KA 118 -21.50 -15.23 -101.26
C ASP KA 118 -22.65 -14.71 -102.13
N LEU KA 119 -22.32 -14.15 -103.31
CA LEU KA 119 -23.33 -13.45 -104.12
C LEU KA 119 -24.50 -14.35 -104.52
N ARG KA 120 -24.28 -15.64 -104.72
CA ARG KA 120 -25.37 -16.49 -105.20
C ARG KA 120 -26.42 -16.81 -104.14
N ASN KA 121 -26.29 -16.34 -102.90
CA ASN KA 121 -27.33 -16.53 -101.90
C ASN KA 121 -28.25 -15.34 -101.73
N VAL KA 122 -28.17 -14.34 -102.60
CA VAL KA 122 -28.99 -13.13 -102.48
C VAL KA 122 -30.40 -13.42 -102.97
N PHE KA 123 -31.39 -13.02 -102.18
CA PHE KA 123 -32.77 -13.28 -102.52
C PHE KA 123 -33.42 -11.94 -102.19
N PRO KA 124 -34.22 -11.40 -103.09
CA PRO KA 124 -35.02 -10.21 -102.76
C PRO KA 124 -36.21 -10.58 -101.90
N PRO KA 125 -36.84 -9.61 -101.25
CA PRO KA 125 -37.91 -9.91 -100.28
C PRO KA 125 -39.28 -10.18 -100.90
N GLU KA 126 -39.99 -11.13 -100.30
CA GLU KA 126 -41.40 -11.34 -100.65
C GLU KA 126 -42.25 -10.49 -99.72
N VAL KA 127 -43.20 -9.75 -100.30
CA VAL KA 127 -43.97 -8.75 -99.55
C VAL KA 127 -45.46 -9.07 -99.66
N ALA KA 128 -46.11 -9.28 -98.51
CA ALA KA 128 -47.53 -9.60 -98.42
C ALA KA 128 -48.12 -8.84 -97.24
N VAL KA 129 -49.33 -8.27 -97.41
CA VAL KA 129 -50.00 -7.50 -96.36
C VAL KA 129 -51.25 -8.25 -95.90
N PHE KA 130 -51.50 -8.23 -94.59
CA PHE KA 130 -52.62 -8.94 -93.94
C PHE KA 130 -53.64 -7.95 -93.38
N GLU KA 131 -54.94 -8.17 -93.70
CA GLU KA 131 -56.04 -7.29 -93.31
C GLU KA 131 -56.54 -7.64 -91.90
N PRO KA 132 -57.05 -6.65 -91.17
CA PRO KA 132 -57.31 -6.83 -89.74
C PRO KA 132 -58.30 -7.95 -89.46
N SER KA 133 -58.15 -8.54 -88.27
CA SER KA 133 -59.19 -9.41 -87.78
C SER KA 133 -60.45 -8.60 -87.49
N GLU KA 134 -61.60 -9.20 -87.79
CA GLU KA 134 -62.87 -8.57 -87.44
C GLU KA 134 -63.08 -8.61 -85.94
N ALA KA 135 -62.59 -9.67 -85.29
CA ALA KA 135 -62.74 -9.81 -83.84
C ALA KA 135 -62.06 -8.67 -83.11
N GLU KA 136 -60.92 -8.22 -83.63
CA GLU KA 136 -60.22 -7.04 -83.10
C GLU KA 136 -61.08 -5.80 -83.23
N ILE KA 137 -61.68 -5.58 -84.41
CA ILE KA 137 -62.50 -4.40 -84.63
C ILE KA 137 -63.71 -4.44 -83.71
N SER KA 138 -64.27 -5.64 -83.51
CA SER KA 138 -65.41 -5.82 -82.59
C SER KA 138 -65.03 -5.50 -81.15
N HIS KA 139 -63.90 -6.02 -80.69
CA HIS KA 139 -63.57 -5.95 -79.26
C HIS KA 139 -62.93 -4.61 -78.88
N THR KA 140 -62.15 -4.02 -79.78
CA THR KA 140 -61.29 -2.89 -79.46
C THR KA 140 -61.55 -1.64 -80.27
N GLN KA 141 -62.32 -1.70 -81.35
CA GLN KA 141 -62.61 -0.52 -82.15
C GLN KA 141 -61.38 0.03 -82.86
N LYS KA 142 -60.37 -0.80 -83.14
CA LYS KA 142 -59.19 -0.38 -83.90
C LYS KA 142 -58.83 -1.46 -84.90
N ALA KA 143 -57.89 -1.14 -85.80
CA ALA KA 143 -57.54 -2.05 -86.87
C ALA KA 143 -56.03 -2.06 -87.09
N THR KA 144 -55.40 -3.20 -86.86
CA THR KA 144 -53.95 -3.35 -87.01
C THR KA 144 -53.66 -4.11 -88.29
N LEU KA 145 -52.98 -3.44 -89.24
CA LEU KA 145 -52.52 -4.13 -90.42
C LEU KA 145 -51.13 -4.68 -90.20
N VAL KA 146 -50.88 -5.87 -90.75
CA VAL KA 146 -49.62 -6.57 -90.61
C VAL KA 146 -49.01 -6.71 -91.98
N CYS KA 147 -47.72 -6.41 -92.09
CA CYS KA 147 -46.98 -6.63 -93.31
C CYS KA 147 -45.86 -7.61 -92.96
N LEU KA 148 -45.73 -8.69 -93.73
CA LEU KA 148 -44.66 -9.68 -93.52
C LEU KA 148 -43.83 -9.82 -94.79
N ALA KA 149 -42.51 -9.64 -94.65
CA ALA KA 149 -41.56 -9.84 -95.74
C ALA KA 149 -40.72 -11.07 -95.46
N THR KA 150 -40.62 -11.96 -96.45
CA THR KA 150 -40.00 -13.25 -96.26
C THR KA 150 -39.02 -13.55 -97.39
N GLY KA 151 -38.01 -14.34 -97.05
CA GLY KA 151 -37.07 -14.88 -98.02
C GLY KA 151 -36.11 -13.88 -98.63
N PHE KA 152 -35.17 -13.39 -97.82
CA PHE KA 152 -34.18 -12.46 -98.34
C PHE KA 152 -32.88 -12.59 -97.56
N TYR KA 153 -31.81 -12.10 -98.20
CA TYR KA 153 -30.43 -12.16 -97.74
C TYR KA 153 -29.64 -11.19 -98.60
N PRO KA 154 -28.84 -10.26 -98.05
CA PRO KA 154 -28.55 -10.03 -96.64
C PRO KA 154 -29.72 -9.34 -95.94
N ASP KA 155 -29.49 -8.92 -94.70
CA ASP KA 155 -30.52 -8.33 -93.85
C ASP KA 155 -30.61 -6.81 -93.94
N HIS KA 156 -30.26 -6.22 -95.10
CA HIS KA 156 -30.33 -4.76 -95.30
C HIS KA 156 -31.64 -4.43 -96.03
N VAL KA 157 -32.66 -4.07 -95.24
CA VAL KA 157 -33.97 -3.71 -95.76
C VAL KA 157 -34.48 -2.49 -94.99
N GLU KA 158 -35.40 -1.76 -95.61
CA GLU KA 158 -36.05 -0.63 -94.95
C GLU KA 158 -37.54 -0.66 -95.25
N LEU KA 159 -38.36 -0.62 -94.21
CA LEU KA 159 -39.80 -0.77 -94.32
C LEU KA 159 -40.51 0.55 -94.01
N SER KA 160 -41.58 0.83 -94.76
CA SER KA 160 -42.42 2.02 -94.57
C SER KA 160 -43.88 1.72 -94.93
N TRP KA 161 -44.82 2.43 -94.29
CA TRP KA 161 -46.22 2.37 -94.69
C TRP KA 161 -46.60 3.65 -95.42
N TRP KA 162 -47.44 3.52 -96.46
CA TRP KA 162 -47.92 4.67 -97.23
C TRP KA 162 -49.45 4.58 -97.31
N VAL KA 163 -50.12 5.57 -96.75
CA VAL KA 163 -51.58 5.64 -96.72
C VAL KA 163 -52.02 6.78 -97.63
N ASN KA 164 -52.79 6.45 -98.67
CA ASN KA 164 -53.20 7.43 -99.67
C ASN KA 164 -51.98 8.14 -100.22
N GLY KA 165 -50.93 7.35 -100.51
CA GLY KA 165 -49.73 7.79 -101.15
C GLY KA 165 -48.70 8.48 -100.27
N LYS KA 166 -49.00 8.76 -99.01
CA LYS KA 166 -48.06 9.44 -98.12
C LYS KA 166 -47.54 8.47 -97.09
N GLU KA 167 -46.26 8.58 -96.77
CA GLU KA 167 -45.69 7.78 -95.70
C GLU KA 167 -46.18 8.28 -94.34
N VAL KA 168 -46.47 7.34 -93.43
CA VAL KA 168 -47.09 7.65 -92.14
C VAL KA 168 -46.09 7.57 -90.98
N HIS KA 169 -46.45 8.27 -89.89
CA HIS KA 169 -45.61 8.41 -88.70
C HIS KA 169 -46.24 7.77 -87.47
N SER KA 170 -47.49 8.09 -87.16
CA SER KA 170 -48.16 7.46 -86.03
C SER KA 170 -48.51 6.03 -86.41
N GLY KA 171 -48.73 5.18 -85.43
CA GLY KA 171 -49.20 3.86 -85.76
C GLY KA 171 -48.23 2.93 -86.46
N VAL KA 172 -46.97 3.32 -86.62
CA VAL KA 172 -45.96 2.48 -87.27
C VAL KA 172 -45.20 1.68 -86.20
N CYS KA 173 -44.98 0.39 -86.47
CA CYS KA 173 -44.28 -0.49 -85.54
C CYS KA 173 -43.38 -1.43 -86.36
N THR KA 174 -42.16 -1.01 -86.62
CA THR KA 174 -41.21 -1.86 -87.32
C THR KA 174 -40.36 -2.62 -86.30
N ASP KA 175 -40.25 -3.95 -86.46
CA ASP KA 175 -39.46 -4.76 -85.54
C ASP KA 175 -37.99 -4.35 -85.54
N PRO KA 176 -37.33 -4.35 -84.38
CA PRO KA 176 -35.97 -3.79 -84.31
C PRO KA 176 -34.95 -4.58 -85.11
N GLN KA 177 -35.02 -5.91 -85.09
CA GLN KA 177 -34.00 -6.68 -85.76
C GLN KA 177 -34.68 -7.79 -86.57
N PRO KA 178 -34.11 -8.13 -87.72
CA PRO KA 178 -34.64 -9.25 -88.50
C PRO KA 178 -34.42 -10.58 -87.81
N LEU KA 179 -35.24 -11.57 -88.18
CA LEU KA 179 -35.17 -12.91 -87.64
C LEU KA 179 -34.82 -13.94 -88.71
N LYS KA 180 -34.15 -15.01 -88.28
CA LYS KA 180 -33.74 -16.09 -89.17
C LYS KA 180 -34.92 -17.00 -89.47
N GLU KA 181 -35.25 -17.15 -90.76
CA GLU KA 181 -36.23 -18.17 -91.15
C GLU KA 181 -35.72 -19.56 -90.82
N GLN KA 182 -34.39 -19.72 -90.87
CA GLN KA 182 -33.68 -20.98 -90.63
C GLN KA 182 -32.67 -20.71 -89.53
N PRO KA 183 -33.09 -20.71 -88.25
CA PRO KA 183 -32.15 -20.31 -87.20
C PRO KA 183 -30.90 -21.19 -87.12
N ALA KA 184 -30.90 -22.35 -87.80
CA ALA KA 184 -29.78 -23.30 -87.75
C ALA KA 184 -28.62 -22.88 -88.64
N LEU KA 185 -28.89 -22.22 -89.76
CA LEU KA 185 -27.83 -21.73 -90.61
C LEU KA 185 -27.21 -20.47 -90.02
N ASN KA 186 -25.90 -20.33 -90.21
CA ASN KA 186 -25.20 -19.08 -90.01
C ASN KA 186 -25.33 -18.14 -91.21
N ASP KA 187 -26.06 -18.56 -92.25
CA ASP KA 187 -26.30 -17.76 -93.44
C ASP KA 187 -27.75 -17.89 -93.94
N SER KA 188 -28.70 -18.13 -93.03
CA SER KA 188 -30.11 -18.25 -93.40
C SER KA 188 -30.68 -17.00 -94.07
N ARG KA 189 -31.76 -17.19 -94.78
CA ARG KA 189 -32.53 -16.06 -95.23
C ARG KA 189 -33.32 -15.51 -94.04
N TYR KA 190 -33.76 -14.27 -94.17
CA TYR KA 190 -34.32 -13.51 -93.05
C TYR KA 190 -35.80 -13.21 -93.26
N ALA KA 191 -36.42 -12.71 -92.19
CA ALA KA 191 -37.81 -12.25 -92.20
C ALA KA 191 -37.91 -11.02 -91.31
N LEU KA 192 -38.90 -10.17 -91.61
CA LEU KA 192 -39.13 -8.90 -90.93
C LEU KA 192 -40.64 -8.70 -90.83
N SER KA 193 -41.12 -8.12 -89.73
CA SER KA 193 -42.52 -7.77 -89.61
C SER KA 193 -42.69 -6.27 -89.39
N SER KA 194 -43.93 -5.82 -89.52
CA SER KA 194 -44.28 -4.44 -89.20
C SER KA 194 -45.75 -4.41 -88.84
N ARG KA 195 -46.14 -3.34 -88.15
CA ARG KA 195 -47.53 -3.12 -87.81
C ARG KA 195 -47.95 -1.70 -88.16
N LEU KA 196 -49.21 -1.55 -88.57
CA LEU KA 196 -49.85 -0.25 -88.72
C LEU KA 196 -51.24 -0.32 -88.11
N ARG KA 197 -51.45 0.46 -87.05
CA ARG KA 197 -52.72 0.50 -86.34
C ARG KA 197 -53.40 1.84 -86.55
N VAL KA 198 -54.66 1.78 -87.00
CA VAL KA 198 -55.52 2.95 -87.21
C VAL KA 198 -56.91 2.65 -86.66
N SER KA 199 -57.66 3.72 -86.39
CA SER KA 199 -59.00 3.54 -85.86
C SER KA 199 -59.79 2.70 -86.85
N ALA KA 200 -60.79 1.95 -86.34
CA ALA KA 200 -61.65 1.16 -87.23
C ALA KA 200 -62.43 2.05 -88.21
N THR KA 201 -62.79 3.27 -87.77
CA THR KA 201 -63.49 4.23 -88.61
C THR KA 201 -62.74 4.51 -89.90
N PHE KA 202 -61.42 4.70 -89.78
CA PHE KA 202 -60.55 4.99 -90.92
C PHE KA 202 -60.33 3.76 -91.79
N TRP KA 203 -60.30 2.57 -91.19
CA TRP KA 203 -60.13 1.34 -91.96
C TRP KA 203 -61.34 1.00 -92.80
N GLN KA 204 -62.55 1.24 -92.26
CA GLN KA 204 -63.79 0.78 -92.87
C GLN KA 204 -64.32 1.68 -94.00
N ASN KA 205 -63.49 2.59 -94.49
CA ASN KA 205 -63.83 3.49 -95.59
C ASN KA 205 -63.14 2.90 -96.79
N PRO KA 206 -63.85 2.20 -97.68
CA PRO KA 206 -63.20 1.56 -98.84
C PRO KA 206 -62.53 2.55 -99.79
N ARG KA 207 -62.63 3.84 -99.46
CA ARG KA 207 -61.96 4.92 -100.18
C ARG KA 207 -60.50 5.08 -99.79
N ASN KA 208 -60.02 4.40 -98.76
CA ASN KA 208 -58.68 4.60 -98.24
C ASN KA 208 -57.68 3.60 -98.80
N HIS KA 209 -56.49 4.09 -99.14
CA HIS KA 209 -55.46 3.32 -99.81
C HIS KA 209 -54.29 3.08 -98.88
N PHE KA 210 -53.90 1.81 -98.75
CA PHE KA 210 -52.79 1.40 -97.91
C PHE KA 210 -51.79 0.63 -98.76
N ARG KA 211 -50.51 1.01 -98.70
CA ARG KA 211 -49.45 0.24 -99.35
C ARG KA 211 -48.22 0.13 -98.45
N CYS KA 212 -47.72 -1.09 -98.27
CA CYS KA 212 -46.57 -1.39 -97.43
C CYS KA 212 -45.33 -1.63 -98.30
N GLN KA 213 -44.30 -0.81 -98.12
CA GLN KA 213 -43.12 -0.82 -98.98
C GLN KA 213 -41.88 -1.36 -98.26
N VAL KA 214 -41.14 -2.25 -98.93
CA VAL KA 214 -39.87 -2.81 -98.44
C VAL KA 214 -38.77 -2.47 -99.45
N GLN KA 215 -37.90 -1.51 -99.12
CA GLN KA 215 -36.73 -1.22 -99.95
C GLN KA 215 -35.62 -2.22 -99.66
N PHE KA 216 -35.17 -2.94 -100.69
CA PHE KA 216 -34.12 -3.94 -100.59
C PHE KA 216 -32.87 -3.49 -101.33
N TYR KA 217 -31.72 -3.71 -100.71
CA TYR KA 217 -30.43 -3.39 -101.31
C TYR KA 217 -29.82 -4.70 -101.77
N GLY KA 218 -29.67 -4.84 -103.07
CA GLY KA 218 -29.17 -6.06 -103.65
C GLY KA 218 -28.01 -5.76 -104.58
N LEU KA 219 -27.89 -6.57 -105.64
CA LEU KA 219 -26.72 -6.43 -106.49
C LEU KA 219 -26.89 -5.21 -107.41
N SER KA 220 -25.82 -4.91 -108.14
CA SER KA 220 -25.75 -3.77 -109.03
C SER KA 220 -25.76 -4.24 -110.48
N GLU KA 221 -26.02 -3.30 -111.40
CA GLU KA 221 -26.21 -3.60 -112.83
C GLU KA 221 -24.95 -4.16 -113.51
N ASN KA 222 -23.79 -4.18 -112.85
CA ASN KA 222 -22.57 -4.79 -113.38
C ASN KA 222 -22.11 -5.91 -112.43
N ASP KA 223 -22.81 -7.03 -112.40
CA ASP KA 223 -22.37 -8.16 -111.58
C ASP KA 223 -22.43 -9.46 -112.39
N GLU KA 224 -22.54 -10.57 -111.67
CA GLU KA 224 -22.62 -11.92 -112.19
C GLU KA 224 -24.02 -12.46 -111.93
N TRP KA 225 -24.58 -13.22 -112.87
CA TRP KA 225 -25.93 -13.78 -112.74
C TRP KA 225 -25.95 -15.17 -113.38
N THR KA 226 -25.04 -16.02 -112.96
CA THR KA 226 -24.98 -17.36 -113.54
C THR KA 226 -25.98 -18.31 -112.91
N GLN KA 227 -26.65 -17.92 -111.83
CA GLN KA 227 -27.67 -18.80 -111.28
C GLN KA 227 -28.91 -18.59 -112.13
N ASP KA 228 -29.78 -19.57 -112.17
CA ASP KA 228 -30.87 -19.57 -113.13
C ASP KA 228 -32.19 -19.10 -112.50
N ARG KA 229 -32.08 -17.90 -111.93
CA ARG KA 229 -33.18 -17.15 -111.34
C ARG KA 229 -32.99 -15.67 -111.67
N ALA KA 230 -34.01 -14.86 -111.38
CA ALA KA 230 -33.98 -13.42 -111.65
C ALA KA 230 -32.86 -12.74 -110.88
N LYS KA 231 -32.38 -11.61 -111.42
CA LYS KA 231 -31.24 -10.91 -110.82
C LYS KA 231 -31.69 -10.23 -109.53
N PRO KA 232 -31.11 -10.58 -108.35
CA PRO KA 232 -31.55 -9.88 -107.11
C PRO KA 232 -30.83 -8.55 -106.90
N VAL KA 233 -31.18 -7.56 -107.72
CA VAL KA 233 -30.59 -6.22 -107.68
C VAL KA 233 -31.48 -5.32 -106.84
N THR KA 234 -30.97 -4.12 -106.53
CA THR KA 234 -31.73 -3.12 -105.78
C THR KA 234 -33.07 -2.87 -106.45
N GLN KA 235 -34.11 -2.81 -105.62
CA GLN KA 235 -35.49 -2.79 -106.07
C GLN KA 235 -36.35 -2.42 -104.87
N ILE KA 236 -37.58 -2.03 -105.15
CA ILE KA 236 -38.61 -1.91 -104.12
C ILE KA 236 -39.52 -3.11 -104.32
N VAL KA 237 -39.94 -3.77 -103.25
CA VAL KA 237 -40.92 -4.84 -103.36
C VAL KA 237 -42.12 -4.45 -102.51
N SER KA 238 -43.31 -4.44 -103.12
CA SER KA 238 -44.50 -3.96 -102.44
C SER KA 238 -45.60 -5.01 -102.42
N ALA KA 239 -46.51 -4.81 -101.46
CA ALA KA 239 -47.82 -5.43 -101.40
C ALA KA 239 -48.74 -4.38 -100.80
N GLU KA 240 -50.04 -4.50 -101.05
CA GLU KA 240 -50.92 -3.42 -100.61
C GLU KA 240 -52.30 -3.98 -100.29
N ALA KA 241 -53.12 -3.11 -99.69
CA ALA KA 241 -54.54 -3.37 -99.51
C ALA KA 241 -55.27 -2.04 -99.44
N TRP KA 242 -56.49 -2.03 -99.96
CA TRP KA 242 -57.38 -0.88 -99.90
C TRP KA 242 -58.39 -1.09 -98.78
N GLY KA 243 -59.07 -0.01 -98.45
CA GLY KA 243 -60.14 -0.10 -97.47
C GLY KA 243 -61.26 -1.00 -97.93
N ARG KA 244 -61.98 -1.51 -96.94
CA ARG KA 244 -63.11 -2.39 -97.12
C ARG KA 244 -64.15 -1.95 -96.10
N ALA KA 245 -65.42 -2.07 -96.44
CA ALA KA 245 -66.46 -1.72 -95.45
C ALA KA 245 -67.05 -2.97 -94.78
N GLY LA 2 12.55 39.86 -60.77
CA GLY LA 2 13.04 38.50 -60.72
C GLY LA 2 12.22 37.51 -61.51
N SER LA 3 11.92 37.88 -62.76
CA SER LA 3 11.08 37.13 -63.67
C SER LA 3 11.82 36.05 -64.45
N HIS LA 4 11.10 34.98 -64.78
CA HIS LA 4 11.60 33.87 -65.57
C HIS LA 4 10.64 33.66 -66.74
N SER LA 5 11.13 33.02 -67.80
CA SER LA 5 10.39 32.93 -69.05
C SER LA 5 10.59 31.58 -69.72
N MET LA 6 9.57 31.14 -70.46
CA MET LA 6 9.68 29.96 -71.30
C MET LA 6 9.30 30.34 -72.75
N ARG LA 7 10.08 29.87 -73.71
CA ARG LA 7 9.88 30.21 -75.12
C ARG LA 7 10.06 28.93 -75.90
N TYR LA 8 9.18 28.66 -76.84
CA TYR LA 8 9.34 27.51 -77.72
C TYR LA 8 9.43 27.99 -79.17
N PHE LA 9 10.31 27.36 -79.94
CA PHE LA 9 10.64 27.83 -81.29
C PHE LA 9 10.43 26.73 -82.31
N PHE LA 10 9.69 27.04 -83.35
CA PHE LA 10 9.51 26.09 -84.43
C PHE LA 10 9.93 26.71 -85.73
N THR LA 11 10.56 25.90 -86.56
CA THR LA 11 10.91 26.33 -87.90
C THR LA 11 10.71 25.15 -88.84
N SER LA 12 10.02 25.45 -89.95
CA SER LA 12 9.72 24.52 -91.04
C SER LA 12 10.33 25.06 -92.33
N VAL LA 13 11.21 24.27 -92.94
CA VAL LA 13 11.89 24.72 -94.20
C VAL LA 13 11.59 23.69 -95.30
N SER LA 14 11.05 24.15 -96.43
CA SER LA 14 10.67 23.21 -97.52
C SER LA 14 11.91 22.72 -98.26
N ARG LA 15 11.85 21.50 -98.77
CA ARG LA 15 12.98 20.93 -99.54
C ARG LA 15 12.46 20.42 -100.87
N PRO LA 16 12.23 21.30 -101.87
CA PRO LA 16 11.65 20.87 -103.15
C PRO LA 16 12.33 19.60 -103.66
N GLY LA 17 11.56 18.53 -103.82
CA GLY LA 17 12.10 17.26 -104.35
C GLY LA 17 12.74 16.41 -103.25
N ARG LA 18 13.66 16.98 -102.48
CA ARG LA 18 14.38 16.19 -101.45
C ARG LA 18 13.36 15.43 -100.60
N GLY LA 19 12.20 16.03 -100.33
CA GLY LA 19 11.14 15.31 -99.60
C GLY LA 19 10.65 16.07 -98.38
N GLU LA 20 10.35 15.35 -97.30
CA GLU LA 20 9.79 15.98 -96.08
C GLU LA 20 10.48 17.33 -95.84
N PRO LA 21 9.73 18.44 -95.82
CA PRO LA 21 10.32 19.74 -95.51
C PRO LA 21 10.95 19.65 -94.11
N ARG LA 22 12.16 20.18 -93.97
CA ARG LA 22 12.88 20.08 -92.67
C ARG LA 22 12.02 20.68 -91.56
N PHE LA 23 11.87 19.96 -90.45
CA PHE LA 23 11.15 20.48 -89.30
C PHE LA 23 12.03 20.42 -88.07
N ILE LA 24 12.32 21.59 -87.49
CA ILE LA 24 13.13 21.73 -86.29
C ILE LA 24 12.35 22.49 -85.24
N ALA LA 25 12.28 21.92 -84.04
CA ALA LA 25 11.67 22.58 -82.89
C ALA LA 25 12.58 22.45 -81.66
N VAL LA 26 12.67 23.54 -80.87
CA VAL LA 26 13.49 23.62 -79.67
C VAL LA 26 12.75 24.34 -78.56
N GLY LA 27 13.02 23.90 -77.32
CA GLY LA 27 12.48 24.54 -76.13
C GLY LA 27 13.54 25.21 -75.26
N TYR LA 28 13.17 26.34 -74.64
CA TYR LA 28 13.99 27.11 -73.71
C TYR LA 28 13.27 27.31 -72.39
N VAL LA 29 14.01 27.25 -71.30
CA VAL LA 29 13.56 27.91 -70.09
C VAL LA 29 14.59 29.00 -69.77
N ASP LA 30 14.14 30.26 -69.76
CA ASP LA 30 15.02 31.43 -69.83
C ASP LA 30 16.03 31.19 -70.93
N ASP LA 31 17.32 31.17 -70.61
CA ASP LA 31 18.32 31.07 -71.67
C ASP LA 31 18.94 29.67 -71.74
N THR LA 32 18.20 28.65 -71.34
CA THR LA 32 18.72 27.28 -71.38
C THR LA 32 17.80 26.41 -72.20
N GLN LA 33 18.39 25.70 -73.17
CA GLN LA 33 17.67 24.72 -73.96
C GLN LA 33 17.51 23.41 -73.22
N PHE LA 34 16.30 22.84 -73.26
CA PHE LA 34 16.07 21.59 -72.54
C PHE LA 34 15.37 20.50 -73.35
N VAL LA 35 14.64 20.80 -74.43
CA VAL LA 35 14.06 19.75 -75.26
C VAL LA 35 14.23 20.08 -76.74
N ARG LA 36 14.08 19.06 -77.57
CA ARG LA 36 14.48 19.24 -78.95
C ARG LA 36 13.69 18.26 -79.82
N PHE LA 37 13.31 18.69 -81.03
CA PHE LA 37 12.77 17.76 -82.03
C PHE LA 37 13.17 18.13 -83.46
N ASP LA 38 13.68 17.12 -84.17
CA ASP LA 38 14.14 17.22 -85.55
C ASP LA 38 13.53 16.10 -86.38
N SER LA 39 12.93 16.49 -87.51
CA SER LA 39 12.36 15.50 -88.43
C SER LA 39 13.41 14.54 -88.99
N ASP LA 40 14.68 14.95 -89.03
CA ASP LA 40 15.69 14.12 -89.67
C ASP LA 40 16.38 13.16 -88.71
N ALA LA 41 16.17 13.30 -87.41
CA ALA LA 41 16.79 12.40 -86.45
C ALA LA 41 16.10 11.03 -86.50
N ALA LA 42 16.88 9.98 -86.25
CA ALA LA 42 16.32 8.62 -86.26
C ALA LA 42 15.31 8.43 -85.14
N SER LA 43 15.41 9.26 -84.09
CA SER LA 43 14.54 9.19 -82.90
C SER LA 43 13.06 9.20 -83.26
N GLN LA 44 12.64 10.16 -84.10
CA GLN LA 44 11.23 10.40 -84.40
C GLN LA 44 10.43 10.55 -83.11
N ARG LA 45 11.12 11.05 -82.09
CA ARG LA 45 10.53 11.25 -80.79
C ARG LA 45 11.14 12.53 -80.24
N MET LA 46 10.34 13.21 -79.43
CA MET LA 46 10.84 14.37 -78.73
C MET LA 46 12.05 14.00 -77.88
N GLU LA 47 13.04 14.88 -77.87
CA GLU LA 47 14.27 14.54 -77.18
C GLU LA 47 14.58 15.50 -76.03
N PRO LA 48 15.20 14.98 -74.97
CA PRO LA 48 15.73 15.85 -73.92
C PRO LA 48 17.09 16.43 -74.33
N ARG LA 49 17.42 17.58 -73.69
CA ARG LA 49 18.70 18.25 -73.92
C ARG LA 49 19.40 18.70 -72.64
N ALA LA 50 18.70 19.40 -71.74
CA ALA LA 50 19.34 19.56 -70.44
C ALA LA 50 18.85 18.46 -69.48
N PRO LA 51 19.71 17.96 -68.58
CA PRO LA 51 19.34 16.76 -67.79
C PRO LA 51 18.13 16.88 -66.85
N TRP LA 52 17.85 18.05 -66.27
CA TRP LA 52 16.91 18.10 -65.14
C TRP LA 52 15.47 17.80 -65.53
N ILE LA 53 15.17 17.68 -66.83
CA ILE LA 53 13.84 17.28 -67.26
C ILE LA 53 13.76 15.77 -67.50
N GLU LA 54 14.91 15.08 -67.50
CA GLU LA 54 14.96 13.65 -67.78
C GLU LA 54 14.24 12.85 -66.72
N GLN LA 55 14.01 13.45 -65.55
CA GLN LA 55 13.26 12.76 -64.52
C GLN LA 55 11.81 12.52 -64.94
N GLU LA 56 11.29 13.30 -65.91
CA GLU LA 56 9.92 13.11 -66.36
C GLU LA 56 9.80 11.81 -67.16
N GLY LA 57 8.67 11.11 -66.97
CA GLY LA 57 8.58 9.71 -67.36
C GLY LA 57 8.25 9.51 -68.83
N PRO LA 58 8.09 8.23 -69.22
CA PRO LA 58 7.63 7.94 -70.59
C PRO LA 58 6.24 8.52 -70.93
N GLU LA 59 5.39 8.79 -69.93
CA GLU LA 59 4.12 9.42 -70.23
C GLU LA 59 4.36 10.86 -70.73
N TYR LA 60 5.28 11.57 -70.09
CA TYR LA 60 5.60 12.93 -70.50
C TYR LA 60 6.16 12.98 -71.91
N TRP LA 61 7.09 12.08 -72.23
CA TRP LA 61 7.70 12.10 -73.56
C TRP LA 61 6.74 11.58 -74.65
N ASP LA 62 5.75 10.78 -74.28
CA ASP LA 62 4.81 10.33 -75.29
C ASP LA 62 3.83 11.44 -75.67
N GLN LA 63 3.24 12.11 -74.67
CA GLN LA 63 2.41 13.28 -74.96
C GLN LA 63 3.23 14.34 -75.70
N GLU LA 64 4.39 14.72 -75.17
CA GLU LA 64 5.21 15.71 -75.86
C GLU LA 64 5.53 15.30 -77.30
N THR LA 65 5.75 14.01 -77.56
CA THR LA 65 5.99 13.59 -78.93
C THR LA 65 4.78 13.87 -79.83
N ARG LA 66 3.58 13.46 -79.40
CA ARG LA 66 2.40 13.61 -80.26
C ARG LA 66 2.02 15.07 -80.43
N ASN LA 67 2.13 15.87 -79.37
CA ASN LA 67 1.73 17.26 -79.51
C ASN LA 67 2.70 18.04 -80.36
N VAL LA 68 3.94 17.61 -80.50
CA VAL LA 68 4.79 18.28 -81.47
C VAL LA 68 4.68 17.60 -82.83
N LYS LA 69 4.37 16.30 -82.90
CA LYS LA 69 4.12 15.68 -84.20
C LYS LA 69 2.83 16.21 -84.83
N ALA LA 70 1.83 16.58 -84.02
CA ALA LA 70 0.68 17.26 -84.59
C ALA LA 70 1.11 18.61 -85.13
N GLN LA 71 1.93 19.34 -84.39
CA GLN LA 71 2.45 20.62 -84.86
C GLN LA 71 3.31 20.49 -86.10
N SER LA 72 4.09 19.42 -86.18
CA SER LA 72 4.96 19.20 -87.36
C SER LA 72 4.09 19.15 -88.61
N GLN LA 73 3.03 18.34 -88.59
CA GLN LA 73 2.22 18.15 -89.81
C GLN LA 73 1.49 19.45 -90.16
N THR LA 74 0.80 20.06 -89.20
CA THR LA 74 -0.02 21.26 -89.53
C THR LA 74 0.87 22.22 -90.31
N ASP LA 75 2.13 22.34 -89.90
CA ASP LA 75 3.04 23.29 -90.56
C ASP LA 75 3.25 22.87 -92.02
N ARG LA 76 3.46 21.58 -92.29
CA ARG LA 76 3.57 21.14 -93.70
C ARG LA 76 2.36 21.69 -94.45
N VAL LA 77 1.15 21.33 -94.01
CA VAL LA 77 -0.05 21.85 -94.64
C VAL LA 77 0.04 23.36 -94.84
N ASP LA 78 0.45 24.10 -93.81
CA ASP LA 78 0.59 25.56 -93.96
C ASP LA 78 1.66 25.97 -94.98
N LEU LA 79 2.79 25.25 -95.04
CA LEU LA 79 3.82 25.58 -96.02
C LEU LA 79 3.23 25.72 -97.42
N GLY LA 80 2.39 24.75 -97.81
CA GLY LA 80 1.73 24.72 -99.11
C GLY LA 80 0.60 25.73 -99.22
N THR LA 81 -0.20 25.89 -98.16
CA THR LA 81 -1.26 26.90 -98.16
C THR LA 81 -0.71 28.31 -98.35
N LEU LA 82 0.40 28.67 -97.70
CA LEU LA 82 0.93 30.00 -97.98
C LEU LA 82 1.53 30.12 -99.40
N ARG LA 83 2.13 29.03 -99.92
CA ARG LA 83 2.54 28.98 -101.31
C ARG LA 83 1.41 29.41 -102.22
N GLY LA 84 0.22 28.90 -101.94
CA GLY LA 84 -0.98 29.27 -102.65
C GLY LA 84 -1.25 30.73 -102.37
N TYR LA 85 -1.42 31.10 -101.09
CA TYR LA 85 -1.66 32.50 -100.77
C TYR LA 85 -0.66 33.39 -101.51
N TYR LA 86 0.62 33.01 -101.51
CA TYR LA 86 1.66 33.86 -102.10
C TYR LA 86 1.94 33.55 -103.57
N ASN LA 87 1.26 32.56 -104.14
CA ASN LA 87 1.34 32.24 -105.58
C ASN LA 87 2.80 32.19 -106.02
N GLN LA 88 3.58 31.36 -105.32
CA GLN LA 88 5.00 31.20 -105.55
C GLN LA 88 5.28 29.88 -106.26
N SER LA 89 6.44 29.83 -106.90
CA SER LA 89 6.88 28.63 -107.57
C SER LA 89 7.17 27.53 -106.56
N GLU LA 90 6.88 26.27 -106.91
CA GLU LA 90 7.19 25.15 -106.03
C GLU LA 90 8.56 24.53 -106.30
N ALA LA 91 9.43 25.27 -106.99
CA ALA LA 91 10.82 24.88 -107.13
C ALA LA 91 11.70 25.57 -106.10
N GLY LA 92 11.13 26.48 -105.31
CA GLY LA 92 11.88 27.26 -104.34
C GLY LA 92 11.58 26.81 -102.92
N SER LA 93 12.58 26.89 -102.08
CA SER LA 93 12.43 26.52 -100.68
C SER LA 93 11.90 27.72 -99.90
N HIS LA 94 11.15 27.42 -98.85
CA HIS LA 94 10.52 28.44 -98.03
C HIS LA 94 10.63 28.09 -96.56
N THR LA 95 10.55 29.12 -95.72
CA THR LA 95 10.74 28.96 -94.30
C THR LA 95 9.60 29.60 -93.53
N ILE LA 96 9.02 28.84 -92.59
CA ILE LA 96 8.06 29.34 -91.63
C ILE LA 96 8.75 29.33 -90.26
N GLN LA 97 8.52 30.38 -89.48
CA GLN LA 97 9.05 30.38 -88.12
C GLN LA 97 7.91 30.71 -87.16
N ILE LA 98 7.73 29.88 -86.13
CA ILE LA 98 6.79 30.17 -85.04
C ILE LA 98 7.56 30.23 -83.75
N MET LA 99 7.22 31.24 -82.95
CA MET LA 99 7.75 31.42 -81.61
C MET LA 99 6.58 31.78 -80.71
N TYR LA 100 6.54 31.15 -79.54
CA TYR LA 100 5.59 31.57 -78.53
C TYR LA 100 6.15 31.35 -77.14
N GLY LA 101 5.53 32.00 -76.15
CA GLY LA 101 5.98 31.75 -74.78
C GLY LA 101 5.15 32.46 -73.72
N CYS LA 102 5.57 32.25 -72.45
CA CYS LA 102 4.91 32.78 -71.28
C CYS LA 102 5.95 33.34 -70.32
N ASP LA 103 5.57 34.36 -69.57
CA ASP LA 103 6.41 35.00 -68.57
C ASP LA 103 5.77 34.91 -67.19
N VAL LA 104 6.57 34.47 -66.21
CA VAL LA 104 6.14 34.43 -64.82
C VAL LA 104 6.96 35.39 -63.99
N GLY LA 105 6.30 35.98 -63.00
CA GLY LA 105 6.91 36.99 -62.16
C GLY LA 105 7.74 36.28 -61.11
N SER LA 106 8.21 37.07 -60.14
CA SER LA 106 9.09 36.48 -59.14
C SER LA 106 8.40 35.38 -58.34
N ASP LA 107 7.11 35.54 -58.03
CA ASP LA 107 6.37 34.58 -57.20
C ASP LA 107 5.57 33.55 -57.97
N GLY LA 108 5.72 33.48 -59.30
CA GLY LA 108 4.89 32.60 -60.10
C GLY LA 108 3.75 33.28 -60.87
N ARG LA 109 3.50 34.58 -60.66
CA ARG LA 109 2.38 35.25 -61.30
C ARG LA 109 2.40 35.16 -62.82
N PHE LA 110 1.22 35.03 -63.42
CA PHE LA 110 1.12 35.09 -64.87
C PHE LA 110 1.18 36.57 -65.23
N LEU LA 111 2.12 36.92 -66.11
CA LEU LA 111 2.34 38.27 -66.61
C LEU LA 111 1.83 38.44 -68.03
N ARG LA 112 2.42 37.69 -68.94
CA ARG LA 112 2.16 37.83 -70.36
C ARG LA 112 2.49 36.54 -71.07
N GLY LA 113 1.79 36.35 -72.19
CA GLY LA 113 2.11 35.29 -73.09
C GLY LA 113 2.20 35.94 -74.45
N TYR LA 114 2.93 35.31 -75.34
CA TYR LA 114 3.18 35.97 -76.61
C TYR LA 114 3.37 34.91 -77.68
N ARG LA 115 2.89 35.21 -78.91
CA ARG LA 115 2.99 34.37 -80.10
C ARG LA 115 3.35 35.23 -81.28
N GLN LA 116 4.31 34.76 -82.10
CA GLN LA 116 4.66 35.35 -83.39
C GLN LA 116 5.01 34.28 -84.42
N ASP LA 117 4.49 34.49 -85.66
CA ASP LA 117 4.66 33.62 -86.83
C ASP LA 117 5.30 34.38 -87.98
N ALA LA 118 6.10 33.68 -88.77
CA ALA LA 118 6.79 34.35 -89.85
C ALA LA 118 6.92 33.46 -91.06
N TYR LA 119 7.01 34.11 -92.22
CA TYR LA 119 7.17 33.44 -93.51
C TYR LA 119 8.37 34.03 -94.22
N ASP LA 120 9.33 33.18 -94.58
CA ASP LA 120 10.52 33.60 -95.31
C ASP LA 120 11.19 34.79 -94.63
N GLY LA 121 11.28 34.74 -93.31
CA GLY LA 121 11.95 35.79 -92.60
C GLY LA 121 11.15 37.06 -92.47
N LYS LA 122 9.86 37.01 -92.79
CA LYS LA 122 9.01 38.19 -92.70
C LYS LA 122 7.87 37.89 -91.73
N ASP LA 123 7.45 38.91 -90.98
CA ASP LA 123 6.26 38.77 -90.14
C ASP LA 123 5.09 38.33 -90.98
N TYR LA 124 4.31 37.40 -90.47
CA TYR LA 124 3.08 36.97 -91.13
C TYR LA 124 1.89 37.44 -90.29
N ILE LA 125 1.74 36.88 -89.10
CA ILE LA 125 0.77 37.26 -88.09
C ILE LA 125 1.48 37.32 -86.75
N ALA LA 126 0.90 38.07 -85.82
CA ALA LA 126 1.42 38.14 -84.46
C ALA LA 126 0.23 38.27 -83.50
N LEU LA 127 0.40 37.76 -82.28
CA LEU LA 127 -0.64 37.84 -81.26
C LEU LA 127 -0.56 39.15 -80.48
N ASN LA 128 -1.73 39.76 -80.22
CA ASN LA 128 -1.79 41.06 -79.60
C ASN LA 128 -1.68 41.02 -78.08
N GLU LA 129 -1.70 42.22 -77.52
CA GLU LA 129 -1.65 42.48 -76.10
C GLU LA 129 -2.68 41.66 -75.33
N ASP LA 130 -3.95 41.92 -75.64
CA ASP LA 130 -5.09 41.40 -74.87
C ASP LA 130 -5.22 39.88 -74.90
N LEU LA 131 -4.47 39.17 -75.75
CA LEU LA 131 -4.66 37.72 -75.95
C LEU LA 131 -6.07 37.40 -76.42
N ARG LA 132 -6.71 38.35 -77.10
CA ARG LA 132 -8.04 38.16 -77.67
C ARG LA 132 -8.15 38.54 -79.15
N SER LA 133 -7.20 39.34 -79.68
CA SER LA 133 -7.16 39.81 -81.07
C SER LA 133 -5.84 39.41 -81.74
N TRP LA 134 -5.79 39.50 -83.06
CA TRP LA 134 -4.59 39.18 -83.82
C TRP LA 134 -4.16 40.37 -84.69
N THR LA 135 -2.90 40.34 -85.14
CA THR LA 135 -2.35 41.36 -86.04
C THR LA 135 -1.73 40.75 -87.29
N ALA LA 136 -2.31 41.10 -88.44
CA ALA LA 136 -1.85 40.72 -89.77
C ALA LA 136 -0.87 41.75 -90.31
N ALA LA 137 0.08 41.27 -91.11
CA ALA LA 137 1.07 42.14 -91.72
C ALA LA 137 0.76 42.53 -93.17
N ASP LA 138 0.04 41.68 -93.92
CA ASP LA 138 -0.35 42.00 -95.29
C ASP LA 138 -1.74 41.43 -95.52
N MET LA 139 -2.20 41.49 -96.78
CA MET LA 139 -3.53 40.97 -97.11
C MET LA 139 -3.60 39.44 -97.27
N ALA LA 140 -2.44 38.76 -97.45
CA ALA LA 140 -2.46 37.30 -97.41
C ALA LA 140 -2.71 36.80 -95.99
N ALA LA 141 -2.07 37.46 -95.01
CA ALA LA 141 -2.26 37.15 -93.60
C ALA LA 141 -3.63 37.58 -93.07
N GLN LA 142 -4.22 38.60 -93.68
CA GLN LA 142 -5.55 39.01 -93.26
C GLN LA 142 -6.58 37.90 -93.48
N ILE LA 143 -6.33 36.96 -94.42
CA ILE LA 143 -7.22 35.81 -94.56
C ILE LA 143 -7.04 34.85 -93.40
N THR LA 144 -5.79 34.62 -92.99
CA THR LA 144 -5.53 33.77 -91.83
C THR LA 144 -6.10 34.41 -90.55
N LYS LA 145 -5.80 35.71 -90.32
CA LYS LA 145 -6.42 36.43 -89.21
C LYS LA 145 -7.92 36.19 -89.15
N ARG LA 146 -8.56 36.07 -90.31
CA ARG LA 146 -9.98 35.78 -90.37
C ARG LA 146 -10.29 34.38 -89.85
N LYS LA 147 -9.51 33.38 -90.28
CA LYS LA 147 -9.88 32.00 -89.97
C LYS LA 147 -9.71 31.75 -88.48
N TRP LA 148 -8.65 32.31 -87.90
CA TRP LA 148 -8.38 32.09 -86.49
C TRP LA 148 -9.32 32.91 -85.62
N GLU LA 149 -9.77 34.06 -86.10
CA GLU LA 149 -10.75 34.80 -85.31
C GLU LA 149 -12.07 34.03 -85.24
N ALA LA 150 -12.29 33.11 -86.19
CA ALA LA 150 -13.49 32.28 -86.31
C ALA LA 150 -13.41 31.00 -85.49
N ALA LA 151 -12.34 30.23 -85.69
CA ALA LA 151 -12.05 29.02 -84.91
C ALA LA 151 -11.55 29.32 -83.50
N HIS LA 152 -11.48 30.59 -83.12
CA HIS LA 152 -11.15 31.02 -81.77
C HIS LA 152 -9.79 30.50 -81.29
N GLU LA 153 -8.77 30.60 -82.15
CA GLU LA 153 -7.43 30.34 -81.65
C GLU LA 153 -7.02 31.37 -80.61
N ALA LA 154 -7.74 32.49 -80.50
CA ALA LA 154 -7.47 33.46 -79.45
C ALA LA 154 -7.89 32.94 -78.07
N GLU LA 155 -9.08 32.33 -77.93
CA GLU LA 155 -9.49 32.01 -76.57
C GLU LA 155 -8.75 30.80 -76.03
N GLN LA 156 -8.66 29.73 -76.82
CA GLN LA 156 -7.95 28.58 -76.28
C GLN LA 156 -6.46 28.72 -76.29
N LEU LA 157 -5.90 29.70 -76.94
CA LEU LA 157 -4.48 29.84 -76.73
C LEU LA 157 -4.17 30.75 -75.56
N ARG LA 158 -5.08 31.68 -75.23
CA ARG LA 158 -4.95 32.35 -73.94
C ARG LA 158 -5.12 31.35 -72.80
N ALA LA 159 -6.04 30.40 -72.95
CA ALA LA 159 -6.23 29.34 -71.97
C ALA LA 159 -4.94 28.60 -71.70
N TYR LA 160 -4.26 28.16 -72.77
CA TYR LA 160 -2.90 27.62 -72.67
C TYR LA 160 -1.92 28.56 -71.97
N LEU LA 161 -1.85 29.83 -72.41
CA LEU LA 161 -0.79 30.74 -71.92
C LEU LA 161 -0.89 31.12 -70.44
N ASP LA 162 -2.06 31.09 -69.82
CA ASP LA 162 -2.16 31.35 -68.40
C ASP LA 162 -2.40 30.08 -67.58
N GLY LA 163 -2.41 28.92 -68.24
CA GLY LA 163 -2.52 27.67 -67.53
C GLY LA 163 -1.33 26.79 -67.80
N THR LA 164 -1.51 25.78 -68.68
CA THR LA 164 -0.52 24.71 -68.85
C THR LA 164 0.88 25.23 -69.16
N CYS LA 165 1.00 26.37 -69.85
CA CYS LA 165 2.35 26.92 -70.03
C CYS LA 165 2.90 27.37 -68.70
N VAL LA 166 2.10 28.10 -67.93
CA VAL LA 166 2.59 28.70 -66.71
C VAL LA 166 2.87 27.64 -65.62
N GLU LA 167 2.07 26.57 -65.55
CA GLU LA 167 2.35 25.49 -64.58
C GLU LA 167 3.69 24.83 -64.83
N TRP LA 168 3.83 24.17 -65.97
CA TRP LA 168 5.02 23.38 -66.26
C TRP LA 168 6.27 24.24 -66.23
N LEU LA 169 6.14 25.56 -66.36
CA LEU LA 169 7.27 26.43 -66.11
C LEU LA 169 7.69 26.38 -64.64
N ARG LA 170 6.72 26.47 -63.72
CA ARG LA 170 7.04 26.37 -62.29
C ARG LA 170 7.68 25.03 -61.98
N ARG LA 171 7.09 23.97 -62.51
CA ARG LA 171 7.66 22.63 -62.37
C ARG LA 171 9.05 22.60 -62.96
N TYR LA 172 9.24 23.21 -64.14
CA TYR LA 172 10.58 23.25 -64.73
C TYR LA 172 11.56 24.05 -63.86
N LEU LA 173 11.10 25.14 -63.21
CA LEU LA 173 12.00 25.97 -62.40
C LEU LA 173 12.36 25.35 -61.06
N GLU LA 174 11.69 24.27 -60.67
CA GLU LA 174 11.99 23.63 -59.40
C GLU LA 174 12.65 22.28 -59.60
N ASN LA 175 12.18 21.51 -60.58
CA ASN LA 175 12.86 20.28 -60.97
C ASN LA 175 14.28 20.52 -61.37
N GLY LA 176 14.63 21.73 -61.75
CA GLY LA 176 16.02 22.02 -62.01
C GLY LA 176 16.48 23.33 -61.40
N LYS LA 177 15.82 23.80 -60.33
CA LYS LA 177 16.19 25.11 -59.77
C LYS LA 177 17.70 25.21 -59.52
N GLU LA 178 18.41 24.07 -59.48
CA GLU LA 178 19.86 24.06 -59.30
C GLU LA 178 20.59 24.75 -60.45
N THR LA 179 20.13 24.55 -61.67
CA THR LA 179 20.88 25.07 -62.81
C THR LA 179 20.12 26.18 -63.53
N LEU LA 180 18.82 26.34 -63.24
CA LEU LA 180 18.04 27.36 -63.90
C LEU LA 180 17.92 28.63 -63.06
N GLN LA 181 17.99 28.49 -61.75
CA GLN LA 181 17.85 29.65 -60.88
C GLN LA 181 19.17 30.36 -60.65
N ARG LA 182 20.28 29.66 -60.92
CA ARG LA 182 21.60 30.22 -60.69
C ARG LA 182 21.79 31.51 -61.48
N THR LA 183 22.52 32.47 -60.89
CA THR LA 183 22.95 33.68 -61.59
C THR LA 183 24.47 33.81 -61.41
N ASP LA 184 25.28 33.43 -62.49
CA ASP LA 184 26.77 33.43 -62.52
C ASP LA 184 27.29 34.80 -62.94
N PRO LA 185 28.17 35.44 -62.17
CA PRO LA 185 28.65 36.77 -62.53
C PRO LA 185 29.82 36.71 -63.49
N PRO LA 186 29.99 37.74 -64.32
CA PRO LA 186 31.07 37.73 -65.33
C PRO LA 186 32.43 37.95 -64.70
N LYS LA 187 33.39 37.08 -65.06
CA LYS LA 187 34.79 37.22 -64.63
C LYS LA 187 35.47 38.21 -65.57
N THR LA 188 35.74 39.43 -65.10
CA THR LA 188 36.17 40.52 -65.97
C THR LA 188 37.67 40.70 -65.95
N HIS LA 189 38.19 41.16 -67.08
CA HIS LA 189 39.59 41.58 -67.22
C HIS LA 189 39.70 42.29 -68.55
N MET LA 190 40.69 43.17 -68.67
CA MET LA 190 40.87 44.01 -69.83
C MET LA 190 42.14 43.60 -70.60
N THR LA 191 42.18 43.86 -71.92
CA THR LA 191 43.35 43.56 -72.75
C THR LA 191 43.77 44.76 -73.60
N HIS LA 192 45.03 44.74 -74.07
CA HIS LA 192 45.62 45.80 -74.89
C HIS LA 192 46.54 45.21 -75.96
N HIS LA 193 46.37 45.67 -77.22
CA HIS LA 193 47.11 45.23 -78.42
C HIS LA 193 47.55 46.41 -79.29
N PRO LA 194 48.86 46.61 -79.50
CA PRO LA 194 49.32 47.73 -80.36
C PRO LA 194 48.97 47.51 -81.84
N ILE LA 195 48.44 48.56 -82.47
CA ILE LA 195 48.03 48.54 -83.89
C ILE LA 195 48.73 49.57 -84.78
N SER LA 196 49.16 50.70 -84.23
CA SER LA 196 49.85 51.74 -85.00
C SER LA 196 50.78 52.52 -84.07
N ASP LA 197 51.33 53.64 -84.55
CA ASP LA 197 52.23 54.44 -83.72
C ASP LA 197 51.47 55.05 -82.56
N HIS LA 198 50.61 56.02 -82.86
CA HIS LA 198 49.78 56.71 -81.88
C HIS LA 198 48.50 55.96 -81.48
N GLU LA 199 48.29 54.71 -81.95
CA GLU LA 199 47.01 54.01 -81.77
C GLU LA 199 47.17 52.72 -80.97
N ALA LA 200 46.11 52.37 -80.25
CA ALA LA 200 46.08 51.15 -79.44
C ALA LA 200 44.64 50.70 -79.29
N THR LA 201 44.47 49.44 -78.92
CA THR LA 201 43.16 48.83 -78.78
C THR LA 201 42.93 48.46 -77.32
N LEU LA 202 41.85 48.97 -76.73
CA LEU LA 202 41.43 48.57 -75.40
C LEU LA 202 40.21 47.64 -75.51
N ARG LA 203 40.39 46.37 -75.18
CA ARG LA 203 39.33 45.37 -75.26
C ARG LA 203 38.96 44.90 -73.86
N CYS LA 204 37.68 45.05 -73.51
CA CYS LA 204 37.19 44.69 -72.18
C CYS LA 204 36.44 43.36 -72.30
N TRP LA 205 36.94 42.30 -71.65
CA TRP LA 205 36.35 40.97 -71.73
C TRP LA 205 35.43 40.70 -70.54
N ALA LA 206 34.62 39.66 -70.66
CA ALA LA 206 33.81 39.18 -69.55
C ALA LA 206 33.31 37.80 -69.93
N LEU LA 207 33.78 36.78 -69.24
CA LEU LA 207 33.40 35.42 -69.61
C LEU LA 207 32.64 34.79 -68.45
N GLY LA 208 31.97 33.69 -68.77
CA GLY LA 208 31.30 32.84 -67.79
C GLY LA 208 30.12 33.42 -67.04
N PHE LA 209 29.27 34.20 -67.72
CA PHE LA 209 28.08 34.74 -67.07
C PHE LA 209 26.81 34.01 -67.50
N TYR LA 210 25.80 34.05 -66.62
CA TYR LA 210 24.47 33.48 -66.78
C TYR LA 210 23.50 34.24 -65.88
N PRO LA 211 22.38 34.72 -66.41
CA PRO LA 211 21.88 34.58 -67.78
C PRO LA 211 22.64 35.47 -68.78
N ALA LA 212 22.17 35.60 -70.03
CA ALA LA 212 22.88 36.27 -71.12
C ALA LA 212 22.83 37.79 -71.04
N GLU LA 213 21.93 38.34 -70.22
CA GLU LA 213 21.83 39.78 -69.99
C GLU LA 213 23.14 40.36 -69.46
N ILE LA 214 23.72 41.31 -70.23
CA ILE LA 214 24.93 42.01 -69.80
C ILE LA 214 24.95 43.36 -70.52
N THR LA 215 25.63 44.33 -69.89
CA THR LA 215 25.81 45.66 -70.46
C THR LA 215 27.27 46.05 -70.26
N LEU LA 216 27.96 46.23 -71.38
CA LEU LA 216 29.35 46.65 -71.38
C LEU LA 216 29.37 48.02 -72.05
N THR LA 217 29.71 49.05 -71.29
CA THR LA 217 29.68 50.42 -71.79
C THR LA 217 31.05 51.04 -71.53
N TRP LA 218 31.79 51.33 -72.61
CA TRP LA 218 33.10 51.98 -72.47
C TRP LA 218 32.86 53.47 -72.29
N GLN LA 219 33.29 53.98 -71.14
CA GLN LA 219 33.10 55.38 -70.77
C GLN LA 219 34.46 56.01 -70.47
N ARG LA 220 34.80 57.08 -71.19
CA ARG LA 220 36.04 57.82 -70.94
C ARG LA 220 35.67 59.00 -70.06
N ASP LA 221 35.91 58.86 -68.77
CA ASP LA 221 35.58 59.91 -67.80
C ASP LA 221 34.12 60.36 -67.95
N GLY LA 222 33.20 59.41 -68.16
CA GLY LA 222 31.79 59.72 -68.20
C GLY LA 222 31.15 59.84 -69.58
N GLU LA 223 31.92 59.72 -70.66
CA GLU LA 223 31.40 59.96 -72.00
C GLU LA 223 31.03 58.65 -72.67
N ASP LA 224 29.84 58.61 -73.27
CA ASP LA 224 29.43 57.39 -73.93
C ASP LA 224 30.06 57.33 -75.30
N GLN LA 225 30.58 56.17 -75.66
CA GLN LA 225 31.25 55.96 -76.94
C GLN LA 225 30.25 55.46 -77.99
N THR LA 226 29.31 56.35 -78.33
CA THR LA 226 28.28 56.01 -79.31
C THR LA 226 28.87 55.67 -80.69
N GLN LA 227 29.90 56.38 -81.15
CA GLN LA 227 30.55 56.11 -82.44
C GLN LA 227 31.97 55.56 -82.30
N ASP LA 228 32.38 55.03 -81.12
CA ASP LA 228 33.75 54.51 -80.92
C ASP LA 228 33.80 53.09 -80.39
N THR LA 229 32.78 52.63 -79.67
CA THR LA 229 32.85 51.33 -79.03
C THR LA 229 32.34 50.29 -80.02
N GLU LA 230 33.02 49.14 -80.03
CA GLU LA 230 32.56 47.99 -80.79
C GLU LA 230 32.13 46.91 -79.82
N LEU LA 231 30.89 46.48 -79.94
CA LEU LA 231 30.33 45.46 -79.10
C LEU LA 231 30.04 44.26 -79.99
N VAL LA 232 30.43 43.08 -79.56
CA VAL LA 232 30.20 41.89 -80.36
C VAL LA 232 29.03 41.09 -79.77
N GLU LA 233 28.51 40.20 -80.61
CA GLU LA 233 27.45 39.28 -80.19
C GLU LA 233 27.89 38.51 -78.97
N THR LA 234 27.06 38.53 -77.95
CA THR LA 234 27.21 37.58 -76.86
C THR LA 234 27.25 36.19 -77.48
N ARG LA 235 28.25 35.42 -77.09
CA ARG LA 235 28.36 34.13 -77.74
C ARG LA 235 28.27 33.04 -76.70
N PRO LA 236 27.81 31.87 -77.06
CA PRO LA 236 27.74 30.79 -76.08
C PRO LA 236 29.14 30.23 -75.90
N ALA LA 237 29.50 29.96 -74.65
CA ALA LA 237 30.76 29.29 -74.43
C ALA LA 237 30.70 27.83 -74.88
N GLY LA 238 29.49 27.26 -74.96
CA GLY LA 238 29.28 25.86 -75.30
C GLY LA 238 28.96 25.03 -74.09
N ASP LA 239 28.82 25.68 -72.93
CA ASP LA 239 28.72 25.02 -71.63
C ASP LA 239 27.58 25.50 -70.74
N GLY LA 240 26.74 26.42 -71.21
CA GLY LA 240 25.76 27.03 -70.34
C GLY LA 240 26.13 28.42 -69.88
N THR LA 241 27.32 28.88 -70.27
CA THR LA 241 27.72 30.25 -70.01
C THR LA 241 27.98 30.96 -71.32
N PHE LA 242 28.10 32.27 -71.19
CA PHE LA 242 28.18 33.19 -72.30
C PHE LA 242 29.41 34.06 -72.12
N GLN LA 243 29.77 34.72 -73.22
CA GLN LA 243 30.91 35.60 -73.29
C GLN LA 243 30.50 36.84 -74.06
N LYS LA 244 30.93 38.02 -73.61
CA LYS LA 244 30.73 39.22 -74.41
C LYS LA 244 31.85 40.21 -74.14
N TRP LA 245 32.34 40.86 -75.20
CA TRP LA 245 33.45 41.83 -75.08
C TRP LA 245 33.15 43.07 -75.93
N ALA LA 246 33.72 44.20 -75.49
CA ALA LA 246 33.62 45.47 -76.18
C ALA LA 246 35.01 46.07 -76.34
N ALA LA 247 35.18 46.87 -77.40
CA ALA LA 247 36.46 47.52 -77.67
C ALA LA 247 36.22 48.97 -78.11
N VAL LA 248 37.17 49.85 -77.74
CA VAL LA 248 37.13 51.27 -78.07
C VAL LA 248 38.49 51.70 -78.61
N VAL LA 249 38.49 52.54 -79.63
CA VAL LA 249 39.73 52.99 -80.25
C VAL LA 249 40.24 54.19 -79.45
N VAL LA 250 41.47 54.07 -78.93
CA VAL LA 250 42.04 55.06 -78.03
C VAL LA 250 43.41 55.52 -78.55
N PRO LA 251 43.78 56.79 -78.37
CA PRO LA 251 45.13 57.22 -78.75
C PRO LA 251 46.15 56.59 -77.81
N SER LA 252 47.26 56.10 -78.37
CA SER LA 252 48.27 55.42 -77.55
C SER LA 252 48.80 56.36 -76.48
N GLY LA 253 48.70 55.94 -75.22
CA GLY LA 253 49.07 56.76 -74.10
C GLY LA 253 47.93 57.46 -73.39
N GLU LA 254 46.70 56.97 -73.53
CA GLU LA 254 45.51 57.51 -72.87
C GLU LA 254 44.61 56.39 -72.39
N GLU LA 255 45.22 55.29 -71.94
CA GLU LA 255 44.49 54.11 -71.51
C GLU LA 255 43.86 54.24 -70.12
N GLN LA 256 44.17 55.31 -69.37
CA GLN LA 256 43.53 55.57 -68.08
C GLN LA 256 42.30 56.47 -68.14
N ARG LA 257 42.17 57.38 -69.13
CA ARG LA 257 41.00 58.26 -69.18
C ARG LA 257 39.72 57.47 -69.41
N TYR LA 258 39.82 56.29 -70.03
CA TYR LA 258 38.68 55.46 -70.37
C TYR LA 258 38.44 54.46 -69.25
N THR LA 259 37.18 54.29 -68.83
CA THR LA 259 36.82 53.31 -67.83
C THR LA 259 35.72 52.44 -68.39
N CYS LA 260 35.67 51.20 -67.95
CA CYS LA 260 34.74 50.21 -68.47
C CYS LA 260 33.75 49.84 -67.37
N HIS LA 261 32.46 49.72 -67.72
CA HIS LA 261 31.41 49.41 -66.76
C HIS LA 261 30.66 48.17 -67.21
N VAL LA 262 30.62 47.17 -66.33
CA VAL LA 262 29.96 45.88 -66.54
C VAL LA 262 28.75 45.86 -65.62
N GLN LA 263 27.59 45.56 -66.18
CA GLN LA 263 26.35 45.50 -65.41
C GLN LA 263 25.73 44.15 -65.70
N HIS LA 264 25.62 43.32 -64.67
CA HIS LA 264 25.13 41.97 -64.85
C HIS LA 264 24.24 41.63 -63.68
N GLU LA 265 23.47 40.56 -63.83
CA GLU LA 265 22.59 40.17 -62.75
C GLU LA 265 23.37 39.60 -61.57
N GLY LA 266 24.46 38.86 -61.84
CA GLY LA 266 25.25 38.20 -60.81
C GLY LA 266 26.36 38.98 -60.15
N LEU LA 267 26.52 40.24 -60.48
CA LEU LA 267 27.52 41.18 -59.96
C LEU LA 267 26.88 42.08 -58.93
N PRO LA 268 27.45 42.18 -57.72
CA PRO LA 268 26.85 43.03 -56.67
C PRO LA 268 26.60 44.51 -57.01
N LYS LA 269 27.65 45.25 -57.39
CA LYS LA 269 27.54 46.64 -57.86
C LYS LA 269 28.43 46.78 -59.09
N PRO LA 270 28.10 47.70 -60.00
CA PRO LA 270 28.86 47.80 -61.26
C PRO LA 270 30.37 47.84 -61.05
N LEU LA 271 31.06 46.97 -61.80
CA LEU LA 271 32.51 46.90 -61.80
C LEU LA 271 33.04 47.94 -62.76
N THR LA 272 34.09 48.64 -62.34
CA THR LA 272 34.81 49.59 -63.19
C THR LA 272 36.28 49.17 -63.26
N LEU LA 273 36.77 48.90 -64.48
CA LEU LA 273 38.14 48.44 -64.71
C LEU LA 273 38.93 49.41 -65.60
N ARG LA 274 40.24 49.56 -65.32
CA ARG LA 274 41.16 50.44 -66.10
C ARG LA 274 42.59 49.92 -66.31
N ILE MA 2 14.61 39.43 -98.09
CA ILE MA 2 14.31 38.01 -98.16
C ILE MA 2 15.60 37.21 -97.90
N GLN MA 3 16.73 37.89 -97.67
CA GLN MA 3 18.05 37.27 -97.50
C GLN MA 3 18.98 38.16 -96.66
N ARG MA 4 19.62 37.58 -95.61
CA ARG MA 4 20.62 38.23 -94.78
C ARG MA 4 21.91 37.43 -94.69
N THR MA 5 23.04 38.17 -94.49
CA THR MA 5 24.40 37.61 -94.48
C THR MA 5 24.75 37.06 -93.11
N PRO MA 6 25.45 35.91 -93.07
CA PRO MA 6 25.88 35.35 -91.77
C PRO MA 6 26.99 36.18 -91.14
N LYS MA 7 26.96 36.25 -89.80
CA LYS MA 7 28.05 36.80 -88.98
C LYS MA 7 28.72 35.63 -88.27
N ILE MA 8 30.03 35.47 -88.45
CA ILE MA 8 30.78 34.32 -87.96
C ILE MA 8 31.80 34.76 -86.91
N GLN MA 9 31.83 34.06 -85.77
CA GLN MA 9 32.81 34.29 -84.71
C GLN MA 9 33.49 32.98 -84.40
N VAL MA 10 34.82 32.99 -84.39
CA VAL MA 10 35.65 31.82 -84.09
C VAL MA 10 36.35 32.09 -82.76
N TYR MA 11 36.32 31.12 -81.84
CA TYR MA 11 36.85 31.34 -80.49
C TYR MA 11 37.04 30.01 -79.76
N SER MA 12 37.55 30.12 -78.52
CA SER MA 12 37.82 29.00 -77.63
C SER MA 12 36.94 29.09 -76.37
N ARG MA 13 36.56 27.92 -75.86
CA ARG MA 13 35.62 27.87 -74.73
C ARG MA 13 36.23 28.48 -73.47
N HIS MA 14 37.37 28.00 -73.07
CA HIS MA 14 38.09 28.53 -71.91
C HIS MA 14 39.22 29.40 -72.41
N PRO MA 15 39.83 30.21 -71.54
CA PRO MA 15 41.09 30.87 -71.92
C PRO MA 15 42.08 29.85 -72.45
N ALA MA 16 42.70 30.18 -73.59
CA ALA MA 16 43.48 29.22 -74.37
C ALA MA 16 44.90 29.08 -73.82
N GLU MA 17 45.31 27.83 -73.55
CA GLU MA 17 46.67 27.48 -73.16
C GLU MA 17 47.16 26.28 -73.97
N ASN MA 18 48.33 26.41 -74.59
CA ASN MA 18 48.86 25.33 -75.42
C ASN MA 18 48.99 24.06 -74.60
N GLY MA 19 48.64 22.91 -75.21
CA GLY MA 19 48.72 21.60 -74.57
C GLY MA 19 47.53 21.16 -73.72
N LYS MA 20 46.64 22.07 -73.29
CA LYS MA 20 45.50 21.70 -72.46
C LYS MA 20 44.28 21.49 -73.34
N SER MA 21 43.53 20.42 -73.06
CA SER MA 21 42.32 20.15 -73.83
C SER MA 21 41.31 21.28 -73.64
N ASN MA 22 40.72 21.74 -74.75
CA ASN MA 22 39.78 22.87 -74.78
C ASN MA 22 38.76 22.61 -75.88
N PHE MA 23 37.95 23.64 -76.19
CA PHE MA 23 36.93 23.53 -77.22
C PHE MA 23 37.07 24.66 -78.23
N LEU MA 24 36.95 24.32 -79.51
CA LEU MA 24 36.92 25.28 -80.60
C LEU MA 24 35.48 25.51 -81.01
N ASN MA 25 35.04 26.76 -80.94
CA ASN MA 25 33.66 27.13 -81.20
C ASN MA 25 33.61 27.99 -82.45
N CYS MA 26 32.60 27.79 -83.28
CA CYS MA 26 32.34 28.69 -84.39
C CYS MA 26 30.87 29.09 -84.32
N TYR MA 27 30.63 30.39 -84.09
CA TYR MA 27 29.29 30.94 -83.87
C TYR MA 27 28.83 31.75 -85.06
N VAL MA 28 27.80 31.27 -85.76
CA VAL MA 28 27.22 31.93 -86.92
C VAL MA 28 25.82 32.42 -86.57
N SER MA 29 25.61 33.73 -86.64
CA SER MA 29 24.32 34.29 -86.26
C SER MA 29 23.85 35.32 -87.28
N GLY MA 30 22.54 35.52 -87.35
CA GLY MA 30 21.96 36.56 -88.16
C GLY MA 30 21.81 36.28 -89.65
N PHE MA 31 21.69 35.01 -90.04
CA PHE MA 31 21.62 34.67 -91.45
C PHE MA 31 20.24 34.14 -91.83
N HIS MA 32 19.84 34.42 -93.08
CA HIS MA 32 18.56 34.01 -93.69
C HIS MA 32 18.78 33.78 -95.18
N PRO MA 33 18.39 32.62 -95.70
CA PRO MA 33 17.71 31.52 -94.99
C PRO MA 33 18.60 30.62 -94.19
N SER MA 34 17.98 29.53 -93.74
CA SER MA 34 18.53 28.71 -92.68
C SER MA 34 19.60 27.74 -93.13
N ASP MA 35 19.55 27.30 -94.38
CA ASP MA 35 20.47 26.27 -94.82
C ASP MA 35 21.88 26.84 -94.99
N ILE MA 36 22.81 26.34 -94.17
CA ILE MA 36 24.17 26.83 -94.11
C ILE MA 36 25.11 25.63 -93.94
N GLU MA 37 26.27 25.70 -94.58
CA GLU MA 37 27.32 24.68 -94.49
C GLU MA 37 28.47 25.33 -93.74
N VAL MA 38 28.89 24.72 -92.65
CA VAL MA 38 29.94 25.28 -91.81
C VAL MA 38 30.98 24.19 -91.60
N ASP MA 39 32.25 24.53 -91.86
CA ASP MA 39 33.36 23.61 -91.65
C ASP MA 39 34.42 24.24 -90.75
N LEU MA 40 34.85 23.50 -89.73
CA LEU MA 40 35.97 23.90 -88.88
C LEU MA 40 37.25 23.33 -89.46
N LEU MA 41 38.25 24.20 -89.64
CA LEU MA 41 39.47 23.85 -90.34
C LEU MA 41 40.67 23.96 -89.41
N LYS MA 42 41.55 22.97 -89.50
CA LYS MA 42 42.82 22.95 -88.78
C LYS MA 42 43.95 22.81 -89.79
N ASN MA 43 44.78 23.85 -89.91
CA ASN MA 43 45.93 23.83 -90.80
C ASN MA 43 45.50 23.56 -92.25
N GLY MA 44 44.38 24.14 -92.66
CA GLY MA 44 43.83 24.01 -93.99
C GLY MA 44 42.94 22.79 -94.19
N GLU MA 45 42.82 21.95 -93.17
CA GLU MA 45 42.11 20.69 -93.26
C GLU MA 45 40.79 20.71 -92.49
N ARG MA 46 39.82 19.98 -93.01
CA ARG MA 46 38.50 19.88 -92.38
C ARG MA 46 38.55 18.88 -91.21
N ILE MA 47 38.16 19.34 -90.01
CA ILE MA 47 38.03 18.43 -88.89
C ILE MA 47 36.84 17.53 -89.16
N GLU MA 48 36.95 16.25 -88.79
CA GLU MA 48 35.88 15.32 -89.18
C GLU MA 48 34.76 15.26 -88.14
N LYS MA 49 35.08 15.01 -86.88
CA LYS MA 49 34.06 14.96 -85.83
C LYS MA 49 33.88 16.38 -85.29
N VAL MA 50 32.77 17.00 -85.68
CA VAL MA 50 32.35 18.32 -85.21
C VAL MA 50 30.86 18.24 -84.91
N GLU MA 51 30.49 18.65 -83.71
CA GLU MA 51 29.10 18.70 -83.31
C GLU MA 51 28.64 20.14 -83.34
N HIS MA 52 27.32 20.32 -83.50
CA HIS MA 52 26.76 21.65 -83.54
C HIS MA 52 25.46 21.71 -82.76
N SER MA 53 25.11 22.92 -82.34
CA SER MA 53 23.88 23.08 -81.58
C SER MA 53 22.70 23.02 -82.53
N ASP MA 54 21.52 23.01 -81.95
CA ASP MA 54 20.29 22.96 -82.72
C ASP MA 54 19.95 24.36 -83.22
N LEU MA 55 19.54 24.43 -84.47
CA LEU MA 55 19.23 25.71 -85.09
C LEU MA 55 18.12 26.42 -84.33
N SER MA 56 18.35 27.69 -84.05
CA SER MA 56 17.33 28.52 -83.43
C SER MA 56 17.43 29.88 -84.10
N PHE MA 57 16.55 30.77 -83.69
CA PHE MA 57 16.44 32.04 -84.37
C PHE MA 57 16.19 33.11 -83.34
N SER MA 58 16.41 34.34 -83.76
CA SER MA 58 16.30 35.47 -82.87
C SER MA 58 14.90 36.06 -82.97
N LYS MA 59 14.67 37.16 -82.26
CA LYS MA 59 13.42 37.87 -82.47
C LYS MA 59 13.39 38.61 -83.81
N ASP MA 60 14.54 38.74 -84.49
CA ASP MA 60 14.60 39.32 -85.83
C ASP MA 60 14.33 38.33 -86.96
N TRP MA 61 13.99 37.08 -86.65
CA TRP MA 61 13.68 35.98 -87.59
C TRP MA 61 14.95 35.40 -88.23
N SER MA 62 16.13 35.91 -87.89
CA SER MA 62 17.37 35.38 -88.40
C SER MA 62 17.88 34.25 -87.50
N PHE MA 63 18.63 33.34 -88.10
CA PHE MA 63 19.07 32.11 -87.45
C PHE MA 63 20.42 32.28 -86.75
N TYR MA 64 20.69 31.36 -85.81
CA TYR MA 64 21.99 31.24 -85.16
C TYR MA 64 22.34 29.79 -84.85
N LEU MA 65 23.59 29.44 -85.14
CA LEU MA 65 24.12 28.09 -85.01
C LEU MA 65 25.48 28.16 -84.33
N LEU MA 66 25.81 27.12 -83.56
CA LEU MA 66 27.12 26.99 -82.91
C LEU MA 66 27.75 25.65 -83.28
N TYR MA 67 28.86 25.67 -84.02
CA TYR MA 67 29.62 24.46 -84.32
C TYR MA 67 30.84 24.41 -83.42
N TYR MA 68 31.03 23.28 -82.74
CA TYR MA 68 32.15 23.16 -81.81
C TYR MA 68 32.76 21.76 -81.87
N THR MA 69 34.02 21.68 -81.44
CA THR MA 69 34.79 20.45 -81.39
C THR MA 69 35.83 20.59 -80.27
N GLU MA 70 36.10 19.47 -79.61
CA GLU MA 70 37.15 19.46 -78.60
C GLU MA 70 38.50 19.42 -79.29
N PHE MA 71 39.46 20.18 -78.77
CA PHE MA 71 40.77 20.26 -79.40
C PHE MA 71 41.85 20.49 -78.34
N THR MA 72 43.08 20.12 -78.70
CA THR MA 72 44.27 20.39 -77.89
C THR MA 72 45.19 21.31 -78.71
N PRO MA 73 45.20 22.60 -78.40
CA PRO MA 73 45.91 23.57 -79.24
C PRO MA 73 47.40 23.35 -79.14
N THR MA 74 48.04 23.19 -80.27
CA THR MA 74 49.48 23.25 -80.27
C THR MA 74 49.90 24.66 -80.68
N GLU MA 75 51.21 24.88 -80.72
CA GLU MA 75 51.71 26.17 -81.18
C GLU MA 75 51.96 26.20 -82.68
N LYS MA 76 52.14 25.04 -83.31
CA LYS MA 76 52.32 24.96 -84.75
C LYS MA 76 51.01 24.71 -85.51
N ASP MA 77 49.86 25.06 -84.93
CA ASP MA 77 48.55 24.83 -85.55
C ASP MA 77 47.68 26.09 -85.63
N GLU MA 78 47.15 26.33 -86.83
CA GLU MA 78 46.19 27.39 -87.10
C GLU MA 78 44.82 26.77 -87.28
N TYR MA 79 43.83 27.41 -86.67
CA TYR MA 79 42.47 26.94 -86.77
C TYR MA 79 41.64 28.00 -87.51
N ALA MA 80 40.74 27.53 -88.38
CA ALA MA 80 39.94 28.40 -89.21
C ALA MA 80 38.58 27.77 -89.38
N CYS MA 81 37.62 28.59 -89.77
CA CYS MA 81 36.25 28.15 -89.92
C CYS MA 81 35.87 28.49 -91.35
N ARG MA 82 35.32 27.52 -92.09
CA ARG MA 82 34.89 27.73 -93.47
C ARG MA 82 33.37 27.63 -93.55
N VAL MA 83 32.75 28.76 -93.90
CA VAL MA 83 31.31 28.92 -93.95
C VAL MA 83 30.93 29.30 -95.38
N ASN MA 84 29.97 28.57 -95.95
CA ASN MA 84 29.37 28.85 -97.25
C ASN MA 84 27.88 29.05 -97.05
N HIS MA 85 27.34 30.09 -97.67
CA HIS MA 85 25.94 30.43 -97.56
C HIS MA 85 25.49 30.90 -98.95
N VAL MA 86 24.18 30.92 -99.19
CA VAL MA 86 23.68 31.46 -100.44
C VAL MA 86 24.00 32.95 -100.59
N THR MA 87 24.03 33.71 -99.48
CA THR MA 87 24.39 35.12 -99.54
C THR MA 87 25.87 35.32 -99.85
N LEU MA 88 26.67 34.25 -99.78
CA LEU MA 88 28.12 34.28 -99.95
C LEU MA 88 28.49 33.62 -101.26
N SER MA 89 29.21 34.37 -102.10
CA SER MA 89 29.63 33.87 -103.41
C SER MA 89 30.53 32.64 -103.32
N GLN MA 90 31.72 32.80 -102.76
CA GLN MA 90 32.67 31.71 -102.52
C GLN MA 90 32.83 31.55 -101.02
N PRO MA 91 33.25 30.37 -100.55
CA PRO MA 91 33.38 30.17 -99.10
C PRO MA 91 34.13 31.30 -98.38
N LYS MA 92 33.52 31.82 -97.31
CA LYS MA 92 34.10 32.87 -96.48
C LYS MA 92 34.70 32.22 -95.23
N ILE MA 93 36.01 32.39 -95.03
CA ILE MA 93 36.76 31.71 -93.98
C ILE MA 93 37.30 32.74 -93.00
N VAL MA 94 37.09 32.49 -91.71
CA VAL MA 94 37.55 33.33 -90.61
C VAL MA 94 38.49 32.50 -89.75
N LYS MA 95 39.66 33.06 -89.43
CA LYS MA 95 40.69 32.34 -88.68
C LYS MA 95 40.50 32.44 -87.16
N TRP MA 96 41.24 31.57 -86.46
CA TRP MA 96 41.27 31.57 -85.00
C TRP MA 96 42.33 32.55 -84.51
N ASP MA 97 41.88 33.56 -83.75
CA ASP MA 97 42.72 34.54 -83.08
C ASP MA 97 42.79 34.19 -81.57
N ARG MA 98 43.25 35.14 -80.77
CA ARG MA 98 43.30 35.04 -79.31
C ARG MA 98 42.92 36.41 -78.75
N VAL NA 1 6.01 22.65 -71.78
CA VAL NA 1 5.18 21.69 -72.49
C VAL NA 1 4.66 22.25 -73.85
N VAL NA 2 4.48 21.35 -74.84
CA VAL NA 2 3.99 21.77 -76.16
C VAL NA 2 2.51 22.10 -76.06
N VAL NA 3 2.04 22.95 -76.96
CA VAL NA 3 0.62 23.19 -77.05
C VAL NA 3 -0.11 21.86 -77.11
N GLY NA 4 -1.24 21.78 -76.38
CA GLY NA 4 -1.97 20.55 -76.10
C GLY NA 4 -2.84 19.99 -77.20
N ALA NA 5 -3.63 20.84 -77.88
CA ALA NA 5 -4.42 20.46 -79.06
C ALA NA 5 -4.20 21.50 -80.15
N VAL NA 6 -3.51 21.11 -81.22
CA VAL NA 6 -3.34 22.02 -82.33
C VAL NA 6 -4.65 22.17 -83.08
N GLY NA 7 -4.93 23.39 -83.53
CA GLY NA 7 -6.22 23.64 -84.11
C GLY NA 7 -6.15 23.68 -85.62
N VAL NA 8 -6.81 24.69 -86.23
CA VAL NA 8 -6.93 24.81 -87.69
C VAL NA 8 -5.65 25.35 -88.32
N GLY NA 9 -5.30 24.83 -89.51
CA GLY NA 9 -4.14 25.34 -90.24
C GLY NA 9 -4.38 26.72 -90.82
N LYS NA 10 -3.31 27.47 -91.11
CA LYS NA 10 -3.39 28.85 -91.66
C LYS NA 10 -4.26 28.98 -92.96
#